data_8Z4G
#
_entry.id   8Z4G
#
_cell.length_a   1.00
_cell.length_b   1.00
_cell.length_c   1.00
_cell.angle_alpha   90.00
_cell.angle_beta   90.00
_cell.angle_gamma   90.00
#
_symmetry.space_group_name_H-M   'P 1'
#
_entity_poly.entity_id   1
_entity_poly.type   'polypeptide(L)'
_entity_poly.pdbx_seq_one_letter_code
;MNHKVHHHHHHIEGRHMADKSTDLTVTEGGSDGALVASSDVDVESQNPDLEERSASKFDMAVGDLDLLRQVVLVLSISIC
VALIVMLFFWVKEPEMRPLGAYETEELIPVLDYLDQQKINYKLDGNTISVESSEYNSIKLGMVRSGVNQATEAGDDILLQ
DMGFGVSQRLEQERLKLSRERQLAQAIEEMKQVRKARVLLALPKHSVFVRHNQEASASVFLTLSTGTNLKQQEVDSIVDM
VASAVPGMKTSRITVTDQHGRLLSSGSQDPASAARRKEQELERSQEQALREKIDSVLLPILGYGNYTAQVDIQMDFSAVE
QTRKRFDPNTPATRSEYALEDYNNGNMVAGIPGALSNQPPADASIPQDVAQMKDGSVMGQGSVRKESTRNFELDTTISHE
RKQTGTVARQTVSVAIKDRRQVNPDTGEVTYTPMSESEINAIRQVLIGTVGFDQGRGDLLNVLSVKFAEPEAEQLEEPPI
WEHPNFSDWVRWFASALVIIVVVLVLVRPAMKKLLNPTSDDEDEMYGPDGLPIGADGETSLIGSDIESSELFEFGSSIDL
PNLHKDEDVLKAVRALVANEPELAAQVVKNWMNDMANDIVPQDDNAAGMPVELDVSTITGEEKAAILLLSLNEQDAAGII
RHLEPKQVQRVGSAMAKAKDLSQDKVSAVHRAFLEDIQKYTNIGMGSEDFMRNALVAALGEDKANNLVDQILLGTGSKGL
DSLKWMDPRQVASIIVNEHPQIQTIVLSYLEADQSAEILSQFPERVRLDLMMRIANLEEVQPSALAELNEIMEKQFAGQA
GAQAAKISGLKAAAEIMNYLDNNVEGLLMEQIRDQDEDMATQIQDLMFVFENLVEVDDQGIQKLLRDVPQDVLQKALKGA
DDSLREKVFKNMSKRAAEMMRDDIEAMPPVRVADVEAAQKEILAIARRMADAGELMLSGGADEFL
;
_entity_poly.pdbx_strand_id   1,2,3,4,5,6,7,8,9,A,B,C,D,E,F,G,H,I,J,K,L,M,N,O,P,Q,R,S,T,U,V,W,X,Y,Z
#
# COMPACT_ATOMS: atom_id res chain seq x y z
N PRO A 270 -10.78 69.54 3.47
CA PRO A 270 -11.17 68.74 4.64
C PRO A 270 -12.50 69.17 5.23
N ALA A 271 -12.53 69.44 6.54
CA ALA A 271 -13.74 69.85 7.22
C ALA A 271 -13.93 71.36 7.27
N SER A 272 -13.03 72.12 6.64
CA SER A 272 -13.12 73.58 6.67
C SER A 272 -14.26 74.08 5.79
N ALA A 273 -14.79 73.22 4.93
CA ALA A 273 -15.89 73.58 4.04
C ALA A 273 -17.25 73.18 4.57
N ALA A 274 -17.30 72.37 5.63
CA ALA A 274 -18.59 71.94 6.17
C ALA A 274 -19.23 73.00 7.05
N ARG A 275 -18.46 74.01 7.46
CA ARG A 275 -19.01 75.03 8.35
C ARG A 275 -19.27 76.34 7.59
N ARG A 276 -18.37 76.68 6.66
CA ARG A 276 -18.59 77.89 5.87
C ARG A 276 -19.85 77.77 5.01
N LYS A 277 -20.19 76.56 4.58
CA LYS A 277 -21.44 76.37 3.86
C LYS A 277 -22.64 76.71 4.74
N GLU A 278 -22.58 76.31 6.02
CA GLU A 278 -23.64 76.67 6.95
C GLU A 278 -23.67 78.18 7.18
N GLN A 279 -22.50 78.79 7.20
CA GLN A 279 -22.43 80.26 7.39
C GLN A 279 -23.09 80.97 6.21
N GLU A 280 -22.81 80.58 4.97
CA GLU A 280 -23.45 81.20 3.82
C GLU A 280 -24.95 80.88 3.76
N LEU A 281 -25.35 79.68 4.17
CA LEU A 281 -26.76 79.35 4.18
C LEU A 281 -27.52 80.21 5.18
N GLU A 282 -26.95 80.41 6.37
CA GLU A 282 -27.58 81.27 7.36
C GLU A 282 -27.68 82.70 6.87
N ARG A 283 -26.62 83.20 6.21
CA ARG A 283 -26.67 84.55 5.66
C ARG A 283 -27.73 84.67 4.57
N SER A 284 -27.86 83.64 3.72
CA SER A 284 -28.84 83.65 2.65
C SER A 284 -30.26 83.66 3.20
N GLN A 285 -30.52 82.92 4.29
CA GLN A 285 -31.84 82.97 4.90
C GLN A 285 -32.17 84.38 5.40
N GLU A 286 -31.21 85.04 6.05
CA GLU A 286 -31.44 86.40 6.54
C GLU A 286 -31.70 87.35 5.38
N GLN A 287 -30.95 87.20 4.28
CA GLN A 287 -31.14 88.09 3.14
C GLN A 287 -32.54 87.92 2.54
N ALA A 288 -33.00 86.68 2.40
CA ALA A 288 -34.34 86.44 1.86
C ALA A 288 -35.41 87.00 2.79
N LEU A 289 -35.24 86.83 4.09
CA LEU A 289 -36.22 87.37 5.02
C LEU A 289 -36.26 88.89 4.98
N ARG A 290 -35.09 89.52 4.85
CA ARG A 290 -35.05 90.98 4.72
C ARG A 290 -35.74 91.43 3.44
N GLU A 291 -35.51 90.72 2.34
CA GLU A 291 -36.17 91.07 1.08
C GLU A 291 -37.68 90.94 1.20
N LYS A 292 -38.16 89.89 1.86
CA LYS A 292 -39.60 89.74 2.06
C LYS A 292 -40.15 90.87 2.93
N ILE A 293 -39.39 91.26 3.96
CA ILE A 293 -39.83 92.35 4.84
C ILE A 293 -39.95 93.65 4.06
N ASP A 294 -38.97 93.94 3.20
CA ASP A 294 -38.93 95.22 2.49
C ASP A 294 -40.12 95.37 1.55
N SER A 295 -40.58 94.25 0.96
CA SER A 295 -41.64 94.32 -0.04
C SER A 295 -42.95 94.81 0.57
N VAL A 296 -43.21 94.49 1.83
CA VAL A 296 -44.47 94.87 2.46
C VAL A 296 -44.43 96.29 3.03
N LEU A 297 -43.37 96.64 3.76
CA LEU A 297 -43.30 97.92 4.45
C LEU A 297 -43.02 99.09 3.52
N LEU A 298 -42.44 98.84 2.35
CA LEU A 298 -42.10 99.94 1.45
C LEU A 298 -43.32 100.72 0.96
N PRO A 299 -44.38 100.09 0.43
CA PRO A 299 -45.50 100.89 -0.10
C PRO A 299 -46.36 101.53 0.98
N ILE A 300 -46.34 101.01 2.21
CA ILE A 300 -47.19 101.55 3.26
C ILE A 300 -46.49 102.66 4.05
N LEU A 301 -45.21 102.48 4.37
CA LEU A 301 -44.49 103.48 5.15
C LEU A 301 -43.77 104.49 4.27
N GLY A 302 -43.21 104.05 3.15
CA GLY A 302 -42.49 104.94 2.27
C GLY A 302 -41.00 104.65 2.26
N TYR A 303 -40.29 105.34 1.36
CA TYR A 303 -38.86 105.16 1.20
C TYR A 303 -38.12 105.95 2.27
N GLY A 304 -37.29 105.26 3.05
CA GLY A 304 -36.46 105.91 4.05
C GLY A 304 -37.14 106.26 5.35
N ASN A 305 -38.33 105.71 5.60
CA ASN A 305 -39.07 105.99 6.83
C ASN A 305 -39.03 104.83 7.82
N TYR A 306 -38.21 103.81 7.57
CA TYR A 306 -38.16 102.64 8.43
C TYR A 306 -36.82 101.94 8.27
N THR A 307 -36.44 101.19 9.29
CA THR A 307 -35.28 100.32 9.25
C THR A 307 -35.62 99.01 9.95
N ALA A 308 -35.05 97.91 9.45
CA ALA A 308 -35.34 96.61 10.01
C ALA A 308 -34.18 95.65 9.71
N GLN A 309 -33.92 94.77 10.67
CA GLN A 309 -32.92 93.72 10.50
C GLN A 309 -33.40 92.47 11.23
N VAL A 310 -32.98 91.31 10.73
CA VAL A 310 -33.39 90.02 11.26
C VAL A 310 -32.16 89.12 11.41
N ASP A 311 -32.32 88.08 12.24
CA ASP A 311 -31.30 87.04 12.35
C ASP A 311 -31.98 85.70 12.62
N ILE A 312 -31.32 84.62 12.23
CA ILE A 312 -31.81 83.27 12.42
C ILE A 312 -30.68 82.40 12.96
N GLN A 313 -30.98 81.61 13.99
CA GLN A 313 -30.05 80.67 14.56
C GLN A 313 -30.55 79.25 14.31
N MET A 314 -29.67 78.38 13.82
CA MET A 314 -30.04 77.02 13.45
C MET A 314 -28.99 76.05 13.96
N ASP A 315 -29.35 74.77 13.95
CA ASP A 315 -28.46 73.70 14.38
C ASP A 315 -28.34 72.66 13.26
N PHE A 316 -27.21 71.97 13.23
CA PHE A 316 -26.89 71.01 12.18
C PHE A 316 -26.51 69.67 12.77
N SER A 317 -27.32 69.20 13.72
CA SER A 317 -27.10 67.89 14.33
C SER A 317 -27.66 66.80 13.40
N ALA A 318 -27.49 65.55 13.81
CA ALA A 318 -27.96 64.41 13.03
C ALA A 318 -28.52 63.38 14.00
N VAL A 319 -29.84 63.17 13.97
CA VAL A 319 -30.52 62.30 14.91
C VAL A 319 -31.23 61.20 14.13
N GLU A 320 -31.06 59.96 14.58
CA GLU A 320 -31.77 58.81 14.04
C GLU A 320 -32.54 58.13 15.16
N GLN A 321 -33.77 57.71 14.86
CA GLN A 321 -34.67 57.17 15.87
C GLN A 321 -35.21 55.84 15.41
N THR A 322 -35.29 54.89 16.34
CA THR A 322 -35.89 53.58 16.09
C THR A 322 -36.81 53.25 17.24
N ARG A 323 -38.07 52.96 16.94
CA ARG A 323 -39.11 52.72 17.94
C ARG A 323 -39.77 51.37 17.69
N LYS A 324 -40.05 50.66 18.78
CA LYS A 324 -40.77 49.39 18.73
C LYS A 324 -41.82 49.41 19.84
N ARG A 325 -43.08 49.44 19.46
CA ARG A 325 -44.19 49.58 20.39
C ARG A 325 -45.01 48.29 20.44
N PHE A 326 -45.70 48.10 21.56
CA PHE A 326 -46.53 46.92 21.79
C PHE A 326 -47.87 47.37 22.33
N ASP A 327 -48.87 46.52 22.15
CA ASP A 327 -50.23 46.78 22.66
C ASP A 327 -50.60 45.70 23.66
N PRO A 328 -50.47 45.97 24.97
CA PRO A 328 -50.76 44.93 25.96
C PRO A 328 -52.24 44.78 26.30
N ASN A 329 -53.10 45.70 25.87
CA ASN A 329 -54.51 45.65 26.22
C ASN A 329 -55.32 44.69 25.35
N THR A 330 -54.76 44.23 24.22
CA THR A 330 -55.47 43.35 23.30
C THR A 330 -54.61 42.12 23.03
N PRO A 331 -54.57 41.17 23.97
CA PRO A 331 -53.83 39.93 23.74
C PRO A 331 -54.66 38.87 23.04
N ALA A 332 -53.99 38.08 22.22
CA ALA A 332 -54.62 37.01 21.46
C ALA A 332 -53.98 35.68 21.85
N THR A 333 -54.83 34.70 22.17
CA THR A 333 -54.34 33.40 22.61
C THR A 333 -54.11 32.48 21.43
N ARG A 334 -53.01 31.72 21.48
CA ARG A 334 -52.66 30.76 20.44
C ARG A 334 -52.74 29.33 20.92
N SER A 335 -52.07 28.99 22.02
CA SER A 335 -52.12 27.67 22.60
C SER A 335 -52.52 27.77 24.07
N GLU A 336 -53.36 26.83 24.51
CA GLU A 336 -53.90 26.86 25.86
C GLU A 336 -54.02 25.44 26.39
N TYR A 337 -53.52 25.23 27.60
CA TYR A 337 -53.65 23.94 28.28
C TYR A 337 -54.11 24.20 29.71
N ALA A 338 -55.06 23.40 30.19
CA ALA A 338 -55.65 23.61 31.50
C ALA A 338 -55.82 22.28 32.21
N LEU A 339 -55.80 22.34 33.54
CA LEU A 339 -56.04 21.18 34.40
C LEU A 339 -56.73 21.65 35.66
N GLU A 340 -57.88 21.05 35.97
CA GLU A 340 -58.76 21.47 37.06
C GLU A 340 -59.08 20.29 37.96
N ASP A 341 -58.03 19.59 38.41
CA ASP A 341 -58.21 18.40 39.22
C ASP A 341 -58.87 18.75 40.55
N TYR A 342 -59.96 18.07 40.86
CA TYR A 342 -60.68 18.24 42.12
C TYR A 342 -60.51 17.00 42.98
N ASN A 343 -60.99 17.09 44.22
CA ASN A 343 -60.92 15.97 45.15
C ASN A 343 -61.94 16.12 46.27
N VAL A 383 -56.57 19.75 45.11
CA VAL A 383 -57.21 20.61 44.12
C VAL A 383 -56.15 21.26 43.24
N ARG A 384 -55.78 20.58 42.15
CA ARG A 384 -54.76 21.10 41.27
C ARG A 384 -55.38 22.01 40.22
N LYS A 385 -54.85 23.24 40.13
CA LYS A 385 -55.32 24.21 39.15
C LYS A 385 -54.11 24.69 38.35
N GLU A 386 -53.89 24.09 37.19
CA GLU A 386 -52.74 24.42 36.35
C GLU A 386 -53.19 25.01 35.03
N SER A 387 -52.48 26.02 34.56
CA SER A 387 -52.79 26.68 33.30
C SER A 387 -51.50 27.05 32.59
N THR A 388 -51.51 26.91 31.26
CA THR A 388 -50.35 27.29 30.44
C THR A 388 -50.88 27.87 29.14
N ARG A 389 -50.64 29.17 28.93
CA ARG A 389 -51.17 29.87 27.77
C ARG A 389 -50.05 30.59 27.03
N ASN A 390 -50.18 30.66 25.71
CA ASN A 390 -49.25 31.39 24.86
C ASN A 390 -50.01 32.54 24.19
N PHE A 391 -49.35 33.69 24.09
CA PHE A 391 -49.98 34.90 23.58
C PHE A 391 -49.17 35.48 22.43
N GLU A 392 -49.87 36.17 21.53
CA GLU A 392 -49.23 36.94 20.47
C GLU A 392 -49.88 38.31 20.41
N LEU A 393 -49.03 39.34 20.29
CA LEU A 393 -49.47 40.72 20.43
C LEU A 393 -49.11 41.52 19.18
N ASP A 394 -49.72 42.70 19.07
CA ASP A 394 -49.43 43.59 17.96
C ASP A 394 -48.01 44.13 18.05
N THR A 395 -47.34 44.22 16.91
CA THR A 395 -45.97 44.71 16.83
C THR A 395 -45.91 45.86 15.85
N THR A 396 -45.26 46.95 16.25
CA THR A 396 -45.10 48.13 15.41
C THR A 396 -43.63 48.56 15.45
N ILE A 397 -43.04 48.76 14.28
CA ILE A 397 -41.65 49.16 14.15
C ILE A 397 -41.58 50.42 13.30
N SER A 398 -40.85 51.42 13.79
CA SER A 398 -40.72 52.70 13.11
C SER A 398 -39.25 53.12 13.07
N HIS A 399 -38.81 53.63 11.94
CA HIS A 399 -37.46 54.15 11.77
C HIS A 399 -37.56 55.56 11.18
N GLU A 400 -36.89 56.51 11.80
CA GLU A 400 -37.00 57.91 11.43
C GLU A 400 -35.61 58.54 11.34
N ARG A 401 -35.40 59.34 10.29
CA ARG A 401 -34.19 60.11 10.12
C ARG A 401 -34.56 61.59 10.07
N LYS A 402 -34.01 62.38 10.99
CA LYS A 402 -34.37 63.78 11.11
C LYS A 402 -33.61 64.62 10.08
N GLN A 403 -34.06 65.86 9.92
CA GLN A 403 -33.45 66.80 9.01
C GLN A 403 -32.25 67.49 9.66
N THR A 404 -31.43 68.12 8.82
CA THR A 404 -30.26 68.86 9.27
C THR A 404 -30.41 70.32 8.83
N GLY A 405 -30.53 71.22 9.80
CA GLY A 405 -30.65 72.63 9.50
C GLY A 405 -31.97 73.24 9.93
N THR A 406 -32.57 72.68 10.98
CA THR A 406 -33.83 73.22 11.49
C THR A 406 -33.61 74.57 12.17
N VAL A 407 -34.58 75.46 12.00
CA VAL A 407 -34.50 76.79 12.58
C VAL A 407 -34.83 76.70 14.07
N ALA A 408 -33.99 77.32 14.90
CA ALA A 408 -34.17 77.28 16.35
C ALA A 408 -34.87 78.54 16.87
N ARG A 409 -34.30 79.70 16.55
CA ARG A 409 -34.90 80.97 17.03
C ARG A 409 -34.88 82.01 15.91
N GLN A 410 -35.70 83.03 16.05
CA GLN A 410 -35.85 84.07 15.04
C GLN A 410 -36.24 85.38 15.71
N THR A 411 -35.47 86.43 15.46
CA THR A 411 -35.71 87.75 16.06
C THR A 411 -35.84 88.80 14.96
N VAL A 412 -36.88 89.62 15.08
CA VAL A 412 -37.14 90.71 14.14
C VAL A 412 -37.35 91.99 14.93
N SER A 413 -36.71 93.08 14.48
CA SER A 413 -36.82 94.38 15.12
C SER A 413 -37.10 95.44 14.05
N VAL A 414 -38.14 96.24 14.27
CA VAL A 414 -38.58 97.26 13.32
C VAL A 414 -38.67 98.59 14.03
N ALA A 415 -38.05 99.62 13.43
CA ALA A 415 -38.09 100.99 13.93
C ALA A 415 -38.70 101.89 12.87
N ILE A 416 -39.67 102.70 13.27
CA ILE A 416 -40.41 103.58 12.36
C ILE A 416 -40.13 105.02 12.74
N LYS A 417 -39.81 105.84 11.74
CA LYS A 417 -39.56 107.26 11.97
C LYS A 417 -40.83 107.96 12.44
N ASP A 418 -40.67 108.88 13.39
CA ASP A 418 -41.79 109.65 13.90
C ASP A 418 -41.91 110.98 13.15
N MET A 434 -46.63 108.15 16.03
CA MET A 434 -47.58 107.10 15.68
C MET A 434 -48.34 106.62 16.91
N SER A 435 -49.64 106.43 16.75
CA SER A 435 -50.49 105.99 17.85
C SER A 435 -50.32 104.49 18.05
N GLU A 436 -50.98 103.96 19.08
CA GLU A 436 -50.87 102.54 19.38
C GLU A 436 -51.63 101.68 18.37
N SER A 437 -52.73 102.19 17.82
CA SER A 437 -53.51 101.40 16.87
C SER A 437 -52.72 101.10 15.60
N GLU A 438 -52.02 102.10 15.08
CA GLU A 438 -51.20 101.89 13.88
C GLU A 438 -50.06 100.93 14.15
N ILE A 439 -49.43 101.02 15.33
CA ILE A 439 -48.37 100.09 15.68
C ILE A 439 -48.91 98.66 15.75
N ASN A 440 -50.08 98.50 16.38
CA ASN A 440 -50.68 97.16 16.47
C ASN A 440 -51.02 96.62 15.09
N ALA A 441 -51.55 97.48 14.21
CA ALA A 441 -51.89 97.03 12.86
C ALA A 441 -50.64 96.62 12.09
N ILE A 442 -49.55 97.40 12.22
CA ILE A 442 -48.31 97.04 11.55
C ILE A 442 -47.76 95.73 12.08
N ARG A 443 -47.81 95.52 13.40
CA ARG A 443 -47.37 94.26 13.98
C ARG A 443 -48.19 93.10 13.47
N GLN A 444 -49.52 93.27 13.38
CA GLN A 444 -50.39 92.22 12.88
C GLN A 444 -50.06 91.90 11.42
N VAL A 445 -49.79 92.92 10.62
CA VAL A 445 -49.42 92.69 9.22
C VAL A 445 -48.10 91.92 9.14
N LEU A 446 -47.12 92.32 9.94
CA LEU A 446 -45.80 91.71 9.87
C LEU A 446 -45.80 90.29 10.42
N ILE A 447 -46.75 89.96 11.30
CA ILE A 447 -46.80 88.61 11.86
C ILE A 447 -46.98 87.55 10.77
N GLY A 448 -47.89 87.77 9.83
CA GLY A 448 -48.08 86.85 8.73
C GLY A 448 -46.89 86.82 7.78
N THR A 449 -46.30 87.99 7.52
CA THR A 449 -45.17 88.06 6.59
C THR A 449 -43.93 87.35 7.13
N VAL A 450 -43.72 87.38 8.44
CA VAL A 450 -42.53 86.80 9.06
C VAL A 450 -42.74 85.33 9.42
N GLY A 451 -43.83 85.04 10.13
CA GLY A 451 -44.06 83.69 10.62
C GLY A 451 -43.78 83.59 12.10
N PHE A 452 -44.14 84.63 12.85
CA PHE A 452 -43.88 84.68 14.28
C PHE A 452 -44.60 83.54 14.99
N ASP A 453 -43.82 82.70 15.66
CA ASP A 453 -44.35 81.51 16.33
C ASP A 453 -43.81 81.51 17.75
N GLN A 454 -44.69 81.23 18.72
CA GLN A 454 -44.30 81.23 20.12
C GLN A 454 -43.66 79.91 20.57
N GLY A 455 -43.80 78.84 19.78
CA GLY A 455 -43.24 77.56 20.17
C GLY A 455 -41.72 77.58 20.20
N ARG A 456 -41.11 78.27 19.25
CA ARG A 456 -39.66 78.36 19.15
C ARG A 456 -39.09 79.53 19.94
N GLY A 457 -39.93 80.28 20.64
CA GLY A 457 -39.47 81.45 21.37
C GLY A 457 -38.99 82.58 20.48
N ASP A 458 -39.64 82.78 19.34
CA ASP A 458 -39.26 83.87 18.44
C ASP A 458 -39.66 85.22 19.05
N LEU A 459 -38.92 86.25 18.66
CA LEU A 459 -39.13 87.60 19.18
C LEU A 459 -39.42 88.54 18.03
N LEU A 460 -40.45 89.37 18.19
CA LEU A 460 -40.82 90.36 17.20
C LEU A 460 -41.13 91.67 17.90
N ASN A 461 -40.32 92.69 17.65
CA ASN A 461 -40.48 94.00 18.27
C ASN A 461 -40.67 95.04 17.19
N VAL A 462 -41.67 95.89 17.35
CA VAL A 462 -41.92 97.01 16.45
C VAL A 462 -42.15 98.26 17.30
N LEU A 463 -41.48 99.35 16.95
CA LEU A 463 -41.55 100.57 17.74
C LEU A 463 -41.16 101.76 16.89
N SER A 464 -41.44 102.95 17.42
CA SER A 464 -41.21 104.20 16.69
C SER A 464 -40.30 105.11 17.50
N VAL A 465 -39.27 105.65 16.85
CA VAL A 465 -38.34 106.59 17.46
C VAL A 465 -38.13 107.76 16.51
N LYS A 466 -37.56 108.83 17.06
CA LYS A 466 -37.24 110.02 16.29
C LYS A 466 -35.88 109.86 15.63
N PHE A 467 -35.84 110.05 14.31
CA PHE A 467 -34.60 109.91 13.56
C PHE A 467 -33.76 111.17 13.66
N ALA A 468 -32.69 111.22 12.85
CA ALA A 468 -31.78 112.38 12.85
C ALA A 468 -31.83 113.05 11.50
N GLU A 469 -31.26 114.26 11.34
CA GLU A 469 -31.41 115.00 10.07
C GLU A 469 -30.05 115.32 9.45
N PRO B 270 -21.37 67.04 -2.67
CA PRO B 270 -21.71 66.26 -1.48
C PRO B 270 -23.13 66.52 -1.00
N ALA B 271 -23.28 66.87 0.28
CA ALA B 271 -24.58 67.13 0.87
C ALA B 271 -24.99 68.60 0.79
N SER B 272 -24.18 69.45 0.16
CA SER B 272 -24.48 70.87 0.07
C SER B 272 -25.62 71.14 -0.90
N ALA B 273 -25.95 70.15 -1.73
CA ALA B 273 -27.03 70.28 -2.70
C ALA B 273 -28.36 69.71 -2.22
N ALA B 274 -28.37 68.99 -1.10
CA ALA B 274 -29.61 68.40 -0.62
C ALA B 274 -30.45 69.40 0.15
N ARG B 275 -29.87 70.55 0.54
CA ARG B 275 -30.63 71.53 1.29
C ARG B 275 -31.02 72.72 0.44
N ARG B 276 -30.12 73.14 -0.47
CA ARG B 276 -30.46 74.25 -1.37
C ARG B 276 -31.63 73.88 -2.28
N LYS B 277 -31.76 72.61 -2.64
CA LYS B 277 -32.92 72.18 -3.41
C LYS B 277 -34.21 72.39 -2.62
N GLU B 278 -34.18 72.09 -1.32
CA GLU B 278 -35.33 72.36 -0.47
C GLU B 278 -35.61 73.85 -0.36
N GLN B 279 -34.53 74.64 -0.32
CA GLN B 279 -34.71 76.10 -0.23
C GLN B 279 -35.38 76.62 -1.51
N GLU B 280 -34.97 76.20 -2.69
CA GLU B 280 -35.61 76.64 -3.93
C GLU B 280 -37.03 76.10 -4.04
N LEU B 281 -37.28 74.87 -3.57
CA LEU B 281 -38.63 74.34 -3.62
C LEU B 281 -39.58 75.14 -2.73
N GLU B 282 -39.11 75.50 -1.53
CA GLU B 282 -39.93 76.31 -0.64
C GLU B 282 -40.20 77.69 -1.24
N ARG B 283 -39.19 78.28 -1.88
CA ARG B 283 -39.41 79.58 -2.52
C ARG B 283 -40.39 79.47 -3.69
N SER B 284 -40.30 78.37 -4.46
CA SER B 284 -41.21 78.16 -5.58
C SER B 284 -42.65 78.00 -5.11
N GLN B 285 -42.86 77.29 -3.99
CA GLN B 285 -44.22 77.19 -3.45
C GLN B 285 -44.78 78.56 -3.09
N GLU B 286 -43.98 79.40 -2.43
CA GLU B 286 -44.44 80.74 -2.06
C GLU B 286 -44.76 81.56 -3.30
N GLN B 287 -43.92 81.45 -4.34
CA GLN B 287 -44.16 82.22 -5.56
C GLN B 287 -45.48 81.81 -6.21
N ALA B 288 -45.74 80.51 -6.29
CA ALA B 288 -46.99 80.03 -6.89
C ALA B 288 -48.19 80.48 -6.07
N LEU B 289 -48.09 80.41 -4.74
CA LEU B 289 -49.20 80.87 -3.91
C LEU B 289 -49.45 82.36 -4.08
N ARG B 290 -48.39 83.15 -4.19
CA ARG B 290 -48.55 84.58 -4.42
C ARG B 290 -49.21 84.85 -5.77
N GLU B 291 -48.81 84.10 -6.79
CA GLU B 291 -49.42 84.27 -8.12
C GLU B 291 -50.91 83.92 -8.08
N LYS B 292 -51.27 82.85 -7.36
CA LYS B 292 -52.68 82.51 -7.24
C LYS B 292 -53.45 83.59 -6.49
N ILE B 293 -52.83 84.16 -5.45
CA ILE B 293 -53.48 85.22 -4.68
C ILE B 293 -53.74 86.44 -5.56
N ASP B 294 -52.75 86.81 -6.38
CA ASP B 294 -52.86 88.03 -7.17
C ASP B 294 -53.99 87.93 -8.18
N SER B 295 -54.24 86.74 -8.71
CA SER B 295 -55.23 86.57 -9.78
C SER B 295 -56.63 86.90 -9.30
N VAL B 296 -56.93 86.63 -8.02
CA VAL B 296 -58.27 86.85 -7.51
C VAL B 296 -58.48 88.29 -7.03
N LEU B 297 -57.53 88.84 -6.28
CA LEU B 297 -57.70 90.15 -5.68
C LEU B 297 -57.53 91.30 -6.67
N LEU B 298 -56.84 91.06 -7.79
CA LEU B 298 -56.61 92.14 -8.76
C LEU B 298 -57.89 92.69 -9.37
N PRO B 299 -58.81 91.87 -9.92
CA PRO B 299 -59.99 92.46 -10.55
C PRO B 299 -61.01 93.03 -9.58
N ILE B 300 -61.01 92.61 -8.31
CA ILE B 300 -61.99 93.07 -7.36
C ILE B 300 -61.52 94.32 -6.62
N LEU B 301 -60.25 94.37 -6.21
CA LEU B 301 -59.74 95.51 -5.47
C LEU B 301 -59.11 96.56 -6.38
N GLY B 302 -58.42 96.14 -7.42
CA GLY B 302 -57.78 97.06 -8.34
C GLY B 302 -56.26 97.01 -8.23
N TYR B 303 -55.62 97.73 -9.15
CA TYR B 303 -54.16 97.76 -9.20
C TYR B 303 -53.62 98.72 -8.15
N GLY B 304 -52.75 98.22 -7.28
CA GLY B 304 -52.10 99.05 -6.29
C GLY B 304 -52.91 99.38 -5.07
N ASN B 305 -54.02 98.68 -4.83
CA ASN B 305 -54.86 98.92 -3.67
C ASN B 305 -54.72 97.85 -2.60
N TYR B 306 -53.75 96.95 -2.72
CA TYR B 306 -53.59 95.86 -1.78
C TYR B 306 -52.15 95.37 -1.81
N THR B 307 -51.73 94.74 -0.72
CA THR B 307 -50.45 94.06 -0.62
C THR B 307 -50.64 92.77 0.15
N ALA B 308 -49.89 91.74 -0.23
CA ALA B 308 -50.01 90.44 0.41
C ALA B 308 -48.72 89.66 0.25
N GLN B 309 -48.39 88.88 1.28
CA GLN B 309 -47.23 87.99 1.25
C GLN B 309 -47.58 86.74 2.04
N VAL B 310 -46.96 85.62 1.66
CA VAL B 310 -47.21 84.31 2.26
C VAL B 310 -45.88 83.63 2.54
N ASP B 311 -45.94 82.64 3.44
CA ASP B 311 -44.79 81.77 3.69
C ASP B 311 -45.28 80.37 4.02
N ILE B 312 -44.44 79.37 3.74
CA ILE B 312 -44.74 77.97 4.01
C ILE B 312 -43.53 77.34 4.68
N GLN B 313 -43.79 76.57 5.74
CA GLN B 313 -42.76 75.82 6.44
C GLN B 313 -43.04 74.33 6.27
N MET B 314 -42.01 73.57 5.89
CA MET B 314 -42.14 72.16 5.61
C MET B 314 -40.99 71.38 6.25
N ASP B 315 -41.16 70.07 6.32
CA ASP B 315 -40.16 69.17 6.86
C ASP B 315 -39.81 68.10 5.85
N PHE B 316 -38.59 67.59 5.93
CA PHE B 316 -38.06 66.63 4.97
C PHE B 316 -37.54 65.38 5.68
N SER B 317 -38.32 64.87 6.63
CA SER B 317 -37.97 63.65 7.33
C SER B 317 -38.28 62.43 6.46
N ALA B 318 -37.96 61.25 6.98
CA ALA B 318 -38.21 60.00 6.25
C ALA B 318 -38.67 58.96 7.27
N VAL B 319 -39.94 58.56 7.17
CA VAL B 319 -40.55 57.66 8.14
C VAL B 319 -41.04 56.42 7.40
N GLU B 320 -40.72 55.25 7.95
CA GLU B 320 -41.21 53.97 7.46
C GLU B 320 -41.95 53.26 8.58
N GLN B 321 -43.07 52.63 8.24
CA GLN B 321 -43.95 52.05 9.24
C GLN B 321 -44.27 50.61 8.86
N THR B 322 -44.26 49.72 9.85
CA THR B 322 -44.64 48.33 9.66
C THR B 322 -45.59 47.93 10.78
N ARG B 323 -46.77 47.44 10.42
CA ARG B 323 -47.82 47.11 11.37
C ARG B 323 -48.26 45.66 11.20
N LYS B 324 -48.50 44.98 12.32
CA LYS B 324 -49.02 43.62 12.34
C LYS B 324 -50.13 43.56 13.37
N ARG B 325 -51.37 43.36 12.92
CA ARG B 325 -52.54 43.40 13.78
C ARG B 325 -53.16 42.01 13.87
N PHE B 326 -53.89 41.79 14.96
CA PHE B 326 -54.55 40.51 15.22
C PHE B 326 -55.98 40.79 15.66
N ASP B 327 -56.84 39.79 15.49
CA ASP B 327 -58.24 39.88 15.89
C ASP B 327 -58.52 38.83 16.96
N PRO B 328 -58.51 39.19 18.24
CA PRO B 328 -58.72 38.19 19.30
C PRO B 328 -60.18 37.84 19.56
N ASN B 329 -61.13 38.59 19.01
CA ASN B 329 -62.54 38.34 19.28
C ASN B 329 -63.13 37.22 18.45
N THR B 330 -62.45 36.78 17.39
CA THR B 330 -62.95 35.74 16.49
C THR B 330 -61.90 34.64 16.37
N PRO B 331 -61.78 33.77 17.38
CA PRO B 331 -60.86 32.65 17.29
C PRO B 331 -61.48 31.44 16.62
N ALA B 332 -60.64 30.70 15.90
CA ALA B 332 -61.05 29.49 15.19
C ALA B 332 -60.26 28.31 15.71
N THR B 333 -60.97 27.24 16.06
CA THR B 333 -60.33 26.06 16.62
C THR B 333 -59.88 25.10 15.53
N ARG B 334 -58.69 24.52 15.70
CA ARG B 334 -58.13 23.56 14.76
C ARG B 334 -58.05 22.16 15.33
N SER B 335 -57.40 22.01 16.50
CA SER B 335 -57.29 20.73 17.17
C SER B 335 -57.81 20.87 18.59
N GLU B 336 -58.52 19.85 19.06
CA GLU B 336 -59.15 19.88 20.37
C GLU B 336 -59.10 18.50 21.00
N TYR B 337 -58.65 18.44 22.26
CA TYR B 337 -58.63 17.20 23.02
C TYR B 337 -59.22 17.49 24.40
N ALA B 338 -60.08 16.58 24.87
CA ALA B 338 -60.78 16.79 26.13
C ALA B 338 -60.81 15.49 26.93
N LEU B 339 -60.88 15.64 28.25
CA LEU B 339 -61.00 14.51 29.17
C LEU B 339 -61.84 14.96 30.36
N GLU B 340 -62.90 14.22 30.64
CA GLU B 340 -63.90 14.56 31.65
C GLU B 340 -64.10 13.41 32.63
N ASP B 341 -63.00 12.90 33.18
CA ASP B 341 -63.05 11.76 34.07
C ASP B 341 -63.85 12.09 35.32
N TYR B 342 -64.85 11.28 35.62
CA TYR B 342 -65.67 11.42 36.81
C TYR B 342 -65.37 10.29 37.79
N ASN B 343 -65.94 10.38 38.98
CA ASN B 343 -65.78 9.35 40.00
C ASN B 343 -66.88 9.43 41.04
N VAL B 383 -62.03 13.72 39.91
CA VAL B 383 -62.72 14.42 38.83
C VAL B 383 -61.71 15.16 37.97
N ARG B 384 -61.18 14.48 36.96
CA ARG B 384 -60.19 15.08 36.08
C ARG B 384 -60.86 15.83 34.95
N LYS B 385 -60.52 17.11 34.80
CA LYS B 385 -61.05 17.93 33.72
C LYS B 385 -59.88 18.53 32.96
N GLU B 386 -59.49 17.90 31.86
CA GLU B 386 -58.35 18.34 31.07
C GLU B 386 -58.80 18.77 29.69
N SER B 387 -58.20 19.84 29.18
CA SER B 387 -58.53 20.36 27.85
C SER B 387 -57.26 20.88 27.20
N THR B 388 -57.16 20.65 25.88
CA THR B 388 -56.02 21.14 25.10
C THR B 388 -56.54 21.56 23.74
N ARG B 389 -56.48 22.85 23.44
CA ARG B 389 -57.02 23.40 22.20
C ARG B 389 -55.97 24.22 21.48
N ASN B 390 -56.03 24.19 20.15
CA ASN B 390 -55.16 25.00 19.30
C ASN B 390 -56.03 25.96 18.49
N PHE B 391 -55.55 27.20 18.35
CA PHE B 391 -56.31 28.26 17.72
C PHE B 391 -55.52 28.88 16.58
N GLU B 392 -56.25 29.39 15.60
CA GLU B 392 -55.66 30.17 14.50
C GLU B 392 -56.49 31.43 14.31
N LEU B 393 -55.81 32.56 14.17
CA LEU B 393 -56.45 33.87 14.17
C LEU B 393 -56.13 34.63 12.89
N ASP B 394 -56.89 35.69 12.66
CA ASP B 394 -56.67 36.54 11.50
C ASP B 394 -55.35 37.29 11.64
N THR B 395 -54.62 37.41 10.53
CA THR B 395 -53.34 38.09 10.49
C THR B 395 -53.38 39.17 9.43
N THR B 396 -52.93 40.38 9.79
CA THR B 396 -52.88 41.51 8.88
C THR B 396 -51.51 42.16 8.96
N ILE B 397 -50.88 42.37 7.82
CA ILE B 397 -49.55 42.96 7.74
C ILE B 397 -49.61 44.17 6.80
N SER B 398 -49.07 45.29 7.25
CA SER B 398 -49.08 46.53 6.49
C SER B 398 -47.69 47.15 6.50
N HIS B 399 -47.26 47.65 5.34
CA HIS B 399 -45.99 48.35 5.22
C HIS B 399 -46.25 49.69 4.53
N GLU B 400 -45.77 50.78 5.12
CA GLU B 400 -46.06 52.12 4.63
C GLU B 400 -44.79 52.94 4.57
N ARG B 401 -44.63 53.70 3.48
CA ARG B 401 -43.53 54.64 3.32
C ARG B 401 -44.11 56.03 3.14
N LYS B 402 -43.74 56.94 4.03
CA LYS B 402 -44.31 58.29 4.03
C LYS B 402 -43.62 59.16 2.98
N GLN B 403 -44.24 60.31 2.71
CA GLN B 403 -43.71 61.27 1.75
C GLN B 403 -42.67 62.17 2.42
N THR B 404 -41.89 62.85 1.59
CA THR B 404 -40.88 63.80 2.04
C THR B 404 -41.21 65.18 1.49
N GLY B 405 -41.52 66.11 2.37
CA GLY B 405 -41.84 67.46 1.96
C GLY B 405 -43.25 67.89 2.27
N THR B 406 -43.84 67.33 3.33
CA THR B 406 -45.19 67.70 3.72
C THR B 406 -45.22 69.11 4.30
N VAL B 407 -46.29 69.84 4.01
CA VAL B 407 -46.46 71.20 4.51
C VAL B 407 -46.87 71.15 5.97
N ALA B 408 -46.18 71.94 6.80
CA ALA B 408 -46.45 71.98 8.23
C ALA B 408 -47.36 73.15 8.61
N ARG B 409 -46.95 74.36 8.25
CA ARG B 409 -47.77 75.55 8.59
C ARG B 409 -47.82 76.51 7.40
N GLN B 410 -48.79 77.40 7.42
CA GLN B 410 -49.02 78.33 6.32
C GLN B 410 -49.65 79.61 6.87
N THR B 411 -49.02 80.75 6.59
CA THR B 411 -49.49 82.04 7.07
C THR B 411 -49.70 82.98 5.89
N VAL B 412 -50.86 83.65 5.89
CA VAL B 412 -51.21 84.63 4.86
C VAL B 412 -51.66 85.91 5.54
N SER B 413 -51.15 87.05 5.04
CA SER B 413 -51.50 88.36 5.57
C SER B 413 -51.86 89.28 4.42
N VAL B 414 -53.02 89.94 4.52
CA VAL B 414 -53.54 90.81 3.46
C VAL B 414 -53.87 92.16 4.06
N ALA B 415 -53.38 93.22 3.43
CA ALA B 415 -53.65 94.60 3.83
C ALA B 415 -54.31 95.32 2.66
N ILE B 416 -55.41 96.02 2.95
CA ILE B 416 -56.21 96.70 1.94
C ILE B 416 -56.17 98.19 2.22
N LYS B 417 -55.91 98.99 1.18
CA LYS B 417 -55.89 100.44 1.32
C LYS B 417 -57.28 100.96 1.66
N ASP B 418 -57.31 101.95 2.55
CA ASP B 418 -58.57 102.58 2.94
C ASP B 418 -58.83 103.82 2.08
N MET B 434 -63.27 100.50 4.89
CA MET B 434 -64.02 99.30 4.56
C MET B 434 -64.79 98.81 5.78
N SER B 435 -66.04 98.41 5.57
CA SER B 435 -66.88 97.92 6.65
C SER B 435 -66.51 96.48 6.97
N GLU B 436 -67.15 95.92 8.00
CA GLU B 436 -66.86 94.55 8.42
C GLU B 436 -67.41 93.53 7.42
N SER B 437 -68.53 93.82 6.78
CA SER B 437 -69.12 92.87 5.84
C SER B 437 -68.20 92.61 4.65
N GLU B 438 -67.62 93.68 4.09
CA GLU B 438 -66.72 93.50 2.96
C GLU B 438 -65.46 92.74 3.38
N ILE B 439 -64.94 93.01 4.57
CA ILE B 439 -63.77 92.28 5.06
C ILE B 439 -64.10 90.80 5.20
N ASN B 440 -65.27 90.49 5.77
CA ASN B 440 -65.67 89.09 5.93
C ASN B 440 -65.84 88.41 4.58
N ALA B 441 -66.43 89.12 3.61
CA ALA B 441 -66.61 88.53 2.27
C ALA B 441 -65.26 88.28 1.61
N ILE B 442 -64.32 89.20 1.74
CA ILE B 442 -62.99 89.02 1.17
C ILE B 442 -62.29 87.83 1.83
N ARG B 443 -62.40 87.71 3.15
CA ARG B 443 -61.81 86.56 3.85
C ARG B 443 -62.43 85.26 3.38
N GLN B 444 -63.75 85.24 3.20
CA GLN B 444 -64.43 84.02 2.73
C GLN B 444 -63.96 83.65 1.33
N VAL B 445 -63.78 84.66 0.46
CA VAL B 445 -63.29 84.40 -0.89
C VAL B 445 -61.87 83.83 -0.84
N LEU B 446 -61.02 84.43 0.00
CA LEU B 446 -59.61 84.01 0.04
C LEU B 446 -59.45 82.65 0.69
N ILE B 447 -60.38 82.25 1.54
CA ILE B 447 -60.28 80.94 2.19
C ILE B 447 -60.23 79.81 1.18
N GLY B 448 -61.10 79.82 0.18
CA GLY B 448 -61.07 78.81 -0.86
C GLY B 448 -59.84 78.89 -1.73
N THR B 449 -59.40 80.11 -2.06
CA THR B 449 -58.23 80.29 -2.91
C THR B 449 -56.95 79.82 -2.25
N VAL B 450 -56.82 79.97 -0.94
CA VAL B 450 -55.61 79.62 -0.20
C VAL B 450 -55.62 78.16 0.25
N GLY B 451 -56.70 77.76 0.92
CA GLY B 451 -56.77 76.43 1.49
C GLY B 451 -56.58 76.46 3.00
N PHE B 452 -57.14 77.48 3.64
CA PHE B 452 -56.99 77.67 5.07
C PHE B 452 -57.57 76.48 5.81
N ASP B 453 -56.73 75.81 6.60
CA ASP B 453 -57.12 74.60 7.32
C ASP B 453 -56.69 74.78 8.77
N GLN B 454 -57.58 74.43 9.70
CA GLN B 454 -57.29 74.58 11.11
C GLN B 454 -56.49 73.41 11.70
N GLY B 455 -56.42 72.28 10.99
CA GLY B 455 -55.70 71.13 11.52
C GLY B 455 -54.21 71.38 11.62
N ARG B 456 -53.64 72.08 10.65
CA ARG B 456 -52.22 72.39 10.63
C ARG B 456 -51.88 73.69 11.36
N GLY B 457 -52.87 74.34 11.96
CA GLY B 457 -52.63 75.62 12.62
C GLY B 457 -52.27 76.75 11.67
N ASP B 458 -52.86 76.77 10.49
CA ASP B 458 -52.59 77.84 9.54
C ASP B 458 -53.22 79.15 10.01
N LEU B 459 -52.61 80.26 9.60
CA LEU B 459 -53.05 81.58 9.99
C LEU B 459 -53.41 82.40 8.76
N LEU B 460 -54.55 83.07 8.81
CA LEU B 460 -55.00 83.92 7.71
C LEU B 460 -55.53 85.22 8.31
N ASN B 461 -54.88 86.32 8.03
CA ASN B 461 -55.26 87.64 8.53
C ASN B 461 -55.53 88.57 7.37
N VAL B 462 -56.66 89.26 7.41
CA VAL B 462 -57.01 90.27 6.42
C VAL B 462 -57.48 91.52 7.16
N LEU B 463 -56.96 92.67 6.75
CA LEU B 463 -57.25 93.91 7.45
C LEU B 463 -56.98 95.10 6.54
N SER B 464 -57.47 96.26 6.95
CA SER B 464 -57.39 97.49 6.16
C SER B 464 -56.67 98.56 6.94
N VAL B 465 -55.69 99.22 6.31
CA VAL B 465 -54.95 100.32 6.89
C VAL B 465 -54.85 101.45 5.89
N LYS B 466 -54.48 102.63 6.38
CA LYS B 466 -54.30 103.80 5.54
C LYS B 466 -52.89 103.80 4.98
N PHE B 467 -52.79 103.91 3.65
CA PHE B 467 -51.49 103.90 2.99
C PHE B 467 -50.85 105.28 3.04
N ALA B 468 -49.75 105.44 2.29
CA ALA B 468 -49.01 106.73 2.25
C ALA B 468 -49.07 107.29 0.84
N GLU B 469 -48.68 108.55 0.65
CA GLU B 469 -48.85 109.18 -0.69
C GLU B 469 -47.52 109.67 -1.25
N PRO C 270 -30.94 62.82 -8.95
CA PRO C 270 -31.26 62.08 -7.73
C PRO C 270 -32.74 62.14 -7.34
N ALA C 271 -33.02 62.55 -6.12
CA ALA C 271 -34.40 62.65 -5.63
C ALA C 271 -35.00 64.02 -5.84
N SER C 272 -34.28 64.94 -6.48
CA SER C 272 -34.78 66.30 -6.69
C SER C 272 -35.89 66.32 -7.75
N ALA C 273 -36.00 65.24 -8.52
CA ALA C 273 -37.02 65.15 -9.56
C ALA C 273 -38.27 64.40 -9.13
N ALA C 274 -38.25 63.77 -7.97
CA ALA C 274 -39.42 63.03 -7.51
C ALA C 274 -40.46 63.93 -6.87
N ARG C 275 -40.09 65.17 -6.54
CA ARG C 275 -41.04 66.08 -5.90
C ARG C 275 -41.53 67.14 -6.86
N ARG C 276 -40.65 67.63 -7.75
CA ARG C 276 -41.08 68.61 -8.73
C ARG C 276 -42.12 68.02 -9.68
N LYS C 277 -42.03 66.71 -9.96
CA LYS C 277 -43.05 66.07 -10.77
C LYS C 277 -44.41 66.13 -10.08
N GLU C 278 -44.43 65.92 -8.76
CA GLU C 278 -45.68 66.06 -8.01
C GLU C 278 -46.17 67.49 -8.03
N GLN C 279 -45.24 68.43 -7.98
CA GLN C 279 -45.62 69.86 -8.02
C GLN C 279 -46.28 70.19 -9.36
N GLU C 280 -45.72 69.76 -10.48
CA GLU C 280 -46.33 70.02 -11.78
C GLU C 280 -47.64 69.25 -11.94
N LEU C 281 -47.74 68.05 -11.40
CA LEU C 281 -48.99 67.29 -11.49
C LEU C 281 -50.11 68.01 -10.72
N GLU C 282 -49.79 68.51 -9.53
CA GLU C 282 -50.78 69.25 -8.75
C GLU C 282 -51.21 70.51 -9.47
N ARG C 283 -50.26 71.22 -10.09
CA ARG C 283 -50.62 72.42 -10.84
C ARG C 283 -51.49 72.08 -12.04
N SER C 284 -51.18 70.97 -12.73
CA SER C 284 -51.97 70.55 -13.88
C SER C 284 -53.39 70.20 -13.49
N GLN C 285 -53.58 69.54 -12.35
CA GLN C 285 -54.94 69.26 -11.88
C GLN C 285 -55.72 70.55 -11.65
N GLU C 286 -55.11 71.54 -11.01
CA GLU C 286 -55.79 72.81 -10.77
C GLU C 286 -56.13 73.50 -12.08
N GLN C 287 -55.22 73.47 -13.06
CA GLN C 287 -55.48 74.10 -14.34
C GLN C 287 -56.68 73.45 -15.05
N ALA C 288 -56.74 72.12 -15.04
CA ALA C 288 -57.85 71.42 -15.68
C ALA C 288 -59.16 71.74 -14.97
N LEU C 289 -59.15 71.78 -13.64
CA LEU C 289 -60.37 72.09 -12.91
C LEU C 289 -60.83 73.52 -13.21
N ARG C 290 -59.89 74.46 -13.30
CA ARG C 290 -60.25 75.83 -13.65
C ARG C 290 -60.84 75.90 -15.05
N GLU C 291 -60.26 75.16 -16.00
CA GLU C 291 -60.79 75.15 -17.36
C GLU C 291 -62.20 74.58 -17.39
N LYS C 292 -62.46 73.52 -16.62
CA LYS C 292 -63.81 72.97 -16.56
C LYS C 292 -64.77 73.97 -15.94
N ILE C 293 -64.32 74.70 -14.91
CA ILE C 293 -65.18 75.69 -14.26
C ILE C 293 -65.56 76.79 -15.24
N ASP C 294 -64.58 77.26 -16.02
CA ASP C 294 -64.81 78.40 -16.91
C ASP C 294 -65.84 78.06 -17.99
N SER C 295 -65.86 76.80 -18.44
CA SER C 295 -66.74 76.43 -19.54
C SER C 295 -68.21 76.57 -19.17
N VAL C 296 -68.55 76.33 -17.91
CA VAL C 296 -69.95 76.38 -17.50
C VAL C 296 -70.40 77.79 -17.14
N LEU C 297 -69.60 78.53 -16.37
CA LEU C 297 -70.01 79.84 -15.88
C LEU C 297 -69.94 80.93 -16.94
N LEU C 298 -69.15 80.73 -17.99
CA LEU C 298 -69.01 81.76 -19.02
C LEU C 298 -70.31 82.08 -19.75
N PRO C 299 -71.05 81.10 -20.29
CA PRO C 299 -72.27 81.45 -21.05
C PRO C 299 -73.42 81.92 -20.17
N ILE C 300 -73.44 81.58 -18.89
CA ILE C 300 -74.56 81.96 -18.03
C ILE C 300 -74.33 83.30 -17.36
N LEU C 301 -73.12 83.57 -16.88
CA LEU C 301 -72.83 84.83 -16.19
C LEU C 301 -72.30 85.89 -17.14
N GLY C 302 -71.48 85.52 -18.10
CA GLY C 302 -70.92 86.47 -19.04
C GLY C 302 -69.43 86.66 -18.84
N TYR C 303 -68.83 87.40 -19.76
CA TYR C 303 -67.40 87.66 -19.73
C TYR C 303 -67.08 88.76 -18.72
N GLY C 304 -66.21 88.45 -17.76
CA GLY C 304 -65.77 89.43 -16.80
C GLY C 304 -66.70 89.71 -15.65
N ASN C 305 -67.71 88.86 -15.44
CA ASN C 305 -68.67 89.04 -14.35
C ASN C 305 -68.44 88.08 -13.19
N TYR C 306 -67.34 87.33 -13.20
CA TYR C 306 -67.09 86.34 -12.16
C TYR C 306 -65.59 86.06 -12.07
N THR C 307 -65.17 85.60 -10.90
CA THR C 307 -63.81 85.13 -10.68
C THR C 307 -63.86 83.87 -9.84
N ALA C 308 -62.93 82.95 -10.09
CA ALA C 308 -62.92 81.68 -9.37
C ALA C 308 -61.51 81.10 -9.39
N GLN C 309 -61.14 80.46 -8.29
CA GLN C 309 -59.87 79.75 -8.18
C GLN C 309 -60.08 78.51 -7.32
N VAL C 310 -59.26 77.49 -7.58
CA VAL C 310 -59.36 76.20 -6.90
C VAL C 310 -57.98 75.74 -6.48
N ASP C 311 -57.94 74.81 -5.53
CA ASP C 311 -56.71 74.15 -5.14
C ASP C 311 -57.00 72.71 -4.74
N ILE C 312 -56.00 71.84 -4.89
CA ILE C 312 -56.11 70.43 -4.54
C ILE C 312 -54.88 70.03 -3.75
N GLN C 313 -55.09 69.31 -2.66
CA GLN C 313 -54.00 68.77 -1.84
C GLN C 313 -54.05 67.25 -1.91
N MET C 314 -52.90 66.64 -2.18
CA MET C 314 -52.79 65.19 -2.37
C MET C 314 -51.60 64.65 -1.60
N ASP C 315 -51.57 63.33 -1.44
CA ASP C 315 -50.48 62.64 -0.77
C ASP C 315 -49.91 61.57 -1.69
N PHE C 316 -48.64 61.26 -1.49
CA PHE C 316 -47.90 60.33 -2.34
C PHE C 316 -47.25 59.23 -1.50
N SER C 317 -48.01 58.66 -0.58
CA SER C 317 -47.53 57.56 0.23
C SER C 317 -47.60 56.26 -0.56
N ALA C 318 -47.14 55.18 0.06
CA ALA C 318 -47.15 53.86 -0.59
C ALA C 318 -47.52 52.83 0.46
N VAL C 319 -48.71 52.23 0.33
CA VAL C 319 -49.25 51.30 1.32
C VAL C 319 -49.49 49.96 0.65
N GLU C 320 -49.04 48.89 1.30
CA GLU C 320 -49.29 47.53 0.88
C GLU C 320 -50.00 46.78 2.00
N GLN C 321 -51.00 45.98 1.65
CA GLN C 321 -51.85 45.31 2.62
C GLN C 321 -51.91 43.82 2.33
N THR C 322 -51.85 43.01 3.38
CA THR C 322 -52.00 41.56 3.27
C THR C 322 -52.96 41.10 4.36
N ARG C 323 -54.02 40.41 3.96
CA ARG C 323 -55.07 39.99 4.87
C ARG C 323 -55.27 38.49 4.78
N LYS C 324 -55.50 37.85 5.93
CA LYS C 324 -55.80 36.42 6.01
C LYS C 324 -56.97 36.26 6.98
N ARG C 325 -58.12 35.85 6.46
CA ARG C 325 -59.35 35.76 7.23
C ARG C 325 -59.77 34.30 7.40
N PHE C 326 -60.53 34.03 8.46
CA PHE C 326 -61.00 32.70 8.78
C PHE C 326 -62.49 32.78 9.10
N ASP C 327 -63.17 31.64 8.95
CA ASP C 327 -64.60 31.54 9.26
C ASP C 327 -64.79 30.53 10.38
N PRO C 328 -64.94 30.98 11.63
CA PRO C 328 -65.06 30.02 12.75
C PRO C 328 -66.46 29.47 12.94
N ASN C 329 -67.47 30.03 12.28
CA ASN C 329 -68.85 29.58 12.48
C ASN C 329 -69.20 28.33 11.70
N THR C 330 -68.39 27.94 10.72
CA THR C 330 -68.67 26.78 9.87
C THR C 330 -67.46 25.84 9.90
N PRO C 331 -67.29 25.08 10.97
CA PRO C 331 -66.20 24.11 11.01
C PRO C 331 -66.58 22.77 10.40
N ALA C 332 -65.59 22.12 9.79
CA ALA C 332 -65.77 20.83 9.15
C ALA C 332 -64.85 19.82 9.80
N THR C 333 -65.41 18.67 10.18
CA THR C 333 -64.64 17.65 10.87
C THR C 333 -63.98 16.70 9.87
N ARG C 334 -62.74 16.33 10.17
CA ARG C 334 -61.98 15.40 9.34
C ARG C 334 -61.72 14.07 10.03
N SER C 335 -61.15 14.09 11.22
CA SER C 335 -60.89 12.89 12.00
C SER C 335 -61.53 13.04 13.37
N GLU C 336 -62.11 11.95 13.87
CA GLU C 336 -62.83 11.97 15.13
C GLU C 336 -62.62 10.66 15.86
N TYR C 337 -62.26 10.74 17.15
CA TYR C 337 -62.12 9.58 17.99
C TYR C 337 -62.84 9.85 19.31
N ALA C 338 -63.58 8.87 19.80
CA ALA C 338 -64.40 9.03 20.99
C ALA C 338 -64.29 7.80 21.88
N LEU C 339 -64.48 8.03 23.18
CA LEU C 339 -64.49 6.95 24.17
C LEU C 339 -65.47 7.34 25.26
N GLU C 340 -66.43 6.45 25.55
CA GLU C 340 -67.54 6.71 26.46
C GLU C 340 -67.64 5.60 27.50
N ASP C 341 -66.52 5.31 28.15
CA ASP C 341 -66.46 4.24 29.12
C ASP C 341 -67.39 4.52 30.30
N TYR C 342 -68.27 3.58 30.59
CA TYR C 342 -69.19 3.67 31.72
C TYR C 342 -68.79 2.66 32.79
N ASN C 343 -69.45 2.74 33.93
CA ASN C 343 -69.21 1.82 35.04
C ASN C 343 -70.39 1.78 36.00
N VAL C 383 -66.17 6.70 34.86
CA VAL C 383 -66.87 7.20 33.69
C VAL C 383 -65.93 8.03 32.84
N ARG C 384 -65.23 7.38 31.92
CA ARG C 384 -64.27 8.08 31.06
C ARG C 384 -64.97 8.63 29.83
N LYS C 385 -64.81 9.93 29.61
CA LYS C 385 -65.39 10.61 28.45
C LYS C 385 -64.25 11.33 27.72
N GLU C 386 -63.70 10.69 26.69
CA GLU C 386 -62.59 11.25 25.94
C GLU C 386 -63.00 11.51 24.50
N SER C 387 -62.53 12.64 23.95
CA SER C 387 -62.83 13.02 22.58
C SER C 387 -61.61 13.68 21.97
N THR C 388 -61.38 13.39 20.68
CA THR C 388 -60.27 14.00 19.94
C THR C 388 -60.75 14.24 18.52
N ARG C 389 -60.86 15.50 18.12
CA ARG C 389 -61.39 15.87 16.83
C ARG C 389 -60.42 16.81 16.11
N ASN C 390 -60.38 16.68 14.79
CA ASN C 390 -59.60 17.55 13.94
C ASN C 390 -60.53 18.32 13.01
N PHE C 391 -60.23 19.61 12.80
CA PHE C 391 -61.10 20.50 12.05
C PHE C 391 -60.33 21.16 10.92
N GLU C 392 -61.04 21.50 9.85
CA GLU C 392 -60.51 22.28 8.75
C GLU C 392 -61.50 23.38 8.41
N LEU C 393 -60.99 24.60 8.22
CA LEU C 393 -61.81 25.79 8.10
C LEU C 393 -61.51 26.50 6.79
N ASP C 394 -62.41 27.41 6.43
CA ASP C 394 -62.24 28.22 5.23
C ASP C 394 -61.06 29.17 5.39
N THR C 395 -60.28 29.32 4.33
CA THR C 395 -59.12 30.20 4.31
C THR C 395 -59.24 31.20 3.17
N THR C 396 -59.00 32.47 3.47
CA THR C 396 -59.06 33.53 2.48
C THR C 396 -57.80 34.39 2.60
N ILE C 397 -57.13 34.62 1.48
CA ILE C 397 -55.90 35.41 1.45
C ILE C 397 -56.08 36.53 0.43
N SER C 398 -55.74 37.75 0.83
CA SER C 398 -55.87 38.92 -0.03
C SER C 398 -54.60 39.75 0.03
N HIS C 399 -54.17 40.24 -1.13
CA HIS C 399 -53.01 41.12 -1.24
C HIS C 399 -53.42 42.34 -2.04
N GLU C 400 -53.16 43.53 -1.50
CA GLU C 400 -53.60 44.78 -2.10
C GLU C 400 -52.46 45.78 -2.14
N ARG C 401 -52.34 46.47 -3.27
CA ARG C 401 -51.38 47.56 -3.44
C ARG C 401 -52.16 48.84 -3.76
N LYS C 402 -51.98 49.85 -2.91
CA LYS C 402 -52.75 51.08 -3.05
C LYS C 402 -52.12 51.99 -4.12
N GLN C 403 -52.88 53.01 -4.51
CA GLN C 403 -52.44 53.97 -5.49
C GLN C 403 -51.59 55.07 -4.83
N THR C 404 -50.87 55.81 -5.67
CA THR C 404 -50.05 56.92 -5.22
C THR C 404 -50.54 58.20 -5.90
N GLY C 405 -51.05 59.13 -5.09
CA GLY C 405 -51.53 60.39 -5.63
C GLY C 405 -53.02 60.61 -5.44
N THR C 406 -53.58 60.04 -4.38
CA THR C 406 -55.00 60.21 -4.10
C THR C 406 -55.28 61.63 -3.63
N VAL C 407 -56.43 62.16 -4.04
CA VAL C 407 -56.83 63.52 -3.66
C VAL C 407 -57.33 63.51 -2.22
N ALA C 408 -56.83 64.43 -1.41
CA ALA C 408 -57.21 64.52 0.00
C ALA C 408 -58.30 65.56 0.24
N ARG C 409 -58.06 66.79 -0.19
CA ARG C 409 -59.06 67.86 0.01
C ARG C 409 -59.18 68.73 -1.24
N GLN C 410 -60.27 69.46 -1.36
CA GLN C 410 -60.55 70.28 -2.53
C GLN C 410 -61.40 71.47 -2.12
N THR C 411 -60.93 72.67 -2.44
CA THR C 411 -61.62 73.90 -2.09
C THR C 411 -61.89 74.73 -3.34
N VAL C 412 -63.12 75.21 -3.47
CA VAL C 412 -63.54 76.05 -4.58
C VAL C 412 -64.23 77.29 -4.03
N SER C 413 -63.86 78.45 -4.58
CA SER C 413 -64.44 79.74 -4.17
C SER C 413 -64.85 80.52 -5.41
N VAL C 414 -66.10 80.99 -5.43
CA VAL C 414 -66.67 81.70 -6.57
C VAL C 414 -67.24 83.03 -6.09
N ALA C 415 -66.85 84.11 -6.77
CA ALA C 415 -67.36 85.45 -6.49
C ALA C 415 -68.04 85.99 -7.75
N ILE C 416 -69.25 86.51 -7.58
CA ILE C 416 -70.06 87.01 -8.69
C ILE C 416 -70.27 88.50 -8.52
N LYS C 417 -70.05 89.26 -9.60
CA LYS C 417 -70.26 90.70 -9.55
C LYS C 417 -71.73 91.03 -9.35
N ASP C 418 -71.98 92.06 -8.54
CA ASP C 418 -73.34 92.51 -8.27
C ASP C 418 -73.72 93.63 -9.23
N MET C 434 -77.81 89.86 -6.47
CA MET C 434 -78.34 88.53 -6.75
C MET C 434 -79.12 88.00 -5.54
N SER C 435 -80.28 87.41 -5.81
CA SER C 435 -81.11 86.87 -4.74
C SER C 435 -80.55 85.53 -4.29
N GLU C 436 -81.18 84.94 -3.26
CA GLU C 436 -80.71 83.66 -2.75
C GLU C 436 -81.03 82.51 -3.68
N SER C 437 -82.13 82.58 -4.41
CA SER C 437 -82.51 81.49 -5.32
C SER C 437 -81.48 81.30 -6.43
N GLU C 438 -81.03 82.40 -7.03
CA GLU C 438 -80.03 82.30 -8.08
C GLU C 438 -78.70 81.77 -7.54
N ILE C 439 -78.31 82.18 -6.34
CA ILE C 439 -77.09 81.68 -5.73
C ILE C 439 -77.20 80.17 -5.49
N ASN C 440 -78.35 79.72 -4.97
CA ASN C 440 -78.55 78.30 -4.74
C ASN C 440 -78.51 77.52 -6.05
N ALA C 441 -79.14 78.06 -7.10
CA ALA C 441 -79.13 77.38 -8.40
C ALA C 441 -77.72 77.28 -8.95
N ILE C 442 -76.93 78.35 -8.83
CA ILE C 442 -75.55 78.34 -9.30
C ILE C 442 -74.73 77.31 -8.52
N ARG C 443 -74.92 77.26 -7.20
CA ARG C 443 -74.21 76.28 -6.38
C ARG C 443 -74.59 74.85 -6.79
N GLN C 444 -75.88 74.61 -7.05
CA GLN C 444 -76.33 73.29 -7.46
C GLN C 444 -75.72 72.91 -8.82
N VAL C 445 -75.62 73.87 -9.73
CA VAL C 445 -75.01 73.60 -11.03
C VAL C 445 -73.53 73.27 -10.85
N LEU C 446 -72.83 74.05 -10.02
CA LEU C 446 -71.39 73.85 -9.86
C LEU C 446 -71.06 72.58 -9.09
N ILE C 447 -72.00 72.08 -8.27
CA ILE C 447 -71.75 70.86 -7.52
C ILE C 447 -71.46 69.68 -8.45
N GLY C 448 -72.24 69.49 -9.50
CA GLY C 448 -71.99 68.44 -10.46
C GLY C 448 -70.72 68.65 -11.26
N THR C 449 -70.45 69.90 -11.63
CA THR C 449 -69.26 70.21 -12.43
C THR C 449 -67.97 69.98 -11.66
N VAL C 450 -67.97 70.23 -10.35
CA VAL C 450 -66.76 70.12 -9.53
C VAL C 450 -66.61 68.71 -8.97
N GLY C 451 -67.65 68.18 -8.34
CA GLY C 451 -67.56 66.90 -7.67
C GLY C 451 -67.49 67.06 -6.18
N PHE C 452 -68.23 68.02 -5.65
CA PHE C 452 -68.22 68.31 -4.22
C PHE C 452 -68.68 67.10 -3.43
N ASP C 453 -67.80 66.62 -2.54
CA ASP C 453 -68.04 65.41 -1.76
C ASP C 453 -67.76 65.75 -0.31
N GLN C 454 -68.65 65.33 0.59
CA GLN C 454 -68.48 65.60 2.01
C GLN C 454 -67.58 64.61 2.72
N GLY C 455 -67.29 63.47 2.10
CA GLY C 455 -66.44 62.48 2.76
C GLY C 455 -65.01 62.95 2.94
N ARG C 456 -64.49 63.67 1.96
CA ARG C 456 -63.12 64.20 2.01
C ARG C 456 -63.04 65.58 2.65
N GLY C 457 -64.16 66.11 3.14
CA GLY C 457 -64.17 67.44 3.72
C GLY C 457 -63.90 68.55 2.72
N ASP C 458 -64.40 68.41 1.49
CA ASP C 458 -64.23 69.45 0.49
C ASP C 458 -65.07 70.66 0.83
N LEU C 459 -64.62 71.83 0.36
CA LEU C 459 -65.27 73.10 0.64
C LEU C 459 -65.66 73.76 -0.67
N LEU C 460 -66.90 74.25 -0.75
CA LEU C 460 -67.38 74.96 -1.92
C LEU C 460 -68.15 76.18 -1.46
N ASN C 461 -67.64 77.36 -1.78
CA ASN C 461 -68.25 78.63 -1.39
C ASN C 461 -68.57 79.43 -2.65
N VAL C 462 -69.80 79.95 -2.72
CA VAL C 462 -70.21 80.83 -3.81
C VAL C 462 -70.92 82.03 -3.20
N LEU C 463 -70.55 83.22 -3.64
CA LEU C 463 -71.07 84.45 -3.05
C LEU C 463 -70.92 85.59 -4.04
N SER C 464 -71.60 86.70 -3.74
CA SER C 464 -71.64 87.86 -4.62
C SER C 464 -71.16 89.09 -3.87
N VAL C 465 -70.24 89.84 -4.49
CA VAL C 465 -69.71 91.08 -3.94
C VAL C 465 -69.71 92.15 -5.02
N LYS C 466 -69.57 93.39 -4.59
CA LYS C 466 -69.50 94.52 -5.50
C LYS C 466 -68.06 94.70 -5.98
N PHE C 467 -67.89 94.75 -7.30
CA PHE C 467 -66.56 94.90 -7.88
C PHE C 467 -66.13 96.36 -7.90
N ALA C 468 -65.02 96.64 -8.58
CA ALA C 468 -64.49 98.01 -8.66
C ALA C 468 -64.52 98.48 -10.12
N GLU C 469 -64.31 99.77 -10.38
CA GLU C 469 -64.48 100.28 -11.76
C GLU C 469 -63.20 100.92 -12.28
N PRO D 270 -39.20 56.69 -15.50
CA PRO D 270 -39.48 55.99 -14.25
C PRO D 270 -40.97 55.85 -13.97
N ALA D 271 -41.40 56.30 -12.79
CA ALA D 271 -42.81 56.21 -12.40
C ALA D 271 -43.59 57.47 -12.75
N SER D 272 -42.97 58.44 -13.42
CA SER D 272 -43.65 59.68 -13.75
C SER D 272 -44.66 59.47 -14.88
N ALA D 273 -44.57 58.34 -15.57
CA ALA D 273 -45.47 58.02 -16.66
C ALA D 273 -46.63 57.13 -16.25
N ALA D 274 -46.61 56.58 -15.04
CA ALA D 274 -47.69 55.70 -14.61
C ALA D 274 -48.89 56.48 -14.10
N ARG D 275 -48.73 57.78 -13.84
CA ARG D 275 -49.84 58.56 -13.33
C ARG D 275 -50.42 59.48 -14.40
N ARG D 276 -49.56 60.04 -15.27
CA ARG D 276 -50.06 60.87 -16.35
C ARG D 276 -50.92 60.07 -17.31
N LYS D 277 -50.63 58.78 -17.48
CA LYS D 277 -51.49 57.93 -18.30
C LYS D 277 -52.88 57.83 -17.70
N GLU D 278 -52.96 57.71 -16.38
CA GLU D 278 -54.27 57.70 -15.71
C GLU D 278 -54.96 59.04 -15.87
N GLN D 279 -54.19 60.11 -15.84
CA GLN D 279 -54.78 61.47 -16.00
C GLN D 279 -55.37 61.60 -17.40
N GLU D 280 -54.68 61.19 -18.46
CA GLU D 280 -55.23 61.27 -19.80
C GLU D 280 -56.39 60.31 -19.99
N LEU D 281 -56.35 59.12 -19.36
CA LEU D 281 -57.47 58.20 -19.47
C LEU D 281 -58.73 58.78 -18.83
N GLU D 282 -58.58 59.40 -17.66
CA GLU D 282 -59.72 60.03 -17.00
C GLU D 282 -60.28 61.16 -17.84
N ARG D 283 -59.41 61.97 -18.45
CA ARG D 283 -59.88 63.05 -19.31
C ARG D 283 -60.59 62.50 -20.54
N SER D 284 -60.08 61.40 -21.12
CA SER D 284 -60.71 60.80 -22.28
C SER D 284 -62.11 60.26 -21.95
N GLN D 285 -62.27 59.66 -20.77
CA GLN D 285 -63.59 59.21 -20.37
C GLN D 285 -64.58 60.38 -20.29
N GLU D 286 -64.16 61.49 -19.69
CA GLU D 286 -65.03 62.65 -19.60
C GLU D 286 -65.38 63.19 -20.97
N GLN D 287 -64.41 63.23 -21.87
CA GLN D 287 -64.67 63.73 -23.22
C GLN D 287 -65.69 62.87 -23.94
N ALA D 288 -65.56 61.54 -23.85
CA ALA D 288 -66.51 60.65 -24.49
C ALA D 288 -67.91 60.80 -23.90
N LEU D 289 -67.99 60.93 -22.57
CA LEU D 289 -69.30 61.10 -21.94
C LEU D 289 -69.94 62.42 -22.37
N ARG D 290 -69.15 63.48 -22.49
CA ARG D 290 -69.68 64.76 -22.96
C ARG D 290 -70.17 64.65 -24.40
N GLU D 291 -69.42 63.94 -25.24
CA GLU D 291 -69.85 63.76 -26.63
C GLU D 291 -71.15 62.99 -26.71
N LYS D 292 -71.30 61.95 -25.88
CA LYS D 292 -72.55 61.20 -25.85
C LYS D 292 -73.70 62.08 -25.37
N ILE D 293 -73.44 62.94 -24.37
CA ILE D 293 -74.48 63.82 -23.85
C ILE D 293 -74.94 64.80 -24.94
N ASP D 294 -73.99 65.35 -25.69
CA ASP D 294 -74.32 66.38 -26.67
C ASP D 294 -75.21 65.82 -27.78
N SER D 295 -75.02 64.56 -28.14
CA SER D 295 -75.75 63.97 -29.26
C SER D 295 -77.24 63.91 -29.00
N VAL D 296 -77.64 63.71 -27.74
CA VAL D 296 -79.05 63.57 -27.41
C VAL D 296 -79.73 64.92 -27.19
N LEU D 297 -79.11 65.82 -26.44
CA LEU D 297 -79.74 67.08 -26.07
C LEU D 297 -79.75 68.10 -27.22
N LEU D 298 -78.86 67.95 -28.19
CA LEU D 298 -78.81 68.93 -29.28
C LEU D 298 -80.09 68.99 -30.12
N PRO D 299 -80.64 67.88 -30.63
CA PRO D 299 -81.83 68.00 -31.48
C PRO D 299 -83.11 68.33 -30.71
N ILE D 300 -83.16 68.08 -29.41
CA ILE D 300 -84.37 68.34 -28.65
C ILE D 300 -84.40 69.74 -28.07
N LEU D 301 -83.28 70.22 -27.54
CA LEU D 301 -83.23 71.54 -26.93
C LEU D 301 -82.80 72.62 -27.92
N GLY D 302 -81.87 72.31 -28.80
CA GLY D 302 -81.39 73.28 -29.78
C GLY D 302 -79.96 73.70 -29.50
N TYR D 303 -79.41 74.48 -30.43
CA TYR D 303 -78.04 74.94 -30.33
C TYR D 303 -77.96 76.14 -29.39
N GLY D 304 -77.12 76.03 -28.37
CA GLY D 304 -76.89 77.14 -27.45
C GLY D 304 -77.95 77.32 -26.39
N ASN D 305 -78.83 76.36 -26.16
CA ASN D 305 -79.88 76.46 -25.16
C ASN D 305 -79.59 75.62 -23.93
N TYR D 306 -78.40 75.05 -23.81
CA TYR D 306 -78.07 74.18 -22.69
C TYR D 306 -76.57 74.15 -22.49
N THR D 307 -76.16 73.82 -21.26
CA THR D 307 -74.77 73.58 -20.92
C THR D 307 -74.70 72.38 -19.99
N ALA D 308 -73.63 71.60 -20.12
CA ALA D 308 -73.47 70.41 -19.30
C ALA D 308 -72.00 70.05 -19.19
N GLN D 309 -71.63 69.53 -18.02
CA GLN D 309 -70.27 69.04 -17.77
C GLN D 309 -70.35 67.84 -16.84
N VAL D 310 -69.39 66.94 -16.98
CA VAL D 310 -69.35 65.70 -16.21
C VAL D 310 -67.94 65.49 -15.67
N ASP D 311 -67.83 64.63 -14.65
CA ASP D 311 -66.54 64.19 -14.14
C ASP D 311 -66.65 62.76 -13.65
N ILE D 312 -65.53 62.04 -13.68
CA ILE D 312 -65.46 60.66 -13.23
C ILE D 312 -64.23 60.50 -12.34
N GLN D 313 -64.41 59.83 -11.21
CA GLN D 313 -63.33 59.51 -10.29
C GLN D 313 -63.13 58.00 -10.25
N MET D 314 -61.89 57.56 -10.40
CA MET D 314 -61.56 56.14 -10.47
C MET D 314 -60.36 55.84 -9.59
N ASP D 315 -60.14 54.55 -9.34
CA ASP D 315 -59.03 54.08 -8.54
C ASP D 315 -58.24 53.04 -9.34
N PHE D 316 -56.94 52.94 -9.04
CA PHE D 316 -56.02 52.08 -9.78
C PHE D 316 -55.28 51.16 -8.82
N SER D 317 -56.02 50.54 -7.91
CA SER D 317 -55.44 49.58 -6.99
C SER D 317 -55.25 48.24 -7.69
N ALA D 318 -54.69 47.27 -6.96
CA ALA D 318 -54.46 45.94 -7.50
C ALA D 318 -54.75 44.92 -6.40
N VAL D 319 -55.82 44.15 -6.57
CA VAL D 319 -56.29 43.23 -5.55
C VAL D 319 -56.28 41.82 -6.12
N GLU D 320 -55.71 40.87 -5.36
CA GLU D 320 -55.74 39.46 -5.70
C GLU D 320 -56.41 38.69 -4.57
N GLN D 321 -57.25 37.71 -4.93
CA GLN D 321 -58.06 37.00 -3.96
C GLN D 321 -57.88 35.50 -4.14
N THR D 322 -57.77 34.78 -3.03
CA THR D 322 -57.70 33.33 -3.04
C THR D 322 -58.65 32.79 -1.98
N ARG D 323 -59.58 31.92 -2.39
CA ARG D 323 -60.61 31.40 -1.51
C ARG D 323 -60.59 29.88 -1.51
N LYS D 324 -60.79 29.30 -0.33
CA LYS D 324 -60.90 27.85 -0.16
C LYS D 324 -62.09 27.58 0.75
N ARG D 325 -63.13 26.96 0.20
CA ARG D 325 -64.39 26.73 0.89
C ARG D 325 -64.59 25.25 1.15
N PHE D 326 -65.38 24.94 2.17
CA PHE D 326 -65.68 23.56 2.55
C PHE D 326 -67.17 23.43 2.79
N ASP D 327 -67.66 22.20 2.67
CA ASP D 327 -69.08 21.90 2.90
C ASP D 327 -69.21 20.95 4.08
N PRO D 328 -69.50 21.45 5.28
CA PRO D 328 -69.57 20.57 6.46
C PRO D 328 -70.88 19.81 6.60
N ASN D 329 -71.92 20.17 5.85
CA ASN D 329 -73.22 19.54 6.00
C ASN D 329 -73.33 18.20 5.28
N THR D 330 -72.40 17.87 4.39
CA THR D 330 -72.43 16.63 3.62
C THR D 330 -71.11 15.90 3.79
N PRO D 331 -70.91 15.23 4.92
CA PRO D 331 -69.69 14.45 5.11
C PRO D 331 -69.83 13.02 4.59
N ALA D 332 -68.72 12.51 4.08
CA ALA D 332 -68.65 11.16 3.53
C ALA D 332 -67.64 10.33 4.31
N THR D 333 -68.06 9.15 4.74
CA THR D 333 -67.20 8.30 5.55
C THR D 333 -66.33 7.41 4.67
N ARG D 334 -65.07 7.24 5.06
CA ARG D 334 -64.13 6.39 4.35
C ARG D 334 -63.72 5.16 5.15
N SER D 335 -63.24 5.35 6.38
CA SER D 335 -62.87 4.26 7.26
C SER D 335 -63.62 4.40 8.57
N GLU D 336 -64.07 3.26 9.12
CA GLU D 336 -64.87 3.26 10.33
C GLU D 336 -64.52 2.04 11.17
N TYR D 337 -64.28 2.26 12.46
CA TYR D 337 -64.03 1.19 13.41
C TYR D 337 -64.88 1.44 14.64
N ALA D 338 -65.50 0.38 15.15
CA ALA D 338 -66.41 0.51 16.28
C ALA D 338 -66.19 -0.63 17.27
N LEU D 339 -66.49 -0.36 18.54
CA LEU D 339 -66.42 -1.35 19.59
C LEU D 339 -67.53 -1.05 20.60
N GLU D 340 -68.36 -2.06 20.89
CA GLU D 340 -69.55 -1.91 21.70
C GLU D 340 -69.57 -2.95 22.82
N ASP D 341 -68.46 -3.02 23.55
CA ASP D 341 -68.31 -4.02 24.61
C ASP D 341 -69.37 -3.80 25.70
N TYR D 342 -70.12 -4.84 26.02
CA TYR D 342 -71.11 -4.83 27.06
C TYR D 342 -70.65 -5.69 28.23
N ASN D 343 -71.40 -5.63 29.33
CA ASN D 343 -71.10 -6.43 30.51
C ASN D 343 -72.32 -6.59 31.40
N VAL D 383 -68.81 -1.16 30.15
CA VAL D 383 -69.50 -0.86 28.91
C VAL D 383 -68.62 0.05 28.05
N ARG D 384 -67.77 -0.54 27.23
CA ARG D 384 -66.87 0.23 26.39
C ARG D 384 -67.55 0.60 25.07
N LYS D 385 -67.57 1.89 24.76
CA LYS D 385 -68.15 2.39 23.52
C LYS D 385 -67.10 3.23 22.81
N GLU D 386 -66.38 2.61 21.87
CA GLU D 386 -65.30 3.29 21.15
C GLU D 386 -65.65 3.39 19.68
N SER D 387 -65.31 4.53 19.08
CA SER D 387 -65.56 4.78 17.66
C SER D 387 -64.41 5.57 17.07
N THR D 388 -64.05 5.24 15.83
CA THR D 388 -63.00 5.96 15.12
C THR D 388 -63.40 6.03 13.66
N ARG D 389 -63.67 7.24 13.16
CA ARG D 389 -64.16 7.44 11.81
C ARG D 389 -63.29 8.46 11.09
N ASN D 390 -63.13 8.25 9.78
CA ASN D 390 -62.42 9.18 8.91
C ASN D 390 -63.39 9.74 7.88
N PHE D 391 -63.26 11.03 7.59
CA PHE D 391 -64.19 11.73 6.73
C PHE D 391 -63.45 12.43 5.60
N GLU D 392 -64.14 12.58 4.47
CA GLU D 392 -63.64 13.37 3.34
C GLU D 392 -64.76 14.28 2.86
N LEU D 393 -64.42 15.54 2.62
CA LEU D 393 -65.40 16.59 2.36
C LEU D 393 -65.12 17.25 1.01
N ASP D 394 -66.11 17.99 0.53
CA ASP D 394 -65.97 18.73 -0.71
C ASP D 394 -64.96 19.86 -0.55
N THR D 395 -64.13 20.06 -1.58
CA THR D 395 -63.12 21.09 -1.58
C THR D 395 -63.30 21.99 -2.80
N THR D 396 -63.28 23.30 -2.58
CA THR D 396 -63.42 24.27 -3.65
C THR D 396 -62.32 25.32 -3.52
N ILE D 397 -61.61 25.58 -4.61
CA ILE D 397 -60.52 26.54 -4.63
C ILE D 397 -60.78 27.54 -5.74
N SER D 398 -60.65 28.83 -5.41
CA SER D 398 -60.90 29.90 -6.36
C SER D 398 -59.77 30.92 -6.29
N HIS D 399 -59.33 31.39 -7.46
CA HIS D 399 -58.32 32.43 -7.55
C HIS D 399 -58.84 33.52 -8.47
N GLU D 400 -58.79 34.77 -8.00
CA GLU D 400 -59.37 35.90 -8.72
C GLU D 400 -58.39 37.06 -8.77
N ARG D 401 -58.30 37.69 -9.93
CA ARG D 401 -57.50 38.89 -10.12
C ARG D 401 -58.42 40.01 -10.58
N LYS D 402 -58.46 41.10 -9.81
CA LYS D 402 -59.39 42.18 -10.09
C LYS D 402 -58.83 43.10 -11.18
N GLN D 403 -59.70 43.97 -11.69
CA GLN D 403 -59.34 44.92 -12.71
C GLN D 403 -58.70 46.17 -12.09
N THR D 404 -58.05 46.96 -12.93
CA THR D 404 -57.43 48.22 -12.52
C THR D 404 -58.05 49.35 -13.31
N GLY D 405 -58.76 50.25 -12.63
CA GLY D 405 -59.38 51.38 -13.27
C GLY D 405 -60.88 51.38 -13.20
N THR D 406 -61.44 50.79 -12.14
CA THR D 406 -62.89 50.78 -11.96
C THR D 406 -63.41 52.16 -11.60
N VAL D 407 -64.58 52.49 -12.13
CA VAL D 407 -65.21 53.79 -11.88
C VAL D 407 -65.80 53.79 -10.47
N ALA D 408 -65.51 54.83 -9.71
CA ALA D 408 -65.99 54.96 -8.34
C ALA D 408 -67.25 55.82 -8.24
N ARG D 409 -67.15 57.06 -8.75
CA ARG D 409 -68.32 57.97 -8.69
C ARG D 409 -68.46 58.73 -10.00
N GLN D 410 -69.65 59.27 -10.24
CA GLN D 410 -69.96 59.96 -11.49
C GLN D 410 -70.99 61.03 -11.22
N THR D 411 -70.69 62.27 -11.60
CA THR D 411 -71.58 63.40 -11.39
C THR D 411 -71.88 64.09 -12.71
N VAL D 412 -73.15 64.38 -12.95
CA VAL D 412 -73.61 65.06 -14.15
C VAL D 412 -74.51 66.22 -13.74
N SER D 413 -74.28 67.39 -14.34
CA SER D 413 -75.07 68.59 -14.07
C SER D 413 -75.50 69.22 -15.38
N VAL D 414 -76.80 69.49 -15.51
CA VAL D 414 -77.38 70.03 -16.75
C VAL D 414 -78.18 71.29 -16.39
N ALA D 415 -77.92 72.36 -17.13
CA ALA D 415 -78.63 73.62 -16.99
C ALA D 415 -79.29 73.97 -18.32
N ILE D 416 -80.57 74.32 -18.27
CA ILE D 416 -81.36 74.60 -19.46
C ILE D 416 -81.80 76.07 -19.41
N LYS D 417 -81.62 76.77 -20.52
CA LYS D 417 -82.04 78.16 -20.61
C LYS D 417 -83.56 78.27 -20.51
N ASP D 418 -84.01 79.30 -19.81
CA ASP D 418 -85.44 79.56 -19.66
C ASP D 418 -85.91 80.55 -20.72
N MET D 434 -89.59 76.39 -17.94
CA MET D 434 -89.89 74.98 -18.14
C MET D 434 -90.67 74.41 -16.96
N SER D 435 -91.70 73.64 -17.24
CA SER D 435 -92.53 73.04 -16.20
C SER D 435 -91.81 71.84 -15.61
N GLU D 436 -92.42 71.23 -14.59
CA GLU D 436 -91.81 70.08 -13.95
C GLU D 436 -91.87 68.83 -14.81
N SER D 437 -92.93 68.68 -15.62
CA SER D 437 -93.07 67.49 -16.44
C SER D 437 -91.95 67.39 -17.47
N GLU D 438 -91.62 68.51 -18.13
CA GLU D 438 -90.53 68.50 -19.11
C GLU D 438 -89.19 68.19 -18.45
N ILE D 439 -88.96 68.75 -17.26
CA ILE D 439 -87.71 68.47 -16.55
C ILE D 439 -87.62 66.99 -16.19
N ASN D 440 -88.73 66.41 -15.73
CA ASN D 440 -88.74 64.99 -15.39
C ASN D 440 -88.49 64.13 -16.64
N ALA D 441 -89.10 64.51 -17.76
CA ALA D 441 -88.91 63.76 -18.99
C ALA D 441 -87.46 63.83 -19.46
N ILE D 442 -86.86 65.03 -19.37
CA ILE D 442 -85.45 65.18 -19.75
C ILE D 442 -84.55 64.35 -18.85
N ARG D 443 -84.82 64.36 -17.54
CA ARG D 443 -84.05 63.54 -16.61
C ARG D 443 -84.18 62.06 -16.94
N GLN D 444 -85.40 61.61 -17.24
CA GLN D 444 -85.61 60.21 -17.60
C GLN D 444 -84.86 59.84 -18.87
N VAL D 445 -84.84 60.74 -19.86
CA VAL D 445 -84.10 60.48 -21.08
C VAL D 445 -82.60 60.40 -20.80
N LEU D 446 -82.09 61.32 -19.98
CA LEU D 446 -80.65 61.36 -19.71
C LEU D 446 -80.20 60.19 -18.83
N ILE D 447 -81.10 59.62 -18.05
CA ILE D 447 -80.73 58.50 -17.19
C ILE D 447 -80.20 57.32 -18.01
N GLY D 448 -80.86 56.96 -19.08
CA GLY D 448 -80.40 55.89 -19.94
C GLY D 448 -79.12 56.24 -20.67
N THR D 449 -79.01 57.49 -21.13
CA THR D 449 -77.83 57.92 -21.87
C THR D 449 -76.58 57.94 -21.01
N VAL D 450 -76.70 58.27 -19.72
CA VAL D 450 -75.56 58.40 -18.83
C VAL D 450 -75.23 57.07 -18.15
N GLY D 451 -76.23 56.43 -17.56
CA GLY D 451 -76.00 55.23 -16.79
C GLY D 451 -76.06 55.49 -15.30
N PHE D 452 -76.97 56.36 -14.90
CA PHE D 452 -77.12 56.75 -13.50
C PHE D 452 -77.43 55.53 -12.64
N ASP D 453 -76.56 55.24 -11.67
CA ASP D 453 -76.69 54.06 -10.82
C ASP D 453 -76.56 54.55 -9.38
N GLN D 454 -77.44 54.05 -8.51
CA GLN D 454 -77.42 54.44 -7.10
C GLN D 454 -76.43 53.65 -6.27
N GLY D 455 -75.93 52.53 -6.78
CA GLY D 455 -75.00 51.71 -6.01
C GLY D 455 -73.67 52.41 -5.78
N ARG D 456 -73.18 53.14 -6.77
CA ARG D 456 -71.93 53.86 -6.68
C ARG D 456 -72.10 55.28 -6.13
N GLY D 457 -73.31 55.67 -5.76
CA GLY D 457 -73.55 57.02 -5.28
C GLY D 457 -73.38 58.08 -6.34
N ASP D 458 -73.77 57.79 -7.58
CA ASP D 458 -73.68 58.78 -8.65
C ASP D 458 -74.71 59.87 -8.45
N LEU D 459 -74.40 61.06 -8.98
CA LEU D 459 -75.25 62.23 -8.83
C LEU D 459 -75.64 62.73 -10.22
N LEU D 460 -76.92 63.02 -10.40
CA LEU D 460 -77.43 63.58 -11.66
C LEU D 460 -78.40 64.69 -11.33
N ASN D 461 -78.05 65.92 -11.71
CA ASN D 461 -78.86 67.09 -11.46
C ASN D 461 -79.21 67.76 -12.79
N VAL D 462 -80.49 68.07 -12.98
CA VAL D 462 -80.95 68.80 -14.15
C VAL D 462 -81.87 69.93 -13.67
N LEU D 463 -81.64 71.14 -14.19
CA LEU D 463 -82.40 72.29 -13.72
C LEU D 463 -82.33 73.39 -14.78
N SER D 464 -83.19 74.39 -14.61
CA SER D 464 -83.34 75.47 -15.58
C SER D 464 -83.10 76.81 -14.89
N VAL D 465 -82.26 77.64 -15.51
CA VAL D 465 -81.96 78.99 -15.02
C VAL D 465 -82.04 79.97 -16.17
N LYS D 466 -82.11 81.25 -15.83
CA LYS D 466 -82.15 82.32 -16.82
C LYS D 466 -80.72 82.68 -17.23
N PHE D 467 -80.46 82.66 -18.53
CA PHE D 467 -79.13 82.98 -19.03
C PHE D 467 -78.92 84.49 -19.13
N ALA D 468 -77.82 84.88 -19.77
CA ALA D 468 -77.49 86.32 -19.92
C ALA D 468 -77.49 86.67 -21.40
N GLU D 469 -77.45 87.96 -21.75
CA GLU D 469 -77.59 88.34 -23.17
C GLU D 469 -76.38 89.14 -23.66
N PRO E 270 -45.97 49.07 -21.95
CA PRO E 270 -46.24 48.42 -20.67
C PRO E 270 -47.70 48.09 -20.48
N ALA E 271 -48.29 48.52 -19.37
CA ALA E 271 -49.69 48.25 -19.07
C ALA E 271 -50.63 49.35 -19.56
N SER E 272 -50.11 50.36 -20.24
CA SER E 272 -50.94 51.46 -20.73
C SER E 272 -51.82 51.03 -21.89
N ALA E 273 -51.50 49.89 -22.50
CA ALA E 273 -52.28 49.36 -23.62
C ALA E 273 -53.32 48.33 -23.22
N ALA E 274 -53.29 47.87 -21.97
CA ALA E 274 -54.26 46.86 -21.55
C ALA E 274 -55.60 47.47 -21.18
N ARG E 275 -55.65 48.80 -21.01
CA ARG E 275 -56.91 49.44 -20.62
C ARG E 275 -57.53 50.19 -21.79
N ARG E 276 -56.70 50.82 -22.63
CA ARG E 276 -57.23 51.49 -23.82
C ARG E 276 -57.89 50.51 -24.77
N LYS E 277 -57.40 49.27 -24.83
CA LYS E 277 -58.05 48.25 -25.63
C LYS E 277 -59.47 47.98 -25.12
N GLU E 278 -59.63 47.93 -23.80
CA GLU E 278 -60.96 47.77 -23.23
C GLU E 278 -61.84 48.97 -23.53
N GLN E 279 -61.23 50.15 -23.51
CA GLN E 279 -62.00 51.38 -23.82
C GLN E 279 -62.50 51.34 -25.26
N GLU E 280 -61.68 50.98 -26.24
CA GLU E 280 -62.13 50.87 -27.62
C GLU E 280 -63.12 49.74 -27.81
N LEU E 281 -62.95 48.62 -27.10
CA LEU E 281 -63.91 47.53 -27.21
C LEU E 281 -65.29 47.95 -26.69
N GLU E 282 -65.32 48.66 -25.57
CA GLU E 282 -66.59 49.14 -25.03
C GLU E 282 -67.24 50.14 -25.99
N ARG E 283 -66.45 51.02 -26.60
CA ARG E 283 -67.01 51.95 -27.56
C ARG E 283 -67.56 51.23 -28.79
N SER E 284 -66.83 50.20 -29.25
CA SER E 284 -67.27 49.43 -30.41
C SER E 284 -68.59 48.71 -30.13
N GLN E 285 -68.76 48.16 -28.92
CA GLN E 285 -70.04 47.54 -28.58
C GLN E 285 -71.19 48.54 -28.65
N GLU E 286 -70.98 49.74 -28.10
CA GLU E 286 -72.02 50.76 -28.15
C GLU E 286 -72.34 51.16 -29.59
N GLN E 287 -71.31 51.28 -30.42
CA GLN E 287 -71.55 51.66 -31.81
C GLN E 287 -72.38 50.60 -32.55
N ALA E 288 -72.05 49.32 -32.34
CA ALA E 288 -72.81 48.26 -32.98
C ALA E 288 -74.25 48.23 -32.49
N LEU E 289 -74.45 48.43 -31.18
CA LEU E 289 -75.82 48.44 -30.66
C LEU E 289 -76.61 49.62 -31.22
N ARG E 290 -75.98 50.78 -31.36
CA ARG E 290 -76.65 51.92 -31.95
C ARG E 290 -77.02 51.65 -33.41
N GLU E 291 -76.11 51.02 -34.15
CA GLU E 291 -76.39 50.68 -35.55
C GLU E 291 -77.57 49.71 -35.65
N LYS E 292 -77.62 48.73 -34.76
CA LYS E 292 -78.75 47.79 -34.76
C LYS E 292 -80.04 48.52 -34.43
N ILE E 293 -79.99 49.46 -33.48
CA ILE E 293 -81.18 50.22 -33.09
C ILE E 293 -81.70 51.04 -34.28
N ASP E 294 -80.79 51.68 -35.00
CA ASP E 294 -81.18 52.58 -36.08
C ASP E 294 -81.90 51.83 -37.20
N SER E 295 -81.49 50.58 -37.44
CA SER E 295 -82.04 49.83 -38.57
C SER E 295 -83.53 49.56 -38.39
N VAL E 296 -83.98 49.38 -37.16
CA VAL E 296 -85.39 49.04 -36.92
C VAL E 296 -86.28 50.29 -36.84
N LEU E 297 -85.84 51.32 -36.11
CA LEU E 297 -86.68 52.49 -35.89
C LEU E 297 -86.76 53.41 -37.08
N LEU E 298 -85.80 53.35 -38.00
CA LEU E 298 -85.80 54.25 -39.16
C LEU E 298 -87.00 54.06 -40.06
N PRO E 299 -87.34 52.85 -40.53
CA PRO E 299 -88.47 52.73 -41.47
C PRO E 299 -89.84 52.92 -40.82
N ILE E 300 -89.95 52.74 -39.50
CA ILE E 300 -91.25 52.86 -38.85
C ILE E 300 -91.53 54.27 -38.37
N LEU E 301 -90.52 54.95 -37.80
CA LEU E 301 -90.72 56.30 -37.30
C LEU E 301 -90.38 57.37 -38.33
N GLY E 302 -89.35 57.16 -39.12
CA GLY E 302 -88.95 58.11 -40.13
C GLY E 302 -87.62 58.77 -39.79
N TYR E 303 -87.12 59.55 -40.75
CA TYR E 303 -85.84 60.23 -40.59
C TYR E 303 -86.02 61.49 -39.74
N GLY E 304 -85.25 61.57 -38.66
CA GLY E 304 -85.26 62.75 -37.81
C GLY E 304 -86.41 62.84 -36.83
N ASN E 305 -87.15 61.77 -36.59
CA ASN E 305 -88.27 61.77 -35.67
C ASN E 305 -87.97 61.07 -34.36
N TYR E 306 -86.70 60.69 -34.13
CA TYR E 306 -86.35 59.96 -32.92
C TYR E 306 -84.88 60.16 -32.63
N THR E 307 -84.52 59.98 -31.36
CA THR E 307 -83.14 59.97 -30.91
C THR E 307 -82.95 58.86 -29.89
N ALA E 308 -81.77 58.25 -29.90
CA ALA E 308 -81.51 57.14 -28.97
C ALA E 308 -80.01 57.02 -28.75
N GLN E 309 -79.65 56.64 -27.52
CA GLN E 309 -78.27 56.38 -27.15
C GLN E 309 -78.24 55.24 -26.15
N VAL E 310 -77.15 54.49 -26.15
CA VAL E 310 -76.98 53.33 -25.29
C VAL E 310 -75.59 53.36 -24.65
N ASP E 311 -75.45 52.61 -23.56
CA ASP E 311 -74.14 52.41 -22.94
C ASP E 311 -74.08 51.00 -22.35
N ILE E 312 -72.87 50.46 -22.25
CA ILE E 312 -72.62 49.13 -21.70
C ILE E 312 -71.45 49.22 -20.73
N GLN E 313 -71.62 48.60 -19.56
CA GLN E 313 -70.58 48.51 -18.54
C GLN E 313 -70.17 47.05 -18.39
N MET E 314 -68.86 46.79 -18.42
CA MET E 314 -68.33 45.44 -18.36
C MET E 314 -67.16 45.38 -17.39
N ASP E 315 -66.78 44.16 -17.03
CA ASP E 315 -65.66 43.91 -16.13
C ASP E 315 -64.67 42.97 -16.80
N PHE E 316 -63.40 43.08 -16.42
CA PHE E 316 -62.31 42.33 -17.02
C PHE E 316 -61.52 41.59 -15.95
N SER E 317 -62.23 40.93 -15.04
CA SER E 317 -61.57 40.13 -14.02
C SER E 317 -61.15 38.78 -14.60
N ALA E 318 -60.50 37.96 -13.77
CA ALA E 318 -60.04 36.64 -14.20
C ALA E 318 -60.25 35.68 -13.05
N VAL E 319 -61.19 34.74 -13.22
CA VAL E 319 -61.59 33.81 -12.18
C VAL E 319 -61.33 32.39 -12.64
N GLU E 320 -60.69 31.60 -11.79
CA GLU E 320 -60.48 30.17 -12.02
C GLU E 320 -61.10 29.38 -10.88
N GLN E 321 -61.77 28.27 -11.22
CA GLN E 321 -62.54 27.51 -10.25
C GLN E 321 -62.13 26.04 -10.32
N THR E 322 -61.99 25.42 -9.15
CA THR E 322 -61.71 24.00 -9.05
C THR E 322 -62.65 23.39 -8.02
N ARG E 323 -63.41 22.37 -8.41
CA ARG E 323 -64.42 21.75 -7.58
C ARG E 323 -64.17 20.25 -7.46
N LYS E 324 -64.38 19.72 -6.26
CA LYS E 324 -64.28 18.29 -5.99
C LYS E 324 -65.48 17.89 -5.15
N ARG E 325 -66.37 17.09 -5.72
CA ARG E 325 -67.63 16.72 -5.09
C ARG E 325 -67.63 15.24 -4.74
N PHE E 326 -68.44 14.87 -3.75
CA PHE E 326 -68.56 13.50 -3.29
C PHE E 326 -70.03 13.15 -3.14
N ASP E 327 -70.33 11.86 -3.20
CA ASP E 327 -71.69 11.37 -3.04
C ASP E 327 -71.78 10.48 -1.80
N PRO E 328 -72.23 11.00 -0.66
CA PRO E 328 -72.25 10.20 0.56
C PRO E 328 -73.45 9.27 0.68
N ASN E 329 -74.46 9.41 -0.17
CA ASN E 329 -75.67 8.60 -0.06
C ASN E 329 -75.53 7.22 -0.67
N THR E 330 -74.48 6.98 -1.48
CA THR E 330 -74.28 5.70 -2.16
C THR E 330 -72.88 5.18 -1.86
N PRO E 331 -72.67 4.63 -0.66
CA PRO E 331 -71.37 4.06 -0.34
C PRO E 331 -71.26 2.60 -0.76
N ALA E 332 -70.04 2.23 -1.16
CA ALA E 332 -69.74 0.87 -1.60
C ALA E 332 -68.68 0.26 -0.70
N THR E 333 -68.94 -0.95 -0.21
CA THR E 333 -68.04 -1.60 0.72
C THR E 333 -66.98 -2.40 -0.04
N ARG E 334 -65.75 -2.35 0.45
CA ARG E 334 -64.63 -3.08 -0.14
C ARG E 334 -64.11 -4.19 0.77
N SER E 335 -63.77 -3.85 2.02
CA SER E 335 -63.30 -4.82 2.99
C SER E 335 -64.17 -4.71 4.24
N GLU E 336 -64.48 -5.87 4.84
CA GLU E 336 -65.36 -5.91 5.99
C GLU E 336 -64.90 -7.01 6.94
N TYR E 337 -64.79 -6.67 8.22
CA TYR E 337 -64.46 -7.64 9.26
C TYR E 337 -65.42 -7.44 10.41
N ALA E 338 -65.91 -8.54 10.96
CA ALA E 338 -66.92 -8.50 12.02
C ALA E 338 -66.60 -9.52 13.10
N LEU E 339 -67.04 -9.22 14.31
CA LEU E 339 -66.91 -10.12 15.45
C LEU E 339 -68.12 -9.93 16.35
N GLU E 340 -68.81 -11.02 16.66
CA GLU E 340 -70.07 -11.02 17.38
C GLU E 340 -70.01 -11.97 18.57
N ASP E 341 -68.97 -11.83 19.38
CA ASP E 341 -68.77 -12.72 20.51
C ASP E 341 -69.91 -12.60 21.51
N TYR E 342 -70.53 -13.72 21.85
CA TYR E 342 -71.58 -13.79 22.83
C TYR E 342 -71.09 -14.50 24.09
N ASN E 343 -71.92 -14.49 25.13
CA ASN E 343 -71.59 -15.16 26.38
C ASN E 343 -72.85 -15.45 27.20
N VAL E 383 -70.09 -9.64 25.79
CA VAL E 383 -70.72 -9.51 24.48
C VAL E 383 -69.93 -8.53 23.62
N ARG E 384 -68.93 -9.05 22.90
CA ARG E 384 -68.10 -8.20 22.06
C ARG E 384 -68.72 -8.03 20.68
N LYS E 385 -68.90 -6.77 20.28
CA LYS E 385 -69.46 -6.45 18.97
C LYS E 385 -68.49 -5.50 18.27
N GLU E 386 -67.62 -6.05 17.43
CA GLU E 386 -66.60 -5.28 16.73
C GLU E 386 -66.85 -5.32 15.23
N SER E 387 -66.65 -4.18 14.58
CA SER E 387 -66.82 -4.07 13.13
C SER E 387 -65.76 -3.15 12.56
N THR E 388 -65.25 -3.49 11.38
CA THR E 388 -64.28 -2.67 10.69
C THR E 388 -64.57 -2.75 9.20
N ARG E 389 -64.97 -1.63 8.60
CA ARG E 389 -65.38 -1.59 7.21
C ARG E 389 -64.62 -0.50 6.47
N ASN E 390 -64.33 -0.76 5.20
CA ASN E 390 -63.70 0.21 4.31
C ASN E 390 -64.66 0.55 3.18
N PHE E 391 -64.72 1.82 2.81
CA PHE E 391 -65.67 2.32 1.83
C PHE E 391 -64.96 3.05 0.70
N GLU E 392 -65.57 3.02 -0.48
CA GLU E 392 -65.11 3.80 -1.62
C GLU E 392 -66.32 4.50 -2.23
N LEU E 393 -66.14 5.79 -2.55
CA LEU E 393 -67.24 6.64 -2.95
C LEU E 393 -66.96 7.26 -4.32
N ASP E 394 -68.01 7.81 -4.91
CA ASP E 394 -67.89 8.49 -6.20
C ASP E 394 -67.07 9.76 -6.06
N THR E 395 -66.21 10.02 -7.04
CA THR E 395 -65.36 11.19 -7.05
C THR E 395 -65.58 11.97 -8.35
N THR E 396 -65.77 13.28 -8.23
CA THR E 396 -65.97 14.16 -9.37
C THR E 396 -65.06 15.36 -9.23
N ILE E 397 -64.30 15.65 -10.29
CA ILE E 397 -63.36 16.77 -10.31
C ILE E 397 -63.69 17.66 -11.51
N SER E 398 -63.78 18.97 -11.27
CA SER E 398 -64.11 19.93 -12.31
C SER E 398 -63.15 21.10 -12.24
N HIS E 399 -62.70 21.57 -13.40
CA HIS E 399 -61.84 22.74 -13.51
C HIS E 399 -62.45 23.67 -14.54
N GLU E 400 -62.62 24.94 -14.16
CA GLU E 400 -63.31 25.92 -15.00
C GLU E 400 -62.52 27.21 -15.07
N ARG E 401 -62.41 27.77 -16.26
CA ARG E 401 -61.80 29.07 -16.49
C ARG E 401 -62.84 30.00 -17.08
N LYS E 402 -63.10 31.12 -16.41
CA LYS E 402 -64.15 32.03 -16.82
C LYS E 402 -63.65 32.95 -17.94
N GLN E 403 -64.60 33.64 -18.56
CA GLN E 403 -64.30 34.58 -19.63
C GLN E 403 -63.92 35.94 -19.06
N THR E 404 -63.32 36.77 -19.91
CA THR E 404 -62.92 38.13 -19.56
C THR E 404 -63.65 39.10 -20.48
N GLY E 405 -64.52 39.92 -19.90
CA GLY E 405 -65.26 40.90 -20.67
C GLY E 405 -66.75 40.68 -20.69
N THR E 406 -67.29 40.09 -19.63
CA THR E 406 -68.72 39.86 -19.54
C THR E 406 -69.47 41.17 -19.33
N VAL E 407 -70.64 41.28 -19.94
CA VAL E 407 -71.46 42.48 -19.84
C VAL E 407 -72.16 42.48 -18.48
N ALA E 408 -72.08 43.61 -17.77
CA ALA E 408 -72.68 43.73 -16.44
C ALA E 408 -74.05 44.40 -16.50
N ARG E 409 -74.10 45.60 -17.09
CA ARG E 409 -75.38 46.33 -17.17
C ARG E 409 -75.54 46.98 -18.54
N GLN E 410 -76.77 47.31 -18.90
CA GLN E 410 -77.08 47.86 -20.21
C GLN E 410 -78.29 48.78 -20.08
N THR E 411 -78.14 50.02 -20.54
CA THR E 411 -79.20 51.03 -20.47
C THR E 411 -79.49 51.57 -21.85
N VAL E 412 -80.78 51.64 -22.20
CA VAL E 412 -81.25 52.17 -23.47
C VAL E 412 -82.33 53.21 -23.20
N SER E 413 -82.23 54.36 -23.88
CA SER E 413 -83.21 55.44 -23.75
C SER E 413 -83.63 55.90 -25.13
N VAL E 414 -84.93 55.97 -25.37
CA VAL E 414 -85.50 56.34 -26.66
C VAL E 414 -86.49 57.47 -26.46
N ALA E 415 -86.34 58.54 -27.26
CA ALA E 415 -87.24 59.68 -27.25
C ALA E 415 -87.84 59.84 -28.64
N ILE E 416 -89.16 59.99 -28.70
CA ILE E 416 -89.89 60.08 -29.96
C ILE E 416 -90.54 61.45 -30.05
N LYS E 417 -90.39 62.10 -31.20
CA LYS E 417 -91.00 63.41 -31.41
C LYS E 417 -92.52 63.30 -31.42
N ASP E 418 -93.18 64.29 -30.82
CA ASP E 418 -94.64 64.33 -30.78
C ASP E 418 -95.17 65.17 -31.95
N MET E 434 -98.38 60.68 -29.11
CA MET E 434 -98.46 59.23 -29.24
C MET E 434 -99.23 58.63 -28.07
N SER E 435 -100.12 57.68 -28.37
CA SER E 435 -100.92 57.04 -27.33
C SER E 435 -100.08 55.99 -26.61
N GLU E 436 -100.66 55.37 -25.59
CA GLU E 436 -99.94 54.37 -24.82
C GLU E 436 -99.76 53.06 -25.60
N SER E 437 -100.72 52.71 -26.46
CA SER E 437 -100.62 51.46 -27.20
C SER E 437 -99.42 51.47 -28.15
N GLU E 438 -99.21 52.58 -28.86
CA GLU E 438 -98.07 52.68 -29.76
C GLU E 438 -96.75 52.63 -29.00
N ILE E 439 -96.69 53.29 -27.84
CA ILE E 439 -95.48 53.24 -27.02
C ILE E 439 -95.20 51.82 -26.57
N ASN E 440 -96.24 51.10 -26.13
CA ASN E 440 -96.06 49.72 -25.69
C ASN E 440 -95.60 48.84 -26.85
N ALA E 441 -96.17 49.05 -28.03
CA ALA E 441 -95.77 48.25 -29.20
C ALA E 441 -94.31 48.53 -29.56
N ILE E 442 -93.90 49.79 -29.53
CA ILE E 442 -92.51 50.14 -29.83
C ILE E 442 -91.57 49.52 -28.81
N ARG E 443 -91.94 49.56 -27.53
CA ARG E 443 -91.12 48.93 -26.49
C ARG E 443 -91.01 47.43 -26.71
N GLN E 444 -92.12 46.78 -27.07
CA GLN E 444 -92.10 45.35 -27.34
C GLN E 444 -91.20 45.02 -28.52
N VAL E 445 -91.25 45.84 -29.57
CA VAL E 445 -90.38 45.63 -30.72
C VAL E 445 -88.92 45.79 -30.33
N LEU E 446 -88.61 46.83 -29.55
CA LEU E 446 -87.22 47.10 -29.20
C LEU E 446 -86.67 46.08 -28.20
N ILE E 447 -87.53 45.43 -27.43
CA ILE E 447 -87.07 44.43 -26.48
C ILE E 447 -86.31 43.30 -27.16
N GLY E 448 -86.84 42.77 -28.26
CA GLY E 448 -86.14 41.73 -29.00
C GLY E 448 -84.88 42.22 -29.67
N THR E 449 -84.93 43.45 -30.22
CA THR E 449 -83.77 44.01 -30.91
C THR E 449 -82.60 44.28 -29.97
N VAL E 450 -82.87 44.65 -28.72
CA VAL E 450 -81.83 45.02 -27.76
C VAL E 450 -81.36 43.79 -26.97
N GLY E 451 -82.30 43.06 -26.40
CA GLY E 451 -81.95 41.94 -25.53
C GLY E 451 -82.15 42.29 -24.07
N PHE E 452 -83.23 43.04 -23.79
CA PHE E 452 -83.52 43.48 -22.43
C PHE E 452 -83.72 42.28 -21.52
N ASP E 453 -82.89 42.19 -20.47
CA ASP E 453 -82.91 41.07 -19.55
C ASP E 453 -82.96 41.65 -18.15
N GLN E 454 -83.82 41.09 -17.30
CA GLN E 454 -83.97 41.56 -15.93
C GLN E 454 -82.94 40.98 -14.97
N GLY E 455 -82.24 39.91 -15.37
CA GLY E 455 -81.25 39.31 -14.47
C GLY E 455 -80.06 40.22 -14.21
N ARG E 456 -79.62 40.95 -15.23
CA ARG E 456 -78.50 41.86 -15.10
C ARG E 456 -78.91 43.26 -14.67
N GLY E 457 -80.19 43.48 -14.41
CA GLY E 457 -80.68 44.80 -14.05
C GLY E 457 -80.58 45.81 -15.17
N ASP E 458 -80.83 45.39 -16.41
CA ASP E 458 -80.80 46.31 -17.53
C ASP E 458 -82.01 47.25 -17.50
N LEU E 459 -81.82 48.43 -18.08
CA LEU E 459 -82.85 49.46 -18.08
C LEU E 459 -83.21 49.82 -19.52
N LEU E 460 -84.50 49.90 -19.81
CA LEU E 460 -84.98 50.29 -21.13
C LEU E 460 -86.13 51.26 -20.96
N ASN E 461 -85.92 52.50 -21.40
CA ASN E 461 -86.93 53.55 -21.28
C ASN E 461 -87.27 54.06 -22.67
N VAL E 462 -88.56 54.18 -22.97
CA VAL E 462 -89.04 54.75 -24.22
C VAL E 462 -90.14 55.75 -23.88
N LEU E 463 -90.06 56.94 -24.48
CA LEU E 463 -91.01 58.00 -24.15
C LEU E 463 -91.03 59.02 -25.28
N SER E 464 -92.04 59.89 -25.24
CA SER E 464 -92.26 60.87 -26.29
C SER E 464 -92.28 62.28 -25.69
N VAL E 465 -91.53 63.18 -26.31
CA VAL E 465 -91.47 64.59 -25.90
C VAL E 465 -91.61 65.46 -27.13
N LYS E 466 -91.89 66.74 -26.88
CA LYS E 466 -92.00 67.74 -27.95
C LYS E 466 -90.63 68.28 -28.28
N PHE E 467 -90.26 68.22 -29.57
CA PHE E 467 -88.96 68.70 -30.01
C PHE E 467 -88.97 70.21 -30.20
N ALA E 468 -87.90 70.73 -30.78
CA ALA E 468 -87.77 72.19 -31.02
C ALA E 468 -87.71 72.44 -32.52
N GLU E 469 -87.84 73.70 -32.96
CA GLU E 469 -87.92 73.97 -34.42
C GLU E 469 -86.82 74.92 -34.87
N PRO F 270 -51.11 40.11 -28.34
CA PRO F 270 -51.37 39.50 -27.04
C PRO F 270 -52.78 38.95 -26.91
N ALA F 271 -53.50 39.36 -25.87
CA ALA F 271 -54.86 38.89 -25.64
C ALA F 271 -55.92 39.80 -26.27
N SER F 272 -55.50 40.83 -27.00
CA SER F 272 -56.45 41.76 -27.60
C SER F 272 -57.17 41.13 -28.78
N ALA F 273 -56.65 40.00 -29.28
CA ALA F 273 -57.25 39.30 -30.40
C ALA F 273 -58.15 38.15 -29.99
N ALA F 274 -58.15 37.77 -28.72
CA ALA F 274 -58.98 36.65 -28.29
C ALA F 274 -60.42 37.08 -28.04
N ARG F 275 -60.68 38.39 -27.98
CA ARG F 275 -62.04 38.85 -27.72
C ARG F 275 -62.69 39.41 -28.99
N ARG F 276 -61.90 40.10 -29.81
CA ARG F 276 -62.44 40.62 -31.06
C ARG F 276 -62.88 39.48 -31.99
N LYS F 277 -62.20 38.34 -31.92
CA LYS F 277 -62.64 37.17 -32.70
C LYS F 277 -64.03 36.72 -32.25
N GLU F 278 -64.27 36.73 -30.94
CA GLU F 278 -65.61 36.40 -30.43
C GLU F 278 -66.62 37.44 -30.87
N GLN F 279 -66.21 38.69 -30.92
CA GLN F 279 -67.13 39.77 -31.36
C GLN F 279 -67.52 39.55 -32.82
N GLU F 280 -66.57 39.26 -33.72
CA GLU F 280 -66.91 39.00 -35.11
C GLU F 280 -67.70 37.72 -35.28
N LEU F 281 -67.42 36.69 -34.47
CA LEU F 281 -68.18 35.46 -34.57
C LEU F 281 -69.64 35.69 -34.17
N GLU F 282 -69.86 36.45 -33.10
CA GLU F 282 -71.22 36.77 -32.67
C GLU F 282 -71.96 37.58 -33.75
N ARG F 283 -71.26 38.54 -34.37
CA ARG F 283 -71.88 39.31 -35.43
C ARG F 283 -72.22 38.43 -36.64
N SER F 284 -71.32 37.50 -36.98
CA SER F 284 -71.56 36.60 -38.10
C SER F 284 -72.76 35.70 -37.85
N GLN F 285 -72.94 35.21 -36.62
CA GLN F 285 -74.13 34.43 -36.30
C GLN F 285 -75.41 35.22 -36.52
N GLU F 286 -75.42 36.48 -36.06
CA GLU F 286 -76.60 37.32 -36.24
C GLU F 286 -76.88 37.57 -37.72
N GLN F 287 -75.82 37.80 -38.50
CA GLN F 287 -76.01 38.04 -39.92
C GLN F 287 -76.61 36.82 -40.63
N ALA F 288 -76.12 35.63 -40.30
CA ALA F 288 -76.66 34.42 -40.90
C ALA F 288 -78.11 34.20 -40.50
N LEU F 289 -78.42 34.44 -39.23
CA LEU F 289 -79.82 34.28 -38.80
C LEU F 289 -80.73 35.27 -39.50
N ARG F 290 -80.27 36.50 -39.68
CA ARG F 290 -81.07 37.50 -40.39
C ARG F 290 -81.28 37.08 -41.85
N GLU F 291 -80.24 36.56 -42.49
CA GLU F 291 -80.37 36.09 -43.86
C GLU F 291 -81.37 34.95 -43.96
N LYS F 292 -81.34 34.02 -43.01
CA LYS F 292 -82.31 32.93 -43.02
C LYS F 292 -83.72 33.46 -42.81
N ILE F 293 -83.87 34.46 -41.93
CA ILE F 293 -85.19 35.04 -41.68
C ILE F 293 -85.75 35.69 -42.95
N ASP F 294 -84.89 36.42 -43.67
CA ASP F 294 -85.34 37.18 -44.83
C ASP F 294 -85.85 36.26 -45.93
N SER F 295 -85.24 35.07 -46.06
CA SER F 295 -85.59 34.18 -47.16
C SER F 295 -87.03 33.68 -47.06
N VAL F 296 -87.53 33.53 -45.84
CA VAL F 296 -88.88 32.99 -45.67
C VAL F 296 -89.95 34.09 -45.74
N LEU F 297 -89.74 35.21 -45.06
CA LEU F 297 -90.76 36.25 -44.97
C LEU F 297 -90.88 37.07 -46.24
N LEU F 298 -89.86 37.10 -47.09
CA LEU F 298 -89.91 37.92 -48.30
C LEU F 298 -91.01 37.48 -49.27
N PRO F 299 -91.13 36.21 -49.66
CA PRO F 299 -92.16 35.85 -50.65
C PRO F 299 -93.58 35.87 -50.10
N ILE F 300 -93.76 35.77 -48.79
CA ILE F 300 -95.10 35.71 -48.22
C ILE F 300 -95.63 37.10 -47.87
N LEU F 301 -94.78 37.96 -47.29
CA LEU F 301 -95.22 39.29 -46.91
C LEU F 301 -94.97 40.33 -47.99
N GLY F 302 -93.86 40.23 -48.70
CA GLY F 302 -93.54 41.17 -49.75
C GLY F 302 -92.34 42.04 -49.38
N TYR F 303 -91.91 42.83 -50.36
CA TYR F 303 -90.76 43.71 -50.18
C TYR F 303 -91.18 44.98 -49.43
N GLY F 304 -90.51 45.25 -48.31
CA GLY F 304 -90.76 46.47 -47.56
C GLY F 304 -91.98 46.45 -46.66
N ASN F 305 -92.57 45.28 -46.40
CA ASN F 305 -93.74 45.18 -45.54
C ASN F 305 -93.43 44.60 -44.17
N TYR F 306 -92.15 44.45 -43.83
CA TYR F 306 -91.77 43.85 -42.56
C TYR F 306 -90.36 44.31 -42.19
N THR F 307 -90.08 44.26 -40.88
CA THR F 307 -88.75 44.49 -40.35
C THR F 307 -88.48 43.49 -39.24
N ALA F 308 -87.22 43.07 -39.13
CA ALA F 308 -86.86 42.09 -38.12
C ALA F 308 -85.38 42.21 -37.80
N GLN F 309 -85.06 41.98 -36.52
CA GLN F 309 -83.68 41.95 -36.05
C GLN F 309 -83.56 40.90 -34.96
N VAL F 310 -82.35 40.33 -34.84
CA VAL F 310 -82.07 39.26 -33.89
C VAL F 310 -80.77 39.55 -33.17
N ASP F 311 -80.58 38.89 -32.03
CA ASP F 311 -79.32 38.93 -31.31
C ASP F 311 -79.09 37.60 -30.61
N ILE F 312 -77.81 37.27 -30.41
CA ILE F 312 -77.41 36.03 -29.74
C ILE F 312 -76.35 36.36 -28.69
N GLN F 313 -76.50 35.81 -27.50
CA GLN F 313 -75.54 35.94 -26.42
C GLN F 313 -74.92 34.57 -26.13
N MET F 314 -73.59 34.52 -26.06
CA MET F 314 -72.86 33.28 -25.88
C MET F 314 -71.78 33.46 -24.84
N ASP F 315 -71.25 32.34 -24.36
CA ASP F 315 -70.17 32.32 -23.38
C ASP F 315 -69.00 31.50 -23.91
N PHE F 316 -67.80 31.84 -23.46
CA PHE F 316 -66.57 31.23 -23.94
C PHE F 316 -65.75 30.69 -22.78
N SER F 317 -66.41 29.98 -21.86
CA SER F 317 -65.72 29.36 -20.74
C SER F 317 -65.06 28.05 -21.19
N ALA F 318 -64.35 27.41 -20.27
CA ALA F 318 -63.66 26.16 -20.56
C ALA F 318 -63.82 25.24 -19.36
N VAL F 319 -64.58 24.16 -19.52
CA VAL F 319 -64.92 23.26 -18.44
C VAL F 319 -64.41 21.86 -18.78
N GLU F 320 -63.73 21.23 -17.83
CA GLU F 320 -63.29 19.85 -17.95
C GLU F 320 -63.87 19.05 -16.79
N GLN F 321 -64.33 17.83 -17.08
CA GLN F 321 -65.04 17.01 -16.11
C GLN F 321 -64.42 15.63 -16.04
N THR F 322 -64.27 15.11 -14.82
CA THR F 322 -63.79 13.75 -14.60
C THR F 322 -64.69 13.08 -13.58
N ARG F 323 -65.25 11.93 -13.96
CA ARG F 323 -66.22 11.22 -13.13
C ARG F 323 -65.76 9.79 -12.90
N LYS F 324 -65.97 9.30 -11.67
CA LYS F 324 -65.67 7.93 -11.29
C LYS F 324 -66.86 7.40 -10.50
N ARG F 325 -67.58 6.44 -11.06
CA ARG F 325 -68.81 5.92 -10.48
C ARG F 325 -68.61 4.47 -10.03
N PHE F 326 -69.42 4.06 -9.07
CA PHE F 326 -69.36 2.72 -8.51
C PHE F 326 -70.78 2.17 -8.44
N ASP F 327 -70.87 0.83 -8.41
CA ASP F 327 -72.16 0.14 -8.30
C ASP F 327 -72.19 -0.66 -7.01
N PRO F 328 -72.80 -0.14 -5.94
CA PRO F 328 -72.80 -0.87 -4.66
C PRO F 328 -73.84 -1.96 -4.55
N ASN F 329 -74.80 -2.03 -5.47
CA ASN F 329 -75.87 -3.01 -5.37
C ASN F 329 -75.48 -4.39 -5.88
N THR F 330 -74.36 -4.52 -6.59
CA THR F 330 -73.92 -5.80 -7.16
C THR F 330 -72.49 -6.07 -6.73
N PRO F 331 -72.27 -6.49 -5.49
CA PRO F 331 -70.93 -6.84 -5.05
C PRO F 331 -70.57 -8.28 -5.35
N ALA F 332 -69.29 -8.50 -5.64
CA ALA F 332 -68.75 -9.81 -5.97
C ALA F 332 -67.69 -10.19 -4.96
N THR F 333 -67.80 -11.39 -4.40
CA THR F 333 -66.87 -11.84 -3.37
C THR F 333 -65.66 -12.51 -4.00
N ARG F 334 -64.48 -12.24 -3.45
CA ARG F 334 -63.23 -12.82 -3.91
C ARG F 334 -62.62 -13.77 -2.88
N SER F 335 -62.41 -13.30 -1.65
CA SER F 335 -61.88 -14.13 -0.57
C SER F 335 -62.84 -14.08 0.60
N GLU F 336 -63.02 -15.23 1.26
CA GLU F 336 -63.96 -15.34 2.36
C GLU F 336 -63.41 -16.28 3.41
N TYR F 337 -63.44 -15.85 4.67
CA TYR F 337 -63.05 -16.68 5.80
C TYR F 337 -64.11 -16.57 6.87
N ALA F 338 -64.47 -17.70 7.47
CA ALA F 338 -65.54 -17.74 8.46
C ALA F 338 -65.15 -18.62 9.63
N LEU F 339 -65.72 -18.32 10.79
CA LEU F 339 -65.54 -19.12 12.00
C LEU F 339 -66.83 -19.06 12.80
N GLU F 340 -67.36 -20.22 13.15
CA GLU F 340 -68.68 -20.37 13.79
C GLU F 340 -68.55 -21.22 15.04
N ASP F 341 -67.60 -20.87 15.91
CA ASP F 341 -67.35 -21.65 17.12
C ASP F 341 -68.56 -21.63 18.03
N TYR F 342 -69.02 -22.82 18.41
CA TYR F 342 -70.13 -22.99 19.33
C TYR F 342 -69.63 -23.53 20.67
N ASN F 343 -70.53 -23.58 21.65
CA ASN F 343 -70.20 -24.12 22.96
C ASN F 343 -71.44 -24.54 23.72
N VAL F 383 -69.49 -18.48 22.06
CA VAL F 383 -70.03 -18.53 20.70
C VAL F 383 -69.34 -17.50 19.82
N ARG F 384 -68.23 -17.90 19.21
CA ARG F 384 -67.48 -16.98 18.37
C ARG F 384 -68.02 -17.00 16.94
N LYS F 385 -68.37 -15.82 16.44
CA LYS F 385 -68.86 -15.66 15.07
C LYS F 385 -67.99 -14.64 14.37
N GLU F 386 -66.99 -15.09 13.61
CA GLU F 386 -66.06 -14.21 12.94
C GLU F 386 -66.18 -14.39 11.43
N SER F 387 -66.11 -13.27 10.70
CA SER F 387 -66.20 -13.29 9.25
C SER F 387 -65.24 -12.25 8.67
N THR F 388 -64.62 -12.59 7.56
CA THR F 388 -63.72 -11.67 6.86
C THR F 388 -63.89 -11.89 5.37
N ARG F 389 -64.42 -10.88 4.66
CA ARG F 389 -64.72 -11.00 3.25
C ARG F 389 -64.09 -9.85 2.48
N ASN F 390 -63.67 -10.14 1.25
CA ASN F 390 -63.13 -9.14 0.34
C ASN F 390 -64.05 -9.04 -0.88
N PHE F 391 -64.27 -7.81 -1.34
CA PHE F 391 -65.21 -7.54 -2.41
C PHE F 391 -64.53 -6.77 -3.54
N GLU F 392 -65.05 -6.97 -4.75
CA GLU F 392 -64.63 -6.21 -5.92
C GLU F 392 -65.87 -5.74 -6.66
N LEU F 393 -65.88 -4.47 -7.05
CA LEU F 393 -67.06 -3.82 -7.59
C LEU F 393 -66.78 -3.25 -8.98
N ASP F 394 -67.86 -2.92 -9.67
CA ASP F 394 -67.75 -2.31 -11.00
C ASP F 394 -67.14 -0.92 -10.90
N THR F 395 -66.27 -0.59 -11.85
CA THR F 395 -65.60 0.70 -11.89
C THR F 395 -65.85 1.34 -13.24
N THR F 396 -66.23 2.61 -13.23
CA THR F 396 -66.47 3.38 -14.45
C THR F 396 -65.76 4.72 -14.35
N ILE F 397 -65.00 5.05 -15.38
CA ILE F 397 -64.23 6.30 -15.43
C ILE F 397 -64.60 7.04 -16.70
N SER F 398 -64.90 8.33 -16.57
CA SER F 398 -65.30 9.17 -17.69
C SER F 398 -64.54 10.48 -17.65
N HIS F 399 -64.08 10.92 -18.82
CA HIS F 399 -63.40 12.21 -18.96
C HIS F 399 -64.07 12.98 -20.09
N GLU F 400 -64.45 14.23 -19.82
CA GLU F 400 -65.22 15.02 -20.77
C GLU F 400 -64.62 16.42 -20.88
N ARG F 401 -64.53 16.90 -22.11
CA ARG F 401 -64.09 18.27 -22.39
C ARG F 401 -65.22 18.99 -23.12
N LYS F 402 -65.69 20.09 -22.55
CA LYS F 402 -66.84 20.80 -23.08
C LYS F 402 -66.41 21.71 -24.24
N GLN F 403 -67.40 22.21 -24.97
CA GLN F 403 -67.17 23.11 -26.09
C GLN F 403 -67.03 24.55 -25.59
N THR F 404 -66.51 25.41 -26.46
CA THR F 404 -66.35 26.82 -26.18
C THR F 404 -67.14 27.62 -27.21
N GLY F 405 -68.17 28.32 -26.75
CA GLY F 405 -68.99 29.13 -27.64
C GLY F 405 -70.43 28.68 -27.74
N THR F 406 -70.94 28.07 -26.67
CA THR F 406 -72.32 27.63 -26.66
C THR F 406 -73.27 28.82 -26.59
N VAL F 407 -74.40 28.71 -27.28
CA VAL F 407 -75.41 29.77 -27.31
C VAL F 407 -76.19 29.75 -26.00
N ALA F 408 -76.33 30.92 -25.38
CA ALA F 408 -77.04 31.04 -24.10
C ALA F 408 -78.49 31.48 -24.30
N ARG F 409 -78.68 32.61 -24.97
CA ARG F 409 -80.05 33.14 -25.18
C ARG F 409 -80.20 33.65 -26.61
N GLN F 410 -81.43 33.77 -27.06
CA GLN F 410 -81.73 34.18 -28.43
C GLN F 410 -83.06 34.91 -28.45
N THR F 411 -83.08 36.13 -28.99
CA THR F 411 -84.28 36.95 -29.05
C THR F 411 -84.56 37.36 -30.49
N VAL F 412 -85.80 37.21 -30.92
CA VAL F 412 -86.25 37.57 -32.25
C VAL F 412 -87.49 38.45 -32.14
N SER F 413 -87.52 39.55 -32.88
CA SER F 413 -88.65 40.47 -32.89
C SER F 413 -89.04 40.78 -34.33
N VAL F 414 -90.32 40.62 -34.65
CA VAL F 414 -90.84 40.83 -36.00
C VAL F 414 -92.00 41.80 -35.95
N ALA F 415 -91.95 42.82 -36.81
CA ALA F 415 -93.02 43.80 -36.94
C ALA F 415 -93.53 43.77 -38.38
N ILE F 416 -94.85 43.72 -38.53
CA ILE F 416 -95.50 43.62 -39.83
C ILE F 416 -96.34 44.86 -40.07
N LYS F 417 -96.20 45.45 -41.25
CA LYS F 417 -96.98 46.62 -41.59
C LYS F 417 -98.46 46.28 -41.69
N ASP F 418 -99.31 47.19 -41.21
CA ASP F 418 -100.75 47.02 -41.26
C ASP F 418 -101.31 47.68 -42.51
N MET F 434 -104.01 42.94 -39.56
CA MET F 434 -103.86 41.49 -39.58
C MET F 434 -104.62 40.85 -38.42
N SER F 435 -105.33 39.77 -38.70
CA SER F 435 -106.10 39.07 -37.68
C SER F 435 -105.17 38.22 -36.82
N GLU F 436 -105.72 37.58 -35.80
CA GLU F 436 -104.91 36.75 -34.91
C GLU F 436 -104.48 35.44 -35.58
N SER F 437 -105.31 34.89 -36.47
CA SER F 437 -104.97 33.63 -37.12
C SER F 437 -103.72 33.77 -37.98
N GLU F 438 -103.63 34.84 -38.76
CA GLU F 438 -102.46 35.05 -39.59
C GLU F 438 -101.20 35.26 -38.74
N ILE F 439 -101.32 35.99 -37.64
CA ILE F 439 -100.19 36.19 -36.75
C ILE F 439 -99.73 34.87 -36.17
N ASN F 440 -100.67 34.03 -35.74
CA ASN F 440 -100.32 32.71 -35.19
C ASN F 440 -99.65 31.85 -36.25
N ALA F 441 -100.17 31.87 -37.48
CA ALA F 441 -99.56 31.09 -38.56
C ALA F 441 -98.14 31.57 -38.86
N ILE F 442 -97.93 32.88 -38.88
CA ILE F 442 -96.59 33.41 -39.13
C ILE F 442 -95.64 33.02 -38.00
N ARG F 443 -96.11 33.08 -36.76
CA ARG F 443 -95.27 32.65 -35.63
C ARG F 443 -94.93 31.18 -35.73
N GLN F 444 -95.90 30.34 -36.11
CA GLN F 444 -95.64 28.92 -36.26
C GLN F 444 -94.62 28.66 -37.37
N VAL F 445 -94.71 29.40 -38.46
CA VAL F 445 -93.75 29.24 -39.55
C VAL F 445 -92.36 29.66 -39.07
N LEU F 446 -92.27 30.77 -38.36
CA LEU F 446 -90.96 31.28 -37.95
C LEU F 446 -90.33 30.43 -36.85
N ILE F 447 -91.14 29.69 -36.09
CA ILE F 447 -90.60 28.85 -35.03
C ILE F 447 -89.63 27.80 -35.58
N GLY F 448 -89.99 27.13 -36.67
CA GLY F 448 -89.11 26.17 -37.29
C GLY F 448 -87.88 26.81 -37.91
N THR F 449 -88.08 27.97 -38.55
CA THR F 449 -86.97 28.66 -39.20
C THR F 449 -85.93 29.17 -38.22
N VAL F 450 -86.33 29.58 -37.03
CA VAL F 450 -85.43 30.16 -36.03
C VAL F 450 -84.85 29.07 -35.13
N GLY F 451 -85.70 28.24 -34.55
CA GLY F 451 -85.25 27.25 -33.59
C GLY F 451 -85.62 27.65 -32.17
N PHE F 452 -86.80 28.24 -32.02
CA PHE F 452 -87.25 28.72 -30.72
C PHE F 452 -87.33 27.57 -29.73
N ASP F 453 -86.58 27.67 -28.64
CA ASP F 453 -86.50 26.62 -27.63
C ASP F 453 -86.74 27.28 -26.27
N GLN F 454 -87.56 26.64 -25.44
CA GLN F 454 -87.87 27.18 -24.13
C GLN F 454 -86.84 26.82 -23.07
N GLY F 455 -85.96 25.85 -23.34
CA GLY F 455 -84.97 25.47 -22.34
C GLY F 455 -83.95 26.56 -22.08
N ARG F 456 -83.55 27.29 -23.11
CA ARG F 456 -82.58 28.37 -22.99
C ARG F 456 -83.24 29.72 -22.69
N GLY F 457 -84.56 29.76 -22.53
CA GLY F 457 -85.25 31.01 -22.29
C GLY F 457 -85.24 31.94 -23.48
N ASP F 458 -85.32 31.40 -24.70
CA ASP F 458 -85.35 32.25 -25.88
C ASP F 458 -86.68 32.99 -25.98
N LEU F 459 -86.64 34.14 -26.65
CA LEU F 459 -87.81 35.00 -26.78
C LEU F 459 -88.11 35.21 -28.26
N LEU F 460 -89.38 35.06 -28.64
CA LEU F 460 -89.81 35.28 -30.02
C LEU F 460 -91.10 36.08 -29.98
N ASN F 461 -91.06 37.30 -30.50
CA ASN F 461 -92.22 38.19 -30.53
C ASN F 461 -92.52 38.56 -31.97
N VAL F 462 -93.80 38.45 -32.35
CA VAL F 462 -94.27 38.86 -33.67
C VAL F 462 -95.52 39.70 -33.48
N LEU F 463 -95.58 40.85 -34.15
CA LEU F 463 -96.69 41.76 -33.96
C LEU F 463 -96.79 42.70 -35.16
N SER F 464 -97.91 43.39 -35.25
CA SER F 464 -98.22 44.27 -36.37
C SER F 464 -98.49 45.68 -35.89
N VAL F 465 -97.84 46.66 -36.53
CA VAL F 465 -98.02 48.07 -36.22
C VAL F 465 -98.20 48.84 -37.52
N LYS F 466 -98.69 50.07 -37.39
CA LYS F 466 -98.87 50.96 -38.53
C LYS F 466 -97.58 51.69 -38.82
N PHE F 467 -97.11 51.61 -40.07
CA PHE F 467 -95.87 52.25 -40.46
C PHE F 467 -96.10 53.73 -40.77
N ALA F 468 -95.07 54.38 -41.33
CA ALA F 468 -95.15 55.81 -41.66
C ALA F 468 -95.02 55.98 -43.17
N GLU F 469 -95.30 57.16 -43.71
CA GLU F 469 -95.33 57.33 -45.19
C GLU F 469 -94.34 58.40 -45.64
N PRO G 270 -54.32 30.03 -34.23
CA PRO G 270 -54.59 29.47 -32.90
C PRO G 270 -55.91 28.72 -32.83
N ALA G 271 -56.76 29.09 -31.86
CA ALA G 271 -58.05 28.43 -31.69
C ALA G 271 -59.17 29.12 -32.45
N SER G 272 -58.88 30.16 -33.23
CA SER G 272 -59.90 30.89 -33.96
C SER G 272 -60.43 30.08 -35.14
N ALA G 273 -59.71 29.03 -35.52
CA ALA G 273 -60.11 28.17 -36.62
C ALA G 273 -60.85 26.93 -36.19
N ALA G 274 -60.90 26.64 -34.89
CA ALA G 274 -61.59 25.43 -34.43
C ALA G 274 -63.09 25.65 -34.32
N ARG G 275 -63.55 26.91 -34.36
CA ARG G 275 -64.97 27.17 -34.22
C ARG G 275 -65.60 27.54 -35.57
N ARG G 276 -64.87 28.29 -36.39
CA ARG G 276 -65.38 28.63 -37.71
C ARG G 276 -65.57 27.40 -38.57
N LYS G 277 -64.74 26.38 -38.38
CA LYS G 277 -64.94 25.13 -39.09
C LYS G 277 -66.27 24.49 -38.70
N GLU G 278 -66.61 24.54 -37.41
CA GLU G 278 -67.92 24.05 -36.97
C GLU G 278 -69.05 24.88 -37.56
N GLN G 279 -68.81 26.18 -37.67
CA GLN G 279 -69.85 27.07 -38.24
C GLN G 279 -70.09 26.71 -39.70
N GLU G 280 -69.05 26.51 -40.52
CA GLU G 280 -69.23 26.11 -41.91
C GLU G 280 -69.81 24.72 -42.02
N LEU G 281 -69.44 23.81 -41.14
CA LEU G 281 -70.01 22.46 -41.18
C LEU G 281 -71.52 22.49 -40.91
N GLU G 282 -71.93 23.28 -39.91
CA GLU G 282 -73.35 23.41 -39.60
C GLU G 282 -74.10 24.03 -40.77
N ARG G 283 -73.52 25.05 -41.41
CA ARG G 283 -74.17 25.64 -42.57
C ARG G 283 -74.28 24.65 -43.73
N SER G 284 -73.23 23.84 -43.94
CA SER G 284 -73.25 22.85 -45.00
C SER G 284 -74.32 21.80 -44.77
N GLN G 285 -74.51 21.37 -43.52
CA GLN G 285 -75.60 20.43 -43.22
C GLN G 285 -76.96 21.02 -43.58
N GLU G 286 -77.19 22.28 -43.21
CA GLU G 286 -78.46 22.92 -43.54
C GLU G 286 -78.66 23.03 -45.04
N GLN G 287 -77.59 23.37 -45.77
CA GLN G 287 -77.71 23.49 -47.22
C GLN G 287 -78.07 22.16 -47.86
N ALA G 288 -77.43 21.07 -47.42
CA ALA G 288 -77.74 19.75 -47.97
C ALA G 288 -79.17 19.34 -47.65
N LEU G 289 -79.62 19.62 -46.43
CA LEU G 289 -80.99 19.27 -46.07
C LEU G 289 -82.00 20.07 -46.89
N ARG G 290 -81.71 21.35 -47.14
CA ARG G 290 -82.59 22.16 -47.98
C ARG G 290 -82.62 21.62 -49.40
N GLU G 291 -81.47 21.22 -49.93
CA GLU G 291 -81.43 20.66 -51.27
C GLU G 291 -82.24 19.37 -51.37
N LYS G 292 -82.14 18.51 -50.34
CA LYS G 292 -82.94 17.30 -50.33
C LYS G 292 -84.43 17.62 -50.26
N ILE G 293 -84.79 18.63 -49.47
CA ILE G 293 -86.20 19.03 -49.36
C ILE G 293 -86.73 19.50 -50.69
N ASP G 294 -85.95 20.31 -51.40
CA ASP G 294 -86.42 20.92 -52.64
C ASP G 294 -86.70 19.86 -53.70
N SER G 295 -85.92 18.78 -53.71
CA SER G 295 -86.05 17.76 -54.76
C SER G 295 -87.40 17.07 -54.71
N VAL G 296 -87.97 16.91 -53.53
CA VAL G 296 -89.24 16.19 -53.40
C VAL G 296 -90.44 17.10 -53.61
N LEU G 297 -90.45 18.29 -53.01
CA LEU G 297 -91.62 19.17 -53.07
C LEU G 297 -91.77 19.87 -54.40
N LEU G 298 -90.69 20.01 -55.18
CA LEU G 298 -90.78 20.74 -56.45
C LEU G 298 -91.72 20.07 -57.45
N PRO G 299 -91.62 18.77 -57.75
CA PRO G 299 -92.51 18.20 -58.78
C PRO G 299 -93.95 18.04 -58.32
N ILE G 300 -94.21 17.99 -57.03
CA ILE G 300 -95.58 17.77 -56.54
C ILE G 300 -96.32 19.09 -56.34
N LEU G 301 -95.66 20.09 -55.76
CA LEU G 301 -96.31 21.37 -55.50
C LEU G 301 -96.14 22.37 -56.65
N GLY G 302 -94.98 22.39 -57.27
CA GLY G 302 -94.72 23.29 -58.36
C GLY G 302 -93.70 24.36 -57.98
N TYR G 303 -93.31 25.16 -58.99
CA TYR G 303 -92.32 26.20 -58.79
C TYR G 303 -92.98 27.43 -58.17
N GLY G 304 -92.45 27.87 -57.03
CA GLY G 304 -92.93 29.08 -56.39
C GLY G 304 -94.20 28.94 -55.57
N ASN G 305 -94.62 27.71 -55.27
CA ASN G 305 -95.83 27.48 -54.49
C ASN G 305 -95.53 27.04 -53.05
N TYR G 306 -94.27 27.11 -52.62
CA TYR G 306 -93.91 26.67 -51.28
C TYR G 306 -92.62 27.35 -50.86
N THR G 307 -92.43 27.42 -49.54
CA THR G 307 -91.19 27.89 -48.95
C THR G 307 -90.86 27.02 -47.74
N ALA G 308 -89.56 26.80 -47.52
CA ALA G 308 -89.14 25.94 -46.42
C ALA G 308 -87.73 26.30 -46.01
N GLN G 309 -87.47 26.20 -44.70
CA GLN G 309 -86.14 26.42 -44.15
C GLN G 309 -85.95 25.48 -42.98
N VAL G 310 -84.69 25.10 -42.74
CA VAL G 310 -84.33 24.14 -41.70
C VAL G 310 -83.14 24.68 -40.92
N ASP G 311 -82.94 24.13 -39.71
CA ASP G 311 -81.75 24.40 -38.93
C ASP G 311 -81.37 23.17 -38.12
N ILE G 312 -80.09 23.04 -37.80
CA ILE G 312 -79.56 21.93 -37.02
C ILE G 312 -78.64 22.48 -35.94
N GLN G 313 -78.81 21.98 -34.72
CA GLN G 313 -77.95 22.33 -33.60
C GLN G 313 -77.16 21.09 -33.17
N MET G 314 -75.85 21.25 -33.01
CA MET G 314 -74.97 20.15 -32.68
C MET G 314 -73.99 20.56 -31.59
N ASP G 315 -73.34 19.56 -31.00
CA ASP G 315 -72.35 19.77 -29.96
C ASP G 315 -71.04 19.10 -30.34
N PHE G 316 -69.94 19.65 -29.84
CA PHE G 316 -68.60 19.20 -30.20
C PHE G 316 -67.80 18.86 -28.94
N SER G 317 -68.41 18.12 -28.04
CA SER G 317 -67.73 17.69 -26.83
C SER G 317 -66.85 16.48 -27.14
N ALA G 318 -66.12 16.00 -26.12
CA ALA G 318 -65.24 14.85 -26.28
C ALA G 318 -65.35 14.00 -25.03
N VAL G 319 -65.93 12.80 -25.16
CA VAL G 319 -66.21 11.93 -24.04
C VAL G 319 -65.47 10.61 -24.24
N GLU G 320 -64.78 10.15 -23.20
CA GLU G 320 -64.14 8.84 -23.18
C GLU G 320 -64.69 8.04 -22.01
N GLN G 321 -64.93 6.75 -22.25
CA GLN G 321 -65.59 5.90 -21.28
C GLN G 321 -64.77 4.63 -21.06
N THR G 322 -64.64 4.22 -19.80
CA THR G 322 -63.99 2.97 -19.46
C THR G 322 -64.86 2.22 -18.46
N ARG G 323 -65.21 0.98 -18.77
CA ARG G 323 -66.12 0.18 -17.96
C ARG G 323 -65.47 -1.14 -17.59
N LYS G 324 -65.71 -1.56 -16.35
CA LYS G 324 -65.24 -2.86 -15.86
C LYS G 324 -66.39 -3.51 -15.10
N ARG G 325 -66.92 -4.60 -15.64
CA ARG G 325 -68.10 -5.26 -15.11
C ARG G 325 -67.72 -6.63 -14.54
N PHE G 326 -68.54 -7.10 -13.59
CA PHE G 326 -68.32 -8.38 -12.94
C PHE G 326 -69.63 -9.14 -12.92
N ASP G 327 -69.54 -10.47 -12.81
CA ASP G 327 -70.72 -11.33 -12.72
C ASP G 327 -70.72 -12.06 -11.39
N PRO G 328 -71.48 -11.57 -10.40
CA PRO G 328 -71.46 -12.21 -9.07
C PRO G 328 -72.34 -13.44 -8.95
N ASN G 329 -73.22 -13.70 -9.93
CA ASN G 329 -74.13 -14.83 -9.82
C ASN G 329 -73.51 -16.16 -10.20
N THR G 330 -72.33 -16.16 -10.83
CA THR G 330 -71.66 -17.38 -11.27
C THR G 330 -70.24 -17.41 -10.74
N PRO G 331 -70.06 -17.72 -9.46
CA PRO G 331 -68.72 -17.83 -8.90
C PRO G 331 -68.13 -19.23 -9.08
N ALA G 332 -66.81 -19.25 -9.27
CA ALA G 332 -66.07 -20.50 -9.46
C ALA G 332 -65.02 -20.63 -8.36
N THR G 333 -65.01 -21.80 -7.72
CA THR G 333 -64.10 -22.04 -6.61
C THR G 333 -62.76 -22.56 -7.10
N ARG G 334 -61.68 -22.08 -6.49
CA ARG G 334 -60.33 -22.49 -6.83
C ARG G 334 -59.66 -23.28 -5.70
N SER G 335 -59.62 -22.71 -4.50
CA SER G 335 -59.06 -23.37 -3.33
C SER G 335 -60.09 -23.39 -2.22
N GLU G 336 -60.14 -24.51 -1.50
CA GLU G 336 -61.16 -24.70 -0.45
C GLU G 336 -60.55 -25.48 0.70
N TYR G 337 -60.74 -24.98 1.91
CA TYR G 337 -60.31 -25.66 3.12
C TYR G 337 -61.46 -25.65 4.12
N ALA G 338 -61.69 -26.79 4.78
CA ALA G 338 -62.82 -26.92 5.68
C ALA G 338 -62.39 -27.67 6.93
N LEU G 339 -63.09 -27.38 8.03
CA LEU G 339 -62.87 -28.07 9.30
C LEU G 339 -64.21 -28.15 10.02
N GLU G 340 -64.60 -29.36 10.42
CA GLU G 340 -65.92 -29.66 10.97
C GLU G 340 -65.77 -30.41 12.30
N ASP G 341 -64.95 -29.86 13.19
CA ASP G 341 -64.66 -30.52 14.47
C ASP G 341 -65.94 -30.63 15.29
N TYR G 342 -66.25 -31.85 15.73
CA TYR G 342 -67.39 -32.12 16.59
C TYR G 342 -66.91 -32.49 17.99
N ASN G 343 -67.86 -32.62 18.91
CA ASN G 343 -67.55 -33.02 20.27
C ASN G 343 -68.78 -33.58 20.98
N VAL G 383 -67.63 -27.40 19.01
CA VAL G 383 -68.04 -27.63 17.63
C VAL G 383 -67.45 -26.55 16.73
N ARG G 384 -66.25 -26.82 16.22
CA ARG G 384 -65.58 -25.86 15.36
C ARG G 384 -66.00 -26.04 13.91
N LYS G 385 -66.48 -24.96 13.30
CA LYS G 385 -66.89 -24.97 11.90
C LYS G 385 -66.14 -23.86 11.18
N GLU G 386 -65.03 -24.21 10.53
CA GLU G 386 -64.19 -23.25 9.84
C GLU G 386 -64.17 -23.53 8.35
N SER G 387 -64.19 -22.46 7.55
CA SER G 387 -64.18 -22.59 6.10
C SER G 387 -63.35 -21.45 5.52
N THR G 388 -62.59 -21.76 4.47
CA THR G 388 -61.79 -20.75 3.77
C THR G 388 -61.82 -21.10 2.28
N ARG G 389 -62.43 -20.23 1.49
CA ARG G 389 -62.60 -20.48 0.06
C ARG G 389 -62.10 -19.29 -0.74
N ASN G 390 -61.55 -19.60 -1.92
CA ASN G 390 -61.10 -18.59 -2.87
C ASN G 390 -61.92 -18.69 -4.15
N PHE G 391 -62.28 -17.54 -4.71
CA PHE G 391 -63.17 -17.49 -5.85
C PHE G 391 -62.53 -16.70 -6.99
N GLU G 392 -62.92 -17.06 -8.22
CA GLU G 392 -62.53 -16.31 -9.40
C GLU G 392 -63.77 -16.08 -10.26
N LEU G 393 -63.93 -14.86 -10.75
CA LEU G 393 -65.16 -14.43 -11.40
C LEU G 393 -64.86 -13.92 -12.80
N ASP G 394 -65.92 -13.79 -13.60
CA ASP G 394 -65.80 -13.26 -14.95
C ASP G 394 -65.41 -11.79 -14.92
N THR G 395 -64.53 -11.39 -15.81
CA THR G 395 -64.05 -10.01 -15.91
C THR G 395 -64.29 -9.50 -17.33
N THR G 396 -64.86 -8.30 -17.44
CA THR G 396 -65.12 -7.66 -18.72
C THR G 396 -64.63 -6.23 -18.67
N ILE G 397 -63.84 -5.84 -19.68
CA ILE G 397 -63.26 -4.51 -19.76
C ILE G 397 -63.64 -3.91 -21.11
N SER G 398 -64.15 -2.68 -21.09
CA SER G 398 -64.56 -1.99 -22.30
C SER G 398 -64.02 -0.57 -22.30
N HIS G 399 -63.54 -0.13 -23.46
CA HIS G 399 -63.05 1.23 -23.65
C HIS G 399 -63.74 1.81 -24.87
N GLU G 400 -64.32 3.01 -24.72
CA GLU G 400 -65.11 3.61 -25.77
C GLU G 400 -64.73 5.08 -25.95
N ARG G 401 -64.62 5.50 -27.21
CA ARG G 401 -64.37 6.89 -27.56
C ARG G 401 -65.53 7.39 -28.41
N LYS G 402 -66.20 8.43 -27.95
CA LYS G 402 -67.39 8.93 -28.61
C LYS G 402 -67.02 9.83 -29.79
N GLN G 403 -68.01 10.11 -30.62
CA GLN G 403 -67.83 10.97 -31.78
C GLN G 403 -67.95 12.44 -31.38
N THR G 404 -67.49 13.31 -32.29
CA THR G 404 -67.56 14.75 -32.11
C THR G 404 -68.39 15.34 -33.24
N GLY G 405 -69.54 15.92 -32.89
CA GLY G 405 -70.40 16.53 -33.89
C GLY G 405 -71.74 15.86 -34.04
N THR G 406 -72.24 15.25 -32.97
CA THR G 406 -73.54 14.60 -33.02
C THR G 406 -74.66 15.64 -33.10
N VAL G 407 -75.70 15.32 -33.85
CA VAL G 407 -76.85 16.21 -34.02
C VAL G 407 -77.71 16.15 -32.77
N ALA G 408 -78.07 17.32 -32.23
CA ALA G 408 -78.88 17.42 -31.03
C ALA G 408 -80.37 17.62 -31.35
N ARG G 409 -80.66 18.66 -32.11
CA ARG G 409 -82.08 18.96 -32.46
C ARG G 409 -82.19 19.35 -33.92
N GLN G 410 -83.40 19.26 -34.47
CA GLN G 410 -83.64 19.53 -35.87
C GLN G 410 -85.07 20.04 -36.03
N THR G 411 -85.22 21.21 -36.65
CA THR G 411 -86.52 21.84 -36.85
C THR G 411 -86.74 22.11 -38.34
N VAL G 412 -87.92 21.74 -38.83
CA VAL G 412 -88.32 21.95 -40.21
C VAL G 412 -89.69 22.63 -40.24
N SER G 413 -89.81 23.67 -41.07
CA SER G 413 -91.07 24.40 -41.22
C SER G 413 -91.38 24.57 -42.69
N VAL G 414 -92.60 24.19 -43.08
CA VAL G 414 -93.04 24.23 -44.48
C VAL G 414 -94.33 25.02 -44.57
N ALA G 415 -94.37 25.97 -45.50
CA ALA G 415 -95.55 26.78 -45.78
C ALA G 415 -95.95 26.58 -47.24
N ILE G 416 -97.23 26.31 -47.47
CA ILE G 416 -97.75 26.03 -48.80
C ILE G 416 -98.75 27.11 -49.17
N LYS G 417 -98.61 27.65 -50.39
CA LYS G 417 -99.53 28.67 -50.86
C LYS G 417 -100.94 28.09 -51.03
N ASP G 418 -101.94 28.90 -50.67
CA ASP G 418 -103.33 28.50 -50.81
C ASP G 418 -103.89 28.99 -52.14
N MET G 434 -106.08 24.09 -49.02
CA MET G 434 -105.72 22.68 -48.94
C MET G 434 -106.45 22.00 -47.78
N SER G 435 -106.98 20.81 -48.03
CA SER G 435 -107.71 20.07 -47.01
C SER G 435 -106.72 19.42 -46.04
N GLU G 436 -107.25 18.77 -45.01
CA GLU G 436 -106.40 18.13 -44.01
C GLU G 436 -105.73 16.87 -44.55
N SER G 437 -106.41 16.15 -45.45
CA SER G 437 -105.84 14.91 -45.97
C SER G 437 -104.57 15.18 -46.77
N GLU G 438 -104.57 16.21 -47.61
CA GLU G 438 -103.38 16.54 -48.38
C GLU G 438 -102.24 16.99 -47.48
N ILE G 439 -102.55 17.77 -46.44
CA ILE G 439 -101.52 18.19 -45.48
C ILE G 439 -100.91 16.98 -44.79
N ASN G 440 -101.76 16.04 -44.36
CA ASN G 440 -101.25 14.84 -43.69
C ASN G 440 -100.39 14.01 -44.65
N ALA G 441 -100.81 13.89 -45.91
CA ALA G 441 -100.02 13.14 -46.88
C ALA G 441 -98.66 13.80 -47.12
N ILE G 442 -98.65 15.14 -47.24
CA ILE G 442 -97.39 15.85 -47.43
C ILE G 442 -96.48 15.67 -46.22
N ARG G 443 -97.04 15.74 -45.01
CA ARG G 443 -96.25 15.52 -43.80
C ARG G 443 -95.67 14.10 -43.77
N GLN G 444 -96.49 13.11 -44.15
CA GLN G 444 -96.00 11.73 -44.18
C GLN G 444 -94.88 11.57 -45.19
N VAL G 445 -95.00 12.22 -46.35
CA VAL G 445 -93.94 12.14 -47.35
C VAL G 445 -92.66 12.78 -46.82
N LEU G 446 -92.79 13.95 -46.18
CA LEU G 446 -91.62 14.67 -45.72
C LEU G 446 -90.95 14.00 -44.53
N ILE G 447 -91.70 13.19 -43.78
CA ILE G 447 -91.11 12.51 -42.63
C ILE G 447 -89.97 11.59 -43.04
N GLY G 448 -90.14 10.80 -44.09
CA GLY G 448 -89.08 9.95 -44.58
C GLY G 448 -87.91 10.73 -45.17
N THR G 449 -88.23 11.81 -45.89
CA THR G 449 -87.19 12.61 -46.52
C THR G 449 -86.31 13.33 -45.51
N VAL G 450 -86.86 13.75 -44.39
CA VAL G 450 -86.14 14.52 -43.38
C VAL G 450 -85.47 13.60 -42.36
N GLY G 451 -86.23 12.67 -41.78
CA GLY G 451 -85.72 11.84 -40.72
C GLY G 451 -86.24 12.26 -39.37
N PHE G 452 -87.51 12.67 -39.34
CA PHE G 452 -88.12 13.16 -38.10
C PHE G 452 -88.11 12.08 -37.04
N ASP G 453 -87.46 12.37 -35.91
CA ASP G 453 -87.29 11.40 -34.83
C ASP G 453 -87.73 12.10 -33.54
N GLN G 454 -88.52 11.39 -32.73
CA GLN G 454 -89.00 11.95 -31.47
C GLN G 454 -88.01 11.84 -30.33
N GLY G 455 -86.98 10.99 -30.47
CA GLY G 455 -86.02 10.83 -29.39
C GLY G 455 -85.20 12.07 -29.13
N ARG G 456 -84.83 12.79 -30.20
CA ARG G 456 -84.05 14.01 -30.09
C ARG G 456 -84.91 15.25 -29.93
N GLY G 457 -86.23 15.10 -29.85
CA GLY G 457 -87.11 16.24 -29.77
C GLY G 457 -87.15 17.11 -31.01
N ASP G 458 -87.06 16.49 -32.19
CA ASP G 458 -87.13 17.23 -33.43
C ASP G 458 -88.54 17.75 -33.66
N LEU G 459 -88.62 18.86 -34.40
CA LEU G 459 -89.89 19.52 -34.69
C LEU G 459 -90.10 19.58 -36.19
N LEU G 460 -91.31 19.23 -36.64
CA LEU G 460 -91.66 19.29 -38.05
C LEU G 460 -93.05 19.88 -38.16
N ASN G 461 -93.16 21.07 -38.76
CA ASN G 461 -94.42 21.76 -38.93
C ASN G 461 -94.68 21.99 -40.41
N VAL G 462 -95.88 21.66 -40.86
CA VAL G 462 -96.30 21.92 -42.24
C VAL G 462 -97.69 22.56 -42.19
N LEU G 463 -97.86 23.64 -42.95
CA LEU G 463 -99.11 24.39 -42.90
C LEU G 463 -99.25 25.22 -44.17
N SER G 464 -100.46 25.73 -44.37
CA SER G 464 -100.80 26.47 -45.59
C SER G 464 -101.31 27.86 -45.21
N VAL G 465 -100.77 28.88 -45.88
CA VAL G 465 -101.18 30.27 -45.70
C VAL G 465 -101.37 30.91 -47.05
N LYS G 466 -102.04 32.06 -47.05
CA LYS G 466 -102.27 32.83 -48.25
C LYS G 466 -101.07 33.75 -48.51
N PHE G 467 -100.51 33.65 -49.72
CA PHE G 467 -99.35 34.46 -50.07
C PHE G 467 -99.76 35.86 -50.50
N ALA G 468 -98.81 36.62 -51.04
CA ALA G 468 -99.07 38.00 -51.48
C ALA G 468 -98.86 38.09 -52.99
N GLU G 469 -99.27 39.19 -53.63
CA GLU G 469 -99.20 39.26 -55.11
C GLU G 469 -98.36 40.43 -55.58
N PRO H 270 -55.54 19.24 -39.76
CA PRO H 270 -55.81 18.73 -38.41
C PRO H 270 -57.01 17.79 -38.36
N ALA H 271 -57.96 18.08 -37.47
CA ALA H 271 -59.15 17.26 -37.32
C ALA H 271 -60.31 17.72 -38.19
N SER H 272 -60.12 18.74 -39.02
CA SER H 272 -61.19 19.25 -39.87
C SER H 272 -61.51 18.30 -41.01
N ALA H 273 -60.61 17.35 -41.26
CA ALA H 273 -60.82 16.36 -42.33
C ALA H 273 -61.40 15.05 -41.85
N ALA H 274 -61.48 14.83 -40.53
CA ALA H 274 -62.01 13.58 -40.02
C ALA H 274 -63.53 13.57 -40.01
N ARG H 275 -64.17 14.74 -40.16
CA ARG H 275 -65.63 14.79 -40.13
C ARG H 275 -66.21 14.98 -41.54
N ARG H 276 -65.54 15.78 -42.37
CA ARG H 276 -66.01 15.95 -43.74
C ARG H 276 -65.96 14.65 -44.52
N LYS H 277 -65.00 13.77 -44.20
CA LYS H 277 -64.97 12.46 -44.82
C LYS H 277 -66.22 11.65 -44.47
N GLU H 278 -66.65 11.74 -43.20
CA GLU H 278 -67.89 11.08 -42.80
C GLU H 278 -69.09 11.69 -43.51
N GLN H 279 -69.04 13.01 -43.70
CA GLN H 279 -70.15 13.69 -44.39
C GLN H 279 -70.24 13.20 -45.84
N GLU H 280 -69.13 13.11 -46.58
CA GLU H 280 -69.16 12.60 -47.94
C GLU H 280 -69.52 11.12 -48.00
N LEU H 281 -69.08 10.33 -47.01
CA LEU H 281 -69.45 8.92 -46.99
C LEU H 281 -70.95 8.74 -46.80
N GLU H 282 -71.53 9.53 -45.89
CA GLU H 282 -72.98 9.46 -45.67
C GLU H 282 -73.74 9.88 -46.92
N ARG H 283 -73.26 10.92 -47.61
CA ARG H 283 -73.92 11.34 -48.84
C ARG H 283 -73.80 10.27 -49.93
N SER H 284 -72.64 9.61 -50.02
CA SER H 284 -72.44 8.56 -51.00
C SER H 284 -73.36 7.38 -50.75
N GLN H 285 -73.57 7.01 -49.49
CA GLN H 285 -74.51 5.94 -49.19
C GLN H 285 -75.92 6.28 -49.66
N GLU H 286 -76.36 7.51 -49.40
CA GLU H 286 -77.69 7.94 -49.84
C GLU H 286 -77.80 7.91 -51.36
N GLN H 287 -76.75 8.36 -52.05
CA GLN H 287 -76.79 8.37 -53.51
C GLN H 287 -76.90 6.96 -54.08
N ALA H 288 -76.14 6.01 -53.52
CA ALA H 288 -76.21 4.63 -53.98
C ALA H 288 -77.59 4.03 -53.71
N LEU H 289 -78.15 4.30 -52.53
CA LEU H 289 -79.48 3.79 -52.23
C LEU H 289 -80.53 4.36 -53.17
N ARG H 290 -80.43 5.65 -53.49
CA ARG H 290 -81.36 6.26 -54.44
C ARG H 290 -81.21 5.64 -55.82
N GLU H 291 -79.98 5.38 -56.25
CA GLU H 291 -79.76 4.75 -57.55
C GLU H 291 -80.37 3.34 -57.58
N LYS H 292 -80.21 2.59 -56.49
CA LYS H 292 -80.82 1.26 -56.43
C LYS H 292 -82.35 1.35 -56.47
N ILE H 293 -82.90 2.36 -55.78
CA ILE H 293 -84.36 2.53 -55.77
C ILE H 293 -84.87 2.83 -57.17
N ASP H 294 -84.17 3.71 -57.89
CA ASP H 294 -84.64 4.15 -59.21
C ASP H 294 -84.70 2.99 -60.19
N SER H 295 -83.76 2.05 -60.08
CA SER H 295 -83.66 0.96 -61.05
C SER H 295 -84.91 0.07 -61.04
N VAL H 296 -85.53 -0.09 -59.86
CA VAL H 296 -86.67 -0.99 -59.75
C VAL H 296 -87.98 -0.28 -60.11
N LEU H 297 -88.20 0.92 -59.60
CA LEU H 297 -89.48 1.60 -59.78
C LEU H 297 -89.65 2.20 -61.18
N LEU H 298 -88.55 2.44 -61.89
CA LEU H 298 -88.66 3.05 -63.21
C LEU H 298 -89.42 2.19 -64.22
N PRO H 299 -89.12 0.90 -64.42
CA PRO H 299 -89.84 0.14 -65.45
C PRO H 299 -91.27 -0.21 -65.06
N ILE H 300 -91.61 -0.21 -63.78
CA ILE H 300 -92.95 -0.61 -63.36
C ILE H 300 -93.90 0.59 -63.29
N LEU H 301 -93.43 1.73 -62.76
CA LEU H 301 -94.28 2.90 -62.64
C LEU H 301 -94.18 3.83 -63.83
N GLY H 302 -92.99 3.99 -64.40
CA GLY H 302 -92.80 4.86 -65.54
C GLY H 302 -91.98 6.09 -65.19
N TYR H 303 -91.65 6.86 -66.21
CA TYR H 303 -90.84 8.06 -66.05
C TYR H 303 -91.71 9.21 -65.56
N GLY H 304 -91.33 9.80 -64.43
CA GLY H 304 -92.02 10.95 -63.90
C GLY H 304 -93.30 10.68 -63.15
N ASN H 305 -93.57 9.43 -62.78
CA ASN H 305 -94.77 9.07 -62.05
C ASN H 305 -94.51 8.79 -60.58
N TYR H 306 -93.31 9.07 -60.08
CA TYR H 306 -92.98 8.76 -58.70
C TYR H 306 -91.84 9.66 -58.25
N THR H 307 -91.74 9.85 -56.93
CA THR H 307 -90.63 10.55 -56.31
C THR H 307 -90.25 9.82 -55.03
N ALA H 308 -88.95 9.80 -54.71
CA ALA H 308 -88.48 9.09 -53.54
C ALA H 308 -87.16 9.71 -53.07
N GLN H 309 -86.98 9.73 -51.75
CA GLN H 309 -85.74 10.18 -51.14
C GLN H 309 -85.49 9.35 -49.89
N VAL H 310 -84.20 9.18 -49.56
CA VAL H 310 -83.78 8.37 -48.42
C VAL H 310 -82.73 9.13 -47.62
N ASP H 311 -82.55 8.69 -46.38
CA ASP H 311 -81.47 9.20 -45.54
C ASP H 311 -80.96 8.09 -44.63
N ILE H 312 -79.69 8.18 -44.23
CA ILE H 312 -79.06 7.21 -43.34
C ILE H 312 -78.31 7.97 -42.26
N GLN H 313 -78.46 7.53 -41.02
CA GLN H 313 -77.75 8.08 -39.87
C GLN H 313 -76.83 7.01 -39.31
N MET H 314 -75.56 7.37 -39.10
CA MET H 314 -74.54 6.44 -38.63
C MET H 314 -73.72 7.07 -37.52
N ASP H 315 -72.97 6.22 -36.82
CA ASP H 315 -72.09 6.65 -35.74
C ASP H 315 -70.67 6.16 -36.01
N PHE H 316 -69.71 6.90 -35.49
CA PHE H 316 -68.29 6.64 -35.74
C PHE H 316 -67.54 6.52 -34.42
N SER H 317 -68.10 5.75 -33.48
CA SER H 317 -67.43 5.50 -32.21
C SER H 317 -66.36 4.42 -32.38
N ALA H 318 -65.65 4.13 -31.30
CA ALA H 318 -64.59 3.12 -31.32
C ALA H 318 -64.66 2.35 -30.02
N VAL H 319 -65.05 1.07 -30.09
CA VAL H 319 -65.26 0.23 -28.91
C VAL H 319 -64.33 -0.97 -28.99
N GLU H 320 -63.65 -1.24 -27.87
CA GLU H 320 -62.82 -2.43 -27.73
C GLU H 320 -63.32 -3.23 -26.54
N GLN H 321 -63.36 -4.56 -26.69
CA GLN H 321 -63.94 -5.43 -25.68
C GLN H 321 -62.97 -6.54 -25.33
N THR H 322 -62.87 -6.85 -24.04
CA THR H 322 -62.05 -7.95 -23.56
C THR H 322 -62.87 -8.76 -22.56
N ARG H 323 -63.01 -10.06 -22.80
CA ARG H 323 -63.85 -10.93 -22.00
C ARG H 323 -63.04 -12.11 -21.48
N LYS H 324 -63.28 -12.49 -20.23
CA LYS H 324 -62.67 -13.65 -19.61
C LYS H 324 -63.75 -14.42 -18.88
N ARG H 325 -64.07 -15.62 -19.37
CA ARG H 325 -65.18 -16.42 -18.84
C ARG H 325 -64.63 -17.67 -18.16
N PHE H 326 -65.44 -18.20 -17.23
CA PHE H 326 -65.09 -19.38 -16.47
C PHE H 326 -66.27 -20.33 -16.47
N ASP H 327 -65.99 -21.61 -16.25
CA ASP H 327 -67.02 -22.64 -16.17
C ASP H 327 -67.01 -23.27 -14.79
N PRO H 328 -67.89 -22.84 -13.88
CA PRO H 328 -67.88 -23.37 -12.51
C PRO H 328 -68.56 -24.72 -12.35
N ASN H 329 -69.32 -25.18 -13.34
CA ASN H 329 -70.07 -26.42 -13.21
C ASN H 329 -69.23 -27.66 -13.45
N THR H 330 -68.03 -27.53 -14.01
CA THR H 330 -67.16 -28.67 -14.33
C THR H 330 -65.79 -28.43 -13.70
N PRO H 331 -65.65 -28.63 -12.40
CA PRO H 331 -64.34 -28.50 -11.75
C PRO H 331 -63.54 -29.79 -11.81
N ALA H 332 -62.23 -29.63 -11.91
CA ALA H 332 -61.30 -30.75 -11.97
C ALA H 332 -60.33 -30.66 -10.81
N THR H 333 -60.17 -31.76 -10.08
CA THR H 333 -59.32 -31.79 -8.91
C THR H 333 -57.88 -32.13 -9.28
N ARG H 334 -56.93 -31.46 -8.65
CA ARG H 334 -55.51 -31.68 -8.87
C ARG H 334 -54.82 -32.27 -7.66
N SER H 335 -54.94 -31.63 -6.50
CA SER H 335 -54.36 -32.12 -5.25
C SER H 335 -55.45 -32.23 -4.21
N GLU H 336 -55.39 -33.29 -3.41
CA GLU H 336 -56.43 -33.56 -2.42
C GLU H 336 -55.79 -34.17 -1.18
N TYR H 337 -56.13 -33.61 -0.01
CA TYR H 337 -55.68 -34.15 1.27
C TYR H 337 -56.89 -34.25 2.19
N ALA H 338 -57.00 -35.36 2.92
CA ALA H 338 -58.15 -35.61 3.76
C ALA H 338 -57.70 -36.19 5.10
N LEU H 339 -58.50 -35.94 6.13
CA LEU H 339 -58.28 -36.50 7.46
C LEU H 339 -59.63 -36.74 8.10
N GLU H 340 -59.86 -37.96 8.57
CA GLU H 340 -61.14 -38.43 9.07
C GLU H 340 -60.97 -39.06 10.45
N ASP H 341 -60.31 -38.33 11.35
CA ASP H 341 -60.02 -38.85 12.68
C ASP H 341 -61.31 -39.10 13.44
N TYR H 342 -61.47 -40.32 13.95
CA TYR H 342 -62.61 -40.71 14.75
C TYR H 342 -62.18 -40.91 16.21
N ASN H 343 -63.15 -41.12 17.09
CA ASN H 343 -62.87 -41.37 18.49
C ASN H 343 -64.06 -42.07 19.17
N VAL H 383 -63.71 -35.94 16.81
CA VAL H 383 -64.00 -36.31 15.43
C VAL H 383 -63.50 -35.22 14.48
N ARG H 384 -62.25 -35.33 14.06
CA ARG H 384 -61.68 -34.34 13.17
C ARG H 384 -61.96 -34.68 11.72
N LYS H 385 -62.55 -33.73 11.00
CA LYS H 385 -62.86 -33.89 9.58
C LYS H 385 -62.24 -32.73 8.82
N GLU H 386 -61.05 -32.95 8.27
CA GLU H 386 -60.32 -31.91 7.56
C GLU H 386 -60.16 -32.29 6.10
N SER H 387 -60.29 -31.30 5.23
CA SER H 387 -60.15 -31.51 3.78
C SER H 387 -59.47 -30.29 3.17
N THR H 388 -58.60 -30.55 2.19
CA THR H 388 -57.91 -29.50 1.46
C THR H 388 -57.80 -29.93 0.01
N ARG H 389 -58.47 -29.21 -0.89
CA ARG H 389 -58.51 -29.58 -2.30
C ARG H 389 -58.13 -28.40 -3.16
N ASN H 390 -57.47 -28.68 -4.28
CA ASN H 390 -57.11 -27.68 -5.27
C ASN H 390 -57.83 -28.00 -6.58
N PHE H 391 -58.31 -26.96 -7.25
CA PHE H 391 -59.13 -27.11 -8.44
C PHE H 391 -58.53 -26.32 -9.60
N GLU H 392 -58.78 -26.80 -10.82
CA GLU H 392 -58.43 -26.08 -12.04
C GLU H 392 -59.63 -26.11 -12.96
N LEU H 393 -59.94 -24.95 -13.55
CA LEU H 393 -61.17 -24.76 -14.31
C LEU H 393 -60.85 -24.30 -15.73
N ASP H 394 -61.87 -24.39 -16.58
CA ASP H 394 -61.74 -23.93 -17.97
C ASP H 394 -61.58 -22.42 -18.01
N THR H 395 -60.70 -21.96 -18.90
CA THR H 395 -60.43 -20.53 -19.07
C THR H 395 -60.65 -20.16 -20.52
N THR H 396 -61.38 -19.08 -20.76
CA THR H 396 -61.65 -18.57 -22.10
C THR H 396 -61.37 -17.08 -22.13
N ILE H 397 -60.59 -16.64 -23.11
CA ILE H 397 -60.21 -15.24 -23.26
C ILE H 397 -60.58 -14.79 -24.67
N SER H 398 -61.26 -13.65 -24.77
CA SER H 398 -61.71 -13.12 -26.05
C SER H 398 -61.37 -11.63 -26.13
N HIS H 399 -60.89 -11.21 -27.30
CA HIS H 399 -60.59 -9.81 -27.56
C HIS H 399 -61.27 -9.41 -28.86
N GLU H 400 -62.04 -8.32 -28.82
CA GLU H 400 -62.84 -7.90 -29.97
C GLU H 400 -62.67 -6.42 -30.23
N ARG H 401 -62.53 -6.06 -31.51
CA ARG H 401 -62.47 -4.67 -31.95
C ARG H 401 -63.63 -4.42 -32.89
N LYS H 402 -64.49 -3.46 -32.54
CA LYS H 402 -65.69 -3.20 -33.32
C LYS H 402 -65.37 -2.33 -34.54
N GLN H 403 -66.34 -2.26 -35.44
CA GLN H 403 -66.21 -1.46 -36.65
C GLN H 403 -66.57 0.00 -36.37
N THR H 404 -66.19 0.86 -37.31
CA THR H 404 -66.49 2.29 -37.23
C THR H 404 -67.32 2.68 -38.46
N GLY H 405 -68.55 3.09 -38.22
CA GLY H 405 -69.43 3.50 -39.31
C GLY H 405 -70.64 2.62 -39.49
N THR H 406 -71.12 2.02 -38.40
CA THR H 406 -72.31 1.17 -38.47
C THR H 406 -73.56 2.02 -38.69
N VAL H 407 -74.48 1.49 -39.48
CA VAL H 407 -75.73 2.19 -39.77
C VAL H 407 -76.66 2.08 -38.57
N ALA H 408 -77.22 3.21 -38.16
CA ALA H 408 -78.12 3.26 -37.00
C ALA H 408 -79.60 3.21 -37.41
N ARG H 409 -80.00 4.15 -38.27
CA ARG H 409 -81.40 4.19 -38.72
C ARG H 409 -81.48 4.48 -40.20
N GLN H 410 -82.63 4.16 -40.81
CA GLN H 410 -82.81 4.31 -42.24
C GLN H 410 -84.29 4.58 -42.52
N THR H 411 -84.56 5.67 -43.24
CA THR H 411 -85.93 6.08 -43.56
C THR H 411 -86.08 6.22 -45.07
N VAL H 412 -87.16 5.64 -45.60
CA VAL H 412 -87.49 5.70 -47.01
C VAL H 412 -88.93 6.15 -47.16
N SER H 413 -89.17 7.11 -48.07
CA SER H 413 -90.50 7.63 -48.35
C SER H 413 -90.74 7.64 -49.85
N VAL H 414 -91.86 7.07 -50.28
CA VAL H 414 -92.20 6.94 -51.69
C VAL H 414 -93.59 7.51 -51.91
N ALA H 415 -93.70 8.39 -52.92
CA ALA H 415 -94.98 8.98 -53.32
C ALA H 415 -95.24 8.64 -54.78
N ILE H 416 -96.45 8.17 -55.05
CA ILE H 416 -96.84 7.71 -56.39
C ILE H 416 -97.96 8.61 -56.90
N LYS H 417 -97.82 9.08 -58.13
CA LYS H 417 -98.84 9.92 -58.74
C LYS H 417 -100.14 9.12 -58.95
N ASP H 418 -101.26 9.79 -58.70
CA ASP H 418 -102.57 9.17 -58.89
C ASP H 418 -103.11 9.49 -60.28
N MET H 434 -104.75 4.52 -56.94
CA MET H 434 -104.20 3.20 -56.72
C MET H 434 -104.90 2.50 -55.56
N SER H 435 -105.21 1.22 -55.74
CA SER H 435 -105.90 0.45 -54.72
C SER H 435 -104.89 0.03 -53.65
N GLU H 436 -105.39 -0.64 -52.59
CA GLU H 436 -104.52 -1.08 -51.52
C GLU H 436 -103.64 -2.25 -51.91
N SER H 437 -104.13 -3.12 -52.80
CA SER H 437 -103.35 -4.29 -53.19
C SER H 437 -102.08 -3.89 -53.94
N GLU H 438 -102.19 -2.93 -54.85
CA GLU H 438 -101.01 -2.47 -55.58
C GLU H 438 -100.01 -1.79 -54.65
N ILE H 439 -100.51 -1.00 -53.68
CA ILE H 439 -99.61 -0.37 -52.72
C ILE H 439 -98.88 -1.42 -51.89
N ASN H 440 -99.61 -2.44 -51.45
CA ASN H 440 -98.98 -3.51 -50.67
C ASN H 440 -97.94 -4.26 -51.50
N ALA H 441 -98.25 -4.53 -52.77
CA ALA H 441 -97.29 -5.22 -53.64
C ALA H 441 -96.04 -4.37 -53.85
N ILE H 442 -96.20 -3.06 -54.06
CA ILE H 442 -95.07 -2.18 -54.24
C ILE H 442 -94.22 -2.14 -52.97
N ARG H 443 -94.86 -2.06 -51.80
CA ARG H 443 -94.12 -2.09 -50.55
C ARG H 443 -93.35 -3.40 -50.38
N GLN H 444 -93.99 -4.52 -50.72
CA GLN H 444 -93.31 -5.81 -50.62
C GLN H 444 -92.10 -5.88 -51.56
N VAL H 445 -92.24 -5.33 -52.77
CA VAL H 445 -91.11 -5.30 -53.70
C VAL H 445 -89.99 -4.44 -53.14
N LEU H 446 -90.33 -3.26 -52.60
CA LEU H 446 -89.30 -2.34 -52.13
C LEU H 446 -88.62 -2.84 -50.86
N ILE H 447 -89.29 -3.69 -50.09
CA ILE H 447 -88.70 -4.20 -48.87
C ILE H 447 -87.40 -4.95 -49.13
N GLY H 448 -87.39 -5.83 -50.14
CA GLY H 448 -86.18 -6.54 -50.50
C GLY H 448 -85.11 -5.63 -51.09
N THR H 449 -85.53 -4.67 -51.90
CA THR H 449 -84.58 -3.76 -52.54
C THR H 449 -83.89 -2.84 -51.53
N VAL H 450 -84.58 -2.44 -50.47
CA VAL H 450 -84.03 -1.51 -49.48
C VAL H 450 -83.31 -2.24 -48.36
N GLY H 451 -83.95 -3.24 -47.76
CA GLY H 451 -83.39 -3.92 -46.61
C GLY H 451 -84.06 -3.48 -45.33
N PHE H 452 -85.37 -3.27 -45.40
CA PHE H 452 -86.14 -2.80 -44.24
C PHE H 452 -86.04 -3.80 -43.10
N ASP H 453 -85.52 -3.35 -41.96
CA ASP H 453 -85.28 -4.20 -40.81
C ASP H 453 -85.89 -3.50 -39.60
N GLN H 454 -86.62 -4.26 -38.77
CA GLN H 454 -87.27 -3.70 -37.60
C GLN H 454 -86.34 -3.59 -36.39
N GLY H 455 -85.19 -4.27 -36.42
CA GLY H 455 -84.30 -4.21 -35.27
C GLY H 455 -83.68 -2.84 -35.06
N ARG H 456 -83.36 -2.16 -36.15
CA ARG H 456 -82.77 -0.82 -36.09
C ARG H 456 -83.82 0.29 -36.07
N GLY H 457 -85.10 -0.06 -36.07
CA GLY H 457 -86.15 0.94 -36.11
C GLY H 457 -86.23 1.69 -37.42
N ASP H 458 -85.98 1.02 -38.54
CA ASP H 458 -86.07 1.66 -39.84
C ASP H 458 -87.53 1.95 -40.20
N LEU H 459 -87.72 2.98 -41.01
CA LEU H 459 -89.05 3.41 -41.41
C LEU H 459 -89.16 3.35 -42.93
N LEU H 460 -90.27 2.79 -43.41
CA LEU H 460 -90.54 2.71 -44.85
C LEU H 460 -91.99 3.07 -45.07
N ASN H 461 -92.23 4.18 -45.77
CA ASN H 461 -93.57 4.66 -46.06
C ASN H 461 -93.76 4.75 -47.56
N VAL H 462 -94.87 4.21 -48.07
CA VAL H 462 -95.24 4.31 -49.47
C VAL H 462 -96.70 4.73 -49.55
N LEU H 463 -96.97 5.73 -50.39
CA LEU H 463 -98.33 6.28 -50.47
C LEU H 463 -98.50 6.99 -51.79
N SER H 464 -99.75 7.30 -52.12
CA SER H 464 -100.12 7.90 -53.39
C SER H 464 -100.85 9.21 -53.16
N VAL H 465 -100.42 10.26 -53.87
CA VAL H 465 -101.05 11.58 -53.80
C VAL H 465 -101.24 12.10 -55.22
N LYS H 466 -102.08 13.13 -55.33
CA LYS H 466 -102.34 13.78 -56.61
C LYS H 466 -101.27 14.84 -56.87
N PHE H 467 -100.63 14.76 -58.03
CA PHE H 467 -99.57 15.70 -58.38
C PHE H 467 -100.17 16.99 -58.94
N ALA H 468 -99.29 17.85 -59.47
CA ALA H 468 -99.73 19.15 -60.03
C ALA H 468 -99.43 19.16 -61.52
N GLU H 469 -99.96 20.15 -62.27
CA GLU H 469 -99.80 20.11 -63.75
C GLU H 469 -99.11 21.38 -64.26
N PRO I 270 -54.62 7.97 -44.41
CA PRO I 270 -54.91 7.52 -43.05
C PRO I 270 -55.97 6.42 -43.00
N ALA I 271 -57.01 6.62 -42.20
CA ALA I 271 -58.07 5.64 -42.06
C ALA I 271 -59.23 5.86 -43.03
N SER I 272 -59.12 6.85 -43.93
CA SER I 272 -60.19 7.14 -44.87
C SER I 272 -60.29 6.08 -45.95
N ALA I 273 -59.25 5.25 -46.08
CA ALA I 273 -59.23 4.19 -47.08
C ALA I 273 -59.64 2.83 -46.54
N ALA I 274 -59.79 2.70 -45.22
CA ALA I 274 -60.17 1.41 -44.65
C ALA I 274 -61.68 1.18 -44.73
N ARG I 275 -62.46 2.22 -45.03
CA ARG I 275 -63.91 2.06 -45.09
C ARG I 275 -64.40 2.06 -46.52
N ARG I 276 -63.80 2.90 -47.38
CA ARG I 276 -64.19 2.91 -48.78
C ARG I 276 -63.89 1.58 -49.45
N LYS I 277 -62.84 0.88 -49.01
CA LYS I 277 -62.57 -0.46 -49.53
C LYS I 277 -63.71 -1.41 -49.20
N GLU I 278 -64.24 -1.31 -47.97
CA GLU I 278 -65.40 -2.11 -47.60
C GLU I 278 -66.62 -1.73 -48.43
N GLN I 279 -66.75 -0.44 -48.72
CA GLN I 279 -67.90 0.02 -49.53
C GLN I 279 -67.80 -0.57 -50.93
N GLU I 280 -66.65 -0.54 -51.59
CA GLU I 280 -66.51 -1.13 -52.92
C GLU I 280 -66.64 -2.65 -52.88
N LEU I 281 -66.16 -3.30 -51.82
CA LEU I 281 -66.32 -4.75 -51.72
C LEU I 281 -67.79 -5.13 -51.61
N GLU I 282 -68.56 -4.39 -50.79
CA GLU I 282 -69.98 -4.66 -50.66
C GLU I 282 -70.70 -4.44 -51.99
N ARG I 283 -70.34 -3.38 -52.72
CA ARG I 283 -70.95 -3.15 -54.02
C ARG I 283 -70.60 -4.25 -55.02
N SER I 284 -69.35 -4.72 -54.98
CA SER I 284 -68.94 -5.80 -55.86
C SER I 284 -69.68 -7.09 -55.58
N GLN I 285 -69.93 -7.41 -54.32
CA GLN I 285 -70.73 -8.59 -53.99
C GLN I 285 -72.14 -8.49 -54.58
N GLU I 286 -72.77 -7.32 -54.44
CA GLU I 286 -74.11 -7.14 -54.99
C GLU I 286 -74.10 -7.27 -56.51
N GLN I 287 -73.09 -6.72 -57.16
CA GLN I 287 -73.01 -6.81 -58.62
C GLN I 287 -72.88 -8.25 -59.08
N ALA I 288 -72.03 -9.04 -58.41
CA ALA I 288 -71.87 -10.44 -58.77
C ALA I 288 -73.16 -11.22 -58.55
N LEU I 289 -73.84 -10.95 -57.44
CA LEU I 289 -75.10 -11.65 -57.17
C LEU I 289 -76.15 -11.30 -58.22
N ARG I 290 -76.20 -10.03 -58.63
CA ARG I 290 -77.15 -9.63 -59.67
C ARG I 290 -76.82 -10.32 -60.99
N GLU I 291 -75.53 -10.41 -61.33
CA GLU I 291 -75.13 -11.10 -62.55
C GLU I 291 -75.53 -12.56 -62.53
N LYS I 292 -75.33 -13.22 -61.38
CA LYS I 292 -75.75 -14.62 -61.26
C LYS I 292 -77.27 -14.75 -61.39
N ILE I 293 -78.01 -13.80 -60.81
CA ILE I 293 -79.48 -13.85 -60.91
C ILE I 293 -79.92 -13.71 -62.36
N ASP I 294 -79.30 -12.79 -63.09
CA ASP I 294 -79.73 -12.51 -64.46
C ASP I 294 -79.55 -13.72 -65.37
N SER I 295 -78.50 -14.51 -65.12
CA SER I 295 -78.18 -15.63 -66.01
C SER I 295 -79.28 -16.69 -66.00
N VAL I 296 -79.94 -16.87 -64.86
CA VAL I 296 -80.95 -17.92 -64.76
C VAL I 296 -82.32 -17.45 -65.25
N LEU I 297 -82.75 -16.25 -64.84
CA LEU I 297 -84.10 -15.78 -65.15
C LEU I 297 -84.25 -15.31 -66.60
N LEU I 298 -83.16 -14.96 -67.26
CA LEU I 298 -83.25 -14.45 -68.63
C LEU I 298 -83.81 -15.48 -69.62
N PRO I 299 -83.30 -16.72 -69.69
CA PRO I 299 -83.83 -17.64 -70.71
C PRO I 299 -85.22 -18.18 -70.39
N ILE I 300 -85.64 -18.15 -69.13
CA ILE I 300 -86.94 -18.71 -68.77
C ILE I 300 -88.05 -17.67 -68.85
N LEU I 301 -87.79 -16.45 -68.37
CA LEU I 301 -88.82 -15.41 -68.39
C LEU I 301 -88.76 -14.54 -69.65
N GLY I 302 -87.57 -14.25 -70.15
CA GLY I 302 -87.42 -13.44 -71.33
C GLY I 302 -86.82 -12.08 -71.02
N TYR I 303 -86.53 -11.34 -72.08
CA TYR I 303 -85.92 -10.01 -71.96
C TYR I 303 -86.98 -8.99 -71.61
N GLY I 304 -86.77 -8.27 -70.50
CA GLY I 304 -87.66 -7.20 -70.10
C GLY I 304 -88.94 -7.62 -69.42
N ASN I 305 -89.04 -8.87 -68.97
CA ASN I 305 -90.23 -9.35 -68.29
C ASN I 305 -90.05 -9.51 -66.79
N TYR I 306 -88.94 -9.02 -66.24
CA TYR I 306 -88.66 -9.16 -64.83
C TYR I 306 -87.70 -8.08 -64.38
N THR I 307 -87.73 -7.80 -63.08
CA THR I 307 -86.78 -6.91 -62.43
C THR I 307 -86.39 -7.50 -61.09
N ALA I 308 -85.14 -7.29 -60.69
CA ALA I 308 -84.65 -7.84 -59.43
C ALA I 308 -83.48 -7.01 -58.93
N GLN I 309 -83.40 -6.88 -57.61
CA GLN I 309 -82.29 -6.21 -56.95
C GLN I 309 -82.00 -6.91 -55.64
N VAL I 310 -80.74 -6.86 -55.21
CA VAL I 310 -80.28 -7.52 -53.99
C VAL I 310 -79.42 -6.56 -53.19
N ASP I 311 -79.26 -6.89 -51.91
CA ASP I 311 -78.33 -6.17 -51.04
C ASP I 311 -77.75 -7.14 -50.02
N ILE I 312 -76.53 -6.83 -49.56
CA ILE I 312 -75.83 -7.63 -48.56
C ILE I 312 -75.27 -6.70 -47.49
N GLN I 313 -75.46 -7.08 -46.23
CA GLN I 313 -74.92 -6.36 -45.09
C GLN I 313 -73.89 -7.24 -44.39
N MET I 314 -72.71 -6.67 -44.12
CA MET I 314 -71.61 -7.42 -43.53
C MET I 314 -70.96 -6.61 -42.41
N ASP I 315 -70.15 -7.28 -41.61
CA ASP I 315 -69.43 -6.66 -40.51
C ASP I 315 -67.94 -6.94 -40.66
N PHE I 316 -67.13 -6.03 -40.13
CA PHE I 316 -65.68 -6.10 -40.26
C PHE I 316 -65.00 -6.02 -38.90
N SER I 317 -65.52 -6.80 -37.95
CA SER I 317 -64.92 -6.87 -36.63
C SER I 317 -63.69 -7.78 -36.64
N ALA I 318 -63.03 -7.90 -35.50
CA ALA I 318 -61.84 -8.74 -35.38
C ALA I 318 -61.89 -9.42 -34.02
N VAL I 319 -62.08 -10.75 -34.03
CA VAL I 319 -62.27 -11.52 -32.81
C VAL I 319 -61.17 -12.58 -32.73
N GLU I 320 -60.53 -12.67 -31.57
CA GLU I 320 -59.55 -13.72 -31.28
C GLU I 320 -60.01 -14.50 -30.06
N GLN I 321 -59.85 -15.83 -30.12
CA GLN I 321 -60.37 -16.71 -29.09
C GLN I 321 -59.27 -17.64 -28.60
N THR I 322 -59.22 -17.85 -27.28
CA THR I 322 -58.29 -18.79 -26.67
C THR I 322 -59.06 -19.63 -25.67
N ARG I 323 -59.00 -20.95 -25.82
CA ARG I 323 -59.76 -21.89 -25.00
C ARG I 323 -58.82 -22.90 -24.36
N LYS I 324 -59.09 -23.22 -23.10
CA LYS I 324 -58.36 -24.25 -22.36
C LYS I 324 -59.38 -25.13 -21.64
N ARG I 325 -59.49 -26.38 -22.06
CA ARG I 325 -60.50 -27.30 -21.55
C ARG I 325 -59.84 -28.40 -20.73
N PHE I 326 -60.62 -28.98 -19.83
CA PHE I 326 -60.15 -30.06 -18.95
C PHE I 326 -61.19 -31.17 -18.95
N ASP I 327 -60.74 -32.38 -18.62
CA ASP I 327 -61.62 -33.55 -18.54
C ASP I 327 -61.61 -34.07 -17.11
N PRO I 328 -62.62 -33.72 -16.30
CA PRO I 328 -62.61 -34.16 -14.89
C PRO I 328 -63.12 -35.58 -14.67
N ASN I 329 -63.72 -36.21 -15.67
CA ASN I 329 -64.29 -37.54 -15.49
C ASN I 329 -63.26 -38.65 -15.59
N THR I 330 -62.06 -38.37 -16.08
CA THR I 330 -61.02 -39.38 -16.26
C THR I 330 -59.74 -38.91 -15.57
N PRO I 331 -59.67 -39.01 -14.25
CA PRO I 331 -58.44 -38.64 -13.54
C PRO I 331 -57.46 -39.80 -13.44
N ALA I 332 -56.18 -39.45 -13.48
CA ALA I 332 -55.09 -40.42 -13.40
C ALA I 332 -54.24 -40.11 -12.18
N THR I 333 -53.98 -41.13 -11.36
CA THR I 333 -53.22 -40.95 -10.14
C THR I 333 -51.73 -41.11 -10.41
N ARG I 334 -50.94 -40.24 -9.77
CA ARG I 334 -49.48 -40.27 -9.88
C ARG I 334 -48.80 -40.67 -8.58
N SER I 335 -49.09 -39.98 -7.49
CA SER I 335 -48.55 -40.31 -6.18
C SER I 335 -49.69 -40.50 -5.20
N GLU I 336 -49.53 -41.49 -4.31
CA GLU I 336 -50.58 -41.85 -3.37
C GLU I 336 -49.96 -42.27 -2.06
N TYR I 337 -50.45 -41.71 -0.96
CA TYR I 337 -50.03 -42.08 0.38
C TYR I 337 -51.28 -42.30 1.24
N ALA I 338 -51.27 -43.36 2.03
CA ALA I 338 -52.43 -43.72 2.82
C ALA I 338 -52.00 -44.15 4.22
N LEU I 339 -52.91 -43.95 5.18
CA LEU I 339 -52.70 -44.38 6.56
C LEU I 339 -54.05 -44.79 7.13
N GLU I 340 -54.13 -46.00 7.67
CA GLU I 340 -55.37 -46.62 8.13
C GLU I 340 -55.22 -47.13 9.56
N ASP I 341 -54.72 -46.25 10.44
CA ASP I 341 -54.47 -46.63 11.82
C ASP I 341 -55.76 -47.02 12.52
N TYR I 342 -55.77 -48.21 13.11
CA TYR I 342 -56.90 -48.73 13.87
C TYR I 342 -56.55 -48.76 15.36
N ASN I 343 -57.55 -49.07 16.17
CA ASN I 343 -57.35 -49.18 17.61
C ASN I 343 -58.46 -50.00 18.26
N VAL I 383 -58.82 -44.04 15.48
CA VAL I 383 -58.96 -44.54 14.12
C VAL I 383 -58.57 -43.46 13.13
N ARG I 384 -57.27 -43.40 12.79
CA ARG I 384 -56.78 -42.39 11.87
C ARG I 384 -56.92 -42.87 10.43
N LYS I 385 -57.58 -42.07 9.61
CA LYS I 385 -57.77 -42.36 8.19
C LYS I 385 -57.26 -41.18 7.39
N GLU I 386 -56.01 -41.25 6.93
CA GLU I 386 -55.39 -40.16 6.19
C GLU I 386 -55.07 -40.61 4.77
N SER I 387 -55.28 -39.70 3.82
CA SER I 387 -55.01 -39.97 2.41
C SER I 387 -54.46 -38.73 1.75
N THR I 388 -53.50 -38.91 0.85
CA THR I 388 -52.92 -37.81 0.09
C THR I 388 -52.63 -38.32 -1.32
N ARG I 389 -53.34 -37.77 -2.31
CA ARG I 389 -53.22 -38.23 -3.69
C ARG I 389 -52.96 -37.05 -4.60
N ASN I 390 -52.18 -37.31 -5.66
CA ASN I 390 -51.90 -36.34 -6.70
C ASN I 390 -52.46 -36.84 -8.02
N PHE I 391 -53.05 -35.93 -8.80
CA PHE I 391 -53.74 -36.27 -10.02
C PHE I 391 -53.19 -35.48 -11.19
N GLU I 392 -53.28 -36.07 -12.38
CA GLU I 392 -52.95 -35.39 -13.63
C GLU I 392 -54.05 -35.65 -14.63
N LEU I 393 -54.48 -34.60 -15.32
CA LEU I 393 -55.67 -34.63 -16.16
C LEU I 393 -55.32 -34.23 -17.59
N ASP I 394 -56.25 -34.52 -18.50
CA ASP I 394 -56.08 -34.14 -19.89
C ASP I 394 -56.14 -32.63 -20.05
N THR I 395 -55.28 -32.10 -20.90
CA THR I 395 -55.21 -30.67 -21.17
C THR I 395 -55.36 -30.42 -22.66
N THR I 396 -56.23 -29.48 -23.01
CA THR I 396 -56.47 -29.11 -24.40
C THR I 396 -56.41 -27.59 -24.53
N ILE I 397 -55.63 -27.10 -25.49
CA ILE I 397 -55.44 -25.68 -25.73
C ILE I 397 -55.78 -25.38 -27.18
N SER I 398 -56.61 -24.37 -27.40
CA SER I 398 -57.03 -23.98 -28.74
C SER I 398 -56.91 -22.48 -28.92
N HIS I 399 -56.40 -22.06 -30.08
CA HIS I 399 -56.30 -20.65 -30.43
C HIS I 399 -56.93 -20.45 -31.79
N GLU I 400 -57.84 -19.49 -31.89
CA GLU I 400 -58.62 -19.26 -33.10
C GLU I 400 -58.63 -17.79 -33.46
N ARG I 401 -58.46 -17.50 -34.75
CA ARG I 401 -58.57 -16.15 -35.28
C ARG I 401 -59.68 -16.13 -36.32
N LYS I 402 -60.69 -15.29 -36.10
CA LYS I 402 -61.86 -15.27 -36.96
C LYS I 402 -61.58 -14.44 -38.22
N GLN I 403 -62.49 -14.57 -39.19
CA GLN I 403 -62.38 -13.84 -40.45
C GLN I 403 -62.96 -12.44 -40.30
N THR I 404 -62.65 -11.59 -41.27
CA THR I 404 -63.16 -10.22 -41.33
C THR I 404 -63.94 -10.04 -42.61
N GLY I 405 -65.25 -9.81 -42.49
CA GLY I 405 -66.08 -9.60 -43.66
C GLY I 405 -67.14 -10.66 -43.85
N THR I 406 -67.60 -11.25 -42.75
CA THR I 406 -68.65 -12.27 -42.83
C THR I 406 -69.98 -11.63 -43.20
N VAL I 407 -70.77 -12.35 -43.99
CA VAL I 407 -72.07 -11.86 -44.42
C VAL I 407 -73.07 -12.03 -43.28
N ALA I 408 -73.81 -10.98 -42.98
CA ALA I 408 -74.80 -10.99 -41.89
C ALA I 408 -76.21 -11.28 -42.39
N ARG I 409 -76.68 -10.47 -43.34
CA ARG I 409 -78.04 -10.66 -43.87
C ARG I 409 -78.06 -10.49 -45.38
N GLN I 410 -79.09 -11.01 -46.04
CA GLN I 410 -79.20 -10.99 -47.48
C GLN I 410 -80.67 -10.96 -47.88
N THR I 411 -81.04 -9.97 -48.68
CA THR I 411 -82.42 -9.80 -49.12
C THR I 411 -82.49 -9.78 -50.64
N VAL I 412 -83.43 -10.54 -51.19
CA VAL I 412 -83.66 -10.62 -52.62
C VAL I 412 -85.14 -10.40 -52.89
N SER I 413 -85.45 -9.55 -53.89
CA SER I 413 -86.81 -9.25 -54.28
C SER I 413 -86.94 -9.37 -55.80
N VAL I 414 -87.93 -10.14 -56.25
CA VAL I 414 -88.14 -10.41 -57.67
C VAL I 414 -89.59 -10.06 -58.02
N ALA I 415 -89.76 -9.27 -59.09
CA ALA I 415 -91.06 -8.90 -59.61
C ALA I 415 -91.17 -9.38 -61.05
N ILE I 416 -92.27 -10.05 -61.38
CA ILE I 416 -92.49 -10.63 -62.69
C ILE I 416 -93.69 -9.95 -63.34
N LYS I 417 -93.53 -9.55 -64.59
CA LYS I 417 -94.62 -8.91 -65.33
C LYS I 417 -95.76 -9.90 -65.55
N ASP I 418 -96.99 -9.40 -65.43
CA ASP I 418 -98.18 -10.21 -65.65
C ASP I 418 -98.66 -10.08 -67.09
N MET I 434 -99.80 -15.00 -63.49
CA MET I 434 -99.08 -16.22 -63.15
C MET I 434 -99.75 -16.93 -61.98
N SER I 435 -99.87 -18.26 -62.10
CA SER I 435 -100.50 -19.05 -61.06
C SER I 435 -99.52 -19.25 -59.89
N GLU I 436 -100.00 -19.91 -58.84
CA GLU I 436 -99.16 -20.14 -57.66
C GLU I 436 -98.08 -21.20 -57.92
N SER I 437 -98.38 -22.19 -58.77
CA SER I 437 -97.42 -23.24 -59.03
C SER I 437 -96.17 -22.71 -59.72
N GLU I 438 -96.35 -21.83 -60.71
CA GLU I 438 -95.19 -21.25 -61.40
C GLU I 438 -94.37 -20.38 -60.45
N ILE I 439 -95.04 -19.61 -59.58
CA ILE I 439 -94.33 -18.79 -58.61
C ILE I 439 -93.51 -19.67 -57.66
N ASN I 440 -94.11 -20.75 -57.19
CA ASN I 440 -93.39 -21.66 -56.30
C ASN I 440 -92.20 -22.30 -57.01
N ALA I 441 -92.37 -22.69 -58.27
CA ALA I 441 -91.27 -23.27 -59.02
C ALA I 441 -90.14 -22.27 -59.22
N ILE I 442 -90.48 -21.02 -59.54
CA ILE I 442 -89.46 -19.99 -59.70
C ILE I 442 -88.73 -19.74 -58.39
N ARG I 443 -89.46 -19.70 -57.28
CA ARG I 443 -88.82 -19.53 -55.97
C ARG I 443 -87.89 -20.69 -55.66
N GLN I 444 -88.31 -21.92 -55.97
CA GLN I 444 -87.46 -23.08 -55.72
C GLN I 444 -86.20 -23.03 -56.57
N VAL I 445 -86.33 -22.58 -57.83
CA VAL I 445 -85.15 -22.45 -58.69
C VAL I 445 -84.21 -21.40 -58.13
N LEU I 446 -84.75 -20.25 -57.70
CA LEU I 446 -83.91 -19.16 -57.24
C LEU I 446 -83.26 -19.45 -55.89
N ILE I 447 -83.85 -20.36 -55.10
CA ILE I 447 -83.28 -20.69 -53.80
C ILE I 447 -81.87 -21.26 -53.94
N GLY I 448 -81.66 -22.19 -54.86
CA GLY I 448 -80.34 -22.73 -55.11
C GLY I 448 -79.38 -21.71 -55.68
N THR I 449 -79.87 -20.87 -56.60
CA THR I 449 -79.02 -19.87 -57.23
C THR I 449 -78.54 -18.80 -56.26
N VAL I 450 -79.35 -18.44 -55.27
CA VAL I 450 -79.02 -17.38 -54.34
C VAL I 450 -78.28 -17.92 -53.11
N GLY I 451 -78.83 -18.95 -52.48
CA GLY I 451 -78.25 -19.47 -51.25
C GLY I 451 -79.07 -19.07 -50.06
N PHE I 452 -80.40 -19.05 -50.22
CA PHE I 452 -81.30 -18.64 -49.15
C PHE I 452 -81.14 -19.53 -47.93
N ASP I 453 -80.77 -18.93 -46.81
CA ASP I 453 -80.50 -19.65 -45.57
C ASP I 453 -81.29 -18.98 -44.47
N GLN I 454 -81.97 -19.78 -43.63
CA GLN I 454 -82.77 -19.25 -42.55
C GLN I 454 -81.96 -18.93 -41.30
N GLY I 455 -80.72 -19.43 -41.19
CA GLY I 455 -79.93 -19.17 -40.00
C GLY I 455 -79.54 -17.71 -39.86
N ARG I 456 -79.24 -17.05 -40.98
CA ARG I 456 -78.86 -15.65 -40.97
C ARG I 456 -80.06 -14.71 -41.11
N GLY I 457 -81.27 -15.24 -41.16
CA GLY I 457 -82.44 -14.42 -41.34
C GLY I 457 -82.54 -13.77 -42.70
N ASP I 458 -82.11 -14.47 -43.75
CA ASP I 458 -82.20 -13.93 -45.09
C ASP I 458 -83.65 -13.89 -45.56
N LEU I 459 -83.93 -12.96 -46.47
CA LEU I 459 -85.28 -12.75 -46.98
C LEU I 459 -85.27 -12.93 -48.49
N LEU I 460 -86.25 -13.68 -49.00
CA LEU I 460 -86.40 -13.89 -50.44
C LEU I 460 -87.87 -13.77 -50.78
N ASN I 461 -88.22 -12.75 -51.58
CA ASN I 461 -89.59 -12.50 -51.98
C ASN I 461 -89.66 -12.53 -53.50
N VAL I 462 -90.65 -13.26 -54.03
CA VAL I 462 -90.93 -13.30 -55.45
C VAL I 462 -92.42 -13.11 -55.66
N LEU I 463 -92.78 -12.24 -56.58
CA LEU I 463 -94.18 -11.89 -56.78
C LEU I 463 -94.37 -11.31 -58.17
N SER I 464 -95.63 -11.20 -58.60
CA SER I 464 -95.98 -10.74 -59.93
C SER I 464 -96.90 -9.54 -59.84
N VAL I 465 -96.58 -8.50 -60.60
CA VAL I 465 -97.39 -7.29 -60.68
C VAL I 465 -97.56 -6.89 -62.13
N LYS I 466 -98.52 -6.01 -62.38
CA LYS I 466 -98.78 -5.49 -63.71
C LYS I 466 -97.86 -4.29 -63.98
N PHE I 467 -97.13 -4.36 -65.09
CA PHE I 467 -96.19 -3.29 -65.44
C PHE I 467 -96.93 -2.14 -66.13
N ALA I 468 -96.16 -1.20 -66.67
CA ALA I 468 -96.73 -0.02 -67.36
C ALA I 468 -96.33 -0.05 -68.83
N GLU I 469 -96.94 0.79 -69.67
CA GLU I 469 -96.67 0.68 -71.12
C GLU I 469 -96.14 2.00 -71.68
N PRO J 270 -51.79 -3.20 -48.10
CA PRO J 270 -52.12 -3.60 -46.73
C PRO J 270 -53.00 -4.85 -46.66
N ALA J 271 -54.12 -4.76 -45.95
CA ALA J 271 -55.03 -5.89 -45.81
C ALA J 271 -56.13 -5.90 -46.86
N SER J 272 -56.10 -4.97 -47.82
CA SER J 272 -57.13 -4.91 -48.85
C SER J 272 -56.98 -6.04 -49.86
N ALA J 273 -55.83 -6.70 -49.86
CA ALA J 273 -55.56 -7.81 -50.77
C ALA J 273 -55.82 -9.17 -50.16
N ALA J 274 -56.04 -9.25 -48.85
CA ALA J 274 -56.27 -10.54 -48.21
C ALA J 274 -57.71 -11.01 -48.38
N ARG J 275 -58.61 -10.12 -48.79
CA ARG J 275 -60.01 -10.51 -48.92
C ARG J 275 -60.40 -10.66 -50.39
N ARG J 276 -59.87 -9.81 -51.26
CA ARG J 276 -60.15 -9.94 -52.69
C ARG J 276 -59.61 -11.25 -53.24
N LYS J 277 -58.50 -11.75 -52.68
CA LYS J 277 -57.99 -13.05 -53.09
C LYS J 277 -59.00 -14.15 -52.75
N GLU J 278 -59.63 -14.05 -51.58
CA GLU J 278 -60.68 -15.01 -51.23
C GLU J 278 -61.88 -14.87 -52.16
N GLN J 279 -62.18 -13.64 -52.54
CA GLN J 279 -63.32 -13.41 -53.46
C GLN J 279 -63.03 -14.07 -54.81
N GLU J 280 -61.85 -13.90 -55.38
CA GLU J 280 -61.52 -14.54 -56.66
C GLU J 280 -61.44 -16.05 -56.52
N LEU J 281 -60.94 -16.56 -55.38
CA LEU J 281 -60.89 -18.00 -55.19
C LEU J 281 -62.29 -18.61 -55.14
N GLU J 282 -63.21 -17.94 -54.44
CA GLU J 282 -64.58 -18.42 -54.38
C GLU J 282 -65.23 -18.39 -55.76
N ARG J 283 -64.98 -17.34 -56.54
CA ARG J 283 -65.52 -17.29 -57.89
C ARG J 283 -64.93 -18.38 -58.78
N SER J 284 -63.64 -18.65 -58.63
CA SER J 284 -62.99 -19.70 -59.41
C SER J 284 -63.56 -21.08 -59.09
N GLN J 285 -63.86 -21.34 -57.81
CA GLN J 285 -64.49 -22.61 -57.46
C GLN J 285 -65.85 -22.77 -58.13
N GLU J 286 -66.66 -21.71 -58.13
CA GLU J 286 -67.96 -21.76 -58.77
C GLU J 286 -67.83 -21.98 -60.27
N GLN J 287 -66.85 -21.32 -60.89
CA GLN J 287 -66.66 -21.50 -62.33
C GLN J 287 -66.28 -22.93 -62.68
N ALA J 288 -65.38 -23.53 -61.91
CA ALA J 288 -64.98 -24.91 -62.15
C ALA J 288 -66.15 -25.87 -61.95
N LEU J 289 -66.95 -25.64 -60.90
CA LEU J 289 -68.10 -26.51 -60.68
C LEU J 289 -69.12 -26.38 -61.81
N ARG J 290 -69.33 -25.17 -62.31
CA ARG J 290 -70.24 -24.98 -63.44
C ARG J 290 -69.72 -25.69 -64.68
N GLU J 291 -68.40 -25.61 -64.92
CA GLU J 291 -67.82 -26.29 -66.08
C GLU J 291 -67.98 -27.80 -65.96
N LYS J 292 -67.79 -28.35 -64.76
CA LYS J 292 -68.00 -29.78 -64.57
C LYS J 292 -69.46 -30.15 -64.78
N ILE J 293 -70.38 -29.30 -64.33
CA ILE J 293 -71.81 -29.57 -64.52
C ILE J 293 -72.16 -29.60 -66.00
N ASP J 294 -71.64 -28.64 -66.75
CA ASP J 294 -72.00 -28.52 -68.17
C ASP J 294 -71.57 -29.74 -68.96
N SER J 295 -70.44 -30.35 -68.60
CA SER J 295 -69.89 -31.44 -69.37
C SER J 295 -70.81 -32.67 -69.37
N VAL J 296 -71.53 -32.88 -68.26
CA VAL J 296 -72.38 -34.06 -68.14
C VAL J 296 -73.75 -33.84 -68.75
N LEU J 297 -74.40 -32.70 -68.46
CA LEU J 297 -75.77 -32.47 -68.90
C LEU J 297 -75.88 -32.12 -70.37
N LEU J 298 -74.80 -31.63 -70.99
CA LEU J 298 -74.87 -31.24 -72.39
C LEU J 298 -75.19 -32.39 -73.34
N PRO J 299 -74.50 -33.55 -73.29
CA PRO J 299 -74.81 -34.60 -74.27
C PRO J 299 -76.12 -35.32 -74.01
N ILE J 300 -76.64 -35.28 -72.78
CA ILE J 300 -77.87 -36.02 -72.46
C ILE J 300 -79.10 -35.17 -72.69
N LEU J 301 -79.07 -33.89 -72.29
CA LEU J 301 -80.23 -33.01 -72.45
C LEU J 301 -80.22 -32.25 -73.76
N GLY J 302 -79.05 -31.80 -74.20
CA GLY J 302 -78.94 -31.05 -75.43
C GLY J 302 -78.57 -29.59 -75.18
N TYR J 303 -78.32 -28.88 -76.27
CA TYR J 303 -77.92 -27.48 -76.20
C TYR J 303 -79.15 -26.60 -76.00
N GLY J 304 -79.13 -25.80 -74.93
CA GLY J 304 -80.20 -24.86 -74.68
C GLY J 304 -81.45 -25.43 -74.04
N ASN J 305 -81.39 -26.65 -73.51
CA ASN J 305 -82.55 -27.28 -72.88
C ASN J 305 -82.45 -27.30 -71.36
N TYR J 306 -81.47 -26.60 -70.78
CA TYR J 306 -81.28 -26.63 -69.34
C TYR J 306 -80.52 -25.38 -68.91
N THR J 307 -80.70 -25.02 -67.64
CA THR J 307 -79.94 -23.96 -67.01
C THR J 307 -79.57 -24.39 -65.59
N ALA J 308 -78.40 -23.96 -65.14
CA ALA J 308 -77.92 -24.36 -63.82
C ALA J 308 -76.93 -23.34 -63.30
N GLN J 309 -76.97 -23.11 -61.99
CA GLN J 309 -76.02 -22.23 -61.31
C GLN J 309 -75.73 -22.80 -59.93
N VAL J 310 -74.53 -22.52 -59.43
CA VAL J 310 -74.07 -23.04 -58.15
C VAL J 310 -73.42 -21.91 -57.35
N ASP J 311 -73.31 -22.12 -56.05
CA ASP J 311 -72.56 -21.22 -55.18
C ASP J 311 -71.91 -22.02 -54.05
N ILE J 312 -70.80 -21.50 -53.54
CA ILE J 312 -70.07 -22.12 -52.45
C ILE J 312 -69.73 -21.05 -51.41
N GLN J 313 -69.95 -21.37 -50.14
CA GLN J 313 -69.61 -20.50 -49.02
C GLN J 313 -68.51 -21.18 -48.19
N MET J 314 -67.46 -20.42 -47.89
CA MET J 314 -66.30 -20.95 -47.18
C MET J 314 -65.87 -19.98 -46.09
N ASP J 315 -65.03 -20.46 -45.19
CA ASP J 315 -64.49 -19.67 -44.09
C ASP J 315 -62.97 -19.73 -44.13
N PHE J 316 -62.34 -18.68 -43.61
CA PHE J 316 -60.89 -18.52 -43.65
C PHE J 316 -60.35 -18.26 -42.26
N SER J 317 -60.80 -19.04 -41.28
CA SER J 317 -60.31 -18.94 -39.93
C SER J 317 -58.96 -19.65 -39.80
N ALA J 318 -58.37 -19.59 -38.61
CA ALA J 318 -57.08 -20.23 -38.36
C ALA J 318 -57.12 -20.83 -36.96
N VAL J 319 -57.11 -22.16 -36.88
CA VAL J 319 -57.26 -22.89 -35.63
C VAL J 319 -56.04 -23.75 -35.40
N GLU J 320 -55.48 -23.68 -34.19
CA GLU J 320 -54.38 -24.53 -33.76
C GLU J 320 -54.81 -25.30 -32.52
N GLN J 321 -54.44 -26.58 -32.48
CA GLN J 321 -54.90 -27.47 -31.42
C GLN J 321 -53.71 -28.19 -30.80
N THR J 322 -53.73 -28.31 -29.47
CA THR J 322 -52.73 -29.05 -28.72
C THR J 322 -53.43 -29.94 -27.72
N ARG J 323 -53.15 -31.24 -27.77
CA ARG J 323 -53.82 -32.23 -26.93
C ARG J 323 -52.80 -33.04 -26.16
N LYS J 324 -53.11 -33.33 -24.90
CA LYS J 324 -52.30 -34.18 -24.04
C LYS J 324 -53.22 -35.16 -23.33
N ARG J 325 -53.11 -36.44 -23.66
CA ARG J 325 -54.00 -37.46 -23.15
C ARG J 325 -53.25 -38.41 -22.22
N PHE J 326 -54.00 -39.05 -21.32
CA PHE J 326 -53.44 -39.97 -20.35
C PHE J 326 -54.29 -41.23 -20.33
N ASP J 327 -53.69 -42.33 -19.89
CA ASP J 327 -54.39 -43.62 -19.77
C ASP J 327 -54.42 -44.04 -18.31
N PRO J 328 -55.51 -43.81 -17.59
CA PRO J 328 -55.55 -44.14 -16.15
C PRO J 328 -55.86 -45.61 -15.87
N ASN J 329 -56.28 -46.39 -16.86
CA ASN J 329 -56.66 -47.77 -16.63
C ASN J 329 -55.47 -48.72 -16.57
N THR J 330 -54.29 -48.29 -17.01
CA THR J 330 -53.09 -49.13 -17.04
C THR J 330 -51.96 -48.43 -16.31
N PRO J 331 -51.97 -48.43 -14.99
CA PRO J 331 -50.86 -47.83 -14.23
C PRO J 331 -49.74 -48.82 -13.98
N ALA J 332 -48.53 -48.28 -13.96
CA ALA J 332 -47.31 -49.07 -13.75
C ALA J 332 -46.61 -48.55 -12.50
N THR J 333 -46.25 -49.47 -11.60
CA THR J 333 -45.63 -49.10 -10.34
C THR J 333 -44.12 -49.03 -10.50
N ARG J 334 -43.50 -48.02 -9.87
CA ARG J 334 -42.06 -47.84 -9.90
C ARG J 334 -41.42 -48.04 -8.54
N SER J 335 -41.90 -47.33 -7.51
CA SER J 335 -41.41 -47.49 -6.15
C SER J 335 -42.57 -47.80 -5.23
N GLU J 336 -42.34 -48.69 -4.27
CA GLU J 336 -43.39 -49.15 -3.37
C GLU J 336 -42.81 -49.39 -1.99
N TYR J 337 -43.47 -48.84 -0.97
CA TYR J 337 -43.09 -49.06 0.42
C TYR J 337 -44.35 -49.42 1.20
N ALA J 338 -44.25 -50.41 2.08
CA ALA J 338 -45.40 -50.90 2.82
C ALA J 338 -45.01 -51.17 4.26
N LEU J 339 -46.00 -51.06 5.15
CA LEU J 339 -45.84 -51.36 6.56
C LEU J 339 -47.15 -51.93 7.08
N GLU J 340 -47.09 -53.11 7.69
CA GLU J 340 -48.25 -53.88 8.12
C GLU J 340 -48.13 -54.26 9.58
N ASP J 341 -47.84 -53.27 10.43
CA ASP J 341 -47.64 -53.53 11.85
C ASP J 341 -48.90 -54.07 12.49
N TYR J 342 -48.78 -55.21 13.16
CA TYR J 342 -49.87 -55.84 13.89
C TYR J 342 -49.63 -55.73 15.39
N ASN J 343 -50.63 -56.13 16.17
CA ASN J 343 -50.52 -56.12 17.62
C ASN J 343 -51.55 -57.06 18.25
N VAL J 383 -52.59 -51.42 15.03
CA VAL J 383 -52.54 -52.01 13.70
C VAL J 383 -52.23 -50.95 12.66
N ARG J 384 -50.95 -50.72 12.41
CA ARG J 384 -50.56 -49.70 11.44
C ARG J 384 -50.51 -50.28 10.04
N LYS J 385 -51.22 -49.64 9.12
CA LYS J 385 -51.25 -50.05 7.71
C LYS J 385 -50.87 -48.85 6.87
N GLU J 386 -49.60 -48.77 6.49
CA GLU J 386 -49.09 -47.64 5.72
C GLU J 386 -48.61 -48.11 4.35
N SER J 387 -48.88 -47.31 3.33
CA SER J 387 -48.47 -47.63 1.97
C SER J 387 -48.06 -46.35 1.25
N THR J 388 -47.02 -46.45 0.43
CA THR J 388 -46.56 -45.31 -0.37
C THR J 388 -46.10 -45.85 -1.72
N ARG J 389 -46.80 -45.50 -2.78
CA ARG J 389 -46.52 -46.01 -4.12
C ARG J 389 -46.36 -44.87 -5.10
N ASN J 390 -45.48 -45.06 -6.08
CA ASN J 390 -45.27 -44.12 -7.16
C ASN J 390 -45.66 -44.79 -8.48
N PHE J 391 -46.30 -44.03 -9.35
CA PHE J 391 -46.85 -44.56 -10.60
C PHE J 391 -46.33 -43.75 -11.78
N GLU J 392 -46.24 -44.43 -12.93
CA GLU J 392 -45.93 -43.78 -14.19
C GLU J 392 -46.91 -44.28 -15.25
N LEU J 393 -47.45 -43.35 -16.03
CA LEU J 393 -48.54 -43.62 -16.95
C LEU J 393 -48.16 -43.25 -18.38
N ASP J 394 -48.96 -43.74 -19.32
CA ASP J 394 -48.74 -43.43 -20.72
C ASP J 394 -49.01 -41.95 -20.99
N THR J 395 -48.18 -41.35 -21.83
CA THR J 395 -48.30 -39.95 -22.19
C THR J 395 -48.39 -39.82 -23.71
N THR J 396 -49.36 -39.04 -24.18
CA THR J 396 -49.55 -38.80 -25.60
C THR J 396 -49.70 -37.31 -25.84
N ILE J 397 -48.93 -36.76 -26.78
CA ILE J 397 -48.96 -35.34 -27.10
C ILE J 397 -49.22 -35.20 -28.59
N SER J 398 -50.17 -34.33 -28.95
CA SER J 398 -50.54 -34.11 -30.33
C SER J 398 -50.64 -32.62 -30.60
N HIS J 399 -50.12 -32.20 -31.76
CA HIS J 399 -50.20 -30.81 -32.20
C HIS J 399 -50.76 -30.80 -33.62
N GLU J 400 -51.79 -29.99 -33.85
CA GLU J 400 -52.50 -29.97 -35.11
C GLU J 400 -52.71 -28.54 -35.58
N ARG J 401 -52.48 -28.31 -36.87
CA ARG J 401 -52.76 -27.03 -37.51
C ARG J 401 -53.78 -27.25 -38.61
N LYS J 402 -54.91 -26.56 -38.52
CA LYS J 402 -56.00 -26.76 -39.46
C LYS J 402 -55.76 -25.99 -40.75
N GLN J 403 -56.56 -26.32 -41.76
CA GLN J 403 -56.48 -25.67 -43.06
C GLN J 403 -57.27 -24.36 -43.05
N THR J 404 -57.02 -23.53 -44.06
CA THR J 404 -57.72 -22.27 -44.25
C THR J 404 -58.42 -22.29 -45.60
N GLY J 405 -59.75 -22.25 -45.58
CA GLY J 405 -60.51 -22.25 -46.80
C GLY J 405 -61.39 -23.48 -46.98
N THR J 406 -61.84 -24.06 -45.88
CA THR J 406 -62.70 -25.23 -45.95
C THR J 406 -64.10 -24.83 -46.44
N VAL J 407 -64.70 -25.70 -47.24
CA VAL J 407 -66.03 -25.46 -47.78
C VAL J 407 -67.08 -25.70 -46.69
N ALA J 408 -67.99 -24.76 -46.52
CA ALA J 408 -69.03 -24.85 -45.50
C ALA J 408 -70.35 -25.39 -46.06
N ARG J 409 -70.86 -24.72 -47.10
CA ARG J 409 -72.14 -25.16 -47.69
C ARG J 409 -72.06 -25.09 -49.22
N GLN J 410 -72.95 -25.79 -49.89
CA GLN J 410 -72.96 -25.89 -51.34
C GLN J 410 -74.39 -26.10 -51.83
N THR J 411 -74.84 -25.24 -52.73
CA THR J 411 -76.20 -25.31 -53.26
C THR J 411 -76.15 -25.39 -54.78
N VAL J 412 -76.92 -26.33 -55.33
CA VAL J 412 -77.04 -26.53 -56.77
C VAL J 412 -78.51 -26.56 -57.16
N SER J 413 -78.85 -25.83 -58.21
CA SER J 413 -80.22 -25.77 -58.72
C SER J 413 -80.22 -26.01 -60.23
N VAL J 414 -81.05 -26.93 -60.69
CA VAL J 414 -81.12 -27.32 -62.09
C VAL J 414 -82.56 -27.22 -62.57
N ALA J 415 -82.77 -26.55 -63.69
CA ALA J 415 -84.07 -26.42 -64.32
C ALA J 415 -83.99 -26.99 -65.73
N ILE J 416 -84.96 -27.84 -66.07
CA ILE J 416 -84.99 -28.53 -67.35
C ILE J 416 -86.23 -28.09 -68.12
N LYS J 417 -86.04 -27.75 -69.39
CA LYS J 417 -87.16 -27.33 -70.24
C LYS J 417 -88.12 -28.49 -70.46
N ASP J 418 -89.41 -28.18 -70.45
CA ASP J 418 -90.44 -29.18 -70.69
C ASP J 418 -90.83 -29.20 -72.17
N MET J 434 -91.48 -34.01 -68.30
CA MET J 434 -90.61 -35.08 -67.81
C MET J 434 -91.26 -35.83 -66.65
N SER J 435 -91.16 -37.14 -66.67
CA SER J 435 -91.75 -37.97 -65.63
C SER J 435 -90.85 -37.95 -64.39
N GLU J 436 -91.29 -38.60 -63.32
CA GLU J 436 -90.52 -38.62 -62.09
C GLU J 436 -89.28 -39.51 -62.20
N SER J 437 -89.36 -40.59 -62.99
CA SER J 437 -88.23 -41.51 -63.10
C SER J 437 -87.03 -40.82 -63.75
N GLU J 438 -87.26 -40.05 -64.81
CA GLU J 438 -86.16 -39.34 -65.46
C GLU J 438 -85.56 -38.28 -64.54
N ILE J 439 -86.40 -37.58 -63.77
CA ILE J 439 -85.89 -36.60 -62.82
C ILE J 439 -85.03 -37.28 -61.76
N ASN J 440 -85.48 -38.43 -61.24
CA ASN J 440 -84.70 -39.15 -60.25
C ASN J 440 -83.38 -39.64 -60.83
N ALA J 441 -83.40 -40.13 -62.07
CA ALA J 441 -82.17 -40.58 -62.70
C ALA J 441 -81.19 -39.43 -62.90
N ILE J 442 -81.69 -38.28 -63.33
CA ILE J 442 -80.83 -37.11 -63.51
C ILE J 442 -80.24 -36.67 -62.17
N ARG J 443 -81.05 -36.67 -61.11
CA ARG J 443 -80.54 -36.32 -59.79
C ARG J 443 -79.46 -37.30 -59.33
N GLN J 444 -79.69 -38.59 -59.57
CA GLN J 444 -78.69 -39.60 -59.19
C GLN J 444 -77.39 -39.40 -59.96
N VAL J 445 -77.49 -39.06 -61.25
CA VAL J 445 -76.29 -38.80 -62.04
C VAL J 445 -75.55 -37.57 -61.50
N LEU J 446 -76.29 -36.51 -61.19
CA LEU J 446 -75.66 -35.27 -60.76
C LEU J 446 -75.08 -35.38 -59.35
N ILE J 447 -75.59 -36.31 -58.54
CA ILE J 447 -75.07 -36.47 -57.19
C ILE J 447 -73.58 -36.82 -57.19
N GLY J 448 -73.16 -37.76 -58.04
CA GLY J 448 -71.76 -38.11 -58.15
C GLY J 448 -70.92 -37.00 -58.74
N THR J 449 -71.46 -36.30 -59.74
CA THR J 449 -70.73 -35.22 -60.39
C THR J 449 -70.49 -34.04 -59.47
N VAL J 450 -71.41 -33.74 -58.57
CA VAL J 450 -71.32 -32.57 -57.68
C VAL J 450 -70.60 -32.93 -56.38
N GLY J 451 -71.02 -33.99 -55.71
CA GLY J 451 -70.48 -34.34 -54.42
C GLY J 451 -71.44 -33.98 -53.31
N PHE J 452 -72.73 -34.19 -53.55
CA PHE J 452 -73.76 -33.85 -52.58
C PHE J 452 -73.56 -34.64 -51.29
N ASP J 453 -73.38 -33.91 -50.19
CA ASP J 453 -73.09 -34.52 -48.89
C ASP J 453 -74.05 -33.90 -47.89
N GLN J 454 -74.66 -34.74 -47.05
CA GLN J 454 -75.61 -34.28 -46.05
C GLN J 454 -74.95 -33.76 -44.78
N GLY J 455 -73.67 -34.05 -44.56
CA GLY J 455 -73.01 -33.60 -43.35
C GLY J 455 -72.86 -32.09 -43.29
N ARG J 456 -72.58 -31.47 -44.43
CA ARG J 456 -72.41 -30.02 -44.50
C ARG J 456 -73.72 -29.29 -44.78
N GLY J 457 -74.83 -30.01 -44.86
CA GLY J 457 -76.11 -29.39 -45.18
C GLY J 457 -76.19 -28.84 -46.59
N ASP J 458 -75.58 -29.53 -47.56
CA ASP J 458 -75.65 -29.10 -48.94
C ASP J 458 -77.06 -29.31 -49.50
N LEU J 459 -77.40 -28.49 -50.49
CA LEU J 459 -78.73 -28.52 -51.10
C LEU J 459 -78.59 -28.79 -52.59
N LEU J 460 -79.39 -29.72 -53.10
CA LEU J 460 -79.41 -30.04 -54.53
C LEU J 460 -80.85 -30.17 -54.98
N ASN J 461 -81.28 -29.27 -55.86
CA ASN J 461 -82.64 -29.25 -56.38
C ASN J 461 -82.60 -29.39 -57.88
N VAL J 462 -83.43 -30.30 -58.42
CA VAL J 462 -83.58 -30.48 -59.85
C VAL J 462 -85.08 -30.53 -60.16
N LEU J 463 -85.49 -29.77 -61.18
CA LEU J 463 -86.91 -29.66 -61.49
C LEU J 463 -87.07 -29.20 -62.93
N SER J 464 -88.30 -29.32 -63.44
CA SER J 464 -88.62 -29.01 -64.82
C SER J 464 -89.72 -27.96 -64.88
N VAL J 465 -89.50 -26.92 -65.69
CA VAL J 465 -90.47 -25.86 -65.90
C VAL J 465 -90.59 -25.58 -67.39
N LYS J 466 -91.65 -24.88 -67.75
CA LYS J 466 -91.89 -24.49 -69.15
C LYS J 466 -91.15 -23.19 -69.44
N PHE J 467 -90.33 -23.21 -70.48
CA PHE J 467 -89.54 -22.04 -70.86
C PHE J 467 -90.39 -21.06 -71.68
N ALA J 468 -89.73 -20.04 -72.23
CA ALA J 468 -90.42 -19.01 -73.03
C ALA J 468 -89.91 -19.07 -74.47
N GLU J 469 -90.58 -18.39 -75.41
CA GLU J 469 -90.19 -18.54 -76.83
C GLU J 469 -89.82 -17.19 -77.45
N PRO K 270 -47.09 -14.00 -50.84
CA PRO K 270 -47.44 -14.35 -49.47
C PRO K 270 -48.12 -15.71 -49.37
N ALA K 271 -49.30 -15.75 -48.73
CA ALA K 271 -50.04 -16.99 -48.57
C ALA K 271 -51.04 -17.25 -49.68
N SER K 272 -51.09 -16.38 -50.70
CA SER K 272 -52.03 -16.54 -51.79
C SER K 272 -51.65 -17.70 -52.70
N ALA K 273 -50.42 -18.18 -52.58
CA ALA K 273 -49.93 -19.29 -53.39
C ALA K 273 -50.02 -20.63 -52.70
N ALA K 274 -50.32 -20.66 -51.40
CA ALA K 274 -50.40 -21.92 -50.69
C ALA K 274 -51.74 -22.62 -50.90
N ARG K 275 -52.73 -21.90 -51.43
CA ARG K 275 -54.04 -22.51 -51.63
C ARG K 275 -54.30 -22.82 -53.10
N ARG K 276 -53.84 -21.94 -54.00
CA ARG K 276 -53.99 -22.22 -55.42
C ARG K 276 -53.22 -23.46 -55.84
N LYS K 277 -52.10 -23.75 -55.18
CA LYS K 277 -51.38 -24.98 -55.46
C LYS K 277 -52.23 -26.20 -55.11
N GLU K 278 -52.96 -26.12 -53.99
CA GLU K 278 -53.87 -27.21 -53.63
C GLU K 278 -55.00 -27.31 -54.64
N GLN K 279 -55.46 -26.16 -55.13
CA GLN K 279 -56.55 -26.17 -56.12
C GLN K 279 -56.07 -26.86 -57.41
N GLU K 280 -54.89 -26.56 -57.92
CA GLU K 280 -54.38 -27.21 -59.11
C GLU K 280 -54.08 -28.69 -58.86
N LEU K 281 -53.61 -29.03 -57.67
CA LEU K 281 -53.35 -30.44 -57.36
C LEU K 281 -54.64 -31.24 -57.35
N GLU K 282 -55.70 -30.68 -56.76
CA GLU K 282 -56.99 -31.36 -56.75
C GLU K 282 -57.54 -31.52 -58.16
N ARG K 283 -57.38 -30.50 -59.01
CA ARG K 283 -57.83 -30.61 -60.39
C ARG K 283 -57.03 -31.66 -61.15
N SER K 284 -55.72 -31.73 -60.90
CA SER K 284 -54.87 -32.72 -61.56
C SER K 284 -55.26 -34.13 -61.17
N GLN K 285 -55.59 -34.36 -59.89
CA GLN K 285 -56.05 -35.68 -59.49
C GLN K 285 -57.32 -36.08 -60.24
N GLU K 286 -58.28 -35.16 -60.36
CA GLU K 286 -59.51 -35.46 -61.07
C GLU K 286 -59.23 -35.76 -62.54
N GLN K 287 -58.33 -35.00 -63.15
CA GLN K 287 -58.01 -35.22 -64.56
C GLN K 287 -57.41 -36.60 -64.77
N ALA K 288 -56.48 -37.02 -63.90
CA ALA K 288 -55.87 -38.32 -64.03
C ALA K 288 -56.89 -39.43 -63.82
N LEU K 289 -57.78 -39.26 -62.85
CA LEU K 289 -58.81 -40.28 -62.63
C LEU K 289 -59.75 -40.39 -63.82
N ARG K 290 -60.10 -39.25 -64.43
CA ARG K 290 -60.94 -39.28 -65.62
C ARG K 290 -60.23 -39.98 -66.77
N GLU K 291 -58.94 -39.71 -66.94
CA GLU K 291 -58.17 -40.37 -68.00
C GLU K 291 -58.13 -41.88 -67.79
N LYS K 292 -57.93 -42.31 -66.54
CA LYS K 292 -57.95 -43.74 -66.25
C LYS K 292 -59.32 -44.35 -66.53
N ILE K 293 -60.38 -43.62 -66.20
CA ILE K 293 -61.74 -44.12 -66.45
C ILE K 293 -61.98 -44.30 -67.94
N ASP K 294 -61.54 -43.32 -68.74
CA ASP K 294 -61.82 -43.34 -70.17
C ASP K 294 -61.16 -44.53 -70.85
N SER K 295 -59.98 -44.92 -70.37
CA SER K 295 -59.21 -45.99 -71.03
C SER K 295 -59.94 -47.33 -70.98
N VAL K 296 -60.69 -47.58 -69.91
CA VAL K 296 -61.37 -48.86 -69.76
C VAL K 296 -62.73 -48.89 -70.47
N LEU K 297 -63.54 -47.85 -70.30
CA LEU K 297 -64.89 -47.86 -70.83
C LEU K 297 -64.96 -47.62 -72.34
N LEU K 298 -63.92 -47.02 -72.92
CA LEU K 298 -63.95 -46.74 -74.35
C LEU K 298 -64.03 -47.98 -75.22
N PRO K 299 -63.18 -49.01 -75.05
CA PRO K 299 -63.25 -50.16 -75.96
C PRO K 299 -64.46 -51.06 -75.73
N ILE K 300 -65.06 -51.02 -74.55
CA ILE K 300 -66.19 -51.91 -74.25
C ILE K 300 -67.52 -51.27 -74.61
N LEU K 301 -67.71 -49.98 -74.31
CA LEU K 301 -68.97 -49.32 -74.60
C LEU K 301 -68.98 -48.63 -75.96
N GLY K 302 -67.86 -48.04 -76.35
CA GLY K 302 -67.77 -47.36 -77.64
C GLY K 302 -67.64 -45.86 -77.46
N TYR K 303 -67.41 -45.19 -78.59
CA TYR K 303 -67.24 -43.74 -78.60
C TYR K 303 -68.59 -43.05 -78.54
N GLY K 304 -68.77 -42.19 -77.55
CA GLY K 304 -69.98 -41.40 -77.43
C GLY K 304 -71.18 -42.12 -76.83
N ASN K 305 -70.98 -43.27 -76.21
CA ASN K 305 -72.07 -44.02 -75.60
C ASN K 305 -72.08 -43.93 -74.08
N TYR K 306 -71.25 -43.07 -73.50
CA TYR K 306 -71.17 -42.97 -72.05
C TYR K 306 -70.64 -41.60 -71.67
N THR K 307 -70.96 -41.18 -70.44
CA THR K 307 -70.41 -39.98 -69.84
C THR K 307 -70.08 -40.27 -68.38
N ALA K 308 -69.02 -39.64 -67.88
CA ALA K 308 -68.60 -39.86 -66.51
C ALA K 308 -67.80 -38.67 -66.01
N GLN K 309 -67.96 -38.37 -64.73
CA GLN K 309 -67.20 -37.32 -64.07
C GLN K 309 -66.94 -37.75 -62.63
N VAL K 310 -65.83 -37.26 -62.08
CA VAL K 310 -65.39 -37.61 -60.73
C VAL K 310 -64.97 -36.35 -59.99
N ASP K 311 -64.93 -36.46 -58.66
CA ASP K 311 -64.38 -35.40 -57.83
C ASP K 311 -63.71 -36.01 -56.61
N ILE K 312 -62.73 -35.29 -56.06
CA ILE K 312 -61.98 -35.72 -54.88
C ILE K 312 -61.89 -34.55 -53.91
N GLN K 313 -62.15 -34.83 -52.63
CA GLN K 313 -62.02 -33.85 -51.56
C GLN K 313 -60.91 -34.28 -50.63
N MET K 314 -59.99 -33.36 -50.32
CA MET K 314 -58.83 -33.65 -49.50
C MET K 314 -58.63 -32.56 -48.46
N ASP K 315 -57.78 -32.87 -47.48
CA ASP K 315 -57.45 -31.92 -46.41
C ASP K 315 -55.94 -31.75 -46.35
N PHE K 316 -55.52 -30.58 -45.88
CA PHE K 316 -54.11 -30.21 -45.83
C PHE K 316 -53.70 -29.78 -44.43
N SER K 317 -54.11 -30.56 -43.43
CA SER K 317 -53.73 -30.29 -42.05
C SER K 317 -52.30 -30.78 -41.80
N ALA K 318 -51.82 -30.56 -40.59
CA ALA K 318 -50.47 -30.97 -40.20
C ALA K 318 -50.52 -31.48 -38.77
N VAL K 319 -50.32 -32.78 -38.59
CA VAL K 319 -50.46 -33.44 -37.30
C VAL K 319 -49.13 -34.09 -36.93
N GLU K 320 -48.68 -33.86 -35.70
CA GLU K 320 -47.50 -34.50 -35.15
C GLU K 320 -47.89 -35.25 -33.89
N GLN K 321 -47.35 -36.46 -33.72
CA GLN K 321 -47.74 -37.35 -32.63
C GLN K 321 -46.51 -37.82 -31.88
N THR K 322 -46.61 -37.85 -30.55
CA THR K 322 -45.55 -38.38 -29.70
C THR K 322 -46.19 -39.30 -28.67
N ARG K 323 -45.72 -40.55 -28.62
CA ARG K 323 -46.29 -41.57 -27.74
C ARG K 323 -45.21 -42.17 -26.85
N LYS K 324 -45.58 -42.42 -25.59
CA LYS K 324 -44.70 -43.07 -24.63
C LYS K 324 -45.52 -44.13 -23.90
N ARG K 325 -45.20 -45.40 -24.13
CA ARG K 325 -45.97 -46.52 -23.60
C ARG K 325 -45.15 -47.27 -22.56
N PHE K 326 -45.86 -47.96 -21.66
CA PHE K 326 -45.24 -48.73 -20.59
C PHE K 326 -45.90 -50.10 -20.53
N ASP K 327 -45.17 -51.06 -19.97
CA ASP K 327 -45.68 -52.42 -19.80
C ASP K 327 -45.75 -52.75 -18.32
N PRO K 328 -46.92 -52.64 -17.68
CA PRO K 328 -47.01 -52.89 -16.24
C PRO K 328 -47.11 -54.36 -15.86
N ASN K 329 -47.34 -55.26 -16.82
CA ASN K 329 -47.52 -56.66 -16.50
C ASN K 329 -46.22 -57.42 -16.30
N THR K 330 -45.08 -56.84 -16.70
CA THR K 330 -43.78 -57.49 -16.60
C THR K 330 -42.81 -56.58 -15.85
N PRO K 331 -42.92 -56.50 -14.53
CA PRO K 331 -41.98 -55.69 -13.75
C PRO K 331 -40.74 -56.47 -13.37
N ALA K 332 -39.61 -55.76 -13.32
CA ALA K 332 -38.32 -56.33 -12.97
C ALA K 332 -37.79 -55.63 -11.72
N THR K 333 -37.37 -56.42 -10.74
CA THR K 333 -36.90 -55.89 -9.47
C THR K 333 -35.40 -55.60 -9.55
N ARG K 334 -35.00 -54.47 -8.96
CA ARG K 334 -33.60 -54.06 -8.90
C ARG K 334 -33.04 -54.08 -7.49
N SER K 335 -33.69 -53.40 -6.56
CA SER K 335 -33.28 -53.38 -5.16
C SER K 335 -34.44 -53.81 -4.30
N GLU K 336 -34.15 -54.60 -3.25
CA GLU K 336 -35.19 -55.15 -2.40
C GLU K 336 -34.68 -55.20 -0.96
N TYR K 337 -35.47 -54.70 -0.03
CA TYR K 337 -35.18 -54.77 1.39
C TYR K 337 -36.42 -55.26 2.12
N ALA K 338 -36.23 -56.18 3.07
CA ALA K 338 -37.35 -56.78 3.77
C ALA K 338 -37.03 -56.90 5.25
N LEU K 339 -38.08 -56.88 6.07
CA LEU K 339 -37.98 -57.07 7.50
C LEU K 339 -39.23 -57.79 7.99
N GLU K 340 -39.04 -58.90 8.68
CA GLU K 340 -40.10 -59.81 9.09
C GLU K 340 -40.03 -60.09 10.60
N ASP K 341 -39.95 -59.01 11.37
CA ASP K 341 -39.81 -59.13 12.82
C ASP K 341 -41.03 -59.82 13.43
N TYR K 342 -40.78 -60.88 14.18
CA TYR K 342 -41.82 -61.63 14.88
C TYR K 342 -41.70 -61.38 16.39
N ASN K 343 -42.69 -61.88 17.13
CA ASN K 343 -42.68 -61.76 18.58
C ASN K 343 -43.61 -62.80 19.21
N VAL K 383 -45.23 -57.61 15.52
CA VAL K 383 -45.00 -58.27 14.25
C VAL K 383 -44.79 -57.24 13.16
N ARG K 384 -43.54 -56.84 12.96
CA ARG K 384 -43.23 -55.83 11.95
C ARG K 384 -43.00 -56.49 10.60
N LYS K 385 -43.74 -56.02 9.59
CA LYS K 385 -43.60 -56.52 8.23
C LYS K 385 -43.34 -55.34 7.31
N GLU K 386 -42.07 -55.08 7.01
CA GLU K 386 -41.68 -53.94 6.19
C GLU K 386 -41.04 -54.43 4.90
N SER K 387 -41.35 -53.75 3.80
CA SER K 387 -40.80 -54.09 2.50
C SER K 387 -40.54 -52.81 1.71
N THR K 388 -39.44 -52.79 0.96
CA THR K 388 -39.10 -51.66 0.11
C THR K 388 -38.46 -52.21 -1.15
N ARG K 389 -39.13 -52.03 -2.29
CA ARG K 389 -38.68 -52.58 -3.56
C ARG K 389 -38.62 -51.49 -4.62
N ASN K 390 -37.65 -51.61 -5.51
CA ASN K 390 -37.50 -50.73 -6.65
C ASN K 390 -37.70 -51.52 -7.94
N PHE K 391 -38.39 -50.93 -8.91
CA PHE K 391 -38.75 -51.61 -10.14
C PHE K 391 -38.28 -50.82 -11.35
N GLU K 392 -38.02 -51.54 -12.43
CA GLU K 392 -37.71 -50.94 -13.72
C GLU K 392 -38.53 -51.65 -14.79
N LEU K 393 -39.13 -50.86 -15.68
CA LEU K 393 -40.11 -51.36 -16.63
C LEU K 393 -39.69 -51.03 -18.06
N ASP K 394 -40.33 -51.69 -19.01
CA ASP K 394 -40.07 -51.45 -20.42
C ASP K 394 -40.54 -50.05 -20.81
N THR K 395 -39.74 -49.38 -21.64
CA THR K 395 -40.05 -48.03 -22.11
C THR K 395 -40.04 -48.02 -23.63
N THR K 396 -41.08 -47.44 -24.22
CA THR K 396 -41.20 -47.31 -25.67
C THR K 396 -41.55 -45.88 -26.02
N ILE K 397 -40.81 -45.29 -26.95
CA ILE K 397 -41.03 -43.91 -27.38
C ILE K 397 -41.19 -43.90 -28.89
N SER K 398 -42.23 -43.22 -29.37
CA SER K 398 -42.54 -43.15 -30.79
C SER K 398 -42.83 -41.70 -31.17
N HIS K 399 -42.30 -41.29 -32.32
CA HIS K 399 -42.55 -39.95 -32.87
C HIS K 399 -43.01 -40.11 -34.32
N GLU K 400 -44.13 -39.50 -34.66
CA GLU K 400 -44.73 -39.67 -35.98
C GLU K 400 -45.12 -38.31 -36.56
N ARG K 401 -44.84 -38.14 -37.85
CA ARG K 401 -45.25 -36.96 -38.60
C ARG K 401 -46.15 -37.41 -39.73
N LYS K 402 -47.38 -36.89 -39.76
CA LYS K 402 -48.36 -37.32 -40.75
C LYS K 402 -48.14 -36.61 -42.08
N GLN K 403 -48.81 -37.11 -43.11
CA GLN K 403 -48.73 -36.54 -44.45
C GLN K 403 -49.71 -35.37 -44.58
N THR K 404 -49.51 -34.58 -45.63
CA THR K 404 -50.37 -33.45 -45.96
C THR K 404 -50.96 -33.67 -47.34
N GLY K 405 -52.28 -33.84 -47.40
CA GLY K 405 -52.95 -34.03 -48.67
C GLY K 405 -53.62 -35.38 -48.81
N THR K 406 -54.05 -35.96 -47.70
CA THR K 406 -54.74 -37.24 -47.73
C THR K 406 -56.12 -37.10 -48.34
N VAL K 407 -56.54 -38.11 -49.10
CA VAL K 407 -57.85 -38.09 -49.74
C VAL K 407 -58.91 -38.44 -48.69
N ALA K 408 -59.97 -37.62 -48.66
CA ALA K 408 -61.06 -37.82 -47.70
C ALA K 408 -62.24 -38.58 -48.31
N ARG K 409 -62.76 -38.07 -49.41
CA ARG K 409 -63.92 -38.74 -50.05
C ARG K 409 -63.74 -38.75 -51.57
N GLN K 410 -64.48 -39.62 -52.24
CA GLN K 410 -64.36 -39.81 -53.68
C GLN K 410 -65.70 -40.27 -54.23
N THR K 411 -66.22 -39.55 -55.22
CA THR K 411 -67.50 -39.86 -55.83
C THR K 411 -67.34 -40.04 -57.33
N VAL K 412 -67.92 -41.11 -57.86
CA VAL K 412 -67.90 -41.42 -59.29
C VAL K 412 -69.32 -41.70 -59.75
N SER K 413 -69.69 -41.10 -60.89
CA SER K 413 -71.02 -41.28 -61.48
C SER K 413 -70.87 -41.60 -62.96
N VAL K 414 -71.52 -42.69 -63.40
CA VAL K 414 -71.43 -43.17 -64.77
C VAL K 414 -72.83 -43.32 -65.33
N ALA K 415 -73.05 -42.75 -66.52
CA ALA K 415 -74.32 -42.86 -67.24
C ALA K 415 -74.06 -43.51 -68.59
N ILE K 416 -74.86 -44.52 -68.93
CA ILE K 416 -74.70 -45.30 -70.16
C ILE K 416 -75.93 -45.09 -71.03
N LYS K 417 -75.69 -44.80 -72.31
CA LYS K 417 -76.80 -44.62 -73.25
C LYS K 417 -77.56 -45.93 -73.45
N ASP K 418 -78.88 -45.82 -73.54
CA ASP K 418 -79.73 -46.98 -73.76
C ASP K 418 -80.00 -47.16 -75.26
N MET K 434 -80.22 -51.75 -71.09
CA MET K 434 -79.24 -52.64 -70.48
C MET K 434 -79.85 -53.39 -69.30
N SER K 435 -79.56 -54.68 -69.21
CA SER K 435 -80.08 -55.52 -68.14
C SER K 435 -79.28 -55.27 -66.87
N GLU K 436 -79.70 -55.92 -65.77
CA GLU K 436 -79.02 -55.75 -64.50
C GLU K 436 -77.67 -56.44 -64.47
N SER K 437 -77.53 -57.57 -65.17
CA SER K 437 -76.26 -58.30 -65.16
C SER K 437 -75.14 -57.48 -65.77
N GLU K 438 -75.40 -56.83 -66.91
CA GLU K 438 -74.38 -56.00 -67.54
C GLU K 438 -74.00 -54.81 -66.66
N ILE K 439 -74.99 -54.20 -66.01
CA ILE K 439 -74.71 -53.10 -65.09
C ILE K 439 -73.83 -53.56 -63.94
N ASN K 440 -74.15 -54.73 -63.37
CA ASN K 440 -73.34 -55.26 -62.27
C ASN K 440 -71.93 -55.57 -62.74
N ALA K 441 -71.78 -56.15 -63.94
CA ALA K 441 -70.45 -56.44 -64.46
C ALA K 441 -69.64 -55.17 -64.68
N ILE K 442 -70.28 -54.13 -65.23
CA ILE K 442 -69.59 -52.86 -65.44
C ILE K 442 -69.17 -52.25 -64.10
N ARG K 443 -70.04 -52.31 -63.09
CA ARG K 443 -69.69 -51.79 -61.77
C ARG K 443 -68.52 -52.57 -61.18
N GLN K 444 -68.53 -53.90 -61.33
CA GLN K 444 -67.42 -54.71 -60.82
C GLN K 444 -66.11 -54.36 -61.53
N VAL K 445 -66.16 -54.13 -62.83
CA VAL K 445 -64.96 -53.74 -63.57
C VAL K 445 -64.46 -52.39 -63.08
N LEU K 446 -65.37 -51.44 -62.90
CA LEU K 446 -64.95 -50.08 -62.52
C LEU K 446 -64.47 -50.01 -61.08
N ILE K 447 -64.89 -50.96 -60.23
CA ILE K 447 -64.45 -50.94 -58.84
C ILE K 447 -62.94 -51.07 -58.73
N GLY K 448 -62.32 -51.98 -59.47
CA GLY K 448 -60.88 -52.11 -59.47
C GLY K 448 -60.17 -50.93 -60.09
N THR K 449 -60.74 -50.39 -61.17
CA THR K 449 -60.13 -49.26 -61.86
C THR K 449 -60.13 -47.99 -61.02
N VAL K 450 -61.16 -47.78 -60.20
CA VAL K 450 -61.30 -46.57 -59.39
C VAL K 450 -60.63 -46.72 -58.04
N GLY K 451 -60.94 -47.80 -57.31
CA GLY K 451 -60.44 -47.96 -55.97
C GLY K 451 -61.52 -47.69 -54.94
N PHE K 452 -62.75 -48.11 -55.25
CA PHE K 452 -63.89 -47.87 -54.37
C PHE K 452 -63.66 -48.52 -53.01
N ASP K 453 -63.66 -47.71 -51.96
CA ASP K 453 -63.39 -48.17 -50.61
C ASP K 453 -64.50 -47.66 -49.71
N GLN K 454 -65.03 -48.54 -48.85
CA GLN K 454 -66.11 -48.15 -47.95
C GLN K 454 -65.63 -47.46 -46.68
N GLY K 455 -64.33 -47.54 -46.37
CA GLY K 455 -63.84 -46.91 -45.16
C GLY K 455 -63.91 -45.40 -45.20
N ARG K 456 -63.65 -44.81 -46.36
CA ARG K 456 -63.69 -43.36 -46.54
C ARG K 456 -65.08 -42.87 -46.95
N GLY K 457 -66.07 -43.74 -47.05
CA GLY K 457 -67.39 -43.35 -47.48
C GLY K 457 -67.45 -42.91 -48.93
N ASP K 458 -66.68 -43.56 -49.80
CA ASP K 458 -66.72 -43.24 -51.21
C ASP K 458 -68.03 -43.70 -51.84
N LEU K 459 -68.43 -43.00 -52.91
CA LEU K 459 -69.68 -43.28 -53.59
C LEU K 459 -69.39 -43.62 -55.05
N LEU K 460 -70.01 -44.69 -55.54
CA LEU K 460 -69.87 -45.09 -56.93
C LEU K 460 -71.25 -45.47 -57.46
N ASN K 461 -71.74 -44.71 -58.43
CA ASN K 461 -73.05 -44.93 -59.03
C ASN K 461 -72.89 -45.17 -60.52
N VAL K 462 -73.53 -46.21 -61.03
CA VAL K 462 -73.55 -46.51 -62.46
C VAL K 462 -74.99 -46.80 -62.85
N LEU K 463 -75.44 -46.19 -63.95
CA LEU K 463 -76.83 -46.33 -64.35
C LEU K 463 -76.96 -45.98 -65.83
N SER K 464 -78.12 -46.32 -66.40
CA SER K 464 -78.38 -46.16 -67.82
C SER K 464 -79.62 -45.29 -68.02
N VAL K 465 -79.50 -44.29 -68.90
CA VAL K 465 -80.60 -43.40 -69.24
C VAL K 465 -80.65 -43.24 -70.76
N LYS K 466 -81.78 -42.73 -71.24
CA LYS K 466 -81.97 -42.47 -72.66
C LYS K 466 -81.40 -41.09 -73.00
N PHE K 467 -80.52 -41.06 -74.00
CA PHE K 467 -79.90 -39.80 -74.41
C PHE K 467 -80.81 -39.03 -75.35
N ALA K 468 -80.27 -37.95 -75.92
CA ALA K 468 -81.05 -37.10 -76.85
C ALA K 468 -80.43 -37.17 -78.24
N GLU K 469 -81.12 -36.66 -79.27
CA GLU K 469 -80.62 -36.83 -80.65
C GLU K 469 -80.41 -35.50 -81.35
N PRO L 270 -40.56 -24.27 -52.49
CA PRO L 270 -40.95 -24.58 -51.11
C PRO L 270 -41.44 -26.02 -50.95
N ALA L 271 -42.64 -26.19 -50.39
CA ALA L 271 -43.20 -27.52 -50.17
C ALA L 271 -44.07 -27.99 -51.33
N SER L 272 -44.17 -27.21 -52.40
CA SER L 272 -45.00 -27.59 -53.54
C SER L 272 -44.40 -28.74 -54.33
N ALA L 273 -43.11 -29.01 -54.10
CA ALA L 273 -42.41 -30.09 -54.80
C ALA L 273 -42.35 -31.38 -54.01
N ALA L 274 -42.74 -31.37 -52.73
CA ALA L 274 -42.68 -32.58 -51.93
C ALA L 274 -43.88 -33.48 -52.17
N ARG L 275 -44.94 -32.96 -52.81
CA ARG L 275 -46.13 -33.77 -53.04
C ARG L 275 -46.22 -34.21 -54.50
N ARG L 276 -45.84 -33.34 -55.43
CA ARG L 276 -45.85 -33.72 -56.84
C ARG L 276 -44.88 -34.86 -57.12
N LYS L 277 -43.77 -34.93 -56.37
CA LYS L 277 -42.86 -36.06 -56.51
C LYS L 277 -43.55 -37.36 -56.11
N GLU L 278 -44.35 -37.33 -55.05
CA GLU L 278 -45.12 -38.50 -54.66
C GLU L 278 -46.16 -38.85 -55.73
N GLN L 279 -46.73 -37.82 -56.32
CA GLN L 279 -47.75 -38.06 -57.39
C GLN L 279 -47.09 -38.76 -58.58
N GLU L 280 -45.93 -38.31 -59.05
CA GLU L 280 -45.24 -38.96 -60.15
C GLU L 280 -44.75 -40.35 -59.77
N LEU L 281 -44.31 -40.55 -58.52
CA LEU L 281 -43.87 -41.86 -58.10
C LEU L 281 -45.03 -42.85 -58.11
N GLU L 282 -46.20 -42.42 -57.62
CA GLU L 282 -47.37 -43.28 -57.64
C GLU L 282 -47.78 -43.62 -59.06
N ARG L 283 -47.72 -42.64 -59.97
CA ARG L 283 -48.06 -42.92 -61.37
C ARG L 283 -47.06 -43.88 -61.99
N SER L 284 -45.77 -43.73 -61.66
CA SER L 284 -44.74 -44.61 -62.20
C SER L 284 -44.95 -46.05 -61.72
N GLN L 285 -45.33 -46.23 -60.46
CA GLN L 285 -45.62 -47.59 -59.98
C GLN L 285 -46.76 -48.22 -60.77
N GLU L 286 -47.84 -47.47 -61.01
CA GLU L 286 -48.95 -48.00 -61.78
C GLU L 286 -48.54 -48.35 -63.20
N GLN L 287 -47.71 -47.50 -63.82
CA GLN L 287 -47.26 -47.77 -65.18
C GLN L 287 -46.45 -49.05 -65.25
N ALA L 288 -45.53 -49.25 -64.29
CA ALA L 288 -44.72 -50.47 -64.28
C ALA L 288 -45.59 -51.70 -64.05
N LEU L 289 -46.57 -51.61 -63.15
CA LEU L 289 -47.45 -52.75 -62.91
C LEU L 289 -48.27 -53.07 -64.16
N ARG L 290 -48.74 -52.06 -64.87
CA ARG L 290 -49.49 -52.29 -66.10
C ARG L 290 -48.60 -52.95 -67.15
N GLU L 291 -47.34 -52.50 -67.27
CA GLU L 291 -46.43 -53.10 -68.22
C GLU L 291 -46.17 -54.57 -67.88
N LYS L 292 -46.02 -54.88 -66.60
CA LYS L 292 -45.83 -56.28 -66.20
C LYS L 292 -47.08 -57.10 -66.52
N ILE L 293 -48.26 -56.52 -66.32
CA ILE L 293 -49.50 -57.23 -66.60
C ILE L 293 -49.60 -57.55 -68.09
N ASP L 294 -49.27 -56.56 -68.94
CA ASP L 294 -49.44 -56.73 -70.37
C ASP L 294 -48.56 -57.85 -70.92
N SER L 295 -47.37 -58.03 -70.34
CA SER L 295 -46.42 -59.00 -70.86
C SER L 295 -46.94 -60.42 -70.75
N VAL L 296 -47.72 -60.71 -69.72
CA VAL L 296 -48.20 -62.08 -69.52
C VAL L 296 -49.49 -62.36 -70.30
N LEU L 297 -50.46 -61.45 -70.26
CA LEU L 297 -51.77 -61.69 -70.87
C LEU L 297 -51.75 -61.56 -72.38
N LEU L 298 -50.77 -60.86 -72.95
CA LEU L 298 -50.74 -60.67 -74.41
C LEU L 298 -50.57 -61.98 -75.18
N PRO L 299 -49.60 -62.85 -74.88
CA PRO L 299 -49.44 -64.05 -75.71
C PRO L 299 -50.51 -65.10 -75.47
N ILE L 300 -51.20 -65.08 -74.34
CA ILE L 300 -52.19 -66.11 -74.04
C ILE L 300 -53.58 -65.70 -74.53
N LEU L 301 -53.97 -64.45 -74.34
CA LEU L 301 -55.30 -63.99 -74.75
C LEU L 301 -55.31 -63.41 -76.16
N GLY L 302 -54.26 -62.69 -76.53
CA GLY L 302 -54.19 -62.09 -77.86
C GLY L 302 -54.29 -60.57 -77.79
N TYR L 303 -54.08 -59.95 -78.95
CA TYR L 303 -54.12 -58.51 -79.06
C TYR L 303 -55.57 -58.02 -79.13
N GLY L 304 -55.94 -57.12 -78.21
CA GLY L 304 -57.26 -56.53 -78.23
C GLY L 304 -58.36 -57.37 -77.65
N ASN L 305 -58.05 -58.44 -76.93
CA ASN L 305 -59.06 -59.31 -76.35
C ASN L 305 -59.19 -59.12 -74.84
N TYR L 306 -58.55 -58.10 -74.27
CA TYR L 306 -58.57 -57.90 -72.83
C TYR L 306 -58.28 -56.44 -72.52
N THR L 307 -58.75 -56.00 -71.35
CA THR L 307 -58.42 -54.69 -70.81
C THR L 307 -58.17 -54.82 -69.32
N ALA L 308 -57.24 -54.01 -68.82
CA ALA L 308 -56.88 -54.08 -67.40
C ALA L 308 -56.31 -52.74 -66.96
N GLN L 309 -56.61 -52.39 -65.71
CA GLN L 309 -56.06 -51.19 -65.08
C GLN L 309 -55.85 -51.48 -63.60
N VAL L 310 -54.85 -50.79 -63.03
CA VAL L 310 -54.46 -50.99 -61.63
C VAL L 310 -54.29 -49.62 -60.96
N ASP L 311 -54.33 -49.63 -59.63
CA ASP L 311 -54.00 -48.45 -58.85
C ASP L 311 -53.33 -48.88 -57.54
N ILE L 312 -52.50 -47.98 -57.00
CA ILE L 312 -51.79 -48.22 -55.75
C ILE L 312 -51.94 -46.99 -54.86
N GLN L 313 -52.25 -47.21 -53.59
CA GLN L 313 -52.35 -46.15 -52.59
C GLN L 313 -51.25 -46.35 -51.56
N MET L 314 -50.50 -45.29 -51.27
CA MET L 314 -49.36 -45.34 -50.36
C MET L 314 -49.40 -44.16 -49.40
N ASP L 315 -48.60 -44.27 -48.35
CA ASP L 315 -48.48 -43.23 -47.34
C ASP L 315 -47.02 -42.82 -47.19
N PHE L 316 -46.80 -41.57 -46.79
CA PHE L 316 -45.47 -40.98 -46.69
C PHE L 316 -45.24 -40.41 -45.30
N SER L 317 -45.59 -41.17 -44.27
CA SER L 317 -45.35 -40.76 -42.90
C SER L 317 -43.89 -41.01 -42.52
N ALA L 318 -43.53 -40.63 -41.30
CA ALA L 318 -42.18 -40.81 -40.81
C ALA L 318 -42.25 -41.24 -39.35
N VAL L 319 -41.88 -42.47 -39.06
CA VAL L 319 -42.00 -43.06 -37.73
C VAL L 319 -40.63 -43.47 -37.24
N GLU L 320 -40.30 -43.09 -36.00
CA GLU L 320 -39.08 -43.51 -35.33
C GLU L 320 -39.45 -44.23 -34.04
N GLN L 321 -38.75 -45.32 -33.74
CA GLN L 321 -39.09 -46.18 -32.62
C GLN L 321 -37.85 -46.42 -31.77
N THR L 322 -38.04 -46.37 -30.44
CA THR L 322 -36.98 -46.68 -29.49
C THR L 322 -37.54 -47.62 -28.43
N ARG L 323 -36.90 -48.77 -28.26
CA ARG L 323 -37.39 -49.80 -27.35
C ARG L 323 -36.30 -50.17 -26.35
N LYS L 324 -36.70 -50.40 -25.10
CA LYS L 324 -35.82 -50.85 -24.03
C LYS L 324 -36.53 -51.96 -23.28
N ARG L 325 -36.00 -53.18 -23.39
CA ARG L 325 -36.63 -54.36 -22.82
C ARG L 325 -35.79 -54.91 -21.67
N PHE L 326 -36.44 -55.63 -20.78
CA PHE L 326 -35.80 -56.23 -19.62
C PHE L 326 -36.26 -57.68 -19.49
N ASP L 327 -35.43 -58.48 -18.81
CA ASP L 327 -35.75 -59.89 -18.58
C ASP L 327 -35.88 -60.13 -17.08
N PRO L 328 -37.09 -60.15 -16.53
CA PRO L 328 -37.24 -60.32 -15.08
C PRO L 328 -37.15 -61.76 -14.60
N ASN L 329 -37.18 -62.74 -15.49
CA ASN L 329 -37.18 -64.14 -15.08
C ASN L 329 -35.80 -64.67 -14.75
N THR L 330 -34.74 -63.95 -15.11
CA THR L 330 -33.36 -64.39 -14.88
C THR L 330 -32.60 -63.29 -14.16
N PRO L 331 -32.81 -63.13 -12.86
CA PRO L 331 -32.05 -62.15 -12.08
C PRO L 331 -30.73 -62.71 -11.56
N ALA L 332 -29.74 -61.83 -11.50
CA ALA L 332 -28.41 -62.18 -11.03
C ALA L 332 -28.07 -61.32 -9.81
N THR L 333 -27.61 -61.98 -8.75
CA THR L 333 -27.31 -61.29 -7.51
C THR L 333 -25.87 -60.79 -7.50
N ARG L 334 -25.68 -59.57 -6.99
CA ARG L 334 -24.36 -58.96 -6.88
C ARG L 334 -23.90 -58.80 -5.44
N SER L 335 -24.72 -58.16 -4.60
CA SER L 335 -24.41 -57.99 -3.19
C SER L 335 -25.56 -58.53 -2.36
N GLU L 336 -25.23 -59.19 -1.25
CA GLU L 336 -26.24 -59.84 -0.41
C GLU L 336 -25.82 -59.72 1.04
N TYR L 337 -26.75 -59.28 1.89
CA TYR L 337 -26.55 -59.22 3.32
C TYR L 337 -27.75 -59.83 4.02
N ALA L 338 -27.50 -60.64 5.04
CA ALA L 338 -28.56 -61.37 5.72
C ALA L 338 -28.34 -61.33 7.23
N LEU L 339 -29.44 -61.42 7.97
CA LEU L 339 -29.40 -61.49 9.42
C LEU L 339 -30.57 -62.36 9.88
N GLU L 340 -30.27 -63.39 10.67
CA GLU L 340 -31.21 -64.41 11.09
C GLU L 340 -31.21 -64.57 12.60
N ASP L 341 -31.34 -63.45 13.30
CA ASP L 341 -31.29 -63.46 14.76
C ASP L 341 -32.43 -64.28 15.33
N TYR L 342 -32.09 -65.24 16.19
CA TYR L 342 -33.06 -66.07 16.87
C TYR L 342 -33.09 -65.72 18.36
N ASN L 343 -34.04 -66.31 19.07
CA ASN L 343 -34.15 -66.10 20.52
C ASN L 343 -34.95 -67.21 21.17
N VAL L 383 -37.05 -62.59 17.01
CA VAL L 383 -36.65 -63.29 15.80
C VAL L 383 -36.51 -62.32 14.64
N ARG L 384 -35.31 -61.74 14.49
CA ARG L 384 -35.09 -60.78 13.44
C ARG L 384 -34.67 -61.48 12.15
N LYS L 385 -35.39 -61.20 11.07
CA LYS L 385 -35.09 -61.76 9.75
C LYS L 385 -34.94 -60.60 8.78
N GLU L 386 -33.71 -60.18 8.53
CA GLU L 386 -33.43 -59.06 7.65
C GLU L 386 -32.63 -59.52 6.45
N SER L 387 -32.96 -58.97 5.28
CA SER L 387 -32.27 -59.30 4.04
C SER L 387 -32.15 -58.06 3.18
N THR L 388 -31.01 -57.93 2.50
CA THR L 388 -30.78 -56.81 1.58
C THR L 388 -29.98 -57.35 0.40
N ARG L 389 -30.60 -57.35 -0.78
CA ARG L 389 -29.97 -57.91 -1.97
C ARG L 389 -30.00 -56.89 -3.11
N ASN L 390 -28.96 -56.93 -3.93
CA ASN L 390 -28.87 -56.11 -5.14
C ASN L 390 -28.85 -57.01 -6.36
N PHE L 391 -29.54 -56.59 -7.41
CA PHE L 391 -29.72 -57.40 -8.60
C PHE L 391 -29.29 -56.63 -9.84
N GLU L 392 -28.84 -57.37 -10.85
CA GLU L 392 -28.54 -56.82 -12.16
C GLU L 392 -29.16 -57.71 -13.22
N LEU L 393 -29.81 -57.08 -14.20
CA LEU L 393 -30.63 -57.78 -15.17
C LEU L 393 -30.16 -57.49 -16.59
N ASP L 394 -30.64 -58.31 -17.53
CA ASP L 394 -30.31 -58.12 -18.93
C ASP L 394 -30.96 -56.84 -19.46
N THR L 395 -30.20 -56.12 -20.29
CA THR L 395 -30.67 -54.87 -20.87
C THR L 395 -30.56 -54.95 -22.39
N THR L 396 -31.63 -54.56 -23.08
CA THR L 396 -31.66 -54.56 -24.53
C THR L 396 -32.20 -53.23 -25.02
N ILE L 397 -31.48 -52.59 -25.94
CA ILE L 397 -31.87 -51.30 -26.49
C ILE L 397 -31.92 -51.41 -28.00
N SER L 398 -33.02 -50.93 -28.60
CA SER L 398 -33.23 -50.99 -30.03
C SER L 398 -33.70 -49.65 -30.54
N HIS L 399 -33.15 -49.22 -31.68
CA HIS L 399 -33.56 -47.99 -32.35
C HIS L 399 -33.88 -48.31 -33.79
N GLU L 400 -35.05 -47.89 -34.26
CA GLU L 400 -35.54 -48.25 -35.59
C GLU L 400 -36.08 -47.01 -36.29
N ARG L 401 -35.73 -46.88 -37.57
CA ARG L 401 -36.26 -45.83 -38.43
C ARG L 401 -37.00 -46.48 -39.59
N LYS L 402 -38.28 -46.15 -39.73
CA LYS L 402 -39.12 -46.80 -40.74
C LYS L 402 -38.92 -46.14 -42.11
N GLN L 403 -39.43 -46.82 -43.13
CA GLN L 403 -39.34 -46.33 -44.50
C GLN L 403 -40.47 -45.34 -44.79
N THR L 404 -40.31 -44.59 -45.88
CA THR L 404 -41.30 -43.63 -46.33
C THR L 404 -41.75 -44.03 -47.73
N GLY L 405 -43.03 -44.39 -47.86
CA GLY L 405 -43.57 -44.77 -49.15
C GLY L 405 -44.03 -46.22 -49.23
N THR L 406 -44.45 -46.77 -48.10
CA THR L 406 -44.93 -48.15 -48.09
C THR L 406 -46.28 -48.25 -48.77
N VAL L 407 -46.49 -49.36 -49.48
CA VAL L 407 -47.73 -49.60 -50.20
C VAL L 407 -48.81 -50.02 -49.20
N ALA L 408 -49.98 -49.38 -49.29
CA ALA L 408 -51.09 -49.66 -48.39
C ALA L 408 -52.09 -50.64 -49.00
N ARG L 409 -52.61 -50.29 -50.17
CA ARG L 409 -53.61 -51.16 -50.83
C ARG L 409 -53.32 -51.24 -52.33
N GLN L 410 -53.87 -52.27 -52.97
CA GLN L 410 -53.63 -52.53 -54.39
C GLN L 410 -54.84 -53.22 -54.98
N THR L 411 -55.39 -52.65 -56.04
CA THR L 411 -56.57 -53.20 -56.71
C THR L 411 -56.27 -53.45 -58.18
N VAL L 412 -56.66 -54.63 -58.66
CA VAL L 412 -56.48 -55.02 -60.05
C VAL L 412 -57.82 -55.54 -60.58
N SER L 413 -58.19 -55.09 -61.78
CA SER L 413 -59.43 -55.50 -62.43
C SER L 413 -59.13 -55.89 -63.87
N VAL L 414 -59.58 -57.09 -64.26
CA VAL L 414 -59.32 -57.65 -65.59
C VAL L 414 -60.65 -58.05 -66.22
N ALA L 415 -60.87 -57.59 -67.46
CA ALA L 415 -62.04 -57.95 -68.24
C ALA L 415 -61.60 -58.63 -69.52
N ILE L 416 -62.21 -59.78 -69.83
CA ILE L 416 -61.85 -60.59 -70.99
C ILE L 416 -63.03 -60.63 -71.94
N LYS L 417 -62.76 -60.41 -73.22
CA LYS L 417 -63.81 -60.45 -74.24
C LYS L 417 -64.34 -61.87 -74.38
N ASP L 418 -65.67 -61.96 -74.56
CA ASP L 418 -66.31 -63.25 -74.75
C ASP L 418 -66.45 -63.57 -76.24
N MET L 434 -66.28 -67.86 -71.75
CA MET L 434 -65.23 -68.54 -71.02
C MET L 434 -65.81 -69.30 -69.83
N SER L 435 -65.34 -70.53 -69.62
CA SER L 435 -65.81 -71.36 -68.52
C SER L 435 -65.15 -70.91 -67.22
N GLU L 436 -65.55 -71.54 -66.12
CA GLU L 436 -64.99 -71.18 -64.81
C GLU L 436 -63.55 -71.66 -64.65
N SER L 437 -63.20 -72.80 -65.26
CA SER L 437 -61.85 -73.33 -65.11
C SER L 437 -60.81 -72.40 -65.72
N GLU L 438 -61.09 -71.86 -66.91
CA GLU L 438 -60.16 -70.94 -67.54
C GLU L 438 -60.03 -69.65 -66.74
N ILE L 439 -61.14 -69.15 -66.19
CA ILE L 439 -61.07 -67.95 -65.35
C ILE L 439 -60.23 -68.21 -64.11
N ASN L 440 -60.41 -69.37 -63.47
CA ASN L 440 -59.62 -69.69 -62.29
C ASN L 440 -58.14 -69.82 -62.65
N ALA L 441 -57.83 -70.43 -63.79
CA ALA L 441 -56.44 -70.57 -64.21
C ALA L 441 -55.81 -69.21 -64.48
N ILE L 442 -56.55 -68.31 -65.14
CA ILE L 442 -56.05 -66.97 -65.40
C ILE L 442 -55.81 -66.22 -64.10
N ARG L 443 -56.74 -66.34 -63.14
CA ARG L 443 -56.55 -65.70 -61.84
C ARG L 443 -55.33 -66.25 -61.12
N GLN L 444 -55.13 -67.56 -61.18
CA GLN L 444 -53.96 -68.17 -60.54
C GLN L 444 -52.67 -67.67 -61.19
N VAL L 445 -52.66 -67.53 -62.51
CA VAL L 445 -51.48 -67.02 -63.20
C VAL L 445 -51.21 -65.58 -62.79
N LEU L 446 -52.27 -64.76 -62.73
CA LEU L 446 -52.08 -63.34 -62.43
C LEU L 446 -51.71 -63.11 -60.97
N ILE L 447 -52.06 -64.03 -60.08
CA ILE L 447 -51.72 -63.87 -58.68
C ILE L 447 -50.22 -63.75 -58.46
N GLY L 448 -49.42 -64.61 -59.09
CA GLY L 448 -47.98 -64.53 -59.00
C GLY L 448 -47.41 -63.28 -59.66
N THR L 449 -47.98 -62.91 -60.81
CA THR L 449 -47.49 -61.76 -61.54
C THR L 449 -47.74 -60.45 -60.80
N VAL L 450 -48.84 -60.34 -60.07
CA VAL L 450 -49.21 -59.11 -59.37
C VAL L 450 -48.63 -59.07 -57.96
N GLY L 451 -48.82 -60.12 -57.18
CA GLY L 451 -48.41 -60.13 -55.80
C GLY L 451 -49.58 -59.95 -54.87
N PHE L 452 -50.71 -60.57 -55.22
CA PHE L 452 -51.93 -60.44 -54.43
C PHE L 452 -51.71 -60.97 -53.01
N ASP L 453 -51.90 -60.10 -52.03
CA ASP L 453 -51.66 -60.43 -50.63
C ASP L 453 -52.89 -60.03 -49.85
N GLN L 454 -53.35 -60.92 -48.95
CA GLN L 454 -54.53 -60.64 -48.15
C GLN L 454 -54.26 -59.79 -46.91
N GLY L 455 -52.99 -59.66 -46.52
CA GLY L 455 -52.68 -58.89 -45.32
C GLY L 455 -52.97 -57.41 -45.49
N ARG L 456 -52.71 -56.86 -46.67
CA ARG L 456 -52.96 -55.46 -46.96
C ARG L 456 -54.36 -55.20 -47.49
N GLY L 457 -55.20 -56.22 -47.57
CA GLY L 457 -56.54 -56.06 -48.12
C GLY L 457 -56.56 -55.74 -49.60
N ASP L 458 -55.65 -56.33 -50.37
CA ASP L 458 -55.63 -56.10 -51.81
C ASP L 458 -56.81 -56.79 -52.48
N LEU L 459 -57.23 -56.24 -53.61
CA LEU L 459 -58.37 -56.74 -54.35
C LEU L 459 -57.93 -57.13 -55.76
N LEU L 460 -58.36 -58.32 -56.20
CA LEU L 460 -58.06 -58.79 -57.55
C LEU L 460 -59.32 -59.41 -58.13
N ASN L 461 -59.86 -58.79 -59.19
CA ASN L 461 -61.07 -59.25 -59.83
C ASN L 461 -60.77 -59.55 -61.29
N VAL L 462 -61.21 -60.72 -61.77
CA VAL L 462 -61.09 -61.12 -63.16
C VAL L 462 -62.45 -61.65 -63.62
N LEU L 463 -62.90 -61.18 -64.79
CA LEU L 463 -64.22 -61.55 -65.26
C LEU L 463 -64.30 -61.32 -66.76
N SER L 464 -65.35 -61.87 -67.37
CA SER L 464 -65.53 -61.84 -68.82
C SER L 464 -66.86 -61.19 -69.15
N VAL L 465 -66.82 -60.24 -70.09
CA VAL L 465 -68.02 -59.56 -70.57
C VAL L 465 -67.98 -59.51 -72.10
N LYS L 466 -69.14 -59.20 -72.68
CA LYS L 466 -69.26 -59.07 -74.13
C LYS L 466 -68.88 -57.66 -74.54
N PHE L 467 -67.95 -57.55 -75.48
CA PHE L 467 -67.48 -56.25 -75.94
C PHE L 467 -68.44 -55.68 -76.99
N ALA L 468 -68.02 -54.59 -77.63
CA ALA L 468 -68.85 -53.92 -78.66
C ALA L 468 -68.13 -53.99 -80.00
N GLU L 469 -68.81 -53.66 -81.10
CA GLU L 469 -68.19 -53.85 -82.44
C GLU L 469 -68.13 -52.54 -83.21
N PRO M 270 -32.58 -33.38 -52.82
CA PRO M 270 -33.03 -33.67 -51.46
C PRO M 270 -33.30 -35.15 -51.23
N ALA M 271 -34.49 -35.47 -50.73
CA ALA M 271 -34.87 -36.85 -50.46
C ALA M 271 -35.57 -37.53 -51.62
N SER M 272 -35.70 -36.84 -52.76
CA SER M 272 -36.39 -37.41 -53.91
C SER M 272 -35.56 -38.49 -54.59
N ALA M 273 -34.27 -38.56 -54.25
CA ALA M 273 -33.37 -39.55 -54.82
C ALA M 273 -33.17 -40.76 -53.94
N ALA M 274 -33.65 -40.73 -52.70
CA ALA M 274 -33.47 -41.87 -51.81
C ALA M 274 -34.51 -42.96 -52.06
N ARG M 275 -35.57 -42.65 -52.80
CA ARG M 275 -36.61 -43.64 -53.04
C ARG M 275 -36.53 -44.18 -54.47
N ARG M 276 -36.21 -43.32 -55.43
CA ARG M 276 -36.06 -43.79 -56.81
C ARG M 276 -34.92 -44.78 -56.95
N LYS M 277 -33.87 -44.63 -56.13
CA LYS M 277 -32.80 -45.61 -56.12
C LYS M 277 -33.31 -46.98 -55.68
N GLU M 278 -34.18 -47.01 -54.67
CA GLU M 278 -34.80 -48.25 -54.25
C GLU M 278 -35.68 -48.82 -55.35
N GLN M 279 -36.36 -47.94 -56.07
CA GLN M 279 -37.24 -48.39 -57.17
C GLN M 279 -36.40 -49.04 -58.26
N GLU M 280 -35.28 -48.45 -58.69
CA GLU M 280 -34.43 -49.06 -59.70
C GLU M 280 -33.77 -50.33 -59.18
N LEU M 281 -33.40 -50.37 -57.90
CA LEU M 281 -32.80 -51.59 -57.35
C LEU M 281 -33.80 -52.74 -57.36
N GLU M 282 -35.05 -52.47 -56.99
CA GLU M 282 -36.08 -53.50 -57.02
C GLU M 282 -36.33 -53.98 -58.44
N ARG M 283 -36.35 -53.06 -59.40
CA ARG M 283 -36.54 -53.47 -60.80
C ARG M 283 -35.35 -54.31 -61.28
N SER M 284 -34.13 -53.93 -60.89
CA SER M 284 -32.95 -54.69 -61.30
C SER M 284 -32.97 -56.10 -60.73
N GLN M 285 -33.41 -56.28 -59.48
CA GLN M 285 -33.53 -57.62 -58.93
C GLN M 285 -34.50 -58.48 -59.75
N GLU M 286 -35.66 -57.91 -60.11
CA GLU M 286 -36.63 -58.65 -60.90
C GLU M 286 -36.06 -59.01 -62.26
N GLN M 287 -35.32 -58.09 -62.88
CA GLN M 287 -34.74 -58.37 -64.19
C GLN M 287 -33.73 -59.52 -64.13
N ALA M 288 -32.88 -59.51 -63.10
CA ALA M 288 -31.90 -60.59 -62.95
C ALA M 288 -32.59 -61.92 -62.68
N LEU M 289 -33.64 -61.92 -61.86
CA LEU M 289 -34.34 -63.17 -61.60
C LEU M 289 -35.01 -63.69 -62.85
N ARG M 290 -35.59 -62.80 -63.67
CA ARG M 290 -36.19 -63.22 -64.93
C ARG M 290 -35.15 -63.80 -65.87
N GLU M 291 -33.97 -63.17 -65.93
CA GLU M 291 -32.90 -63.68 -66.79
C GLU M 291 -32.45 -65.07 -66.33
N LYS M 292 -32.34 -65.27 -65.01
CA LYS M 292 -31.99 -66.60 -64.52
C LYS M 292 -33.06 -67.62 -64.85
N ILE M 293 -34.33 -67.22 -64.75
CA ILE M 293 -35.43 -68.13 -65.07
C ILE M 293 -35.38 -68.55 -66.54
N ASP M 294 -35.12 -67.58 -67.42
CA ASP M 294 -35.16 -67.86 -68.86
C ASP M 294 -34.08 -68.86 -69.26
N SER M 295 -32.94 -68.82 -68.59
CA SER M 295 -31.81 -69.66 -68.99
C SER M 295 -32.12 -71.14 -68.81
N VAL M 296 -32.92 -71.49 -67.81
CA VAL M 296 -33.21 -72.89 -67.54
C VAL M 296 -34.38 -73.41 -68.38
N LEU M 297 -35.47 -72.65 -68.47
CA LEU M 297 -36.68 -73.14 -69.14
C LEU M 297 -36.57 -73.10 -70.66
N LEU M 298 -35.67 -72.30 -71.22
CA LEU M 298 -35.55 -72.19 -72.67
C LEU M 298 -35.14 -73.50 -73.34
N PRO M 299 -34.08 -74.19 -72.92
CA PRO M 299 -33.68 -75.41 -73.64
C PRO M 299 -34.60 -76.60 -73.40
N ILE M 300 -35.36 -76.61 -72.31
CA ILE M 300 -36.21 -77.75 -72.01
C ILE M 300 -37.60 -77.60 -72.61
N LEU M 301 -38.19 -76.41 -72.54
CA LEU M 301 -39.54 -76.20 -73.07
C LEU M 301 -39.52 -75.71 -74.50
N GLY M 302 -38.58 -74.85 -74.87
CA GLY M 302 -38.50 -74.34 -76.22
C GLY M 302 -38.82 -72.85 -76.28
N TYR M 303 -38.64 -72.28 -77.46
CA TYR M 303 -38.87 -70.86 -77.68
C TYR M 303 -40.36 -70.62 -77.88
N GLY M 304 -40.93 -69.73 -77.05
CA GLY M 304 -42.31 -69.35 -77.19
C GLY M 304 -43.34 -70.31 -76.63
N ASN M 305 -42.92 -71.28 -75.81
CA ASN M 305 -43.83 -72.25 -75.23
C ASN M 305 -44.09 -72.00 -73.75
N TYR M 306 -43.66 -70.86 -73.22
CA TYR M 306 -43.82 -70.57 -71.80
C TYR M 306 -43.77 -69.07 -71.58
N THR M 307 -44.38 -68.64 -70.47
CA THR M 307 -44.29 -67.26 -70.02
C THR M 307 -44.13 -67.25 -68.50
N ALA M 308 -43.38 -66.28 -67.99
CA ALA M 308 -43.12 -66.21 -66.56
C ALA M 308 -42.78 -64.78 -66.17
N GLN M 309 -43.23 -64.39 -64.98
CA GLN M 309 -42.91 -63.10 -64.41
C GLN M 309 -42.76 -63.25 -62.90
N VAL M 310 -41.93 -62.39 -62.31
CA VAL M 310 -41.62 -62.43 -60.88
C VAL M 310 -41.70 -61.02 -60.31
N ASP M 311 -41.83 -60.96 -58.99
CA ASP M 311 -41.75 -59.69 -58.27
C ASP M 311 -41.13 -59.93 -56.90
N ILE M 312 -40.48 -58.89 -56.36
CA ILE M 312 -39.84 -58.93 -55.06
C ILE M 312 -40.24 -57.68 -54.28
N GLN M 313 -40.60 -57.87 -53.01
CA GLN M 313 -40.93 -56.78 -52.11
C GLN M 313 -39.88 -56.74 -50.99
N MET M 314 -39.33 -55.55 -50.73
CA MET M 314 -38.27 -55.39 -49.76
C MET M 314 -38.55 -54.18 -48.88
N ASP M 315 -37.82 -54.08 -47.77
CA ASP M 315 -37.94 -52.98 -46.84
C ASP M 315 -36.57 -52.34 -46.63
N PHE M 316 -36.58 -51.06 -46.30
CA PHE M 316 -35.35 -50.26 -46.17
C PHE M 316 -35.31 -49.57 -44.81
N SER M 317 -35.62 -50.33 -43.76
CA SER M 317 -35.55 -49.79 -42.40
C SER M 317 -34.10 -49.79 -41.92
N ALA M 318 -33.90 -49.29 -40.70
CA ALA M 318 -32.56 -49.22 -40.11
C ALA M 318 -32.68 -49.56 -38.63
N VAL M 319 -32.14 -50.71 -38.23
CA VAL M 319 -32.29 -51.23 -36.88
C VAL M 319 -30.90 -51.39 -36.26
N GLU M 320 -30.73 -50.89 -35.05
CA GLU M 320 -29.51 -51.07 -34.26
C GLU M 320 -29.86 -51.76 -32.95
N GLN M 321 -29.03 -52.72 -32.54
CA GLN M 321 -29.32 -53.54 -31.38
C GLN M 321 -28.14 -53.53 -30.43
N THR M 322 -28.42 -53.43 -29.13
CA THR M 322 -27.40 -53.52 -28.10
C THR M 322 -27.89 -54.47 -27.01
N ARG M 323 -27.11 -55.49 -26.71
CA ARG M 323 -27.49 -56.53 -25.76
C ARG M 323 -26.44 -56.66 -24.67
N LYS M 324 -26.90 -56.87 -23.44
CA LYS M 324 -26.03 -57.10 -22.29
C LYS M 324 -26.62 -58.27 -21.50
N ARG M 325 -25.91 -59.40 -21.49
CA ARG M 325 -26.40 -60.63 -20.89
C ARG M 325 -25.57 -60.96 -19.65
N PHE M 326 -26.18 -61.73 -18.74
CA PHE M 326 -25.54 -62.15 -17.51
C PHE M 326 -25.78 -63.64 -17.31
N ASP M 327 -24.90 -64.26 -16.52
CA ASP M 327 -25.01 -65.68 -16.20
C ASP M 327 -25.22 -65.84 -14.71
N PRO M 328 -26.45 -66.02 -14.22
CA PRO M 328 -26.69 -66.12 -12.78
C PRO M 328 -26.42 -67.49 -12.19
N ASN M 329 -26.24 -68.53 -13.02
CA ASN M 329 -26.06 -69.88 -12.50
C ASN M 329 -24.63 -70.16 -12.05
N THR M 330 -23.66 -69.31 -12.40
CA THR M 330 -22.26 -69.53 -12.05
C THR M 330 -21.72 -68.28 -11.36
N PRO M 331 -22.06 -68.08 -10.08
CA PRO M 331 -21.52 -66.94 -9.35
C PRO M 331 -20.18 -67.26 -8.70
N ALA M 332 -19.32 -66.24 -8.63
CA ALA M 332 -17.99 -66.34 -8.06
C ALA M 332 -17.88 -65.38 -6.89
N THR M 333 -17.42 -65.89 -5.75
CA THR M 333 -17.30 -65.08 -4.54
C THR M 333 -15.96 -64.36 -4.48
N ARG M 334 -15.99 -63.11 -4.04
CA ARG M 334 -14.80 -62.29 -3.90
C ARG M 334 -14.47 -61.98 -2.45
N SER M 335 -15.43 -61.42 -1.71
CA SER M 335 -15.26 -61.12 -0.30
C SER M 335 -16.38 -61.77 0.49
N GLU M 336 -16.03 -62.31 1.66
CA GLU M 336 -16.98 -63.04 2.48
C GLU M 336 -16.70 -62.78 3.95
N TYR M 337 -17.75 -62.44 4.70
CA TYR M 337 -17.66 -62.25 6.14
C TYR M 337 -18.81 -63.00 6.79
N ALA M 338 -18.51 -63.69 7.89
CA ALA M 338 -19.51 -64.53 8.55
C ALA M 338 -19.40 -64.37 10.05
N LEU M 339 -20.53 -64.59 10.73
CA LEU M 339 -20.60 -64.56 12.18
C LEU M 339 -21.65 -65.58 12.63
N GLU M 340 -21.25 -66.49 13.51
CA GLU M 340 -22.06 -67.63 13.94
C GLU M 340 -22.14 -67.68 15.46
N ASP M 341 -22.50 -66.56 16.06
CA ASP M 341 -22.55 -66.45 17.52
C ASP M 341 -23.60 -67.41 18.08
N TYR M 342 -23.18 -68.25 19.02
CA TYR M 342 -24.06 -69.18 19.70
C TYR M 342 -24.25 -68.74 21.16
N ASN M 343 -25.16 -69.43 21.85
CA ASN M 343 -25.41 -69.15 23.26
C ASN M 343 -26.07 -70.34 23.94
N VAL M 383 -28.53 -66.35 19.33
CA VAL M 383 -27.93 -67.07 18.20
C VAL M 383 -27.86 -66.15 16.99
N ARG M 384 -26.76 -65.41 16.89
CA ARG M 384 -26.60 -64.48 15.77
C ARG M 384 -25.98 -65.18 14.57
N LYS M 385 -26.66 -65.09 13.43
CA LYS M 385 -26.18 -65.68 12.18
C LYS M 385 -26.13 -64.58 11.13
N GLU M 386 -24.96 -63.98 10.94
CA GLU M 386 -24.79 -62.89 10.00
C GLU M 386 -23.84 -63.30 8.87
N SER M 387 -24.17 -62.87 7.65
CA SER M 387 -23.35 -63.18 6.49
C SER M 387 -23.35 -61.98 5.55
N THR M 388 -22.20 -61.73 4.93
CA THR M 388 -22.06 -60.65 3.96
C THR M 388 -21.11 -61.12 2.87
N ARG M 389 -21.63 -61.28 1.65
CA ARG M 389 -20.85 -61.81 0.55
C ARG M 389 -20.95 -60.89 -0.65
N ASN M 390 -19.85 -60.82 -1.41
CA ASN M 390 -19.80 -60.06 -2.65
C ASN M 390 -19.55 -61.02 -3.81
N PHE M 391 -20.22 -60.79 -4.93
CA PHE M 391 -20.19 -61.68 -6.07
C PHE M 391 -19.78 -60.93 -7.33
N GLU M 392 -19.15 -61.66 -8.25
CA GLU M 392 -18.84 -61.15 -9.58
C GLU M 392 -19.24 -62.19 -10.61
N LEU M 393 -19.91 -61.74 -11.67
CA LEU M 393 -20.55 -62.61 -12.64
C LEU M 393 -20.02 -62.33 -14.04
N ASP M 394 -20.29 -63.27 -14.95
CA ASP M 394 -19.90 -63.12 -16.34
C ASP M 394 -20.67 -61.99 -16.99
N THR M 395 -20.00 -61.21 -17.82
CA THR M 395 -20.60 -60.08 -18.53
C THR M 395 -20.36 -60.25 -20.02
N THR M 396 -21.42 -60.07 -20.81
CA THR M 396 -21.34 -60.16 -22.26
C THR M 396 -22.04 -58.96 -22.87
N ILE M 397 -21.36 -58.28 -23.79
CA ILE M 397 -21.89 -57.09 -24.45
C ILE M 397 -21.82 -57.31 -25.95
N SER M 398 -22.92 -57.04 -26.64
CA SER M 398 -23.02 -57.23 -28.08
C SER M 398 -23.65 -55.99 -28.72
N HIS M 399 -23.09 -55.57 -29.85
CA HIS M 399 -23.62 -54.46 -30.63
C HIS M 399 -23.78 -54.91 -32.07
N GLU M 400 -24.97 -54.71 -32.63
CA GLU M 400 -25.29 -55.20 -33.96
C GLU M 400 -25.96 -54.12 -34.79
N ARG M 401 -25.55 -54.02 -36.05
CA ARG M 401 -26.16 -53.12 -37.02
C ARG M 401 -26.71 -53.94 -38.16
N LYS M 402 -28.01 -53.83 -38.41
CA LYS M 402 -28.66 -54.65 -39.42
C LYS M 402 -28.46 -54.06 -40.81
N GLN M 403 -28.79 -54.87 -41.82
CA GLN M 403 -28.67 -54.45 -43.21
C GLN M 403 -29.91 -53.67 -43.64
N THR M 404 -29.78 -52.98 -44.77
CA THR M 404 -30.87 -52.21 -45.36
C THR M 404 -31.15 -52.76 -46.75
N GLY M 405 -32.35 -53.32 -46.93
CA GLY M 405 -32.73 -53.86 -48.22
C GLY M 405 -32.96 -55.35 -48.22
N THR M 406 -33.38 -55.90 -47.08
CA THR M 406 -33.64 -57.33 -47.00
C THR M 406 -34.92 -57.69 -47.77
N VAL M 407 -34.89 -58.85 -48.41
CA VAL M 407 -36.04 -59.33 -49.18
C VAL M 407 -37.11 -59.84 -48.23
N ALA M 408 -38.35 -59.40 -48.43
CA ALA M 408 -39.47 -59.79 -47.59
C ALA M 408 -40.27 -60.94 -48.18
N ARG M 409 -40.75 -60.75 -49.41
CA ARG M 409 -41.56 -61.81 -50.08
C ARG M 409 -41.15 -61.94 -51.54
N GLN M 410 -41.49 -63.08 -52.13
CA GLN M 410 -41.11 -63.38 -53.51
C GLN M 410 -42.15 -64.29 -54.13
N THR M 411 -42.70 -63.88 -55.26
CA THR M 411 -43.73 -64.63 -55.97
C THR M 411 -43.29 -64.92 -57.40
N VAL M 412 -43.46 -66.18 -57.81
CA VAL M 412 -43.12 -66.63 -59.15
C VAL M 412 -44.33 -67.38 -59.73
N SER M 413 -44.67 -67.06 -60.98
CA SER M 413 -45.78 -67.71 -61.67
C SER M 413 -45.32 -68.14 -63.06
N VAL M 414 -45.55 -69.40 -63.40
CA VAL M 414 -45.12 -69.99 -64.66
C VAL M 414 -46.32 -70.63 -65.34
N ALA M 415 -46.51 -70.29 -66.62
CA ALA M 415 -47.57 -70.87 -67.45
C ALA M 415 -46.93 -71.57 -68.65
N ILE M 416 -47.34 -72.80 -68.91
CA ILE M 416 -46.78 -73.62 -69.98
C ILE M 416 -47.86 -73.90 -71.00
N LYS M 417 -47.53 -73.71 -72.28
CA LYS M 417 -48.49 -73.99 -73.35
C LYS M 417 -48.80 -75.48 -73.43
N ASP M 418 -50.07 -75.78 -73.68
CA ASP M 418 -50.51 -77.17 -73.81
C ASP M 418 -50.48 -77.59 -75.28
N MET M 434 -50.01 -81.52 -70.50
CA MET M 434 -48.92 -81.99 -69.65
C MET M 434 -49.46 -82.74 -68.44
N SER M 435 -48.83 -83.87 -68.13
CA SER M 435 -49.25 -84.70 -67.00
C SER M 435 -48.77 -84.07 -65.69
N GLU M 436 -49.15 -84.68 -64.57
CA GLU M 436 -48.75 -84.17 -63.27
C GLU M 436 -47.27 -84.41 -62.99
N SER M 437 -46.71 -85.52 -63.49
CA SER M 437 -45.31 -85.82 -63.22
C SER M 437 -44.38 -84.78 -63.83
N GLU M 438 -44.65 -84.36 -65.07
CA GLU M 438 -43.82 -83.35 -65.70
C GLU M 438 -43.94 -82.01 -64.98
N ILE M 439 -45.14 -81.65 -64.54
CA ILE M 439 -45.33 -80.41 -63.79
C ILE M 439 -44.54 -80.46 -62.48
N ASN M 440 -44.61 -81.59 -61.77
CA ASN M 440 -43.86 -81.72 -60.53
C ASN M 440 -42.36 -81.63 -60.78
N ALA M 441 -41.87 -82.27 -61.85
CA ALA M 441 -40.45 -82.20 -62.17
C ALA M 441 -40.01 -80.79 -62.50
N ILE M 442 -40.83 -80.05 -63.26
CA ILE M 442 -40.51 -78.67 -63.59
C ILE M 442 -40.49 -77.81 -62.33
N ARG M 443 -41.45 -78.02 -61.43
CA ARG M 443 -41.47 -77.27 -60.17
C ARG M 443 -40.23 -77.58 -59.34
N GLN M 444 -39.83 -78.86 -59.28
CA GLN M 444 -38.64 -79.23 -58.53
C GLN M 444 -37.39 -78.58 -59.13
N VAL M 445 -37.31 -78.53 -60.46
CA VAL M 445 -36.17 -77.88 -61.11
C VAL M 445 -36.15 -76.40 -60.78
N LEU M 446 -37.31 -75.74 -60.85
CA LEU M 446 -37.36 -74.30 -60.64
C LEU M 446 -37.15 -73.92 -59.19
N ILE M 447 -37.40 -74.84 -58.25
CA ILE M 447 -37.21 -74.53 -56.84
C ILE M 447 -35.76 -74.17 -56.55
N GLY M 448 -34.80 -74.93 -57.06
CA GLY M 448 -33.40 -74.62 -56.87
C GLY M 448 -32.98 -73.36 -57.60
N THR M 449 -33.51 -73.15 -58.80
CA THR M 449 -33.14 -71.97 -59.58
C THR M 449 -33.64 -70.68 -58.95
N VAL M 450 -34.79 -70.70 -58.29
CA VAL M 450 -35.40 -69.50 -57.72
C VAL M 450 -34.92 -69.28 -56.28
N GLY M 451 -35.03 -70.31 -55.45
CA GLY M 451 -34.72 -70.16 -54.04
C GLY M 451 -35.97 -70.11 -53.20
N PHE M 452 -36.96 -70.92 -53.58
CA PHE M 452 -38.24 -70.93 -52.87
C PHE M 452 -38.05 -71.33 -51.42
N ASP M 453 -38.45 -70.44 -50.50
CA ASP M 453 -38.26 -70.64 -49.08
C ASP M 453 -39.60 -70.38 -48.40
N GLN M 454 -39.98 -71.27 -47.48
CA GLN M 454 -41.25 -71.13 -46.78
C GLN M 454 -41.18 -70.18 -45.59
N GLY M 455 -39.99 -69.83 -45.13
CA GLY M 455 -39.89 -68.94 -43.97
C GLY M 455 -40.39 -67.54 -44.26
N ARG M 456 -40.13 -67.05 -45.46
CA ARG M 456 -40.56 -65.71 -45.87
C ARG M 456 -41.93 -65.70 -46.50
N GLY M 457 -42.61 -66.84 -46.57
CA GLY M 457 -43.91 -66.93 -47.21
C GLY M 457 -43.87 -66.70 -48.71
N ASP M 458 -42.82 -67.19 -49.37
CA ASP M 458 -42.73 -67.05 -50.82
C ASP M 458 -43.74 -67.96 -51.51
N LEU M 459 -44.15 -67.55 -52.71
CA LEU M 459 -45.16 -68.27 -53.48
C LEU M 459 -44.55 -68.67 -54.82
N LEU M 460 -44.76 -69.93 -55.21
CA LEU M 460 -44.31 -70.44 -56.50
C LEU M 460 -45.42 -71.27 -57.11
N ASN M 461 -45.95 -70.80 -58.23
CA ASN M 461 -47.03 -71.50 -58.93
C ASN M 461 -46.59 -71.83 -60.34
N VAL M 462 -46.81 -73.08 -60.75
CA VAL M 462 -46.53 -73.53 -62.11
C VAL M 462 -47.75 -74.30 -62.61
N LEU M 463 -48.19 -73.97 -63.82
CA LEU M 463 -49.40 -74.57 -64.36
C LEU M 463 -49.40 -74.46 -65.88
N SER M 464 -50.30 -75.20 -66.50
CA SER M 464 -50.38 -75.29 -67.96
C SER M 464 -51.77 -74.88 -68.43
N VAL M 465 -51.80 -73.99 -69.43
CA VAL M 465 -53.05 -73.52 -70.04
C VAL M 465 -52.91 -73.56 -71.55
N LYS M 466 -54.04 -73.48 -72.23
CA LYS M 466 -54.08 -73.45 -73.69
C LYS M 466 -53.89 -72.03 -74.17
N PHE M 467 -52.91 -71.83 -75.06
CA PHE M 467 -52.62 -70.50 -75.59
C PHE M 467 -53.56 -70.16 -76.73
N ALA M 468 -53.27 -69.06 -77.41
CA ALA M 468 -54.11 -68.58 -78.53
C ALA M 468 -53.29 -68.63 -79.82
N GLU M 469 -53.93 -68.48 -80.98
CA GLU M 469 -53.19 -68.65 -82.27
C GLU M 469 -53.27 -67.39 -83.13
N PRO N 270 -23.25 -41.16 -52.06
CA PRO N 270 -23.75 -41.43 -50.71
C PRO N 270 -23.82 -42.92 -50.39
N ALA N 271 -24.98 -43.38 -49.94
CA ALA N 271 -25.17 -44.79 -49.59
C ALA N 271 -25.68 -45.63 -50.75
N SER N 272 -25.83 -45.05 -51.93
CA SER N 272 -26.33 -45.79 -53.09
C SER N 272 -25.31 -46.78 -53.62
N ALA N 273 -24.05 -46.62 -53.21
CA ALA N 273 -22.97 -47.49 -53.64
C ALA N 273 -22.67 -48.62 -52.67
N ALA N 274 -23.24 -48.57 -51.46
CA ALA N 274 -22.95 -49.61 -50.48
C ALA N 274 -23.79 -50.86 -50.72
N ARG N 275 -24.84 -50.76 -51.54
CA ARG N 275 -25.69 -51.92 -51.78
C ARG N 275 -25.43 -52.52 -53.15
N ARG N 276 -25.17 -51.69 -54.16
CA ARG N 276 -24.86 -52.21 -55.48
C ARG N 276 -23.57 -53.02 -55.47
N LYS N 277 -22.62 -52.66 -54.60
CA LYS N 277 -21.42 -53.47 -54.46
C LYS N 277 -21.75 -54.87 -53.96
N GLU N 278 -22.68 -54.96 -53.00
CA GLU N 278 -23.13 -56.26 -52.53
C GLU N 278 -23.84 -57.03 -53.64
N GLN N 279 -24.59 -56.30 -54.45
CA GLN N 279 -25.32 -56.95 -55.56
C GLN N 279 -24.31 -57.54 -56.56
N GLU N 280 -23.27 -56.82 -56.95
CA GLU N 280 -22.26 -57.35 -57.87
C GLU N 280 -21.45 -58.46 -57.21
N LEU N 281 -21.18 -58.37 -55.92
CA LEU N 281 -20.44 -59.45 -55.24
C LEU N 281 -21.26 -60.73 -55.23
N GLU N 282 -22.56 -60.63 -54.95
CA GLU N 282 -23.42 -61.80 -54.97
C GLU N 282 -23.49 -62.41 -56.37
N ARG N 283 -23.58 -61.56 -57.40
CA ARG N 283 -23.60 -62.09 -58.76
C ARG N 283 -22.27 -62.76 -59.12
N SER N 284 -21.15 -62.19 -58.68
CA SER N 284 -19.85 -62.77 -58.94
C SER N 284 -19.69 -64.14 -58.29
N GLN N 285 -20.20 -64.29 -57.05
CA GLN N 285 -20.16 -65.60 -56.41
C GLN N 285 -20.93 -66.64 -57.22
N GLU N 286 -22.13 -66.29 -57.69
CA GLU N 286 -22.92 -67.22 -58.49
C GLU N 286 -22.20 -67.58 -59.79
N GLN N 287 -21.57 -66.58 -60.43
CA GLN N 287 -20.86 -66.86 -61.68
C GLN N 287 -19.70 -67.83 -61.45
N ALA N 288 -18.94 -67.63 -60.38
CA ALA N 288 -17.82 -68.53 -60.09
C ALA N 288 -18.32 -69.94 -59.78
N LEU N 289 -19.41 -70.05 -59.02
CA LEU N 289 -19.95 -71.37 -58.71
C LEU N 289 -20.43 -72.07 -59.97
N ARG N 290 -21.07 -71.32 -60.88
CA ARG N 290 -21.52 -71.91 -62.14
C ARG N 290 -20.32 -72.38 -62.97
N GLU N 291 -19.26 -71.59 -63.01
CA GLU N 291 -18.06 -71.99 -63.75
C GLU N 291 -17.45 -73.25 -63.16
N LYS N 292 -17.40 -73.36 -61.84
CA LYS N 292 -16.89 -74.57 -61.22
C LYS N 292 -17.78 -75.77 -61.53
N ILE N 293 -19.10 -75.56 -61.56
CA ILE N 293 -20.02 -76.65 -61.87
C ILE N 293 -19.80 -77.14 -63.30
N ASP N 294 -19.64 -76.21 -64.23
CA ASP N 294 -19.53 -76.58 -65.64
C ASP N 294 -18.29 -77.42 -65.90
N SER N 295 -17.21 -77.16 -65.17
CA SER N 295 -15.94 -77.85 -65.44
C SER N 295 -16.05 -79.35 -65.17
N VAL N 296 -16.86 -79.75 -64.20
CA VAL N 296 -16.96 -81.16 -63.85
C VAL N 296 -17.97 -81.90 -64.71
N LEU N 297 -19.16 -81.34 -64.93
CA LEU N 297 -20.22 -82.04 -65.63
C LEU N 297 -20.01 -82.08 -67.14
N LEU N 298 -19.20 -81.18 -67.70
CA LEU N 298 -19.00 -81.15 -69.15
C LEU N 298 -18.35 -82.42 -69.68
N PRO N 299 -17.23 -82.91 -69.15
CA PRO N 299 -16.61 -84.10 -69.75
C PRO N 299 -17.34 -85.40 -69.48
N ILE N 300 -18.18 -85.46 -68.46
CA ILE N 300 -18.87 -86.70 -68.12
C ILE N 300 -20.23 -86.80 -68.82
N LEU N 301 -20.98 -85.71 -68.87
CA LEU N 301 -22.30 -85.74 -69.49
C LEU N 301 -22.26 -85.34 -70.96
N GLY N 302 -21.42 -84.38 -71.32
CA GLY N 302 -21.32 -83.95 -72.70
C GLY N 302 -21.87 -82.53 -72.88
N TYR N 303 -21.67 -82.02 -74.09
CA TYR N 303 -22.11 -80.67 -74.43
C TYR N 303 -23.60 -80.66 -74.74
N GLY N 304 -24.35 -79.83 -74.02
CA GLY N 304 -25.76 -79.67 -74.27
C GLY N 304 -26.67 -80.74 -73.71
N ASN N 305 -26.17 -81.58 -72.79
CA ASN N 305 -26.96 -82.64 -72.20
C ASN N 305 -27.37 -82.34 -70.76
N TYR N 306 -27.15 -81.11 -70.29
CA TYR N 306 -27.45 -80.76 -68.91
C TYR N 306 -27.64 -79.26 -68.80
N THR N 307 -28.38 -78.86 -67.77
CA THR N 307 -28.55 -77.46 -67.41
C THR N 307 -28.49 -77.33 -65.89
N ALA N 308 -27.93 -76.23 -65.41
CA ALA N 308 -27.79 -76.02 -63.97
C ALA N 308 -27.71 -74.54 -63.67
N GLN N 309 -28.28 -74.15 -62.54
CA GLN N 309 -28.20 -72.79 -62.04
C GLN N 309 -28.14 -72.81 -60.53
N VAL N 310 -27.49 -71.80 -59.95
CA VAL N 310 -27.28 -71.71 -58.51
C VAL N 310 -27.61 -70.30 -58.04
N ASP N 311 -27.85 -70.16 -56.74
CA ASP N 311 -28.01 -68.86 -56.11
C ASP N 311 -27.45 -68.91 -54.70
N ILE N 312 -27.01 -67.75 -54.21
CA ILE N 312 -26.47 -67.61 -52.86
C ILE N 312 -27.09 -66.40 -52.20
N GLN N 313 -27.52 -66.56 -50.95
CA GLN N 313 -28.07 -65.47 -50.14
C GLN N 313 -27.13 -65.21 -48.97
N MET N 314 -26.78 -63.94 -48.77
CA MET N 314 -25.82 -63.54 -47.74
C MET N 314 -26.35 -62.34 -46.98
N ASP N 315 -25.72 -62.07 -45.84
CA ASP N 315 -26.06 -60.93 -44.99
C ASP N 315 -24.82 -60.09 -44.75
N PHE N 316 -25.04 -58.80 -44.52
CA PHE N 316 -23.97 -57.82 -44.36
C PHE N 316 -24.12 -57.04 -43.06
N SER N 317 -24.39 -57.77 -41.98
CA SER N 317 -24.50 -57.15 -40.67
C SER N 317 -23.11 -56.89 -40.09
N ALA N 318 -23.07 -56.28 -38.90
CA ALA N 318 -21.81 -55.98 -38.24
C ALA N 318 -21.98 -56.24 -36.75
N VAL N 319 -21.31 -57.26 -36.23
CA VAL N 319 -21.48 -57.71 -34.86
C VAL N 319 -20.13 -57.62 -34.15
N GLU N 320 -20.11 -57.02 -32.96
CA GLU N 320 -18.95 -56.97 -32.10
C GLU N 320 -19.29 -57.61 -30.76
N GLN N 321 -18.36 -58.40 -30.24
CA GLN N 321 -18.60 -59.18 -29.04
C GLN N 321 -17.50 -58.94 -28.02
N THR N 322 -17.90 -58.80 -26.75
CA THR N 322 -16.95 -58.66 -25.65
C THR N 322 -17.37 -59.60 -24.53
N ARG N 323 -16.47 -60.47 -24.10
CA ARG N 323 -16.76 -61.50 -23.11
C ARG N 323 -15.78 -61.40 -21.94
N LYS N 324 -16.29 -61.59 -20.73
CA LYS N 324 -15.49 -61.62 -19.52
C LYS N 324 -15.95 -62.81 -18.69
N ARG N 325 -15.09 -63.82 -18.54
CA ARG N 325 -15.43 -65.07 -17.88
C ARG N 325 -14.65 -65.20 -16.58
N PHE N 326 -15.21 -65.98 -15.66
CA PHE N 326 -14.60 -66.22 -14.36
C PHE N 326 -14.63 -67.71 -14.07
N ASP N 327 -13.73 -68.14 -13.19
CA ASP N 327 -13.65 -69.55 -12.76
C ASP N 327 -13.93 -69.64 -11.27
N PRO N 328 -15.16 -69.97 -10.86
CA PRO N 328 -15.48 -70.01 -9.44
C PRO N 328 -15.06 -71.28 -8.73
N ASN N 329 -14.66 -72.33 -9.46
CA ASN N 329 -14.33 -73.60 -8.84
C ASN N 329 -12.91 -73.64 -8.28
N THR N 330 -12.06 -72.68 -8.63
CA THR N 330 -10.66 -72.65 -8.17
C THR N 330 -10.37 -71.29 -7.55
N PRO N 331 -10.82 -71.07 -6.32
CA PRO N 331 -10.51 -69.81 -5.63
C PRO N 331 -9.18 -69.88 -4.89
N ALA N 332 -8.50 -68.74 -4.84
CA ALA N 332 -7.21 -68.60 -4.18
C ALA N 332 -7.33 -67.56 -3.08
N THR N 333 -6.88 -67.92 -1.88
CA THR N 333 -6.98 -67.03 -0.73
C THR N 333 -5.77 -66.11 -0.64
N ARG N 334 -6.02 -64.85 -0.30
CA ARG N 334 -4.97 -63.86 -0.14
C ARG N 334 -4.79 -63.40 1.30
N SER N 335 -5.87 -62.95 1.94
CA SER N 335 -5.86 -62.53 3.33
C SER N 335 -6.92 -63.31 4.10
N GLU N 336 -6.58 -63.71 5.32
CA GLU N 336 -7.48 -64.52 6.13
C GLU N 336 -7.34 -64.13 7.59
N TYR N 337 -8.48 -63.91 8.25
CA TYR N 337 -8.52 -63.62 9.68
C TYR N 337 -9.59 -64.49 10.31
N ALA N 338 -9.27 -65.06 11.47
CA ALA N 338 -10.18 -66.00 12.13
C ALA N 338 -10.21 -65.73 13.63
N LEU N 339 -11.33 -66.07 14.24
CA LEU N 339 -11.51 -65.96 15.68
C LEU N 339 -12.42 -67.09 16.13
N GLU N 340 -11.97 -67.88 17.10
CA GLU N 340 -12.63 -69.10 17.57
C GLU N 340 -12.81 -69.06 19.08
N ASP N 341 -13.38 -67.96 19.57
CA ASP N 341 -13.54 -67.79 21.01
C ASP N 341 -14.48 -68.85 21.58
N TYR N 342 -14.01 -69.56 22.59
CA TYR N 342 -14.78 -70.57 23.29
C TYR N 342 -15.14 -70.08 24.69
N ASN N 343 -15.98 -70.85 25.37
CA ASN N 343 -16.37 -70.52 26.74
C ASN N 343 -16.90 -71.75 27.47
N VAL N 383 -19.59 -68.49 22.43
CA VAL N 383 -18.81 -69.17 21.41
C VAL N 383 -18.78 -68.34 20.14
N ARG N 384 -17.81 -67.44 20.04
CA ARG N 384 -17.70 -66.57 18.87
C ARG N 384 -16.90 -67.25 17.77
N LYS N 385 -17.50 -67.33 16.58
CA LYS N 385 -16.85 -67.92 15.41
C LYS N 385 -16.89 -66.90 14.29
N GLU N 386 -15.81 -66.14 14.12
CA GLU N 386 -15.73 -65.09 13.12
C GLU N 386 -14.66 -65.42 12.09
N SER N 387 -14.96 -65.14 10.83
CA SER N 387 -14.02 -65.38 9.73
C SER N 387 -14.13 -64.27 8.71
N THR N 388 -12.98 -63.87 8.16
CA THR N 388 -12.94 -62.84 7.11
C THR N 388 -11.86 -63.23 6.13
N ARG N 389 -12.26 -63.56 4.90
CA ARG N 389 -11.33 -64.02 3.88
C ARG N 389 -11.48 -63.21 2.61
N ASN N 390 -10.35 -63.01 1.92
CA ASN N 390 -10.32 -62.34 0.63
C ASN N 390 -9.84 -63.33 -0.44
N PHE N 391 -10.47 -63.27 -1.61
CA PHE N 391 -10.21 -64.22 -2.67
C PHE N 391 -9.83 -63.50 -3.95
N GLU N 392 -9.04 -64.17 -4.78
CA GLU N 392 -8.71 -63.70 -6.12
C GLU N 392 -8.88 -64.85 -7.09
N LEU N 393 -9.53 -64.57 -8.23
CA LEU N 393 -9.95 -65.60 -9.17
C LEU N 393 -9.38 -65.33 -10.55
N ASP N 394 -9.44 -66.36 -11.40
CA ASP N 394 -8.97 -66.24 -12.77
C ASP N 394 -9.86 -65.29 -13.56
N THR N 395 -9.25 -64.46 -14.39
CA THR N 395 -9.96 -63.49 -15.22
C THR N 395 -9.59 -63.71 -16.68
N THR N 396 -10.60 -63.75 -17.54
CA THR N 396 -10.41 -63.92 -18.97
C THR N 396 -11.24 -62.88 -19.71
N ILE N 397 -10.59 -62.17 -20.64
CA ILE N 397 -11.24 -61.11 -21.41
C ILE N 397 -11.04 -61.42 -22.89
N SER N 398 -12.12 -61.37 -23.66
CA SER N 398 -12.07 -61.65 -25.09
C SER N 398 -12.83 -60.57 -25.85
N HIS N 399 -12.26 -60.14 -26.97
CA HIS N 399 -12.90 -59.18 -27.86
C HIS N 399 -12.89 -59.74 -29.27
N GLU N 400 -14.04 -59.75 -29.92
CA GLU N 400 -14.20 -60.38 -31.23
C GLU N 400 -14.95 -59.47 -32.17
N ARG N 401 -14.47 -59.38 -33.41
CA ARG N 401 -15.13 -58.64 -34.47
C ARG N 401 -15.47 -59.61 -35.60
N LYS N 402 -16.75 -59.72 -35.92
CA LYS N 402 -17.21 -60.69 -36.91
C LYS N 402 -16.99 -60.16 -38.33
N GLN N 403 -17.12 -61.08 -39.29
CA GLN N 403 -16.97 -60.74 -40.70
C GLN N 403 -18.28 -60.18 -41.26
N THR N 404 -18.17 -59.56 -42.43
CA THR N 404 -19.32 -59.00 -43.14
C THR N 404 -19.42 -59.67 -44.50
N GLY N 405 -20.49 -60.42 -44.71
CA GLY N 405 -20.71 -61.09 -45.98
C GLY N 405 -20.71 -62.60 -45.89
N THR N 406 -21.11 -63.14 -44.75
CA THR N 406 -21.17 -64.58 -44.56
C THR N 406 -22.31 -65.17 -45.39
N VAL N 407 -22.08 -66.36 -45.93
CA VAL N 407 -23.09 -67.05 -46.74
C VAL N 407 -24.14 -67.66 -45.82
N ALA N 408 -25.40 -67.43 -46.13
CA ALA N 408 -26.52 -67.94 -45.33
C ALA N 408 -27.08 -69.23 -45.90
N ARG N 409 -27.50 -69.19 -47.15
CA ARG N 409 -28.09 -70.40 -47.79
C ARG N 409 -27.57 -70.56 -49.21
N GLN N 410 -27.68 -71.77 -49.74
CA GLN N 410 -27.16 -72.09 -51.07
C GLN N 410 -28.01 -73.20 -51.68
N THR N 411 -28.53 -72.95 -52.88
CA THR N 411 -29.39 -73.89 -53.58
C THR N 411 -28.81 -74.19 -54.95
N VAL N 412 -28.76 -75.49 -55.28
CA VAL N 412 -28.27 -75.97 -56.58
C VAL N 412 -29.29 -76.92 -57.16
N SER N 413 -29.60 -76.75 -58.45
CA SER N 413 -30.54 -77.60 -59.17
C SER N 413 -29.92 -78.04 -60.48
N VAL N 414 -29.95 -79.35 -60.74
CA VAL N 414 -29.34 -79.94 -61.92
C VAL N 414 -30.38 -80.80 -62.64
N ALA N 415 -30.53 -80.58 -63.94
CA ALA N 415 -31.41 -81.36 -64.79
C ALA N 415 -30.60 -82.01 -65.89
N ILE N 416 -30.81 -83.32 -66.09
CA ILE N 416 -30.06 -84.10 -67.05
C ILE N 416 -31.01 -84.62 -68.12
N LYS N 417 -30.62 -84.45 -69.39
CA LYS N 417 -31.44 -84.94 -70.49
C LYS N 417 -31.53 -86.46 -70.47
N ASP N 418 -32.70 -86.97 -70.78
CA ASP N 418 -32.93 -88.42 -70.85
C ASP N 418 -32.73 -88.93 -72.27
N MET N 434 -32.03 -92.42 -67.19
CA MET N 434 -30.94 -92.66 -66.24
C MET N 434 -31.45 -93.42 -65.02
N SER N 435 -30.69 -94.41 -64.58
CA SER N 435 -31.07 -95.22 -63.43
C SER N 435 -30.77 -94.45 -62.15
N GLU N 436 -31.14 -95.04 -61.01
CA GLU N 436 -30.91 -94.39 -59.72
C GLU N 436 -29.44 -94.38 -59.33
N SER N 437 -28.69 -95.41 -59.71
CA SER N 437 -27.28 -95.49 -59.34
C SER N 437 -26.48 -94.35 -59.96
N GLU N 438 -26.72 -94.07 -61.25
CA GLU N 438 -26.00 -92.97 -61.89
C GLU N 438 -26.37 -91.63 -61.29
N ILE N 439 -27.64 -91.43 -60.95
CA ILE N 439 -28.07 -90.19 -60.31
C ILE N 439 -27.38 -90.03 -58.95
N ASN N 440 -27.32 -91.11 -58.17
CA ASN N 440 -26.65 -91.05 -56.87
C ASN N 440 -25.17 -90.75 -57.03
N ALA N 441 -24.52 -91.37 -58.02
CA ALA N 441 -23.10 -91.12 -58.26
C ALA N 441 -22.86 -89.67 -58.66
N ILE N 442 -23.71 -89.12 -59.53
CA ILE N 442 -23.58 -87.72 -59.94
C ILE N 442 -23.78 -86.79 -58.74
N ARG N 443 -24.77 -87.09 -57.89
CA ARG N 443 -24.98 -86.28 -56.70
C ARG N 443 -23.77 -86.34 -55.77
N GLN N 444 -23.20 -87.53 -55.59
CA GLN N 444 -22.02 -87.67 -54.75
C GLN N 444 -20.84 -86.88 -55.31
N VAL N 445 -20.67 -86.89 -56.63
CA VAL N 445 -19.59 -86.12 -57.25
C VAL N 445 -19.82 -84.64 -57.04
N LEU N 446 -21.06 -84.18 -57.23
CA LEU N 446 -21.35 -82.74 -57.13
C LEU N 446 -21.29 -82.24 -55.69
N ILE N 447 -21.48 -83.13 -54.72
CA ILE N 447 -21.43 -82.71 -53.32
C ILE N 447 -20.08 -82.12 -52.96
N GLY N 448 -18.98 -82.75 -53.36
CA GLY N 448 -17.65 -82.22 -53.11
C GLY N 448 -17.37 -80.95 -53.89
N THR N 449 -17.84 -80.90 -55.14
CA THR N 449 -17.60 -79.74 -55.98
C THR N 449 -18.33 -78.49 -55.48
N VAL N 450 -19.51 -78.65 -54.90
CA VAL N 450 -20.33 -77.53 -54.45
C VAL N 450 -20.00 -77.14 -53.01
N GLY N 451 -20.00 -78.12 -52.11
CA GLY N 451 -19.81 -77.84 -50.69
C GLY N 451 -21.12 -77.93 -49.93
N PHE N 452 -21.95 -78.89 -50.32
CA PHE N 452 -23.27 -79.06 -49.70
C PHE N 452 -23.12 -79.33 -48.21
N ASP N 453 -23.71 -78.46 -47.39
CA ASP N 453 -23.60 -78.54 -45.94
C ASP N 453 -25.01 -78.45 -45.38
N GLN N 454 -25.32 -79.31 -44.41
CA GLN N 454 -26.64 -79.34 -43.80
C GLN N 454 -26.81 -78.31 -42.69
N GLY N 455 -25.71 -77.76 -42.17
CA GLY N 455 -25.82 -76.80 -41.09
C GLY N 455 -26.50 -75.51 -41.50
N ARG N 456 -26.23 -75.05 -42.73
CA ARG N 456 -26.83 -73.83 -43.25
C ARG N 456 -28.15 -74.07 -43.97
N GLY N 457 -28.63 -75.30 -43.99
CA GLY N 457 -29.86 -75.62 -44.70
C GLY N 457 -29.74 -75.50 -46.21
N ASP N 458 -28.59 -75.85 -46.78
CA ASP N 458 -28.41 -75.80 -48.22
C ASP N 458 -29.23 -76.89 -48.90
N LEU N 459 -29.61 -76.62 -50.14
CA LEU N 459 -30.43 -77.54 -50.93
C LEU N 459 -29.70 -77.93 -52.19
N LEU N 460 -29.68 -79.22 -52.50
CA LEU N 460 -29.06 -79.73 -53.71
C LEU N 460 -29.99 -80.76 -54.33
N ASN N 461 -30.51 -80.47 -55.52
CA ASN N 461 -31.42 -81.35 -56.23
C ASN N 461 -30.82 -81.71 -57.58
N VAL N 462 -30.83 -83.00 -57.90
CA VAL N 462 -30.39 -83.49 -59.21
C VAL N 462 -31.44 -84.46 -59.73
N LEU N 463 -31.82 -84.28 -60.99
CA LEU N 463 -32.90 -85.10 -61.55
C LEU N 463 -32.80 -85.07 -63.08
N SER N 464 -33.54 -85.99 -63.71
CA SER N 464 -33.50 -86.17 -65.15
C SER N 464 -34.89 -86.00 -65.73
N VAL N 465 -34.99 -85.20 -66.80
CA VAL N 465 -36.24 -84.98 -67.50
C VAL N 465 -35.99 -85.10 -69.01
N LYS N 466 -37.07 -85.23 -69.75
CA LYS N 466 -37.01 -85.30 -71.21
C LYS N 466 -36.99 -83.89 -71.79
N PHE N 467 -36.00 -83.61 -72.62
CA PHE N 467 -35.87 -82.29 -73.23
C PHE N 467 -36.77 -82.16 -74.45
N ALA N 468 -36.59 -81.07 -75.19
CA ALA N 468 -37.41 -80.80 -76.39
C ALA N 468 -36.51 -80.81 -77.62
N GLU N 469 -37.07 -80.82 -78.83
CA GLU N 469 -36.23 -80.97 -80.05
C GLU N 469 -36.43 -79.80 -81.00
N PRO O 270 -12.99 -47.52 -50.15
CA PRO O 270 -13.54 -47.76 -48.81
C PRO O 270 -13.41 -49.22 -48.38
N ALA O 271 -14.52 -49.83 -47.98
CA ALA O 271 -14.51 -51.22 -47.54
C ALA O 271 -14.81 -52.20 -48.66
N SER O 272 -14.96 -51.73 -49.89
CA SER O 272 -15.28 -52.61 -51.01
C SER O 272 -14.07 -53.46 -51.41
N ALA O 273 -12.88 -53.08 -50.94
CA ALA O 273 -11.66 -53.81 -51.24
C ALA O 273 -11.26 -54.81 -50.16
N ALA O 274 -11.92 -54.77 -49.00
CA ALA O 274 -11.55 -55.70 -47.93
C ALA O 274 -12.18 -57.07 -48.13
N ARG O 275 -13.16 -57.18 -49.02
CA ARG O 275 -13.82 -58.47 -49.22
C ARG O 275 -13.38 -59.12 -50.53
N ARG O 276 -13.18 -58.31 -51.58
CA ARG O 276 -12.69 -58.87 -52.84
C ARG O 276 -11.30 -59.47 -52.69
N LYS O 277 -10.48 -58.92 -51.79
CA LYS O 277 -9.18 -59.51 -51.51
C LYS O 277 -9.34 -60.92 -50.93
N GLU O 278 -10.31 -61.08 -50.02
CA GLU O 278 -10.60 -62.41 -49.49
C GLU O 278 -11.11 -63.35 -50.58
N GLN O 279 -11.90 -62.80 -51.50
CA GLN O 279 -12.43 -63.62 -52.60
C GLN O 279 -11.27 -64.11 -53.48
N GLU O 280 -10.33 -63.25 -53.87
CA GLU O 280 -9.19 -63.69 -54.67
C GLU O 280 -8.28 -64.63 -53.89
N LEU O 281 -8.11 -64.41 -52.59
CA LEU O 281 -7.28 -65.31 -51.79
C LEU O 281 -7.89 -66.71 -51.74
N GLU O 282 -9.21 -66.79 -51.55
CA GLU O 282 -9.88 -68.08 -51.54
C GLU O 282 -9.76 -68.78 -52.89
N ARG O 283 -9.90 -68.02 -53.98
CA ARG O 283 -9.74 -68.63 -55.30
C ARG O 283 -8.31 -69.12 -55.52
N SER O 284 -7.32 -68.35 -55.06
CA SER O 284 -5.93 -68.74 -55.20
C SER O 284 -5.62 -70.02 -54.42
N GLN O 285 -6.19 -70.16 -53.23
CA GLN O 285 -6.00 -71.41 -52.49
C GLN O 285 -6.55 -72.61 -53.27
N GLU O 286 -7.75 -72.47 -53.84
CA GLU O 286 -8.34 -73.56 -54.62
C GLU O 286 -7.48 -73.89 -55.83
N GLN O 287 -6.95 -72.86 -56.50
CA GLN O 287 -6.13 -73.10 -57.68
C GLN O 287 -4.86 -73.86 -57.32
N ALA O 288 -4.21 -73.48 -56.22
CA ALA O 288 -2.99 -74.18 -55.79
C ALA O 288 -3.30 -75.62 -55.41
N LEU O 289 -4.42 -75.85 -54.72
CA LEU O 289 -4.77 -77.22 -54.34
C LEU O 289 -5.06 -78.06 -55.57
N ARG O 290 -5.73 -77.48 -56.57
CA ARG O 290 -5.99 -78.21 -57.81
C ARG O 290 -4.69 -78.54 -58.53
N GLU O 291 -3.75 -77.60 -58.56
CA GLU O 291 -2.46 -77.85 -59.20
C GLU O 291 -1.71 -78.98 -58.49
N LYS O 292 -1.75 -78.98 -57.14
CA LYS O 292 -1.11 -80.07 -56.41
C LYS O 292 -1.78 -81.41 -56.70
N ILE O 293 -3.11 -81.40 -56.81
CA ILE O 293 -3.84 -82.63 -57.10
C ILE O 293 -3.45 -83.18 -58.47
N ASP O 294 -3.35 -82.29 -59.47
CA ASP O 294 -3.09 -82.73 -60.83
C ASP O 294 -1.72 -83.39 -60.95
N SER O 295 -0.74 -82.93 -60.18
CA SER O 295 0.62 -83.43 -60.31
C SER O 295 0.72 -84.90 -59.95
N VAL O 296 -0.10 -85.36 -59.00
CA VAL O 296 -0.01 -86.74 -58.54
C VAL O 296 -0.83 -87.69 -59.42
N LEU O 297 -2.07 -87.32 -59.74
CA LEU O 297 -2.96 -88.22 -60.46
C LEU O 297 -2.64 -88.33 -61.94
N LEU O 298 -1.93 -87.35 -62.51
CA LEU O 298 -1.64 -87.38 -63.95
C LEU O 298 -0.76 -88.57 -64.35
N PRO O 299 0.38 -88.85 -63.72
CA PRO O 299 1.22 -89.96 -64.19
C PRO O 299 0.65 -91.34 -63.88
N ILE O 300 -0.24 -91.46 -62.89
CA ILE O 300 -0.76 -92.76 -62.51
C ILE O 300 -2.03 -93.12 -63.29
N LEU O 301 -2.94 -92.15 -63.46
CA LEU O 301 -4.19 -92.43 -64.16
C LEU O 301 -4.10 -92.13 -65.66
N GLY O 302 -3.38 -91.07 -66.03
CA GLY O 302 -3.25 -90.71 -67.42
C GLY O 302 -3.99 -89.42 -67.75
N TYR O 303 -3.79 -88.95 -68.98
CA TYR O 303 -4.39 -87.72 -69.44
C TYR O 303 -5.84 -87.96 -69.83
N GLY O 304 -6.76 -87.20 -69.22
CA GLY O 304 -8.16 -87.27 -69.58
C GLY O 304 -8.92 -88.44 -68.99
N ASN O 305 -8.37 -89.13 -67.99
CA ASN O 305 -9.05 -90.26 -67.37
C ASN O 305 -9.59 -89.93 -65.98
N TYR O 306 -9.59 -88.66 -65.59
CA TYR O 306 -10.05 -88.28 -64.27
C TYR O 306 -10.47 -86.81 -64.28
N THR O 307 -11.33 -86.46 -63.33
CA THR O 307 -11.72 -85.08 -63.08
C THR O 307 -11.80 -84.86 -61.57
N ALA O 308 -11.45 -83.65 -61.14
CA ALA O 308 -11.44 -83.34 -59.72
C ALA O 308 -11.60 -81.84 -59.52
N GLN O 309 -12.31 -81.48 -58.46
CA GLN O 309 -12.46 -80.08 -58.06
C GLN O 309 -12.51 -80.01 -56.54
N VAL O 310 -12.06 -78.88 -56.01
CA VAL O 310 -11.97 -78.66 -54.56
C VAL O 310 -12.54 -77.29 -54.23
N ASP O 311 -12.89 -77.11 -52.96
CA ASP O 311 -13.27 -75.81 -52.43
C ASP O 311 -12.83 -75.68 -50.99
N ILE O 312 -12.60 -74.44 -50.55
CA ILE O 312 -12.18 -74.14 -49.19
C ILE O 312 -13.03 -73.00 -48.66
N GLN O 313 -13.51 -73.14 -47.44
CA GLN O 313 -14.27 -72.09 -46.75
C GLN O 313 -13.47 -71.62 -45.54
N MET O 314 -13.33 -70.30 -45.41
CA MET O 314 -12.52 -69.70 -44.35
C MET O 314 -13.27 -68.54 -43.72
N ASP O 315 -12.77 -68.11 -42.57
CA ASP O 315 -13.35 -66.99 -41.83
C ASP O 315 -12.27 -65.95 -41.57
N PHE O 316 -12.68 -64.69 -41.45
CA PHE O 316 -11.78 -63.55 -41.30
C PHE O 316 -12.15 -62.74 -40.07
N SER O 317 -12.38 -63.42 -38.96
CA SER O 317 -12.68 -62.74 -37.71
C SER O 317 -11.38 -62.23 -37.06
N ALA O 318 -11.52 -61.56 -35.92
CA ALA O 318 -10.36 -61.03 -35.21
C ALA O 318 -10.60 -61.21 -33.72
N VAL O 319 -9.83 -62.09 -33.09
CA VAL O 319 -10.02 -62.46 -31.69
C VAL O 319 -8.76 -62.13 -30.92
N GLU O 320 -8.93 -61.46 -29.78
CA GLU O 320 -7.84 -61.18 -28.84
C GLU O 320 -8.18 -61.78 -27.50
N GLN O 321 -7.18 -62.38 -26.85
CA GLN O 321 -7.39 -63.12 -25.61
C GLN O 321 -6.42 -62.63 -24.54
N THR O 322 -6.91 -62.49 -23.32
CA THR O 322 -6.08 -62.13 -22.17
C THR O 322 -6.44 -63.06 -21.02
N ARG O 323 -5.45 -63.75 -20.48
CA ARG O 323 -5.65 -64.74 -19.43
C ARG O 323 -4.79 -64.42 -18.22
N LYS O 324 -5.35 -64.61 -17.03
CA LYS O 324 -4.65 -64.44 -15.77
C LYS O 324 -4.98 -65.64 -14.88
N ARG O 325 -4.00 -66.48 -14.62
CA ARG O 325 -4.19 -67.73 -13.88
C ARG O 325 -3.50 -67.65 -12.53
N PHE O 326 -4.00 -68.46 -11.59
CA PHE O 326 -3.47 -68.51 -10.23
C PHE O 326 -3.29 -69.97 -9.83
N ASP O 327 -2.40 -70.20 -8.87
CA ASP O 327 -2.16 -71.55 -8.35
C ASP O 327 -2.53 -71.59 -6.87
N PRO O 328 -3.72 -72.08 -6.52
CA PRO O 328 -4.13 -72.07 -5.11
C PRO O 328 -3.57 -73.23 -4.29
N ASN O 329 -2.98 -74.24 -4.92
CA ASN O 329 -2.49 -75.41 -4.19
C ASN O 329 -1.13 -75.19 -3.54
N THR O 330 -0.41 -74.13 -3.91
CA THR O 330 0.93 -73.86 -3.37
C THR O 330 0.97 -72.44 -2.83
N PRO O 331 0.41 -72.21 -1.64
CA PRO O 331 0.49 -70.88 -1.03
C PRO O 331 1.74 -70.70 -0.21
N ALA O 332 2.23 -69.46 -0.20
CA ALA O 332 3.44 -69.09 0.53
C ALA O 332 3.09 -68.01 1.54
N THR O 333 3.51 -68.22 2.79
CA THR O 333 3.20 -67.29 3.86
C THR O 333 4.24 -66.19 3.95
N ARG O 334 3.79 -64.96 4.19
CA ARG O 334 4.67 -63.81 4.34
C ARG O 334 4.66 -63.25 5.75
N SER O 335 3.49 -62.93 6.28
CA SER O 335 3.34 -62.42 7.64
C SER O 335 2.36 -63.30 8.39
N GLU O 336 2.66 -63.56 9.67
CA GLU O 336 1.84 -64.46 10.47
C GLU O 336 1.80 -63.95 11.90
N TYR O 337 0.60 -63.87 12.47
CA TYR O 337 0.41 -63.50 13.87
C TYR O 337 -0.56 -64.48 14.49
N ALA O 338 -0.24 -64.93 15.71
CA ALA O 338 -1.04 -65.94 16.39
C ALA O 338 -1.22 -65.58 17.85
N LEU O 339 -2.32 -66.06 18.42
CA LEU O 339 -2.63 -65.89 19.84
C LEU O 339 -3.39 -67.12 20.31
N GLU O 340 -2.89 -67.76 21.36
CA GLU O 340 -3.40 -69.03 21.87
C GLU O 340 -3.69 -68.93 23.36
N ASP O 341 -4.44 -67.91 23.74
CA ASP O 341 -4.73 -67.66 25.15
C ASP O 341 -5.54 -68.82 25.73
N TYR O 342 -5.05 -69.38 26.82
CA TYR O 342 -5.71 -70.45 27.54
C TYR O 342 -6.23 -69.93 28.88
N ASN O 343 -7.00 -70.78 29.57
CA ASN O 343 -7.54 -70.42 30.88
C ASN O 343 -7.93 -71.67 31.66
N VAL O 383 -10.70 -69.19 26.24
CA VAL O 383 -9.75 -69.80 25.32
C VAL O 383 -9.76 -69.05 23.99
N ARG O 384 -8.92 -68.02 23.89
CA ARG O 384 -8.86 -67.24 22.68
C ARG O 384 -7.89 -67.85 21.67
N LYS O 385 -8.39 -68.09 20.45
CA LYS O 385 -7.57 -68.64 19.38
C LYS O 385 -7.69 -67.72 18.19
N GLU O 386 -6.72 -66.82 18.02
CA GLU O 386 -6.73 -65.83 16.95
C GLU O 386 -5.55 -66.06 16.03
N SER O 387 -5.79 -65.90 14.73
CA SER O 387 -4.75 -66.08 13.72
C SER O 387 -4.95 -65.05 12.61
N THR O 388 -3.85 -64.52 12.10
CA THR O 388 -3.88 -63.58 10.99
C THR O 388 -2.68 -63.85 10.10
N ARG O 389 -2.93 -64.31 8.88
CA ARG O 389 -1.87 -64.70 7.95
C ARG O 389 -2.04 -63.99 6.62
N ASN O 390 -0.91 -63.68 5.99
CA ASN O 390 -0.89 -63.09 4.66
C ASN O 390 -0.20 -64.05 3.70
N PHE O 391 -0.74 -64.16 2.49
CA PHE O 391 -0.27 -65.13 1.52
C PHE O 391 0.09 -64.44 0.21
N GLU O 392 1.03 -65.04 -0.52
CA GLU O 392 1.38 -64.61 -1.86
C GLU O 392 1.46 -65.84 -2.76
N LEU O 393 0.86 -65.73 -3.94
CA LEU O 393 0.66 -66.86 -4.83
C LEU O 393 1.29 -66.60 -6.19
N ASP O 394 1.44 -67.67 -6.96
CA ASP O 394 1.97 -67.57 -8.31
C ASP O 394 1.01 -66.82 -9.21
N THR O 395 1.56 -65.96 -10.07
CA THR O 395 0.78 -65.16 -11.01
C THR O 395 1.28 -65.42 -12.42
N THR O 396 0.35 -65.67 -13.34
CA THR O 396 0.66 -65.90 -14.74
C THR O 396 -0.25 -65.05 -15.60
N ILE O 397 0.34 -64.30 -16.53
CA ILE O 397 -0.40 -63.41 -17.42
C ILE O 397 -0.05 -63.78 -18.86
N SER O 398 -1.06 -63.94 -19.71
CA SER O 398 -0.87 -64.30 -21.10
C SER O 398 -1.73 -63.40 -21.98
N HIS O 399 -1.15 -62.96 -23.10
CA HIS O 399 -1.86 -62.16 -24.09
C HIS O 399 -1.65 -62.80 -25.46
N GLU O 400 -2.75 -63.04 -26.17
CA GLU O 400 -2.71 -63.77 -27.44
C GLU O 400 -3.52 -63.03 -28.49
N ARG O 401 -2.97 -62.95 -29.70
CA ARG O 401 -3.66 -62.40 -30.86
C ARG O 401 -3.77 -63.48 -31.91
N LYS O 402 -4.99 -63.80 -32.32
CA LYS O 402 -5.23 -64.89 -33.25
C LYS O 402 -4.99 -64.42 -34.69
N GLN O 403 -4.91 -65.41 -35.59
CA GLN O 403 -4.71 -65.13 -37.01
C GLN O 403 -6.04 -64.82 -37.69
N THR O 404 -5.95 -64.27 -38.89
CA THR O 404 -7.11 -63.94 -39.70
C THR O 404 -7.01 -64.70 -41.02
N GLY O 405 -7.94 -65.62 -41.24
CA GLY O 405 -7.96 -66.38 -42.47
C GLY O 405 -7.74 -67.87 -42.27
N THR O 406 -8.15 -68.39 -41.11
CA THR O 406 -8.01 -69.81 -40.84
C THR O 406 -8.99 -70.62 -41.67
N VAL O 407 -8.54 -71.80 -42.13
CA VAL O 407 -9.37 -72.67 -42.93
C VAL O 407 -10.38 -73.38 -42.04
N ALA O 408 -11.64 -73.36 -42.44
CA ALA O 408 -12.73 -73.99 -41.68
C ALA O 408 -13.06 -75.39 -42.18
N ARG O 409 -13.38 -75.49 -43.47
CA ARG O 409 -13.73 -76.81 -44.04
C ARG O 409 -13.09 -76.99 -45.41
N GLN O 410 -12.99 -78.22 -45.87
CA GLN O 410 -12.34 -78.55 -47.12
C GLN O 410 -12.97 -79.80 -47.71
N THR O 411 -13.43 -79.71 -48.95
CA THR O 411 -14.09 -80.83 -49.63
C THR O 411 -13.37 -81.12 -50.94
N VAL O 412 -13.11 -82.41 -51.17
CA VAL O 412 -12.46 -82.89 -52.38
C VAL O 412 -13.28 -84.02 -52.97
N SER O 413 -13.52 -83.97 -54.28
CA SER O 413 -14.27 -85.00 -54.99
C SER O 413 -13.50 -85.43 -56.23
N VAL O 414 -13.31 -86.74 -56.39
CA VAL O 414 -12.53 -87.31 -57.48
C VAL O 414 -13.38 -88.35 -58.20
N ALA O 415 -13.47 -88.24 -59.52
CA ALA O 415 -14.17 -89.20 -60.37
C ALA O 415 -13.18 -89.80 -61.37
N ILE O 416 -13.19 -91.12 -61.48
CA ILE O 416 -12.25 -91.85 -62.33
C ILE O 416 -13.04 -92.57 -63.42
N LYS O 417 -12.59 -92.43 -64.67
CA LYS O 417 -13.25 -93.10 -65.78
C LYS O 417 -13.10 -94.61 -65.65
N ASP O 418 -14.18 -95.32 -66.00
CA ASP O 418 -14.18 -96.78 -65.97
C ASP O 418 -13.81 -97.34 -67.34
N MET O 434 -12.97 -100.36 -61.98
CA MET O 434 -11.92 -100.37 -60.95
C MET O 434 -12.40 -101.13 -59.71
N SER O 435 -11.53 -101.96 -59.15
CA SER O 435 -11.87 -102.74 -57.97
C SER O 435 -11.79 -101.85 -56.74
N GLU O 436 -12.14 -102.42 -55.59
CA GLU O 436 -12.11 -101.65 -54.34
C GLU O 436 -10.69 -101.40 -53.85
N SER O 437 -9.76 -102.33 -54.11
CA SER O 437 -8.39 -102.17 -53.64
C SER O 437 -7.72 -100.96 -54.30
N GLU O 438 -7.90 -100.80 -55.61
CA GLU O 438 -7.32 -99.65 -56.29
C GLU O 438 -7.92 -98.33 -55.82
N ILE O 439 -9.23 -98.32 -55.57
CA ILE O 439 -9.88 -97.11 -55.05
C ILE O 439 -9.32 -96.78 -53.67
N ASN O 440 -9.16 -97.78 -52.81
CA ASN O 440 -8.60 -97.53 -51.48
C ASN O 440 -7.17 -97.03 -51.56
N ALA O 441 -6.37 -97.60 -52.47
CA ALA O 441 -5.00 -97.14 -52.63
C ALA O 441 -4.94 -95.70 -53.13
N ILE O 442 -5.80 -95.36 -54.08
CA ILE O 442 -5.85 -93.98 -54.58
C ILE O 442 -6.26 -93.02 -53.47
N ARG O 443 -7.26 -93.40 -52.67
CA ARG O 443 -7.67 -92.56 -51.55
C ARG O 443 -6.54 -92.38 -50.54
N GLN O 444 -5.80 -93.45 -50.25
CA GLN O 444 -4.69 -93.36 -49.33
C GLN O 444 -3.60 -92.43 -49.87
N VAL O 445 -3.33 -92.51 -51.18
CA VAL O 445 -2.35 -91.62 -51.78
C VAL O 445 -2.81 -90.17 -51.69
N LEU O 446 -4.08 -89.93 -51.99
CA LEU O 446 -4.58 -88.55 -52.02
C LEU O 446 -4.71 -87.96 -50.62
N ILE O 447 -4.83 -88.80 -49.59
CA ILE O 447 -4.95 -88.28 -48.23
C ILE O 447 -3.72 -87.47 -47.84
N GLY O 448 -2.52 -87.96 -48.11
CA GLY O 448 -1.31 -87.21 -47.83
C GLY O 448 -1.16 -85.97 -48.68
N THR O 449 -1.54 -86.08 -49.95
CA THR O 449 -1.41 -84.94 -50.86
C THR O 449 -2.35 -83.80 -50.50
N VAL O 450 -3.54 -84.09 -49.98
CA VAL O 450 -4.54 -83.07 -49.68
C VAL O 450 -4.39 -82.56 -48.24
N GLY O 451 -4.31 -83.46 -47.27
CA GLY O 451 -4.26 -83.07 -45.87
C GLY O 451 -5.59 -83.31 -45.20
N PHE O 452 -6.24 -84.41 -45.56
CA PHE O 452 -7.56 -84.74 -45.01
C PHE O 452 -7.48 -84.89 -43.50
N ASP O 453 -8.26 -84.07 -42.79
CA ASP O 453 -8.24 -84.04 -41.32
C ASP O 453 -9.67 -84.13 -40.86
N GLN O 454 -9.93 -84.97 -39.86
CA GLN O 454 -11.27 -85.16 -39.33
C GLN O 454 -11.67 -84.10 -38.30
N GLY O 455 -10.71 -83.35 -37.77
CA GLY O 455 -11.04 -82.36 -36.76
C GLY O 455 -11.87 -81.22 -37.32
N ARG O 456 -11.59 -80.80 -38.54
CA ARG O 456 -12.31 -79.71 -39.20
C ARG O 456 -13.53 -80.20 -39.98
N GLY O 457 -13.82 -81.49 -39.94
CA GLY O 457 -14.93 -82.04 -40.70
C GLY O 457 -14.73 -81.99 -42.20
N ASP O 458 -13.50 -82.20 -42.66
CA ASP O 458 -13.22 -82.21 -44.09
C ASP O 458 -13.82 -83.46 -44.74
N LEU O 459 -14.14 -83.33 -46.03
CA LEU O 459 -14.76 -84.41 -46.78
C LEU O 459 -13.88 -84.76 -47.97
N LEU O 460 -13.66 -86.06 -48.18
CA LEU O 460 -12.88 -86.54 -49.31
C LEU O 460 -13.61 -87.74 -49.91
N ASN O 461 -14.07 -87.60 -51.15
CA ASN O 461 -14.79 -88.66 -51.84
C ASN O 461 -14.05 -89.00 -53.12
N VAL O 462 -13.84 -90.29 -53.36
CA VAL O 462 -13.24 -90.79 -54.59
C VAL O 462 -14.10 -91.94 -55.10
N LEU O 463 -14.42 -91.91 -56.40
CA LEU O 463 -15.31 -92.91 -56.96
C LEU O 463 -15.11 -92.97 -58.47
N SER O 464 -15.65 -94.03 -59.08
CA SER O 464 -15.49 -94.30 -60.50
C SER O 464 -16.84 -94.38 -61.18
N VAL O 465 -16.98 -93.67 -62.30
CA VAL O 465 -18.20 -93.68 -63.10
C VAL O 465 -17.82 -93.85 -64.57
N LYS O 466 -18.82 -94.20 -65.37
CA LYS O 466 -18.63 -94.35 -66.81
C LYS O 466 -18.79 -93.00 -67.50
N PHE O 467 -17.79 -92.62 -68.28
CA PHE O 467 -17.81 -91.33 -68.97
C PHE O 467 -18.63 -91.43 -70.26
N ALA O 468 -18.56 -90.36 -71.06
CA ALA O 468 -19.32 -90.31 -72.33
C ALA O 468 -18.34 -90.25 -73.49
N GLU O 469 -18.82 -90.43 -74.73
CA GLU O 469 -17.87 -90.52 -75.88
C GLU O 469 -18.18 -89.45 -76.93
N PRO P 270 -2.03 -52.01 -47.17
CA PRO P 270 -2.63 -52.25 -45.86
C PRO P 270 -2.31 -53.64 -45.32
N ALA P 271 -3.36 -54.38 -44.94
CA ALA P 271 -3.18 -55.72 -44.40
C ALA P 271 -3.24 -56.82 -45.46
N SER P 272 -3.37 -56.45 -46.74
CA SER P 272 -3.46 -57.43 -47.81
C SER P 272 -2.13 -58.11 -48.06
N ALA P 273 -1.05 -57.53 -47.54
CA ALA P 273 0.29 -58.09 -47.71
C ALA P 273 0.75 -58.94 -46.54
N ALA P 274 0.02 -58.93 -45.43
CA ALA P 274 0.43 -59.71 -44.27
C ALA P 274 0.03 -61.18 -44.40
N ARG P 275 -0.86 -61.50 -45.35
CA ARG P 275 -1.30 -62.88 -45.50
C ARG P 275 -0.67 -63.54 -46.72
N ARG P 276 -0.51 -62.78 -47.81
CA ARG P 276 0.14 -63.34 -49.00
C ARG P 276 1.58 -63.70 -48.71
N LYS P 277 2.25 -62.98 -47.81
CA LYS P 277 3.60 -63.36 -47.41
C LYS P 277 3.61 -64.72 -46.73
N GLU P 278 2.60 -64.98 -45.89
CA GLU P 278 2.48 -66.30 -45.27
C GLU P 278 2.19 -67.36 -46.31
N GLN P 279 1.39 -67.00 -47.32
CA GLN P 279 1.07 -67.97 -48.39
C GLN P 279 2.34 -68.33 -49.16
N GLU P 280 3.18 -67.37 -49.54
CA GLU P 280 4.43 -67.68 -50.24
C GLU P 280 5.41 -68.41 -49.33
N LEU P 281 5.45 -68.09 -48.04
CA LEU P 281 6.34 -68.80 -47.13
C LEU P 281 5.94 -70.28 -47.01
N GLU P 282 4.64 -70.53 -46.91
CA GLU P 282 4.16 -71.91 -46.84
C GLU P 282 4.48 -72.66 -48.12
N ARG P 283 4.31 -72.01 -49.27
CA ARG P 283 4.66 -72.67 -50.53
C ARG P 283 6.16 -72.95 -50.63
N SER P 284 6.97 -72.01 -50.16
CA SER P 284 8.42 -72.19 -50.18
C SER P 284 8.85 -73.36 -49.31
N GLN P 285 8.23 -73.52 -48.13
CA GLN P 285 8.55 -74.67 -47.29
C GLN P 285 8.24 -75.99 -48.01
N GLU P 286 7.08 -76.07 -48.66
CA GLU P 286 6.72 -77.27 -49.39
C GLU P 286 7.70 -77.55 -50.53
N GLN P 287 8.11 -76.49 -51.24
CA GLN P 287 9.05 -76.69 -52.34
C GLN P 287 10.39 -77.23 -51.85
N ALA P 288 10.90 -76.67 -50.74
CA ALA P 288 12.16 -77.15 -50.18
C ALA P 288 12.05 -78.59 -49.72
N LEU P 289 10.92 -78.95 -49.07
CA LEU P 289 10.75 -80.33 -48.63
C LEU P 289 10.68 -81.28 -49.81
N ARG P 290 10.00 -80.88 -50.88
CA ARG P 290 9.94 -81.71 -52.08
C ARG P 290 11.33 -81.89 -52.69
N GLU P 291 12.11 -80.82 -52.73
CA GLU P 291 13.48 -80.91 -53.26
C GLU P 291 14.33 -81.86 -52.43
N LYS P 292 14.21 -81.79 -51.10
CA LYS P 292 14.94 -82.72 -50.25
C LYS P 292 14.49 -84.15 -50.48
N ILE P 293 13.18 -84.37 -50.67
CA ILE P 293 12.66 -85.71 -50.91
C ILE P 293 13.23 -86.28 -52.21
N ASP P 294 13.27 -85.45 -53.26
CA ASP P 294 13.69 -85.92 -54.57
C ASP P 294 15.15 -86.39 -54.56
N SER P 295 15.99 -85.72 -53.76
CA SER P 295 17.41 -86.01 -53.77
C SER P 295 17.70 -87.44 -53.29
N VAL P 296 16.90 -87.95 -52.37
CA VAL P 296 17.16 -89.27 -51.81
C VAL P 296 16.55 -90.39 -52.65
N LEU P 297 15.30 -90.23 -53.08
CA LEU P 297 14.60 -91.30 -53.79
C LEU P 297 15.04 -91.45 -55.24
N LEU P 298 15.63 -90.41 -55.83
CA LEU P 298 16.04 -90.50 -57.23
C LEU P 298 17.09 -91.56 -57.50
N PRO P 299 18.22 -91.62 -56.77
CA PRO P 299 19.24 -92.62 -57.11
C PRO P 299 18.86 -94.05 -56.72
N ILE P 300 17.93 -94.24 -55.79
CA ILE P 300 17.59 -95.58 -55.34
C ILE P 300 16.44 -96.17 -56.18
N LEU P 301 15.42 -95.37 -56.48
CA LEU P 301 14.27 -95.87 -57.23
C LEU P 301 14.43 -95.66 -58.74
N GLY P 302 15.00 -94.54 -59.15
CA GLY P 302 15.19 -94.25 -60.55
C GLY P 302 14.29 -93.11 -61.02
N TYR P 303 14.51 -92.70 -62.26
CA TYR P 303 13.77 -91.59 -62.84
C TYR P 303 12.40 -92.08 -63.32
N GLY P 304 11.34 -91.44 -62.83
CA GLY P 304 9.99 -91.75 -63.25
C GLY P 304 9.37 -92.97 -62.63
N ASN P 305 9.93 -93.50 -61.56
CA ASN P 305 9.40 -94.68 -60.89
C ASN P 305 8.70 -94.35 -59.57
N TYR P 306 8.50 -93.07 -59.27
CA TYR P 306 7.89 -92.68 -58.01
C TYR P 306 7.26 -91.30 -58.16
N THR P 307 6.29 -91.02 -57.29
CA THR P 307 5.69 -89.70 -57.17
C THR P 307 5.47 -89.40 -55.70
N ALA P 308 5.61 -88.13 -55.33
CA ALA P 308 5.46 -87.73 -53.94
C ALA P 308 5.08 -86.25 -53.87
N GLN P 309 4.25 -85.93 -52.88
CA GLN P 309 3.85 -84.56 -52.60
C GLN P 309 3.69 -84.40 -51.10
N VAL P 310 3.92 -83.17 -50.62
CA VAL P 310 3.88 -82.86 -49.19
C VAL P 310 3.09 -81.57 -49.00
N ASP P 311 2.63 -81.36 -47.76
CA ASP P 311 2.01 -80.11 -47.37
C ASP P 311 2.33 -79.82 -45.90
N ILE P 312 2.34 -78.54 -45.55
CA ILE P 312 2.62 -78.08 -44.19
C ILE P 312 1.57 -77.05 -43.81
N GLN P 313 1.03 -77.19 -42.60
CA GLN P 313 0.07 -76.24 -42.04
C GLN P 313 0.71 -75.56 -40.83
N MET P 314 0.64 -74.23 -40.78
CA MET P 314 1.27 -73.45 -39.73
C MET P 314 0.32 -72.38 -39.24
N ASP P 315 0.66 -71.80 -38.09
CA ASP P 315 -0.12 -70.73 -37.48
C ASP P 315 0.78 -69.52 -37.22
N PHE P 316 0.16 -68.34 -37.23
CA PHE P 316 0.88 -67.08 -37.10
C PHE P 316 0.31 -66.24 -35.97
N SER P 317 0.10 -66.88 -34.82
CA SER P 317 -0.38 -66.18 -33.64
C SER P 317 0.77 -65.45 -32.95
N ALA P 318 0.46 -64.73 -31.88
CA ALA P 318 1.47 -63.98 -31.14
C ALA P 318 1.14 -64.09 -29.66
N VAL P 319 2.00 -64.81 -28.91
CA VAL P 319 1.75 -65.12 -27.51
C VAL P 319 2.90 -64.55 -26.68
N GLU P 320 2.55 -63.84 -25.61
CA GLU P 320 3.51 -63.34 -24.64
C GLU P 320 3.17 -63.89 -23.27
N GLN P 321 4.19 -64.29 -22.52
CA GLN P 321 4.00 -64.97 -21.25
C GLN P 321 4.82 -64.28 -20.16
N THR P 322 4.22 -64.13 -18.98
CA THR P 322 4.90 -63.59 -17.82
C THR P 322 4.60 -64.47 -16.62
N ARG P 323 5.64 -64.97 -15.96
CA ARG P 323 5.51 -65.91 -14.87
C ARG P 323 6.22 -65.38 -13.64
N LYS P 324 5.60 -65.59 -12.47
CA LYS P 324 6.20 -65.23 -11.18
C LYS P 324 5.97 -66.40 -10.23
N ARG P 325 7.04 -67.07 -9.84
CA ARG P 325 6.98 -68.27 -9.03
C ARG P 325 7.56 -68.02 -7.64
N PHE P 326 7.11 -68.82 -6.68
CA PHE P 326 7.56 -68.71 -5.30
C PHE P 326 7.91 -70.09 -4.78
N ASP P 327 8.75 -70.12 -3.75
CA ASP P 327 9.15 -71.38 -3.12
C ASP P 327 8.69 -71.38 -1.66
N PRO P 328 7.56 -72.02 -1.35
CA PRO P 328 7.05 -71.99 0.03
C PRO P 328 7.71 -72.99 0.97
N ASN P 329 8.49 -73.95 0.45
CA ASN P 329 9.08 -74.96 1.30
C ASN P 329 10.34 -74.51 2.02
N THR P 330 10.93 -73.38 1.62
CA THR P 330 12.17 -72.88 2.20
C THR P 330 11.97 -71.43 2.64
N PRO P 331 11.29 -71.21 3.77
CA PRO P 331 11.12 -69.85 4.29
C PRO P 331 12.28 -69.42 5.17
N ALA P 332 12.59 -68.14 5.11
CA ALA P 332 13.66 -67.54 5.89
C ALA P 332 13.09 -66.46 6.80
N THR P 333 13.44 -66.52 8.07
CA THR P 333 12.91 -65.58 9.05
C THR P 333 13.79 -64.34 9.13
N ARG P 334 13.13 -63.18 9.24
CA ARG P 334 13.82 -61.90 9.36
C ARG P 334 13.63 -61.25 10.72
N SER P 335 12.38 -61.08 11.15
CA SER P 335 12.07 -60.52 12.47
C SER P 335 11.17 -61.49 13.22
N GLU P 336 11.41 -61.62 14.52
CA GLU P 336 10.68 -62.57 15.34
C GLU P 336 10.46 -61.99 16.72
N TYR P 337 9.23 -62.05 17.21
CA TYR P 337 8.88 -61.62 18.55
C TYR P 337 8.03 -62.70 19.20
N ALA P 338 8.32 -63.02 20.46
CA ALA P 338 7.63 -64.10 21.15
C ALA P 338 7.29 -63.67 22.57
N LEU P 339 6.23 -64.27 23.11
CA LEU P 339 5.81 -64.05 24.49
C LEU P 339 5.20 -65.35 25.00
N GLU P 340 5.71 -65.84 26.13
CA GLU P 340 5.36 -67.15 26.69
C GLU P 340 4.95 -67.00 28.15
N ASP P 341 4.03 -66.07 28.42
CA ASP P 341 3.59 -65.79 29.77
C ASP P 341 2.93 -67.01 30.39
N TYR P 342 3.42 -67.42 31.55
CA TYR P 342 2.87 -68.53 32.31
C TYR P 342 2.18 -68.01 33.57
N ASN P 343 1.50 -68.92 34.26
CA ASN P 343 0.82 -68.57 35.51
C ASN P 343 0.56 -69.80 36.36
N VAL P 383 -2.15 -68.12 30.60
CA VAL P 383 -1.05 -68.65 29.79
C VAL P 383 -1.08 -68.00 28.41
N ARG P 384 -0.39 -66.86 28.29
CA ARG P 384 -0.36 -66.15 27.02
C ARG P 384 0.76 -66.67 26.13
N LYS P 385 0.39 -67.06 24.91
CA LYS P 385 1.36 -67.56 23.93
C LYS P 385 1.20 -66.73 22.66
N GLU P 386 2.03 -65.71 22.50
CA GLU P 386 1.95 -64.82 21.36
C GLU P 386 3.22 -64.92 20.53
N SER P 387 3.05 -64.88 19.21
CA SER P 387 4.18 -64.96 18.28
C SER P 387 3.91 -64.05 17.09
N THR P 388 4.97 -63.39 16.61
CA THR P 388 4.88 -62.53 15.43
C THR P 388 6.16 -62.68 14.64
N ARG P 389 6.07 -63.25 13.45
CA ARG P 389 7.23 -63.53 12.62
C ARG P 389 7.06 -62.95 11.23
N ASN P 390 8.18 -62.51 10.65
CA ASN P 390 8.21 -62.01 9.28
C ASN P 390 9.10 -62.92 8.44
N PHE P 391 8.67 -63.18 7.21
CA PHE P 391 9.34 -64.14 6.34
C PHE P 391 9.69 -63.48 5.01
N GLU P 392 10.77 -63.98 4.40
CA GLU P 392 11.15 -63.58 3.05
C GLU P 392 11.46 -64.84 2.25
N LEU P 393 10.95 -64.91 1.03
CA LEU P 393 10.98 -66.11 0.22
C LEU P 393 11.67 -65.84 -1.12
N ASP P 394 12.02 -66.93 -1.80
CA ASP P 394 12.64 -66.84 -3.11
C ASP P 394 11.64 -66.30 -4.13
N THR P 395 12.13 -65.43 -5.02
CA THR P 395 11.30 -64.82 -6.05
C THR P 395 11.93 -65.08 -7.41
N THR P 396 11.12 -65.53 -8.36
CA THR P 396 11.57 -65.79 -9.72
C THR P 396 10.61 -65.14 -10.70
N ILE P 397 11.15 -64.39 -11.65
CA ILE P 397 10.35 -63.68 -12.65
C ILE P 397 10.86 -64.07 -14.03
N SER P 398 9.94 -64.44 -14.91
CA SER P 398 10.27 -64.86 -16.26
C SER P 398 9.37 -64.16 -17.27
N HIS P 399 9.96 -63.71 -18.37
CA HIS P 399 9.21 -63.09 -19.46
C HIS P 399 9.60 -63.78 -20.75
N GLU P 400 8.62 -64.23 -21.52
CA GLU P 400 8.85 -65.02 -22.72
C GLU P 400 8.02 -64.48 -23.87
N ARG P 401 8.64 -64.41 -25.05
CA ARG P 401 7.95 -64.03 -26.29
C ARG P 401 8.10 -65.18 -27.27
N LYS P 402 6.95 -65.71 -27.72
CA LYS P 402 6.96 -66.88 -28.59
C LYS P 402 7.23 -66.48 -30.03
N GLN P 403 7.51 -67.49 -30.86
CA GLN P 403 7.77 -67.29 -32.27
C GLN P 403 6.47 -67.22 -33.05
N THR P 404 6.56 -66.74 -34.29
CA THR P 404 5.43 -66.63 -35.20
C THR P 404 5.74 -67.46 -36.44
N GLY P 405 4.96 -68.53 -36.66
CA GLY P 405 5.16 -69.37 -37.82
C GLY P 405 5.57 -70.79 -37.50
N THR P 406 5.15 -71.29 -36.33
CA THR P 406 5.49 -72.65 -35.95
C THR P 406 4.70 -73.65 -36.78
N VAL P 407 5.35 -74.77 -37.10
CA VAL P 407 4.71 -75.82 -37.90
C VAL P 407 3.76 -76.60 -37.02
N ALA P 408 2.54 -76.81 -37.51
CA ALA P 408 1.51 -77.54 -36.76
C ALA P 408 1.43 -79.00 -37.18
N ARG P 409 1.22 -79.23 -38.47
CA ARG P 409 1.10 -80.62 -38.96
C ARG P 409 1.86 -80.78 -40.28
N GLN P 410 2.17 -82.02 -40.63
CA GLN P 410 2.95 -82.33 -41.81
C GLN P 410 2.56 -83.70 -42.34
N THR P 411 2.18 -83.76 -43.62
CA THR P 411 1.75 -85.00 -44.25
C THR P 411 2.59 -85.27 -45.48
N VAL P 412 3.06 -86.51 -45.61
CA VAL P 412 3.86 -86.96 -46.74
C VAL P 412 3.25 -88.25 -47.29
N SER P 413 3.11 -88.32 -48.61
CA SER P 413 2.57 -89.49 -49.28
C SER P 413 3.48 -89.87 -50.44
N VAL P 414 3.87 -91.15 -50.49
CA VAL P 414 4.80 -91.66 -51.49
C VAL P 414 4.17 -92.87 -52.18
N ALA P 415 4.17 -92.86 -53.51
CA ALA P 415 3.69 -93.96 -54.32
C ALA P 415 4.81 -94.47 -55.20
N ILE P 416 5.02 -95.78 -55.22
CA ILE P 416 6.10 -96.41 -55.96
C ILE P 416 5.51 -97.31 -57.04
N LYS P 417 6.02 -97.19 -58.26
CA LYS P 417 5.55 -98.02 -59.35
C LYS P 417 5.91 -99.48 -59.11
N ASP P 418 4.98 -100.36 -59.47
CA ASP P 418 5.19 -101.79 -59.32
C ASP P 418 5.74 -102.39 -60.62
N MET P 434 6.63 -104.89 -55.02
CA MET P 434 7.58 -104.68 -53.93
C MET P 434 7.13 -105.40 -52.67
N SER P 435 8.06 -106.06 -52.00
CA SER P 435 7.77 -106.81 -50.79
C SER P 435 7.62 -105.84 -49.61
N GLU P 436 7.28 -106.39 -48.44
CA GLU P 436 7.11 -105.55 -47.27
C GLU P 436 8.44 -105.05 -46.71
N SER P 437 9.50 -105.84 -46.84
CA SER P 437 10.79 -105.44 -46.30
C SER P 437 11.33 -104.20 -47.00
N GLU P 438 11.22 -104.14 -48.33
CA GLU P 438 11.68 -102.96 -49.06
C GLU P 438 10.85 -101.73 -48.71
N ILE P 439 9.54 -101.89 -48.55
CA ILE P 439 8.69 -100.78 -48.17
C ILE P 439 9.09 -100.27 -46.78
N ASN P 440 9.34 -101.18 -45.84
CA ASN P 440 9.75 -100.76 -44.51
C ASN P 440 11.10 -100.05 -44.55
N ALA P 441 12.03 -100.55 -45.35
CA ALA P 441 13.33 -99.91 -45.45
C ALA P 441 13.21 -98.51 -46.05
N ILE P 442 12.38 -98.35 -47.08
CA ILE P 442 12.17 -97.05 -47.68
C ILE P 442 11.53 -96.08 -46.69
N ARG P 443 10.55 -96.57 -45.92
CA ARG P 443 9.94 -95.72 -44.89
C ARG P 443 10.95 -95.31 -43.84
N GLN P 444 11.81 -96.24 -43.41
CA GLN P 444 12.84 -95.91 -42.43
C GLN P 444 13.81 -94.87 -42.98
N VAL P 445 14.18 -94.99 -44.25
CA VAL P 445 15.07 -94.00 -44.86
C VAL P 445 14.40 -92.64 -44.90
N LEU P 446 13.13 -92.60 -45.30
CA LEU P 446 12.44 -91.33 -45.46
C LEU P 446 12.12 -90.67 -44.12
N ILE P 447 12.05 -91.45 -43.05
CA ILE P 447 11.76 -90.88 -41.73
C ILE P 447 12.82 -89.86 -41.33
N GLY P 448 14.10 -90.18 -41.49
CA GLY P 448 15.16 -89.25 -41.19
C GLY P 448 15.19 -88.05 -42.12
N THR P 449 14.92 -88.29 -43.40
CA THR P 449 14.94 -87.21 -44.38
C THR P 449 13.82 -86.20 -44.17
N VAL P 450 12.66 -86.65 -43.70
CA VAL P 450 11.50 -85.77 -43.53
C VAL P 450 11.48 -85.14 -42.14
N GLY P 451 11.62 -85.96 -41.09
CA GLY P 451 11.49 -85.48 -39.74
C GLY P 451 10.16 -85.87 -39.13
N PHE P 452 9.71 -87.09 -39.44
CA PHE P 452 8.43 -87.57 -38.95
C PHE P 452 8.42 -87.61 -37.43
N ASP P 453 7.49 -86.87 -36.84
CA ASP P 453 7.39 -86.74 -35.38
C ASP P 453 5.95 -87.03 -35.00
N GLN P 454 5.75 -87.83 -33.95
CA GLN P 454 4.41 -88.18 -33.51
C GLN P 454 3.79 -87.13 -32.59
N GLY P 455 4.59 -86.21 -32.04
CA GLY P 455 4.04 -85.22 -31.14
C GLY P 455 3.09 -84.25 -31.83
N ARG P 456 3.41 -83.88 -33.06
CA ARG P 456 2.58 -82.96 -33.84
C ARG P 456 1.51 -83.67 -34.66
N GLY P 457 1.41 -85.00 -34.54
CA GLY P 457 0.45 -85.75 -35.33
C GLY P 457 0.75 -85.76 -36.81
N ASP P 458 2.03 -85.82 -37.18
CA ASP P 458 2.40 -85.87 -38.58
C ASP P 458 2.04 -87.24 -39.17
N LEU P 459 1.80 -87.25 -40.48
CA LEU P 459 1.40 -88.45 -41.20
C LEU P 459 2.41 -88.74 -42.30
N LEU P 460 2.84 -90.00 -42.39
CA LEU P 460 3.76 -90.43 -43.44
C LEU P 460 3.26 -91.76 -43.99
N ASN P 461 2.87 -91.77 -45.26
CA ASN P 461 2.37 -92.97 -45.91
C ASN P 461 3.24 -93.28 -47.12
N VAL P 462 3.65 -94.55 -47.24
CA VAL P 462 4.40 -95.01 -48.39
C VAL P 462 3.77 -96.31 -48.87
N LEU P 463 3.54 -96.43 -50.18
CA LEU P 463 2.85 -97.57 -50.72
C LEU P 463 3.17 -97.70 -52.20
N SER P 464 2.82 -98.86 -52.76
CA SER P 464 3.14 -99.19 -54.15
C SER P 464 1.86 -99.52 -54.90
N VAL P 465 1.70 -98.92 -56.08
CA VAL P 465 0.56 -99.16 -56.96
C VAL P 465 1.06 -99.37 -58.38
N LYS P 466 0.19 -99.92 -59.22
CA LYS P 466 0.49 -100.13 -60.63
C LYS P 466 0.20 -98.87 -61.41
N PHE P 467 1.19 -98.39 -62.17
CA PHE P 467 1.02 -97.18 -62.95
C PHE P 467 0.32 -97.47 -64.27
N ALA P 468 0.29 -96.46 -65.15
CA ALA P 468 -0.37 -96.61 -66.47
C ALA P 468 0.68 -96.47 -67.57
N GLU P 469 0.32 -96.81 -68.82
CA GLU P 469 1.35 -96.82 -69.88
C GLU P 469 0.97 -95.88 -71.03
N PRO Q 270 9.11 -54.67 -43.22
CA PRO Q 270 8.46 -54.92 -41.94
C PRO Q 270 8.94 -56.20 -41.27
N ALA Q 271 8.00 -57.08 -40.91
CA ALA Q 271 8.33 -58.34 -40.26
C ALA Q 271 8.51 -59.49 -41.24
N SER Q 272 8.42 -59.22 -42.54
CA SER Q 272 8.54 -60.28 -43.54
C SER Q 272 9.99 -60.76 -43.67
N ALA Q 273 10.93 -59.99 -43.12
CA ALA Q 273 12.33 -60.34 -43.18
C ALA Q 273 12.84 -61.04 -41.92
N ALA Q 274 12.04 -61.07 -40.86
CA ALA Q 274 12.49 -61.71 -39.62
C ALA Q 274 12.31 -63.22 -39.66
N ARG Q 275 11.55 -63.73 -40.64
CA ARG Q 275 11.33 -65.18 -40.71
C ARG Q 275 12.14 -65.80 -41.84
N ARG Q 276 12.25 -65.10 -42.97
CA ARG Q 276 13.06 -65.62 -44.07
C ARG Q 276 14.52 -65.75 -43.67
N LYS Q 277 15.01 -64.87 -42.79
CA LYS Q 277 16.37 -65.01 -42.29
C LYS Q 277 16.52 -66.32 -41.51
N GLU Q 278 15.52 -66.67 -40.71
CA GLU Q 278 15.55 -67.95 -40.01
C GLU Q 278 15.50 -69.11 -40.99
N GLN Q 279 14.73 -68.94 -42.06
CA GLN Q 279 14.63 -70.01 -43.07
C GLN Q 279 16.00 -70.22 -43.74
N GLU Q 280 16.70 -69.17 -44.15
CA GLU Q 280 18.03 -69.32 -44.74
C GLU Q 280 19.05 -69.84 -43.73
N LEU Q 281 18.95 -69.43 -42.46
CA LEU Q 281 19.86 -69.93 -41.45
C LEU Q 281 19.68 -71.44 -41.25
N GLU Q 282 18.43 -71.90 -41.20
CA GLU Q 282 18.16 -73.32 -41.05
C GLU Q 282 18.68 -74.10 -42.26
N ARG Q 283 18.50 -73.55 -43.46
CA ARG Q 283 19.02 -74.22 -44.65
C ARG Q 283 20.55 -74.28 -44.64
N SER Q 284 21.18 -73.20 -44.19
CA SER Q 284 22.64 -73.16 -44.11
C SER Q 284 23.18 -74.19 -43.12
N GLN Q 285 22.51 -74.36 -41.99
CA GLN Q 285 22.93 -75.40 -41.05
C GLN Q 285 22.87 -76.78 -41.68
N GLU Q 286 21.79 -77.08 -42.40
CA GLU Q 286 21.67 -78.39 -43.05
C GLU Q 286 22.75 -78.57 -44.11
N GLN Q 287 23.06 -77.52 -44.86
CA GLN Q 287 24.08 -77.63 -45.89
C GLN Q 287 25.45 -77.93 -45.28
N ALA Q 288 25.79 -77.24 -44.19
CA ALA Q 288 27.07 -77.47 -43.53
C ALA Q 288 27.14 -78.89 -42.96
N LEU Q 289 26.05 -79.36 -42.36
CA LEU Q 289 26.04 -80.72 -41.83
C LEU Q 289 26.20 -81.75 -42.94
N ARG Q 290 25.55 -81.52 -44.08
CA ARG Q 290 25.70 -82.43 -45.21
C ARG Q 290 27.14 -82.44 -45.72
N GLU Q 291 27.76 -81.26 -45.79
CA GLU Q 291 29.15 -81.17 -46.23
C GLU Q 291 30.07 -81.92 -45.28
N LYS Q 292 29.83 -81.79 -43.97
CA LYS Q 292 30.65 -82.54 -43.01
C LYS Q 292 30.43 -84.04 -43.16
N ILE Q 293 29.19 -84.45 -43.42
CA ILE Q 293 28.89 -85.88 -43.60
C ILE Q 293 29.63 -86.44 -44.81
N ASP Q 294 29.62 -85.68 -45.91
CA ASP Q 294 30.20 -86.17 -47.16
C ASP Q 294 31.70 -86.39 -47.02
N SER Q 295 32.38 -85.56 -46.22
CA SER Q 295 33.83 -85.64 -46.13
C SER Q 295 34.30 -86.96 -45.53
N VAL Q 296 33.51 -87.52 -44.62
CA VAL Q 296 33.92 -88.75 -43.95
C VAL Q 296 33.54 -90.00 -44.74
N LEU Q 297 32.32 -90.07 -45.26
CA LEU Q 297 31.83 -91.27 -45.93
C LEU Q 297 32.40 -91.45 -47.33
N LEU Q 298 32.87 -90.38 -47.96
CA LEU Q 298 33.39 -90.48 -49.33
C LEU Q 298 34.60 -91.38 -49.45
N PRO Q 299 35.67 -91.23 -48.65
CA PRO Q 299 36.85 -92.08 -48.85
C PRO Q 299 36.66 -93.52 -48.39
N ILE Q 300 35.71 -93.78 -47.50
CA ILE Q 300 35.54 -95.14 -46.99
C ILE Q 300 34.55 -95.94 -47.84
N LEU Q 301 33.44 -95.34 -48.25
CA LEU Q 301 32.45 -96.05 -49.04
C LEU Q 301 32.67 -95.92 -50.54
N GLY Q 302 33.10 -94.75 -51.00
CA GLY Q 302 33.33 -94.53 -52.40
C GLY Q 302 32.32 -93.56 -53.00
N TYR Q 303 32.56 -93.20 -54.26
CA TYR Q 303 31.70 -92.27 -54.98
C TYR Q 303 30.46 -92.99 -55.49
N GLY Q 304 29.29 -92.49 -55.11
CA GLY Q 304 28.04 -93.03 -55.60
C GLY Q 304 27.56 -94.28 -54.92
N ASN Q 305 28.12 -94.65 -53.77
CA ASN Q 305 27.71 -95.86 -53.05
C ASN Q 305 26.89 -95.55 -51.81
N TYR Q 306 26.47 -94.31 -51.63
CA TYR Q 306 25.73 -93.93 -50.43
C TYR Q 306 24.91 -92.68 -50.72
N THR Q 307 23.85 -92.50 -49.93
CA THR Q 307 23.05 -91.29 -49.95
C THR Q 307 22.69 -90.93 -48.51
N ALA Q 308 22.61 -89.63 -48.24
CA ALA Q 308 22.31 -89.17 -46.89
C ALA Q 308 21.71 -87.77 -46.95
N GLN Q 309 20.77 -87.53 -46.04
CA GLN Q 309 20.15 -86.21 -45.89
C GLN Q 309 19.86 -85.98 -44.40
N VAL Q 310 19.87 -84.71 -44.01
CA VAL Q 310 19.68 -84.31 -42.62
C VAL Q 310 18.70 -83.15 -42.56
N ASP Q 311 18.13 -82.94 -41.38
CA ASP Q 311 17.31 -81.77 -41.11
C ASP Q 311 17.47 -81.34 -39.66
N ILE Q 312 17.26 -80.05 -39.40
CA ILE Q 312 17.37 -79.48 -38.07
C ILE Q 312 16.16 -78.59 -37.81
N GLN Q 313 15.56 -78.74 -36.64
CA GLN Q 313 14.44 -77.91 -36.22
C GLN Q 313 14.88 -77.06 -35.02
N MET Q 314 14.60 -75.77 -35.07
CA MET Q 314 15.04 -74.83 -34.05
C MET Q 314 13.91 -73.89 -33.68
N ASP Q 315 14.07 -73.20 -32.56
CA ASP Q 315 13.10 -72.23 -32.08
C ASP Q 315 13.78 -70.88 -31.87
N PHE Q 316 13.01 -69.81 -31.99
CA PHE Q 316 13.52 -68.45 -31.92
C PHE Q 316 12.75 -67.64 -30.88
N SER Q 317 12.55 -68.23 -29.70
CA SER Q 317 11.89 -67.54 -28.61
C SER Q 317 12.88 -66.60 -27.92
N ALA Q 318 12.38 -65.86 -26.92
CA ALA Q 318 13.21 -64.92 -26.17
C ALA Q 318 12.80 -64.99 -24.71
N VAL Q 319 13.70 -65.51 -23.87
CA VAL Q 319 13.41 -65.77 -22.46
C VAL Q 319 14.40 -64.97 -21.61
N GLU Q 320 13.87 -64.26 -20.62
CA GLU Q 320 14.67 -63.55 -19.63
C GLU Q 320 14.32 -64.08 -18.24
N GLN Q 321 15.34 -64.25 -17.40
CA GLN Q 321 15.17 -64.89 -16.10
C GLN Q 321 15.78 -64.00 -15.02
N THR Q 322 15.08 -63.87 -13.90
CA THR Q 322 15.60 -63.16 -12.73
C THR Q 322 15.34 -64.01 -11.50
N ARG Q 323 16.40 -64.30 -10.75
CA ARG Q 323 16.33 -65.17 -9.59
C ARG Q 323 16.88 -64.46 -8.36
N LYS Q 324 16.22 -64.68 -7.22
CA LYS Q 324 16.65 -64.16 -5.93
C LYS Q 324 16.53 -65.28 -4.91
N ARG Q 325 17.67 -65.76 -4.41
CA ARG Q 325 17.73 -66.91 -3.52
C ARG Q 325 18.16 -66.47 -2.12
N PHE Q 326 17.78 -67.28 -1.14
CA PHE Q 326 18.10 -67.01 0.26
C PHE Q 326 18.62 -68.28 0.90
N ASP Q 327 19.37 -68.13 1.98
CA ASP Q 327 19.92 -69.26 2.73
C ASP Q 327 19.36 -69.25 4.15
N PRO Q 328 18.32 -70.03 4.44
CA PRO Q 328 17.71 -69.99 5.78
C PRO Q 328 18.45 -70.81 6.82
N ASN Q 329 19.39 -71.67 6.42
CA ASN Q 329 20.07 -72.54 7.38
C ASN Q 329 21.20 -71.84 8.13
N THR Q 330 21.64 -70.66 7.69
CA THR Q 330 22.74 -69.94 8.32
C THR Q 330 22.29 -68.51 8.63
N PRO Q 331 21.51 -68.33 9.70
CA PRO Q 331 21.11 -66.98 10.10
C PRO Q 331 22.12 -66.33 11.03
N ALA Q 332 22.24 -65.01 10.89
CA ALA Q 332 23.16 -64.21 11.68
C ALA Q 332 22.36 -63.17 12.47
N THR Q 333 22.63 -63.10 13.78
CA THR Q 333 21.90 -62.20 14.65
C THR Q 333 22.57 -60.82 14.68
N ARG Q 334 21.75 -59.78 14.67
CA ARG Q 334 22.22 -58.40 14.74
C ARG Q 334 21.84 -57.71 16.03
N SER Q 335 20.56 -57.70 16.38
CA SER Q 335 20.08 -57.12 17.62
C SER Q 335 19.27 -58.16 18.39
N GLU Q 336 19.45 -58.17 19.71
CA GLU Q 336 18.81 -59.17 20.55
C GLU Q 336 18.41 -58.54 21.87
N TYR Q 337 17.16 -58.77 22.28
CA TYR Q 337 16.67 -58.31 23.57
C TYR Q 337 15.94 -59.47 24.23
N ALA Q 338 16.18 -59.64 25.53
CA ALA Q 338 15.61 -60.77 26.26
C ALA Q 338 15.12 -60.33 27.63
N LEU Q 339 14.11 -61.04 28.13
CA LEU Q 339 13.58 -60.81 29.47
C LEU Q 339 13.13 -62.14 30.04
N GLU Q 340 13.63 -62.47 31.23
CA GLU Q 340 13.43 -63.78 31.86
C GLU Q 340 12.91 -63.60 33.28
N ASP Q 341 11.84 -62.81 33.42
CA ASP Q 341 11.28 -62.52 34.72
C ASP Q 341 10.76 -63.79 35.39
N TYR Q 342 11.23 -64.04 36.61
CA TYR Q 342 10.80 -65.17 37.41
C TYR Q 342 9.95 -64.69 38.58
N ASN Q 343 9.36 -65.64 39.29
CA ASN Q 343 8.56 -65.32 40.47
C ASN Q 343 8.42 -66.53 41.39
N VAL Q 383 5.91 -65.65 35.37
CA VAL Q 383 7.12 -66.05 34.68
C VAL Q 383 7.10 -65.50 33.25
N ARG Q 384 7.62 -64.28 33.09
CA ARG Q 384 7.63 -63.65 31.77
C ARG Q 384 8.87 -64.06 30.99
N LYS Q 385 8.66 -64.58 29.78
CA LYS Q 385 9.75 -64.98 28.90
C LYS Q 385 9.56 -64.27 27.57
N GLU Q 386 10.24 -63.14 27.39
CA GLU Q 386 10.11 -62.34 26.18
C GLU Q 386 11.43 -62.30 25.44
N SER Q 387 11.36 -62.38 24.11
CA SER Q 387 12.54 -62.34 23.25
C SER Q 387 12.23 -61.55 21.99
N THR Q 388 13.21 -60.78 21.53
CA THR Q 388 13.06 -60.02 20.29
C THR Q 388 14.42 -60.02 19.59
N ARG Q 389 14.49 -60.67 18.43
CA ARG Q 389 15.74 -60.82 17.70
C ARG Q 389 15.58 -60.37 16.27
N ASN Q 390 16.65 -59.79 15.72
CA ASN Q 390 16.72 -59.38 14.33
C ASN Q 390 17.78 -60.19 13.61
N PHE Q 391 17.49 -60.60 12.38
CA PHE Q 391 18.36 -61.48 11.62
C PHE Q 391 18.70 -60.87 10.27
N GLU Q 392 19.87 -61.24 9.76
CA GLU Q 392 20.28 -60.88 8.41
C GLU Q 392 20.84 -62.12 7.73
N LEU Q 393 20.43 -62.34 6.49
CA LEU Q 393 20.70 -63.57 5.77
C LEU Q 393 21.42 -63.28 4.46
N ASP Q 394 21.99 -64.35 3.89
CA ASP Q 394 22.68 -64.24 2.61
C ASP Q 394 21.69 -63.93 1.49
N THR Q 395 22.09 -63.05 0.59
CA THR Q 395 21.26 -62.65 -0.54
C THR Q 395 22.02 -62.90 -1.84
N THR Q 396 21.35 -63.52 -2.80
CA THR Q 396 21.93 -63.80 -4.11
C THR Q 396 20.95 -63.37 -5.20
N ILE Q 397 21.44 -62.59 -6.16
CA ILE Q 397 20.62 -62.08 -7.26
C ILE Q 397 21.28 -62.48 -8.57
N SER Q 398 20.49 -63.04 -9.48
CA SER Q 398 20.99 -63.49 -10.77
C SER Q 398 20.05 -63.00 -11.87
N HIS Q 399 20.64 -62.54 -12.97
CA HIS Q 399 19.89 -62.11 -14.15
C HIS Q 399 20.47 -62.82 -15.36
N GLU Q 400 19.61 -63.45 -16.16
CA GLU Q 400 20.05 -64.27 -17.28
C GLU Q 400 19.23 -63.95 -18.52
N ARG Q 401 19.91 -63.85 -19.65
CA ARG Q 401 19.28 -63.67 -20.95
C ARG Q 401 19.65 -64.85 -21.84
N LYS Q 402 18.64 -65.57 -22.32
CA LYS Q 402 18.88 -66.78 -23.09
C LYS Q 402 19.19 -66.43 -24.55
N GLN Q 403 19.68 -67.43 -25.27
CA GLN Q 403 20.01 -67.29 -26.67
C GLN Q 403 18.76 -67.47 -27.54
N THR Q 404 18.87 -67.06 -28.80
CA THR Q 404 17.80 -67.20 -29.78
C THR Q 404 18.31 -68.04 -30.94
N GLY Q 405 17.73 -69.22 -31.12
CA GLY Q 405 18.12 -70.09 -32.21
C GLY Q 405 18.72 -71.40 -31.76
N THR Q 406 18.31 -71.88 -30.58
CA THR Q 406 18.81 -73.15 -30.08
C THR Q 406 18.24 -74.31 -30.88
N VAL Q 407 19.07 -75.34 -31.09
CA VAL Q 407 18.66 -76.51 -31.84
C VAL Q 407 17.78 -77.39 -30.96
N ALA Q 408 16.63 -77.81 -31.51
CA ALA Q 408 15.67 -78.63 -30.77
C ALA Q 408 15.84 -80.12 -31.09
N ARG Q 409 15.76 -80.47 -32.37
CA ARG Q 409 15.89 -81.89 -32.76
C ARG Q 409 16.75 -82.01 -34.01
N GLN Q 410 17.27 -83.21 -34.25
CA GLN Q 410 18.18 -83.46 -35.37
C GLN Q 410 18.02 -84.90 -35.81
N THR Q 411 17.75 -85.10 -37.10
CA THR Q 411 17.55 -86.42 -37.67
C THR Q 411 18.51 -86.65 -38.83
N VAL Q 412 19.16 -87.81 -38.82
CA VAL Q 412 20.11 -88.20 -39.87
C VAL Q 412 19.73 -89.59 -40.36
N SER Q 413 19.70 -89.77 -41.68
CA SER Q 413 19.39 -91.05 -42.30
C SER Q 413 20.43 -91.37 -43.37
N VAL Q 414 21.00 -92.57 -43.30
CA VAL Q 414 22.07 -92.99 -44.21
C VAL Q 414 21.68 -94.33 -44.83
N ALA Q 415 21.77 -94.40 -46.16
CA ALA Q 415 21.51 -95.62 -46.91
C ALA Q 415 22.77 -95.99 -47.69
N ILE Q 416 23.16 -97.26 -47.59
CA ILE Q 416 24.38 -97.76 -48.22
C ILE Q 416 24.00 -98.79 -49.27
N LYS Q 417 24.58 -98.68 -50.46
CA LYS Q 417 24.32 -99.64 -51.52
C LYS Q 417 24.87 -101.02 -51.15
N ASP Q 418 24.11 -102.05 -51.49
CA ASP Q 418 24.52 -103.43 -51.23
C ASP Q 418 25.24 -104.00 -52.45
N MET Q 434 26.09 -105.98 -46.63
CA MET Q 434 26.92 -105.56 -45.51
C MET Q 434 26.50 -106.26 -44.23
N SER Q 435 27.48 -106.73 -43.46
CA SER Q 435 27.20 -107.43 -42.22
C SER Q 435 26.84 -106.42 -41.12
N GLU Q 436 26.49 -106.93 -39.94
CA GLU Q 436 26.11 -106.06 -38.84
C GLU Q 436 27.31 -105.33 -38.24
N SER Q 437 28.49 -105.96 -38.25
CA SER Q 437 29.67 -105.33 -37.66
C SER Q 437 30.06 -104.06 -38.42
N GLU Q 438 30.04 -104.11 -39.75
CA GLU Q 438 30.37 -102.93 -40.54
C GLU Q 438 29.35 -101.82 -40.33
N ILE Q 439 28.06 -102.17 -40.25
CA ILE Q 439 27.03 -101.17 -39.99
C ILE Q 439 27.25 -100.52 -38.64
N ASN Q 440 27.56 -101.32 -37.62
CA ASN Q 440 27.81 -100.77 -36.29
C ASN Q 440 29.03 -99.86 -36.29
N ALA Q 441 30.10 -100.26 -37.00
CA ALA Q 441 31.29 -99.42 -37.08
C ALA Q 441 31.01 -98.10 -37.78
N ILE Q 442 30.23 -98.15 -38.87
CA ILE Q 442 29.87 -96.92 -39.58
C ILE Q 442 29.03 -96.01 -38.69
N ARG Q 443 28.08 -96.59 -37.94
CA ARG Q 443 27.28 -95.79 -37.02
C ARG Q 443 28.14 -95.15 -35.94
N GLN Q 444 29.10 -95.91 -35.40
CA GLN Q 444 29.99 -95.37 -34.38
C GLN Q 444 30.84 -94.23 -34.95
N VAL Q 445 31.31 -94.37 -36.18
CA VAL Q 445 32.08 -93.30 -36.81
C VAL Q 445 31.22 -92.06 -36.99
N LEU Q 446 29.98 -92.26 -37.47
CA LEU Q 446 29.12 -91.11 -37.76
C LEU Q 446 28.62 -90.43 -36.50
N ILE Q 447 28.59 -91.15 -35.38
CA ILE Q 447 28.13 -90.54 -34.13
C ILE Q 447 29.00 -89.34 -33.73
N GLY Q 448 30.32 -89.47 -33.80
CA GLY Q 448 31.20 -88.37 -33.50
C GLY Q 448 31.10 -87.24 -34.52
N THR Q 449 30.98 -87.60 -35.79
CA THR Q 449 30.90 -86.59 -36.85
C THR Q 449 29.64 -85.75 -36.77
N VAL Q 450 28.52 -86.34 -36.34
CA VAL Q 450 27.23 -85.66 -36.30
C VAL Q 450 27.02 -84.95 -34.97
N GLY Q 451 27.20 -85.67 -33.87
CA GLY Q 451 26.92 -85.12 -32.55
C GLY Q 451 25.62 -85.68 -31.99
N PHE Q 452 25.38 -86.97 -32.25
CA PHE Q 452 24.15 -87.61 -31.81
C PHE Q 452 24.04 -87.55 -30.29
N ASP Q 453 22.97 -86.93 -29.80
CA ASP Q 453 22.75 -86.73 -28.37
C ASP Q 453 21.34 -87.20 -28.05
N GLN Q 454 21.19 -87.96 -26.97
CA GLN Q 454 19.89 -88.48 -26.57
C GLN Q 454 19.06 -87.50 -25.77
N GLY Q 455 19.67 -86.42 -25.26
CA GLY Q 455 18.92 -85.47 -24.46
C GLY Q 455 17.90 -84.70 -25.28
N ARG Q 456 18.23 -84.36 -26.52
CA ARG Q 456 17.33 -83.63 -27.40
C ARG Q 456 16.45 -84.56 -28.23
N GLY Q 457 16.53 -85.87 -28.02
CA GLY Q 457 15.75 -86.81 -28.81
C GLY Q 457 16.16 -86.87 -30.26
N ASP Q 458 17.45 -86.76 -30.55
CA ASP Q 458 17.93 -86.84 -31.92
C ASP Q 458 17.81 -88.27 -32.43
N LEU Q 459 17.67 -88.40 -33.75
CA LEU Q 459 17.51 -89.70 -34.40
C LEU Q 459 18.62 -89.90 -35.41
N LEU Q 460 19.24 -91.08 -35.39
CA LEU Q 460 20.28 -91.43 -36.34
C LEU Q 460 20.04 -92.86 -36.81
N ASN Q 461 19.75 -93.01 -38.10
CA ASN Q 461 19.47 -94.30 -38.71
C ASN Q 461 20.47 -94.55 -39.82
N VAL Q 462 21.07 -95.74 -39.83
CA VAL Q 462 21.96 -96.17 -40.90
C VAL Q 462 21.57 -97.58 -41.32
N LEU Q 463 21.45 -97.80 -42.62
CA LEU Q 463 20.97 -99.08 -43.12
C LEU Q 463 21.41 -99.25 -44.57
N SER Q 464 21.29 -100.48 -45.06
CA SER Q 464 21.74 -100.85 -46.39
C SER Q 464 20.59 -101.42 -47.20
N VAL Q 465 20.42 -100.92 -48.42
CA VAL Q 465 19.40 -101.40 -49.35
C VAL Q 465 20.02 -101.60 -50.72
N LYS Q 466 19.30 -102.33 -51.57
CA LYS Q 466 19.74 -102.59 -52.94
C LYS Q 466 19.30 -101.43 -53.83
N PHE Q 467 20.26 -100.86 -54.56
CA PHE Q 467 19.98 -99.74 -55.43
C PHE Q 467 19.42 -100.22 -56.77
N ALA Q 468 19.30 -99.29 -57.72
CA ALA Q 468 18.76 -99.61 -59.06
C ALA Q 468 19.85 -99.39 -60.10
N GLU Q 469 19.64 -99.85 -61.34
CA GLU Q 469 20.74 -99.77 -62.35
C GLU Q 469 20.30 -98.99 -63.57
N PRO R 270 20.31 -55.24 -38.32
CA PRO R 270 19.61 -55.51 -37.06
C PRO R 270 20.23 -56.66 -36.28
N ALA R 271 19.40 -57.64 -35.91
CA ALA R 271 19.88 -58.80 -35.16
C ALA R 271 20.30 -59.96 -36.03
N SER R 272 20.26 -59.80 -37.35
CA SER R 272 20.62 -60.88 -38.27
C SER R 272 22.12 -61.13 -38.27
N ALA R 273 22.89 -60.19 -37.73
CA ALA R 273 24.34 -60.33 -37.66
C ALA R 273 24.85 -60.86 -36.33
N ALA R 274 23.99 -60.95 -35.33
CA ALA R 274 24.43 -61.43 -34.02
C ALA R 274 24.49 -62.95 -33.97
N ARG R 275 23.89 -63.64 -34.95
CA ARG R 275 23.90 -65.10 -34.93
C ARG R 275 24.86 -65.66 -35.96
N ARG R 276 24.96 -65.02 -37.13
CA ARG R 276 25.91 -65.47 -38.13
C ARG R 276 27.35 -65.34 -37.64
N LYS R 277 27.62 -64.35 -36.79
CA LYS R 277 28.95 -64.25 -36.20
C LYS R 277 29.25 -65.46 -35.32
N GLU R 278 28.25 -65.92 -34.55
CA GLU R 278 28.43 -67.13 -33.77
C GLU R 278 28.62 -68.35 -34.67
N GLN R 279 27.92 -68.36 -35.79
CA GLN R 279 28.05 -69.49 -36.73
C GLN R 279 29.48 -69.53 -37.30
N GLU R 280 30.04 -68.41 -37.73
CA GLU R 280 31.42 -68.38 -38.22
C GLU R 280 32.42 -68.68 -37.12
N LEU R 281 32.17 -68.22 -35.90
CA LEU R 281 33.08 -68.52 -34.79
C LEU R 281 33.11 -70.01 -34.50
N GLU R 282 31.94 -70.65 -34.49
CA GLU R 282 31.88 -72.09 -34.27
C GLU R 282 32.60 -72.85 -35.37
N ARG R 283 32.43 -72.41 -36.62
CA ARG R 283 33.13 -73.06 -37.73
C ARG R 283 34.64 -72.88 -37.61
N SER R 284 35.07 -71.69 -37.20
CA SER R 284 36.51 -71.42 -37.04
C SER R 284 37.12 -72.29 -35.95
N GLN R 285 36.40 -72.50 -34.84
CA GLN R 285 36.90 -73.40 -33.81
C GLN R 285 37.10 -74.81 -34.35
N GLU R 286 36.13 -75.32 -35.11
CA GLU R 286 36.25 -76.66 -35.67
C GLU R 286 37.43 -76.74 -36.64
N GLN R 287 37.62 -75.69 -37.45
CA GLN R 287 38.72 -75.71 -38.40
C GLN R 287 40.07 -75.75 -37.69
N ALA R 288 40.23 -74.95 -36.63
CA ALA R 288 41.47 -74.96 -35.87
C ALA R 288 41.71 -76.30 -35.21
N LEU R 289 40.66 -76.90 -34.64
CA LEU R 289 40.83 -78.21 -34.01
C LEU R 289 41.21 -79.27 -35.04
N ARG R 290 40.62 -79.21 -36.23
CA ARG R 290 40.99 -80.16 -37.28
C ARG R 290 42.45 -79.97 -37.70
N GLU R 291 42.88 -78.71 -37.82
CA GLU R 291 44.27 -78.44 -38.18
C GLU R 291 45.23 -78.98 -37.12
N LYS R 292 44.88 -78.81 -35.84
CA LYS R 292 45.72 -79.36 -34.77
C LYS R 292 45.75 -80.88 -34.82
N ILE R 293 44.60 -81.51 -35.14
CA ILE R 293 44.55 -82.96 -35.22
C ILE R 293 45.45 -83.46 -36.35
N ASP R 294 45.39 -82.79 -37.50
CA ASP R 294 46.13 -83.26 -38.67
C ASP R 294 47.64 -83.24 -38.44
N SER R 295 48.11 -82.27 -37.65
CA SER R 295 49.56 -82.11 -37.46
C SER R 295 50.16 -83.30 -36.75
N VAL R 296 49.41 -83.93 -35.84
CA VAL R 296 49.96 -85.03 -35.07
C VAL R 296 49.83 -86.37 -35.80
N LEU R 297 48.67 -86.66 -36.38
CA LEU R 297 48.42 -87.97 -36.99
C LEU R 297 49.11 -88.13 -38.34
N LEU R 298 49.46 -87.05 -39.01
CA LEU R 298 50.08 -87.15 -40.33
C LEU R 298 51.43 -87.86 -40.31
N PRO R 299 52.40 -87.49 -39.47
CA PRO R 299 53.70 -88.16 -39.53
C PRO R 299 53.70 -89.57 -38.97
N ILE R 300 52.74 -89.93 -38.14
CA ILE R 300 52.73 -91.26 -37.54
C ILE R 300 51.95 -92.27 -38.38
N LEU R 301 50.79 -91.87 -38.91
CA LEU R 301 49.97 -92.77 -39.70
C LEU R 301 50.29 -92.69 -41.20
N GLY R 302 50.56 -91.50 -41.70
CA GLY R 302 50.86 -91.33 -43.11
C GLY R 302 49.76 -90.58 -43.84
N TYR R 303 50.04 -90.26 -45.10
CA TYR R 303 49.11 -89.51 -45.93
C TYR R 303 48.02 -90.44 -46.47
N GLY R 304 46.76 -90.11 -46.20
CA GLY R 304 45.65 -90.87 -46.73
C GLY R 304 45.32 -92.15 -45.99
N ASN R 305 45.85 -92.36 -44.79
CA ASN R 305 45.57 -93.56 -44.02
C ASN R 305 44.62 -93.30 -42.85
N TYR R 306 44.01 -92.13 -42.78
CA TYR R 306 43.13 -91.81 -41.67
C TYR R 306 42.16 -90.71 -42.09
N THR R 307 41.03 -90.66 -41.39
CA THR R 307 40.06 -89.58 -41.54
C THR R 307 39.54 -89.20 -40.15
N ALA R 308 39.25 -87.92 -39.99
CA ALA R 308 38.79 -87.43 -38.70
C ALA R 308 37.98 -86.15 -38.89
N GLN R 309 36.95 -85.99 -38.06
CA GLN R 309 36.14 -84.78 -38.03
C GLN R 309 35.70 -84.51 -36.60
N VAL R 310 35.50 -83.22 -36.30
CA VAL R 310 35.15 -82.78 -34.94
C VAL R 310 34.00 -81.78 -35.03
N ASP R 311 33.32 -81.60 -33.91
CA ASP R 311 32.31 -80.57 -33.77
C ASP R 311 32.31 -80.03 -32.35
N ILE R 312 31.89 -78.77 -32.20
CA ILE R 312 31.81 -78.11 -30.91
C ILE R 312 30.46 -77.40 -30.79
N GLN R 313 29.80 -77.57 -29.65
CA GLN R 313 28.55 -76.90 -29.35
C GLN R 313 28.76 -75.93 -28.19
N MET R 314 28.32 -74.69 -28.36
CA MET R 314 28.53 -73.64 -27.38
C MET R 314 27.23 -72.87 -27.16
N ASP R 315 27.21 -72.09 -26.08
CA ASP R 315 26.07 -71.26 -25.72
C ASP R 315 26.54 -69.81 -25.56
N PHE R 316 25.61 -68.88 -25.82
CA PHE R 316 25.90 -67.45 -25.81
C PHE R 316 24.95 -66.72 -24.88
N SER R 317 24.76 -67.26 -23.68
CA SER R 317 23.92 -66.60 -22.69
C SER R 317 24.70 -65.48 -22.00
N ALA R 318 24.03 -64.77 -21.09
CA ALA R 318 24.65 -63.67 -20.36
C ALA R 318 24.16 -63.72 -18.93
N VAL R 319 25.06 -64.05 -17.99
CA VAL R 319 24.71 -64.25 -16.59
C VAL R 319 25.50 -63.27 -15.74
N GLU R 320 24.80 -62.59 -14.83
CA GLU R 320 25.41 -61.71 -13.85
C GLU R 320 25.04 -62.19 -12.46
N GLN R 321 26.01 -62.16 -11.55
CA GLN R 321 25.84 -62.73 -10.21
C GLN R 321 26.23 -61.70 -9.16
N THR R 322 25.44 -61.61 -8.09
CA THR R 322 25.76 -60.75 -6.95
C THR R 322 25.55 -61.56 -5.68
N ARG R 323 26.58 -61.63 -4.85
CA ARG R 323 26.56 -62.44 -3.64
C ARG R 323 26.90 -61.58 -2.42
N LYS R 324 26.20 -61.83 -1.32
CA LYS R 324 26.45 -61.17 -0.04
C LYS R 324 26.44 -62.23 1.04
N ARG R 325 27.59 -62.49 1.64
CA ARG R 325 27.76 -63.56 2.61
C ARG R 325 28.01 -62.98 4.00
N PHE R 326 27.68 -63.77 5.03
CA PHE R 326 27.86 -63.38 6.41
C PHE R 326 28.51 -64.52 7.17
N ASP R 327 29.16 -64.18 8.28
CA ASP R 327 29.81 -65.17 9.14
C ASP R 327 29.16 -65.14 10.51
N PRO R 328 28.23 -66.07 10.79
CA PRO R 328 27.52 -66.04 12.08
C PRO R 328 28.30 -66.68 13.23
N ASN R 329 29.38 -67.39 12.96
CA ASN R 329 30.12 -68.09 14.02
C ASN R 329 31.07 -67.18 14.79
N THR R 330 31.36 -65.98 14.28
CA THR R 330 32.30 -65.05 14.93
C THR R 330 31.61 -63.70 15.12
N PRO R 331 30.74 -63.58 16.12
CA PRO R 331 30.10 -62.29 16.39
C PRO R 331 30.93 -61.43 17.33
N ALA R 332 30.86 -60.12 17.11
CA ALA R 332 31.60 -59.14 17.90
C ALA R 332 30.60 -58.20 18.57
N THR R 333 30.75 -58.00 19.87
CA THR R 333 29.83 -57.17 20.62
C THR R 333 30.28 -55.72 20.61
N ARG R 334 29.32 -54.81 20.47
CA ARG R 334 29.57 -53.37 20.47
C ARG R 334 29.00 -52.67 21.69
N SER R 335 27.70 -52.85 21.95
CA SER R 335 27.05 -52.27 23.11
C SER R 335 26.37 -53.37 23.90
N GLU R 336 26.44 -53.27 25.22
CA GLU R 336 25.89 -54.31 26.10
C GLU R 336 25.31 -53.67 27.34
N TYR R 337 24.09 -54.05 27.69
CA TYR R 337 23.44 -53.60 28.91
C TYR R 337 22.84 -54.82 29.60
N ALA R 338 23.01 -54.88 30.93
CA ALA R 338 22.57 -56.04 31.70
C ALA R 338 21.92 -55.59 32.99
N LEU R 339 21.01 -56.42 33.48
CA LEU R 339 20.34 -56.19 34.76
C LEU R 339 20.06 -57.55 35.40
N GLU R 340 20.51 -57.72 36.64
CA GLU R 340 20.48 -59.00 37.35
C GLU R 340 19.82 -58.83 38.72
N ASP R 341 18.64 -58.21 38.73
CA ASP R 341 17.95 -57.92 39.98
C ASP R 341 17.58 -59.22 40.69
N TYR R 342 17.99 -59.32 41.96
CA TYR R 342 17.68 -60.45 42.80
C TYR R 342 16.68 -60.04 43.88
N ASN R 343 16.19 -61.02 44.63
CA ASN R 343 15.27 -60.76 45.73
C ASN R 343 15.25 -61.92 46.72
N VAL R 383 13.08 -61.81 40.51
CA VAL R 383 14.38 -62.06 39.91
C VAL R 383 14.38 -61.59 38.46
N ARG R 384 14.72 -60.33 38.24
CA ARG R 384 14.74 -59.79 36.89
C ARG R 384 16.08 -60.04 36.22
N LYS R 385 16.04 -60.65 35.04
CA LYS R 385 17.24 -60.94 34.26
C LYS R 385 17.03 -60.35 32.87
N GLU R 386 17.55 -59.15 32.65
CA GLU R 386 17.39 -58.45 31.38
C GLU R 386 18.75 -58.25 30.72
N SER R 387 18.78 -58.41 29.40
CA SER R 387 20.00 -58.24 28.62
C SER R 387 19.67 -57.60 27.29
N THR R 388 20.54 -56.71 26.84
CA THR R 388 20.38 -56.06 25.54
C THR R 388 21.76 -55.89 24.93
N ARG R 389 22.03 -56.59 23.82
CA ARG R 389 23.34 -56.59 23.20
C ARG R 389 23.21 -56.24 21.71
N ASN R 390 24.22 -55.55 21.20
CA ASN R 390 24.32 -55.22 19.78
C ASN R 390 25.55 -55.89 19.20
N PHE R 391 25.41 -56.42 17.98
CA PHE R 391 26.46 -57.20 17.35
C PHE R 391 26.79 -56.63 15.98
N GLU R 392 28.04 -56.84 15.57
CA GLU R 392 28.50 -56.50 14.23
C GLU R 392 29.28 -57.68 13.67
N LEU R 393 28.99 -58.03 12.42
CA LEU R 393 29.50 -59.25 11.82
C LEU R 393 30.27 -58.93 10.54
N ASP R 394 31.03 -59.93 10.07
CA ASP R 394 31.78 -59.79 8.84
C ASP R 394 30.84 -59.71 7.64
N THR R 395 31.17 -58.83 6.70
CA THR R 395 30.38 -58.64 5.50
C THR R 395 31.26 -58.83 4.27
N THR R 396 30.77 -59.62 3.31
CA THR R 396 31.47 -59.88 2.07
C THR R 396 30.52 -59.68 0.91
N ILE R 397 30.96 -58.90 -0.09
CA ILE R 397 30.15 -58.59 -1.26
C ILE R 397 30.95 -58.95 -2.50
N SER R 398 30.32 -59.68 -3.41
CA SER R 398 30.98 -60.13 -4.64
C SER R 398 30.07 -59.86 -5.83
N HIS R 399 30.66 -59.38 -6.92
CA HIS R 399 29.94 -59.14 -8.17
C HIS R 399 30.71 -59.82 -9.30
N GLU R 400 30.02 -60.63 -10.08
CA GLU R 400 30.65 -61.44 -11.12
C GLU R 400 29.88 -61.32 -12.43
N ARG R 401 30.63 -61.19 -13.52
CA ARG R 401 30.06 -61.18 -14.87
C ARG R 401 30.67 -62.34 -15.64
N LYS R 402 29.82 -63.23 -16.14
CA LYS R 402 30.29 -64.43 -16.80
C LYS R 402 30.66 -64.14 -18.26
N GLN R 403 31.34 -65.10 -18.88
CA GLN R 403 31.74 -64.99 -20.27
C GLN R 403 30.61 -65.41 -21.20
N THR R 404 30.75 -65.06 -22.47
CA THR R 404 29.78 -65.43 -23.50
C THR R 404 30.50 -66.25 -24.56
N GLY R 405 30.11 -67.51 -24.69
CA GLY R 405 30.72 -68.37 -25.69
C GLY R 405 31.47 -69.55 -25.10
N THR R 406 31.05 -70.02 -23.94
CA THR R 406 31.70 -71.16 -23.31
C THR R 406 31.38 -72.44 -24.07
N VAL R 407 32.36 -73.33 -24.15
CA VAL R 407 32.19 -74.61 -24.83
C VAL R 407 31.38 -75.55 -23.96
N ALA R 408 30.35 -76.18 -24.54
CA ALA R 408 29.48 -77.09 -23.81
C ALA R 408 29.89 -78.55 -24.00
N ARG R 409 29.96 -78.99 -25.26
CA ARG R 409 30.33 -80.39 -25.55
C ARG R 409 31.29 -80.46 -26.73
N GLN R 410 32.00 -81.56 -26.85
CA GLN R 410 33.01 -81.74 -27.88
C GLN R 410 33.11 -83.22 -28.23
N THR R 411 32.96 -83.53 -29.52
CA THR R 411 33.01 -84.90 -30.01
C THR R 411 34.08 -85.04 -31.08
N VAL R 412 34.90 -86.09 -30.96
CA VAL R 412 35.96 -86.39 -31.91
C VAL R 412 35.84 -87.86 -32.32
N SER R 413 35.93 -88.11 -33.63
CA SER R 413 35.86 -89.46 -34.17
C SER R 413 37.01 -89.68 -35.15
N VAL R 414 37.75 -90.76 -34.95
CA VAL R 414 38.93 -91.07 -35.77
C VAL R 414 38.79 -92.48 -36.32
N ALA R 415 38.99 -92.62 -37.62
CA ALA R 415 38.97 -93.91 -38.31
C ALA R 415 40.32 -94.14 -38.98
N ILE R 416 40.89 -95.31 -38.77
CA ILE R 416 42.21 -95.66 -39.28
C ILE R 416 42.08 -96.81 -40.27
N LYS R 417 42.71 -96.67 -41.42
CA LYS R 417 42.68 -97.72 -42.43
C LYS R 417 43.40 -98.97 -41.93
N ASP R 418 42.84 -100.13 -42.24
CA ASP R 418 43.44 -101.40 -41.87
C ASP R 418 44.31 -101.93 -42.99
N MET R 434 45.03 -103.40 -37.00
CA MET R 434 45.70 -102.79 -35.86
C MET R 434 45.30 -103.48 -34.56
N SER R 435 46.28 -103.73 -33.71
CA SER R 435 46.02 -104.39 -32.43
C SER R 435 45.44 -103.39 -31.44
N GLU R 436 45.08 -103.87 -30.25
CA GLU R 436 44.50 -103.01 -29.23
C GLU R 436 45.53 -102.07 -28.62
N SER R 437 46.78 -102.50 -28.52
CA SER R 437 47.80 -101.66 -27.90
C SER R 437 48.05 -100.40 -28.72
N GLU R 438 48.14 -100.53 -30.04
CA GLU R 438 48.34 -99.36 -30.89
C GLU R 438 47.15 -98.41 -30.83
N ILE R 439 45.94 -98.96 -30.79
CA ILE R 439 44.75 -98.11 -30.68
C ILE R 439 44.76 -97.35 -29.36
N ASN R 440 45.12 -98.03 -28.26
CA ASN R 440 45.19 -97.37 -26.97
C ASN R 440 46.25 -96.28 -26.96
N ALA R 441 47.41 -96.56 -27.57
CA ALA R 441 48.48 -95.55 -27.63
C ALA R 441 48.04 -94.34 -28.44
N ILE R 442 47.36 -94.56 -29.57
CA ILE R 442 46.88 -93.46 -30.38
C ILE R 442 45.85 -92.64 -29.62
N ARG R 443 44.95 -93.31 -28.90
CA ARG R 443 43.96 -92.59 -28.09
C ARG R 443 44.64 -91.77 -27.00
N GLN R 444 45.65 -92.33 -26.35
CA GLN R 444 46.38 -91.59 -25.32
C GLN R 444 47.08 -90.38 -25.90
N VAL R 445 47.66 -90.51 -27.10
CA VAL R 445 48.31 -89.38 -27.75
C VAL R 445 47.28 -88.30 -28.08
N LEU R 446 46.13 -88.70 -28.62
CA LEU R 446 45.14 -87.73 -29.04
C LEU R 446 44.44 -87.05 -27.87
N ILE R 447 44.44 -87.70 -26.69
CA ILE R 447 43.80 -87.10 -25.52
C ILE R 447 44.44 -85.76 -25.16
N GLY R 448 45.77 -85.70 -25.13
CA GLY R 448 46.45 -84.45 -24.86
C GLY R 448 46.27 -83.41 -25.96
N THR R 449 46.29 -83.86 -27.20
CA THR R 449 46.14 -82.94 -28.33
C THR R 449 44.76 -82.31 -28.40
N VAL R 450 43.71 -83.04 -28.00
CA VAL R 450 42.34 -82.56 -28.09
C VAL R 450 41.93 -81.81 -26.82
N GLY R 451 42.13 -82.43 -25.66
CA GLY R 451 41.68 -81.86 -24.41
C GLY R 451 40.44 -82.57 -23.90
N PHE R 452 40.41 -83.89 -24.08
CA PHE R 452 39.27 -84.69 -23.67
C PHE R 452 39.04 -84.56 -22.17
N ASP R 453 37.85 -84.08 -21.80
CA ASP R 453 37.50 -83.83 -20.41
C ASP R 453 36.16 -84.50 -20.14
N GLN R 454 36.05 -85.20 -19.01
CA GLN R 454 34.82 -85.90 -18.66
C GLN R 454 33.79 -84.99 -17.99
N GLY R 455 34.20 -83.81 -17.52
CA GLY R 455 33.25 -82.94 -16.83
C GLY R 455 32.19 -82.40 -17.77
N ARG R 456 32.55 -82.09 -19.00
CA ARG R 456 31.62 -81.57 -19.99
C ARG R 456 30.94 -82.67 -20.81
N GLY R 457 31.21 -83.92 -20.50
CA GLY R 457 30.64 -85.02 -21.26
C GLY R 457 31.16 -85.11 -22.69
N ASP R 458 32.44 -84.81 -22.90
CA ASP R 458 33.02 -84.91 -24.23
C ASP R 458 33.17 -86.36 -24.64
N LEU R 459 33.15 -86.59 -25.95
CA LEU R 459 33.22 -87.94 -26.51
C LEU R 459 34.42 -88.02 -27.45
N LEU R 460 35.21 -89.10 -27.29
CA LEU R 460 36.36 -89.34 -28.15
C LEU R 460 36.36 -90.80 -28.54
N ASN R 461 36.19 -91.08 -29.83
CA ASN R 461 36.16 -92.44 -30.35
C ASN R 461 37.26 -92.60 -31.39
N VAL R 462 38.03 -93.67 -31.27
CA VAL R 462 39.06 -94.01 -32.25
C VAL R 462 38.91 -95.50 -32.59
N LEU R 463 38.93 -95.80 -33.88
CA LEU R 463 38.68 -97.17 -34.33
C LEU R 463 39.26 -97.36 -35.72
N SER R 464 39.35 -98.63 -36.13
CA SER R 464 39.96 -99.00 -37.41
C SER R 464 38.96 -99.79 -38.24
N VAL R 465 38.80 -99.40 -39.51
CA VAL R 465 37.93 -100.08 -40.46
C VAL R 465 38.69 -100.28 -41.76
N LYS R 466 38.14 -101.15 -42.60
CA LYS R 466 38.71 -101.43 -43.91
C LYS R 466 38.18 -100.41 -44.92
N PHE R 467 39.09 -99.74 -45.62
CA PHE R 467 38.70 -98.72 -46.59
C PHE R 467 38.32 -99.37 -47.92
N ALA R 468 38.14 -98.52 -48.94
CA ALA R 468 37.75 -99.01 -50.29
C ALA R 468 38.87 -98.69 -51.27
N GLU R 469 38.82 -99.25 -52.48
CA GLU R 469 39.96 -99.07 -53.42
C GLU R 469 39.51 -98.42 -54.73
N PRO S 270 31.04 -53.86 -32.69
CA PRO S 270 30.31 -54.15 -31.46
C PRO S 270 31.03 -55.15 -30.57
N ALA S 271 30.34 -56.22 -30.18
CA ALA S 271 30.92 -57.24 -29.31
C ALA S 271 31.57 -58.38 -30.07
N SER S 272 31.61 -58.30 -31.41
CA SER S 272 32.18 -59.37 -32.22
C SER S 272 33.69 -59.39 -32.11
N ALA S 273 34.28 -58.31 -31.58
CA ALA S 273 35.72 -58.22 -31.43
C ALA S 273 36.21 -58.59 -30.03
N ALA S 274 35.30 -58.75 -29.07
CA ALA S 274 35.72 -59.09 -27.71
C ALA S 274 36.01 -60.57 -27.55
N ARG S 275 35.58 -61.39 -28.51
CA ARG S 275 35.80 -62.83 -28.39
C ARG S 275 36.91 -63.30 -29.31
N ARG S 276 37.00 -62.73 -30.51
CA ARG S 276 38.07 -63.10 -31.43
C ARG S 276 39.44 -62.72 -30.85
N LYS S 277 39.50 -61.65 -30.06
CA LYS S 277 40.75 -61.31 -29.39
C LYS S 277 41.15 -62.40 -28.41
N GLU S 278 40.18 -62.96 -27.69
CA GLU S 278 40.48 -64.08 -26.80
C GLU S 278 40.91 -65.31 -27.60
N GLN S 279 40.31 -65.49 -28.76
CA GLN S 279 40.68 -66.65 -29.61
C GLN S 279 42.12 -66.51 -30.07
N GLU S 280 42.55 -65.34 -30.55
CA GLU S 280 43.93 -65.14 -30.96
C GLU S 280 44.89 -65.21 -29.78
N LEU S 281 44.49 -64.72 -28.60
CA LEU S 281 45.35 -64.80 -27.44
C LEU S 281 45.58 -66.26 -27.03
N GLU S 282 44.52 -67.07 -27.06
CA GLU S 282 44.66 -68.48 -26.72
C GLU S 282 45.55 -69.19 -27.74
N ARG S 283 45.41 -68.86 -29.02
CA ARG S 283 46.27 -69.47 -30.03
C ARG S 283 47.74 -69.05 -29.83
N SER S 284 47.96 -67.78 -29.48
CA SER S 284 49.31 -67.30 -29.25
C SER S 284 49.97 -67.99 -28.06
N GLN S 285 49.21 -68.23 -27.00
CA GLN S 285 49.76 -68.98 -25.87
C GLN S 285 50.21 -70.38 -26.29
N GLU S 286 49.37 -71.07 -27.07
CA GLU S 286 49.74 -72.41 -27.54
C GLU S 286 50.97 -72.37 -28.41
N GLN S 287 51.07 -71.36 -29.28
CA GLN S 287 52.24 -71.27 -30.17
C GLN S 287 53.51 -71.07 -29.36
N ALA S 288 53.47 -70.18 -28.36
CA ALA S 288 54.65 -69.95 -27.52
C ALA S 288 55.04 -71.20 -26.75
N LEU S 289 54.05 -71.92 -26.21
CA LEU S 289 54.35 -73.14 -25.48
C LEU S 289 54.97 -74.19 -26.40
N ARG S 290 54.46 -74.30 -27.63
CA ARG S 290 55.04 -75.24 -28.59
C ARG S 290 56.48 -74.86 -28.93
N GLU S 291 56.74 -73.56 -29.10
CA GLU S 291 58.09 -73.11 -29.40
C GLU S 291 59.04 -73.44 -28.24
N LYS S 292 58.58 -73.24 -27.01
CA LYS S 292 59.41 -73.59 -25.86
C LYS S 292 59.67 -75.09 -25.79
N ILE S 293 58.65 -75.89 -26.13
CA ILE S 293 58.81 -77.35 -26.12
C ILE S 293 59.85 -77.77 -27.15
N ASP S 294 59.79 -77.19 -28.34
CA ASP S 294 60.67 -77.61 -29.43
C ASP S 294 62.13 -77.35 -29.10
N SER S 295 62.41 -76.27 -28.36
CA SER S 295 63.79 -75.87 -28.10
C SER S 295 64.52 -76.92 -27.26
N VAL S 296 63.80 -77.60 -26.36
CA VAL S 296 64.44 -78.57 -25.48
C VAL S 296 64.57 -79.95 -26.11
N LEU S 297 63.51 -80.44 -26.75
CA LEU S 297 63.51 -81.80 -27.27
C LEU S 297 64.31 -81.94 -28.56
N LEU S 298 64.53 -80.86 -29.29
CA LEU S 298 65.26 -80.95 -30.56
C LEU S 298 66.69 -81.44 -30.41
N PRO S 299 67.53 -80.88 -29.52
CA PRO S 299 68.92 -81.34 -29.46
C PRO S 299 69.09 -82.70 -28.81
N ILE S 300 68.13 -83.16 -28.01
CA ILE S 300 68.28 -84.44 -27.31
C ILE S 300 67.71 -85.59 -28.13
N LEU S 301 66.55 -85.41 -28.77
CA LEU S 301 65.93 -86.47 -29.54
C LEU S 301 66.34 -86.44 -31.00
N GLY S 302 66.47 -85.26 -31.59
CA GLY S 302 66.84 -85.13 -32.97
C GLY S 302 65.70 -84.59 -33.82
N TYR S 303 66.02 -84.32 -35.09
CA TYR S 303 65.04 -83.77 -36.02
C TYR S 303 64.15 -84.89 -36.56
N GLY S 304 62.85 -84.74 -36.39
CA GLY S 304 61.89 -85.69 -36.93
C GLY S 304 61.70 -86.96 -36.13
N ASN S 305 62.16 -87.00 -34.88
CA ASN S 305 62.02 -88.19 -34.05
C ASN S 305 60.96 -88.01 -32.97
N TYR S 306 60.18 -86.94 -33.01
CA TYR S 306 59.19 -86.68 -31.98
C TYR S 306 58.09 -85.78 -32.54
N THR S 307 56.92 -85.84 -31.92
CA THR S 307 55.81 -84.95 -32.21
C THR S 307 55.15 -84.57 -30.89
N ALA S 308 54.66 -83.32 -30.83
CA ALA S 308 54.04 -82.83 -29.61
C ALA S 308 53.07 -81.71 -29.94
N GLN S 309 51.97 -81.66 -29.19
CA GLN S 309 50.99 -80.59 -29.30
C GLN S 309 50.43 -80.29 -27.93
N VAL S 310 50.01 -79.03 -27.72
CA VAL S 310 49.49 -78.58 -26.44
C VAL S 310 48.22 -77.77 -26.66
N ASP S 311 47.45 -77.62 -25.60
CA ASP S 311 46.29 -76.74 -25.61
C ASP S 311 46.11 -76.12 -24.22
N ILE S 312 45.50 -74.94 -24.19
CA ILE S 312 45.22 -74.21 -22.95
C ILE S 312 43.78 -73.73 -22.98
N GLN S 313 43.08 -73.91 -21.87
CA GLN S 313 41.71 -73.42 -21.70
C GLN S 313 41.71 -72.37 -20.60
N MET S 314 41.09 -71.23 -20.88
CA MET S 314 41.07 -70.09 -19.97
C MET S 314 39.67 -69.51 -19.88
N ASP S 315 39.47 -68.68 -18.87
CA ASP S 315 38.18 -68.00 -18.64
C ASP S 315 38.41 -66.50 -18.56
N PHE S 316 37.38 -65.74 -18.93
CA PHE S 316 37.46 -64.29 -19.02
C PHE S 316 36.35 -63.64 -18.20
N SER S 317 36.15 -64.13 -16.98
CA SER S 317 35.16 -63.56 -16.09
C SER S 317 35.71 -62.29 -15.43
N ALA S 318 34.88 -61.64 -14.62
CA ALA S 318 35.28 -60.41 -13.94
C ALA S 318 34.70 -60.45 -12.53
N VAL S 319 35.56 -60.58 -11.53
CA VAL S 319 35.15 -60.75 -10.14
C VAL S 319 35.72 -59.60 -9.32
N GLU S 320 34.87 -58.99 -8.50
CA GLU S 320 35.27 -57.96 -7.55
C GLU S 320 34.88 -58.40 -6.15
N GLN S 321 35.76 -58.18 -5.18
CA GLN S 321 35.58 -58.67 -3.83
C GLN S 321 35.75 -57.54 -2.83
N THR S 322 34.88 -57.50 -1.82
CA THR S 322 34.98 -56.54 -0.74
C THR S 322 34.80 -57.28 0.58
N ARG S 323 35.77 -57.15 1.48
CA ARG S 323 35.78 -57.87 2.74
C ARG S 323 35.90 -56.90 3.91
N LYS S 324 35.16 -57.19 4.98
CA LYS S 324 35.23 -56.42 6.22
C LYS S 324 35.29 -57.40 7.38
N ARG S 325 36.42 -57.44 8.07
CA ARG S 325 36.68 -58.42 9.12
C ARG S 325 36.74 -57.72 10.48
N PHE S 326 36.46 -58.48 11.52
CA PHE S 326 36.48 -57.98 12.90
C PHE S 326 37.24 -58.96 13.77
N ASP S 327 37.75 -58.46 14.89
CA ASP S 327 38.47 -59.28 15.86
C ASP S 327 37.72 -59.28 17.18
N PRO S 328 36.93 -60.31 17.47
CA PRO S 328 36.13 -60.31 18.71
C PRO S 328 36.91 -60.75 19.95
N ASN S 329 38.10 -61.31 19.80
CA ASN S 329 38.85 -61.82 20.93
C ASN S 329 39.60 -60.73 21.70
N THR S 330 39.74 -59.54 21.14
CA THR S 330 40.48 -58.44 21.77
C THR S 330 39.60 -57.20 21.81
N PRO S 331 38.65 -57.14 22.74
CA PRO S 331 37.81 -55.96 22.89
C PRO S 331 38.45 -54.92 23.81
N ALA S 332 38.19 -53.66 23.49
CA ALA S 332 38.71 -52.53 24.26
C ALA S 332 37.54 -51.71 24.78
N THR S 333 37.57 -51.41 26.08
CA THR S 333 36.49 -50.68 26.72
C THR S 333 36.72 -49.18 26.63
N ARG S 334 35.64 -48.44 26.36
CA ARG S 334 35.68 -46.99 26.27
C ARG S 334 34.92 -46.31 27.40
N SER S 335 33.66 -46.66 27.60
CA SER S 335 32.84 -46.11 28.66
C SER S 335 32.28 -47.26 29.49
N GLU S 336 32.23 -47.07 30.81
CA GLU S 336 31.79 -48.12 31.72
C GLU S 336 31.04 -47.50 32.88
N TYR S 337 29.86 -48.04 33.17
CA TYR S 337 29.05 -47.63 34.32
C TYR S 337 28.60 -48.87 35.06
N ALA S 338 28.69 -48.83 36.39
CA ALA S 338 28.37 -49.99 37.21
C ALA S 338 27.55 -49.56 38.43
N LEU S 339 26.74 -50.48 38.92
CA LEU S 339 25.96 -50.28 40.14
C LEU S 339 25.84 -51.62 40.85
N GLU S 340 26.22 -51.65 42.12
CA GLU S 340 26.32 -52.88 42.92
C GLU S 340 25.56 -52.72 44.22
N ASP S 341 24.30 -52.29 44.13
CA ASP S 341 23.47 -52.03 45.30
C ASP S 341 23.26 -53.32 46.08
N TYR S 342 23.58 -53.28 47.37
CA TYR S 342 23.38 -54.40 48.28
C TYR S 342 22.27 -54.07 49.26
N ASN S 343 21.87 -55.07 50.05
CA ASN S 343 20.84 -54.88 51.07
C ASN S 343 20.92 -55.97 52.13
N VAL S 383 19.22 -56.57 45.80
CA VAL S 383 20.58 -56.65 45.31
C VAL S 383 20.62 -56.29 43.84
N ARG S 384 20.78 -55.01 43.54
CA ARG S 384 20.81 -54.55 42.17
C ARG S 384 22.22 -54.64 41.60
N LYS S 385 22.35 -55.32 40.47
CA LYS S 385 23.64 -55.47 39.78
C LYS S 385 23.45 -55.00 38.34
N GLU S 386 23.79 -53.75 38.07
CA GLU S 386 23.62 -53.16 36.75
C GLU S 386 24.98 -52.80 36.15
N SER S 387 25.14 -53.04 34.86
CA SER S 387 26.37 -52.74 34.15
C SER S 387 26.04 -52.23 32.75
N THR S 388 26.81 -51.25 32.29
CA THR S 388 26.65 -50.71 30.94
C THR S 388 28.04 -50.38 30.41
N ARG S 389 28.47 -51.09 29.37
CA ARG S 389 29.81 -50.93 28.83
C ARG S 389 29.74 -50.70 27.32
N ASN S 390 30.67 -49.89 26.83
CA ASN S 390 30.82 -49.64 25.40
C ASN S 390 32.18 -50.16 24.94
N PHE S 391 32.21 -50.77 23.76
CA PHE S 391 33.40 -51.43 23.25
C PHE S 391 33.75 -50.89 21.87
N GLU S 392 35.04 -50.93 21.55
CA GLU S 392 35.54 -50.62 20.22
C GLU S 392 36.52 -51.69 19.79
N LEU S 393 36.38 -52.16 18.56
CA LEU S 393 37.10 -53.33 18.08
C LEU S 393 37.91 -52.98 16.83
N ASP S 394 38.83 -53.87 16.49
CA ASP S 394 39.64 -53.71 15.30
C ASP S 394 38.79 -53.83 14.04
N THR S 395 39.06 -52.98 13.06
CA THR S 395 38.33 -52.97 11.80
C THR S 395 39.32 -53.11 10.65
N THR S 396 39.02 -54.02 9.72
CA THR S 396 39.84 -54.26 8.55
C THR S 396 38.96 -54.26 7.31
N ILE S 397 39.34 -53.50 6.30
CA ILE S 397 38.58 -53.38 5.05
C ILE S 397 39.52 -53.70 3.89
N SER S 398 39.07 -54.57 3.00
CA SER S 398 39.87 -54.98 1.85
C SER S 398 39.01 -54.93 0.59
N HIS S 399 39.61 -54.43 -0.49
CA HIS S 399 38.95 -54.39 -1.80
C HIS S 399 39.89 -55.01 -2.82
N GLU S 400 39.39 -55.97 -3.60
CA GLU S 400 40.21 -56.73 -4.53
C GLU S 400 39.53 -56.81 -5.88
N ARG S 401 40.31 -56.63 -6.94
CA ARG S 401 39.86 -56.79 -8.31
C ARG S 401 40.69 -57.89 -8.96
N LYS S 402 40.01 -58.93 -9.44
CA LYS S 402 40.71 -60.08 -9.99
C LYS S 402 41.12 -59.84 -11.44
N GLN S 403 41.98 -60.71 -11.95
CA GLN S 403 42.47 -60.63 -13.32
C GLN S 403 41.48 -61.28 -14.27
N THR S 404 41.66 -60.99 -15.56
CA THR S 404 40.82 -61.56 -16.62
C THR S 404 41.73 -62.32 -17.57
N GLY S 405 41.55 -63.64 -17.64
CA GLY S 405 42.34 -64.47 -18.53
C GLY S 405 43.21 -65.47 -17.82
N THR S 406 42.78 -65.93 -16.65
CA THR S 406 43.54 -66.91 -15.90
C THR S 406 43.47 -68.27 -16.58
N VAL S 407 44.57 -69.01 -16.54
CA VAL S 407 44.65 -70.34 -17.14
C VAL S 407 43.92 -71.33 -16.25
N ALA S 408 43.05 -72.14 -16.84
CA ALA S 408 42.27 -73.13 -16.11
C ALA S 408 42.90 -74.52 -16.17
N ARG S 409 43.12 -75.01 -17.39
CA ARG S 409 43.71 -76.36 -17.55
C ARG S 409 44.76 -76.36 -18.66
N GLN S 410 45.63 -77.34 -18.66
CA GLN S 410 46.73 -77.43 -19.61
C GLN S 410 47.07 -78.89 -19.85
N THR S 411 47.06 -79.31 -21.12
CA THR S 411 47.34 -80.68 -21.50
C THR S 411 48.49 -80.73 -22.49
N VAL S 412 49.44 -81.62 -22.24
CA VAL S 412 50.60 -81.82 -23.10
C VAL S 412 50.74 -83.31 -23.42
N SER S 413 50.95 -83.63 -24.69
CA SER S 413 51.12 -85.00 -25.14
C SER S 413 52.36 -85.10 -26.03
N VAL S 414 53.24 -86.05 -25.70
CA VAL S 414 54.50 -86.22 -26.42
C VAL S 414 54.61 -87.68 -26.88
N ALA S 415 54.92 -87.87 -28.16
CA ALA S 415 55.15 -89.18 -28.74
C ALA S 415 56.55 -89.24 -29.31
N ILE S 416 57.28 -90.30 -28.98
CA ILE S 416 58.67 -90.47 -29.38
C ILE S 416 58.78 -91.69 -30.30
N LYS S 417 59.47 -91.52 -31.42
CA LYS S 417 59.66 -92.64 -32.35
C LYS S 417 60.53 -93.72 -31.71
N ASP S 418 60.16 -94.97 -31.98
CA ASP S 418 60.91 -96.12 -31.47
C ASP S 418 61.93 -96.57 -32.50
N MET S 434 62.43 -97.54 -26.39
CA MET S 434 62.92 -96.76 -25.26
C MET S 434 62.53 -97.42 -23.94
N SER S 435 63.46 -97.47 -23.00
CA SER S 435 63.22 -98.09 -21.70
C SER S 435 62.42 -97.13 -20.83
N GLU S 436 62.06 -97.58 -19.63
CA GLU S 436 61.28 -96.75 -18.72
C GLU S 436 62.11 -95.63 -18.11
N SER S 437 63.41 -95.87 -17.90
CA SER S 437 64.25 -94.85 -17.28
C SER S 437 64.37 -93.61 -18.17
N GLU S 438 64.57 -93.81 -19.48
CA GLU S 438 64.66 -92.68 -20.39
C GLU S 438 63.35 -91.92 -20.47
N ILE S 439 62.22 -92.64 -20.47
CA ILE S 439 60.91 -91.98 -20.48
C ILE S 439 60.72 -91.14 -19.23
N ASN S 440 61.10 -91.70 -18.07
CA ASN S 440 60.97 -90.95 -16.82
C ASN S 440 61.86 -89.72 -16.82
N ALA S 441 63.09 -89.85 -17.34
CA ALA S 441 64.00 -88.70 -17.41
C ALA S 441 63.44 -87.62 -18.33
N ILE S 442 62.90 -88.02 -19.48
CA ILE S 442 62.31 -87.04 -20.40
C ILE S 442 61.12 -86.34 -19.76
N ARG S 443 60.27 -87.10 -19.05
CA ARG S 443 59.14 -86.49 -18.36
C ARG S 443 59.61 -85.50 -17.29
N GLN S 444 60.66 -85.87 -16.54
CA GLN S 444 61.18 -84.96 -15.53
C GLN S 444 61.74 -83.70 -16.14
N VAL S 445 62.41 -83.82 -17.29
CA VAL S 445 62.93 -82.63 -17.98
C VAL S 445 61.78 -81.76 -18.45
N LEU S 446 60.75 -82.37 -19.03
CA LEU S 446 59.65 -81.58 -19.58
C LEU S 446 58.78 -80.94 -18.51
N ILE S 447 58.79 -81.50 -17.29
CA ILE S 447 57.99 -80.94 -16.22
C ILE S 447 58.40 -79.51 -15.90
N GLY S 448 59.70 -79.23 -15.80
CA GLY S 448 60.17 -77.88 -15.57
C GLY S 448 59.91 -76.96 -16.75
N THR S 449 60.09 -77.47 -17.97
CA THR S 449 59.89 -76.66 -19.17
C THR S 449 58.44 -76.25 -19.36
N VAL S 450 57.49 -77.10 -18.98
CA VAL S 450 56.06 -76.84 -19.19
C VAL S 450 55.45 -76.09 -18.01
N GLY S 451 55.67 -76.59 -16.79
CA GLY S 451 55.03 -76.02 -15.62
C GLY S 451 53.89 -76.88 -15.13
N PHE S 452 54.07 -78.20 -15.20
CA PHE S 452 53.03 -79.14 -14.82
C PHE S 452 52.67 -78.95 -13.34
N ASP S 453 51.41 -78.63 -13.08
CA ASP S 453 50.93 -78.35 -11.73
C ASP S 453 49.68 -79.20 -11.52
N GLN S 454 49.60 -79.84 -10.35
CA GLN S 454 48.46 -80.69 -10.03
C GLN S 454 47.27 -79.92 -9.48
N GLY S 455 47.46 -78.66 -9.07
CA GLY S 455 46.35 -77.90 -8.52
C GLY S 455 45.27 -77.59 -9.55
N ARG S 456 45.68 -77.30 -10.78
CA ARG S 456 44.76 -76.99 -11.85
C ARG S 456 44.31 -78.22 -12.63
N GLY S 457 44.75 -79.41 -12.21
CA GLY S 457 44.41 -80.63 -12.94
C GLY S 457 45.02 -80.72 -14.31
N ASP S 458 46.26 -80.24 -14.47
CA ASP S 458 46.94 -80.33 -15.74
C ASP S 458 47.33 -81.77 -16.04
N LEU S 459 47.44 -82.08 -17.33
CA LEU S 459 47.75 -83.43 -17.79
C LEU S 459 49.01 -83.39 -18.63
N LEU S 460 49.93 -84.32 -18.36
CA LEU S 460 51.17 -84.43 -19.12
C LEU S 460 51.42 -85.91 -19.41
N ASN S 461 51.38 -86.28 -20.69
CA ASN S 461 51.59 -87.66 -21.11
C ASN S 461 52.77 -87.71 -22.06
N VAL S 462 53.68 -88.66 -21.82
CA VAL S 462 54.82 -88.90 -22.70
C VAL S 462 54.91 -90.40 -22.95
N LEU S 463 55.06 -90.78 -24.21
CA LEU S 463 55.06 -92.20 -24.56
C LEU S 463 55.74 -92.38 -25.90
N SER S 464 56.05 -93.64 -26.22
CA SER S 464 56.79 -93.99 -27.42
C SER S 464 55.99 -94.98 -28.26
N VAL S 465 55.87 -94.69 -29.56
CA VAL S 465 55.18 -95.56 -30.50
C VAL S 465 56.06 -95.72 -31.74
N LYS S 466 55.70 -96.72 -32.55
CA LYS S 466 56.40 -96.98 -33.80
C LYS S 466 55.79 -96.11 -34.90
N PHE S 467 56.65 -95.36 -35.60
CA PHE S 467 56.18 -94.48 -36.66
C PHE S 467 56.00 -95.25 -37.96
N ALA S 468 55.77 -94.51 -39.05
CA ALA S 468 55.55 -95.14 -40.38
C ALA S 468 56.68 -94.71 -41.32
N GLU S 469 56.80 -95.34 -42.49
CA GLU S 469 57.97 -95.05 -43.36
C GLU S 469 57.51 -94.57 -44.74
N PRO T 270 41.09 -50.57 -26.72
CA PRO T 270 40.31 -50.90 -25.52
C PRO T 270 41.11 -51.71 -24.50
N ALA T 271 40.55 -52.85 -24.09
CA ALA T 271 41.21 -53.70 -23.11
C ALA T 271 42.07 -54.78 -23.75
N SER T 272 42.21 -54.79 -25.07
CA SER T 272 42.99 -55.81 -25.76
C SER T 272 44.48 -55.59 -25.55
N ALA T 273 44.86 -54.41 -25.08
CA ALA T 273 46.26 -54.09 -24.83
C ALA T 273 46.69 -54.28 -23.39
N ALA T 274 45.74 -54.51 -22.47
CA ALA T 274 46.10 -54.69 -21.07
C ALA T 274 46.59 -56.10 -20.78
N ARG T 275 46.36 -57.04 -21.69
CA ARG T 275 46.78 -58.42 -21.46
C ARG T 275 48.02 -58.78 -22.27
N ARG T 276 48.11 -58.28 -23.50
CA ARG T 276 49.29 -58.52 -24.32
C ARG T 276 50.54 -57.91 -23.69
N LYS T 277 50.38 -56.79 -22.97
CA LYS T 277 51.51 -56.23 -22.26
C LYS T 277 52.01 -57.18 -21.18
N GLU T 278 51.08 -57.83 -20.47
CA GLU T 278 51.47 -58.83 -19.49
C GLU T 278 52.14 -60.02 -20.16
N GLN T 279 51.65 -60.38 -21.34
CA GLN T 279 52.25 -61.52 -22.07
C GLN T 279 53.69 -61.18 -22.46
N GLU T 280 53.97 -60.00 -22.99
CA GLU T 280 55.34 -59.62 -23.33
C GLU T 280 56.21 -59.46 -22.08
N LEU T 281 55.65 -58.95 -20.99
CA LEU T 281 56.43 -58.84 -19.76
C LEU T 281 56.83 -60.21 -19.23
N GLU T 282 55.91 -61.17 -19.26
CA GLU T 282 56.23 -62.52 -18.82
C GLU T 282 57.30 -63.14 -19.71
N ARG T 283 57.20 -62.93 -21.02
CA ARG T 283 58.22 -63.46 -21.93
C ARG T 283 59.58 -62.81 -21.66
N SER T 284 59.59 -61.51 -21.40
CA SER T 284 60.84 -60.81 -21.13
C SER T 284 61.50 -61.31 -19.85
N GLN T 285 60.71 -61.60 -18.81
CA GLN T 285 61.28 -62.18 -17.60
C GLN T 285 61.96 -63.52 -17.88
N GLU T 286 61.30 -64.38 -18.66
CA GLU T 286 61.88 -65.68 -19.00
C GLU T 286 63.17 -65.50 -19.80
N GLN T 287 63.18 -64.55 -20.74
CA GLN T 287 64.38 -64.34 -21.54
C GLN T 287 65.55 -63.89 -20.68
N ALA T 288 65.30 -62.96 -19.75
CA ALA T 288 66.37 -62.50 -18.87
C ALA T 288 66.87 -63.62 -17.97
N LEU T 289 65.97 -64.44 -17.45
CA LEU T 289 66.40 -65.56 -16.61
C LEU T 289 67.23 -66.56 -17.41
N ARG T 290 66.84 -66.83 -18.65
CA ARG T 290 67.62 -67.72 -19.50
C ARG T 290 69.00 -67.15 -19.78
N GLU T 291 69.07 -65.84 -20.03
CA GLU T 291 70.37 -65.21 -20.27
C GLU T 291 71.27 -65.30 -19.03
N LYS T 292 70.69 -65.09 -17.85
CA LYS T 292 71.47 -65.24 -16.62
C LYS T 292 71.95 -66.68 -16.44
N ILE T 293 71.09 -67.65 -16.77
CA ILE T 293 71.46 -69.06 -16.65
C ILE T 293 72.63 -69.39 -17.57
N ASP T 294 72.57 -68.89 -18.80
CA ASP T 294 73.58 -69.24 -19.80
C ASP T 294 74.96 -68.74 -19.40
N SER T 295 75.01 -67.59 -18.73
CA SER T 295 76.31 -66.98 -18.40
C SER T 295 77.11 -67.84 -17.44
N VAL T 296 76.44 -68.56 -16.55
CA VAL T 296 77.16 -69.35 -15.55
C VAL T 296 77.53 -70.74 -16.07
N LEU T 297 76.60 -71.42 -16.74
CA LEU T 297 76.84 -72.81 -17.15
C LEU T 297 77.74 -72.91 -18.38
N LEU T 298 77.86 -71.85 -19.17
CA LEU T 298 78.68 -71.92 -20.38
C LEU T 298 80.16 -72.17 -20.10
N PRO T 299 80.84 -71.43 -19.21
CA PRO T 299 82.28 -71.67 -19.02
C PRO T 299 82.59 -72.95 -18.27
N ILE T 300 81.66 -73.49 -17.50
CA ILE T 300 81.93 -74.68 -16.69
C ILE T 300 81.61 -75.95 -17.46
N LEU T 301 80.49 -75.99 -18.17
CA LEU T 301 80.09 -77.19 -18.90
C LEU T 301 80.60 -77.19 -20.34
N GLY T 302 80.59 -76.04 -20.99
CA GLY T 302 81.05 -75.94 -22.37
C GLY T 302 79.89 -75.65 -23.32
N TYR T 303 80.27 -75.42 -24.58
CA TYR T 303 79.30 -75.09 -25.61
C TYR T 303 78.62 -76.36 -26.12
N GLY T 304 77.30 -76.39 -26.04
CA GLY T 304 76.54 -77.51 -26.57
C GLY T 304 76.47 -78.74 -25.69
N ASN T 305 76.85 -78.64 -24.43
CA ASN T 305 76.82 -79.76 -23.51
C ASN T 305 75.67 -79.69 -22.51
N TYR T 306 74.74 -78.76 -22.69
CA TYR T 306 73.65 -78.58 -21.75
C TYR T 306 72.48 -77.90 -22.44
N THR T 307 71.29 -78.10 -21.89
CA THR T 307 70.09 -77.41 -22.32
C THR T 307 69.27 -77.05 -21.08
N ALA T 308 68.60 -75.90 -21.14
CA ALA T 308 67.83 -75.42 -20.00
C ALA T 308 66.73 -74.49 -20.48
N GLN T 309 65.59 -74.55 -19.81
CA GLN T 309 64.47 -73.66 -20.06
C GLN T 309 63.76 -73.37 -18.75
N VAL T 310 63.15 -72.18 -18.67
CA VAL T 310 62.49 -71.72 -17.46
C VAL T 310 61.13 -71.13 -17.83
N ASP T 311 60.26 -71.04 -16.82
CA ASP T 311 58.99 -70.34 -16.97
C ASP T 311 58.62 -69.68 -15.66
N ILE T 312 57.84 -68.60 -15.74
CA ILE T 312 57.37 -67.84 -14.58
C ILE T 312 55.88 -67.58 -14.75
N GLN T 313 55.13 -67.81 -13.67
CA GLN T 313 53.70 -67.52 -13.61
C GLN T 313 53.45 -66.41 -12.61
N MET T 314 52.69 -65.39 -13.02
CA MET T 314 52.44 -64.22 -12.19
C MET T 314 50.96 -63.86 -12.24
N ASP T 315 50.56 -63.00 -11.30
CA ASP T 315 49.18 -62.52 -11.22
C ASP T 315 49.19 -61.00 -11.24
N PHE T 316 48.08 -60.43 -11.73
CA PHE T 316 47.95 -58.99 -11.91
C PHE T 316 46.69 -58.48 -11.22
N SER T 317 46.48 -58.91 -9.98
CA SER T 317 45.35 -58.43 -9.21
C SER T 317 45.66 -57.06 -8.61
N ALA T 318 44.68 -56.49 -7.90
CA ALA T 318 44.85 -55.17 -7.28
C ALA T 318 44.17 -55.21 -5.93
N VAL T 319 44.96 -55.14 -4.87
CA VAL T 319 44.48 -55.27 -3.50
C VAL T 319 44.81 -54.00 -2.73
N GLU T 320 43.83 -53.47 -2.01
CA GLU T 320 44.01 -52.33 -1.12
C GLU T 320 43.57 -52.74 0.28
N GLN T 321 44.34 -52.32 1.28
CA GLN T 321 44.14 -52.75 2.66
C GLN T 321 44.06 -51.54 3.57
N THR T 322 43.12 -51.57 4.52
CA THR T 322 43.00 -50.53 5.53
C THR T 322 42.83 -51.21 6.88
N ARG T 323 43.70 -50.86 7.83
CA ARG T 323 43.73 -51.50 9.14
C ARG T 323 43.61 -50.44 10.24
N LYS T 324 42.85 -50.76 11.28
CA LYS T 324 42.71 -49.92 12.46
C LYS T 324 42.83 -50.81 13.69
N ARG T 325 43.91 -50.63 14.45
CA ARG T 325 44.22 -51.48 15.59
C ARG T 325 44.08 -50.69 16.89
N PHE T 326 43.84 -51.42 17.98
CA PHE T 326 43.67 -50.83 19.30
C PHE T 326 44.51 -51.63 20.30
N ASP T 327 44.85 -50.98 21.40
CA ASP T 327 45.62 -51.62 22.47
C ASP T 327 44.77 -51.65 23.75
N PRO T 328 44.12 -52.77 24.06
CA PRO T 328 43.25 -52.81 25.25
C PRO T 328 43.99 -53.03 26.55
N ASN T 329 45.26 -53.42 26.52
CA ASN T 329 45.99 -53.72 27.74
C ASN T 329 46.51 -52.49 28.47
N THR T 330 46.51 -51.33 27.82
CA THR T 330 47.04 -50.09 28.42
C THR T 330 45.98 -49.00 28.31
N PRO T 331 44.96 -49.04 29.17
CA PRO T 331 43.95 -47.97 29.17
C PRO T 331 44.35 -46.81 30.06
N ALA T 332 43.94 -45.62 29.62
CA ALA T 332 44.23 -44.37 30.33
C ALA T 332 42.92 -43.71 30.72
N THR T 333 42.81 -43.33 31.99
CA THR T 333 41.58 -42.73 32.51
C THR T 333 41.59 -41.22 32.31
N ARG T 334 40.44 -40.68 31.93
CA ARG T 334 40.28 -39.24 31.73
C ARG T 334 39.34 -38.62 32.76
N SER T 335 38.13 -39.14 32.89
CA SER T 335 37.17 -38.65 33.87
C SER T 335 36.71 -39.82 34.74
N GLU T 336 36.55 -39.56 36.03
CA GLU T 336 36.20 -40.60 36.98
C GLU T 336 35.27 -40.03 38.05
N TYR T 337 34.17 -40.73 38.30
CA TYR T 337 33.25 -40.36 39.36
C TYR T 337 32.92 -41.61 40.17
N ALA T 338 32.90 -41.47 41.49
CA ALA T 338 32.69 -42.61 42.37
C ALA T 338 31.74 -42.23 43.50
N LEU T 339 31.03 -43.24 44.02
CA LEU T 339 30.15 -43.08 45.16
C LEU T 339 30.17 -44.37 45.96
N GLU T 340 30.46 -44.26 47.26
CA GLU T 340 30.68 -45.40 48.15
C GLU T 340 29.80 -45.27 49.38
N ASP T 341 28.51 -45.05 49.17
CA ASP T 341 27.58 -44.84 50.27
C ASP T 341 27.50 -46.09 51.13
N TYR T 342 27.71 -45.92 52.43
CA TYR T 342 27.61 -47.00 53.41
C TYR T 342 26.38 -46.78 54.29
N ASN T 343 26.09 -47.77 55.13
CA ASN T 343 24.97 -47.68 56.06
C ASN T 343 25.13 -48.67 57.21
N VAL T 383 24.00 -49.94 50.85
CA VAL T 383 25.40 -49.84 50.45
C VAL T 383 25.50 -49.58 48.95
N ARG T 384 25.49 -48.30 48.58
CA ARG T 384 25.55 -47.94 47.17
C ARG T 384 26.99 -47.84 46.71
N LYS T 385 27.31 -48.58 45.63
CA LYS T 385 28.65 -48.57 45.05
C LYS T 385 28.51 -48.23 43.57
N GLU T 386 28.69 -46.96 43.23
CA GLU T 386 28.53 -46.50 41.86
C GLU T 386 29.85 -45.97 41.33
N SER T 387 30.13 -46.26 40.06
CA SER T 387 31.36 -45.82 39.41
C SER T 387 31.06 -45.47 37.96
N THR T 388 31.70 -44.41 37.48
CA THR T 388 31.57 -44.00 36.08
C THR T 388 32.93 -43.49 35.62
N ARG T 389 33.54 -44.19 34.67
CA ARG T 389 34.87 -43.86 34.20
C ARG T 389 34.89 -43.75 32.68
N ASN T 390 35.72 -42.84 32.19
CA ASN T 390 35.94 -42.67 30.76
C ASN T 390 37.39 -42.99 30.42
N PHE T 391 37.60 -43.67 29.30
CA PHE T 391 38.90 -44.17 28.91
C PHE T 391 39.27 -43.68 27.52
N GLU T 392 40.57 -43.54 27.29
CA GLU T 392 41.12 -43.24 25.97
C GLU T 392 42.27 -44.18 25.70
N LEU T 393 42.30 -44.74 24.50
CA LEU T 393 43.22 -45.81 24.14
C LEU T 393 44.05 -45.43 22.92
N ASP T 394 45.12 -46.20 22.72
CA ASP T 394 45.99 -45.98 21.56
C ASP T 394 45.25 -46.31 20.28
N THR T 395 45.47 -45.50 19.24
CA THR T 395 44.85 -45.69 17.95
C THR T 395 45.93 -45.75 16.87
N THR T 396 45.83 -46.75 16.00
CA THR T 396 46.77 -46.93 14.90
C THR T 396 45.98 -47.16 13.62
N ILE T 397 46.32 -46.41 12.58
CA ILE T 397 45.66 -46.49 11.28
C ILE T 397 46.71 -46.74 10.21
N SER T 398 46.46 -47.72 9.36
CA SER T 398 47.40 -48.08 8.29
C SER T 398 46.64 -48.25 6.98
N HIS T 399 47.23 -47.73 5.91
CA HIS T 399 46.68 -47.87 4.56
C HIS T 399 47.77 -48.41 3.65
N GLU T 400 47.47 -49.48 2.93
CA GLU T 400 48.46 -50.17 2.11
C GLU T 400 47.90 -50.44 0.72
N ARG T 401 48.74 -50.21 -0.29
CA ARG T 401 48.40 -50.53 -1.68
C ARG T 401 49.43 -51.53 -2.19
N LYS T 402 48.97 -52.69 -2.63
CA LYS T 402 49.85 -53.76 -3.05
C LYS T 402 50.33 -53.54 -4.48
N GLN T 403 51.36 -54.31 -4.86
CA GLN T 403 51.91 -54.23 -6.20
C GLN T 403 51.10 -55.10 -7.17
N THR T 404 51.33 -54.86 -8.46
CA THR T 404 50.69 -55.62 -9.53
C THR T 404 51.76 -56.30 -10.35
N GLY T 405 51.78 -57.63 -10.34
CA GLY T 405 52.75 -58.38 -11.11
C GLY T 405 53.71 -59.20 -10.27
N THR T 406 53.26 -59.63 -9.09
CA THR T 406 54.10 -60.44 -8.23
C THR T 406 54.28 -61.84 -8.81
N VAL T 407 55.48 -62.39 -8.64
CA VAL T 407 55.79 -63.73 -9.14
C VAL T 407 55.17 -64.77 -8.22
N ALA T 408 54.46 -65.73 -8.81
CA ALA T 408 53.78 -66.78 -8.05
C ALA T 408 54.62 -68.06 -7.97
N ARG T 409 55.00 -68.59 -9.13
CA ARG T 409 55.79 -69.84 -9.15
C ARG T 409 56.90 -69.74 -10.19
N GLN T 410 57.91 -70.59 -10.05
CA GLN T 410 59.08 -70.57 -10.93
C GLN T 410 59.64 -71.97 -11.03
N THR T 411 59.80 -72.46 -12.26
CA THR T 411 60.31 -73.80 -12.51
C THR T 411 61.52 -73.73 -13.43
N VAL T 412 62.57 -74.45 -13.05
CA VAL T 412 63.82 -74.53 -13.83
C VAL T 412 64.18 -75.99 -14.01
N SER T 413 64.54 -76.37 -15.24
CA SER T 413 64.95 -77.72 -15.57
C SER T 413 66.24 -77.68 -16.36
N VAL T 414 67.23 -78.47 -15.93
CA VAL T 414 68.56 -78.50 -16.53
C VAL T 414 68.91 -79.94 -16.87
N ALA T 415 69.34 -80.16 -18.12
CA ALA T 415 69.80 -81.46 -18.58
C ALA T 415 71.23 -81.34 -19.06
N ILE T 416 72.09 -82.25 -18.61
CA ILE T 416 73.52 -82.24 -18.91
C ILE T 416 73.86 -83.47 -19.71
N LYS T 417 74.61 -83.28 -20.80
CA LYS T 417 75.03 -84.41 -21.62
C LYS T 417 76.00 -85.31 -20.86
N ASP T 418 75.84 -86.62 -21.06
CA ASP T 418 76.71 -87.59 -20.42
C ASP T 418 77.87 -87.95 -21.34
N MET T 434 78.05 -88.43 -15.15
CA MET T 434 78.33 -87.52 -14.05
C MET T 434 77.95 -88.15 -12.71
N SER T 435 78.80 -87.99 -11.73
CA SER T 435 78.56 -88.55 -10.41
C SER T 435 77.56 -87.66 -9.66
N GLU T 436 77.18 -88.10 -8.44
CA GLU T 436 76.23 -87.33 -7.65
C GLU T 436 76.85 -86.06 -7.08
N SER T 437 78.13 -86.08 -6.76
CA SER T 437 78.77 -84.90 -6.18
C SER T 437 78.77 -83.72 -7.15
N GLU T 438 79.09 -83.97 -8.42
CA GLU T 438 79.08 -82.90 -9.40
C GLU T 438 77.67 -82.36 -9.63
N ILE T 439 76.68 -83.24 -9.65
CA ILE T 439 75.29 -82.79 -9.80
C ILE T 439 74.89 -81.92 -8.62
N ASN T 440 75.25 -82.33 -7.40
CA ASN T 440 74.92 -81.53 -6.23
C ASN T 440 75.62 -80.18 -6.26
N ALA T 441 76.89 -80.16 -6.70
CA ALA T 441 77.61 -78.89 -6.78
C ALA T 441 76.98 -77.97 -7.82
N ILE T 442 76.58 -78.52 -8.97
CA ILE T 442 75.93 -77.71 -9.99
C ILE T 442 74.60 -77.16 -9.49
N ARG T 443 73.82 -77.98 -8.78
CA ARG T 443 72.57 -77.51 -8.20
C ARG T 443 72.81 -76.41 -7.19
N GLN T 444 73.83 -76.56 -6.35
CA GLN T 444 74.15 -75.52 -5.37
C GLN T 444 74.55 -74.22 -6.05
N VAL T 445 75.32 -74.31 -7.14
CA VAL T 445 75.70 -73.11 -7.88
C VAL T 445 74.48 -72.45 -8.49
N LEU T 446 73.59 -73.25 -9.08
CA LEU T 446 72.43 -72.67 -9.76
C LEU T 446 71.40 -72.11 -8.79
N ILE T 447 71.41 -72.58 -7.54
CA ILE T 447 70.45 -72.07 -6.57
C ILE T 447 70.62 -70.58 -6.34
N GLY T 448 71.85 -70.11 -6.17
CA GLY T 448 72.10 -68.68 -6.02
C GLY T 448 71.80 -67.89 -7.28
N THR T 449 72.13 -68.45 -8.44
CA THR T 449 71.91 -67.76 -9.70
C THR T 449 70.43 -67.59 -10.02
N VAL T 450 69.59 -68.55 -9.64
CA VAL T 450 68.16 -68.52 -9.95
C VAL T 450 67.37 -67.80 -8.88
N GLY T 451 67.56 -68.18 -7.62
CA GLY T 451 66.77 -67.63 -6.53
C GLY T 451 65.73 -68.63 -6.05
N PHE T 452 66.10 -69.91 -6.02
CA PHE T 452 65.19 -70.97 -5.62
C PHE T 452 64.70 -70.75 -4.19
N ASP T 453 63.38 -70.61 -4.04
CA ASP T 453 62.77 -70.32 -2.76
C ASP T 453 61.65 -71.33 -2.55
N GLN T 454 61.58 -71.89 -1.34
CA GLN T 454 60.56 -72.88 -1.03
C GLN T 454 59.22 -72.27 -0.63
N GLY T 455 59.20 -70.98 -0.29
CA GLY T 455 57.95 -70.37 0.13
C GLY T 455 56.93 -70.29 -0.99
N ARG T 456 57.38 -70.01 -2.21
CA ARG T 456 56.50 -69.92 -3.36
C ARG T 456 56.29 -71.26 -4.07
N GLY T 457 56.87 -72.34 -3.54
CA GLY T 457 56.77 -73.63 -4.18
C GLY T 457 57.49 -73.72 -5.51
N ASP T 458 58.65 -73.08 -5.62
CA ASP T 458 59.43 -73.14 -6.85
C ASP T 458 60.05 -74.53 -7.01
N LEU T 459 60.30 -74.90 -8.26
CA LEU T 459 60.84 -76.20 -8.59
C LEU T 459 62.14 -76.03 -9.35
N LEU T 460 63.16 -76.78 -8.96
CA LEU T 460 64.46 -76.76 -9.63
C LEU T 460 64.94 -78.19 -9.79
N ASN T 461 65.06 -78.65 -11.03
CA ASN T 461 65.50 -80.00 -11.33
C ASN T 461 66.74 -79.94 -12.21
N VAL T 462 67.76 -80.71 -11.83
CA VAL T 462 68.98 -80.84 -12.62
C VAL T 462 69.32 -82.32 -12.74
N LEU T 463 69.62 -82.76 -13.96
CA LEU T 463 69.85 -84.17 -14.20
C LEU T 463 70.66 -84.34 -15.49
N SER T 464 71.17 -85.55 -15.69
CA SER T 464 72.04 -85.87 -16.80
C SER T 464 71.46 -87.01 -17.61
N VAL T 465 71.39 -86.83 -18.94
CA VAL T 465 70.92 -87.86 -19.85
C VAL T 465 71.88 -87.97 -21.02
N LYS T 466 71.75 -89.06 -21.78
CA LYS T 466 72.56 -89.29 -22.96
C LYS T 466 71.93 -88.61 -24.15
N PHE T 467 72.70 -87.78 -24.85
CA PHE T 467 72.20 -87.04 -26.00
C PHE T 467 72.23 -87.92 -27.25
N ALA T 468 71.97 -87.29 -28.40
CA ALA T 468 71.95 -88.03 -29.69
C ALA T 468 73.06 -87.49 -30.58
N GLU T 469 73.36 -88.18 -31.69
CA GLU T 469 74.53 -87.77 -32.51
C GLU T 469 74.12 -87.45 -33.95
N PRO U 270 49.99 -45.47 -20.31
CA PRO U 270 49.18 -45.82 -19.14
C PRO U 270 50.02 -46.43 -18.02
N ALA U 271 49.62 -47.61 -17.55
CA ALA U 271 50.32 -48.29 -16.47
C ALA U 271 51.38 -49.26 -16.97
N SER U 272 51.60 -49.33 -18.29
CA SER U 272 52.58 -50.26 -18.85
C SER U 272 54.01 -49.80 -18.56
N ALA U 273 54.17 -48.54 -18.16
CA ALA U 273 55.48 -47.98 -17.84
C ALA U 273 55.82 -48.01 -16.37
N ALA U 274 54.87 -48.34 -15.51
CA ALA U 274 55.14 -48.36 -14.07
C ALA U 274 55.81 -49.66 -13.64
N ARG U 275 55.80 -50.69 -14.50
CA ARG U 275 56.41 -51.96 -14.13
C ARG U 275 57.74 -52.17 -14.84
N ARG U 276 57.84 -51.75 -16.10
CA ARG U 276 59.10 -51.86 -16.82
C ARG U 276 60.19 -51.02 -16.16
N LYS U 277 59.83 -49.89 -15.55
CA LYS U 277 60.80 -49.11 -14.81
C LYS U 277 61.35 -49.90 -13.63
N GLU U 278 60.49 -50.64 -12.93
CA GLU U 278 60.95 -51.51 -11.86
C GLU U 278 61.84 -52.62 -12.39
N GLN U 279 61.49 -53.13 -13.57
CA GLN U 279 62.31 -54.20 -14.18
C GLN U 279 63.71 -53.66 -14.50
N GLU U 280 63.85 -52.49 -15.10
CA GLU U 280 65.16 -51.93 -15.38
C GLU U 280 65.91 -51.56 -14.10
N LEU U 281 65.19 -51.08 -13.08
CA LEU U 281 65.85 -50.76 -11.81
C LEU U 281 66.43 -52.01 -11.16
N GLU U 282 65.67 -53.11 -11.17
CA GLU U 282 66.16 -54.36 -10.61
C GLU U 282 67.37 -54.87 -11.39
N ARG U 283 67.33 -54.75 -12.72
CA ARG U 283 68.48 -55.18 -13.51
C ARG U 283 69.71 -54.31 -13.23
N SER U 284 69.49 -53.00 -13.06
CA SER U 284 70.60 -52.09 -12.75
C SER U 284 71.24 -52.41 -11.40
N GLN U 285 70.43 -52.75 -10.41
CA GLN U 285 70.99 -53.16 -9.12
C GLN U 285 71.88 -54.39 -9.26
N GLU U 286 71.42 -55.39 -10.01
CA GLU U 286 72.21 -56.60 -10.21
C GLU U 286 73.52 -56.28 -10.94
N GLN U 287 73.44 -55.40 -11.95
CA GLN U 287 74.65 -55.05 -12.69
C GLN U 287 75.68 -54.37 -11.79
N ALA U 288 75.24 -53.44 -10.95
CA ALA U 288 76.14 -52.75 -10.05
C ALA U 288 76.75 -53.72 -9.04
N LEU U 289 75.94 -54.64 -8.51
CA LEU U 289 76.47 -55.61 -7.57
C LEU U 289 77.50 -56.53 -8.23
N ARG U 290 77.25 -56.93 -9.48
CA ARG U 290 78.22 -57.75 -10.20
C ARG U 290 79.51 -56.99 -10.43
N GLU U 291 79.40 -55.70 -10.78
CA GLU U 291 80.60 -54.89 -10.99
C GLU U 291 81.41 -54.76 -9.71
N LYS U 292 80.73 -54.58 -8.57
CA LYS U 292 81.43 -54.52 -7.29
C LYS U 292 82.10 -55.85 -6.97
N ILE U 293 81.43 -56.96 -7.28
CA ILE U 293 82.00 -58.27 -7.03
C ILE U 293 83.26 -58.48 -7.85
N ASP U 294 83.23 -58.09 -9.12
CA ASP U 294 84.35 -58.35 -10.03
C ASP U 294 85.60 -57.60 -9.57
N SER U 295 85.44 -56.41 -8.99
CA SER U 295 86.58 -55.59 -8.64
C SER U 295 87.44 -56.25 -7.56
N VAL U 296 86.83 -57.01 -6.66
CA VAL U 296 87.57 -57.61 -5.56
C VAL U 296 88.19 -58.95 -5.96
N LEU U 297 87.43 -59.82 -6.62
CA LEU U 297 87.91 -61.17 -6.92
C LEU U 297 88.90 -61.21 -8.07
N LEU U 298 88.92 -60.20 -8.93
CA LEU U 298 89.82 -60.22 -10.08
C LEU U 298 91.29 -60.22 -9.69
N PRO U 299 91.79 -59.32 -8.83
CA PRO U 299 93.22 -59.33 -8.53
C PRO U 299 93.68 -60.48 -7.66
N ILE U 300 92.78 -61.12 -6.91
CA ILE U 300 93.18 -62.19 -6.01
C ILE U 300 93.11 -63.55 -6.69
N LEU U 301 92.05 -63.80 -7.47
CA LEU U 301 91.91 -65.09 -8.13
C LEU U 301 92.50 -65.11 -9.53
N GLY U 302 92.37 -64.02 -10.27
CA GLY U 302 92.90 -63.95 -11.61
C GLY U 302 91.80 -63.90 -12.66
N TYR U 303 92.22 -63.69 -13.90
CA TYR U 303 91.28 -63.59 -15.02
C TYR U 303 90.85 -64.98 -15.47
N GLY U 304 89.54 -65.22 -15.47
CA GLY U 304 88.99 -66.47 -15.96
C GLY U 304 89.06 -67.63 -15.00
N ASN U 305 89.33 -67.39 -13.71
CA ASN U 305 89.40 -68.44 -12.72
C ASN U 305 88.18 -68.49 -11.81
N TYR U 306 87.14 -67.73 -12.11
CA TYR U 306 85.97 -67.67 -11.25
C TYR U 306 84.76 -67.21 -12.07
N THR U 307 83.58 -67.57 -11.58
CA THR U 307 82.32 -67.09 -12.12
C THR U 307 81.37 -66.78 -10.98
N ALA U 308 80.54 -65.76 -11.16
CA ALA U 308 79.62 -65.34 -10.11
C ALA U 308 78.44 -64.63 -10.72
N GLN U 309 77.27 -64.82 -10.12
CA GLN U 309 76.05 -64.13 -10.51
C GLN U 309 75.21 -63.86 -9.27
N VAL U 310 74.43 -62.79 -9.31
CA VAL U 310 73.61 -62.36 -8.18
C VAL U 310 72.22 -62.02 -8.68
N ASP U 311 71.27 -62.00 -7.74
CA ASP U 311 69.91 -61.52 -8.02
C ASP U 311 69.35 -60.83 -6.78
N ILE U 312 68.43 -59.89 -7.01
CA ILE U 312 67.77 -59.15 -5.94
C ILE U 312 66.28 -59.14 -6.20
N GLN U 313 65.49 -59.40 -5.16
CA GLN U 313 64.03 -59.34 -5.22
C GLN U 313 63.55 -58.21 -4.32
N MET U 314 62.68 -57.36 -4.85
CA MET U 314 62.19 -56.19 -4.13
C MET U 314 60.69 -56.07 -4.29
N ASP U 315 60.08 -55.22 -3.45
CA ASP U 315 58.65 -54.96 -3.49
C ASP U 315 58.42 -53.46 -3.62
N PHE U 316 57.30 -53.11 -4.21
CA PHE U 316 56.96 -51.71 -4.52
C PHE U 316 55.59 -51.36 -3.94
N SER U 317 55.35 -51.74 -2.70
CA SER U 317 54.11 -51.40 -2.02
C SER U 317 54.17 -49.95 -1.53
N ALA U 318 53.06 -49.51 -0.92
CA ALA U 318 52.99 -48.15 -0.40
C ALA U 318 52.22 -48.19 0.92
N VAL U 319 52.93 -47.93 2.02
CA VAL U 319 52.37 -48.05 3.36
C VAL U 319 52.45 -46.70 4.05
N GLU U 320 51.34 -46.28 4.66
CA GLU U 320 51.28 -45.07 5.48
C GLU U 320 50.81 -45.46 6.88
N GLN U 321 51.43 -44.85 7.90
CA GLN U 321 51.19 -45.21 9.27
C GLN U 321 50.87 -43.98 10.10
N THR U 322 49.88 -44.09 10.98
CA THR U 322 49.54 -43.02 11.91
C THR U 322 49.37 -43.63 13.29
N ARG U 323 50.11 -43.10 14.26
CA ARG U 323 50.13 -43.63 15.62
C ARG U 323 49.79 -42.54 16.62
N LYS U 324 49.01 -42.91 17.63
CA LYS U 324 48.65 -42.02 18.73
C LYS U 324 48.82 -42.80 20.04
N ARG U 325 49.79 -42.41 20.84
CA ARG U 325 50.15 -43.12 22.06
C ARG U 325 49.80 -42.28 23.29
N PHE U 326 49.60 -42.97 24.40
CA PHE U 326 49.25 -42.33 25.67
C PHE U 326 50.11 -42.92 26.77
N ASP U 327 50.28 -42.15 27.85
CA ASP U 327 51.04 -42.59 29.01
C ASP U 327 50.13 -42.67 30.23
N PRO U 328 49.63 -43.85 30.58
CA PRO U 328 48.70 -43.96 31.71
C PRO U 328 49.37 -43.99 33.08
N ASN U 329 50.69 -44.16 33.15
CA ASN U 329 51.36 -44.27 34.44
C ASN U 329 51.64 -42.92 35.10
N THR U 330 51.51 -41.82 34.37
CA THR U 330 51.79 -40.48 34.90
C THR U 330 50.59 -39.58 34.64
N PRO U 331 49.53 -39.72 35.44
CA PRO U 331 48.38 -38.83 35.31
C PRO U 331 48.54 -37.55 36.12
N ALA U 332 47.98 -36.48 35.58
CA ALA U 332 48.02 -35.16 36.20
C ALA U 332 46.60 -34.68 36.46
N THR U 333 46.34 -34.25 37.69
CA THR U 333 45.01 -33.82 38.07
C THR U 333 44.80 -32.34 37.77
N ARG U 334 43.61 -32.00 37.28
CA ARG U 334 43.25 -30.62 36.96
C ARG U 334 42.15 -30.09 37.88
N SER U 335 41.03 -30.79 37.97
CA SER U 335 39.93 -30.41 38.86
C SER U 335 39.61 -31.57 39.78
N GLU U 336 39.31 -31.24 41.03
CA GLU U 336 39.05 -32.26 42.04
C GLU U 336 37.98 -31.77 43.00
N TYR U 337 36.98 -32.62 43.25
CA TYR U 337 35.93 -32.34 44.21
C TYR U 337 35.74 -33.56 45.08
N ALA U 338 35.60 -33.34 46.39
CA ALA U 338 35.51 -34.44 47.34
C ALA U 338 34.43 -34.14 48.38
N LEU U 339 33.86 -35.21 48.92
CA LEU U 339 32.87 -35.12 50.00
C LEU U 339 33.04 -36.34 50.89
N GLU U 340 33.21 -36.10 52.19
CA GLU U 340 33.53 -37.12 53.17
C GLU U 340 32.56 -37.06 54.35
N ASP U 341 31.27 -37.05 54.03
CA ASP U 341 30.23 -36.93 55.05
C ASP U 341 30.28 -38.11 56.00
N TYR U 342 30.38 -37.83 57.30
CA TYR U 342 30.36 -38.84 58.34
C TYR U 342 29.06 -38.76 59.13
N ASN U 343 28.85 -39.74 60.02
CA ASN U 343 27.68 -39.76 60.87
C ASN U 343 27.90 -40.63 62.10
N VAL U 383 27.44 -42.47 55.79
CA VAL U 383 28.83 -42.19 55.48
C VAL U 383 28.99 -42.00 53.97
N ARG U 384 28.82 -40.77 53.50
CA ARG U 384 28.92 -40.50 52.07
C ARG U 384 30.37 -40.21 51.70
N LYS U 385 30.87 -40.95 50.72
CA LYS U 385 32.23 -40.78 50.21
C LYS U 385 32.15 -40.55 48.70
N GLU U 386 32.15 -39.30 48.28
CA GLU U 386 32.02 -38.96 46.86
C GLU U 386 33.29 -38.26 46.38
N SER U 387 33.71 -38.59 45.16
CA SER U 387 34.89 -38.00 44.55
C SER U 387 34.65 -37.80 43.07
N THR U 388 35.16 -36.69 42.55
CA THR U 388 35.06 -36.39 41.12
C THR U 388 36.37 -35.71 40.70
N ARG U 389 37.14 -36.36 39.85
CA ARG U 389 38.44 -35.86 39.43
C ARG U 389 38.54 -35.85 37.92
N ASN U 390 39.26 -34.86 37.41
CA ASN U 390 39.56 -34.74 35.98
C ASN U 390 41.06 -34.87 35.77
N PHE U 391 41.45 -35.57 34.70
CA PHE U 391 42.84 -35.88 34.44
C PHE U 391 43.23 -35.42 33.04
N GLU U 392 44.51 -35.10 32.88
CA GLU U 392 45.10 -34.81 31.59
C GLU U 392 46.40 -35.57 31.45
N LEU U 393 46.59 -36.20 30.30
CA LEU U 393 47.69 -37.14 30.09
C LEU U 393 48.54 -36.71 28.90
N ASP U 394 49.73 -37.31 28.81
CA ASP U 394 50.63 -37.03 27.71
C ASP U 394 50.05 -37.56 26.40
N THR U 395 50.21 -36.79 25.33
CA THR U 395 49.72 -37.16 24.01
C THR U 395 50.87 -37.12 23.01
N THR U 396 50.99 -38.18 22.21
CA THR U 396 52.02 -38.29 21.19
C THR U 396 51.38 -38.71 19.89
N ILE U 397 51.68 -37.98 18.81
CA ILE U 397 51.13 -38.25 17.49
C ILE U 397 52.28 -38.40 16.51
N SER U 398 52.25 -39.47 15.71
CA SER U 398 53.30 -39.75 14.74
C SER U 398 52.68 -40.11 13.40
N HIS U 399 53.26 -39.58 12.33
CA HIS U 399 52.83 -39.89 10.97
C HIS U 399 54.06 -40.31 10.17
N GLU U 400 53.97 -41.47 9.50
CA GLU U 400 55.10 -42.04 8.80
C GLU U 400 54.70 -42.49 7.41
N ARG U 401 55.56 -42.19 6.44
CA ARG U 401 55.38 -42.65 5.06
C ARG U 401 56.58 -43.51 4.69
N LYS U 402 56.33 -44.75 4.31
CA LYS U 402 57.40 -45.70 4.03
C LYS U 402 57.95 -45.50 2.62
N GLN U 403 59.10 -46.12 2.36
CA GLN U 403 59.73 -46.05 1.06
C GLN U 403 59.13 -47.08 0.11
N THR U 404 59.41 -46.91 -1.18
CA THR U 404 58.97 -47.82 -2.23
C THR U 404 60.19 -48.38 -2.94
N GLY U 405 60.41 -49.68 -2.81
CA GLY U 405 61.53 -50.32 -3.47
C GLY U 405 62.54 -50.92 -2.51
N THR U 406 62.08 -51.34 -1.34
CA THR U 406 62.98 -51.96 -0.36
C THR U 406 63.40 -53.34 -0.82
N VAL U 407 64.65 -53.69 -0.54
CA VAL U 407 65.20 -54.98 -0.92
C VAL U 407 64.67 -56.05 0.04
N ALA U 408 64.16 -57.15 -0.52
CA ALA U 408 63.61 -58.25 0.28
C ALA U 408 64.61 -59.36 0.50
N ARG U 409 65.15 -59.90 -0.59
CA ARG U 409 66.13 -61.01 -0.46
C ARG U 409 67.28 -60.81 -1.43
N GLN U 410 68.39 -61.48 -1.18
CA GLN U 410 69.60 -61.33 -1.98
C GLN U 410 70.39 -62.64 -1.94
N THR U 411 70.69 -63.18 -3.12
CA THR U 411 71.42 -64.44 -3.24
C THR U 411 72.67 -64.24 -4.09
N VAL U 412 73.80 -64.75 -3.59
CA VAL U 412 75.08 -64.69 -4.27
C VAL U 412 75.68 -66.09 -4.33
N SER U 413 76.18 -66.47 -5.51
CA SER U 413 76.81 -67.77 -5.71
C SER U 413 78.14 -67.58 -6.42
N VAL U 414 79.20 -68.17 -5.86
CA VAL U 414 80.56 -68.03 -6.39
C VAL U 414 81.15 -69.42 -6.60
N ALA U 415 81.70 -69.65 -7.79
CA ALA U 415 82.38 -70.89 -8.13
C ALA U 415 83.81 -70.58 -8.52
N ILE U 416 84.75 -71.32 -7.95
CA ILE U 416 86.18 -71.10 -8.16
C ILE U 416 86.77 -72.32 -8.85
N LYS U 417 87.55 -72.09 -9.90
CA LYS U 417 88.20 -73.18 -10.61
C LYS U 417 89.23 -73.86 -9.71
N ASP U 418 89.29 -75.19 -9.83
CA ASP U 418 90.25 -75.98 -9.06
C ASP U 418 91.52 -76.21 -9.88
N MET U 434 91.31 -76.26 -3.68
CA MET U 434 91.38 -75.24 -2.63
C MET U 434 90.99 -75.83 -1.28
N SER U 435 91.75 -75.47 -0.25
CA SER U 435 91.49 -75.98 1.09
C SER U 435 90.33 -75.21 1.71
N GLU U 436 89.93 -75.62 2.91
CA GLU U 436 88.81 -74.96 3.59
C GLU U 436 89.18 -73.58 4.10
N SER U 437 90.43 -73.37 4.50
CA SER U 437 90.84 -72.07 5.04
C SER U 437 90.74 -70.98 3.98
N GLU U 438 91.18 -71.26 2.75
CA GLU U 438 91.08 -70.27 1.69
C GLU U 438 89.63 -69.97 1.34
N ILE U 439 88.78 -71.01 1.33
CA ILE U 439 87.36 -70.78 1.06
C ILE U 439 86.74 -69.91 2.15
N ASN U 440 87.07 -70.17 3.41
CA ASN U 440 86.54 -69.36 4.50
C ASN U 440 87.03 -67.92 4.39
N ALA U 441 88.31 -67.73 4.05
CA ALA U 441 88.83 -66.38 3.90
C ALA U 441 88.14 -65.63 2.77
N ILE U 442 87.92 -66.32 1.64
CA ILE U 442 87.23 -65.68 0.52
C ILE U 442 85.81 -65.32 0.90
N ARG U 443 85.11 -66.21 1.62
CA ARG U 443 83.76 -65.90 2.08
C ARG U 443 83.75 -64.70 3.02
N GLN U 444 84.72 -64.64 3.93
CA GLN U 444 84.81 -63.50 4.85
C GLN U 444 85.06 -62.20 4.10
N VAL U 445 85.91 -62.24 3.07
CA VAL U 445 86.17 -61.06 2.26
C VAL U 445 84.90 -60.62 1.54
N LEU U 446 84.18 -61.59 0.95
CA LEU U 446 83.00 -61.26 0.15
C LEU U 446 81.84 -60.79 1.02
N ILE U 447 81.82 -61.18 2.30
CA ILE U 447 80.73 -60.77 3.17
C ILE U 447 80.66 -59.25 3.30
N GLY U 448 81.78 -58.57 3.50
CA GLY U 448 81.80 -57.13 3.56
C GLY U 448 81.47 -56.47 2.23
N THR U 449 81.97 -57.06 1.14
CA THR U 449 81.74 -56.49 -0.18
C THR U 449 80.28 -56.57 -0.60
N VAL U 450 79.57 -57.62 -0.20
CA VAL U 450 78.18 -57.83 -0.61
C VAL U 450 77.21 -57.18 0.37
N GLY U 451 77.37 -57.45 1.66
CA GLY U 451 76.43 -56.96 2.65
C GLY U 451 75.52 -58.07 3.14
N PHE U 452 76.08 -59.27 3.28
CA PHE U 452 75.30 -60.43 3.70
C PHE U 452 74.70 -60.20 5.07
N ASP U 453 73.37 -60.26 5.14
CA ASP U 453 72.62 -59.97 6.36
C ASP U 453 71.66 -61.13 6.57
N GLN U 454 71.58 -61.63 7.82
CA GLN U 454 70.70 -62.75 8.13
C GLN U 454 69.27 -62.33 8.41
N GLY U 455 69.02 -61.03 8.64
CA GLY U 455 67.66 -60.59 8.93
C GLY U 455 66.73 -60.74 7.76
N ARG U 456 67.21 -60.49 6.55
CA ARG U 456 66.41 -60.61 5.34
C ARG U 456 66.47 -62.00 4.73
N GLY U 457 67.16 -62.94 5.37
CA GLY U 457 67.30 -64.28 4.81
C GLY U 457 68.13 -64.34 3.55
N ASP U 458 69.17 -63.53 3.46
CA ASP U 458 70.05 -63.55 2.30
C ASP U 458 70.88 -64.82 2.28
N LEU U 459 71.27 -65.24 1.07
CA LEU U 459 72.02 -66.46 0.87
C LEU U 459 73.34 -66.14 0.18
N LEU U 460 74.43 -66.70 0.70
CA LEU U 460 75.75 -66.51 0.11
C LEU U 460 76.46 -67.87 0.09
N ASN U 461 76.73 -68.38 -1.11
CA ASN U 461 77.39 -69.66 -1.29
C ASN U 461 78.67 -69.46 -2.07
N VAL U 462 79.77 -70.04 -1.59
CA VAL U 462 81.04 -70.02 -2.28
C VAL U 462 81.61 -71.43 -2.28
N LEU U 463 82.06 -71.90 -3.44
CA LEU U 463 82.52 -73.28 -3.56
C LEU U 463 83.43 -73.40 -4.77
N SER U 464 84.13 -74.52 -4.84
CA SER U 464 85.13 -74.77 -5.89
C SER U 464 84.78 -76.05 -6.64
N VAL U 465 84.79 -75.97 -7.97
CA VAL U 465 84.54 -77.11 -8.84
C VAL U 465 85.59 -77.13 -9.94
N LYS U 466 85.68 -78.28 -10.61
CA LYS U 466 86.60 -78.45 -11.72
C LYS U 466 85.96 -77.96 -13.01
N PHE U 467 86.65 -77.07 -13.71
CA PHE U 467 86.12 -76.50 -14.94
C PHE U 467 86.37 -77.45 -16.12
N ALA U 468 86.11 -76.94 -17.33
CA ALA U 468 86.29 -77.75 -18.56
C ALA U 468 87.38 -77.11 -19.41
N GLU U 469 87.85 -77.81 -20.45
CA GLU U 469 89.01 -77.28 -21.22
C GLU U 469 88.65 -77.12 -22.70
N PRO V 270 57.67 -38.55 -13.79
CA PRO V 270 56.84 -38.95 -12.65
C PRO V 270 57.67 -39.36 -11.43
N ALA V 271 57.41 -40.55 -10.90
CA ALA V 271 58.12 -41.05 -9.74
C ALA V 271 59.35 -41.88 -10.10
N SER V 272 59.67 -42.00 -11.38
CA SER V 272 60.82 -42.80 -11.81
C SER V 272 62.13 -42.11 -11.46
N ALA V 273 62.08 -40.83 -11.14
CA ALA V 273 63.27 -40.07 -10.79
C ALA V 273 63.50 -39.95 -9.30
N ALA V 274 62.53 -40.35 -8.48
CA ALA V 274 62.70 -40.25 -7.03
C ALA V 274 63.52 -41.40 -6.46
N ARG V 275 63.73 -42.46 -7.25
CA ARG V 275 64.48 -43.60 -6.74
C ARG V 275 65.88 -43.66 -7.35
N ARG V 276 66.01 -43.31 -8.62
CA ARG V 276 67.33 -43.28 -9.24
C ARG V 276 68.23 -42.25 -8.58
N LYS V 277 67.65 -41.15 -8.08
CA LYS V 277 68.45 -40.18 -7.34
C LYS V 277 69.02 -40.81 -6.08
N GLU V 278 68.22 -41.63 -5.38
CA GLU V 278 68.72 -42.34 -4.22
C GLU V 278 69.80 -43.34 -4.62
N GLN V 279 69.63 -43.96 -5.77
CA GLN V 279 70.63 -44.94 -6.25
C GLN V 279 71.96 -44.22 -6.51
N GLU V 280 71.97 -43.08 -7.19
CA GLU V 280 73.21 -42.35 -7.42
C GLU V 280 73.79 -41.79 -6.13
N LEU V 281 72.95 -41.37 -5.19
CA LEU V 281 73.46 -40.86 -3.92
C LEU V 281 74.15 -41.98 -3.14
N GLU V 282 73.56 -43.18 -3.12
CA GLU V 282 74.18 -44.30 -2.44
C GLU V 282 75.51 -44.67 -3.09
N ARG V 283 75.56 -44.65 -4.43
CA ARG V 283 76.82 -44.94 -5.11
C ARG V 283 77.88 -43.88 -4.82
N SER V 284 77.47 -42.61 -4.75
CA SER V 284 78.40 -41.53 -4.45
C SER V 284 78.97 -41.66 -3.05
N GLN V 285 78.15 -42.06 -2.07
CA GLN V 285 78.67 -42.29 -0.73
C GLN V 285 79.73 -43.38 -0.72
N GLU V 286 79.48 -44.49 -1.42
CA GLU V 286 80.46 -45.57 -1.48
C GLU V 286 81.74 -45.11 -2.15
N GLN V 287 81.63 -44.32 -3.21
CA GLN V 287 82.82 -43.84 -3.91
C GLN V 287 83.66 -42.96 -3.00
N ALA V 288 83.03 -42.06 -2.26
CA ALA V 288 83.76 -41.18 -1.34
C ALA V 288 84.43 -41.99 -0.23
N LEU V 289 83.72 -42.98 0.31
CA LEU V 289 84.32 -43.80 1.35
C LEU V 289 85.52 -44.58 0.82
N ARG V 290 85.42 -45.10 -0.40
CA ARG V 290 86.54 -45.81 -1.01
C ARG V 290 87.73 -44.88 -1.21
N GLU V 291 87.46 -43.65 -1.66
CA GLU V 291 88.55 -42.68 -1.84
C GLU V 291 89.23 -42.36 -0.52
N LYS V 292 88.45 -42.21 0.56
CA LYS V 292 89.03 -41.96 1.86
C LYS V 292 89.86 -43.15 2.33
N ILE V 293 89.38 -44.37 2.05
CA ILE V 293 90.12 -45.57 2.44
C ILE V 293 91.46 -45.63 1.72
N ASP V 294 91.45 -45.33 0.42
CA ASP V 294 92.66 -45.47 -0.39
C ASP V 294 93.76 -44.53 0.10
N SER V 295 93.38 -43.35 0.57
CA SER V 295 94.36 -42.33 0.94
C SER V 295 95.23 -42.78 2.11
N VAL V 296 94.67 -43.56 3.02
CA VAL V 296 95.41 -43.98 4.21
C VAL V 296 96.25 -45.24 3.96
N LEU V 297 95.67 -46.25 3.31
CA LEU V 297 96.35 -47.53 3.14
C LEU V 297 97.43 -47.50 2.06
N LEU V 298 97.35 -46.55 1.13
CA LEU V 298 98.34 -46.51 0.05
C LEU V 298 99.76 -46.26 0.54
N PRO V 299 100.06 -45.25 1.36
CA PRO V 299 101.46 -45.01 1.75
C PRO V 299 102.00 -46.04 2.73
N ILE V 300 101.16 -46.74 3.46
CA ILE V 300 101.63 -47.69 4.47
C ILE V 300 101.82 -49.09 3.88
N LEU V 301 100.87 -49.55 3.06
CA LEU V 301 100.96 -50.88 2.49
C LEU V 301 101.65 -50.89 1.13
N GLY V 302 101.42 -49.89 0.31
CA GLY V 302 102.04 -49.82 -1.01
C GLY V 302 101.02 -50.01 -2.12
N TYR V 303 101.49 -49.81 -3.34
CA TYR V 303 100.63 -49.92 -4.52
C TYR V 303 100.45 -51.39 -4.89
N GLY V 304 99.19 -51.82 -4.97
CA GLY V 304 98.87 -53.16 -5.40
C GLY V 304 99.03 -54.24 -4.35
N ASN V 305 99.16 -53.88 -3.07
CA ASN V 305 99.32 -54.86 -2.00
C ASN V 305 98.05 -55.02 -1.17
N TYR V 306 96.94 -54.43 -1.60
CA TYR V 306 95.71 -54.50 -0.81
C TYR V 306 94.51 -54.28 -1.74
N THR V 307 93.36 -54.79 -1.30
CA THR V 307 92.09 -54.54 -1.96
C THR V 307 91.03 -54.30 -0.90
N ALA V 308 90.07 -53.43 -1.21
CA ALA V 308 89.02 -53.09 -0.26
C ALA V 308 87.79 -52.59 -1.00
N GLN V 309 86.63 -52.93 -0.46
CA GLN V 309 85.35 -52.45 -0.98
C GLN V 309 84.40 -52.24 0.18
N VAL V 310 83.47 -51.29 0.02
CA VAL V 310 82.51 -50.92 1.05
C VAL V 310 81.12 -50.83 0.43
N ASP V 311 80.12 -50.88 1.31
CA ASP V 311 78.73 -50.63 0.91
C ASP V 311 77.99 -49.97 2.06
N ILE V 312 76.96 -49.19 1.71
CA ILE V 312 76.13 -48.49 2.67
C ILE V 312 74.67 -48.71 2.31
N GLN V 313 73.85 -49.03 3.31
CA GLN V 313 72.42 -49.19 3.16
C GLN V 313 71.71 -48.10 3.95
N MET V 314 70.76 -47.41 3.30
CA MET V 314 70.06 -46.29 3.90
C MET V 314 68.56 -46.41 3.62
N ASP V 315 67.78 -45.61 4.36
CA ASP V 315 66.34 -45.57 4.22
C ASP V 315 65.91 -44.13 3.96
N PHE V 316 64.78 -43.99 3.26
CA PHE V 316 64.27 -42.68 2.84
C PHE V 316 62.83 -42.51 3.29
N SER V 317 62.56 -42.84 4.55
CA SER V 317 61.24 -42.64 5.12
C SER V 317 61.04 -41.17 5.51
N ALA V 318 59.84 -40.85 6.01
CA ALA V 318 59.53 -39.49 6.43
C ALA V 318 58.68 -39.57 7.69
N VAL V 319 59.26 -39.14 8.81
CA VAL V 319 58.62 -39.25 10.12
C VAL V 319 58.45 -37.86 10.71
N GLU V 320 57.25 -37.57 11.22
CA GLU V 320 56.95 -36.35 11.94
C GLU V 320 56.44 -36.70 13.33
N GLN V 321 56.90 -35.95 14.33
CA GLN V 321 56.61 -36.26 15.72
C GLN V 321 56.05 -35.04 16.42
N THR V 322 55.03 -35.24 17.25
CA THR V 322 54.47 -34.18 18.07
C THR V 322 54.28 -34.72 19.48
N ARG V 323 54.86 -34.02 20.46
CA ARG V 323 54.86 -34.45 21.84
C ARG V 323 54.29 -33.37 22.74
N LYS V 324 53.50 -33.79 23.73
CA LYS V 324 52.93 -32.89 24.74
C LYS V 324 53.12 -33.55 26.09
N ARG V 325 53.96 -32.96 26.94
CA ARG V 325 54.33 -33.55 28.22
C ARG V 325 53.76 -32.69 29.35
N PHE V 326 53.58 -33.33 30.51
CA PHE V 326 53.05 -32.67 31.70
C PHE V 326 53.91 -33.04 32.89
N ASP V 327 53.88 -32.20 33.92
CA ASP V 327 54.61 -32.45 35.16
C ASP V 327 53.63 -32.58 36.31
N PRO V 328 53.29 -33.81 36.72
CA PRO V 328 52.29 -33.98 37.79
C PRO V 328 52.85 -33.82 39.20
N ASN V 329 54.17 -33.78 39.37
CA ASN V 329 54.76 -33.72 40.70
C ASN V 329 54.78 -32.30 41.27
N THR V 330 54.55 -31.28 40.46
CA THR V 330 54.61 -29.88 40.91
C THR V 330 53.31 -29.19 40.52
N PRO V 331 52.23 -29.43 41.25
CA PRO V 331 50.97 -28.74 40.97
C PRO V 331 50.87 -27.40 41.69
N ALA V 332 50.20 -26.45 41.04
CA ALA V 332 50.01 -25.11 41.57
C ALA V 332 48.53 -24.84 41.70
N THR V 333 48.12 -24.37 42.87
CA THR V 333 46.71 -24.12 43.15
C THR V 333 46.32 -22.72 42.72
N ARG V 334 45.13 -22.58 42.13
CA ARG V 334 44.59 -21.31 41.69
C ARG V 334 43.36 -20.88 42.49
N SER V 335 42.35 -21.73 42.57
CA SER V 335 41.15 -21.46 43.34
C SER V 335 40.92 -22.60 44.32
N GLU V 336 40.49 -22.25 45.53
CA GLU V 336 40.31 -23.22 46.59
C GLU V 336 39.11 -22.85 47.45
N TYR V 337 38.23 -23.82 47.68
CA TYR V 337 37.08 -23.63 48.56
C TYR V 337 37.00 -24.81 49.50
N ALA V 338 36.73 -24.54 50.78
CA ALA V 338 36.73 -25.57 51.80
C ALA V 338 35.55 -25.37 52.74
N LEU V 339 35.10 -26.47 53.32
CA LEU V 339 34.04 -26.47 54.32
C LEU V 339 34.31 -27.59 55.31
N GLU V 340 34.34 -27.25 56.59
CA GLU V 340 34.74 -28.15 57.68
C GLU V 340 33.68 -28.15 58.77
N ASP V 341 32.42 -28.36 58.38
CA ASP V 341 31.31 -28.33 59.32
C ASP V 341 31.46 -29.44 60.35
N TYR V 342 31.42 -29.06 61.63
CA TYR V 342 31.47 -30.00 62.74
C TYR V 342 30.11 -30.06 63.43
N ASN V 343 29.99 -31.00 64.37
CA ASN V 343 28.76 -31.14 65.15
C ASN V 343 29.02 -31.89 66.45
N VAL V 383 29.30 -34.17 60.28
CA VAL V 383 30.66 -33.70 60.03
C VAL V 383 30.91 -33.59 58.53
N ARG V 384 30.59 -32.44 57.96
CA ARG V 384 30.76 -32.24 56.53
C ARG V 384 32.18 -31.76 56.23
N LYS V 385 32.85 -32.48 55.33
CA LYS V 385 34.20 -32.13 54.90
C LYS V 385 34.20 -32.03 53.38
N GLU V 386 34.06 -30.81 52.87
CA GLU V 386 33.99 -30.58 51.43
C GLU V 386 35.17 -29.74 50.98
N SER V 387 35.72 -30.08 49.82
CA SER V 387 36.85 -29.36 49.25
C SER V 387 36.70 -29.28 47.74
N THR V 388 37.08 -28.14 47.17
CA THR V 388 37.04 -27.96 45.72
C THR V 388 38.26 -27.11 45.34
N ARG V 389 39.18 -27.70 44.59
CA ARG V 389 40.43 -27.04 44.23
C ARG V 389 40.64 -27.10 42.73
N ASN V 390 41.25 -26.05 42.18
CA ASN V 390 41.62 -25.98 40.78
C ASN V 390 43.13 -25.89 40.67
N PHE V 391 43.70 -26.59 39.69
CA PHE V 391 45.14 -26.71 39.55
C PHE V 391 45.56 -26.29 38.14
N GLU V 392 46.79 -25.79 38.04
CA GLU V 392 47.42 -25.50 36.76
C GLU V 392 48.83 -26.07 36.77
N LEU V 393 49.20 -26.73 35.68
CA LEU V 393 50.44 -27.50 35.62
C LEU V 393 51.30 -27.02 34.46
N ASP V 394 52.57 -27.44 34.48
CA ASP V 394 53.50 -27.11 33.42
C ASP V 394 53.10 -27.80 32.13
N THR V 395 53.23 -27.08 31.02
CA THR V 395 52.89 -27.60 29.69
C THR V 395 54.10 -27.46 28.77
N THR V 396 54.43 -28.53 28.07
CA THR V 396 55.54 -28.54 27.12
C THR V 396 55.06 -29.14 25.81
N ILE V 397 55.33 -28.45 24.70
CA ILE V 397 54.92 -28.88 23.37
C ILE V 397 56.16 -28.92 22.48
N SER V 398 56.33 -30.02 21.77
CA SER V 398 57.49 -30.20 20.89
C SER V 398 57.03 -30.74 19.55
N HIS V 399 57.60 -30.20 18.47
CA HIS V 399 57.32 -30.66 17.12
C HIS V 399 58.66 -30.93 16.43
N GLU V 400 58.79 -32.13 15.85
CA GLU V 400 60.05 -32.56 15.27
C GLU V 400 59.81 -33.16 13.88
N ARG V 401 60.69 -32.81 12.95
CA ARG V 401 60.70 -33.37 11.60
C ARG V 401 62.03 -34.05 11.37
N LYS V 402 61.98 -35.35 11.08
CA LYS V 402 63.20 -36.14 10.94
C LYS V 402 63.81 -35.94 9.55
N GLN V 403 65.05 -36.41 9.41
CA GLN V 403 65.77 -36.32 8.15
C GLN V 403 65.40 -37.49 7.24
N THR V 404 65.75 -37.36 5.96
CA THR V 404 65.52 -38.40 4.97
C THR V 404 66.86 -38.80 4.38
N GLY V 405 67.25 -40.06 4.61
CA GLY V 405 68.50 -40.56 4.08
C GLY V 405 69.51 -40.94 5.13
N THR V 406 69.04 -41.34 6.31
CA THR V 406 69.93 -41.75 7.38
C THR V 406 70.60 -43.09 7.05
N VAL V 407 71.85 -43.23 7.45
CA VAL V 407 72.60 -44.45 7.19
C VAL V 407 72.17 -45.51 8.19
N ALA V 408 71.87 -46.71 7.69
CA ALA V 408 71.42 -47.82 8.51
C ALA V 408 72.56 -48.77 8.88
N ARG V 409 73.25 -49.28 7.88
CA ARG V 409 74.37 -50.23 8.14
C ARG V 409 75.55 -49.91 7.24
N GLN V 410 76.72 -50.39 7.61
CA GLN V 410 77.95 -50.12 6.89
C GLN V 410 78.91 -51.28 7.08
N THR V 411 79.38 -51.85 5.96
CA THR V 411 80.28 -52.99 5.98
C THR V 411 81.56 -52.66 5.20
N VAL V 412 82.70 -52.97 5.81
CA VAL V 412 84.02 -52.75 5.21
C VAL V 412 84.81 -54.05 5.29
N SER V 413 85.45 -54.43 4.18
CA SER V 413 86.27 -55.63 4.11
C SER V 413 87.61 -55.29 3.48
N VAL V 414 88.70 -55.68 4.15
CA VAL V 414 90.06 -55.37 3.70
C VAL V 414 90.86 -56.66 3.63
N ALA V 415 91.51 -56.88 2.50
CA ALA V 415 92.40 -58.03 2.29
C ALA V 415 93.80 -57.53 1.97
N ILE V 416 94.80 -58.08 2.66
CA ILE V 416 96.18 -57.66 2.52
C ILE V 416 96.99 -58.82 1.96
N LYS V 417 97.82 -58.54 0.96
CA LYS V 417 98.66 -59.57 0.37
C LYS V 417 99.70 -60.03 1.38
N ASP V 418 99.97 -61.34 1.36
CA ASP V 418 100.97 -61.93 2.25
C ASP V 418 102.32 -62.02 1.53
N MET V 434 101.67 -61.70 7.69
CA MET V 434 101.50 -60.62 8.67
C MET V 434 101.10 -61.18 10.03
N SER V 435 101.72 -60.65 11.07
CA SER V 435 101.45 -61.10 12.43
C SER V 435 100.13 -60.48 12.91
N GLU V 436 99.71 -60.86 14.12
CA GLU V 436 98.47 -60.34 14.67
C GLU V 436 98.59 -58.89 15.10
N SER V 437 99.77 -58.47 15.56
CA SER V 437 99.94 -57.10 16.03
C SER V 437 99.76 -56.10 14.90
N GLU V 438 100.32 -56.39 13.72
CA GLU V 438 100.16 -55.50 12.58
C GLU V 438 98.72 -55.44 12.11
N ILE V 439 98.02 -56.58 12.12
CA ILE V 439 96.61 -56.59 11.75
C ILE V 439 95.80 -55.75 12.73
N ASN V 440 96.06 -55.89 14.02
CA ASN V 440 95.34 -55.09 15.01
C ASN V 440 95.62 -53.60 14.85
N ALA V 441 96.89 -53.25 14.56
CA ALA V 441 97.21 -51.85 14.36
C ALA V 441 96.52 -51.29 13.13
N ILE V 442 96.48 -52.06 12.04
CA ILE V 442 95.78 -51.61 10.83
C ILE V 442 94.30 -51.44 11.09
N ARG V 443 93.69 -52.38 11.83
CA ARG V 443 92.28 -52.25 12.18
C ARG V 443 92.03 -51.01 13.03
N GLN V 444 92.91 -50.74 13.99
CA GLN V 444 92.76 -49.55 14.82
C GLN V 444 92.88 -48.28 13.99
N VAL V 445 93.80 -48.26 13.04
CA VAL V 445 93.94 -47.10 12.16
C VAL V 445 92.67 -46.90 11.32
N LEU V 446 92.15 -48.00 10.76
CA LEU V 446 91.00 -47.90 9.87
C LEU V 446 89.72 -47.56 10.63
N ILE V 447 89.66 -47.87 11.92
CA ILE V 447 88.46 -47.57 12.69
C ILE V 447 88.16 -46.07 12.69
N GLY V 448 89.16 -45.23 12.93
CA GLY V 448 88.97 -43.79 12.89
C GLY V 448 88.64 -43.28 11.48
N THR V 449 89.31 -43.84 10.48
CA THR V 449 89.09 -43.41 9.10
C THR V 449 87.69 -43.74 8.60
N VAL V 450 87.11 -44.85 9.02
CA VAL V 450 85.81 -45.30 8.54
C VAL V 450 84.68 -44.73 9.41
N GLY V 451 84.77 -44.89 10.72
CA GLY V 451 83.70 -44.49 11.61
C GLY V 451 82.93 -45.69 12.12
N PHE V 452 83.65 -46.78 12.39
CA PHE V 452 83.02 -48.01 12.85
C PHE V 452 82.28 -47.79 14.15
N ASP V 453 80.98 -48.05 14.14
CA ASP V 453 80.10 -47.81 15.28
C ASP V 453 79.31 -49.07 15.52
N GLN V 454 79.21 -49.50 16.78
CA GLN V 454 78.48 -50.71 17.13
C GLN V 454 76.98 -50.49 17.28
N GLY V 455 76.54 -49.24 17.39
CA GLY V 455 75.11 -48.99 17.57
C GLY V 455 74.30 -49.36 16.35
N ARG V 456 74.83 -49.11 15.16
CA ARG V 456 74.16 -49.42 13.91
C ARG V 456 74.46 -50.82 13.41
N GLY V 457 75.22 -51.61 14.16
CA GLY V 457 75.61 -52.94 13.72
C GLY V 457 76.52 -52.96 12.51
N ASP V 458 77.44 -52.00 12.44
CA ASP V 458 78.39 -51.97 11.34
C ASP V 458 79.40 -53.10 11.46
N LEU V 459 79.93 -53.53 10.32
CA LEU V 459 80.87 -54.64 10.26
C LEU V 459 82.17 -54.16 9.63
N LEU V 460 83.30 -54.52 10.26
CA LEU V 460 84.61 -54.18 9.74
C LEU V 460 85.51 -55.40 9.87
N ASN V 461 85.94 -55.94 8.74
CA ASN V 461 86.79 -57.12 8.70
C ASN V 461 88.08 -56.79 7.97
N VAL V 462 89.21 -57.16 8.57
CA VAL V 462 90.52 -57.00 7.96
C VAL V 462 91.28 -58.31 8.10
N LEU V 463 91.88 -58.77 7.02
CA LEU V 463 92.54 -60.07 7.02
C LEU V 463 93.55 -60.12 5.89
N SER V 464 94.42 -61.14 5.94
CA SER V 464 95.50 -61.30 4.99
C SER V 464 95.40 -62.66 4.31
N VAL V 465 95.50 -62.66 2.98
CA VAL V 465 95.48 -63.88 2.18
C VAL V 465 96.61 -63.82 1.16
N LYS V 466 96.91 -64.98 0.58
CA LYS V 466 97.93 -65.08 -0.45
C LYS V 466 97.31 -64.77 -1.81
N PHE V 467 97.92 -63.83 -2.53
CA PHE V 467 97.41 -63.43 -3.83
C PHE V 467 97.88 -64.40 -4.92
N ALA V 468 97.64 -64.02 -6.18
CA ALA V 468 98.03 -64.87 -7.33
C ALA V 468 99.08 -64.13 -8.16
N GLU V 469 99.72 -64.80 -9.10
CA GLU V 469 100.84 -64.15 -9.84
C GLU V 469 100.58 -64.15 -11.34
N PRO W 270 63.63 -30.19 -7.31
CA PRO W 270 62.79 -30.64 -6.20
C PRO W 270 63.58 -30.83 -4.91
N ALA W 271 63.46 -32.03 -4.32
CA ALA W 271 64.16 -32.32 -3.08
C ALA W 271 65.52 -32.97 -3.29
N SER W 272 65.95 -33.13 -4.54
CA SER W 272 67.23 -33.77 -4.84
C SER W 272 68.40 -32.87 -4.47
N ALA W 273 68.12 -31.59 -4.24
CA ALA W 273 69.17 -30.63 -3.89
C ALA W 273 69.27 -30.39 -2.39
N ALA W 274 68.31 -30.88 -1.60
CA ALA W 274 68.37 -30.66 -0.15
C ALA W 274 69.31 -31.63 0.54
N ARG W 275 69.72 -32.71 -0.14
CA ARG W 275 70.59 -33.68 0.48
C ARG W 275 72.03 -33.56 -0.03
N ARG W 276 72.20 -33.27 -1.32
CA ARG W 276 73.53 -33.08 -1.86
C ARG W 276 74.23 -31.88 -1.21
N LYS W 277 73.45 -30.86 -0.84
CA LYS W 277 74.04 -29.73 -0.12
C LYS W 277 74.62 -30.18 1.22
N GLU W 278 73.90 -31.06 1.92
CA GLU W 278 74.41 -31.62 3.17
C GLU W 278 75.65 -32.46 2.92
N GLN W 279 75.66 -33.17 1.79
CA GLN W 279 76.83 -34.02 1.46
C GLN W 279 78.05 -33.13 1.22
N GLU W 280 77.94 -32.03 0.47
CA GLU W 280 79.07 -31.14 0.25
C GLU W 280 79.46 -30.41 1.54
N LEU W 281 78.50 -30.06 2.39
CA LEU W 281 78.84 -29.42 3.65
C LEU W 281 79.63 -30.35 4.56
N GLU W 282 79.23 -31.63 4.62
CA GLU W 282 79.96 -32.59 5.42
C GLU W 282 81.37 -32.80 4.88
N ARG W 283 81.51 -32.85 3.55
CA ARG W 283 82.85 -32.99 2.97
C ARG W 283 83.71 -31.76 3.26
N SER W 284 83.11 -30.58 3.19
CA SER W 284 83.85 -29.34 3.47
C SER W 284 84.33 -29.29 4.91
N GLN W 285 83.51 -29.75 5.86
CA GLN W 285 83.96 -29.82 7.25
C GLN W 285 85.18 -30.73 7.40
N GLU W 286 85.14 -31.90 6.77
CA GLU W 286 86.27 -32.82 6.85
C GLU W 286 87.52 -32.21 6.24
N GLN W 287 87.36 -31.51 5.10
CA GLN W 287 88.52 -30.91 4.46
C GLN W 287 89.16 -29.85 5.34
N ALA W 288 88.33 -29.01 5.98
CA ALA W 288 88.86 -27.97 6.87
C ALA W 288 89.56 -28.59 8.07
N LEU W 289 88.97 -29.65 8.64
CA LEU W 289 89.60 -30.30 9.78
C LEU W 289 90.94 -30.93 9.39
N ARG W 290 91.00 -31.53 8.20
CA ARG W 290 92.26 -32.09 7.73
C ARG W 290 93.32 -31.00 7.52
N GLU W 291 92.90 -29.85 6.97
CA GLU W 291 93.83 -28.76 6.78
C GLU W 291 94.37 -28.25 8.12
N LYS W 292 93.49 -28.14 9.12
CA LYS W 292 93.94 -27.72 10.44
C LYS W 292 94.91 -28.75 11.04
N ILE W 293 94.63 -30.04 10.83
CA ILE W 293 95.51 -31.08 11.35
C ILE W 293 96.89 -30.98 10.73
N ASP W 294 96.93 -30.77 9.40
CA ASP W 294 98.21 -30.77 8.69
C ASP W 294 99.12 -29.65 9.16
N SER W 295 98.53 -28.51 9.53
CA SER W 295 99.33 -27.33 9.88
C SER W 295 100.17 -27.57 11.14
N VAL W 296 99.65 -28.37 12.06
CA VAL W 296 100.37 -28.59 13.33
C VAL W 296 101.39 -29.72 13.22
N LEU W 297 101.03 -30.85 12.62
CA LEU W 297 101.90 -32.01 12.58
C LEU W 297 103.03 -31.88 11.57
N LEU W 298 102.89 -31.02 10.57
CA LEU W 298 103.94 -30.89 9.55
C LEU W 298 105.26 -30.40 10.10
N PRO W 299 105.34 -29.30 10.87
CA PRO W 299 106.65 -28.84 11.32
C PRO W 299 107.28 -29.69 12.41
N ILE W 300 106.50 -30.48 13.14
CA ILE W 300 107.05 -31.27 14.23
C ILE W 300 107.46 -32.66 13.77
N LEU W 301 106.67 -33.31 12.92
CA LEU W 301 106.99 -34.65 12.45
C LEU W 301 107.78 -34.65 11.15
N GLY W 302 107.46 -33.74 10.24
CA GLY W 302 108.15 -33.67 8.97
C GLY W 302 107.26 -34.07 7.81
N TYR W 303 107.78 -33.89 6.61
CA TYR W 303 107.04 -34.20 5.40
C TYR W 303 107.09 -35.70 5.12
N GLY W 304 105.93 -36.32 5.00
CA GLY W 304 105.85 -37.72 4.65
C GLY W 304 106.08 -38.70 5.78
N ASN W 305 106.07 -38.24 7.04
CA ASN W 305 106.28 -39.11 8.18
C ASN W 305 105.00 -39.41 8.95
N TYR W 306 103.84 -39.04 8.41
CA TYR W 306 102.58 -39.24 9.12
C TYR W 306 101.45 -39.27 8.11
N THR W 307 100.36 -39.91 8.51
CA THR W 307 99.11 -39.91 7.76
C THR W 307 97.95 -39.76 8.73
N ALA W 308 96.90 -39.07 8.29
CA ALA W 308 95.75 -38.84 9.15
C ALA W 308 94.52 -38.59 8.30
N GLN W 309 93.38 -39.07 8.79
CA GLN W 309 92.08 -38.83 8.17
C GLN W 309 91.02 -38.69 9.25
N VAL W 310 89.98 -37.90 8.95
CA VAL W 310 88.91 -37.62 9.89
C VAL W 310 87.57 -37.78 9.19
N ASP W 311 86.52 -37.94 10.00
CA ASP W 311 85.15 -37.93 9.51
C ASP W 311 84.23 -37.31 10.55
N ILE W 312 83.13 -36.73 10.08
CA ILE W 312 82.13 -36.10 10.94
C ILE W 312 80.75 -36.57 10.50
N GLN W 313 79.92 -36.95 11.47
CA GLN W 313 78.54 -37.33 11.24
C GLN W 313 77.61 -36.31 11.90
N MET W 314 76.63 -35.84 11.15
CA MET W 314 75.73 -34.79 11.62
C MET W 314 74.29 -35.15 11.27
N ASP W 315 73.36 -34.44 11.89
CA ASP W 315 71.93 -34.62 11.66
C ASP W 315 71.30 -33.29 11.26
N PHE W 316 70.23 -33.37 10.49
CA PHE W 316 69.57 -32.19 9.94
C PHE W 316 68.07 -32.20 10.29
N SER W 317 67.77 -32.49 11.55
CA SER W 317 66.39 -32.47 12.02
C SER W 317 65.96 -31.03 12.29
N ALA W 318 64.69 -30.87 12.69
CA ALA W 318 64.14 -29.55 12.98
C ALA W 318 63.24 -29.68 14.20
N VAL W 319 63.65 -29.08 15.32
CA VAL W 319 62.95 -29.22 16.59
C VAL W 319 62.53 -27.83 17.06
N GLU W 320 61.27 -27.71 17.47
CA GLU W 320 60.75 -26.49 18.08
C GLU W 320 60.20 -26.83 19.46
N GLN W 321 60.46 -25.95 20.42
CA GLN W 321 60.12 -26.21 21.82
C GLN W 321 59.34 -25.04 22.39
N THR W 322 58.30 -25.35 23.16
CA THR W 322 57.52 -24.35 23.87
C THR W 322 57.32 -24.81 25.30
N ARG W 323 57.72 -23.97 26.26
CA ARG W 323 57.68 -24.31 27.67
C ARG W 323 56.89 -23.27 28.45
N LYS W 324 56.10 -23.74 29.41
CA LYS W 324 55.34 -22.88 30.31
C LYS W 324 55.52 -23.42 31.72
N ARG W 325 56.21 -22.66 32.58
CA ARG W 325 56.56 -23.09 33.92
C ARG W 325 55.80 -22.26 34.96
N PHE W 326 55.62 -22.85 36.13
CA PHE W 326 54.92 -22.21 37.23
C PHE W 326 55.74 -22.37 38.50
N ASP W 327 55.51 -21.48 39.46
CA ASP W 327 56.18 -21.51 40.76
C ASP W 327 55.15 -21.73 41.86
N PRO W 328 54.96 -22.97 42.33
CA PRO W 328 53.93 -23.22 43.35
C PRO W 328 54.35 -22.88 44.78
N ASN W 329 55.64 -22.64 45.02
CA ASN W 329 56.11 -22.40 46.38
C ASN W 329 55.88 -20.97 46.85
N THR W 330 55.56 -20.04 45.95
CA THR W 330 55.37 -18.63 46.29
C THR W 330 54.02 -18.17 45.77
N PRO W 331 52.93 -18.53 46.46
CA PRO W 331 51.60 -18.05 46.05
C PRO W 331 51.27 -16.71 46.67
N ALA W 332 50.51 -15.92 45.90
CA ALA W 332 50.08 -14.59 46.31
C ALA W 332 48.57 -14.54 46.33
N THR W 333 48.01 -14.06 47.44
CA THR W 333 46.56 -14.02 47.60
C THR W 333 46.00 -12.72 47.05
N ARG W 334 44.86 -12.82 46.38
CA ARG W 334 44.16 -11.66 45.82
C ARG W 334 42.84 -11.38 46.50
N SER W 335 41.96 -12.37 46.58
CA SER W 335 40.67 -12.24 47.26
C SER W 335 40.55 -13.33 48.31
N GLU W 336 39.98 -12.98 49.47
CA GLU W 336 39.87 -13.91 50.58
C GLU W 336 38.57 -13.66 51.32
N TYR W 337 37.82 -14.73 51.58
CA TYR W 337 36.60 -14.67 52.36
C TYR W 337 36.64 -15.79 53.39
N ALA W 338 36.24 -15.48 54.62
CA ALA W 338 36.32 -16.43 55.71
C ALA W 338 35.05 -16.36 56.56
N LEU W 339 34.73 -17.48 57.19
CA LEU W 339 33.61 -17.57 58.12
C LEU W 339 33.97 -18.58 59.20
N GLU W 340 33.86 -18.15 60.47
CA GLU W 340 34.31 -18.91 61.62
C GLU W 340 33.18 -19.01 62.66
N ASP W 341 32.01 -19.43 62.20
CA ASP W 341 30.84 -19.51 63.07
C ASP W 341 31.08 -20.51 64.19
N TYR W 342 30.88 -20.06 65.43
CA TYR W 342 31.01 -20.90 66.61
C TYR W 342 29.63 -21.13 67.21
N ASN W 343 29.58 -22.01 68.21
CA ASN W 343 28.34 -22.30 68.91
C ASN W 343 28.60 -22.91 70.28
N VAL W 383 29.66 -25.52 64.34
CA VAL W 383 30.95 -24.86 64.14
C VAL W 383 31.28 -24.81 62.65
N ARG W 384 30.84 -23.75 61.98
CA ARG W 384 31.08 -23.62 60.55
C ARG W 384 32.43 -22.95 60.29
N LYS W 385 33.26 -23.61 59.50
CA LYS W 385 34.58 -23.09 59.13
C LYS W 385 34.67 -23.08 57.61
N GLU W 386 34.38 -21.94 57.00
CA GLU W 386 34.38 -21.82 55.54
C GLU W 386 35.46 -20.83 55.11
N SER W 387 36.14 -21.16 54.01
CA SER W 387 37.18 -20.31 53.46
C SER W 387 37.13 -20.36 51.95
N THR W 388 37.38 -19.20 51.32
CA THR W 388 37.42 -19.12 49.86
C THR W 388 38.51 -18.13 49.49
N ARG W 389 39.57 -18.62 48.84
CA ARG W 389 40.72 -17.79 48.50
C ARG W 389 41.05 -17.92 47.03
N ASN W 390 41.53 -16.82 46.46
CA ASN W 390 41.99 -16.79 45.07
C ASN W 390 43.49 -16.48 45.05
N PHE W 391 44.21 -17.15 44.17
CA PHE W 391 45.66 -17.04 44.12
C PHE W 391 46.12 -16.65 42.72
N GLU W 392 47.26 -15.98 42.65
CA GLU W 392 47.93 -15.67 41.40
C GLU W 392 49.41 -16.01 41.54
N LEU W 393 49.95 -16.69 40.52
CA LEU W 393 51.28 -17.25 40.59
C LEU W 393 52.15 -16.73 39.45
N ASP W 394 53.45 -16.94 39.59
CA ASP W 394 54.40 -16.54 38.57
C ASP W 394 54.21 -17.36 37.31
N THR W 395 54.31 -16.71 36.15
CA THR W 395 54.15 -17.36 34.86
C THR W 395 55.38 -17.09 34.01
N THR W 396 55.92 -18.14 33.40
CA THR W 396 57.09 -18.04 32.53
C THR W 396 56.81 -18.80 31.23
N ILE W 397 57.04 -18.14 30.11
CA ILE W 397 56.80 -18.72 28.79
C ILE W 397 58.08 -18.61 27.98
N SER W 398 58.49 -19.73 27.36
CA SER W 398 59.71 -19.78 26.58
C SER W 398 59.43 -20.46 25.24
N HIS W 399 59.99 -19.91 24.17
CA HIS W 399 59.89 -20.49 22.83
C HIS W 399 61.29 -20.60 22.26
N GLU W 400 61.64 -21.79 21.77
CA GLU W 400 62.99 -22.07 21.31
C GLU W 400 62.95 -22.78 19.96
N ARG W 401 63.83 -22.35 19.06
CA ARG W 401 64.01 -23.00 17.76
C ARG W 401 65.45 -23.49 17.66
N LYS W 402 65.62 -24.79 17.46
CA LYS W 402 66.94 -25.38 17.45
C LYS W 402 67.62 -25.19 16.10
N GLN W 403 68.93 -25.46 16.06
CA GLN W 403 69.70 -25.35 14.86
C GLN W 403 69.59 -26.61 14.01
N THR W 404 70.00 -26.51 12.75
CA THR W 404 70.00 -27.63 11.82
C THR W 404 71.43 -27.87 11.34
N GLY W 405 71.98 -29.03 11.69
CA GLY W 405 73.33 -29.36 11.28
C GLY W 405 74.31 -29.51 12.43
N THR W 406 73.81 -29.92 13.59
CA THR W 406 74.67 -30.11 14.74
C THR W 406 75.55 -31.35 14.56
N VAL W 407 76.79 -31.26 15.03
CA VAL W 407 77.74 -32.37 14.92
C VAL W 407 77.39 -33.43 15.96
N ALA W 408 77.31 -34.68 15.53
CA ALA W 408 76.97 -35.80 16.42
C ALA W 408 78.20 -36.53 16.93
N ARG W 409 79.04 -36.99 16.00
CA ARG W 409 80.26 -37.73 16.40
C ARG W 409 81.45 -37.31 15.55
N GLN W 410 82.65 -37.58 16.03
CA GLN W 410 83.87 -37.16 15.37
C GLN W 410 84.98 -38.15 15.69
N THR W 411 85.60 -38.71 14.66
CA THR W 411 86.67 -39.69 14.82
C THR W 411 87.93 -39.21 14.10
N VAL W 412 89.06 -39.31 14.79
CA VAL W 412 90.37 -38.93 14.26
C VAL W 412 91.34 -40.09 14.49
N SER W 413 92.10 -40.43 13.45
CA SER W 413 93.10 -41.49 13.53
C SER W 413 94.41 -40.99 12.95
N VAL W 414 95.50 -41.15 13.71
CA VAL W 414 96.82 -40.68 13.33
C VAL W 414 97.81 -41.83 13.41
N ALA W 415 98.58 -42.02 12.33
CA ALA W 415 99.63 -43.03 12.26
C ALA W 415 100.96 -42.34 12.00
N ILE W 416 101.97 -42.68 12.78
CA ILE W 416 103.29 -42.07 12.71
C ILE W 416 104.31 -43.12 12.29
N LYS W 417 105.14 -42.79 11.31
CA LYS W 417 106.18 -43.70 10.85
C LYS W 417 107.21 -43.94 11.95
N ASP W 418 107.65 -45.18 12.06
CA ASP W 418 108.67 -45.56 13.04
C ASP W 418 110.06 -45.49 12.41
N MET W 434 108.93 -44.88 18.48
CA MET W 434 108.53 -43.78 19.36
C MET W 434 108.13 -44.30 20.74
N SER W 435 108.59 -43.62 21.78
CA SER W 435 108.27 -44.02 23.14
C SER W 435 106.86 -43.58 23.50
N GLU W 436 106.41 -43.94 24.71
CA GLU W 436 105.06 -43.59 25.14
C GLU W 436 104.93 -42.11 25.46
N SER W 437 106.00 -41.48 25.97
CA SER W 437 105.94 -40.08 26.33
C SER W 437 105.69 -39.20 25.12
N GLU W 438 106.38 -39.46 24.01
CA GLU W 438 106.16 -38.67 22.80
C GLU W 438 104.76 -38.88 22.25
N ILE W 439 104.25 -40.10 22.29
CA ILE W 439 102.89 -40.36 21.84
C ILE W 439 101.89 -39.60 22.70
N ASN W 440 102.08 -39.61 24.02
CA ASN W 440 101.18 -38.88 24.90
C ASN W 440 101.24 -37.38 24.64
N ALA W 441 102.45 -36.85 24.40
CA ALA W 441 102.59 -35.42 24.12
C ALA W 441 101.90 -35.06 22.81
N ILE W 442 102.05 -35.89 21.77
CA ILE W 442 101.40 -35.64 20.50
C ILE W 442 99.88 -35.68 20.66
N ARG W 443 99.37 -36.65 21.42
CA ARG W 443 97.94 -36.72 21.67
C ARG W 443 97.45 -35.48 22.41
N GLN W 444 98.20 -35.02 23.40
CA GLN W 444 97.81 -33.81 24.14
C GLN W 444 97.80 -32.59 23.22
N VAL W 445 98.78 -32.49 22.32
CA VAL W 445 98.80 -31.38 21.37
C VAL W 445 97.59 -31.44 20.45
N LEU W 446 97.28 -32.64 19.94
CA LEU W 446 96.20 -32.78 18.97
C LEU W 446 94.83 -32.58 19.62
N ILE W 447 94.72 -32.82 20.93
CA ILE W 447 93.44 -32.66 21.61
C ILE W 447 92.92 -31.23 21.48
N GLY W 448 93.76 -30.23 21.70
CA GLY W 448 93.35 -28.84 21.53
C GLY W 448 93.06 -28.48 20.10
N THR W 449 93.87 -28.99 19.17
CA THR W 449 93.70 -28.69 17.76
C THR W 449 92.40 -29.25 17.20
N VAL W 450 91.96 -30.41 17.67
CA VAL W 450 90.78 -31.09 17.15
C VAL W 450 89.52 -30.65 17.89
N GLY W 451 89.54 -30.71 19.22
CA GLY W 451 88.37 -30.42 20.00
C GLY W 451 87.74 -31.69 20.55
N PHE W 452 88.59 -32.64 20.95
CA PHE W 452 88.13 -33.93 21.45
C PHE W 452 87.27 -33.73 22.69
N ASP W 453 86.02 -34.19 22.61
CA ASP W 453 85.05 -34.01 23.69
C ASP W 453 84.43 -35.37 23.97
N GLN W 454 84.31 -35.72 25.25
CA GLN W 454 83.74 -37.01 25.64
C GLN W 454 82.23 -37.01 25.68
N GLY W 455 81.58 -35.84 25.67
CA GLY W 455 80.14 -35.80 25.74
C GLY W 455 79.47 -36.37 24.50
N ARG W 456 80.05 -36.11 23.33
CA ARG W 456 79.52 -36.61 22.07
C ARG W 456 80.07 -37.97 21.69
N GLY W 457 80.88 -38.58 22.54
CA GLY W 457 81.48 -39.87 22.23
C GLY W 457 82.48 -39.82 21.09
N ASP W 458 83.25 -38.74 20.99
CA ASP W 458 84.26 -38.63 19.96
C ASP W 458 85.42 -39.59 20.24
N LEU W 459 86.08 -40.00 19.16
CA LEU W 459 87.18 -40.95 19.24
C LEU W 459 88.44 -40.32 18.65
N LEU W 460 89.55 -40.46 19.37
CA LEU W 460 90.84 -39.96 18.92
C LEU W 460 91.89 -41.01 19.19
N ASN W 461 92.48 -41.56 18.12
CA ASN W 461 93.50 -42.60 18.23
C ASN W 461 94.78 -42.10 17.57
N VAL W 462 95.91 -42.26 18.26
CA VAL W 462 97.21 -41.94 17.72
C VAL W 462 98.15 -43.10 18.01
N LEU W 463 98.89 -43.54 16.99
CA LEU W 463 99.74 -44.71 17.14
C LEU W 463 100.82 -44.69 16.07
N SER W 464 101.82 -45.55 16.26
CA SER W 464 102.99 -45.61 15.39
C SER W 464 103.13 -47.00 14.81
N VAL W 465 103.33 -47.07 13.49
CA VAL W 465 103.55 -48.33 12.78
C VAL W 465 104.73 -48.16 11.82
N LYS W 466 105.24 -49.30 11.36
CA LYS W 466 106.33 -49.31 10.40
C LYS W 466 105.78 -49.18 8.98
N PHE W 467 106.29 -48.21 8.24
CA PHE W 467 105.82 -47.97 6.87
C PHE W 467 106.52 -48.92 5.90
N ALA W 468 106.30 -48.67 4.61
CA ALA W 468 106.90 -49.52 3.55
C ALA W 468 107.88 -48.69 2.73
N GLU W 469 108.69 -49.31 1.87
CA GLU W 469 109.74 -48.54 1.17
C GLU W 469 109.59 -48.67 -0.35
N PRO X 270 67.79 -20.55 -1.11
CA PRO X 270 66.95 -21.05 -0.02
C PRO X 270 67.66 -21.05 1.32
N ALA X 271 67.67 -22.19 2.00
CA ALA X 271 68.31 -22.31 3.30
C ALA X 271 69.77 -22.77 3.22
N SER X 272 70.31 -22.92 2.01
CA SER X 272 71.68 -23.38 1.85
C SER X 272 72.68 -22.30 2.22
N ALA X 273 72.21 -21.04 2.33
CA ALA X 273 73.06 -19.92 2.68
C ALA X 273 73.02 -19.58 4.16
N ALA X 274 72.09 -20.17 4.92
CA ALA X 274 72.01 -19.84 6.35
C ALA X 274 73.03 -20.62 7.17
N ARG X 275 73.64 -21.66 6.59
CA ARG X 275 74.60 -22.45 7.34
C ARG X 275 76.03 -22.14 6.92
N ARG X 276 76.25 -21.91 5.62
CA ARG X 276 77.58 -21.55 5.15
C ARG X 276 78.04 -20.22 5.75
N LYS X 277 77.11 -19.30 6.01
CA LYS X 277 77.46 -18.05 6.68
C LYS X 277 77.99 -18.33 8.08
N GLU X 278 77.36 -19.28 8.79
CA GLU X 278 77.86 -19.66 10.10
C GLU X 278 79.23 -20.33 10.00
N GLN X 279 79.43 -21.09 8.93
CA GLN X 279 80.72 -21.77 8.74
C GLN X 279 81.82 -20.71 8.51
N GLU X 280 81.60 -19.71 7.68
CA GLU X 280 82.60 -18.66 7.47
C GLU X 280 82.79 -17.81 8.71
N LEU X 281 81.73 -17.56 9.48
CA LEU X 281 81.87 -16.79 10.70
C LEU X 281 82.73 -17.54 11.72
N GLU X 282 82.51 -18.84 11.85
CA GLU X 282 83.32 -19.64 12.77
C GLU X 282 84.77 -19.66 12.33
N ARG X 283 85.02 -19.78 11.02
CA ARG X 283 86.40 -19.75 10.53
C ARG X 283 87.05 -18.39 10.78
N SER X 284 86.29 -17.31 10.60
CA SER X 284 86.82 -15.97 10.84
C SER X 284 87.18 -15.75 12.30
N GLN X 285 86.37 -16.28 13.22
CA GLN X 285 86.72 -16.17 14.64
C GLN X 285 88.04 -16.89 14.94
N GLU X 286 88.22 -18.08 14.39
CA GLU X 286 89.47 -18.81 14.61
C GLU X 286 90.66 -18.07 14.03
N GLN X 287 90.48 -17.47 12.84
CA GLN X 287 91.58 -16.73 12.22
C GLN X 287 91.98 -15.54 13.07
N ALA X 288 91.01 -14.79 13.59
CA ALA X 288 91.31 -13.64 14.43
C ALA X 288 92.00 -14.07 15.72
N LEU X 289 91.54 -15.17 16.32
CA LEU X 289 92.18 -15.64 17.55
C LEU X 289 93.62 -16.08 17.28
N ARG X 290 93.86 -16.74 16.15
CA ARG X 290 95.22 -17.14 15.80
C ARG X 290 96.10 -15.91 15.58
N GLU X 291 95.56 -14.88 14.92
CA GLU X 291 96.34 -13.66 14.72
C GLU X 291 96.69 -12.99 16.05
N LYS X 292 95.74 -12.96 16.98
CA LYS X 292 96.02 -12.40 18.30
C LYS X 292 97.08 -13.23 19.03
N ILE X 293 97.02 -14.55 18.89
CA ILE X 293 98.00 -15.42 19.55
C ILE X 293 99.40 -15.15 18.99
N ASP X 294 99.51 -15.02 17.68
CA ASP X 294 100.81 -14.86 17.03
C ASP X 294 101.51 -13.59 17.48
N SER X 295 100.73 -12.52 17.72
CA SER X 295 101.32 -11.22 18.05
C SER X 295 102.08 -11.26 19.36
N VAL X 296 101.64 -12.06 20.32
CA VAL X 296 102.28 -12.10 21.63
C VAL X 296 103.46 -13.07 21.67
N LEU X 297 103.32 -14.26 21.12
CA LEU X 297 104.35 -15.29 21.23
C LEU X 297 105.52 -15.04 20.29
N LEU X 298 105.33 -14.28 19.22
CA LEU X 298 106.41 -14.06 18.26
C LEU X 298 107.61 -13.33 18.86
N PRO X 299 107.47 -12.19 19.55
CA PRO X 299 108.68 -11.51 20.05
C PRO X 299 109.33 -12.20 21.23
N ILE X 300 108.62 -13.04 21.96
CA ILE X 300 109.19 -13.67 23.15
C ILE X 300 109.85 -15.00 22.81
N LEU X 301 109.22 -15.82 21.96
CA LEU X 301 109.77 -17.12 21.62
C LEU X 301 110.64 -17.08 20.38
N GLY X 302 110.27 -16.29 19.38
CA GLY X 302 111.02 -16.19 18.16
C GLY X 302 110.28 -16.80 16.98
N TYR X 303 110.86 -16.61 15.79
CA TYR X 303 110.27 -17.10 14.56
C TYR X 303 110.56 -18.59 14.40
N GLY X 304 109.51 -19.39 14.25
CA GLY X 304 109.67 -20.81 14.00
C GLY X 304 109.96 -21.66 15.22
N ASN X 305 109.78 -21.14 16.43
CA ASN X 305 110.05 -21.89 17.65
C ASN X 305 108.77 -22.33 18.35
N TYR X 306 107.61 -22.18 17.71
CA TYR X 306 106.35 -22.52 18.35
C TYR X 306 105.30 -22.79 17.28
N THR X 307 104.29 -23.56 17.66
CA THR X 307 103.12 -23.80 16.83
C THR X 307 101.88 -23.78 17.71
N ALA X 308 100.78 -23.28 17.15
CA ALA X 308 99.54 -23.17 17.92
C ALA X 308 98.35 -23.16 16.99
N GLN X 309 97.26 -23.77 17.44
CA GLN X 309 96.00 -23.77 16.71
C GLN X 309 94.86 -23.73 17.71
N VAL X 310 93.74 -23.14 17.29
CA VAL X 310 92.56 -22.95 18.15
C VAL X 310 91.31 -23.36 17.38
N ASP X 311 90.25 -23.63 18.13
CA ASP X 311 88.94 -23.86 17.54
C ASP X 311 87.86 -23.32 18.48
N ILE X 312 86.72 -22.95 17.90
CA ILE X 312 85.57 -22.43 18.65
C ILE X 312 84.31 -23.13 18.16
N GLN X 313 83.48 -23.56 19.11
CA GLN X 313 82.19 -24.17 18.82
C GLN X 313 81.09 -23.26 19.34
N MET X 314 80.10 -22.99 18.50
CA MET X 314 79.01 -22.07 18.83
C MET X 314 77.68 -22.67 18.42
N ASP X 315 76.61 -22.07 18.93
CA ASP X 315 75.25 -22.48 18.62
C ASP X 315 74.46 -21.29 18.09
N PHE X 316 73.46 -21.57 17.26
CA PHE X 316 72.67 -20.55 16.58
C PHE X 316 71.18 -20.76 16.84
N SER X 317 70.83 -21.02 18.10
CA SER X 317 69.44 -21.17 18.48
C SER X 317 68.77 -19.80 18.61
N ALA X 318 67.48 -19.81 18.92
CA ALA X 318 66.72 -18.57 19.08
C ALA X 318 65.75 -18.75 20.24
N VAL X 319 66.00 -18.05 21.34
CA VAL X 319 65.23 -18.20 22.57
C VAL X 319 64.58 -16.87 22.93
N GLU X 320 63.29 -16.92 23.23
CA GLU X 320 62.55 -15.76 23.72
C GLU X 320 61.95 -16.09 25.08
N GLN X 321 62.02 -15.13 26.00
CA GLN X 321 61.62 -15.35 27.38
C GLN X 321 60.62 -14.28 27.82
N THR X 322 59.59 -14.70 28.54
CA THR X 322 58.62 -13.77 29.13
C THR X 322 58.39 -14.17 30.58
N ARG X 323 58.59 -13.23 31.48
CA ARG X 323 58.50 -13.48 32.92
C ARG X 323 57.51 -12.53 33.57
N LYS X 324 56.73 -13.06 34.51
CA LYS X 324 55.78 -12.27 35.30
C LYS X 324 55.94 -12.68 36.75
N ARG X 325 56.44 -11.78 37.59
CA ARG X 325 56.75 -12.07 38.98
C ARG X 325 55.81 -11.30 39.90
N PHE X 326 55.64 -11.83 41.10
CA PHE X 326 54.77 -11.23 42.11
C PHE X 326 55.50 -11.19 43.44
N ASP X 327 55.07 -10.28 44.32
CA ASP X 327 55.65 -10.15 45.65
C ASP X 327 54.59 -10.44 46.70
N PRO X 328 54.54 -11.66 47.25
CA PRO X 328 53.49 -12.01 48.21
C PRO X 328 53.76 -11.53 49.63
N ASN X 329 54.97 -11.07 49.94
CA ASN X 329 55.30 -10.67 51.30
C ASN X 329 54.83 -9.27 51.66
N THR X 330 54.45 -8.46 50.67
CA THR X 330 54.02 -7.08 50.89
C THR X 330 52.66 -6.86 50.26
N PRO X 331 51.59 -7.34 50.90
CA PRO X 331 50.24 -7.10 50.37
C PRO X 331 49.66 -5.78 50.88
N ALA X 332 48.86 -5.16 50.00
CA ALA X 332 48.21 -3.89 50.30
C ALA X 332 46.70 -4.07 50.22
N THR X 333 46.00 -3.63 51.25
CA THR X 333 44.56 -3.78 51.31
C THR X 333 43.84 -2.63 50.64
N ARG X 334 42.78 -2.93 49.91
CA ARG X 334 41.97 -1.94 49.22
C ARG X 334 40.57 -1.81 49.80
N SER X 335 39.85 -2.93 49.90
CA SER X 335 38.51 -2.95 50.48
C SER X 335 38.48 -3.98 51.59
N GLU X 336 37.77 -3.65 52.67
CA GLU X 336 37.72 -4.51 53.85
C GLU X 336 36.35 -4.42 54.49
N TYR X 337 35.75 -5.57 54.77
CA TYR X 337 34.48 -5.65 55.47
C TYR X 337 34.61 -6.68 56.58
N ALA X 338 34.07 -6.36 57.76
CA ALA X 338 34.21 -7.22 58.92
C ALA X 338 32.90 -7.29 59.68
N LEU X 339 32.70 -8.41 60.37
CA LEU X 339 31.53 -8.61 61.23
C LEU X 339 31.96 -9.48 62.40
N GLU X 340 31.70 -9.00 63.62
CA GLU X 340 32.17 -9.60 64.86
C GLU X 340 31.00 -9.80 65.82
N ASP X 341 29.94 -10.44 65.32
CA ASP X 341 28.73 -10.64 66.12
C ASP X 341 29.03 -11.52 67.32
N TYR X 342 28.69 -11.03 68.51
CA TYR X 342 28.83 -11.77 69.75
C TYR X 342 27.47 -12.16 70.29
N ASN X 343 27.47 -12.98 71.34
CA ASN X 343 26.23 -13.41 71.99
C ASN X 343 26.50 -13.89 73.41
N VAL X 383 28.36 -16.65 67.74
CA VAL X 383 29.55 -15.83 67.57
C VAL X 383 29.99 -15.83 66.11
N ARG X 384 29.44 -14.89 65.34
CA ARG X 384 29.77 -14.81 63.92
C ARG X 384 31.01 -13.97 63.70
N LYS X 385 31.99 -14.54 63.02
CA LYS X 385 33.23 -13.84 62.69
C LYS X 385 33.43 -13.93 61.19
N GLU X 386 33.02 -12.87 60.48
CA GLU X 386 33.12 -12.84 59.02
C GLU X 386 34.07 -11.73 58.58
N SER X 387 34.86 -12.02 57.55
CA SER X 387 35.80 -11.06 57.01
C SER X 387 35.87 -11.20 55.50
N THR X 388 35.99 -10.08 54.81
CA THR X 388 36.13 -10.07 53.36
C THR X 388 37.09 -8.95 52.99
N ARG X 389 38.24 -9.31 52.44
CA ARG X 389 39.29 -8.35 52.12
C ARG X 389 39.74 -8.51 50.68
N ASN X 390 40.10 -7.39 50.05
CA ASN X 390 40.64 -7.37 48.71
C ASN X 390 42.07 -6.83 48.76
N PHE X 391 42.95 -7.44 47.98
CA PHE X 391 44.37 -7.12 48.01
C PHE X 391 44.87 -6.76 46.62
N GLU X 392 45.90 -5.92 46.58
CA GLU X 392 46.60 -5.59 45.35
C GLU X 392 48.10 -5.70 45.60
N LEU X 393 48.81 -6.34 44.68
CA LEU X 393 50.20 -6.69 44.86
C LEU X 393 51.07 -6.11 43.75
N ASP X 394 52.37 -6.12 43.99
CA ASP X 394 53.32 -5.64 43.00
C ASP X 394 53.35 -6.56 41.79
N THR X 395 53.43 -5.97 40.60
CA THR X 395 53.46 -6.71 39.35
C THR X 395 54.70 -6.31 38.56
N THR X 396 55.43 -7.31 38.06
CA THR X 396 56.63 -7.09 37.26
C THR X 396 56.56 -7.95 36.01
N ILE X 397 56.78 -7.34 34.85
CA ILE X 397 56.72 -8.03 33.57
C ILE X 397 58.03 -7.78 32.84
N SER X 398 58.64 -8.85 32.33
CA SER X 398 59.91 -8.77 31.63
C SER X 398 59.83 -9.57 30.33
N HIS X 399 60.39 -9.01 29.26
CA HIS X 399 60.46 -9.68 27.97
C HIS X 399 61.90 -9.61 27.48
N GLU X 400 62.46 -10.77 27.12
CA GLU X 400 63.87 -10.86 26.76
C GLU X 400 64.03 -11.65 25.46
N ARG X 401 64.90 -11.15 24.59
CA ARG X 401 65.27 -11.84 23.35
C ARG X 401 66.76 -12.11 23.39
N LYS X 402 67.14 -13.38 23.29
CA LYS X 402 68.54 -13.76 23.40
C LYS X 402 69.27 -13.56 22.08
N GLN X 403 70.60 -13.63 22.16
CA GLN X 403 71.45 -13.48 20.99
C GLN X 403 71.58 -14.80 20.24
N THR X 404 72.06 -14.70 19.00
CA THR X 404 72.30 -15.86 18.16
C THR X 404 73.77 -15.91 17.79
N GLY X 405 74.46 -16.95 18.26
CA GLY X 405 75.88 -17.10 17.94
C GLY X 405 76.78 -17.02 19.17
N THR X 406 76.26 -17.43 20.33
CA THR X 406 77.06 -17.42 21.54
C THR X 406 78.12 -18.52 21.49
N VAL X 407 79.29 -18.22 22.04
CA VAL X 407 80.40 -19.17 22.07
C VAL X 407 80.13 -20.20 23.16
N ALA X 408 80.27 -21.48 22.82
CA ALA X 408 80.04 -22.58 23.75
C ALA X 408 81.33 -23.07 24.39
N ARG X 409 82.29 -23.47 23.56
CA ARG X 409 83.57 -23.99 24.09
C ARG X 409 84.74 -23.43 23.29
N GLN X 410 85.93 -23.49 23.86
CA GLN X 410 87.12 -22.93 23.25
C GLN X 410 88.34 -23.72 23.71
N THR X 411 89.12 -24.23 22.76
CA THR X 411 90.29 -25.03 23.05
C THR X 411 91.53 -24.42 22.38
N VAL X 412 92.61 -24.30 23.16
CA VAL X 412 93.87 -23.76 22.67
C VAL X 412 94.98 -24.73 23.05
N SER X 413 95.87 -25.02 22.10
CA SER X 413 97.00 -25.91 22.31
C SER X 413 98.26 -25.26 21.78
N VAL X 414 99.30 -25.21 22.61
CA VAL X 414 100.57 -24.55 22.28
C VAL X 414 101.70 -25.54 22.50
N ALA X 415 102.57 -25.68 21.50
CA ALA X 415 103.76 -26.52 21.57
C ALA X 415 104.98 -25.65 21.34
N ILE X 416 105.99 -25.79 22.21
CA ILE X 416 107.19 -24.98 22.17
C ILE X 416 108.39 -25.90 21.90
N LYS X 417 109.23 -25.49 20.95
CA LYS X 417 110.42 -26.27 20.63
C LYS X 417 111.39 -26.28 21.81
N ASP X 418 112.01 -27.44 22.02
CA ASP X 418 113.00 -27.58 23.10
C ASP X 418 114.40 -27.34 22.55
N MET X 434 112.75 -26.54 28.49
CA MET X 434 112.13 -25.46 29.25
C MET X 434 111.71 -25.95 30.63
N SER X 435 111.98 -25.15 31.64
CA SER X 435 111.65 -25.50 33.02
C SER X 435 110.15 -25.26 33.25
N GLU X 436 109.68 -25.62 34.44
CA GLU X 436 108.26 -25.44 34.77
C GLU X 436 107.90 -23.98 34.98
N SER X 437 108.82 -23.18 35.50
CA SER X 437 108.52 -21.77 35.75
C SER X 437 108.23 -21.01 34.46
N GLU X 438 109.04 -21.24 33.43
CA GLU X 438 108.79 -20.57 32.15
C GLU X 438 107.48 -21.02 31.53
N ILE X 439 107.16 -22.31 31.63
CA ILE X 439 105.88 -22.80 31.12
C ILE X 439 104.71 -22.14 31.84
N ASN X 440 104.81 -22.05 33.17
CA ASN X 440 103.76 -21.40 33.94
C ASN X 440 103.62 -19.93 33.58
N ALA X 441 104.75 -19.23 33.39
CA ALA X 441 104.70 -17.83 33.01
C ALA X 441 104.06 -17.65 31.63
N ILE X 442 104.41 -18.52 30.68
CA ILE X 442 103.81 -18.45 29.34
C ILE X 442 102.31 -18.71 29.42
N ARG X 443 101.89 -19.69 30.21
CA ARG X 443 100.47 -19.97 30.37
C ARG X 443 99.75 -18.77 30.98
N GLN X 444 100.36 -18.14 31.98
CA GLN X 444 99.75 -16.97 32.61
C GLN X 444 99.62 -15.83 31.61
N VAL X 445 100.63 -15.63 30.77
CA VAL X 445 100.57 -14.59 29.74
C VAL X 445 99.45 -14.89 28.75
N LEU X 446 99.35 -16.15 28.32
CA LEU X 446 98.37 -16.51 27.29
C LEU X 446 96.95 -16.49 27.84
N ILE X 447 96.78 -16.66 29.15
CA ILE X 447 95.44 -16.65 29.73
C ILE X 447 94.72 -15.33 29.47
N GLY X 448 95.39 -14.20 29.67
CA GLY X 448 94.80 -12.91 29.39
C GLY X 448 94.56 -12.68 27.91
N THR X 449 95.51 -13.12 27.07
CA THR X 449 95.39 -12.94 25.63
C THR X 449 94.24 -13.72 25.02
N VAL X 450 93.94 -14.91 25.56
CA VAL X 450 92.91 -15.78 25.01
C VAL X 450 91.55 -15.50 25.64
N GLY X 451 91.48 -15.47 26.97
CA GLY X 451 90.23 -15.32 27.66
C GLY X 451 89.76 -16.63 28.25
N PHE X 452 90.70 -17.41 28.77
CA PHE X 452 90.40 -18.71 29.33
C PHE X 452 89.44 -18.58 30.50
N ASP X 453 88.27 -19.23 30.38
CA ASP X 453 87.21 -19.13 31.37
C ASP X 453 86.78 -20.55 31.71
N GLN X 454 86.62 -20.83 33.01
CA GLN X 454 86.23 -22.17 33.45
C GLN X 454 84.72 -22.39 33.40
N GLY X 455 83.92 -21.34 33.27
CA GLY X 455 82.48 -21.51 33.24
C GLY X 455 82.00 -22.25 32.00
N ARG X 456 82.62 -21.99 30.86
CA ARG X 456 82.26 -22.63 29.60
C ARG X 456 83.03 -23.93 29.36
N GLY X 457 83.86 -24.35 30.31
CA GLY X 457 84.67 -25.55 30.12
C GLY X 457 85.73 -25.41 29.05
N ASP X 458 86.33 -24.24 28.93
CA ASP X 458 87.39 -24.04 27.94
C ASP X 458 88.65 -24.79 28.36
N LEU X 459 89.45 -25.16 27.36
CA LEU X 459 90.66 -25.93 27.58
C LEU X 459 91.85 -25.16 27.04
N LEU X 460 92.92 -25.08 27.83
CA LEU X 460 94.15 -24.41 27.41
C LEU X 460 95.33 -25.27 27.83
N ASN X 461 96.07 -25.79 26.85
CA ASN X 461 97.22 -26.64 27.09
C ASN X 461 98.45 -26.01 26.48
N VAL X 462 99.54 -25.96 27.25
CA VAL X 462 100.82 -25.48 26.77
C VAL X 462 101.90 -26.46 27.20
N LEU X 463 102.76 -26.85 26.27
CA LEU X 463 103.76 -27.86 26.56
C LEU X 463 104.90 -27.74 25.56
N SER X 464 106.00 -28.43 25.86
CA SER X 464 107.23 -28.35 25.08
C SER X 464 107.62 -29.75 24.61
N VAL X 465 107.92 -29.87 23.31
CA VAL X 465 108.37 -31.11 22.71
C VAL X 465 109.58 -30.83 21.82
N LYS X 466 110.29 -31.90 21.48
CA LYS X 466 111.44 -31.80 20.59
C LYS X 466 110.97 -31.86 19.14
N PHE X 467 111.39 -30.86 18.35
CA PHE X 467 110.99 -30.78 16.96
C PHE X 467 111.88 -31.68 16.10
N ALA X 468 111.74 -31.54 14.78
CA ALA X 468 112.52 -32.35 13.82
C ALA X 468 113.42 -31.43 13.00
N GLU X 469 114.38 -31.98 12.26
CA GLU X 469 115.36 -31.11 11.55
C GLU X 469 115.34 -31.35 10.05
N PRO Y 270 69.96 -10.04 4.60
CA PRO Y 270 69.12 -10.59 5.67
C PRO Y 270 69.73 -10.39 7.05
N ALA Y 271 69.87 -11.48 7.81
CA ALA Y 271 70.43 -11.42 9.15
C ALA Y 271 71.93 -11.65 9.19
N SER Y 272 72.57 -11.80 8.04
CA SER Y 272 74.01 -12.06 7.99
C SER Y 272 74.81 -10.81 8.34
N ALA Y 273 74.14 -9.65 8.33
CA ALA Y 273 74.79 -8.39 8.66
C ALA Y 273 74.60 -7.96 10.11
N ALA Y 274 73.72 -8.63 10.84
CA ALA Y 274 73.48 -8.24 12.24
C ALA Y 274 74.55 -8.79 13.17
N ARG Y 275 75.34 -9.76 12.70
CA ARG Y 275 76.36 -10.35 13.57
C ARG Y 275 77.76 -9.86 13.22
N ARG Y 276 78.03 -9.68 11.91
CA ARG Y 276 79.33 -9.15 11.51
C ARG Y 276 79.54 -7.73 12.03
N LYS Y 277 78.46 -6.95 12.17
CA LYS Y 277 78.59 -5.63 12.76
C LYS Y 277 79.05 -5.73 14.21
N GLU Y 278 78.51 -6.71 14.95
CA GLU Y 278 78.98 -6.94 16.32
C GLU Y 278 80.42 -7.39 16.34
N GLN Y 279 80.81 -8.19 15.35
CA GLN Y 279 82.21 -8.66 15.28
C GLN Y 279 83.14 -7.48 15.05
N GLU Y 280 82.84 -6.57 14.13
CA GLU Y 280 83.68 -5.40 13.90
C GLU Y 280 83.66 -4.45 15.10
N LEU Y 281 82.52 -4.32 15.76
CA LEU Y 281 82.46 -3.45 16.94
C LEU Y 281 83.34 -4.00 18.07
N GLU Y 282 83.31 -5.31 18.28
CA GLU Y 282 84.16 -5.92 19.30
C GLU Y 282 85.63 -5.75 18.96
N ARG Y 283 85.99 -5.91 17.67
CA ARG Y 283 87.37 -5.70 17.27
C ARG Y 283 87.79 -4.25 17.46
N SER Y 284 86.90 -3.31 17.16
CA SER Y 284 87.21 -1.88 17.33
C SER Y 284 87.44 -1.53 18.79
N GLN Y 285 86.64 -2.11 19.69
CA GLN Y 285 86.88 -1.88 21.12
C GLN Y 285 88.26 -2.35 21.54
N GLU Y 286 88.65 -3.55 21.10
CA GLU Y 286 89.97 -4.07 21.44
C GLU Y 286 91.08 -3.18 20.88
N GLN Y 287 90.90 -2.69 19.65
CA GLN Y 287 91.92 -1.84 19.05
C GLN Y 287 92.09 -0.54 19.83
N ALA Y 288 90.98 0.07 20.24
CA ALA Y 288 91.05 1.31 21.02
C ALA Y 288 91.70 1.08 22.37
N LEU Y 289 91.36 -0.05 23.02
CA LEU Y 289 91.97 -0.34 24.31
C LEU Y 289 93.48 -0.57 24.17
N ARG Y 290 93.89 -1.25 23.10
CA ARG Y 290 95.31 -1.46 22.85
C ARG Y 290 96.02 -0.13 22.61
N GLU Y 291 95.39 0.76 21.86
CA GLU Y 291 95.99 2.07 21.60
C GLU Y 291 96.14 2.87 22.89
N LYS Y 292 95.13 2.81 23.77
CA LYS Y 292 95.24 3.49 25.05
C LYS Y 292 96.35 2.88 25.90
N ILE Y 293 96.49 1.56 25.86
CA ILE Y 293 97.54 0.89 26.63
C ILE Y 293 98.92 1.33 26.16
N ASP Y 294 99.10 1.40 24.84
CA ASP Y 294 100.41 1.71 24.27
C ASP Y 294 100.88 3.11 24.67
N SER Y 295 99.94 4.04 24.78
CA SER Y 295 100.31 5.43 25.04
C SER Y 295 100.97 5.60 26.40
N VAL Y 296 100.59 4.79 27.38
CA VAL Y 296 101.12 4.95 28.73
C VAL Y 296 102.43 4.18 28.91
N LEU Y 297 102.51 2.93 28.45
CA LEU Y 297 103.67 2.09 28.69
C LEU Y 297 104.86 2.44 27.81
N LEU Y 298 104.63 3.11 26.67
CA LEU Y 298 105.73 3.42 25.77
C LEU Y 298 106.77 4.36 26.38
N PRO Y 299 106.41 5.50 26.98
CA PRO Y 299 107.46 6.40 27.50
C PRO Y 299 108.12 5.89 28.77
N ILE Y 300 107.49 5.00 29.52
CA ILE Y 300 108.07 4.54 30.78
C ILE Y 300 108.94 3.30 30.58
N LEU Y 301 108.50 2.35 29.76
CA LEU Y 301 109.26 1.12 29.54
C LEU Y 301 110.19 1.22 28.35
N GLY Y 302 109.78 1.88 27.28
CA GLY Y 302 110.60 2.02 26.10
C GLY Y 302 110.05 1.23 24.92
N TYR Y 303 110.68 1.43 23.77
CA TYR Y 303 110.25 0.78 22.55
C TYR Y 303 110.77 -0.65 22.51
N GLY Y 304 109.86 -1.61 22.35
CA GLY Y 304 110.24 -3.01 22.22
C GLY Y 304 110.57 -3.73 23.51
N ASN Y 305 110.23 -3.16 24.67
CA ASN Y 305 110.51 -3.78 25.95
C ASN Y 305 109.27 -4.37 26.61
N TYR Y 306 108.15 -4.43 25.89
CA TYR Y 306 106.91 -4.92 26.47
C TYR Y 306 105.99 -5.41 25.35
N THR Y 307 105.08 -6.31 25.73
CA THR Y 307 104.01 -6.77 24.85
C THR Y 307 102.73 -6.88 25.65
N ALA Y 308 101.61 -6.59 25.00
CA ALA Y 308 100.31 -6.62 25.68
C ALA Y 308 99.21 -6.85 24.67
N GLN Y 309 98.20 -7.59 25.09
CA GLN Y 309 97.00 -7.83 24.30
C GLN Y 309 95.79 -7.89 25.22
N VAL Y 310 94.63 -7.51 24.69
CA VAL Y 310 93.39 -7.45 25.46
C VAL Y 310 92.27 -8.09 24.65
N ASP Y 311 91.20 -8.47 25.34
CA ASP Y 311 89.98 -8.93 24.70
C ASP Y 311 88.77 -8.51 25.53
N ILE Y 312 87.63 -8.35 24.86
CA ILE Y 312 86.38 -7.96 25.49
C ILE Y 312 85.27 -8.87 24.98
N GLN Y 313 84.45 -9.37 25.90
CA GLN Y 313 83.28 -10.19 25.57
C GLN Y 313 82.02 -9.42 25.97
N MET Y 314 81.06 -9.35 25.05
CA MET Y 314 79.84 -8.60 25.25
C MET Y 314 78.64 -9.41 24.80
N ASP Y 315 77.46 -8.95 25.20
CA ASP Y 315 76.20 -9.59 24.83
C ASP Y 315 75.29 -8.55 24.18
N PHE Y 316 74.41 -9.04 23.31
CA PHE Y 316 73.52 -8.19 22.52
C PHE Y 316 72.06 -8.62 22.70
N SER Y 317 71.67 -8.84 23.95
CA SER Y 317 70.29 -9.19 24.24
C SER Y 317 69.41 -7.92 24.24
N ALA Y 318 68.12 -8.11 24.47
CA ALA Y 318 67.18 -6.99 24.50
C ALA Y 318 66.17 -7.25 25.60
N VAL Y 319 66.22 -6.44 26.65
CA VAL Y 319 65.40 -6.63 27.86
C VAL Y 319 64.54 -5.40 28.06
N GLU Y 320 63.25 -5.62 28.30
CA GLU Y 320 62.31 -4.56 28.65
C GLU Y 320 61.68 -4.89 30.00
N GLN Y 321 61.53 -3.88 30.85
CA GLN Y 321 61.08 -4.08 32.21
C GLN Y 321 59.92 -3.14 32.50
N THR Y 322 58.91 -3.66 33.20
CA THR Y 322 57.77 -2.86 33.65
C THR Y 322 57.50 -3.20 35.11
N ARG Y 323 57.48 -2.18 35.97
CA ARG Y 323 57.34 -2.35 37.40
C ARG Y 323 56.17 -1.52 37.91
N LYS Y 324 55.41 -2.09 38.85
CA LYS Y 324 54.32 -1.41 39.51
C LYS Y 324 54.42 -1.72 41.00
N ARG Y 325 54.72 -0.69 41.79
CA ARG Y 325 54.98 -0.84 43.22
C ARG Y 325 53.86 -0.17 44.03
N PHE Y 326 53.69 -0.64 45.26
CA PHE Y 326 52.66 -0.12 46.15
C PHE Y 326 53.29 0.11 47.52
N ASP Y 327 52.68 0.99 48.30
CA ASP Y 327 53.13 1.30 49.66
C ASP Y 327 52.05 0.91 50.66
N PRO Y 328 52.15 -0.26 51.29
CA PRO Y 328 51.09 -0.69 52.21
C PRO Y 328 51.18 -0.09 53.61
N ASN Y 329 52.29 0.55 53.96
CA ASN Y 329 52.46 1.08 55.30
C ASN Y 329 51.76 2.42 55.53
N THR Y 330 51.33 3.10 54.46
CA THR Y 330 50.70 4.41 54.55
C THR Y 330 49.36 4.38 53.83
N PRO Y 331 48.33 3.79 54.43
CA PRO Y 331 47.01 3.79 53.82
C PRO Y 331 46.21 5.02 54.17
N ALA Y 332 45.38 5.46 53.22
CA ALA Y 332 44.54 6.64 53.37
C ALA Y 332 43.08 6.22 53.22
N THR Y 333 42.25 6.63 54.17
CA THR Y 333 40.84 6.24 54.17
C THR Y 333 40.02 7.24 53.36
N ARG Y 334 39.07 6.73 52.58
CA ARG Y 334 38.18 7.54 51.78
C ARG Y 334 36.74 7.49 52.27
N SER Y 335 36.16 6.30 52.39
CA SER Y 335 34.81 6.11 52.90
C SER Y 335 34.85 5.15 54.08
N GLU Y 336 34.04 5.44 55.09
CA GLU Y 336 34.03 4.65 56.32
C GLU Y 336 32.61 4.58 56.86
N TYR Y 337 32.18 3.37 57.19
CA TYR Y 337 30.88 3.14 57.82
C TYR Y 337 31.08 2.20 59.01
N ALA Y 338 30.42 2.52 60.12
CA ALA Y 338 30.61 1.77 61.35
C ALA Y 338 29.27 1.54 62.03
N LEU Y 339 29.18 0.46 62.79
CA LEU Y 339 28.00 0.13 63.59
C LEU Y 339 28.47 -0.59 64.84
N GLU Y 340 28.05 -0.07 65.99
CA GLU Y 340 28.51 -0.52 67.31
C GLU Y 340 27.33 -0.84 68.21
N ASP Y 341 26.40 -1.66 67.70
CA ASP Y 341 25.19 -1.98 68.42
C ASP Y 341 25.53 -2.74 69.71
N TYR Y 342 25.03 -2.24 70.83
CA TYR Y 342 25.20 -2.86 72.13
C TYR Y 342 23.87 -3.43 72.61
N ASN Y 343 23.92 -4.16 73.72
CA ASN Y 343 22.72 -4.73 74.31
C ASN Y 343 22.95 -5.07 75.78
N VAL Y 383 25.60 -7.88 70.45
CA VAL Y 383 26.66 -6.90 70.30
C VAL Y 383 27.19 -6.91 68.87
N ARG Y 384 26.56 -6.12 68.00
CA ARG Y 384 26.98 -6.08 66.61
C ARG Y 384 28.10 -5.08 66.40
N LYS Y 385 29.20 -5.54 65.83
CA LYS Y 385 30.34 -4.68 65.52
C LYS Y 385 30.67 -4.82 64.04
N GLU Y 386 30.15 -3.89 63.23
CA GLU Y 386 30.34 -3.94 61.79
C GLU Y 386 31.15 -2.73 61.33
N SER Y 387 32.04 -2.96 60.37
CA SER Y 387 32.88 -1.90 59.83
C SER Y 387 33.07 -2.13 58.33
N THR Y 388 33.07 -1.04 57.57
CA THR Y 388 33.31 -1.10 56.13
C THR Y 388 34.12 0.13 55.73
N ARG Y 389 35.35 -0.09 55.30
CA ARG Y 389 36.26 1.00 54.97
C ARG Y 389 36.83 0.82 53.58
N ASN Y 390 37.06 1.94 52.89
CA ASN Y 390 37.70 1.96 51.59
C ASN Y 390 39.02 2.71 51.69
N PHE Y 391 40.04 2.19 50.99
CA PHE Y 391 41.39 2.72 51.09
C PHE Y 391 41.92 3.07 49.71
N GLU Y 392 42.82 4.05 49.68
CA GLU Y 392 43.55 4.40 48.48
C GLU Y 392 45.03 4.54 48.82
N LEU Y 393 45.89 3.96 47.99
CA LEU Y 393 47.30 3.83 48.29
C LEU Y 393 48.14 4.47 47.20
N ASP Y 394 49.42 4.67 47.51
CA ASP Y 394 50.35 5.23 46.55
C ASP Y 394 50.61 4.25 45.41
N THR Y 395 50.68 4.76 44.20
CA THR Y 395 50.92 3.96 43.00
C THR Y 395 52.14 4.50 42.26
N THR Y 396 53.04 3.59 41.88
CA THR Y 396 54.24 3.95 41.15
C THR Y 396 54.39 3.01 39.96
N ILE Y 397 54.60 3.57 38.78
CA ILE Y 397 54.73 2.81 37.55
C ILE Y 397 56.05 3.20 36.88
N SER Y 398 56.83 2.20 36.48
CA SER Y 398 58.12 2.43 35.85
C SER Y 398 58.25 1.55 34.62
N HIS Y 399 58.80 2.12 33.55
CA HIS Y 399 59.06 1.39 32.31
C HIS Y 399 60.51 1.64 31.93
N GLU Y 400 61.26 0.57 31.67
CA GLU Y 400 62.68 0.66 31.40
C GLU Y 400 63.05 -0.16 30.18
N ARG Y 401 63.90 0.40 29.32
CA ARG Y 401 64.45 -0.30 28.17
C ARG Y 401 65.96 -0.34 28.31
N LYS Y 402 66.53 -1.54 28.33
CA LYS Y 402 67.96 -1.70 28.56
C LYS Y 402 68.75 -1.47 27.27
N GLN Y 403 70.06 -1.33 27.44
CA GLN Y 403 70.96 -1.12 26.31
C GLN Y 403 71.34 -2.45 25.66
N THR Y 404 71.88 -2.37 24.45
CA THR Y 404 72.35 -3.53 23.71
C THR Y 404 73.84 -3.38 23.45
N GLY Y 405 74.64 -4.26 24.02
CA GLY Y 405 76.07 -4.22 23.82
C GLY Y 405 76.88 -3.93 25.08
N THR Y 406 76.33 -4.34 26.23
CA THR Y 406 77.04 -4.13 27.49
C THR Y 406 78.24 -5.06 27.58
N VAL Y 407 79.32 -4.55 28.18
CA VAL Y 407 80.54 -5.32 28.34
C VAL Y 407 80.36 -6.31 29.49
N ALA Y 408 80.71 -7.57 29.25
CA ALA Y 408 80.58 -8.63 30.25
C ALA Y 408 81.87 -8.89 31.00
N ARG Y 409 82.94 -9.19 30.26
CA ARG Y 409 84.24 -9.47 30.91
C ARG Y 409 85.37 -8.80 30.13
N GLN Y 410 86.51 -8.63 30.78
CA GLN Y 410 87.66 -7.93 30.20
C GLN Y 410 88.94 -8.51 30.79
N THR Y 411 89.85 -8.94 29.93
CA THR Y 411 91.11 -9.55 30.36
C THR Y 411 92.27 -8.79 29.72
N VAL Y 412 93.27 -8.46 30.55
CA VAL Y 412 94.47 -7.77 30.10
C VAL Y 412 95.68 -8.53 30.61
N SER Y 413 96.66 -8.75 29.74
CA SER Y 413 97.90 -9.44 30.08
C SER Y 413 99.09 -8.63 29.59
N VAL Y 414 100.04 -8.38 30.48
CA VAL Y 414 101.22 -7.57 30.17
C VAL Y 414 102.48 -8.34 30.54
N ALA Y 415 103.43 -8.41 29.60
CA ALA Y 415 104.71 -9.05 29.81
C ALA Y 415 105.81 -8.02 29.59
N ILE Y 416 106.76 -7.97 30.53
CA ILE Y 416 107.84 -6.98 30.50
C ILE Y 416 109.17 -7.72 30.36
N LYS Y 417 110.00 -7.26 29.45
CA LYS Y 417 111.31 -7.87 29.25
C LYS Y 417 112.18 -7.65 30.48
N ASP Y 418 112.96 -8.69 30.84
CA ASP Y 418 113.87 -8.61 31.96
C ASP Y 418 115.27 -8.20 31.49
N MET Y 434 113.09 -7.29 37.23
CA MET Y 434 112.27 -6.27 37.89
C MET Y 434 111.83 -6.73 39.27
N SER Y 435 111.90 -5.83 40.24
CA SER Y 435 111.52 -6.15 41.61
C SER Y 435 110.00 -6.13 41.73
N GLU Y 436 109.50 -6.47 42.92
CA GLU Y 436 108.06 -6.49 43.14
C GLU Y 436 107.46 -5.09 43.22
N SER Y 437 108.22 -4.12 43.74
CA SER Y 437 107.70 -2.76 43.87
C SER Y 437 107.39 -2.14 42.52
N GLU Y 438 108.30 -2.32 41.56
CA GLU Y 438 108.06 -1.77 40.22
C GLU Y 438 106.86 -2.45 39.55
N ILE Y 439 106.72 -3.76 39.73
CA ILE Y 439 105.58 -4.47 39.17
C ILE Y 439 104.28 -3.95 39.77
N ASN Y 440 104.27 -3.76 41.10
CA ASN Y 440 103.08 -3.23 41.75
C ASN Y 440 102.75 -1.82 41.27
N ALA Y 441 103.77 -0.99 41.10
CA ALA Y 441 103.54 0.37 40.61
C ALA Y 441 102.98 0.36 39.20
N ILE Y 442 103.53 -0.51 38.33
CA ILE Y 442 103.03 -0.60 36.97
C ILE Y 442 101.58 -1.09 36.96
N ARG Y 443 101.26 -2.07 37.80
CA ARG Y 443 99.88 -2.54 37.89
C ARG Y 443 98.95 -1.44 38.37
N GLN Y 444 99.38 -0.66 39.36
CA GLN Y 444 98.56 0.44 39.86
C GLN Y 444 98.34 1.49 38.78
N VAL Y 445 99.37 1.78 37.98
CA VAL Y 445 99.22 2.73 36.89
C VAL Y 445 98.23 2.20 35.85
N LEU Y 446 98.35 0.92 35.50
CA LEU Y 446 97.52 0.36 34.45
C LEU Y 446 96.07 0.18 34.90
N ILE Y 447 95.83 0.08 36.22
CA ILE Y 447 94.48 -0.07 36.70
C ILE Y 447 93.59 1.10 36.31
N GLY Y 448 94.07 2.34 36.47
CA GLY Y 448 93.32 3.50 36.05
C GLY Y 448 93.16 3.60 34.55
N THR Y 449 94.20 3.25 33.81
CA THR Y 449 94.17 3.33 32.36
C THR Y 449 93.19 2.33 31.74
N VAL Y 450 93.03 1.15 32.34
CA VAL Y 450 92.19 0.10 31.79
C VAL Y 450 90.76 0.21 32.32
N GLY Y 451 90.59 0.32 33.63
CA GLY Y 451 89.28 0.32 34.23
C GLY Y 451 88.97 -1.01 34.89
N PHE Y 452 89.98 -1.60 35.52
CA PHE Y 452 89.83 -2.90 36.16
C PHE Y 452 88.78 -2.84 37.25
N ASP Y 453 87.73 -3.66 37.10
CA ASP Y 453 86.61 -3.67 38.02
C ASP Y 453 86.37 -5.11 38.43
N GLN Y 454 86.16 -5.33 39.73
CA GLN Y 454 85.93 -6.68 40.24
C GLN Y 454 84.48 -7.14 40.11
N GLY Y 455 83.55 -6.23 39.87
CA GLY Y 455 82.15 -6.62 39.76
C GLY Y 455 81.88 -7.50 38.56
N ARG Y 456 82.53 -7.22 37.44
CA ARG Y 456 82.36 -7.98 36.21
C ARG Y 456 83.32 -9.16 36.11
N GLY Y 457 84.14 -9.39 37.13
CA GLY Y 457 85.12 -10.45 37.08
C GLY Y 457 86.22 -10.24 36.06
N ASP Y 458 86.67 -8.99 35.90
CA ASP Y 458 87.74 -8.70 34.97
C ASP Y 458 89.07 -9.22 35.52
N LEU Y 459 89.98 -9.53 34.60
CA LEU Y 459 91.29 -10.09 34.95
C LEU Y 459 92.38 -9.17 34.42
N LEU Y 460 93.36 -8.89 35.27
CA LEU Y 460 94.51 -8.06 34.89
C LEU Y 460 95.77 -8.72 35.44
N ASN Y 461 96.64 -9.17 34.54
CA ASN Y 461 97.88 -9.83 34.92
C ASN Y 461 99.05 -9.06 34.33
N VAL Y 462 100.06 -8.79 35.16
CA VAL Y 462 101.28 -8.15 34.73
C VAL Y 462 102.47 -8.93 35.30
N LEU Y 463 103.45 -9.23 34.44
CA LEU Y 463 104.55 -10.07 34.86
C LEU Y 463 105.74 -9.84 33.94
N SER Y 464 106.90 -10.33 34.36
CA SER Y 464 108.15 -10.12 33.63
C SER Y 464 108.78 -11.46 33.30
N VAL Y 465 109.19 -11.62 32.04
CA VAL Y 465 109.86 -12.82 31.56
C VAL Y 465 111.07 -12.42 30.73
N LYS Y 466 111.95 -13.39 30.50
CA LYS Y 466 113.14 -13.17 29.68
C LYS Y 466 112.79 -13.38 28.21
N PHE Y 467 113.11 -12.38 27.39
CA PHE Y 467 112.80 -12.46 25.96
C PHE Y 467 113.88 -13.25 25.23
N ALA Y 468 113.80 -13.22 23.89
CA ALA Y 468 114.77 -13.97 23.05
C ALA Y 468 115.58 -12.98 22.23
N GLU Y 469 116.66 -13.42 21.57
CA GLU Y 469 117.55 -12.45 20.88
C GLU Y 469 117.67 -12.79 19.40
N PRO Z 270 70.23 0.96 9.61
CA PRO Z 270 69.40 0.35 10.66
C PRO Z 270 69.87 0.73 12.06
N ALA Z 271 70.10 -0.28 12.90
CA ALA Z 271 70.55 -0.03 14.27
C ALA Z 271 72.07 -0.04 14.42
N SER Z 272 72.80 -0.16 13.32
CA SER Z 272 74.26 -0.20 13.38
C SER Z 272 74.83 1.18 13.70
N ALA Z 273 74.01 2.23 13.56
CA ALA Z 273 74.45 3.59 13.83
C ALA Z 273 74.08 4.08 15.23
N ALA Z 274 73.25 3.33 15.96
CA ALA Z 274 72.86 3.77 17.30
C ALA Z 274 73.92 3.44 18.34
N ARG Z 275 74.88 2.58 18.00
CA ARG Z 275 75.91 2.22 18.97
C ARG Z 275 77.24 2.89 18.67
N ARG Z 276 77.58 3.03 17.38
CA ARG Z 276 78.81 3.72 17.02
C ARG Z 276 78.76 5.18 17.45
N LYS Z 277 77.58 5.79 17.45
CA LYS Z 277 77.46 7.15 17.95
C LYS Z 277 77.82 7.23 19.43
N GLU Z 278 77.39 6.23 20.21
CA GLU Z 278 77.77 6.16 21.61
C GLU Z 278 79.27 5.94 21.76
N GLN Z 279 79.84 5.14 20.87
CA GLN Z 279 81.29 4.89 20.92
C GLN Z 279 82.05 6.19 20.66
N GLU Z 280 81.69 6.97 19.65
CA GLU Z 280 82.37 8.24 19.40
C GLU Z 280 82.11 9.25 20.52
N LEU Z 281 80.92 9.25 21.10
CA LEU Z 281 80.64 10.17 22.21
C LEU Z 281 81.51 9.84 23.42
N GLU Z 282 81.65 8.56 23.73
CA GLU Z 282 82.51 8.15 24.84
C GLU Z 282 83.96 8.53 24.58
N ARG Z 283 84.43 8.34 23.34
CA ARG Z 283 85.80 8.73 23.02
C ARG Z 283 85.99 10.24 23.12
N SER Z 284 84.99 11.02 22.69
CA SER Z 284 85.06 12.47 22.77
C SER Z 284 85.12 12.95 24.21
N GLN Z 285 84.36 12.32 25.11
CA GLN Z 285 84.44 12.68 26.52
C GLN Z 285 85.85 12.44 27.07
N GLU Z 286 86.46 11.30 26.74
CA GLU Z 286 87.81 11.01 27.21
C GLU Z 286 88.81 12.02 26.65
N GLN Z 287 88.65 12.39 25.38
CA GLN Z 287 89.58 13.35 24.79
C GLN Z 287 89.49 14.71 25.48
N ALA Z 288 88.26 15.17 25.76
CA ALA Z 288 88.10 16.45 26.44
C ALA Z 288 88.67 16.41 27.86
N LEU Z 289 88.45 15.30 28.57
CA LEU Z 289 89.01 15.18 29.91
C LEU Z 289 90.54 15.18 29.88
N ARG Z 290 91.12 14.50 28.90
CA ARG Z 290 92.57 14.50 28.76
C ARG Z 290 93.10 15.90 28.47
N GLU Z 291 92.40 16.63 27.60
CA GLU Z 291 92.81 18.00 27.29
C GLU Z 291 92.75 18.88 28.53
N LYS Z 292 91.69 18.73 29.33
CA LYS Z 292 91.60 19.51 30.58
C LYS Z 292 92.72 19.13 31.54
N ILE Z 293 93.06 17.84 31.60
CA ILE Z 293 94.14 17.40 32.49
C ILE Z 293 95.47 18.01 32.07
N ASP Z 294 95.74 18.03 30.76
CA ASP Z 294 97.03 18.49 30.26
C ASP Z 294 97.25 19.96 30.57
N SER Z 295 96.18 20.76 30.56
CA SER Z 295 96.31 22.20 30.74
C SER Z 295 96.84 22.56 32.12
N VAL Z 296 96.50 21.77 33.13
CA VAL Z 296 96.91 22.08 34.49
C VAL Z 296 98.31 21.54 34.82
N LEU Z 297 98.59 20.29 34.46
CA LEU Z 297 99.84 19.65 34.84
C LEU Z 297 101.04 20.13 34.01
N LEU Z 298 100.79 20.67 32.82
CA LEU Z 298 101.90 21.09 31.97
C LEU Z 298 102.74 22.22 32.58
N PRO Z 299 102.17 23.33 33.05
CA PRO Z 299 103.03 24.41 33.58
C PRO Z 299 103.67 24.10 34.91
N ILE Z 300 103.12 23.16 35.70
CA ILE Z 300 103.66 22.88 37.01
C ILE Z 300 104.72 21.78 36.97
N LEU Z 301 104.48 20.72 36.19
CA LEU Z 301 105.44 19.61 36.13
C LEU Z 301 106.45 19.78 34.99
N GLY Z 302 106.01 20.30 33.84
CA GLY Z 302 106.89 20.49 32.72
C GLY Z 302 106.55 19.54 31.57
N TYR Z 303 107.23 19.77 30.45
CA TYR Z 303 106.99 18.97 29.24
C TYR Z 303 107.73 17.64 29.35
N GLY Z 304 106.98 16.54 29.22
CA GLY Z 304 107.57 15.22 29.21
C GLY Z 304 107.90 14.64 30.56
N ASN Z 305 107.40 15.22 31.65
CA ASN Z 305 107.67 14.74 32.99
C ASN Z 305 106.49 14.00 33.61
N TYR Z 306 105.44 13.73 32.84
CA TYR Z 306 104.25 13.08 33.37
C TYR Z 306 103.51 12.40 32.24
N THR Z 307 102.71 11.40 32.62
CA THR Z 307 101.80 10.72 31.71
C THR Z 307 100.48 10.46 32.43
N ALA Z 308 99.38 10.54 31.68
CA ALA Z 308 98.06 10.36 32.28
C ALA Z 308 97.08 9.89 31.22
N GLN Z 309 96.16 9.03 31.65
CA GLN Z 309 95.07 8.56 30.79
C GLN Z 309 93.83 8.37 31.64
N VAL Z 310 92.66 8.54 31.00
CA VAL Z 310 91.37 8.45 31.68
C VAL Z 310 90.42 7.60 30.85
N ASP Z 311 89.38 7.11 31.51
CA ASP Z 311 88.28 6.43 30.82
C ASP Z 311 86.97 6.71 31.54
N ILE Z 312 85.88 6.65 30.78
CA ILE Z 312 84.54 6.88 31.30
C ILE Z 312 83.61 5.78 30.79
N GLN Z 313 82.81 5.22 31.69
CA GLN Z 313 81.81 4.22 31.36
C GLN Z 313 80.42 4.80 31.60
N MET Z 314 79.53 4.67 30.62
CA MET Z 314 78.20 5.24 30.68
C MET Z 314 77.17 4.22 30.21
N ASP Z 315 75.91 4.52 30.50
CA ASP Z 315 74.78 3.68 30.11
C ASP Z 315 73.79 4.50 29.32
N PHE Z 316 73.05 3.84 28.44
CA PHE Z 316 72.11 4.49 27.52
C PHE Z 316 70.73 3.86 27.65
N SER Z 317 70.27 3.66 28.88
CA SER Z 317 68.94 3.13 29.11
C SER Z 317 67.90 4.23 28.96
N ALA Z 318 66.63 3.86 29.11
CA ALA Z 318 65.53 4.83 28.99
C ALA Z 318 64.49 4.49 30.05
N VAL Z 319 64.34 5.36 31.05
CA VAL Z 319 63.48 5.13 32.20
C VAL Z 319 62.43 6.22 32.26
N GLU Z 320 61.17 5.82 32.42
CA GLU Z 320 60.06 6.74 32.63
C GLU Z 320 59.39 6.41 33.95
N GLN Z 321 59.03 7.44 34.72
CA GLN Z 321 58.50 7.27 36.06
C GLN Z 321 57.20 8.03 36.21
N THR Z 322 56.22 7.40 36.87
CA THR Z 322 54.95 8.05 37.18
C THR Z 322 54.62 7.77 38.64
N ARG Z 323 54.40 8.83 39.41
CA ARG Z 323 54.17 8.73 40.85
C ARG Z 323 52.85 9.40 41.22
N LYS Z 324 52.12 8.78 42.14
CA LYS Z 324 50.89 9.33 42.69
C LYS Z 324 50.92 9.14 44.20
N ARG Z 325 51.01 10.25 44.93
CA ARG Z 325 51.17 10.23 46.37
C ARG Z 325 49.92 10.78 47.05
N PHE Z 326 49.72 10.36 48.31
CA PHE Z 326 48.57 10.78 49.10
C PHE Z 326 49.05 11.20 50.48
N ASP Z 327 48.25 12.02 51.14
CA ASP Z 327 48.55 12.48 52.50
C ASP Z 327 47.47 12.00 53.45
N PRO Z 328 47.69 10.90 54.17
CA PRO Z 328 46.65 10.36 55.06
C PRO Z 328 46.54 11.06 56.40
N ASN Z 329 47.51 11.90 56.77
CA ASN Z 329 47.50 12.53 58.08
C ASN Z 329 46.61 13.75 58.16
N THR Z 330 46.16 14.29 57.02
CA THR Z 330 45.32 15.49 56.98
C THR Z 330 44.07 15.21 56.17
N PRO Z 331 43.10 14.50 56.75
CA PRO Z 331 41.83 14.26 56.05
C PRO Z 331 40.84 15.38 56.26
N ALA Z 332 40.03 15.62 55.22
CA ALA Z 332 39.01 16.66 55.24
C ALA Z 332 37.64 16.02 55.02
N THR Z 333 36.69 16.35 55.88
CA THR Z 333 35.36 15.76 55.81
C THR Z 333 34.47 16.57 54.89
N ARG Z 334 33.66 15.86 54.10
CA ARG Z 334 32.71 16.48 53.17
C ARG Z 334 31.27 16.24 53.56
N SER Z 335 30.89 14.98 53.75
CA SER Z 335 29.54 14.62 54.17
C SER Z 335 29.62 13.76 55.43
N GLU Z 336 28.71 13.99 56.36
CA GLU Z 336 28.72 13.29 57.64
C GLU Z 336 27.29 13.03 58.10
N TYR Z 337 27.02 11.78 58.48
CA TYR Z 337 25.73 11.41 59.04
C TYR Z 337 25.97 10.60 60.31
N ALA Z 338 25.20 10.87 61.35
CA ALA Z 338 25.39 10.24 62.64
C ALA Z 338 24.05 9.86 63.24
N LEU Z 339 24.07 8.82 64.07
CA LEU Z 339 22.91 8.37 64.82
C LEU Z 339 23.37 7.82 66.15
N GLU Z 340 22.81 8.34 67.24
CA GLU Z 340 23.22 8.04 68.61
C GLU Z 340 22.03 7.61 69.45
N ASP Z 341 21.28 6.64 68.94
CA ASP Z 341 20.07 6.17 69.62
C ASP Z 341 20.43 5.56 70.97
N TYR Z 342 19.77 6.06 72.02
CA TYR Z 342 19.94 5.55 73.37
C TYR Z 342 18.68 4.82 73.81
N ASN Z 343 18.76 4.17 74.97
CA ASN Z 343 17.61 3.47 75.53
C ASN Z 343 17.77 3.26 77.03
N VAL Z 383 21.20 0.55 72.10
CA VAL Z 383 22.11 1.68 71.95
C VAL Z 383 22.74 1.64 70.56
N ARG Z 384 22.08 2.27 69.59
CA ARG Z 384 22.58 2.28 68.24
C ARG Z 384 23.56 3.44 68.02
N LYS Z 385 24.75 3.11 67.55
CA LYS Z 385 25.78 4.11 67.26
C LYS Z 385 26.22 3.94 65.82
N GLU Z 386 25.65 4.72 64.91
CA GLU Z 386 25.95 4.60 63.49
C GLU Z 386 26.59 5.89 63.00
N SER Z 387 27.58 5.74 62.12
CA SER Z 387 28.29 6.88 61.55
C SER Z 387 28.63 6.58 60.10
N THR Z 388 28.53 7.61 59.25
CA THR Z 388 28.88 7.49 57.84
C THR Z 388 29.53 8.80 57.41
N ARG Z 389 30.81 8.75 57.06
CA ARG Z 389 31.56 9.94 56.72
C ARG Z 389 32.26 9.76 55.38
N ASN Z 390 32.37 10.85 54.63
CA ASN Z 390 33.09 10.88 53.37
C ASN Z 390 34.28 11.83 53.50
N PHE Z 391 35.41 11.43 52.92
CA PHE Z 391 36.65 12.17 53.06
C PHE Z 391 37.23 12.50 51.70
N GLU Z 392 37.97 13.61 51.64
CA GLU Z 392 38.74 13.99 50.47
C GLU Z 392 40.14 14.38 50.90
N LEU Z 393 41.14 13.88 50.17
CA LEU Z 393 42.53 13.98 50.57
C LEU Z 393 43.35 14.68 49.49
N ASP Z 394 44.56 15.09 49.87
CA ASP Z 394 45.47 15.72 48.92
C ASP Z 394 45.95 14.72 47.89
N THR Z 395 46.04 15.17 46.64
CA THR Z 395 46.47 14.33 45.54
C THR Z 395 47.65 15.00 44.83
N THR Z 396 48.71 14.22 44.59
CA THR Z 396 49.89 14.70 43.89
C THR Z 396 50.27 13.72 42.79
N ILE Z 397 50.48 14.23 41.59
CA ILE Z 397 50.82 13.42 40.43
C ILE Z 397 52.11 13.97 39.83
N SER Z 398 53.07 13.08 39.56
CA SER Z 398 54.35 13.46 39.00
C SER Z 398 54.70 12.54 37.86
N HIS Z 399 55.24 13.11 36.78
CA HIS Z 399 55.70 12.35 35.62
C HIS Z 399 57.12 12.80 35.30
N GLU Z 400 58.03 11.84 35.17
CA GLU Z 400 59.45 12.12 35.00
C GLU Z 400 60.02 11.29 33.87
N ARG Z 401 60.84 11.93 33.03
CA ARG Z 401 61.58 11.24 31.97
C ARG Z 401 63.06 11.45 32.21
N LYS Z 402 63.79 10.35 32.35
CA LYS Z 402 65.21 10.42 32.69
C LYS Z 402 66.05 10.70 31.44
N GLN Z 403 67.32 11.04 31.68
CA GLN Z 403 68.25 11.31 30.60
C GLN Z 403 68.86 10.01 30.08
N THR Z 404 69.48 10.11 28.91
CA THR Z 404 70.17 8.98 28.28
C THR Z 404 71.64 9.34 28.10
N GLY Z 405 72.53 8.63 28.80
CA GLY Z 405 73.94 8.88 28.69
C GLY Z 405 74.59 9.36 29.97
N THR Z 406 74.04 8.96 31.11
CA THR Z 406 74.60 9.35 32.39
C THR Z 406 75.93 8.63 32.64
N VAL Z 407 76.86 9.34 33.26
CA VAL Z 407 78.17 8.77 33.56
C VAL Z 407 78.06 7.85 34.77
N ALA Z 408 78.61 6.64 34.65
CA ALA Z 408 78.56 5.64 35.71
C ALA Z 408 79.81 5.63 36.56
N ARG Z 409 80.97 5.46 35.91
CA ARG Z 409 82.24 5.42 36.66
C ARG Z 409 83.32 6.21 35.92
N GLN Z 410 84.37 6.59 36.62
CA GLN Z 410 85.43 7.41 36.07
C GLN Z 410 86.73 7.08 36.78
N THR Z 411 87.77 6.72 36.01
CA THR Z 411 89.06 6.37 36.56
C THR Z 411 90.15 7.24 35.95
N VAL Z 412 91.02 7.77 36.81
CA VAL Z 412 92.14 8.62 36.40
C VAL Z 412 93.41 8.08 37.04
N SER Z 413 94.47 7.97 36.25
CA SER Z 413 95.77 7.49 36.73
C SER Z 413 96.86 8.44 36.25
N VAL Z 414 97.70 8.90 37.17
CA VAL Z 414 98.76 9.86 36.89
C VAL Z 414 100.08 9.30 37.39
N ALA Z 415 101.09 9.32 36.53
CA ALA Z 415 102.44 8.90 36.86
C ALA Z 415 103.39 10.06 36.63
N ILE Z 416 104.25 10.34 37.62
CA ILE Z 416 105.17 11.47 37.60
C ILE Z 416 106.60 10.92 37.61
N LYS Z 417 107.43 11.46 36.71
CA LYS Z 417 108.82 11.04 36.65
C LYS Z 417 109.56 11.47 37.91
N ASP Z 418 110.44 10.60 38.39
CA ASP Z 418 111.25 10.88 39.56
C ASP Z 418 112.60 11.47 39.16
N MET Z 434 109.89 12.42 44.66
CA MET Z 434 108.88 13.33 45.18
C MET Z 434 108.41 12.90 46.56
N SER Z 435 108.28 13.86 47.46
CA SER Z 435 107.84 13.58 48.82
C SER Z 435 106.33 13.38 48.84
N GLU Z 436 105.80 13.04 50.02
CA GLU Z 436 104.37 12.80 50.15
C GLU Z 436 103.56 14.10 50.09
N SER Z 437 104.13 15.20 50.58
CA SER Z 437 103.41 16.47 50.58
C SER Z 437 103.11 16.94 49.16
N GLU Z 438 104.09 16.86 48.26
CA GLU Z 438 103.88 17.26 46.89
C GLU Z 438 102.86 16.37 46.19
N ILE Z 439 102.90 15.07 46.46
CA ILE Z 439 101.92 14.16 45.88
C ILE Z 439 100.52 14.51 46.37
N ASN Z 440 100.38 14.79 47.67
CA ASN Z 440 99.07 15.16 48.21
C ASN Z 440 98.58 16.46 47.59
N ALA Z 441 99.47 17.44 47.43
CA ALA Z 441 99.08 18.72 46.82
C ALA Z 441 98.65 18.53 45.38
N ILE Z 442 99.37 17.71 44.62
CA ILE Z 442 98.99 17.43 43.23
C ILE Z 442 97.64 16.74 43.17
N ARG Z 443 97.40 15.77 44.06
CA ARG Z 443 96.10 15.10 44.10
C ARG Z 443 94.98 16.08 44.44
N GLN Z 444 95.23 16.98 45.39
CA GLN Z 444 94.22 17.98 45.74
C GLN Z 444 93.92 18.90 44.57
N VAL Z 445 94.95 19.29 43.83
CA VAL Z 445 94.75 20.14 42.66
C VAL Z 445 93.93 19.40 41.61
N LEU Z 446 94.27 18.13 41.36
CA LEU Z 446 93.60 17.38 40.30
C LEU Z 446 92.17 17.02 40.67
N ILE Z 447 91.85 16.96 41.97
CA ILE Z 447 90.50 16.63 42.38
C ILE Z 447 89.48 17.63 41.84
N GLY Z 448 89.76 18.93 41.94
CA GLY Z 448 88.87 19.93 41.39
C GLY Z 448 88.82 19.91 39.87
N THR Z 449 89.96 19.68 39.24
CA THR Z 449 90.02 19.66 37.78
C THR Z 449 89.25 18.49 37.18
N VAL Z 450 89.23 17.34 37.86
CA VAL Z 450 88.59 16.13 37.34
C VAL Z 450 87.12 16.06 37.75
N GLY Z 451 86.85 16.23 39.04
CA GLY Z 451 85.50 16.06 39.55
C GLY Z 451 85.35 14.74 40.29
N PHE Z 452 86.39 14.36 41.04
CA PHE Z 452 86.38 13.10 41.75
C PHE Z 452 85.26 13.06 42.76
N ASP Z 453 84.35 12.08 42.61
CA ASP Z 453 83.18 11.96 43.46
C ASP Z 453 83.12 10.52 43.96
N GLN Z 454 82.85 10.36 45.26
CA GLN Z 454 82.79 9.03 45.85
C GLN Z 454 81.44 8.35 45.66
N GLY Z 455 80.40 9.09 45.28
CA GLY Z 455 79.09 8.48 45.12
C GLY Z 455 79.04 7.50 43.97
N ARG Z 456 79.73 7.80 42.88
CA ARG Z 456 79.77 6.94 41.71
C ARG Z 456 80.89 5.92 41.76
N GLY Z 457 81.66 5.89 42.84
CA GLY Z 457 82.79 4.98 42.94
C GLY Z 457 83.92 5.30 41.99
N ASP Z 458 84.18 6.59 41.75
CA ASP Z 458 85.27 6.97 40.88
C ASP Z 458 86.62 6.71 41.55
N LEU Z 459 87.64 6.48 40.71
CA LEU Z 459 88.97 6.15 41.19
C LEU Z 459 89.96 7.18 40.67
N LEU Z 460 90.82 7.67 41.55
CA LEU Z 460 91.86 8.63 41.19
C LEU Z 460 93.15 8.22 41.86
N ASN Z 461 94.16 7.85 41.06
CA ASN Z 461 95.44 7.41 41.56
C ASN Z 461 96.53 8.32 41.00
N VAL Z 462 97.41 8.79 41.86
CA VAL Z 462 98.57 9.59 41.47
C VAL Z 462 99.80 9.03 42.17
N LEU Z 463 100.87 8.83 41.41
CA LEU Z 463 102.06 8.20 41.96
C LEU Z 463 103.27 8.55 41.10
N SER Z 464 104.45 8.28 41.62
CA SER Z 464 105.71 8.62 40.98
C SER Z 464 106.56 7.37 40.78
N VAL Z 465 107.08 7.19 39.56
CA VAL Z 465 107.95 6.08 39.22
C VAL Z 465 109.14 6.62 38.44
N LYS Z 466 110.18 5.79 38.35
CA LYS Z 466 111.37 6.12 37.59
C LYS Z 466 111.18 5.77 36.12
N PHE Z 467 111.40 6.75 35.25
CA PHE Z 467 111.23 6.54 33.82
C PHE Z 467 112.45 5.86 33.21
N ALA Z 468 112.48 5.80 31.88
CA ALA Z 468 113.60 5.16 31.16
C ALA Z 468 114.31 6.21 30.32
N GLU Z 469 115.49 5.90 29.77
CA GLU Z 469 116.28 6.94 29.06
C GLU Z 469 116.56 6.53 27.62
N PRO AA 270 68.38 12.33 13.76
CA PRO AA 270 67.58 11.66 14.80
C PRO AA 270 67.89 12.19 16.20
N ALA AA 271 68.20 11.28 17.12
CA ALA AA 271 68.50 11.67 18.50
C ALA AA 271 69.98 11.91 18.74
N SER AA 272 70.81 11.83 17.71
CA SER AA 272 72.25 12.02 17.86
C SER AA 272 72.60 13.49 18.11
N ALA AA 273 71.65 14.38 17.85
CA ALA AA 273 71.85 15.81 18.05
C ALA AA 273 71.32 16.32 19.38
N ALA AA 274 70.56 15.50 20.11
CA ALA AA 274 70.00 15.94 21.39
C ALA AA 274 71.02 15.85 22.51
N ARG AA 275 72.12 15.13 22.30
CA ARG AA 275 73.12 14.97 23.36
C ARG AA 275 74.36 15.83 23.09
N ARG AA 276 74.76 15.94 21.83
CA ARG AA 276 75.90 16.79 21.49
C ARG AA 276 75.61 18.25 21.81
N LYS AA 277 74.35 18.67 21.70
CA LYS AA 277 74.00 20.03 22.10
C LYS AA 277 74.23 20.23 23.59
N GLU AA 278 73.90 19.24 24.41
CA GLU AA 278 74.17 19.31 25.84
C GLU AA 278 75.68 19.32 26.09
N GLN AA 279 76.42 18.58 25.29
CA GLN AA 279 77.88 18.54 25.46
C GLN AA 279 78.47 19.93 25.16
N GLU AA 280 78.08 20.59 24.08
CA GLU AA 280 78.57 21.93 23.78
C GLU AA 280 78.09 22.95 24.80
N LEU AA 281 76.86 22.81 25.31
CA LEU AA 281 76.38 23.73 26.32
C LEU AA 281 77.19 23.61 27.61
N GLU AA 282 77.50 22.38 28.02
CA GLU AA 282 78.32 22.18 29.21
C GLU AA 282 79.72 22.75 29.02
N ARG AA 283 80.30 22.57 27.82
CA ARG AA 283 81.62 23.15 27.57
C ARG AA 283 81.57 24.67 27.58
N SER AA 284 80.50 25.25 27.02
CA SER AA 284 80.36 26.71 27.01
C SER AA 284 80.24 27.27 28.42
N GLN AA 285 79.51 26.59 29.30
CA GLN AA 285 79.45 27.04 30.69
C GLN AA 285 80.83 27.06 31.35
N GLU AA 286 81.61 26.00 31.13
CA GLU AA 286 82.95 25.94 31.71
C GLU AA 286 83.83 27.05 31.15
N GLN AA 287 83.72 27.32 29.84
CA GLN AA 287 84.54 28.39 29.24
C GLN AA 287 84.19 29.75 29.84
N ALA AA 288 82.90 30.04 30.01
CA ALA AA 288 82.49 31.31 30.58
C ALA AA 288 82.97 31.44 32.03
N LEU AA 289 82.87 30.35 32.80
CA LEU AA 289 83.33 30.41 34.18
C LEU AA 289 84.83 30.62 34.25
N ARG AA 290 85.59 29.99 33.35
CA ARG AA 290 87.04 30.20 33.31
C ARG AA 290 87.36 31.64 32.96
N GLU AA 291 86.63 32.21 32.00
CA GLU AA 291 86.86 33.60 31.63
C GLU AA 291 86.57 34.55 32.79
N LYS AA 292 85.50 34.28 33.54
CA LYS AA 292 85.21 35.10 34.71
C LYS AA 292 86.29 34.96 35.76
N ILE AA 293 86.82 33.75 35.94
CA ILE AA 293 87.88 33.52 36.92
C ILE AA 293 89.13 34.30 36.54
N ASP AA 294 89.49 34.28 35.27
CA ASP AA 294 90.72 34.90 34.82
C ASP AA 294 90.71 36.41 35.05
N SER AA 295 89.53 37.02 34.90
CA SER AA 295 89.44 38.49 34.98
C SER AA 295 89.82 39.00 36.37
N VAL AA 296 89.52 38.22 37.42
CA VAL AA 296 89.77 38.68 38.77
C VAL AA 296 91.21 38.37 39.22
N LEU AA 297 91.70 37.16 38.97
CA LEU AA 297 93.00 36.75 39.47
C LEU AA 297 94.16 37.35 38.69
N LEU AA 298 93.94 37.77 37.45
CA LEU AA 298 95.02 38.31 36.64
C LEU AA 298 95.65 39.58 37.22
N PRO AA 299 94.89 40.62 37.59
CA PRO AA 299 95.54 41.84 38.09
C PRO AA 299 96.11 41.72 39.49
N ILE AA 300 95.66 40.77 40.29
CA ILE AA 300 96.13 40.64 41.66
C ILE AA 300 97.35 39.71 41.75
N LEU AA 301 97.32 38.58 41.04
CA LEU AA 301 98.43 37.62 41.11
C LEU AA 301 99.48 37.88 40.03
N GLY AA 302 99.06 38.26 38.83
CA GLY AA 302 99.98 38.50 37.75
C GLY AA 302 99.86 37.45 36.65
N TYR AA 303 100.58 37.71 35.56
CA TYR AA 303 100.56 36.81 34.41
C TYR AA 303 101.47 35.62 34.66
N GLY AA 304 100.91 34.42 34.55
CA GLY AA 304 101.68 33.20 34.67
C GLY AA 304 102.00 32.77 36.08
N ASN AA 305 101.34 33.33 37.09
CA ASN AA 305 101.58 32.97 38.48
C ASN AA 305 100.47 32.10 39.07
N TYR AA 306 99.54 31.63 38.24
CA TYR AA 306 98.42 30.85 38.74
C TYR AA 306 97.86 29.98 37.63
N THR AA 307 97.20 28.90 38.01
CA THR AA 307 96.47 28.04 37.10
C THR AA 307 95.15 27.63 37.76
N ALA AA 308 94.11 27.50 36.93
CA ALA AA 308 92.79 27.15 37.46
C ALA AA 308 91.97 26.48 36.38
N GLN AA 309 91.15 25.51 36.79
CA GLN AA 309 90.22 24.84 35.90
C GLN AA 309 88.96 24.51 36.68
N VAL AA 310 87.83 24.47 35.97
CA VAL AA 310 86.52 24.22 36.56
C VAL AA 310 85.77 23.19 35.74
N ASP AA 311 84.76 22.59 36.35
CA ASP AA 311 83.84 21.70 35.65
C ASP AA 311 82.44 21.83 36.25
N ILE AA 312 81.43 21.56 35.44
CA ILE AA 312 80.03 21.61 35.86
C ILE AA 312 79.32 20.36 35.37
N GLN AA 313 78.55 19.75 36.25
CA GLN AA 313 77.73 18.58 35.92
C GLN AA 313 76.26 18.96 36.04
N MET AA 314 75.48 18.64 35.02
CA MET AA 314 74.07 19.01 34.96
C MET AA 314 73.24 17.82 34.49
N ASP AA 315 71.92 17.93 34.68
CA ASP AA 315 70.98 16.91 34.27
C ASP AA 315 69.92 17.54 33.37
N PHE AA 316 69.36 16.71 32.49
CA PHE AA 316 68.40 17.16 31.47
C PHE AA 316 67.12 16.33 31.55
N SER AA 317 66.61 16.14 32.76
CA SER AA 317 65.36 15.43 32.95
C SER AA 317 64.18 16.36 32.65
N ALA AA 318 62.97 15.80 32.75
CA ALA AA 318 61.76 16.58 32.48
C ALA AA 318 60.70 16.15 33.49
N VAL AA 319 60.36 17.05 34.42
CA VAL AA 319 59.46 16.75 35.52
C VAL AA 319 58.25 17.68 35.45
N GLU AA 320 57.06 17.10 35.55
CA GLU AA 320 55.81 17.86 35.63
C GLU AA 320 55.10 17.50 36.93
N GLN AA 321 54.54 18.52 37.59
CA GLN AA 321 53.95 18.35 38.90
C GLN AA 321 52.53 18.91 38.91
N THR AA 322 51.61 18.19 39.56
CA THR AA 322 50.25 18.65 39.75
C THR AA 322 49.86 18.40 41.19
N ARG AA 323 49.42 19.46 41.88
CA ARG AA 323 49.11 19.41 43.29
C ARG AA 323 47.68 19.90 43.54
N LYS AA 324 46.99 19.22 44.45
CA LYS AA 324 45.64 19.62 44.88
C LYS AA 324 45.59 19.54 46.40
N ARG AA 325 45.46 20.68 47.05
CA ARG AA 325 45.52 20.77 48.50
C ARG AA 325 44.15 21.15 49.05
N PHE AA 326 43.92 20.80 50.32
CA PHE AA 326 42.68 21.07 51.00
C PHE AA 326 42.99 21.65 52.39
N ASP AA 327 42.02 22.38 52.93
CA ASP AA 327 42.16 22.95 54.28
C ASP AA 327 41.09 22.37 55.19
N PRO AA 328 41.41 21.36 56.00
CA PRO AA 328 40.40 20.73 56.84
C PRO AA 328 40.09 21.48 58.14
N ASN AA 329 40.90 22.47 58.51
CA ASN AA 329 40.70 23.18 59.77
C ASN AA 329 39.62 24.25 59.70
N THR AA 330 39.19 24.64 58.50
CA THR AA 330 38.20 25.71 58.32
C THR AA 330 37.06 25.18 57.45
N PRO AA 331 36.17 24.38 58.02
CA PRO AA 331 35.00 23.90 57.26
C PRO AA 331 33.84 24.87 57.33
N ALA AA 332 33.09 24.93 56.23
CA ALA AA 332 31.92 25.80 56.11
C ALA AA 332 30.69 24.95 55.84
N THR AA 333 29.63 25.18 56.61
CA THR AA 333 28.42 24.39 56.50
C THR AA 333 27.49 25.01 55.47
N ARG AA 334 26.85 24.13 54.68
CA ARG AA 334 25.90 24.54 53.66
C ARG AA 334 24.48 24.11 53.97
N SER AA 335 24.27 22.82 54.22
CA SER AA 335 22.97 22.28 54.58
C SER AA 335 23.08 21.52 55.89
N GLU AA 336 22.08 21.67 56.74
CA GLU AA 336 22.10 21.06 58.07
C GLU AA 336 20.69 20.61 58.45
N TYR AA 337 20.57 19.37 58.91
CA TYR AA 337 19.32 18.83 59.40
C TYR AA 337 19.59 18.14 60.73
N ALA AA 338 18.71 18.36 61.70
CA ALA AA 338 18.90 17.84 63.05
C ALA AA 338 17.58 17.30 63.59
N LEU AA 339 17.70 16.32 64.49
CA LEU AA 339 16.55 15.76 65.19
C LEU AA 339 16.99 15.36 66.59
N GLU AA 340 16.28 15.85 67.59
CA GLU AA 340 16.64 15.70 69.00
C GLU AA 340 15.47 15.14 69.80
N ASP AA 341 14.91 14.04 69.31
CA ASP AA 341 13.73 13.44 69.94
C ASP AA 341 14.07 12.97 71.35
N TYR AA 342 13.27 13.42 72.32
CA TYR AA 342 13.42 13.02 73.70
C TYR AA 342 12.24 12.13 74.11
N ASN AA 343 12.33 11.58 75.31
CA ASN AA 343 11.26 10.74 75.85
C ASN AA 343 11.35 10.65 77.37
N VAL AA 383 15.48 8.20 72.88
CA VAL AA 383 16.23 9.44 72.70
C VAL AA 383 16.96 9.42 71.36
N ARG AA 384 16.28 9.89 70.32
CA ARG AA 384 16.88 9.89 68.98
C ARG AA 384 17.68 11.17 68.77
N LYS AA 385 18.94 11.00 68.39
CA LYS AA 385 19.83 12.13 68.10
C LYS AA 385 20.41 11.93 66.71
N GLU AA 386 19.79 12.56 65.71
CA GLU AA 386 20.21 12.42 64.32
C GLU AA 386 20.69 13.75 63.78
N SER AA 387 21.76 13.71 62.98
CA SER AA 387 22.33 14.90 62.38
C SER AA 387 22.81 14.57 60.97
N THR AA 388 22.62 15.52 60.06
CA THR AA 388 23.09 15.37 58.68
C THR AA 388 23.57 16.73 58.20
N ARG AA 389 24.87 16.86 57.94
CA ARG AA 389 25.46 18.13 57.57
C ARG AA 389 26.27 17.97 56.29
N ASN AA 390 26.27 19.03 55.47
CA ASN AA 390 27.08 19.10 54.27
C ASN AA 390 28.10 20.21 54.41
N PHE AA 391 29.31 19.96 53.92
CA PHE AA 391 30.42 20.88 54.10
C PHE AA 391 31.05 21.22 52.75
N GLU AA 392 31.62 22.42 52.67
CA GLU AA 392 32.40 22.84 51.52
C GLU AA 392 33.71 23.45 52.01
N LEU AA 393 34.82 23.08 51.39
CA LEU AA 393 36.14 23.42 51.86
C LEU AA 393 36.93 24.16 50.79
N ASP AA 394 38.02 24.78 51.22
CA ASP AA 394 38.90 25.48 50.30
C ASP AA 394 39.59 24.50 49.35
N THR AA 395 39.71 24.88 48.10
CA THR AA 395 40.35 24.06 47.08
C THR AA 395 41.46 24.85 46.41
N THR AA 396 42.64 24.23 46.29
CA THR AA 396 43.79 24.84 45.64
C THR AA 396 44.38 23.86 44.65
N ILE AA 397 44.60 24.34 43.42
CA ILE AA 397 45.14 23.51 42.34
C ILE AA 397 46.38 24.21 41.79
N SER AA 398 47.47 23.46 41.64
CA SER AA 398 48.72 24.00 41.14
C SER AA 398 49.30 23.07 40.08
N HIS AA 399 49.81 23.66 39.00
CA HIS AA 399 50.47 22.91 37.93
C HIS AA 399 51.83 23.55 37.68
N GLU AA 400 52.87 22.73 37.68
CA GLU AA 400 54.24 23.22 37.57
C GLU AA 400 55.01 22.41 36.54
N ARG AA 401 55.79 23.11 35.72
CA ARG AA 401 56.69 22.49 34.75
C ARG AA 401 58.12 22.93 35.08
N LYS AA 402 58.99 21.97 35.34
CA LYS AA 402 60.34 22.27 35.76
C LYS AA 402 61.22 22.59 34.55
N GLN AA 403 62.41 23.14 34.84
CA GLN AA 403 63.37 23.48 33.82
C GLN AA 403 64.20 22.27 33.43
N THR AA 404 64.90 22.38 32.29
CA THR AA 404 65.77 21.34 31.80
C THR AA 404 67.19 21.91 31.68
N GLY AA 405 68.10 21.38 32.48
CA GLY AA 405 69.48 21.83 32.44
C GLY AA 405 69.95 22.48 33.73
N THR AA 406 69.39 22.07 34.85
CA THR AA 406 69.79 22.62 36.14
C THR AA 406 71.18 22.12 36.52
N VAL AA 407 71.96 22.99 37.15
CA VAL AA 407 73.31 22.66 37.57
C VAL AA 407 73.24 21.80 38.83
N ALA AA 408 73.97 20.68 38.83
CA ALA AA 408 73.98 19.75 39.95
C ALA AA 408 75.17 19.99 40.89
N ARG AA 409 76.38 19.95 40.32
CA ARG AA 409 77.59 20.15 41.15
C ARG AA 409 78.59 21.03 40.42
N GLN AA 410 79.52 21.61 41.17
CA GLN AA 410 80.50 22.55 40.62
C GLN AA 410 81.77 22.48 41.45
N THR AA 411 82.89 22.23 40.77
CA THR AA 411 84.19 22.11 41.42
C THR AA 411 85.17 23.10 40.82
N VAL AA 412 85.89 23.81 41.69
CA VAL AA 412 86.90 24.78 41.30
C VAL AA 412 88.19 24.48 42.07
N SER AA 413 89.32 24.48 41.35
CA SER AA 413 90.63 24.24 41.93
C SER AA 413 91.59 25.31 41.46
N VAL AA 414 92.29 25.94 42.41
CA VAL AA 414 93.21 27.04 42.12
C VAL AA 414 94.57 26.72 42.74
N ALA AA 415 95.62 26.84 41.95
CA ALA AA 415 97.00 26.65 42.40
C ALA AA 415 97.78 27.93 42.16
N ILE AA 416 98.50 28.38 43.18
CA ILE AA 416 99.25 29.64 43.13
C ILE AA 416 100.73 29.32 43.26
N LYS AA 417 101.54 29.91 42.39
CA LYS AA 417 102.99 29.72 42.45
C LYS AA 417 103.56 30.32 43.72
N ASP AA 418 104.52 29.61 44.31
CA ASP AA 418 105.19 30.09 45.51
C ASP AA 418 106.47 30.86 45.15
N MET AA 434 103.25 31.70 50.40
CA MET AA 434 102.08 32.48 50.77
C MET AA 434 101.57 32.07 52.16
N SER AA 435 101.24 33.05 52.98
CA SER AA 435 100.76 32.78 54.33
C SER AA 435 99.29 32.36 54.26
N GLU AA 436 98.73 32.01 55.43
CA GLU AA 436 97.34 31.58 55.48
C GLU AA 436 96.36 32.74 55.27
N SER AA 437 96.72 33.93 55.72
CA SER AA 437 95.82 35.08 55.59
C SER AA 437 95.56 35.42 54.13
N GLU AA 438 96.62 35.43 53.31
CA GLU AA 438 96.45 35.72 51.89
C GLU AA 438 95.62 34.64 51.19
N ILE AA 439 95.83 33.38 51.55
CA ILE AA 439 95.04 32.29 50.98
C ILE AA 439 93.56 32.45 51.35
N ASN AA 440 93.29 32.78 52.61
CA ASN AA 440 91.91 32.98 53.04
C ASN AA 440 91.28 34.16 52.31
N ALA AA 441 92.03 35.26 52.14
CA ALA AA 441 91.50 36.41 51.42
C ALA AA 441 91.20 36.08 49.97
N ILE AA 442 92.10 35.33 49.32
CA ILE AA 442 91.86 34.93 47.93
C ILE AA 442 90.63 34.03 47.83
N ARG AA 443 90.47 33.09 48.76
CA ARG AA 443 89.30 32.24 48.77
C ARG AA 443 88.02 33.05 48.96
N GLN AA 444 88.06 34.03 49.87
CA GLN AA 444 86.89 34.88 50.09
C GLN AA 444 86.55 35.68 48.84
N VAL AA 445 87.56 36.18 48.14
CA VAL AA 445 87.32 36.92 46.90
C VAL AA 445 86.70 36.00 45.84
N LEU AA 446 87.24 34.79 45.71
CA LEU AA 446 86.78 33.88 44.67
C LEU AA 446 85.39 33.32 44.97
N ILE AA 447 84.99 33.31 46.25
CA ILE AA 447 83.67 32.80 46.60
C ILE AA 447 82.56 33.59 45.92
N GLY AA 448 82.64 34.92 45.95
CA GLY AA 448 81.66 35.75 45.28
C GLY AA 448 81.71 35.63 43.76
N THR AA 449 82.93 35.53 43.22
CA THR AA 449 83.09 35.43 41.77
C THR AA 449 82.54 34.13 41.21
N VAL AA 450 82.65 33.03 41.96
CA VAL AA 450 82.23 31.71 41.48
C VAL AA 450 80.76 31.45 41.81
N GLY AA 451 80.38 31.64 43.06
CA GLY AA 451 79.03 31.31 43.50
C GLY AA 451 79.02 30.03 44.32
N PHE AA 452 80.04 29.85 45.15
CA PHE AA 452 80.18 28.64 45.95
C PHE AA 452 78.99 28.51 46.89
N ASP AA 453 78.26 27.39 46.75
CA ASP AA 453 77.05 27.14 47.52
C ASP AA 453 77.18 25.75 48.12
N GLN AA 454 76.83 25.63 49.41
CA GLN AA 454 76.93 24.34 50.09
C GLN AA 454 75.71 23.44 49.86
N GLY AA 455 74.60 24.00 49.37
CA GLY AA 455 73.41 23.19 49.16
C GLY AA 455 73.59 22.14 48.09
N ARG AA 456 74.31 22.48 47.01
CA ARG AA 456 74.56 21.57 45.91
C ARG AA 456 75.81 20.74 46.10
N GLY AA 457 76.49 20.89 47.24
CA GLY AA 457 77.73 20.17 47.47
C GLY AA 457 78.87 20.60 46.57
N ASP AA 458 78.96 21.89 46.26
CA ASP AA 458 80.04 22.39 45.44
C ASP AA 458 81.36 22.36 46.21
N LEU AA 459 82.46 22.25 45.46
CA LEU AA 459 83.79 22.15 46.04
C LEU AA 459 84.65 23.29 45.51
N LEU AA 460 85.36 23.96 46.42
CA LEU AA 460 86.27 25.04 46.05
C LEU AA 460 87.57 24.87 46.83
N ASN AA 461 88.66 24.60 46.12
CA ASN AA 461 89.96 24.40 46.73
C ASN AA 461 90.93 25.43 46.18
N VAL AA 462 91.67 26.08 47.07
CA VAL AA 462 92.73 27.01 46.69
C VAL AA 462 93.98 26.69 47.51
N LEU AA 463 95.12 26.60 46.83
CA LEU AA 463 96.35 26.20 47.50
C LEU AA 463 97.54 26.67 46.68
N SER AA 464 98.71 26.61 47.31
CA SER AA 464 99.95 27.11 46.72
C SER AA 464 100.98 25.99 46.67
N VAL AA 465 101.61 25.83 45.50
CA VAL AA 465 102.67 24.84 45.30
C VAL AA 465 103.82 25.51 44.56
N LYS AA 466 104.97 24.84 44.58
CA LYS AA 466 106.16 25.30 43.89
C LYS AA 466 106.12 24.84 42.44
N PHE AA 467 106.27 25.78 41.51
CA PHE AA 467 106.22 25.46 40.09
C PHE AA 467 107.57 24.95 39.61
N ALA AA 468 107.71 24.81 38.29
CA ALA AA 468 108.97 24.30 37.70
C ALA AA 468 109.58 25.40 36.83
N GLU AA 469 110.83 25.24 36.39
CA GLU AA 469 111.50 26.34 35.66
C GLU AA 469 111.96 25.90 34.27
N PRO BA 270 64.62 23.33 16.97
CA PRO BA 270 63.85 22.63 18.00
C PRO BA 270 63.97 23.28 19.39
N ALA BA 271 64.35 22.50 20.39
CA ALA BA 271 64.50 23.01 21.75
C ALA BA 271 65.90 23.50 22.06
N SER BA 272 66.80 23.48 21.09
CA SER BA 272 68.19 23.90 21.32
C SER BA 272 68.28 25.41 21.48
N ALA BA 273 67.23 26.13 21.10
CA ALA BA 273 67.21 27.58 21.20
C ALA BA 273 66.51 28.08 22.45
N ALA BA 274 65.83 27.21 23.20
CA ALA BA 274 65.12 27.66 24.39
C ALA BA 274 66.06 27.79 25.58
N ARG BA 275 67.27 27.23 25.49
CA ARG BA 275 68.19 27.31 26.62
C ARG BA 275 69.30 28.31 26.37
N ARG BA 276 69.78 28.40 25.13
CA ARG BA 276 70.80 29.39 24.80
C ARG BA 276 70.28 30.81 25.00
N LYS BA 277 68.99 31.03 24.77
CA LYS BA 277 68.40 32.34 25.05
C LYS BA 277 68.50 32.67 26.52
N GLU BA 278 68.25 31.68 27.39
CA GLU BA 278 68.42 31.90 28.82
C GLU BA 278 69.88 32.16 29.17
N GLN BA 279 70.78 31.49 28.48
CA GLN BA 279 72.21 31.69 28.73
C GLN BA 279 72.61 33.12 28.37
N GLU BA 280 72.20 33.64 27.22
CA GLU BA 280 72.51 35.02 26.86
C GLU BA 280 71.81 36.02 27.76
N LEU BA 281 70.58 35.73 28.21
CA LEU BA 281 69.89 36.63 29.11
C LEU BA 281 70.62 36.73 30.45
N GLU BA 282 71.08 35.58 30.97
CA GLU BA 282 71.84 35.59 32.22
C GLU BA 282 73.15 36.36 32.07
N ARG BA 283 73.82 36.19 30.94
CA ARG BA 283 75.06 36.94 30.71
C ARG BA 283 74.79 38.44 30.61
N SER BA 284 73.69 38.81 29.95
CA SER BA 284 73.33 40.22 29.81
C SER BA 284 73.03 40.85 31.17
N GLN BA 285 72.35 40.12 32.05
CA GLN BA 285 72.12 40.65 33.39
C GLN BA 285 73.42 40.92 34.13
N GLU BA 286 74.37 39.99 34.05
CA GLU BA 286 75.66 40.18 34.71
C GLU BA 286 76.40 41.37 34.12
N GLN BA 287 76.35 41.53 32.80
CA GLN BA 287 77.03 42.65 32.17
C GLN BA 287 76.46 43.99 32.63
N ALA BA 288 75.12 44.09 32.70
CA ALA BA 288 74.50 45.32 33.16
C ALA BA 288 74.83 45.61 34.60
N LEU BA 289 74.84 44.58 35.46
CA LEU BA 289 75.19 44.79 36.85
C LEU BA 289 76.63 45.25 37.00
N ARG BA 290 77.54 44.68 36.21
CA ARG BA 290 78.94 45.10 36.24
C ARG BA 290 79.07 46.55 35.80
N GLU BA 291 78.33 46.94 34.75
CA GLU BA 291 78.39 48.32 34.28
C GLU BA 291 77.87 49.27 35.36
N LYS BA 292 76.80 48.90 36.05
CA LYS BA 292 76.30 49.74 37.14
C LYS BA 292 77.32 49.84 38.27
N ILE BA 293 78.00 48.74 38.57
CA ILE BA 293 79.01 48.74 39.63
C ILE BA 293 80.16 49.68 39.27
N ASP BA 294 80.60 49.62 38.02
CA ASP BA 294 81.77 50.40 37.61
C ASP BA 294 81.51 51.90 37.71
N SER BA 295 80.27 52.33 37.45
CA SER BA 295 79.96 53.75 37.42
C SER BA 295 80.15 54.40 38.79
N VAL BA 296 79.89 53.66 39.86
CA VAL BA 296 79.99 54.23 41.19
C VAL BA 296 81.41 54.19 41.75
N LEU BA 297 82.09 53.05 41.63
CA LEU BA 297 83.40 52.88 42.24
C LEU BA 297 84.51 53.59 41.49
N LEU BA 298 84.31 53.90 40.21
CA LEU BA 298 85.37 54.54 39.43
C LEU BA 298 85.75 55.93 39.95
N PRO BA 299 84.82 56.86 40.19
CA PRO BA 299 85.25 58.20 40.63
C PRO BA 299 85.73 58.26 42.07
N ILE BA 300 85.36 57.29 42.91
CA ILE BA 300 85.75 57.34 44.31
C ILE BA 300 87.08 56.61 44.56
N LEU BA 301 87.27 55.45 43.93
CA LEU BA 301 88.49 54.68 44.14
C LEU BA 301 89.58 55.02 43.11
N GLY BA 302 89.19 55.26 41.86
CA GLY BA 302 90.14 55.57 40.82
C GLY BA 302 90.27 54.44 39.80
N TYR BA 303 91.02 54.73 38.75
CA TYR BA 303 91.21 53.77 37.67
C TYR BA 303 92.27 52.75 38.05
N GLY BA 304 91.90 51.47 38.01
CA GLY BA 304 92.84 50.40 38.27
C GLY BA 304 93.11 50.11 39.72
N ASN BA 305 92.30 50.63 40.64
CA ASN BA 305 92.49 50.39 42.07
C ASN BA 305 91.48 49.41 42.65
N TYR BA 306 90.69 48.76 41.81
CA TYR BA 306 89.67 47.84 42.30
C TYR BA 306 89.34 46.83 41.22
N THR BA 307 88.81 45.68 41.65
CA THR BA 307 88.28 44.67 40.76
C THR BA 307 87.00 44.11 41.36
N ALA BA 308 86.05 43.76 40.49
CA ALA BA 308 84.77 43.25 40.96
C ALA BA 308 84.13 42.40 39.87
N GLN BA 309 83.44 41.35 40.31
CA GLN BA 309 82.68 40.48 39.42
C GLN BA 309 81.43 40.01 40.15
N VAL BA 310 80.37 39.74 39.36
CA VAL BA 310 79.07 39.34 39.90
C VAL BA 310 78.56 38.15 39.10
N ASP BA 311 77.60 37.45 39.70
CA ASP BA 311 76.87 36.39 39.02
C ASP BA 311 75.43 36.34 39.51
N ILE BA 312 74.53 35.87 38.66
CA ILE BA 312 73.11 35.73 38.99
C ILE BA 312 72.64 34.36 38.55
N GLN BA 313 71.90 33.68 39.43
CA GLN BA 313 71.29 32.40 39.14
C GLN BA 313 69.77 32.55 39.14
N MET BA 314 69.13 32.04 38.10
CA MET BA 314 67.68 32.18 37.91
C MET BA 314 67.08 30.86 37.49
N ASP BA 315 65.76 30.79 37.59
CA ASP BA 315 65.00 29.60 37.20
C ASP BA 315 63.93 29.99 36.19
N PHE BA 316 63.56 29.03 35.34
CA PHE BA 316 62.63 29.26 34.24
C PHE BA 316 61.49 28.27 34.29
N SER BA 317 60.93 28.07 35.48
CA SER BA 317 59.78 27.19 35.64
C SER BA 317 58.50 27.90 35.21
N ALA BA 318 57.38 27.19 35.27
CA ALA BA 318 56.09 27.75 34.88
C ALA BA 318 55.03 27.23 35.85
N VAL BA 319 54.49 28.12 36.68
CA VAL BA 319 53.58 27.76 37.74
C VAL BA 319 52.25 28.49 37.52
N GLU BA 320 51.14 27.75 37.59
CA GLU BA 320 49.81 28.31 37.54
C GLU BA 320 49.06 27.93 38.82
N GLN BA 321 48.30 28.88 39.36
CA GLN BA 321 47.66 28.71 40.65
C GLN BA 321 46.18 29.05 40.53
N THR BA 322 45.34 28.24 41.17
CA THR BA 322 43.89 28.49 41.23
C THR BA 322 43.44 28.30 42.67
N ARG BA 323 42.81 29.31 43.24
CA ARG BA 323 42.40 29.30 44.63
C ARG BA 323 40.90 29.59 44.74
N LYS BA 324 40.25 28.88 45.66
CA LYS BA 324 38.84 29.08 45.97
C LYS BA 324 38.69 29.09 47.49
N ARG BA 325 38.35 30.25 48.05
CA ARG BA 325 38.29 30.45 49.49
C ARG BA 325 36.83 30.66 49.92
N PHE BA 326 36.58 30.34 51.19
CA PHE BA 326 35.25 30.47 51.78
C PHE BA 326 35.38 31.17 53.13
N ASP BA 327 34.28 31.78 53.56
CA ASP BA 327 34.22 32.47 54.86
C ASP BA 327 33.18 31.78 55.74
N PRO BA 328 33.60 30.89 56.65
CA PRO BA 328 32.63 30.16 57.47
C PRO BA 328 32.13 30.95 58.67
N ASN BA 329 32.74 32.08 59.02
CA ASN BA 329 32.35 32.82 60.21
C ASN BA 329 31.14 33.71 59.99
N THR BA 330 30.74 33.95 58.74
CA THR BA 330 29.62 34.84 58.42
C THR BA 330 28.63 34.09 57.53
N PRO BA 331 27.83 33.20 58.10
CA PRO BA 331 26.81 32.50 57.30
C PRO BA 331 25.51 33.28 57.22
N ALA BA 332 24.84 33.15 56.09
CA ALA BA 332 23.57 33.82 55.82
C ALA BA 332 22.50 32.78 55.55
N THR BA 333 21.37 32.90 56.24
CA THR BA 333 20.30 31.93 56.11
C THR BA 333 19.36 32.31 54.97
N ARG BA 334 18.92 31.31 54.22
CA ARG BA 334 17.99 31.51 53.11
C ARG BA 334 16.63 30.87 53.37
N SER BA 335 16.60 29.58 53.70
CA SER BA 335 15.36 28.88 54.02
C SER BA 335 15.50 28.24 55.39
N GLU BA 336 14.42 28.28 56.16
CA GLU BA 336 14.44 27.77 57.53
C GLU BA 336 13.09 27.14 57.85
N TYR BA 337 13.14 25.93 58.40
CA TYR BA 337 11.93 25.23 58.85
C TYR BA 337 12.20 24.68 60.24
N ALA BA 338 11.22 24.83 61.14
CA ALA BA 338 11.40 24.43 62.53
C ALA BA 338 10.14 23.74 63.03
N LEU BA 339 10.34 22.86 64.00
CA LEU BA 339 9.24 22.16 64.67
C LEU BA 339 9.63 21.93 66.12
N GLU BA 340 8.78 22.37 67.04
CA GLU BA 340 9.05 22.38 68.47
C GLU BA 340 7.92 21.70 69.23
N ASP BA 341 7.56 20.49 68.80
CA ASP BA 341 6.45 19.76 69.39
C ASP BA 341 6.75 19.44 70.86
N TYR BA 342 5.83 19.82 71.74
CA TYR BA 342 5.93 19.54 73.16
C TYR BA 342 4.87 18.51 73.56
N ASN BA 343 4.95 18.06 74.81
CA ASN BA 343 3.99 17.11 75.33
C ASN BA 343 3.97 17.12 76.86
N VAL BA 383 8.75 15.05 72.83
CA VAL BA 383 9.31 16.39 72.61
C VAL BA 383 10.13 16.39 71.32
N ARG BA 384 9.47 16.67 70.20
CA ARG BA 384 10.15 16.68 68.92
C ARG BA 384 10.77 18.05 68.65
N LYS BA 385 12.07 18.05 68.37
CA LYS BA 385 12.80 19.28 68.06
C LYS BA 385 13.50 19.08 66.72
N GLU BA 386 12.87 19.54 65.64
CA GLU BA 386 13.41 19.37 64.29
C GLU BA 386 13.72 20.72 63.67
N SER BA 387 14.84 20.80 62.96
CA SER BA 387 15.27 22.02 62.30
C SER BA 387 15.90 21.67 60.96
N THR BA 388 15.63 22.52 59.96
CA THR BA 388 16.22 22.35 58.64
C THR BA 388 16.52 23.74 58.08
N ARG BA 389 17.80 24.04 57.90
CA ARG BA 389 18.23 25.37 57.46
C ARG BA 389 19.15 25.25 56.26
N ASN BA 390 19.05 26.24 55.36
CA ASN BA 390 19.92 26.34 54.20
C ASN BA 390 20.76 27.61 54.32
N PHE BA 391 22.03 27.52 53.94
CA PHE BA 391 22.98 28.62 54.11
C PHE BA 391 23.64 28.95 52.78
N GLU BA 392 24.03 30.22 52.65
CA GLU BA 392 24.82 30.67 51.51
C GLU BA 392 25.98 31.52 52.04
N LEU BA 393 27.17 31.27 51.52
CA LEU BA 393 28.39 31.85 52.05
C LEU BA 393 29.14 32.62 50.97
N ASP BA 394 30.10 33.42 51.42
CA ASP BA 394 30.92 34.19 50.50
C ASP BA 394 31.82 33.27 49.69
N THR BA 395 31.97 33.58 48.41
CA THR BA 395 32.80 32.79 47.49
C THR BA 395 33.83 33.70 46.84
N THR BA 396 35.09 33.27 46.84
CA THR BA 396 36.18 34.01 46.22
C THR BA 396 36.98 33.06 45.34
N ILE BA 397 37.22 33.49 44.10
CA ILE BA 397 37.96 32.69 43.12
C ILE BA 397 39.10 33.52 42.59
N SER BA 398 40.31 32.95 42.58
CA SER BA 398 41.50 33.64 42.12
C SER BA 398 42.28 32.74 41.17
N HIS BA 399 42.78 33.32 40.08
CA HIS BA 399 43.61 32.62 39.11
C HIS BA 399 44.88 33.43 38.89
N GLU BA 400 46.03 32.79 39.02
CA GLU BA 400 47.32 33.48 38.96
C GLU BA 400 48.28 32.73 38.05
N ARG BA 401 49.00 33.48 37.23
CA ARG BA 401 50.05 32.94 36.37
C ARG BA 401 51.37 33.62 36.74
N LYS BA 402 52.34 32.82 37.14
CA LYS BA 402 53.61 33.35 37.62
C LYS BA 402 54.52 33.73 36.44
N GLN BA 403 55.58 34.47 36.76
CA GLN BA 403 56.56 34.89 35.78
C GLN BA 403 57.59 33.79 35.53
N THR BA 404 58.33 33.93 34.44
CA THR BA 404 59.41 33.01 34.08
C THR BA 404 60.71 33.77 34.01
N GLY BA 405 61.64 33.45 34.91
CA GLY BA 405 62.93 34.11 34.91
C GLY BA 405 63.21 34.91 36.17
N THR BA 406 62.63 34.48 37.29
CA THR BA 406 62.85 35.18 38.55
C THR BA 406 64.26 34.91 39.06
N VAL BA 407 64.86 35.94 39.66
CA VAL BA 407 66.21 35.84 40.20
C VAL BA 407 66.18 35.06 41.51
N ALA BA 408 67.06 34.08 41.64
CA ALA BA 408 67.13 33.24 42.83
C ALA BA 408 68.20 33.72 43.81
N ARG BA 409 69.44 33.82 43.33
CA ARG BA 409 70.54 34.26 44.21
C ARG BA 409 71.45 35.24 43.48
N GLN BA 410 72.22 36.00 44.24
CA GLN BA 410 73.08 37.04 43.69
C GLN BA 410 74.29 37.22 44.58
N THR BA 411 75.49 37.11 44.01
CA THR BA 411 76.74 37.22 44.75
C THR BA 411 77.61 38.31 44.13
N VAL BA 412 78.14 39.17 44.99
CA VAL BA 412 79.03 40.27 44.59
C VAL BA 412 80.29 40.22 45.45
N SER BA 413 81.44 40.34 44.80
CA SER BA 413 82.73 40.35 45.50
C SER BA 413 83.57 41.51 45.01
N VAL BA 414 84.08 42.31 45.94
CA VAL BA 414 84.86 43.51 45.63
C VAL BA 414 86.19 43.45 46.36
N ALA BA 415 87.28 43.67 45.62
CA ALA BA 415 88.62 43.72 46.17
C ALA BA 415 89.22 45.09 45.87
N ILE BA 416 89.79 45.71 46.90
CA ILE BA 416 90.35 47.06 46.81
C ILE BA 416 91.84 46.99 47.06
N LYS BA 417 92.63 47.64 46.18
CA LYS BA 417 94.07 47.67 46.35
C LYS BA 417 94.46 48.44 47.62
N ASP BA 418 95.47 47.93 48.31
CA ASP BA 418 95.97 48.58 49.51
C ASP BA 418 97.13 49.50 49.18
N MET BA 434 93.46 50.19 54.13
CA MET BA 434 92.16 50.81 54.38
C MET BA 434 91.63 50.41 55.75
N SER BA 435 91.08 51.38 56.48
CA SER BA 435 90.55 51.14 57.81
C SER BA 435 89.17 50.49 57.69
N GLU BA 436 88.58 50.14 58.83
CA GLU BA 436 87.27 49.50 58.83
C GLU BA 436 86.15 50.47 58.48
N SER BA 437 86.30 51.75 58.86
CA SER BA 437 85.25 52.72 58.59
C SER BA 437 85.05 52.93 57.08
N GLU BA 438 86.15 53.03 56.33
CA GLU BA 438 86.04 53.21 54.89
C GLU BA 438 85.43 51.97 54.23
N ILE BA 439 85.81 50.78 54.70
CA ILE BA 439 85.23 49.55 54.15
C ILE BA 439 83.73 49.52 54.42
N ASN BA 440 83.31 49.88 55.63
CA ASN BA 440 81.89 49.90 55.96
C ASN BA 440 81.14 50.91 55.11
N ALA BA 441 81.74 52.09 54.89
CA ALA BA 441 81.10 53.10 54.06
C ALA BA 441 80.95 52.63 52.62
N ILE BA 442 81.99 51.98 52.09
CA ILE BA 442 81.93 51.47 50.72
C ILE BA 442 80.86 50.39 50.62
N ARG BA 443 80.78 49.50 51.61
CA ARG BA 443 79.73 48.47 51.60
C ARG BA 443 78.35 49.09 51.66
N GLN BA 444 78.17 50.13 52.49
CA GLN BA 444 76.87 50.80 52.56
C GLN BA 444 76.51 51.46 51.24
N VAL BA 445 77.49 52.06 50.56
CA VAL BA 445 77.24 52.67 49.26
C VAL BA 445 76.84 51.59 48.25
N LEU BA 446 77.56 50.47 48.24
CA LEU BA 446 77.30 49.44 47.24
C LEU BA 446 75.99 48.70 47.50
N ILE BA 447 75.51 48.71 48.75
CA ILE BA 447 74.26 48.01 49.05
C ILE BA 447 73.10 48.59 48.25
N GLY BA 448 72.97 49.91 48.17
CA GLY BA 448 71.94 50.53 47.38
C GLY BA 448 72.12 50.33 45.89
N THR BA 449 73.37 50.38 45.43
CA THR BA 449 73.65 50.22 44.01
C THR BA 449 73.35 48.81 43.52
N VAL BA 450 73.56 47.80 44.34
CA VAL BA 450 73.38 46.40 43.96
C VAL BA 450 71.95 45.93 44.21
N GLY BA 451 71.44 46.15 45.42
CA GLY BA 451 70.14 45.64 45.79
C GLY BA 451 70.25 44.43 46.70
N PHE BA 452 71.24 44.47 47.61
CA PHE BA 452 71.48 43.35 48.51
C PHE BA 452 70.26 43.09 49.37
N ASP BA 453 69.72 41.88 49.28
CA ASP BA 453 68.50 41.50 49.98
C ASP BA 453 68.79 40.18 50.70
N GLN BA 454 68.38 40.09 51.96
CA GLN BA 454 68.61 38.87 52.75
C GLN BA 454 67.57 37.80 52.51
N GLY BA 455 66.43 38.14 51.91
CA GLY BA 455 65.38 37.14 51.69
C GLY BA 455 65.79 36.07 50.71
N ARG BA 456 66.52 36.45 49.66
CA ARG BA 456 66.99 35.51 48.66
C ARG BA 456 68.34 34.90 48.99
N GLY BA 457 68.91 35.21 50.15
CA GLY BA 457 70.22 34.72 50.51
C GLY BA 457 71.34 35.26 49.65
N ASP BA 458 71.26 36.52 49.25
CA ASP BA 458 72.32 37.13 48.46
C ASP BA 458 73.56 37.35 49.31
N LEU BA 459 74.71 37.36 48.64
CA LEU BA 459 76.00 37.51 49.30
C LEU BA 459 76.72 38.73 48.75
N LEU BA 460 77.25 39.55 49.65
CA LEU BA 460 78.02 40.74 49.25
C LEU BA 460 79.26 40.82 50.12
N ASN BA 461 80.43 40.68 49.51
CA ASN BA 461 81.70 40.71 50.22
C ASN BA 461 82.55 41.84 49.65
N VAL BA 462 83.12 42.65 50.53
CA VAL BA 462 84.05 43.71 50.14
C VAL BA 462 85.27 43.63 51.06
N LEU BA 463 86.45 43.69 50.46
CA LEU BA 463 87.68 43.52 51.24
C LEU BA 463 88.85 44.12 50.47
N SER BA 464 89.97 44.27 51.17
CA SER BA 464 91.15 44.92 50.62
C SER BA 464 92.35 43.97 50.72
N VAL BA 465 93.08 43.83 49.61
CA VAL BA 465 94.27 43.01 49.54
C VAL BA 465 95.37 43.79 48.84
N LYS BA 466 96.59 43.30 48.98
CA LYS BA 466 97.75 43.90 48.33
C LYS BA 466 97.89 43.34 46.92
N PHE BA 467 97.96 44.23 45.93
CA PHE BA 467 98.07 43.82 44.54
C PHE BA 467 99.51 43.48 44.18
N ALA BA 468 99.77 43.28 42.89
CA ALA BA 468 101.12 42.94 42.41
C ALA BA 468 101.62 44.06 41.50
N GLU BA 469 102.91 44.05 41.15
CA GLU BA 469 103.47 45.20 40.39
C GLU BA 469 104.08 44.74 39.07
N PRO CA 270 58.99 33.98 19.09
CA PRO CA 270 58.27 33.23 20.12
C PRO CA 270 58.18 33.97 21.45
N ALA CA 271 58.60 33.32 22.53
CA ALA CA 271 58.57 33.93 23.86
C ALA CA 271 59.86 34.64 24.22
N SER CA 272 60.83 34.70 23.31
CA SER CA 272 62.10 35.34 23.60
C SER CA 272 61.97 36.86 23.66
N ALA CA 273 60.85 37.39 23.15
CA ALA CA 273 60.60 38.82 23.16
C ALA CA 273 59.74 39.29 24.32
N ALA CA 274 59.15 38.37 25.07
CA ALA CA 274 58.30 38.77 26.19
C ALA CA 274 59.11 39.11 27.43
N ARG CA 275 60.40 38.75 27.45
CA ARG CA 275 61.22 39.03 28.63
C ARG CA 275 62.18 40.18 28.38
N ARG CA 276 62.74 40.26 27.17
CA ARG CA 276 63.62 41.38 26.84
C ARG CA 276 62.88 42.70 26.89
N LYS CA 277 61.59 42.71 26.57
CA LYS CA 277 60.79 43.93 26.71
C LYS CA 277 60.73 44.37 28.18
N GLU CA 278 60.57 43.40 29.08
CA GLU CA 278 60.60 43.73 30.51
C GLU CA 278 61.97 44.24 30.93
N GLN CA 279 63.01 43.66 30.34
CA GLN CA 279 64.38 44.10 30.67
C GLN CA 279 64.58 45.55 30.23
N GLU CA 280 64.18 45.93 29.03
CA GLU CA 280 64.31 47.32 28.58
C GLU CA 280 63.41 48.25 29.37
N LEU CA 281 62.21 47.81 29.75
CA LEU CA 281 61.33 48.64 30.55
C LEU CA 281 61.94 48.93 31.92
N GLU CA 282 62.52 47.90 32.55
CA GLU CA 282 63.17 48.10 33.85
C GLU CA 282 64.35 49.05 33.72
N ARG CA 283 65.14 48.91 32.65
CA ARG CA 283 66.26 49.83 32.45
C ARG CA 283 65.77 51.26 32.22
N SER CA 284 64.69 51.42 31.47
CA SER CA 284 64.14 52.74 31.21
C SER CA 284 63.65 53.40 32.49
N GLN CA 285 63.02 52.64 33.38
CA GLN CA 285 62.60 53.21 34.67
C GLN CA 285 63.81 53.72 35.46
N GLU CA 286 64.89 52.93 35.51
CA GLU CA 286 66.08 53.36 36.23
C GLU CA 286 66.68 54.62 35.61
N GLN CA 287 66.70 54.69 34.28
CA GLN CA 287 67.26 55.86 33.62
C GLN CA 287 66.46 57.12 33.94
N ALA CA 288 65.13 57.02 33.92
CA ALA CA 288 64.28 58.16 34.25
C ALA CA 288 64.47 58.59 35.69
N LEU CA 289 64.57 57.62 36.60
CA LEU CA 289 64.77 57.98 38.01
C LEU CA 289 66.12 58.65 38.21
N ARG CA 290 67.16 58.17 37.52
CA ARG CA 290 68.47 58.82 37.62
C ARG CA 290 68.42 60.23 37.07
N GLU CA 291 67.72 60.44 35.96
CA GLU CA 291 67.59 61.78 35.40
C GLU CA 291 66.87 62.72 36.36
N LYS CA 292 65.82 62.22 37.02
CA LYS CA 292 65.11 63.04 38.00
C LYS CA 292 66.03 63.37 39.19
N ILE CA 293 66.84 62.39 39.61
CA ILE CA 293 67.75 62.62 40.73
C ILE CA 293 68.77 63.70 40.37
N ASP CA 294 69.32 63.64 39.16
CA ASP CA 294 70.38 64.56 38.77
C ASP CA 294 69.89 66.01 38.75
N SER CA 295 68.62 66.21 38.39
CA SER CA 295 68.11 67.57 38.23
C SER CA 295 68.10 68.33 39.55
N VAL CA 296 67.88 67.62 40.67
CA VAL CA 296 67.78 68.29 41.96
C VAL CA 296 69.15 68.49 42.60
N LEU CA 297 70.01 67.47 42.61
CA LEU CA 297 71.28 67.53 43.31
C LEU CA 297 72.32 68.36 42.58
N LEU CA 298 72.18 68.55 41.27
CA LEU CA 298 73.18 69.31 40.52
C LEU CA 298 73.31 70.76 40.96
N PRO CA 299 72.24 71.56 41.08
CA PRO CA 299 72.43 72.97 41.44
C PRO CA 299 72.79 73.18 42.90
N ILE CA 300 72.51 72.23 43.78
CA ILE CA 300 72.79 72.42 45.21
C ILE CA 300 74.17 71.92 45.58
N LEU CA 301 74.59 70.77 45.06
CA LEU CA 301 75.90 70.21 45.39
C LEU CA 301 76.98 70.64 44.42
N GLY CA 302 76.67 70.73 43.14
CA GLY CA 302 77.64 71.12 42.13
C GLY CA 302 77.99 69.98 41.21
N TYR CA 303 78.77 70.31 40.19
CA TYR CA 303 79.19 69.33 39.19
C TYR CA 303 80.35 68.50 39.72
N GLY CA 304 80.18 67.18 39.74
CA GLY CA 304 81.25 66.29 40.13
C GLY CA 304 81.45 66.14 41.63
N ASN CA 305 80.50 66.58 42.45
CA ASN CA 305 80.63 66.47 43.90
C ASN CA 305 79.73 65.38 44.48
N TYR CA 306 79.12 64.55 43.64
CA TYR CA 306 78.20 63.53 44.13
C TYR CA 306 78.10 62.41 43.09
N THR CA 307 77.73 61.23 43.58
CA THR CA 307 77.42 60.09 42.73
C THR CA 307 76.19 59.38 43.28
N ALA CA 308 75.37 58.83 42.39
CA ALA CA 308 74.15 58.16 42.81
C ALA CA 308 73.73 57.16 41.76
N GLN CA 309 73.16 56.04 42.22
CA GLN CA 309 72.61 55.02 41.34
C GLN CA 309 71.39 54.41 42.02
N VAL CA 310 70.45 53.94 41.19
CA VAL CA 310 69.19 53.38 41.67
C VAL CA 310 68.91 52.08 40.93
N ASP CA 311 68.02 51.28 41.52
CA ASP CA 311 67.52 50.08 40.86
C ASP CA 311 66.07 49.84 41.28
N ILE CA 312 65.32 49.18 40.41
CA ILE CA 312 63.92 48.85 40.65
C ILE CA 312 63.68 47.39 40.28
N GLN CA 313 62.99 46.67 41.16
CA GLN CA 313 62.60 45.29 40.92
C GLN CA 313 61.08 45.21 40.81
N MET CA 314 60.59 44.55 39.77
CA MET CA 314 59.17 44.46 39.50
C MET CA 314 58.80 43.03 39.13
N ASP CA 315 57.49 42.76 39.14
CA ASP CA 315 56.95 41.45 38.79
C ASP CA 315 55.92 41.61 37.69
N PHE CA 316 55.75 40.57 36.89
CA PHE CA 316 54.89 40.58 35.72
C PHE CA 316 53.90 39.42 35.77
N SER CA 317 53.28 39.22 36.93
CA SER CA 317 52.27 38.18 37.09
C SER CA 317 50.94 38.67 36.51
N ALA CA 318 49.93 37.79 36.56
CA ALA CA 318 48.61 38.12 36.05
C ALA CA 318 47.58 37.51 36.99
N VAL CA 319 46.85 38.36 37.72
CA VAL CA 319 45.91 37.93 38.74
C VAL CA 319 44.52 38.42 38.38
N GLU CA 320 43.53 37.54 38.44
CA GLU CA 320 42.14 37.87 38.26
C GLU CA 320 41.36 37.47 39.51
N GLN CA 321 40.44 38.33 39.93
CA GLN CA 321 39.72 38.15 41.18
C GLN CA 321 38.22 38.24 40.95
N THR CA 322 37.47 37.35 41.59
CA THR CA 322 36.01 37.39 41.54
C THR CA 322 35.49 37.21 42.96
N ARG CA 323 34.67 38.15 43.41
CA ARG CA 323 34.16 38.17 44.78
C ARG CA 323 32.64 38.22 44.78
N LYS CA 324 32.03 37.48 45.70
CA LYS CA 324 30.59 37.49 45.90
C LYS CA 324 30.32 37.57 47.40
N ARG CA 325 29.77 38.69 47.85
CA ARG CA 325 29.58 38.96 49.27
C ARG CA 325 28.08 38.96 49.60
N PHE CA 326 27.78 38.70 50.87
CA PHE CA 326 26.41 38.67 51.36
C PHE CA 326 26.33 39.45 52.65
N ASP CA 327 25.13 39.92 52.97
CA ASP CA 327 24.88 40.66 54.21
C ASP CA 327 23.89 39.88 55.07
N PRO CA 328 24.36 39.12 56.07
CA PRO CA 328 23.45 38.31 56.89
C PRO CA 328 22.75 39.07 57.99
N ASN CA 329 23.17 40.30 58.29
CA ASN CA 329 22.59 41.05 59.41
C ASN CA 329 21.27 41.73 59.05
N THR CA 330 20.94 41.83 57.76
CA THR CA 330 19.71 42.50 57.31
C THR CA 330 18.93 41.57 56.41
N PRO CA 331 18.22 40.59 56.98
CA PRO CA 331 17.38 39.71 56.18
C PRO CA 331 15.98 40.28 55.96
N ALA CA 332 15.43 39.97 54.79
CA ALA CA 332 14.11 40.43 54.40
C ALA CA 332 13.22 39.21 54.14
N THR CA 333 12.04 39.21 54.74
CA THR CA 333 11.13 38.08 54.61
C THR CA 333 10.23 38.25 53.40
N ARG CA 334 10.01 37.14 52.69
CA ARG CA 334 9.14 37.12 51.50
C ARG CA 334 7.88 36.32 51.73
N SER CA 335 8.00 35.05 52.15
CA SER CA 335 6.87 34.19 52.44
C SER CA 335 7.01 33.66 53.86
N GLU CA 336 5.88 33.58 54.56
CA GLU CA 336 5.87 33.17 55.95
C GLU CA 336 4.61 32.36 56.24
N TYR CA 337 4.78 31.20 56.87
CA TYR CA 337 3.68 30.36 57.29
C TYR CA 337 3.92 29.95 58.74
N ALA CA 338 2.88 30.00 59.55
CA ALA CA 338 3.00 29.72 60.98
C ALA CA 338 1.82 28.87 61.45
N LEU CA 339 2.06 28.09 62.49
CA LEU CA 339 1.04 27.28 63.13
C LEU CA 339 1.36 27.20 64.62
N GLU CA 340 0.39 27.56 65.45
CA GLU CA 340 0.55 27.70 66.90
C GLU CA 340 -0.52 26.89 67.62
N ASP CA 341 -0.66 25.63 67.26
CA ASP CA 341 -1.69 24.77 67.84
C ASP CA 341 -1.45 24.59 69.33
N TYR CA 342 -2.49 24.88 70.12
CA TYR CA 342 -2.46 24.72 71.57
C TYR CA 342 -3.37 23.56 71.97
N ASN CA 343 -3.32 23.20 73.24
CA ASN CA 343 -4.18 22.15 73.78
C ASN CA 343 -4.31 22.26 75.29
N VAL CA 383 1.01 20.69 71.73
CA VAL CA 383 1.38 22.07 71.46
C VAL CA 383 2.28 22.13 70.23
N ARG CA 384 1.67 22.25 69.05
CA ARG CA 384 2.45 22.27 67.82
C ARG CA 384 2.87 23.70 67.49
N LYS CA 385 4.18 23.89 67.29
CA LYS CA 385 4.74 25.19 66.93
C LYS CA 385 5.54 25.01 65.66
N GLU CA 386 4.95 25.31 64.51
CA GLU CA 386 5.59 25.14 63.22
C GLU CA 386 5.75 26.49 62.53
N SER CA 387 6.89 26.68 61.89
CA SER CA 387 7.18 27.91 61.17
C SER CA 387 7.96 27.59 59.90
N THR CA 388 7.64 28.32 58.83
CA THR CA 388 8.34 28.16 57.55
C THR CA 388 8.48 29.55 56.92
N ARG CA 389 9.71 30.03 56.81
CA ARG CA 389 9.96 31.37 56.30
C ARG CA 389 10.97 31.33 55.17
N ASN CA 390 10.80 32.23 54.20
CA ASN CA 390 11.73 32.40 53.10
C ASN CA 390 12.35 33.78 53.17
N PHE CA 391 13.65 33.86 52.88
CA PHE CA 391 14.41 35.09 53.03
C PHE CA 391 15.11 35.45 51.73
N GLU CA 392 15.32 36.75 51.53
CA GLU CA 392 16.11 37.26 50.42
C GLU CA 392 17.09 38.29 50.96
N LEU CA 393 18.34 38.19 50.53
CA LEU CA 393 19.43 38.98 51.10
C LEU CA 393 20.13 39.79 50.01
N ASP CA 394 20.92 40.76 50.46
CA ASP CA 394 21.69 41.59 49.55
C ASP CA 394 22.77 40.77 48.86
N THR CA 395 22.97 41.02 47.57
CA THR CA 395 23.96 40.32 46.77
C THR CA 395 24.90 41.33 46.12
N THR CA 396 26.20 41.08 46.23
CA THR CA 396 27.22 41.95 45.63
C THR CA 396 28.21 41.09 44.87
N ILE CA 397 28.47 41.46 43.62
CA ILE CA 397 29.39 40.72 42.75
C ILE CA 397 30.44 41.70 42.23
N SER CA 398 31.71 41.31 42.34
CA SER CA 398 32.82 42.14 41.91
C SER CA 398 33.79 41.31 41.08
N HIS CA 399 34.27 41.91 39.99
CA HIS CA 399 35.28 41.28 39.13
C HIS CA 399 36.41 42.27 38.93
N GLU CA 400 37.64 41.81 39.18
CA GLU CA 400 38.81 42.68 39.15
C GLU CA 400 39.93 42.04 38.36
N ARG CA 401 40.60 42.85 37.53
CA ARG CA 401 41.77 42.42 36.78
C ARG CA 401 42.94 43.31 37.19
N LYS CA 402 44.00 42.69 37.70
CA LYS CA 402 45.13 43.44 38.22
C LYS CA 402 46.07 43.88 37.08
N GLN CA 403 46.97 44.79 37.42
CA GLN CA 403 47.95 45.29 36.47
C GLN CA 403 49.15 44.35 36.37
N THR CA 404 49.93 44.54 35.32
CA THR CA 404 51.15 43.77 35.09
C THR CA 404 52.34 44.72 35.05
N GLY CA 405 53.23 44.60 36.02
CA GLY CA 405 54.41 45.44 36.07
C GLY CA 405 54.47 46.35 37.28
N THR CA 406 53.89 45.91 38.38
CA THR CA 406 53.90 46.71 39.60
C THR CA 406 55.30 46.70 40.21
N VAL CA 407 55.69 47.84 40.78
CA VAL CA 407 57.00 47.98 41.41
C VAL CA 407 56.98 47.29 42.77
N ALA CA 408 58.00 46.46 43.01
CA ALA CA 408 58.10 45.71 44.27
C ALA CA 408 59.01 46.40 45.28
N ARG CA 409 60.25 46.67 44.88
CA ARG CA 409 61.21 47.33 45.79
C ARG CA 409 62.01 48.39 45.05
N GLN CA 410 62.61 49.31 45.79
CA GLN CA 410 63.34 50.43 45.23
C GLN CA 410 64.45 50.83 46.19
N THR CA 411 65.68 50.87 45.70
CA THR CA 411 66.84 51.23 46.50
C THR CA 411 67.58 52.40 45.87
N VAL CA 412 67.92 53.38 46.70
CA VAL CA 412 68.66 54.56 46.28
C VAL CA 412 69.84 54.76 47.22
N SER CA 413 71.02 55.03 46.64
CA SER CA 413 72.24 55.26 47.41
C SER CA 413 72.92 56.52 46.88
N VAL CA 414 73.25 57.44 47.79
CA VAL CA 414 73.85 58.72 47.45
C VAL CA 414 75.13 58.90 48.26
N ALA CA 415 76.22 59.25 47.58
CA ALA CA 415 77.50 59.54 48.21
C ALA CA 415 77.91 60.97 47.86
N ILE CA 416 78.31 61.73 48.87
CA ILE CA 416 78.67 63.14 48.71
C ILE CA 416 80.14 63.31 49.06
N LYS CA 417 80.86 64.02 48.20
CA LYS CA 417 82.27 64.28 48.45
C LYS CA 417 82.45 65.17 49.68
N ASP CA 418 83.47 64.87 50.47
CA ASP CA 418 83.78 65.66 51.66
C ASP CA 418 84.81 66.73 51.33
N MET CA 434 80.72 67.14 55.97
CA MET CA 434 79.33 67.57 56.10
C MET CA 434 78.76 67.19 57.46
N SER CA 435 78.03 68.10 58.07
CA SER CA 435 77.44 67.86 59.38
C SER CA 435 76.19 67.01 59.22
N GLU CA 436 75.58 66.63 60.35
CA GLU CA 436 74.39 65.81 60.31
C GLU CA 436 73.16 66.58 59.83
N SER CA 437 73.09 67.88 60.11
CA SER CA 437 71.93 68.66 59.71
C SER CA 437 71.81 68.74 58.19
N GLU CA 438 72.93 68.97 57.50
CA GLU CA 438 72.90 69.03 56.04
C GLU CA 438 72.54 67.68 55.44
N ILE CA 439 73.05 66.59 56.02
CA ILE CA 439 72.70 65.26 55.52
C ILE CA 439 71.21 65.01 55.70
N ASN CA 440 70.65 65.38 56.86
CA ASN CA 440 69.22 65.20 57.08
C ASN CA 440 68.40 66.04 56.11
N ALA CA 441 68.83 67.27 55.85
CA ALA CA 441 68.11 68.13 54.92
C ALA CA 441 68.14 67.55 53.51
N ILE CA 442 69.30 67.04 53.09
CA ILE CA 442 69.42 66.44 51.77
C ILE CA 442 68.53 65.20 51.66
N ARG CA 443 68.51 64.37 52.72
CA ARG CA 443 67.62 63.20 52.71
C ARG CA 443 66.17 63.61 52.63
N GLN CA 444 65.77 64.64 53.37
CA GLN CA 444 64.40 65.12 53.32
C GLN CA 444 64.04 65.62 51.93
N VAL CA 445 64.96 66.33 51.28
CA VAL CA 445 64.72 66.81 49.93
C VAL CA 445 64.55 65.64 48.97
N LEU CA 446 65.43 64.63 49.09
CA LEU CA 446 65.41 63.52 48.15
C LEU CA 446 64.21 62.60 48.38
N ILE CA 447 63.64 62.61 49.58
CA ILE CA 447 62.48 61.76 49.86
C ILE CA 447 61.31 62.10 48.94
N GLY CA 448 60.99 63.38 48.77
CA GLY CA 448 59.94 63.79 47.87
C GLY CA 448 60.26 63.51 46.42
N THR CA 449 61.52 63.73 46.03
CA THR CA 449 61.93 63.53 44.65
C THR CA 449 61.88 62.06 44.23
N VAL CA 450 62.16 61.14 45.15
CA VAL CA 450 62.23 59.72 44.85
C VAL CA 450 60.87 59.05 45.04
N GLY CA 451 60.25 59.27 46.20
CA GLY CA 451 59.01 58.58 46.53
C GLY CA 451 59.23 57.47 47.53
N PHE CA 452 60.12 57.70 48.48
CA PHE CA 452 60.48 56.70 49.47
C PHE CA 452 59.25 56.30 50.28
N ASP CA 453 58.90 55.02 50.23
CA ASP CA 453 57.70 54.50 50.89
C ASP CA 453 58.13 53.29 51.71
N GLN CA 454 57.65 53.22 52.95
CA GLN CA 454 57.99 52.10 53.83
C GLN CA 454 57.14 50.87 53.61
N GLY CA 455 56.01 51.00 52.91
CA GLY CA 455 55.15 49.85 52.70
C GLY CA 455 55.78 48.78 51.83
N ARG CA 456 56.52 49.20 50.81
CA ARG CA 456 57.19 48.28 49.90
C ARG CA 456 58.59 47.91 50.36
N GLY CA 457 59.02 48.38 51.53
CA GLY CA 457 60.36 48.12 52.00
C GLY CA 457 61.45 48.76 51.19
N ASP CA 458 61.21 49.97 50.69
CA ASP CA 458 62.23 50.69 49.92
C ASP CA 458 63.36 51.15 50.84
N LEU CA 459 64.54 51.30 50.24
CA LEU CA 459 65.74 51.68 50.97
C LEU CA 459 66.30 52.96 50.38
N LEU CA 460 66.64 53.90 51.25
CA LEU CA 460 67.26 55.16 50.82
C LEU CA 460 68.41 55.48 51.76
N ASN CA 461 69.63 55.49 51.23
CA ASN CA 461 70.82 55.76 52.01
C ASN CA 461 71.54 56.97 51.42
N VAL CA 462 71.91 57.92 52.27
CA VAL CA 462 72.70 59.07 51.87
C VAL CA 462 73.84 59.24 52.87
N LEU CA 463 75.05 59.44 52.35
CA LEU CA 463 76.22 59.50 53.21
C LEU CA 463 77.34 60.23 52.47
N SER CA 464 78.37 60.60 53.23
CA SER CA 464 79.49 61.38 52.72
C SER CA 464 80.80 60.63 52.95
N VAL CA 465 81.62 60.54 51.90
CA VAL CA 465 82.93 59.90 51.98
C VAL CA 465 83.95 60.80 51.28
N LYS CA 466 85.21 60.51 51.54
CA LYS CA 466 86.32 61.24 50.93
C LYS CA 466 86.63 60.62 49.57
N PHE CA 467 86.65 61.46 48.53
CA PHE CA 467 86.92 60.98 47.18
C PHE CA 467 88.42 60.85 46.94
N ALA CA 468 88.79 60.61 45.68
CA ALA CA 468 90.22 60.45 45.31
C ALA CA 468 90.61 61.57 44.36
N GLU CA 469 91.91 61.75 44.09
CA GLU CA 469 92.34 62.92 43.28
C GLU CA 469 93.11 62.47 42.05
N PRO DA 270 51.65 43.60 20.10
CA PRO DA 270 50.97 42.82 21.14
C PRO DA 270 50.68 43.63 22.40
N ALA DA 271 51.12 43.12 23.55
CA ALA DA 271 50.89 43.80 24.82
C ALA DA 271 52.03 44.72 25.22
N SER DA 272 53.05 44.88 24.37
CA SER DA 272 54.20 45.71 24.68
C SER DA 272 53.83 47.19 24.62
N ALA DA 273 52.69 47.51 24.00
CA ALA DA 273 52.23 48.89 23.89
C ALA DA 273 51.24 49.29 24.96
N ALA DA 274 50.73 48.34 25.75
CA ALA DA 274 49.76 48.69 26.78
C ALA DA 274 50.43 49.23 28.03
N ARG DA 275 51.74 49.07 28.16
CA ARG DA 275 52.43 49.54 29.37
C ARG DA 275 53.22 50.81 29.09
N ARG DA 276 53.83 50.90 27.90
CA ARG DA 276 54.57 52.10 27.55
C ARG DA 276 53.65 53.31 27.46
N LYS DA 277 52.39 53.10 27.06
CA LYS DA 277 51.43 54.19 27.06
C LYS DA 277 51.19 54.70 28.48
N GLU DA 278 51.11 53.79 29.45
CA GLU DA 278 50.99 54.21 30.84
C GLU DA 278 52.23 54.94 31.30
N GLN DA 279 53.39 54.49 30.82
CA GLN DA 279 54.65 55.15 31.21
C GLN DA 279 54.67 56.59 30.67
N GLU DA 280 54.30 56.83 29.43
CA GLU DA 280 54.26 58.18 28.89
C GLU DA 280 53.17 59.01 29.54
N LEU DA 281 52.04 58.42 29.89
CA LEU DA 281 50.98 59.17 30.56
C LEU DA 281 51.44 59.63 31.95
N GLU DA 282 52.12 58.75 32.69
CA GLU DA 282 52.64 59.12 33.99
C GLU DA 282 53.68 60.23 33.87
N ARG DA 283 54.55 60.15 32.87
CA ARG DA 283 55.54 61.20 32.67
C ARG DA 283 54.87 62.53 32.30
N SER DA 284 53.82 62.47 31.48
CA SER DA 284 53.11 63.68 31.09
C SER DA 284 52.43 64.34 32.28
N GLN DA 285 51.86 63.55 33.19
CA GLN DA 285 51.28 64.12 34.40
C GLN DA 285 52.33 64.86 35.23
N GLU DA 286 53.51 64.26 35.40
CA GLU DA 286 54.57 64.90 36.16
C GLU DA 286 55.01 66.19 35.48
N GLN DA 287 55.13 66.18 34.15
CA GLN DA 287 55.55 67.38 33.43
C GLN DA 287 54.55 68.52 33.62
N ALA DA 288 53.26 68.21 33.53
CA ALA DA 288 52.23 69.24 33.71
C ALA DA 288 52.25 69.79 35.13
N LEU DA 289 52.42 68.91 36.13
CA LEU DA 289 52.47 69.37 37.50
C LEU DA 289 53.69 70.25 37.74
N ARG DA 290 54.83 69.90 37.14
CA ARG DA 290 56.02 70.73 37.27
C ARG DA 290 55.81 72.09 36.63
N GLU DA 291 55.16 72.12 35.46
CA GLU DA 291 54.88 73.39 34.80
C GLU DA 291 53.96 74.26 35.63
N LYS DA 292 52.95 73.66 36.26
CA LYS DA 292 52.07 74.42 37.14
C LYS DA 292 52.83 74.95 38.35
N ILE DA 293 53.75 74.15 38.90
CA ILE DA 293 54.53 74.59 40.05
C ILE DA 293 55.41 75.78 39.68
N ASP DA 294 56.04 75.72 38.50
CA ASP DA 294 56.98 76.76 38.11
C ASP DA 294 56.29 78.11 37.95
N SER DA 295 55.03 78.10 37.50
CA SER DA 295 54.34 79.35 37.22
C SER DA 295 54.12 80.19 38.47
N VAL DA 296 53.93 79.53 39.61
CA VAL DA 296 53.65 80.25 40.85
C VAL DA 296 54.92 80.71 41.56
N LEU DA 297 55.91 79.82 41.68
CA LEU DA 297 57.11 80.13 42.46
C LEU DA 297 58.08 81.06 41.74
N LEU DA 298 58.00 81.14 40.41
CA LEU DA 298 58.92 81.98 39.67
C LEU DA 298 58.81 83.46 40.01
N PRO DA 299 57.62 84.10 40.00
CA PRO DA 299 57.57 85.54 40.27
C PRO DA 299 57.80 85.90 41.73
N ILE DA 300 57.60 84.97 42.66
CA ILE DA 300 57.75 85.30 44.08
C ILE DA 300 59.16 85.04 44.57
N LEU DA 301 59.78 83.93 44.17
CA LEU DA 301 61.12 83.61 44.62
C LEU DA 301 62.20 84.13 43.68
N GLY DA 302 61.97 84.09 42.38
CA GLY DA 302 62.94 84.57 41.42
C GLY DA 302 63.52 83.42 40.60
N TYR DA 303 64.32 83.79 39.60
CA TYR DA 303 64.94 82.83 38.71
C TYR DA 303 66.17 82.23 39.37
N GLY DA 304 66.20 80.90 39.48
CA GLY DA 304 67.35 80.20 40.01
C GLY DA 304 67.47 80.18 41.52
N ASN DA 305 66.42 80.53 42.24
CA ASN DA 305 66.45 80.53 43.70
C ASN DA 305 65.68 79.36 44.31
N TYR DA 306 65.25 78.39 43.50
CA TYR DA 306 64.47 77.28 44.00
C TYR DA 306 64.61 76.09 43.05
N THR DA 307 64.37 74.90 43.60
CA THR DA 307 64.29 73.68 42.81
C THR DA 307 63.15 72.83 43.35
N ALA DA 308 62.49 72.11 42.45
CA ALA DA 308 61.35 71.29 42.84
C ALA DA 308 61.16 70.17 41.84
N GLN DA 309 60.74 69.02 42.35
CA GLN DA 309 60.41 67.86 41.53
C GLN DA 309 59.24 67.12 42.16
N VAL DA 310 58.44 66.46 41.32
CA VAL DA 310 57.24 65.75 41.75
C VAL DA 310 57.21 64.38 41.10
N ASP DA 311 56.42 63.48 41.69
CA ASP DA 311 56.13 62.18 41.10
C ASP DA 311 54.71 61.75 41.44
N ILE DA 312 54.13 60.93 40.57
CA ILE DA 312 52.78 60.41 40.75
C ILE DA 312 52.79 58.91 40.49
N GLN DA 313 52.14 58.16 41.36
CA GLN DA 313 51.98 56.71 41.21
C GLN DA 313 50.51 56.40 41.01
N MET DA 314 50.20 55.60 39.99
CA MET DA 314 48.82 55.29 39.64
C MET DA 314 48.69 53.80 39.36
N ASP DA 315 47.45 53.33 39.32
CA ASP DA 315 47.12 51.94 39.03
C ASP DA 315 46.16 51.88 37.86
N PHE DA 316 46.21 50.75 37.14
CA PHE DA 316 45.44 50.57 35.92
C PHE DA 316 44.63 49.28 36.00
N SER DA 317 43.97 49.06 37.13
CA SER DA 317 43.11 47.90 37.30
C SER DA 317 41.77 48.13 36.61
N ALA DA 318 40.90 47.12 36.66
CA ALA DA 318 39.58 47.21 36.04
C ALA DA 318 38.59 46.52 36.96
N VAL DA 319 37.69 47.29 37.57
CA VAL DA 319 36.75 46.79 38.57
C VAL DA 319 35.34 47.05 38.09
N GLU DA 320 34.50 46.02 38.16
CA GLU DA 320 33.07 46.13 37.86
C GLU DA 320 32.28 45.70 39.09
N GLN DA 321 31.21 46.43 39.39
CA GLN DA 321 30.44 46.22 40.61
C GLN DA 321 28.97 46.07 40.28
N THR DA 322 28.31 45.12 40.93
CA THR DA 322 26.87 44.93 40.79
C THR DA 322 26.28 44.76 42.19
N ARG DA 323 25.29 45.60 42.52
CA ARG DA 323 24.70 45.63 43.84
C ARG DA 323 23.19 45.45 43.74
N LYS DA 324 22.63 44.70 44.68
CA LYS DA 324 21.18 44.49 44.80
C LYS DA 324 20.81 44.63 46.27
N ARG DA 325 20.07 45.68 46.60
CA ARG DA 325 19.74 46.00 47.97
C ARG DA 325 18.24 45.81 48.21
N PHE DA 326 17.89 45.59 49.48
CA PHE DA 326 16.50 45.37 49.88
C PHE DA 326 16.22 46.23 51.11
N ASP DA 327 14.95 46.52 51.32
CA ASP DA 327 14.49 47.29 52.48
C ASP DA 327 13.58 46.43 53.34
N PRO DA 328 14.08 45.82 54.41
CA PRO DA 328 13.24 44.93 55.23
C PRO DA 328 12.36 45.65 56.23
N ASN DA 329 12.57 46.94 56.47
CA ASN DA 329 11.81 47.66 57.47
C ASN DA 329 10.44 48.12 56.99
N THR DA 330 10.18 48.08 55.68
CA THR DA 330 8.91 48.54 55.10
C THR DA 330 8.33 47.43 54.23
N PRO DA 331 7.74 46.40 54.83
CA PRO DA 331 7.11 45.35 54.05
C PRO DA 331 5.66 45.68 53.71
N ALA DA 332 5.24 45.22 52.53
CA ALA DA 332 3.89 45.44 52.02
C ALA DA 332 3.22 44.09 51.80
N THR DA 333 2.01 43.95 52.33
CA THR DA 333 1.29 42.69 52.23
C THR DA 333 0.46 42.64 50.95
N ARG DA 334 0.45 41.46 50.32
CA ARG DA 334 -0.31 41.24 49.09
C ARG DA 334 -1.46 40.27 49.29
N SER DA 335 -1.17 39.07 49.81
CA SER DA 335 -2.19 38.07 50.09
C SER DA 335 -2.09 37.66 51.56
N GLU DA 336 -3.24 37.45 52.19
CA GLU DA 336 -3.28 37.14 53.60
C GLU DA 336 -4.43 36.17 53.87
N TYR DA 337 -4.12 35.09 54.61
CA TYR DA 337 -5.13 34.12 55.02
C TYR DA 337 -4.93 33.85 56.50
N ALA DA 338 -6.03 33.79 57.25
CA ALA DA 338 -5.96 33.62 58.69
C ALA DA 338 -7.03 32.64 59.15
N LEU DA 339 -6.75 31.97 60.27
CA LEU DA 339 -7.69 31.06 60.90
C LEU DA 339 -7.47 31.12 62.40
N GLU DA 340 -8.55 31.38 63.15
CA GLU DA 340 -8.51 31.64 64.59
C GLU DA 340 -9.50 30.73 65.31
N ASP DA 341 -9.42 29.43 65.02
CA ASP DA 341 -10.36 28.48 65.60
C ASP DA 341 -10.21 28.43 67.11
N TYR DA 342 -11.32 28.62 67.81
CA TYR DA 342 -11.37 28.54 69.27
C TYR DA 342 -12.14 27.29 69.70
N ASN DA 343 -12.12 27.02 71.00
CA ASN DA 343 -12.85 25.88 71.56
C ASN DA 343 -13.10 26.08 73.05
N VAL DA 383 -7.37 25.11 69.95
CA VAL DA 383 -7.19 26.52 69.59
C VAL DA 383 -6.22 26.63 68.42
N ARG DA 384 -6.75 26.56 67.20
CA ARG DA 384 -5.90 26.64 66.02
C ARG DA 384 -5.67 28.09 65.62
N LYS DA 385 -4.40 28.46 65.48
CA LYS DA 385 -4.01 29.80 65.06
C LYS DA 385 -3.09 29.67 63.86
N GLU DA 386 -3.65 29.79 62.66
CA GLU DA 386 -2.90 29.64 61.43
C GLU DA 386 -2.88 30.95 60.66
N SER DA 387 -1.73 31.27 60.06
CA SER DA 387 -1.58 32.49 59.27
C SER DA 387 -0.69 32.21 58.08
N THR DA 388 -1.03 32.81 56.94
CA THR DA 388 -0.22 32.68 55.73
C THR DA 388 -0.25 34.02 55.01
N ARG DA 389 0.91 34.67 54.93
CA ARG DA 389 1.00 36.00 54.34
C ARG DA 389 2.09 36.04 53.28
N ASN DA 390 1.85 36.84 52.24
CA ASN DA 390 2.82 37.07 51.18
C ASN DA 390 3.22 38.55 51.19
N PHE DA 391 4.52 38.80 50.97
CA PHE DA 391 5.07 40.14 51.08
C PHE DA 391 5.81 40.51 49.80
N GLU DA 392 5.83 41.81 49.51
CA GLU DA 392 6.63 42.36 48.43
C GLU DA 392 7.40 43.56 48.94
N LEU DA 393 8.68 43.64 48.59
CA LEU DA 393 9.59 44.61 49.16
C LEU DA 393 10.24 45.44 48.08
N ASP DA 394 10.84 46.55 48.49
CA ASP DA 394 11.55 47.43 47.57
C ASP DA 394 12.78 46.73 47.02
N THR DA 395 13.04 46.93 45.72
CA THR DA 395 14.18 46.33 45.04
C THR DA 395 15.00 47.44 44.38
N THR DA 396 16.31 47.39 44.58
CA THR DA 396 17.23 48.36 44.00
C THR DA 396 18.39 47.62 43.35
N ILE DA 397 18.69 47.94 42.10
CA ILE DA 397 19.76 47.30 41.34
C ILE DA 397 20.69 48.38 40.83
N SER DA 398 21.99 48.20 41.03
CA SER DA 398 23.00 49.16 40.61
C SER DA 398 24.13 48.45 39.90
N HIS DA 399 24.61 49.03 38.80
CA HIS DA 399 25.75 48.51 38.06
C HIS DA 399 26.74 49.64 37.85
N GLU DA 400 27.99 49.39 38.21
CA GLU DA 400 29.03 50.43 38.19
C GLU DA 400 30.29 49.91 37.52
N ARG DA 401 30.88 50.75 36.67
CA ARG DA 401 32.16 50.46 36.04
C ARG DA 401 33.15 51.54 36.44
N LYS DA 402 34.25 51.13 37.07
CA LYS DA 402 35.22 52.08 37.59
C LYS DA 402 36.15 52.57 36.48
N GLN DA 403 36.89 53.63 36.80
CA GLN DA 403 37.85 54.21 35.88
C GLN DA 403 39.18 53.46 35.92
N THR DA 404 40.01 53.70 34.92
CA THR DA 404 41.33 53.10 34.82
C THR DA 404 42.36 54.22 34.78
N GLY DA 405 43.20 54.30 35.81
CA GLY DA 405 44.24 55.32 35.87
C GLY DA 405 44.07 56.29 37.01
N THR DA 406 43.47 55.84 38.10
CA THR DA 406 43.29 56.71 39.26
C THR DA 406 44.63 56.96 39.96
N VAL DA 407 44.81 58.18 40.46
CA VAL DA 407 46.03 58.55 41.15
C VAL DA 407 46.02 57.96 42.56
N ALA DA 408 47.12 57.31 42.94
CA ALA DA 408 47.24 56.67 44.24
C ALA DA 408 47.97 57.56 45.25
N ARG DA 409 49.17 57.98 44.90
CA ARG DA 409 49.97 58.83 45.82
C ARG DA 409 50.65 59.95 45.06
N GLN DA 410 51.05 60.99 45.77
CA GLN DA 410 51.65 62.18 45.16
C GLN DA 410 52.62 62.81 46.16
N THR DA 411 53.87 63.00 45.74
CA THR DA 411 54.90 63.57 46.58
C THR DA 411 55.51 64.80 45.92
N VAL DA 412 55.64 65.88 46.69
CA VAL DA 412 56.22 67.13 46.22
C VAL DA 412 57.29 67.57 47.21
N SER DA 413 58.45 67.96 46.70
CA SER DA 413 59.56 68.43 47.51
C SER DA 413 60.09 69.74 46.94
N VAL DA 414 60.21 70.76 47.79
CA VAL DA 414 60.64 72.09 47.40
C VAL DA 414 61.81 72.52 48.27
N ALA DA 415 62.89 72.98 47.63
CA ALA DA 415 64.06 73.51 48.32
C ALA DA 415 64.30 74.95 47.88
N ILE DA 416 64.50 75.83 48.86
CA ILE DA 416 64.65 77.26 48.62
C ILE DA 416 66.05 77.68 49.04
N LYS DA 417 66.73 78.43 48.18
CA LYS DA 417 68.06 78.91 48.50
C LYS DA 417 68.01 79.90 49.66
N ASP DA 418 69.01 79.81 50.53
CA ASP DA 418 69.11 80.72 51.67
C ASP DA 418 70.01 81.90 51.33
N MET DA 434 65.57 81.99 55.68
CA MET DA 434 64.13 82.21 55.68
C MET DA 434 63.53 81.83 57.03
N SER DA 435 62.64 82.67 57.53
CA SER DA 435 61.99 82.42 58.81
C SER DA 435 60.89 81.37 58.64
N GLU DA 436 60.26 81.00 59.76
CA GLU DA 436 59.21 79.99 59.71
C GLU DA 436 57.93 80.53 59.08
N SER DA 437 57.63 81.82 59.28
CA SER DA 437 56.41 82.39 58.74
C SER DA 437 56.39 82.36 57.22
N GLU DA 438 57.51 82.71 56.58
CA GLU DA 438 57.58 82.67 55.12
C GLU DA 438 57.47 81.25 54.60
N ILE DA 439 58.09 80.28 55.28
CA ILE DA 439 57.97 78.89 54.88
C ILE DA 439 56.52 78.42 54.98
N ASN DA 440 55.84 78.78 56.06
CA ASN DA 440 54.43 78.40 56.22
C ASN DA 440 53.57 79.05 55.14
N ALA DA 441 53.83 80.31 54.82
CA ALA DA 441 53.06 80.98 53.78
C ALA DA 441 53.28 80.34 52.42
N ILE DA 442 54.54 79.98 52.11
CA ILE DA 442 54.83 79.30 50.85
C ILE DA 442 54.14 77.94 50.79
N ARG DA 443 54.16 77.19 51.89
CA ARG DA 443 53.47 75.91 51.92
C ARG DA 443 51.97 76.07 51.72
N GLN DA 444 51.38 77.09 52.35
CA GLN DA 444 49.95 77.35 52.19
C GLN DA 444 49.62 77.71 50.74
N VAL DA 445 50.48 78.50 50.10
CA VAL DA 445 50.26 78.85 48.69
C VAL DA 445 50.35 77.60 47.83
N LEU DA 446 51.35 76.75 48.07
CA LEU DA 446 51.56 75.59 47.22
C LEU DA 446 50.50 74.52 47.44
N ILE DA 447 49.85 74.51 48.60
CA ILE DA 447 48.81 73.52 48.87
C ILE DA 447 47.67 73.62 47.87
N GLY DA 448 47.18 74.83 47.58
CA GLY DA 448 46.15 75.01 46.59
C GLY DA 448 46.60 74.70 45.18
N THR DA 449 47.84 75.08 44.85
CA THR DA 449 48.37 74.85 43.52
C THR DA 449 48.57 73.37 43.21
N VAL DA 450 48.93 72.56 44.21
CA VAL DA 450 49.22 71.15 44.02
C VAL DA 450 47.96 70.29 44.18
N GLY DA 451 47.23 70.48 45.28
CA GLY DA 451 46.09 69.65 45.58
C GLY DA 451 46.40 68.65 46.67
N PHE DA 452 47.19 69.08 47.66
CA PHE DA 452 47.60 68.20 48.75
C PHE DA 452 46.39 67.68 49.50
N ASP DA 453 46.24 66.35 49.53
CA ASP DA 453 45.09 65.70 50.15
C ASP DA 453 45.62 64.63 51.08
N GLN DA 454 45.08 64.56 52.29
CA GLN DA 454 45.52 63.58 53.28
C GLN DA 454 44.87 62.21 53.09
N GLY DA 455 43.79 62.12 52.32
CA GLY DA 455 43.12 60.84 52.15
C GLY DA 455 43.96 59.84 51.39
N ARG DA 456 44.71 60.30 50.39
CA ARG DA 456 45.57 59.44 49.59
C ARG DA 456 46.97 59.31 50.16
N GLY DA 457 47.24 59.91 51.32
CA GLY DA 457 48.57 59.88 51.90
C GLY DA 457 49.61 60.64 51.10
N ASP DA 458 49.23 61.76 50.50
CA ASP DA 458 50.17 62.56 49.75
C ASP DA 458 51.16 63.26 50.69
N LEU DA 459 52.35 63.53 50.16
CA LEU DA 459 53.42 64.15 50.94
C LEU DA 459 53.84 65.45 50.29
N LEU DA 460 53.97 66.50 51.09
CA LEU DA 460 54.42 67.80 50.61
C LEU DA 460 55.44 68.35 51.60
N ASN DA 461 56.68 68.51 51.14
CA ASN DA 461 57.76 69.01 51.97
C ASN DA 461 58.34 70.27 51.34
N VAL DA 462 58.51 71.31 52.14
CA VAL DA 462 59.14 72.55 51.70
C VAL DA 462 60.17 72.95 52.75
N LEU DA 463 61.37 73.30 52.29
CA LEU DA 463 62.45 73.60 53.22
C LEU DA 463 63.51 74.43 52.50
N SER DA 464 64.42 75.00 53.29
CA SER DA 464 65.44 75.90 52.79
C SER DA 464 66.82 75.38 53.15
N VAL DA 465 67.72 75.35 52.17
CA VAL DA 465 69.10 74.93 52.37
C VAL DA 465 70.02 75.92 51.67
N LYS DA 466 71.30 75.85 52.03
CA LYS DA 466 72.33 76.69 51.43
C LYS DA 466 72.83 76.04 50.15
N PHE DA 467 72.80 76.80 49.05
CA PHE DA 467 73.22 76.28 47.76
C PHE DA 467 74.74 76.37 47.62
N ALA DA 468 75.24 76.11 46.41
CA ALA DA 468 76.69 76.14 46.14
C ALA DA 468 76.98 77.24 45.13
N GLU DA 469 78.26 77.60 44.94
CA GLU DA 469 78.57 78.76 44.07
C GLU DA 469 79.48 78.37 42.91
N PRO EA 270 42.97 52.12 19.95
CA PRO EA 270 42.34 51.32 20.99
C PRO EA 270 41.85 52.15 22.17
N ALA EA 271 42.26 51.79 23.38
CA ALA EA 271 41.86 52.51 24.58
C ALA EA 271 42.82 53.62 24.98
N SER EA 272 43.85 53.87 24.17
CA SER EA 272 44.84 54.90 24.50
C SER EA 272 44.27 56.29 24.31
N ALA EA 273 43.14 56.39 23.60
CA ALA EA 273 42.50 57.68 23.36
C ALA EA 273 41.37 57.99 24.33
N ALA EA 274 40.96 57.03 25.15
CA ALA EA 274 39.87 57.28 26.09
C ALA EA 274 40.36 58.00 27.34
N ARG EA 275 41.67 58.04 27.56
CA ARG EA 275 42.18 58.70 28.77
C ARG EA 275 42.80 60.05 28.45
N ARG EA 276 43.49 60.16 27.30
CA ARG EA 276 44.05 61.44 26.91
C ARG EA 276 42.96 62.47 26.66
N LYS EA 277 41.79 62.05 26.21
CA LYS EA 277 40.68 62.97 26.07
C LYS EA 277 40.27 63.54 27.43
N GLU EA 278 40.25 62.70 28.45
CA GLU EA 278 39.97 63.17 29.80
C GLU EA 278 41.06 64.11 30.29
N GLN EA 279 42.29 63.82 29.92
CA GLN EA 279 43.41 64.69 30.33
C GLN EA 279 43.26 66.08 29.69
N GLU EA 280 42.95 66.17 28.40
CA GLU EA 280 42.75 67.47 27.77
C GLU EA 280 41.51 68.17 28.29
N LEU EA 281 40.45 67.42 28.60
CA LEU EA 281 39.25 68.05 29.16
C LEU EA 281 39.53 68.66 30.53
N GLU EA 282 40.28 67.94 31.36
CA GLU EA 282 40.64 68.47 32.68
C GLU EA 282 41.51 69.71 32.54
N ARG EA 283 42.46 69.70 31.59
CA ARG EA 283 43.29 70.89 31.38
C ARG EA 283 42.46 72.06 30.88
N SER EA 284 41.50 71.80 29.99
CA SER EA 284 40.64 72.85 29.48
C SER EA 284 39.78 73.48 30.57
N GLN EA 285 39.27 72.66 31.50
CA GLN EA 285 38.52 73.22 32.62
C GLN EA 285 39.39 74.17 33.45
N GLU EA 286 40.63 73.76 33.75
CA GLU EA 286 41.53 74.61 34.52
C GLU EA 286 41.83 75.90 33.78
N GLN EA 287 42.03 75.82 32.47
CA GLN EA 287 42.33 77.03 31.69
C GLN EA 287 41.16 78.01 31.73
N ALA EA 288 39.93 77.50 31.57
CA ALA EA 288 38.76 78.37 31.62
C ALA EA 288 38.59 79.01 32.99
N LEU EA 289 38.82 78.22 34.05
CA LEU EA 289 38.70 78.77 35.39
C LEU EA 289 39.75 79.85 35.64
N ARG EA 290 40.98 79.64 35.15
CA ARG EA 290 42.01 80.65 35.29
C ARG EA 290 41.65 81.92 34.53
N GLU EA 291 41.09 81.77 33.33
CA GLU EA 291 40.68 82.94 32.55
C GLU EA 291 39.59 83.71 33.27
N LYS EA 292 38.62 83.00 33.86
CA LYS EA 292 37.58 83.68 34.63
C LYS EA 292 38.16 84.40 35.85
N ILE EA 293 39.15 83.77 36.50
CA ILE EA 293 39.77 84.40 37.66
C ILE EA 293 40.48 85.69 37.26
N ASP EA 294 41.21 85.66 36.14
CA ASP EA 294 42.01 86.80 35.74
C ASP EA 294 41.15 88.01 35.44
N SER EA 295 39.93 87.79 34.90
CA SER EA 295 39.08 88.89 34.48
C SER EA 295 38.66 89.76 35.66
N VAL EA 296 38.48 89.16 36.83
CA VAL EA 296 38.01 89.91 37.99
C VAL EA 296 39.14 90.59 38.75
N LEU EA 297 40.24 89.88 38.99
CA LEU EA 297 41.32 90.41 39.82
C LEU EA 297 42.19 91.43 39.10
N LEU EA 298 42.19 91.42 37.76
CA LEU EA 298 43.04 92.35 37.02
C LEU EA 298 42.68 93.81 37.24
N PRO EA 299 41.42 94.25 37.10
CA PRO EA 299 41.14 95.69 37.27
C PRO EA 299 41.21 96.17 38.71
N ILE EA 300 41.07 95.28 39.69
CA ILE EA 300 41.06 95.71 41.08
C ILE EA 300 42.46 95.71 41.69
N LEU EA 301 43.27 94.67 41.40
CA LEU EA 301 44.61 94.59 41.96
C LEU EA 301 45.67 95.22 41.06
N GLY EA 302 45.53 95.06 39.75
CA GLY EA 302 46.49 95.61 38.82
C GLY EA 302 47.30 94.53 38.13
N TYR EA 303 48.09 94.96 37.16
CA TYR EA 303 48.92 94.04 36.38
C TYR EA 303 50.18 93.67 37.16
N GLY EA 304 50.39 92.38 37.36
CA GLY EA 304 51.60 91.89 38.02
C GLY EA 304 51.60 91.98 39.52
N ASN EA 305 50.46 92.22 40.16
CA ASN EA 305 50.37 92.32 41.61
C ASN EA 305 49.75 91.09 42.25
N TYR EA 306 49.53 90.01 41.49
CA TYR EA 306 48.89 88.82 42.03
C TYR EA 306 49.27 87.62 41.18
N THR EA 307 49.17 86.45 41.79
CA THR EA 307 49.33 85.18 41.11
C THR EA 307 48.29 84.19 41.63
N ALA EA 308 47.81 83.33 40.74
CA ALA EA 308 46.79 82.38 41.12
C ALA EA 308 46.83 81.17 40.20
N GLN EA 309 46.55 80.00 40.76
CA GLN EA 309 46.45 78.76 40.01
C GLN EA 309 45.37 77.90 40.62
N VAL EA 310 44.73 77.06 39.78
CA VAL EA 310 43.64 76.21 40.20
C VAL EA 310 43.85 74.81 39.65
N ASP EA 311 43.15 73.84 40.25
CA ASP EA 311 43.12 72.48 39.74
C ASP EA 311 41.75 71.87 40.02
N ILE EA 312 41.36 70.91 39.18
CA ILE EA 312 40.09 70.20 39.32
C ILE EA 312 40.34 68.71 39.17
N GLN EA 313 39.75 67.92 40.06
CA GLN EA 313 39.81 66.46 40.00
C GLN EA 313 38.42 65.91 39.73
N MET EA 314 38.31 65.02 38.76
CA MET EA 314 37.03 64.47 38.34
C MET EA 314 37.14 62.96 38.17
N ASP EA 315 35.98 62.31 38.08
CA ASP EA 315 35.89 60.87 37.88
C ASP EA 315 35.03 60.58 36.66
N PHE EA 316 35.31 59.45 36.02
CA PHE EA 316 34.66 59.06 34.78
C PHE EA 316 34.04 57.67 34.90
N SER EA 317 33.35 57.43 36.00
CA SER EA 317 32.66 56.16 36.20
C SER EA 317 31.35 56.14 35.42
N ALA EA 318 30.65 55.02 35.49
CA ALA EA 318 29.37 54.87 34.79
C ALA EA 318 28.43 54.09 35.69
N VAL EA 319 27.39 54.76 36.18
CA VAL EA 319 26.47 54.18 37.15
C VAL EA 319 25.06 54.19 36.56
N GLU EA 320 24.37 53.05 36.66
CA GLU EA 320 22.98 52.93 36.26
C GLU EA 320 22.17 52.45 37.46
N GLN EA 321 20.98 53.04 37.65
CA GLN EA 321 20.17 52.79 38.83
C GLN EA 321 18.76 52.39 38.42
N THR EA 322 18.20 51.40 39.09
CA THR EA 322 16.82 50.99 38.88
C THR EA 322 16.16 50.82 40.24
N ARG EA 323 15.05 51.52 40.45
CA ARG EA 323 14.35 51.54 41.73
C ARG EA 323 12.90 51.13 41.55
N LYS EA 324 12.39 50.35 42.50
CA LYS EA 324 10.99 49.94 42.54
C LYS EA 324 10.49 50.11 43.96
N ARG EA 325 9.58 51.05 44.17
CA ARG EA 325 9.10 51.42 45.50
C ARG EA 325 7.64 51.01 45.65
N PHE EA 326 7.23 50.81 46.91
CA PHE EA 326 5.87 50.42 47.24
C PHE EA 326 5.37 51.28 48.38
N ASP EA 327 4.05 51.40 48.48
CA ASP EA 327 3.41 52.17 49.56
C ASP EA 327 2.57 51.24 50.42
N PRO EA 328 3.08 50.77 51.56
CA PRO EA 328 2.32 49.82 52.39
C PRO EA 328 1.27 50.46 53.28
N ASN EA 329 1.28 51.79 53.43
CA ASN EA 329 0.34 52.44 54.33
C ASN EA 329 -1.04 52.65 53.73
N THR EA 330 -1.19 52.50 52.42
CA THR EA 330 -2.47 52.71 51.73
C THR EA 330 -2.82 51.48 50.90
N PRO EA 331 -3.30 50.41 51.54
CA PRO EA 331 -3.71 49.23 50.80
C PRO EA 331 -5.16 49.31 50.35
N ALA EA 332 -5.42 48.72 49.18
CA ALA EA 332 -6.74 48.70 48.58
C ALA EA 332 -7.19 47.25 48.42
N THR EA 333 -8.40 46.95 48.88
CA THR EA 333 -8.91 45.60 48.82
C THR EA 333 -9.62 45.34 47.50
N ARG EA 334 -9.42 44.15 46.95
CA ARG EA 334 -10.05 43.73 45.71
C ARG EA 334 -11.05 42.60 45.91
N SER EA 335 -10.63 41.50 46.53
CA SER EA 335 -11.50 40.37 46.83
C SER EA 335 -11.45 40.08 48.31
N GLU EA 336 -12.60 39.74 48.89
CA GLU EA 336 -12.70 39.51 50.32
C GLU EA 336 -13.70 38.40 50.59
N TYR EA 337 -13.31 37.43 51.40
CA TYR EA 337 -14.18 36.35 51.84
C TYR EA 337 -14.05 36.21 53.34
N ALA EA 338 -15.19 36.02 54.02
CA ALA EA 338 -15.21 35.96 55.47
C ALA EA 338 -16.14 34.86 55.93
N LEU EA 339 -15.84 34.32 57.11
CA LEU EA 339 -16.68 33.30 57.76
C LEU EA 339 -16.59 33.51 59.26
N GLU EA 340 -17.74 33.65 59.91
CA GLU EA 340 -17.85 33.99 61.32
C GLU EA 340 -18.74 33.00 62.05
N ASP EA 341 -18.45 31.71 61.87
CA ASP EA 341 -19.28 30.66 62.45
C ASP EA 341 -19.24 30.74 63.98
N TYR EA 342 -20.42 30.79 64.59
CA TYR EA 342 -20.55 30.80 66.04
C TYR EA 342 -21.15 29.49 66.51
N ASN EA 343 -21.20 29.31 67.82
CA ASN EA 343 -21.78 28.12 68.42
C ASN EA 343 -22.18 28.35 69.88
N VAL EA 383 -16.16 28.08 67.22
CA VAL EA 383 -16.15 29.46 66.77
C VAL EA 383 -15.12 29.65 65.66
N ARG EA 384 -15.55 29.43 64.42
CA ARG EA 384 -14.65 29.56 63.28
C ARG EA 384 -14.60 30.99 62.79
N LYS EA 385 -13.39 31.54 62.72
CA LYS EA 385 -13.17 32.90 62.22
C LYS EA 385 -12.17 32.84 61.09
N GLU EA 386 -12.65 32.80 59.86
CA GLU EA 386 -11.79 32.68 58.68
C GLU EA 386 -11.91 33.93 57.81
N SER EA 387 -10.78 34.38 57.27
CA SER EA 387 -10.75 35.55 56.41
C SER EA 387 -9.75 35.33 55.30
N THR EA 388 -10.08 35.81 54.10
CA THR EA 388 -9.18 35.72 52.95
C THR EA 388 -9.35 36.99 52.14
N ARG EA 389 -8.30 37.81 52.07
CA ARG EA 389 -8.37 39.10 51.39
C ARG EA 389 -7.22 39.23 50.41
N ASN EA 390 -7.49 39.92 49.30
CA ASN EA 390 -6.50 40.23 48.29
C ASN EA 390 -6.31 41.74 48.21
N PHE EA 391 -5.07 42.17 48.06
CA PHE EA 391 -4.72 43.59 48.10
C PHE EA 391 -3.96 43.98 46.85
N GLU EA 392 -4.10 45.25 46.47
CA GLU EA 392 -3.32 45.84 45.40
C GLU EA 392 -2.78 47.18 45.86
N LEU EA 393 -1.50 47.43 45.60
CA LEU EA 393 -0.78 48.56 46.15
C LEU EA 393 -0.19 49.41 45.04
N ASP EA 394 0.22 50.63 45.42
CA ASP EA 394 0.85 51.54 44.48
C ASP EA 394 2.20 51.01 44.05
N THR EA 395 2.52 51.15 42.77
CA THR EA 395 3.78 50.70 42.21
C THR EA 395 4.48 51.87 41.52
N THR EA 396 5.77 52.05 41.81
CA THR EA 396 6.57 53.09 41.20
C THR EA 396 7.87 52.50 40.69
N ILE EA 397 8.21 52.79 39.44
CA ILE EA 397 9.42 52.27 38.81
C ILE EA 397 10.21 53.45 38.27
N SER EA 398 11.50 53.48 38.56
CA SER EA 398 12.39 54.55 38.13
C SER EA 398 13.67 53.97 37.56
N HIS EA 399 14.13 54.55 36.45
CA HIS EA 399 15.38 54.16 35.82
C HIS EA 399 16.21 55.41 35.60
N GLU EA 400 17.47 55.39 36.04
CA GLU EA 400 18.33 56.56 36.01
C GLU EA 400 19.69 56.20 35.47
N ARG EA 401 20.22 57.07 34.60
CA ARG EA 401 21.57 56.94 34.06
C ARG EA 401 22.35 58.18 34.45
N LYS EA 402 23.46 57.98 35.16
CA LYS EA 402 24.24 59.10 35.69
C LYS EA 402 25.17 59.66 34.61
N GLN EA 403 25.71 60.83 34.89
CA GLN EA 403 26.64 61.49 33.99
C GLN EA 403 28.05 60.95 34.18
N THR EA 404 28.92 61.25 33.20
CA THR EA 404 30.31 60.87 33.24
C THR EA 404 31.17 62.12 33.17
N GLY EA 405 31.90 62.39 34.25
CA GLY EA 405 32.77 63.55 34.30
C GLY EA 405 32.38 64.57 35.35
N THR EA 406 31.78 64.11 36.43
CA THR EA 406 31.39 65.01 37.51
C THR EA 406 32.62 65.50 38.27
N VAL EA 407 32.57 66.76 38.69
CA VAL EA 407 33.68 67.36 39.42
C VAL EA 407 33.65 66.86 40.86
N ALA EA 408 34.81 66.42 41.36
CA ALA EA 408 34.93 65.89 42.72
C ALA EA 408 35.44 66.94 43.70
N ARG EA 409 36.60 67.52 43.40
CA ARG EA 409 37.18 68.54 44.31
C ARG EA 409 37.74 69.70 43.50
N GLN EA 410 37.94 70.84 44.15
CA GLN EA 410 38.40 72.04 43.50
C GLN EA 410 39.18 72.89 44.50
N THR EA 411 40.41 73.24 44.15
CA THR EA 411 41.28 74.02 45.02
C THR EA 411 41.75 75.28 44.30
N VAL EA 412 41.66 76.40 44.99
CA VAL EA 412 42.09 77.70 44.48
C VAL EA 412 43.01 78.36 45.50
N SER EA 413 44.14 78.89 45.02
CA SER EA 413 45.09 79.58 45.87
C SER EA 413 45.47 80.91 45.24
N VAL EA 414 45.37 81.99 46.02
CA VAL EA 414 45.64 83.35 45.55
C VAL EA 414 46.66 84.00 46.46
N ALA EA 415 47.69 84.58 45.86
CA ALA EA 415 48.73 85.32 46.57
C ALA EA 415 48.77 86.74 46.05
N ILE EA 416 48.77 87.71 46.97
CA ILE EA 416 48.73 89.13 46.64
C ILE EA 416 50.02 89.78 47.12
N LYS EA 417 50.64 90.57 46.24
CA LYS EA 417 51.86 91.28 46.61
C LYS EA 417 51.58 92.32 47.69
N ASP EA 418 52.51 92.44 48.63
CA ASP EA 418 52.40 93.42 49.71
C ASP EA 418 53.12 94.70 49.33
N MET EA 434 48.42 94.39 53.37
CA MET EA 434 46.97 94.39 53.26
C MET EA 434 46.33 94.01 54.60
N SER EA 435 45.28 94.73 54.97
CA SER EA 435 44.60 94.47 56.23
C SER EA 435 43.68 93.26 56.07
N GLU EA 436 43.03 92.86 57.16
CA GLU EA 436 42.14 91.70 57.13
C GLU EA 436 40.85 92.01 56.39
N SER EA 437 40.35 93.25 56.46
CA SER EA 437 39.10 93.59 55.81
C SER EA 437 39.20 93.45 54.30
N GLU EA 438 40.29 93.93 53.71
CA GLU EA 438 40.48 93.81 52.26
C GLU EA 438 40.61 92.35 51.84
N ILE EA 439 41.32 91.55 52.63
CA ILE EA 439 41.44 90.13 52.33
C ILE EA 439 40.07 89.45 52.37
N ASN EA 440 39.27 89.77 53.38
CA ASN EA 440 37.93 89.19 53.47
C ASN EA 440 37.06 89.62 52.30
N ALA EA 441 37.15 90.89 51.90
CA ALA EA 441 36.37 91.37 50.76
C ALA EA 441 36.79 90.67 49.48
N ILE EA 442 38.09 90.49 49.27
CA ILE EA 442 38.58 89.79 48.09
C ILE EA 442 38.11 88.35 48.08
N ARG EA 443 38.15 87.67 49.23
CA ARG EA 443 37.66 86.30 49.32
C ARG EA 443 36.17 86.23 49.01
N GLN EA 444 35.39 87.18 49.53
CA GLN EA 444 33.96 87.20 49.26
C GLN EA 444 33.69 87.41 47.78
N VAL EA 445 34.46 88.28 47.13
CA VAL EA 445 34.30 88.51 45.69
C VAL EA 445 34.63 87.23 44.92
N LEU EA 446 35.73 86.57 45.29
CA LEU EA 446 36.17 85.39 44.55
C LEU EA 446 35.26 84.20 44.77
N ILE EA 447 34.54 84.16 45.90
CA ILE EA 447 33.64 83.05 46.18
C ILE EA 447 32.57 82.91 45.09
N GLY EA 448 31.94 84.00 44.69
CA GLY EA 448 30.96 83.96 43.62
C GLY EA 448 31.56 83.63 42.27
N THR EA 449 32.75 84.18 42.00
CA THR EA 449 33.41 83.94 40.71
C THR EA 449 33.84 82.49 40.53
N VAL EA 450 34.24 81.82 41.61
CA VAL EA 450 34.75 80.45 41.54
C VAL EA 450 33.62 79.44 41.69
N GLY EA 451 32.80 79.58 42.73
CA GLY EA 451 31.77 78.60 43.02
C GLY EA 451 32.15 77.73 44.19
N PHE EA 452 32.78 78.34 45.19
CA PHE EA 452 33.24 77.60 46.37
C PHE EA 452 32.07 76.95 47.09
N ASP EA 453 32.12 75.62 47.20
CA ASP EA 453 31.03 74.85 47.79
C ASP EA 453 31.66 73.93 48.83
N GLN EA 454 31.03 73.86 50.01
CA GLN EA 454 31.54 73.02 51.09
C GLN EA 454 31.12 71.57 50.97
N GLY EA 455 30.12 71.25 50.13
CA GLY EA 455 29.66 69.88 50.02
C GLY EA 455 30.70 68.97 49.39
N ARG EA 456 31.44 69.47 48.41
CA ARG EA 456 32.48 68.71 47.73
C ARG EA 456 33.84 68.83 48.40
N GLY EA 457 33.93 69.54 49.51
CA GLY EA 457 35.20 69.74 50.18
C GLY EA 457 36.17 70.60 49.39
N ASP EA 458 35.68 71.61 48.69
CA ASP EA 458 36.55 72.50 47.95
C ASP EA 458 37.34 73.39 48.89
N LEU EA 459 38.51 73.82 48.42
CA LEU EA 459 39.43 74.63 49.21
C LEU EA 459 39.69 75.94 48.49
N LEU EA 460 39.61 77.05 49.23
CA LEU EA 460 39.89 78.37 48.67
C LEU EA 460 40.74 79.13 49.68
N ASN EA 461 41.97 79.44 49.30
CA ASN EA 461 42.91 80.16 50.16
C ASN EA 461 43.34 81.45 49.47
N VAL EA 462 43.29 82.56 50.20
CA VAL EA 462 43.76 83.84 49.70
C VAL EA 462 44.64 84.47 50.79
N LEU EA 463 45.81 84.96 50.38
CA LEU EA 463 46.77 85.48 51.35
C LEU EA 463 47.74 86.42 50.63
N SER EA 464 48.49 87.17 51.44
CA SER EA 464 49.40 88.19 50.93
C SER EA 464 50.82 87.90 51.43
N VAL EA 465 51.78 87.94 50.51
CA VAL EA 465 53.19 87.76 50.82
C VAL EA 465 54.00 88.83 50.12
N LYS EA 466 55.24 88.97 50.55
CA LYS EA 466 56.18 89.93 49.95
C LYS EA 466 56.85 89.28 48.76
N PHE EA 467 56.80 89.94 47.61
CA PHE EA 467 57.39 89.42 46.39
C PHE EA 467 58.88 89.73 46.34
N ALA EA 468 59.50 89.47 45.19
CA ALA EA 468 60.95 89.70 45.01
C ALA EA 468 61.15 90.78 43.94
N GLU EA 469 62.37 91.31 43.80
CA GLU EA 469 62.57 92.45 42.87
C GLU EA 469 63.61 92.12 41.81
N PRO FA 270 33.10 59.19 18.61
CA PRO FA 270 32.52 58.36 19.67
C PRO FA 270 31.82 59.18 20.74
N ALA FA 271 32.20 58.97 22.00
CA ALA FA 271 31.60 59.69 23.12
C ALA FA 271 32.35 60.95 23.50
N SER FA 272 33.40 61.31 22.75
CA SER FA 272 34.20 62.48 23.06
C SER FA 272 33.44 63.76 22.73
N ALA FA 273 32.37 63.65 21.95
CA ALA FA 273 31.56 64.80 21.56
C ALA FA 273 30.33 65.00 22.44
N ALA FA 274 30.01 64.04 23.30
CA ALA FA 274 28.83 64.18 24.15
C ALA FA 274 29.11 65.05 25.37
N ARG FA 275 30.38 65.31 25.68
CA ARG FA 275 30.70 66.10 26.85
C ARG FA 275 31.13 67.51 26.48
N ARG FA 276 31.88 67.65 25.37
CA ARG FA 276 32.28 68.97 24.92
C ARG FA 276 31.07 69.82 24.54
N LYS FA 277 30.01 69.19 24.04
CA LYS FA 277 28.78 69.92 23.76
C LYS FA 277 28.19 70.50 25.05
N GLU FA 278 28.24 69.73 26.13
CA GLU FA 278 27.78 70.24 27.42
C GLU FA 278 28.68 71.38 27.90
N GLN FA 279 29.97 71.25 27.63
CA GLN FA 279 30.92 72.30 28.05
C GLN FA 279 30.61 73.60 27.30
N GLU FA 280 30.38 73.56 25.99
CA GLU FA 280 30.04 74.78 25.25
C GLU FA 280 28.68 75.31 25.65
N LEU FA 281 27.72 74.43 25.95
CA LEU FA 281 26.40 74.89 26.38
C LEU FA 281 26.49 75.63 27.72
N GLU FA 282 27.27 75.09 28.65
CA GLU FA 282 27.46 75.75 29.93
C GLU FA 282 28.14 77.11 29.76
N ARG FA 283 29.14 77.18 28.89
CA ARG FA 283 29.81 78.46 28.64
C ARG FA 283 28.85 79.46 27.99
N SER FA 284 28.00 78.99 27.07
CA SER FA 284 27.04 79.88 26.43
C SER FA 284 26.02 80.43 27.42
N GLN FA 285 25.57 79.61 28.36
CA GLN FA 285 24.68 80.12 29.41
C GLN FA 285 25.33 81.23 30.22
N GLU FA 286 26.59 81.03 30.62
CA GLU FA 286 27.29 82.06 31.38
C GLU FA 286 27.44 83.34 30.56
N GLN FA 287 27.76 83.20 29.28
CA GLN FA 287 27.93 84.38 28.44
C GLN FA 287 26.63 85.18 28.33
N ALA FA 288 25.50 84.48 28.13
CA ALA FA 288 24.21 85.17 28.04
C ALA FA 288 23.85 85.85 29.36
N LEU FA 289 24.12 85.18 30.48
CA LEU FA 289 23.82 85.79 31.77
C LEU FA 289 24.68 87.03 32.00
N ARG FA 290 25.96 86.98 31.61
CA ARG FA 290 26.83 88.14 31.73
C ARG FA 290 26.34 89.29 30.86
N GLU FA 291 25.89 88.98 29.64
CA GLU FA 291 25.36 90.02 28.76
C GLU FA 291 24.12 90.66 29.35
N LYS FA 292 23.23 89.85 29.94
CA LYS FA 292 22.05 90.41 30.59
C LYS FA 292 22.44 91.28 31.77
N ILE FA 293 23.45 90.86 32.53
CA ILE FA 293 23.89 91.64 33.69
C ILE FA 293 24.43 93.00 33.24
N ASP FA 294 25.22 93.00 32.17
CA ASP FA 294 25.88 94.23 31.72
C ASP FA 294 24.86 95.28 31.29
N SER FA 295 23.75 94.83 30.70
CA SER FA 295 22.77 95.78 30.15
C SER FA 295 22.14 96.63 31.23
N VAL FA 296 21.97 96.09 32.43
CA VAL FA 296 21.30 96.83 33.49
C VAL FA 296 22.27 97.73 34.28
N LEU FA 297 23.44 97.21 34.64
CA LEU FA 297 24.36 97.95 35.49
C LEU FA 297 25.12 99.04 34.74
N LEU FA 298 25.22 98.94 33.42
CA LEU FA 298 25.98 99.94 32.67
C LEU FA 298 25.40 101.35 32.76
N PRO FA 299 24.09 101.58 32.51
CA PRO FA 299 23.60 102.96 32.55
C PRO FA 299 23.48 103.54 33.96
N ILE FA 300 23.41 102.71 34.99
CA ILE FA 300 23.24 103.22 36.35
C ILE FA 300 24.58 103.46 37.02
N LEU FA 301 25.54 102.56 36.87
CA LEU FA 301 26.84 102.71 37.52
C LEU FA 301 27.85 103.42 36.64
N GLY FA 302 27.83 103.17 35.34
CA GLY FA 302 28.77 103.80 34.43
C GLY FA 302 29.78 102.80 33.87
N TYR FA 303 30.57 103.30 32.92
CA TYR FA 303 31.58 102.46 32.26
C TYR FA 303 32.82 102.35 33.15
N GLY FA 304 33.20 101.12 33.46
CA GLY FA 304 34.41 100.87 34.22
C GLY FA 304 34.29 101.05 35.71
N ASN FA 305 33.09 101.15 36.26
CA ASN FA 305 32.89 101.32 37.69
C ASN FA 305 32.41 100.05 38.38
N TYR FA 306 32.41 98.92 37.69
CA TYR FA 306 31.91 97.68 38.27
C TYR FA 306 32.52 96.50 37.54
N THR FA 307 32.56 95.35 38.23
CA THR FA 307 32.95 94.09 37.64
C THR FA 307 32.04 92.99 38.17
N ALA FA 308 31.75 92.00 37.32
CA ALA FA 308 30.85 90.93 37.71
C ALA FA 308 31.15 89.70 36.88
N GLN FA 309 30.99 88.53 37.51
CA GLN FA 309 31.14 87.25 36.85
C GLN FA 309 30.15 86.27 37.45
N VAL FA 310 29.72 85.30 36.64
CA VAL FA 310 28.72 84.32 37.05
C VAL FA 310 29.18 82.93 36.61
N ASP FA 311 28.59 81.92 37.24
CA ASP FA 311 28.80 80.53 36.83
C ASP FA 311 27.52 79.74 37.07
N ILE FA 312 27.33 78.68 36.28
CA ILE FA 312 26.18 77.79 36.39
C ILE FA 312 26.66 76.36 36.36
N GLN FA 313 26.13 75.54 37.27
CA GLN FA 313 26.41 74.12 37.32
C GLN FA 313 25.14 73.34 37.02
N MET FA 314 25.23 72.38 36.11
CA MET FA 314 24.09 71.62 35.65
C MET FA 314 24.42 70.13 35.60
N ASP FA 315 23.37 69.31 35.48
CA ASP FA 315 23.51 67.87 35.38
C ASP FA 315 22.81 67.37 34.13
N PHE FA 316 23.29 66.25 33.60
CA PHE FA 316 22.80 65.70 32.35
C PHE FA 316 22.40 64.23 32.54
N SER FA 317 21.66 63.96 33.61
CA SER FA 317 21.15 62.61 33.86
C SER FA 317 19.92 62.35 32.99
N ALA FA 318 19.39 61.14 33.10
CA ALA FA 318 18.20 60.75 32.33
C ALA FA 318 17.32 59.90 33.24
N VAL FA 319 16.16 60.43 33.62
CA VAL FA 319 15.27 59.78 34.56
C VAL FA 319 13.92 59.53 33.89
N GLU FA 320 13.40 58.31 34.02
CA GLU FA 320 12.07 57.95 33.56
C GLU FA 320 11.26 57.44 34.74
N GLN FA 321 9.99 57.84 34.80
CA GLN FA 321 9.15 57.54 35.95
C GLN FA 321 7.83 56.92 35.47
N THR FA 322 7.39 55.89 36.18
CA THR FA 322 6.10 55.26 35.93
C THR FA 322 5.37 55.09 37.25
N ARG FA 323 4.15 55.61 37.33
CA ARG FA 323 3.38 55.61 38.56
C ARG FA 323 2.02 54.97 38.32
N LYS FA 324 1.56 54.19 39.30
CA LYS FA 324 0.24 53.58 39.28
C LYS FA 324 -0.38 53.76 40.66
N ARG FA 325 -1.43 54.57 40.73
CA ARG FA 325 -2.06 54.93 42.00
C ARG FA 325 -3.45 54.32 42.10
N PHE FA 326 -3.91 54.14 43.33
CA PHE FA 326 -5.22 53.56 43.61
C PHE FA 326 -5.92 54.42 44.64
N ASP FA 327 -7.25 54.33 44.66
CA ASP FA 327 -8.07 55.06 45.63
C ASP FA 327 -8.83 54.07 46.51
N PRO FA 328 -8.33 53.77 47.71
CA PRO FA 328 -9.00 52.77 48.55
C PRO FA 328 -10.20 53.29 49.33
N ASN FA 329 -10.40 54.61 49.39
CA ASN FA 329 -11.48 55.17 50.18
C ASN FA 329 -12.84 55.12 49.48
N THR FA 330 -12.87 54.86 48.17
CA THR FA 330 -14.11 54.83 47.39
C THR FA 330 -14.21 53.52 46.64
N PRO FA 331 -14.57 52.43 47.33
CA PRO FA 331 -14.75 51.15 46.64
C PRO FA 331 -16.16 50.98 46.09
N ALA FA 332 -16.24 50.29 44.96
CA ALA FA 332 -17.50 50.03 44.29
C ALA FA 332 -17.72 48.53 44.19
N THR FA 333 -18.90 48.08 44.60
CA THR FA 333 -19.20 46.65 44.62
C THR FA 333 -19.78 46.21 43.28
N ARG FA 334 -19.36 45.02 42.84
CA ARG FA 334 -19.82 44.44 41.59
C ARG FA 334 -20.66 43.19 41.80
N SER FA 335 -20.13 42.21 42.53
CA SER FA 335 -20.84 40.98 42.85
C SER FA 335 -20.84 40.79 44.35
N GLU FA 336 -21.98 40.32 44.88
CA GLU FA 336 -22.15 40.17 46.32
C GLU FA 336 -22.99 38.94 46.60
N TYR FA 337 -22.51 38.09 47.51
CA TYR FA 337 -23.25 36.93 47.97
C TYR FA 337 -23.21 36.89 49.49
N ALA FA 338 -24.35 36.59 50.10
CA ALA FA 338 -24.46 36.61 51.55
C ALA FA 338 -25.26 35.40 52.03
N LEU FA 339 -24.98 34.99 53.27
CA LEU FA 339 -25.70 33.92 53.93
C LEU FA 339 -25.74 34.22 55.41
N GLU FA 340 -26.94 34.22 55.98
CA GLU FA 340 -27.20 34.63 57.37
C GLU FA 340 -27.99 33.56 58.10
N ASP FA 341 -27.51 32.32 58.03
CA ASP FA 341 -28.20 31.20 58.64
C ASP FA 341 -28.28 31.38 60.15
N TYR FA 342 -29.49 31.29 60.69
CA TYR FA 342 -29.74 31.37 62.12
C TYR FA 342 -30.18 30.01 62.65
N ASN FA 343 -30.29 29.92 63.97
CA ASN FA 343 -30.73 28.68 64.60
C ASN FA 343 -31.25 28.96 66.02
N VAL FA 383 -25.08 29.43 63.77
CA VAL FA 383 -25.25 30.78 63.22
C VAL FA 383 -24.19 31.04 62.16
N ARG FA 384 -24.50 30.68 60.92
CA ARG FA 384 -23.54 30.87 59.84
C ARG FA 384 -23.66 32.26 59.24
N LYS FA 385 -22.55 32.99 59.20
CA LYS FA 385 -22.50 34.33 58.62
C LYS FA 385 -21.40 34.34 57.56
N GLU FA 386 -21.79 34.15 56.30
CA GLU FA 386 -20.84 34.09 55.20
C GLU FA 386 -21.09 35.25 54.24
N SER FA 387 -20.00 35.84 53.73
CA SER FA 387 -20.08 36.94 52.79
C SER FA 387 -18.97 36.81 51.76
N THR FA 388 -19.29 37.15 50.51
CA THR FA 388 -18.30 37.13 49.44
C THR FA 388 -18.60 38.31 48.52
N ARG FA 389 -17.69 39.28 48.47
CA ARG FA 389 -17.89 40.49 47.70
C ARG FA 389 -16.71 40.73 46.76
N ASN FA 390 -17.01 41.30 45.60
CA ASN FA 390 -15.99 41.70 44.63
C ASN FA 390 -16.02 43.21 44.46
N PHE FA 391 -14.85 43.82 44.36
CA PHE FA 391 -14.72 45.26 44.32
C PHE FA 391 -13.94 45.68 43.08
N GLU FA 392 -14.24 46.90 42.60
CA GLU FA 392 -13.48 47.53 41.53
C GLU FA 392 -13.18 48.97 41.94
N LEU FA 393 -11.93 49.38 41.74
CA LEU FA 393 -11.43 50.66 42.25
C LEU FA 393 -10.89 51.51 41.12
N ASP FA 394 -10.70 52.79 41.43
CA ASP FA 394 -10.14 53.73 40.46
C ASP FA 394 -8.69 53.39 40.16
N THR FA 395 -8.31 53.50 38.90
CA THR FA 395 -6.96 53.21 38.45
C THR FA 395 -6.39 54.42 37.72
N THR FA 396 -5.17 54.81 38.07
CA THR FA 396 -4.49 55.94 37.44
C THR FA 396 -3.08 55.51 37.06
N ILE FA 397 -2.71 55.76 35.82
CA ILE FA 397 -1.39 55.40 35.29
C ILE FA 397 -0.74 56.64 34.71
N SER FA 398 0.51 56.89 35.10
CA SER FA 398 1.25 58.07 34.65
C SER FA 398 2.64 57.64 34.19
N HIS FA 399 3.09 58.22 33.07
CA HIS FA 399 4.44 57.98 32.55
C HIS FA 399 5.08 59.34 32.29
N GLU FA 400 6.29 59.53 32.82
CA GLU FA 400 6.97 60.82 32.76
C GLU FA 400 8.41 60.64 32.32
N ARG FA 401 8.87 61.51 31.42
CA ARG FA 401 10.25 61.56 30.98
C ARG FA 401 10.81 62.93 31.33
N LYS FA 402 11.87 62.95 32.12
CA LYS FA 402 12.45 64.20 32.60
C LYS FA 402 13.35 64.83 31.55
N GLN FA 403 13.71 66.09 31.78
CA GLN FA 403 14.58 66.82 30.88
C GLN FA 403 16.05 66.52 31.20
N THR FA 404 16.91 66.88 30.27
CA THR FA 404 18.36 66.71 30.41
C THR FA 404 19.01 68.08 30.32
N GLY FA 405 19.62 68.52 31.41
CA GLY FA 405 20.31 69.80 31.42
C GLY FA 405 19.69 70.82 32.38
N THR FA 406 19.09 70.33 33.45
CA THR FA 406 18.50 71.23 34.44
C THR FA 406 19.58 71.96 35.23
N VAL FA 407 19.33 73.22 35.55
CA VAL FA 407 20.27 74.03 36.31
C VAL FA 407 20.21 73.62 37.78
N ALA FA 408 21.38 73.38 38.37
CA ALA FA 408 21.48 72.97 39.76
C ALA FA 408 21.76 74.14 40.70
N ARG FA 409 22.84 74.87 40.43
CA ARG FA 409 23.19 76.02 41.30
C ARG FA 409 23.64 77.21 40.44
N GLN FA 410 23.61 78.39 41.02
CA GLN FA 410 23.93 79.62 40.32
C GLN FA 410 24.50 80.63 41.30
N THR FA 411 25.70 81.15 41.00
CA THR FA 411 26.38 82.10 41.86
C THR FA 411 26.71 83.37 41.08
N VAL FA 412 26.40 84.51 41.68
CA VAL FA 412 26.67 85.82 41.10
C VAL FA 412 27.40 86.68 42.12
N SER FA 413 28.48 87.35 41.68
CA SER FA 413 29.26 88.22 42.54
C SER FA 413 29.47 89.56 41.83
N VAL FA 414 29.17 90.65 42.52
CA VAL FA 414 29.25 92.00 41.98
C VAL FA 414 30.10 92.86 42.90
N ALA FA 415 31.09 93.55 42.32
CA ALA FA 415 31.94 94.48 43.04
C ALA FA 415 31.81 95.86 42.42
N ILE FA 416 31.60 96.87 43.27
CA ILE FA 416 31.37 98.24 42.83
C ILE FA 416 32.51 99.11 43.33
N LYS FA 417 33.07 99.93 42.44
CA LYS FA 417 34.15 100.84 42.83
C LYS FA 417 33.64 101.89 43.82
N ASP FA 418 34.48 102.20 44.80
CA ASP FA 418 34.13 103.22 45.79
C ASP FA 418 34.69 104.57 45.37
N MET FA 434 29.80 103.81 49.12
CA MET FA 434 28.39 103.58 48.93
C MET FA 434 27.71 103.19 50.24
N SER FA 435 26.55 103.76 50.51
CA SER FA 435 25.82 103.48 51.73
C SER FA 435 25.10 102.14 51.60
N GLU FA 436 24.45 101.72 52.68
CA GLU FA 436 23.74 100.44 52.67
C GLU FA 436 22.46 100.49 51.84
N SER FA 437 21.79 101.64 51.79
CA SER FA 437 20.56 101.74 51.03
C SER FA 437 20.78 101.54 49.54
N GLU FA 438 21.84 102.14 48.99
CA GLU FA 438 22.14 101.96 47.57
C GLU FA 438 22.52 100.51 47.26
N ILE FA 439 23.27 99.87 48.15
CA ILE FA 439 23.63 98.47 47.96
C ILE FA 439 22.38 97.60 47.97
N ASN FA 440 21.46 97.86 48.90
CA ASN FA 440 20.22 97.09 48.96
C ASN FA 440 19.38 97.30 47.70
N ALA FA 441 19.31 98.54 47.22
CA ALA FA 441 18.55 98.82 46.01
C ALA FA 441 19.16 98.11 44.79
N ILE FA 442 20.49 98.13 44.70
CA ILE FA 442 21.15 97.44 43.59
C ILE FA 442 20.90 95.94 43.67
N ARG FA 443 20.97 95.36 44.86
CA ARG FA 443 20.68 93.94 45.02
C ARG FA 443 19.24 93.62 44.62
N GLN FA 444 18.30 94.47 45.02
CA GLN FA 444 16.90 94.26 44.66
C GLN FA 444 16.71 94.33 43.15
N VAL FA 445 17.39 95.27 42.50
CA VAL FA 445 17.30 95.36 41.04
C VAL FA 445 17.87 94.11 40.38
N LEU FA 446 19.02 93.65 40.87
CA LEU FA 446 19.68 92.51 40.24
C LEU FA 446 18.95 91.20 40.50
N ILE FA 447 18.16 91.14 41.58
CA ILE FA 447 17.43 89.91 41.87
C ILE FA 447 16.47 89.54 40.74
N GLY FA 448 15.71 90.50 40.22
CA GLY FA 448 14.83 90.24 39.11
C GLY FA 448 15.57 89.93 37.82
N THR FA 449 16.68 90.63 37.58
CA THR FA 449 17.46 90.41 36.36
C THR FA 449 18.12 89.04 36.32
N VAL FA 450 18.53 88.50 37.46
CA VAL FA 450 19.24 87.23 37.53
C VAL FA 450 18.26 86.07 37.68
N GLY FA 451 17.36 86.15 38.64
CA GLY FA 451 16.46 85.04 38.94
C GLY FA 451 16.88 84.32 40.20
N PHE FA 452 17.34 85.08 41.20
CA PHE FA 452 17.82 84.50 42.44
C PHE FA 452 16.71 83.72 43.13
N ASP FA 453 16.94 82.43 43.34
CA ASP FA 453 15.94 81.54 43.92
C ASP FA 453 16.63 80.79 45.06
N GLN FA 454 15.93 80.69 46.21
CA GLN FA 454 16.49 80.01 47.37
C GLN FA 454 16.29 78.50 47.34
N GLY FA 455 15.41 77.99 46.47
CA GLY FA 455 15.17 76.56 46.42
C GLY FA 455 16.37 75.78 45.93
N ARG FA 456 17.10 76.33 44.96
CA ARG FA 456 18.28 75.68 44.40
C ARG FA 456 19.56 76.06 45.15
N GLY FA 457 19.47 76.85 46.21
CA GLY FA 457 20.64 77.29 46.93
C GLY FA 457 21.53 78.23 46.15
N ASP FA 458 20.94 79.10 45.34
CA ASP FA 458 21.72 80.07 44.59
C ASP FA 458 22.31 81.13 45.51
N LEU FA 459 23.43 81.69 45.09
CA LEU FA 459 24.15 82.69 45.88
C LEU FA 459 24.27 83.98 45.07
N LEU FA 460 23.98 85.10 45.73
CA LEU FA 460 24.10 86.41 45.10
C LEU FA 460 24.75 87.36 46.10
N ASN FA 461 25.96 87.83 45.77
CA ASN FA 461 26.71 88.73 46.62
C ASN FA 461 26.99 90.02 45.86
N VAL FA 462 26.72 91.16 46.52
CA VAL FA 462 27.03 92.46 45.96
C VAL FA 462 27.73 93.29 47.04
N LEU FA 463 28.84 93.92 46.68
CA LEU FA 463 29.65 94.64 47.66
C LEU FA 463 30.50 95.67 46.94
N SER FA 464 31.08 96.57 47.73
CA SER FA 464 31.87 97.69 47.21
C SER FA 464 33.27 97.65 47.82
N VAL FA 465 34.28 97.78 46.96
CA VAL FA 465 35.67 97.82 47.37
C VAL FA 465 36.36 98.97 46.64
N LYS FA 466 37.54 99.33 47.14
CA LYS FA 466 38.36 100.37 46.53
C LYS FA 466 39.22 99.76 45.43
N PHE FA 467 39.14 100.33 44.23
CA PHE FA 467 39.89 99.84 43.10
C PHE FA 467 41.32 100.36 43.12
N ALA FA 468 42.05 100.13 42.03
CA ALA FA 468 43.46 100.57 41.92
C ALA FA 468 43.58 101.59 40.79
N GLU FA 469 44.71 102.29 40.69
CA GLU FA 469 44.80 103.38 39.69
C GLU FA 469 45.96 103.16 38.72
N PRO GA 270 22.42 64.53 16.27
CA PRO GA 270 21.89 63.69 17.35
C PRO GA 270 20.99 64.47 18.32
N ALA GA 271 21.31 64.40 19.61
CA ALA GA 271 20.53 65.08 20.63
C ALA GA 271 21.07 66.48 20.95
N SER GA 272 22.10 66.93 20.25
CA SER GA 272 22.69 68.24 20.51
C SER GA 272 21.78 69.37 20.04
N ALA GA 273 20.79 69.03 19.20
CA ALA GA 273 19.85 70.02 18.68
C ALA GA 273 18.55 70.10 19.46
N ALA GA 274 18.31 69.16 20.38
CA ALA GA 274 17.07 69.17 21.14
C ALA GA 274 17.12 70.14 22.31
N ARG GA 275 18.31 70.60 22.67
CA ARG GA 275 18.42 71.52 23.80
C ARG GA 275 18.68 72.95 23.34
N ARG GA 276 19.48 73.12 22.28
CA ARG GA 276 19.70 74.46 21.76
C ARG GA 276 18.43 75.09 21.24
N LYS GA 277 17.50 74.27 20.72
CA LYS GA 277 16.20 74.80 20.32
C LYS GA 277 15.44 75.36 21.51
N GLU GA 278 15.51 74.67 22.65
CA GLU GA 278 14.89 75.20 23.87
C GLU GA 278 15.59 76.48 24.32
N GLN GA 279 16.90 76.53 24.13
CA GLN GA 279 17.65 77.75 24.54
C GLN GA 279 17.21 78.93 23.68
N GLU GA 280 17.09 78.78 22.36
CA GLU GA 280 16.62 79.87 21.50
C GLU GA 280 15.16 80.21 21.77
N LEU GA 281 14.32 79.22 22.07
CA LEU GA 281 12.93 79.51 22.39
C LEU GA 281 12.81 80.33 23.66
N GLU GA 282 13.59 79.99 24.69
CA GLU GA 282 13.58 80.75 25.93
C GLU GA 282 14.08 82.17 25.70
N ARG GA 283 15.12 82.34 24.88
CA ARG GA 283 15.60 83.69 24.57
C ARG GA 283 14.56 84.49 23.80
N SER GA 284 13.85 83.84 22.87
CA SER GA 284 12.82 84.52 22.09
C SER GA 284 11.66 84.98 22.98
N GLN GA 285 11.27 84.16 23.96
CA GLN GA 285 10.23 84.60 24.90
C GLN GA 285 10.66 85.85 25.66
N GLU GA 286 11.90 85.87 26.15
CA GLU GA 286 12.39 87.04 26.87
C GLU GA 286 12.41 88.27 25.98
N GLN GA 287 12.83 88.10 24.72
CA GLN GA 287 12.89 89.24 23.81
C GLN GA 287 11.50 89.81 23.55
N ALA GA 288 10.50 88.95 23.35
CA ALA GA 288 9.14 89.41 23.13
C ALA GA 288 8.59 90.11 24.36
N LEU GA 289 8.87 89.57 25.55
CA LEU GA 289 8.39 90.22 26.77
C LEU GA 289 9.04 91.59 26.95
N ARG GA 290 10.33 91.69 26.64
CA ARG GA 290 11.00 92.99 26.74
C ARG GA 290 10.42 93.99 25.75
N GLU GA 291 10.12 93.53 24.53
CA GLU GA 291 9.51 94.42 23.54
C GLU GA 291 8.14 94.90 24.00
N LYS GA 292 7.34 94.01 24.59
CA LYS GA 292 6.05 94.43 25.12
C LYS GA 292 6.21 95.42 26.26
N ILE GA 293 7.21 95.21 27.11
CA ILE GA 293 7.45 96.13 28.23
C ILE GA 293 7.82 97.52 27.71
N ASP GA 294 8.68 97.57 26.70
CA ASP GA 294 9.18 98.85 26.20
C ASP GA 294 8.05 99.70 25.63
N SER GA 295 7.06 99.05 25.00
CA SER GA 295 6.01 99.79 24.32
C SER GA 295 5.18 100.62 25.29
N VAL GA 296 5.00 100.14 26.52
CA VAL GA 296 4.15 100.84 27.48
C VAL GA 296 4.92 101.92 28.25
N LEU GA 297 6.13 101.61 28.72
CA LEU GA 297 6.86 102.54 29.57
C LEU GA 297 7.50 103.68 28.80
N LEU GA 298 7.72 103.51 27.49
CA LEU GA 298 8.37 104.56 26.72
C LEU GA 298 7.58 105.86 26.66
N PRO GA 299 6.29 105.88 26.32
CA PRO GA 299 5.59 107.17 26.22
C PRO GA 299 5.28 107.81 27.55
N ILE GA 300 5.26 107.04 28.65
CA ILE GA 300 4.92 107.62 29.95
C ILE GA 300 6.15 108.11 30.70
N LEU GA 301 7.25 107.34 30.67
CA LEU GA 301 8.46 107.74 31.38
C LEU GA 301 9.42 108.55 30.51
N GLY GA 302 9.54 108.20 29.25
CA GLY GA 302 10.43 108.91 28.35
C GLY GA 302 11.61 108.04 27.93
N TYR GA 303 12.40 108.58 27.00
CA TYR GA 303 13.55 107.87 26.47
C TYR GA 303 14.72 108.00 27.44
N GLY GA 304 15.27 106.86 27.86
CA GLY GA 304 16.44 106.85 28.71
C GLY GA 304 16.19 107.11 30.18
N ASN GA 305 14.94 107.06 30.64
CA ASN GA 305 14.62 107.30 32.04
C ASN GA 305 14.28 106.02 32.79
N TYR GA 306 14.50 104.85 32.19
CA TYR GA 306 14.14 103.59 32.83
C TYR GA 306 14.98 102.47 32.24
N THR GA 307 15.12 101.40 33.01
CA THR GA 307 15.75 100.17 32.55
C THR GA 307 14.96 98.99 33.10
N ALA GA 308 14.89 97.92 32.31
CA ALA GA 308 14.13 96.75 32.72
C ALA GA 308 14.67 95.52 32.00
N GLN GA 309 14.64 94.38 32.72
CA GLN GA 309 15.02 93.10 32.16
C GLN GA 309 14.15 92.02 32.78
N VAL GA 310 13.92 90.95 32.01
CA VAL GA 310 13.05 89.86 32.43
C VAL GA 310 13.74 88.52 32.14
N ASP GA 311 13.27 87.48 32.81
CA ASP GA 311 13.70 86.12 32.51
C ASP GA 311 12.54 85.15 32.74
N ILE GA 312 12.57 84.03 32.01
CA ILE GA 312 11.55 82.99 32.11
C ILE GA 312 12.24 81.64 32.22
N GLN GA 313 11.77 80.82 33.16
CA GLN GA 313 12.25 79.45 33.34
C GLN GA 313 11.13 78.48 33.01
N MET GA 314 11.44 77.49 32.18
CA MET GA 314 10.45 76.53 31.72
C MET GA 314 11.00 75.12 31.80
N ASP GA 315 10.10 74.14 31.69
CA ASP GA 315 10.46 72.73 31.71
C ASP GA 315 9.92 72.06 30.46
N PHE GA 316 10.61 70.99 30.04
CA PHE GA 316 10.29 70.27 28.80
C PHE GA 316 10.10 68.79 29.07
N SER GA 317 9.33 68.48 30.11
CA SER GA 317 9.01 67.09 30.43
C SER GA 317 7.89 66.59 29.52
N ALA GA 318 7.54 65.31 29.68
CA ALA GA 318 6.48 64.70 28.87
C ALA GA 318 5.68 63.79 29.78
N VAL GA 319 4.43 64.16 30.04
CA VAL GA 319 3.57 63.45 30.98
C VAL GA 319 2.32 62.96 30.25
N GLU GA 320 1.98 61.69 30.44
CA GLU GA 320 0.76 61.10 29.92
C GLU GA 320 -0.05 60.54 31.09
N GLN GA 321 -1.37 60.75 31.04
CA GLN GA 321 -2.24 60.40 32.15
C GLN GA 321 -3.41 59.56 31.64
N THR GA 322 -3.76 58.53 32.40
CA THR GA 322 -4.91 57.69 32.11
C THR GA 322 -5.70 57.50 33.39
N ARG GA 323 -6.99 57.84 33.36
CA ARG GA 323 -7.84 57.80 34.54
C ARG GA 323 -9.07 56.95 34.26
N LYS GA 324 -9.47 56.17 35.27
CA LYS GA 324 -10.69 55.36 35.20
C LYS GA 324 -11.43 55.54 36.52
N ARG GA 325 -12.59 56.17 36.47
CA ARG GA 325 -13.35 56.53 37.66
C ARG GA 325 -14.65 55.72 37.72
N PHE GA 326 -15.16 55.55 38.94
CA PHE GA 326 -16.39 54.80 39.17
C PHE GA 326 -17.29 55.61 40.09
N ASP GA 327 -18.59 55.33 40.04
CA ASP GA 327 -19.57 55.98 40.89
C ASP GA 327 -20.23 54.95 41.79
N PRO GA 328 -19.79 54.80 43.04
CA PRO GA 328 -20.36 53.76 43.92
C PRO GA 328 -21.68 54.16 44.57
N ASN GA 329 -22.08 55.42 44.52
CA ASN GA 329 -23.29 55.87 45.19
C ASN GA 329 -24.56 55.57 44.42
N THR GA 330 -24.46 55.22 43.13
CA THR GA 330 -25.63 54.96 42.28
C THR GA 330 -25.48 53.59 41.63
N PRO GA 331 -25.71 52.51 42.37
CA PRO GA 331 -25.66 51.18 41.78
C PRO GA 331 -26.99 50.76 41.16
N ALA GA 332 -26.88 49.99 40.08
CA ALA GA 332 -28.04 49.50 39.35
C ALA GA 332 -28.02 47.97 39.36
N THR GA 333 -29.16 47.38 39.73
CA THR GA 333 -29.25 45.93 39.83
C THR GA 333 -29.64 45.32 38.50
N ARG GA 334 -29.02 44.18 38.17
CA ARG GA 334 -29.31 43.45 36.94
C ARG GA 334 -29.96 42.10 37.20
N SER GA 335 -29.35 41.27 38.03
CA SER GA 335 -29.89 39.97 38.40
C SER GA 335 -29.98 39.88 39.91
N GLU GA 336 -31.07 39.28 40.40
CA GLU GA 336 -31.32 39.20 41.83
C GLU GA 336 -31.99 37.88 42.15
N TYR GA 337 -31.46 37.18 43.15
CA TYR GA 337 -32.05 35.94 43.64
C TYR GA 337 -32.12 36.01 45.16
N ALA GA 338 -33.24 35.59 45.73
CA ALA GA 338 -33.46 35.69 47.16
C ALA GA 338 -34.11 34.41 47.68
N LEU GA 339 -33.86 34.12 48.96
CA LEU GA 339 -34.46 33.00 49.65
C LEU GA 339 -34.65 33.39 51.11
N GLU GA 340 -35.88 33.24 51.59
CA GLU GA 340 -36.30 33.71 52.92
C GLU GA 340 -36.98 32.57 53.69
N ASP GA 341 -36.31 31.43 53.74
CA ASP GA 341 -36.88 30.25 54.39
C ASP GA 341 -37.09 30.51 55.87
N TYR GA 342 -38.32 30.28 56.34
CA TYR GA 342 -38.68 30.42 57.74
C TYR GA 342 -38.94 29.04 58.35
N ASN GA 343 -39.13 29.01 59.66
CA ASN GA 343 -39.44 27.77 60.36
C ASN GA 343 -40.10 28.05 61.71
N VAL GA 383 -33.92 29.32 59.82
CA VAL GA 383 -34.25 30.57 59.16
C VAL GA 383 -33.16 30.93 58.16
N ARG GA 384 -33.31 30.45 56.92
CA ARG GA 384 -32.31 30.71 55.90
C ARG GA 384 -32.60 32.03 55.19
N LYS GA 385 -31.60 32.91 55.16
CA LYS GA 385 -31.71 34.20 54.49
C LYS GA 385 -30.56 34.31 53.50
N GLU GA 386 -30.81 33.98 52.24
CA GLU GA 386 -29.79 34.00 51.21
C GLU GA 386 -30.13 35.04 50.15
N SER GA 387 -29.11 35.74 49.67
CA SER GA 387 -29.28 36.76 48.65
C SER GA 387 -28.09 36.73 47.70
N THR GA 388 -28.36 36.93 46.42
CA THR GA 388 -27.31 36.99 45.40
C THR GA 388 -27.71 38.05 44.38
N ARG GA 389 -26.95 39.13 44.31
CA ARG GA 389 -27.26 40.25 43.44
C ARG GA 389 -26.07 40.61 42.57
N ASN GA 390 -26.35 41.05 41.34
CA ASN GA 390 -25.35 41.53 40.42
C ASN GA 390 -25.59 43.01 40.12
N PHE GA 391 -24.51 43.78 40.05
CA PHE GA 391 -24.60 45.22 39.91
C PHE GA 391 -23.79 45.68 38.70
N GLU GA 392 -24.23 46.80 38.11
CA GLU GA 392 -23.49 47.47 37.05
C GLU GA 392 -23.44 48.95 37.36
N LEU GA 393 -22.25 49.54 37.20
CA LEU GA 393 -21.99 50.90 37.65
C LEU GA 393 -21.50 51.76 36.49
N ASP GA 394 -21.52 53.07 36.72
CA ASP GA 394 -21.04 54.01 35.72
C ASP GA 394 -19.53 53.88 35.54
N THR GA 395 -19.09 53.96 34.29
CA THR GA 395 -17.68 53.85 33.95
C THR GA 395 -17.24 55.08 33.17
N THR GA 396 -16.12 55.68 33.57
CA THR GA 396 -15.57 56.85 32.90
C THR GA 396 -14.08 56.62 32.65
N ILE GA 397 -13.66 56.84 31.41
CA ILE GA 397 -12.27 56.65 31.00
C ILE GA 397 -11.77 57.94 30.38
N SER GA 398 -10.60 58.39 30.81
CA SER GA 398 -10.01 59.63 30.31
C SER GA 398 -8.54 59.41 29.98
N HIS GA 399 -8.11 59.96 28.86
CA HIS GA 399 -6.70 59.90 28.44
C HIS GA 399 -6.25 61.31 28.12
N GLU GA 400 -5.13 61.73 28.70
CA GLU GA 400 -4.64 63.09 28.58
C GLU GA 400 -3.16 63.11 28.25
N ARG GA 401 -2.77 63.98 27.32
CA ARG GA 401 -1.38 64.21 26.97
C ARG GA 401 -1.05 65.66 27.25
N LYS GA 402 -0.06 65.90 28.10
CA LYS GA 402 0.28 67.25 28.52
C LYS GA 402 1.16 67.93 27.48
N GLN GA 403 1.31 69.25 27.64
CA GLN GA 403 2.13 70.04 26.75
C GLN GA 403 3.59 69.99 27.18
N THR GA 404 4.47 70.42 26.28
CA THR GA 404 5.91 70.48 26.52
C THR GA 404 6.36 71.93 26.36
N GLY GA 405 6.82 72.53 27.45
CA GLY GA 405 7.29 73.89 27.42
C GLY GA 405 6.47 74.86 28.24
N THR GA 406 5.87 74.37 29.32
CA THR GA 406 5.08 75.22 30.20
C THR GA 406 5.99 76.15 30.99
N VAL GA 407 5.52 77.37 31.20
CA VAL GA 407 6.28 78.38 31.95
C VAL GA 407 6.17 78.06 33.44
N ALA GA 408 7.32 78.04 34.12
CA ALA GA 408 7.39 77.74 35.55
C ALA GA 408 7.41 79.00 36.41
N ARG GA 409 8.38 79.87 36.15
CA ARG GA 409 8.51 81.11 36.94
C ARG GA 409 8.83 82.30 36.03
N GLN GA 410 8.59 83.50 36.52
CA GLN GA 410 8.77 84.72 35.75
C GLN GA 410 9.13 85.86 36.68
N THR GA 411 10.25 86.52 36.42
CA THR GA 411 10.72 87.64 37.24
C THR GA 411 10.90 88.88 36.39
N VAL GA 412 10.39 90.00 36.88
CA VAL GA 412 10.50 91.29 36.22
C VAL GA 412 11.03 92.32 37.22
N SER GA 413 12.02 93.11 36.80
CA SER GA 413 12.60 94.15 37.63
C SER GA 413 12.67 95.45 36.84
N VAL GA 414 12.16 96.53 37.43
CA VAL GA 414 12.08 97.84 36.79
C VAL GA 414 12.73 98.87 37.69
N ALA GA 415 13.64 99.66 37.13
CA ALA GA 415 14.29 100.76 37.83
C ALA GA 415 14.01 102.06 37.09
N ILE GA 416 13.59 103.08 37.84
CA ILE GA 416 13.19 104.37 37.29
C ILE GA 416 14.15 105.43 37.80
N LYS GA 417 14.65 106.27 36.89
CA LYS GA 417 15.55 107.35 37.27
C LYS GA 417 14.82 108.37 38.13
N ASP GA 418 15.53 108.88 39.15
CA ASP GA 418 14.97 109.90 40.04
C ASP GA 418 15.35 111.29 39.54
N MET GA 434 10.37 110.04 43.03
CA MET GA 434 9.01 109.58 42.77
C MET GA 434 8.31 109.18 44.07
N SER GA 435 7.06 109.59 44.21
CA SER GA 435 6.28 109.28 45.40
C SER GA 435 5.79 107.84 45.33
N GLU GA 436 5.12 107.39 46.40
CA GLU GA 436 4.62 106.03 46.44
C GLU GA 436 3.42 105.83 45.53
N SER GA 437 2.58 106.86 45.35
CA SER GA 437 1.40 106.73 44.51
C SER GA 437 1.77 106.45 43.06
N GLU GA 438 2.77 107.17 42.53
CA GLU GA 438 3.19 106.94 41.16
C GLU GA 438 3.80 105.56 40.98
N ILE GA 439 4.57 105.10 41.96
CA ILE GA 439 5.14 103.76 41.91
C ILE GA 439 4.04 102.71 41.89
N ASN GA 440 3.03 102.88 42.75
CA ASN GA 440 1.91 101.93 42.78
C ASN GA 440 1.14 101.94 41.46
N ALA GA 441 0.93 103.12 40.88
CA ALA GA 441 0.23 103.21 39.61
C ALA GA 441 1.02 102.52 38.49
N ILE GA 442 2.34 102.73 38.48
CA ILE GA 442 3.18 102.08 37.47
C ILE GA 442 3.14 100.57 37.64
N ARG GA 443 3.21 100.08 38.89
CA ARG GA 443 3.12 98.65 39.13
C ARG GA 443 1.78 98.09 38.67
N GLN GA 444 0.69 98.81 38.95
CA GLN GA 444 -0.63 98.37 38.51
C GLN GA 444 -0.72 98.30 36.99
N VAL GA 445 -0.13 99.29 36.31
CA VAL GA 445 -0.13 99.28 34.85
C VAL GA 445 0.66 98.10 34.33
N LEU GA 446 1.83 97.83 34.92
CA LEU GA 446 2.70 96.78 34.42
C LEU GA 446 2.15 95.39 34.73
N ILE GA 447 1.30 95.28 35.76
CA ILE GA 447 0.73 93.98 36.10
C ILE GA 447 -0.07 93.39 34.95
N GLY GA 448 -0.92 94.18 34.30
CA GLY GA 448 -1.67 93.72 33.15
C GLY GA 448 -0.80 93.44 31.95
N THR GA 449 0.21 94.28 31.73
CA THR GA 449 1.10 94.11 30.58
C THR GA 449 1.94 92.86 30.68
N VAL GA 450 2.35 92.46 31.89
CA VAL GA 450 3.23 91.32 32.10
C VAL GA 450 2.43 90.03 32.27
N GLY GA 451 1.45 90.04 33.17
CA GLY GA 451 0.72 88.84 33.49
C GLY GA 451 1.14 88.26 34.83
N PHE GA 452 1.41 89.14 35.78
CA PHE GA 452 1.88 88.73 37.10
C PHE GA 452 0.84 87.84 37.77
N ASP GA 453 1.24 86.62 38.11
CA ASP GA 453 0.35 85.63 38.69
C ASP GA 453 1.04 85.06 39.92
N GLN GA 454 0.29 84.94 41.01
CA GLN GA 454 0.85 84.43 42.26
C GLN GA 454 0.88 82.91 42.33
N GLY GA 455 0.15 82.22 41.45
CA GLY GA 455 0.14 80.77 41.50
C GLY GA 455 1.47 80.15 41.14
N ARG GA 456 2.18 80.74 40.18
CA ARG GA 456 3.48 80.25 39.75
C ARG GA 456 4.63 80.86 40.54
N GLY GA 457 4.35 81.68 41.54
CA GLY GA 457 5.38 82.34 42.30
C GLY GA 457 6.18 83.35 41.50
N ASP GA 458 5.53 84.08 40.60
CA ASP GA 458 6.21 85.10 39.82
C ASP GA 458 6.57 86.29 40.70
N LEU GA 459 7.63 86.99 40.30
CA LEU GA 459 8.14 88.14 41.05
C LEU GA 459 8.13 89.37 40.17
N LEU GA 460 7.62 90.48 40.71
CA LEU GA 460 7.60 91.75 40.00
C LEU GA 460 8.02 92.85 40.96
N ASN GA 461 9.16 93.47 40.67
CA ASN GA 461 9.71 94.53 41.50
C ASN GA 461 9.85 95.79 40.67
N VAL GA 462 9.38 96.92 41.21
CA VAL GA 462 9.54 98.22 40.58
C VAL GA 462 10.02 99.20 41.63
N LEU GA 463 11.05 99.97 41.29
CA LEU GA 463 11.66 100.87 42.26
C LEU GA 463 12.42 101.97 41.53
N SER GA 464 12.79 103.01 42.28
CA SER GA 464 13.44 104.19 41.73
C SER GA 464 14.78 104.41 42.42
N VAL GA 465 15.83 104.62 41.61
CA VAL GA 465 17.17 104.91 42.11
C VAL GA 465 17.73 106.09 41.34
N LYS GA 466 18.80 106.67 41.89
CA LYS GA 466 19.50 107.78 41.26
C LYS GA 466 20.52 107.23 40.25
N PHE GA 467 20.44 107.71 39.02
CA PHE GA 467 21.35 107.25 37.97
C PHE GA 467 22.68 107.99 38.04
N ALA GA 468 23.51 107.80 37.02
CA ALA GA 468 24.84 108.44 36.98
C ALA GA 468 24.89 109.39 35.79
N GLU GA 469 25.92 110.24 35.69
CA GLU GA 469 25.92 111.28 34.62
C GLU GA 469 27.16 111.16 33.75
N PRO HA 270 11.40 68.16 12.84
CA PRO HA 270 10.92 67.33 13.95
C PRO HA 270 9.86 68.03 14.80
N ALA HA 271 10.08 68.08 16.11
CA ALA HA 271 9.13 68.71 17.02
C ALA HA 271 9.42 70.18 17.26
N SER HA 272 10.43 70.75 16.60
CA SER HA 272 10.79 72.14 16.81
C SER HA 272 9.76 73.08 16.19
N ALA HA 273 8.90 72.55 15.32
CA ALA HA 273 7.88 73.34 14.67
C ALA HA 273 6.52 73.27 15.35
N ALA HA 274 6.35 72.37 16.31
CA ALA HA 274 5.06 72.24 16.98
C ALA HA 274 4.88 73.28 18.08
N ARG HA 275 5.96 73.94 18.48
CA ARG HA 275 5.85 74.93 19.55
C ARG HA 275 5.92 76.36 19.00
N ARG HA 276 6.76 76.58 17.99
CA ARG HA 276 6.83 77.90 17.37
C ARG HA 276 5.51 78.29 16.72
N LYS HA 277 4.76 77.31 16.21
CA LYS HA 277 3.44 77.60 15.67
C LYS HA 277 2.51 78.12 16.78
N GLU HA 278 2.59 77.53 17.96
CA GLU HA 278 1.82 78.03 19.09
C GLU HA 278 2.27 79.43 19.50
N GLN HA 279 3.57 79.66 19.40
CA GLN HA 279 4.10 81.00 19.74
C GLN HA 279 3.55 82.04 18.78
N GLU HA 280 3.56 81.80 17.47
CA GLU HA 280 3.00 82.75 16.51
C GLU HA 280 1.49 82.87 16.65
N LEU HA 281 0.79 81.79 16.97
CA LEU HA 281 -0.65 81.88 17.17
C LEU HA 281 -0.99 82.75 18.37
N GLU HA 282 -0.25 82.59 19.47
CA GLU HA 282 -0.46 83.42 20.64
C GLU HA 282 -0.18 84.89 20.34
N ARG HA 283 0.89 85.17 19.57
CA ARG HA 283 1.19 86.55 19.20
C ARG HA 283 0.10 87.12 18.31
N SER HA 284 -0.42 86.32 17.38
CA SER HA 284 -1.49 86.78 16.49
C SER HA 284 -2.75 87.11 17.26
N GLN HA 285 -3.10 86.31 18.27
CA GLN HA 285 -4.26 86.63 19.10
C GLN HA 285 -4.09 87.99 19.79
N GLU HA 286 -2.91 88.23 20.36
CA GLU HA 286 -2.66 89.51 21.02
C GLU HA 286 -2.75 90.66 20.04
N GLN HA 287 -2.21 90.48 18.83
CA GLN HA 287 -2.25 91.55 17.84
C GLN HA 287 -3.69 91.88 17.45
N ALA HA 288 -4.53 90.87 17.24
CA ALA HA 288 -5.92 91.10 16.90
C ALA HA 288 -6.66 91.80 18.03
N LEU HA 289 -6.41 91.38 19.27
CA LEU HA 289 -7.06 92.02 20.41
C LEU HA 289 -6.64 93.48 20.53
N ARG HA 290 -5.35 93.77 20.30
CA ARG HA 290 -4.89 95.15 20.34
C ARG HA 290 -5.55 95.98 19.24
N GLU HA 291 -5.68 95.41 18.05
CA GLU HA 291 -6.34 96.12 16.95
C GLU HA 291 -7.79 96.42 17.28
N LYS HA 292 -8.49 95.46 17.89
CA LYS HA 292 -9.88 95.69 18.30
C LYS HA 292 -9.95 96.78 19.37
N ILE HA 293 -8.99 96.78 20.30
CA ILE HA 293 -8.98 97.79 21.35
C ILE HA 293 -8.78 99.19 20.76
N ASP HA 294 -7.87 99.31 19.80
CA ASP HA 294 -7.52 100.61 19.25
C ASP HA 294 -8.72 101.24 18.53
N SER HA 295 -9.55 100.41 17.90
CA SER HA 295 -10.65 100.94 17.09
C SER HA 295 -11.68 101.69 17.94
N VAL HA 296 -11.86 101.26 19.18
CA VAL HA 296 -12.87 101.88 20.03
C VAL HA 296 -12.34 103.11 20.76
N LEU HA 297 -11.15 103.03 21.35
CA LEU HA 297 -10.62 104.11 22.16
C LEU HA 297 -10.09 105.28 21.34
N LEU HA 298 -9.76 105.06 20.08
CA LEU HA 298 -9.21 106.15 19.26
C LEU HA 298 -10.18 107.30 19.06
N PRO HA 299 -11.43 107.10 18.63
CA PRO HA 299 -12.31 108.26 18.39
C PRO HA 299 -12.80 108.93 19.65
N ILE HA 300 -12.80 108.25 20.79
CA ILE HA 300 -13.33 108.83 22.02
C ILE HA 300 -12.24 109.56 22.82
N LEU HA 301 -11.04 108.98 22.91
CA LEU HA 301 -9.97 109.60 23.67
C LEU HA 301 -9.07 110.48 22.81
N GLY HA 302 -8.80 110.08 21.58
CA GLY HA 302 -7.96 110.85 20.70
C GLY HA 302 -6.64 110.17 20.42
N TYR HA 303 -5.88 110.75 19.51
CA TYR HA 303 -4.59 110.20 19.12
C TYR HA 303 -3.52 110.57 20.14
N GLY HA 304 -2.86 109.56 20.69
CA GLY HA 304 -1.76 109.78 21.61
C GLY HA 304 -2.16 110.10 23.04
N ASN HA 305 -3.42 109.88 23.42
CA ASN HA 305 -3.88 110.16 24.77
C ASN HA 305 -4.08 108.90 25.60
N TYR HA 306 -3.64 107.74 25.10
CA TYR HA 306 -3.86 106.49 25.81
C TYR HA 306 -2.82 105.47 25.35
N THR HA 307 -2.57 104.49 26.21
CA THR HA 307 -1.74 103.34 25.89
C THR HA 307 -2.38 102.09 26.47
N ALA HA 308 -2.23 100.98 25.77
CA ALA HA 308 -2.83 99.73 26.22
C ALA HA 308 -2.07 98.55 25.63
N GLN HA 309 -1.98 97.48 26.42
CA GLN HA 309 -1.37 96.23 25.99
C GLN HA 309 -2.12 95.08 26.63
N VAL HA 310 -2.13 93.94 25.95
CA VAL HA 310 -2.84 92.75 26.38
C VAL HA 310 -1.95 91.53 26.23
N ASP HA 311 -2.31 90.46 26.94
CA ASP HA 311 -1.66 89.17 26.78
C ASP HA 311 -2.67 88.05 27.00
N ILE HA 312 -2.43 86.90 26.38
CA ILE HA 312 -3.28 85.72 26.49
C ILE HA 312 -2.41 84.51 26.75
N GLN HA 313 -2.82 83.68 27.71
CA GLN HA 313 -2.15 82.43 28.02
C GLN HA 313 -3.09 81.28 27.69
N MET HA 314 -2.58 80.29 26.97
CA MET HA 314 -3.38 79.16 26.51
C MET HA 314 -2.63 77.86 26.73
N ASP HA 315 -3.35 76.75 26.64
CA ASP HA 315 -2.79 75.42 26.79
C ASP HA 315 -3.13 74.59 25.56
N PHE HA 316 -2.26 73.61 25.27
CA PHE HA 316 -2.37 72.78 24.08
C PHE HA 316 -2.37 71.30 24.45
N SER HA 317 -3.15 70.95 25.46
CA SER HA 317 -3.28 69.55 25.85
C SER HA 317 -4.24 68.83 24.91
N ALA HA 318 -4.41 67.53 25.15
CA ALA HA 318 -5.30 66.71 24.32
C ALA HA 318 -6.03 65.73 25.24
N VAL HA 319 -7.34 65.92 25.39
CA VAL HA 319 -8.15 65.15 26.32
C VAL HA 319 -9.25 64.43 25.55
N GLU HA 320 -9.40 63.14 25.81
CA GLU HA 320 -10.48 62.34 25.25
C GLU HA 320 -11.29 61.74 26.40
N GLN HA 321 -12.62 61.74 26.25
CA GLN HA 321 -13.52 61.34 27.32
C GLN HA 321 -14.49 60.29 26.81
N THR HA 322 -14.74 59.27 27.62
CA THR HA 322 -15.73 58.25 27.31
C THR HA 322 -16.58 58.01 28.55
N ARG HA 323 -17.89 58.15 28.42
CA ARG HA 323 -18.82 58.06 29.53
C ARG HA 323 -19.89 57.00 29.23
N LYS HA 324 -20.25 56.24 30.27
CA LYS HA 324 -21.32 55.26 30.20
C LYS HA 324 -22.18 55.40 31.45
N ARG HA 325 -23.41 55.85 31.27
CA ARG HA 325 -24.31 56.15 32.37
C ARG HA 325 -25.47 55.16 32.40
N PHE HA 326 -26.05 55.00 33.59
CA PHE HA 326 -27.16 54.08 33.80
C PHE HA 326 -28.24 54.81 34.60
N ASP HA 327 -29.47 54.31 34.48
CA ASP HA 327 -30.61 54.87 35.22
C ASP HA 327 -31.18 53.80 36.15
N PRO HA 328 -30.82 53.81 37.43
CA PRO HA 328 -31.29 52.76 38.34
C PRO HA 328 -32.69 52.99 38.87
N ASN HA 329 -33.28 54.17 38.70
CA ASN HA 329 -34.59 54.46 39.26
C ASN HA 329 -35.74 53.92 38.42
N THR HA 330 -35.49 53.50 37.18
CA THR HA 330 -36.53 53.02 36.28
C THR HA 330 -36.12 51.65 35.73
N PRO HA 331 -36.27 50.60 36.54
CA PRO HA 331 -35.96 49.24 36.06
C PRO HA 331 -37.16 48.60 35.39
N ALA HA 332 -36.85 47.79 34.38
CA ALA HA 332 -37.86 47.07 33.61
C ALA HA 332 -37.62 45.57 33.74
N THR HA 333 -38.68 44.83 34.07
CA THR HA 333 -38.56 43.40 34.28
C THR HA 333 -38.76 42.65 32.97
N ARG HA 334 -37.95 41.61 32.77
CA ARG HA 334 -38.03 40.77 31.59
C ARG HA 334 -38.49 39.35 31.90
N SER HA 335 -37.83 38.68 32.84
CA SER HA 335 -38.21 37.33 33.27
C SER HA 335 -38.40 37.33 34.77
N GLU HA 336 -39.41 36.61 35.23
CA GLU HA 336 -39.75 36.57 36.65
C GLU HA 336 -40.25 35.19 37.02
N TYR HA 337 -39.70 34.64 38.11
CA TYR HA 337 -40.14 33.37 38.65
C TYR HA 337 -40.33 33.53 40.15
N ALA HA 338 -41.42 32.96 40.67
CA ALA HA 338 -41.77 33.13 42.08
C ALA HA 338 -42.25 31.80 42.65
N LEU HA 339 -42.05 31.64 43.96
CA LEU HA 339 -42.53 30.48 44.70
C LEU HA 339 -42.89 30.93 46.10
N GLU HA 340 -44.12 30.63 46.51
CA GLU HA 340 -44.70 31.11 47.76
C GLU HA 340 -45.26 29.94 48.57
N ASP HA 341 -44.44 28.91 48.76
CA ASP HA 341 -44.87 27.71 49.45
C ASP HA 341 -45.23 28.03 50.90
N TYR HA 342 -46.44 27.65 51.29
CA TYR HA 342 -46.93 27.81 52.66
C TYR HA 342 -47.03 26.46 53.34
N ASN HA 343 -47.31 26.49 54.64
CA ASN HA 343 -47.48 25.27 55.42
C ASN HA 343 -48.27 25.53 56.69
N VAL HA 383 -42.23 27.60 55.13
CA VAL HA 383 -42.69 28.75 54.35
C VAL HA 383 -41.58 29.20 53.40
N ARG HA 384 -41.58 28.62 52.20
CA ARG HA 384 -40.55 28.97 51.22
C ARG HA 384 -40.97 30.17 50.41
N LYS HA 385 -40.12 31.19 50.37
CA LYS HA 385 -40.37 32.40 49.60
C LYS HA 385 -39.18 32.63 48.68
N GLU HA 386 -39.29 32.19 47.44
CA GLU HA 386 -38.19 32.29 46.48
C GLU HA 386 -38.61 33.20 45.31
N SER HA 387 -37.66 34.02 44.85
CA SER HA 387 -37.91 34.93 43.75
C SER HA 387 -36.66 35.02 42.89
N THR HA 388 -36.86 35.10 41.57
CA THR HA 388 -35.75 35.25 40.63
C THR HA 388 -36.22 36.17 39.52
N ARG HA 389 -35.62 37.35 39.41
CA ARG HA 389 -36.05 38.34 38.44
C ARG HA 389 -34.85 38.82 37.62
N ASN HA 390 -35.10 39.13 36.36
CA ASN HA 390 -34.10 39.71 35.46
C ASN HA 390 -34.55 41.10 35.04
N PHE HA 391 -33.59 42.02 34.98
CA PHE HA 391 -33.88 43.42 34.72
C PHE HA 391 -33.07 43.93 33.54
N GLU HA 392 -33.62 44.91 32.84
CA GLU HA 392 -32.91 45.62 31.78
C GLU HA 392 -33.10 47.11 31.98
N LEU HA 393 -32.01 47.87 31.86
CA LEU HA 393 -31.99 49.28 32.22
C LEU HA 393 -31.54 50.13 31.03
N ASP HA 394 -31.78 51.43 31.15
CA ASP HA 394 -31.36 52.37 30.12
C ASP HA 394 -29.85 52.46 30.06
N THR HA 395 -29.32 52.52 28.83
CA THR HA 395 -27.89 52.62 28.61
C THR HA 395 -27.58 53.84 27.75
N THR HA 396 -26.60 54.62 28.18
CA THR HA 396 -26.17 55.82 27.47
C THR HA 396 -24.66 55.81 27.32
N ILE HA 397 -24.18 56.01 26.10
CA ILE HA 397 -22.75 56.01 25.80
C ILE HA 397 -22.40 57.32 25.11
N SER HA 398 -21.34 57.98 25.60
CA SER HA 398 -20.91 59.26 25.05
C SER HA 398 -19.41 59.23 24.84
N HIS HA 399 -18.96 59.78 23.70
CA HIS HA 399 -17.55 59.91 23.38
C HIS HA 399 -17.28 61.36 22.98
N GLU HA 400 -16.29 61.97 23.60
CA GLU HA 400 -16.01 63.38 23.42
C GLU HA 400 -14.51 63.60 23.18
N ARG HA 401 -14.20 64.46 22.21
CA ARG HA 401 -12.83 64.87 21.94
C ARG HA 401 -12.74 66.39 22.13
N LYS HA 402 -11.87 66.82 23.03
CA LYS HA 402 -11.77 68.23 23.36
C LYS HA 402 -10.92 68.98 22.33
N GLN HA 403 -10.99 70.31 22.40
CA GLN HA 403 -10.22 71.16 21.51
C GLN HA 403 -8.81 71.37 22.04
N THR HA 404 -7.94 71.86 21.16
CA THR HA 404 -6.55 72.16 21.50
C THR HA 404 -6.30 73.64 21.26
N GLY HA 405 -6.03 74.38 22.34
CA GLY HA 405 -5.76 75.80 22.22
C GLY HA 405 -6.77 76.68 22.92
N THR HA 406 -7.38 76.16 23.99
CA THR HA 406 -8.35 76.95 24.74
C THR HA 406 -7.66 78.05 25.52
N VAL HA 407 -8.32 79.20 25.61
CA VAL HA 407 -7.78 80.35 26.33
C VAL HA 407 -7.94 80.12 27.83
N ALA HA 408 -6.86 80.33 28.58
CA ALA HA 408 -6.87 80.13 30.03
C ALA HA 408 -7.10 81.44 30.79
N ARG HA 409 -6.25 82.42 30.53
CA ARG HA 409 -6.38 83.72 31.23
C ARG HA 409 -6.15 84.87 30.26
N GLN HA 410 -6.62 86.06 30.64
CA GLN HA 410 -6.55 87.24 29.78
C GLN HA 410 -6.45 88.48 30.66
N THR HA 411 -5.42 89.30 30.41
CA THR HA 411 -5.19 90.51 31.18
C THR HA 411 -5.12 91.71 30.26
N VAL HA 412 -5.84 92.77 30.63
CA VAL HA 412 -5.86 94.02 29.87
C VAL HA 412 -5.58 95.17 30.83
N SER HA 413 -4.69 96.08 30.41
CA SER HA 413 -4.33 97.25 31.20
C SER HA 413 -4.40 98.49 30.32
N VAL HA 414 -5.11 99.52 30.79
CA VAL HA 414 -5.33 100.75 30.04
C VAL HA 414 -4.92 101.93 30.91
N ALA HA 415 -4.09 102.82 30.35
CA ALA HA 415 -3.66 104.04 31.00
C ALA HA 415 -4.09 105.23 30.16
N ILE HA 416 -4.71 106.22 30.80
CA ILE HA 416 -5.25 107.40 30.12
C ILE HA 416 -4.49 108.63 30.61
N LYS HA 417 -4.06 109.47 29.67
CA LYS HA 417 -3.37 110.70 30.03
C LYS HA 417 -4.30 111.65 30.77
N ASP HA 418 -3.77 112.33 31.78
CA ASP HA 418 -4.52 113.30 32.55
C ASP HA 418 -4.32 114.70 31.98
N MET HA 434 -9.32 112.92 35.22
CA MET HA 434 -10.57 112.25 34.90
C MET HA 434 -11.30 111.83 36.17
N SER HA 435 -12.61 112.04 36.19
CA SER HA 435 -13.42 111.71 37.36
C SER HA 435 -13.69 110.20 37.36
N GLU HA 436 -14.36 109.73 38.41
CA GLU HA 436 -14.65 108.30 38.53
C GLU HA 436 -15.74 107.86 37.55
N SER HA 437 -16.69 108.74 37.25
CA SER HA 437 -17.78 108.37 36.35
C SER HA 437 -17.27 108.06 34.94
N GLU HA 438 -16.35 108.89 34.43
CA GLU HA 438 -15.79 108.64 33.10
C GLU HA 438 -14.97 107.35 33.08
N ILE HA 439 -14.21 107.08 34.15
CA ILE HA 439 -13.44 105.85 34.22
C ILE HA 439 -14.38 104.65 34.22
N ASN HA 440 -15.47 104.71 34.99
CA ASN HA 440 -16.43 103.62 35.03
C ASN HA 440 -17.08 103.42 33.66
N ALA HA 441 -17.42 104.52 32.98
CA ALA HA 441 -18.04 104.40 31.66
C ALA HA 441 -17.07 103.77 30.66
N ILE HA 442 -15.79 104.18 30.70
CA ILE HA 442 -14.79 103.60 29.81
C ILE HA 442 -14.61 102.12 30.09
N ARG HA 443 -14.58 101.73 31.37
CA ARG HA 443 -14.47 100.31 31.72
C ARG HA 443 -15.67 99.53 31.22
N GLN HA 444 -16.88 100.09 31.36
CA GLN HA 444 -18.07 99.42 30.88
C GLN HA 444 -18.04 99.26 29.36
N VAL HA 445 -17.55 100.27 28.65
CA VAL HA 445 -17.44 100.16 27.20
C VAL HA 445 -16.44 99.08 26.82
N LEU HA 446 -15.29 99.05 27.50
CA LEU HA 446 -14.24 98.10 27.15
C LEU HA 446 -14.61 96.68 27.53
N ILE HA 447 -15.50 96.49 28.50
CA ILE HA 447 -15.89 95.14 28.89
C ILE HA 447 -16.51 94.37 27.74
N GLY HA 448 -17.42 94.99 26.99
CA GLY HA 448 -18.00 94.33 25.83
C GLY HA 448 -17.00 94.11 24.71
N THR HA 449 -16.12 95.09 24.49
CA THR HA 449 -15.13 94.98 23.42
C THR HA 449 -14.12 93.88 23.68
N VAL HA 450 -13.75 93.63 24.93
CA VAL HA 450 -12.73 92.65 25.28
C VAL HA 450 -13.33 91.27 25.50
N GLY HA 451 -14.37 91.18 26.33
CA GLY HA 451 -14.94 89.91 26.70
C GLY HA 451 -14.54 89.50 28.10
N PHE HA 452 -14.47 90.47 29.01
CA PHE HA 452 -14.05 90.22 30.37
C PHE HA 452 -14.99 89.23 31.04
N ASP HA 453 -14.44 88.11 31.49
CA ASP HA 453 -15.22 87.02 32.08
C ASP HA 453 -14.55 86.66 33.40
N GLN HA 454 -15.35 86.49 34.45
CA GLN HA 454 -14.82 86.15 35.77
C GLN HA 454 -14.57 84.67 35.96
N GLY HA 455 -15.12 83.82 35.09
CA GLY HA 455 -14.92 82.38 35.23
C GLY HA 455 -13.49 81.96 35.02
N ARG HA 456 -12.81 82.58 34.07
CA ARG HA 456 -11.41 82.27 33.76
C ARG HA 456 -10.43 83.10 34.58
N GLY HA 457 -10.92 83.94 35.48
CA GLY HA 457 -10.05 84.81 36.26
C GLY HA 457 -9.34 85.87 35.44
N ASP HA 458 -10.03 86.43 34.45
CA ASP HA 458 -9.45 87.48 33.64
C ASP HA 458 -9.35 88.77 34.45
N LEU HA 459 -8.37 89.60 34.07
CA LEU HA 459 -8.10 90.85 34.76
C LEU HA 459 -8.23 92.01 33.79
N LEU HA 460 -8.94 93.06 34.21
CA LEU HA 460 -9.10 94.26 33.40
C LEU HA 460 -8.90 95.48 34.30
N ASN HA 461 -7.86 96.25 34.04
CA ASN HA 461 -7.54 97.44 34.83
C ASN HA 461 -7.52 98.65 33.92
N VAL HA 462 -8.21 99.71 34.33
CA VAL HA 462 -8.20 100.98 33.62
C VAL HA 462 -7.94 102.09 34.63
N LEU HA 463 -7.01 102.99 34.29
CA LEU HA 463 -6.62 104.03 35.23
C LEU HA 463 -5.98 105.18 34.46
N SER HA 464 -5.82 106.31 35.16
CA SER HA 464 -5.31 107.54 34.57
C SER HA 464 -4.08 108.02 35.32
N VAL HA 465 -3.02 108.33 34.58
CA VAL HA 465 -1.78 108.86 35.13
C VAL HA 465 -1.33 110.06 34.32
N LYS HA 466 -0.41 110.82 34.89
CA LYS HA 466 0.16 111.98 34.22
C LYS HA 466 1.32 111.54 33.34
N PHE HA 467 1.27 111.92 32.06
CA PHE HA 467 2.31 111.54 31.12
C PHE HA 467 3.51 112.48 31.22
N ALA HA 468 4.43 112.34 30.28
CA ALA HA 468 5.65 113.19 30.26
C ALA HA 468 5.65 114.05 29.01
N GLU HA 469 6.53 115.05 28.92
CA GLU HA 469 6.48 116.00 27.78
C GLU HA 469 7.79 116.01 27.00
N PRO IA 270 0.03 69.74 8.39
CA PRO IA 270 -0.39 68.92 9.52
C PRO IA 270 -1.60 69.49 10.25
N ALA IA 271 -1.48 69.67 11.57
CA ALA IA 271 -2.57 70.20 12.36
C ALA IA 271 -2.52 71.71 12.53
N SER IA 272 -1.56 72.38 11.88
CA SER IA 272 -1.42 73.83 12.01
C SER IA 272 -2.53 74.56 11.26
N ALA IA 273 -3.24 73.85 10.38
CA ALA IA 273 -4.33 74.43 9.61
C ALA IA 273 -5.69 74.20 10.22
N ALA IA 274 -5.80 73.34 11.24
CA ALA IA 274 -7.10 73.06 11.83
C ALA IA 274 -7.51 74.14 12.83
N ARG IA 275 -6.57 74.99 13.25
CA ARG IA 275 -6.89 76.02 14.23
C ARG IA 275 -6.99 77.40 13.59
N ARG IA 276 -6.13 77.68 12.60
CA ARG IA 276 -6.21 78.96 11.90
C ARG IA 276 -7.52 79.10 11.15
N LYS IA 277 -8.07 77.98 10.67
CA LYS IA 277 -9.39 78.03 10.04
C LYS IA 277 -10.45 78.48 11.04
N GLU IA 278 -10.37 77.98 12.28
CA GLU IA 278 -11.29 78.43 13.32
C GLU IA 278 -11.08 79.91 13.64
N GLN IA 279 -9.82 80.34 13.60
CA GLN IA 279 -9.52 81.76 13.89
C GLN IA 279 -10.14 82.64 12.80
N GLU IA 280 -10.01 82.30 11.52
CA GLU IA 280 -10.63 83.10 10.47
C GLU IA 280 -12.15 83.01 10.50
N LEU IA 281 -12.71 81.85 10.87
CA LEU IA 281 -14.15 81.74 10.96
C LEU IA 281 -14.69 82.63 12.08
N GLU IA 282 -14.01 82.65 13.23
CA GLU IA 282 -14.44 83.52 14.33
C GLU IA 282 -14.35 84.99 13.93
N ARG IA 283 -13.28 85.37 13.22
CA ARG IA 283 -13.16 86.75 12.76
C ARG IA 283 -14.26 87.10 11.76
N SER IA 284 -14.59 86.16 10.87
CA SER IA 284 -15.64 86.41 9.88
C SER IA 284 -17.00 86.59 10.55
N GLN IA 285 -17.29 85.81 11.59
CA GLN IA 285 -18.54 86.02 12.32
C GLN IA 285 -18.62 87.41 12.93
N GLU IA 286 -17.53 87.88 13.55
CA GLU IA 286 -17.51 89.21 14.13
C GLU IA 286 -17.69 90.28 13.05
N GLN IA 287 -17.06 90.10 11.90
CA GLN IA 287 -17.19 91.08 10.83
C GLN IA 287 -18.63 91.18 10.33
N ALA IA 288 -19.30 90.03 10.15
CA ALA IA 288 -20.67 90.04 9.71
C ALA IA 288 -21.59 90.68 10.75
N LEU IA 289 -21.36 90.38 12.02
CA LEU IA 289 -22.18 90.99 13.07
C LEU IA 289 -21.99 92.51 13.11
N ARG IA 290 -20.75 92.97 12.93
CA ARG IA 290 -20.49 94.41 12.90
C ARG IA 290 -21.18 95.06 11.71
N GLU IA 291 -21.15 94.39 10.55
CA GLU IA 291 -21.82 94.93 9.37
C GLU IA 291 -23.33 95.02 9.59
N LYS IA 292 -23.91 94.00 10.22
CA LYS IA 292 -25.34 94.06 10.52
C LYS IA 292 -25.64 95.19 11.51
N ILE IA 293 -24.77 95.39 12.49
CA ILE IA 293 -24.98 96.46 13.48
C ILE IA 293 -24.95 97.82 12.79
N ASP IA 294 -23.99 98.02 11.88
CA ASP IA 294 -23.81 99.33 11.26
C ASP IA 294 -25.03 99.72 10.42
N SER IA 295 -25.69 98.74 9.80
CA SER IA 295 -26.79 99.03 8.89
C SER IA 295 -27.96 99.67 9.63
N VAL IA 296 -28.19 99.31 10.88
CA VAL IA 296 -29.33 99.82 11.62
C VAL IA 296 -29.03 101.16 12.29
N LEU IA 297 -27.88 101.29 12.95
CA LEU IA 297 -27.57 102.50 13.71
C LEU IA 297 -27.17 103.68 12.84
N LEU IA 298 -26.72 103.44 11.61
CA LEU IA 298 -26.27 104.54 10.75
C LEU IA 298 -27.39 105.52 10.41
N PRO IA 299 -28.57 105.10 9.93
CA PRO IA 299 -29.58 106.10 9.55
C PRO IA 299 -30.26 106.77 10.73
N ILE IA 300 -30.23 106.17 11.92
CA ILE IA 300 -30.92 106.75 13.06
C ILE IA 300 -30.01 107.67 13.86
N LEU IA 301 -28.75 107.29 14.07
CA LEU IA 301 -27.83 108.11 14.85
C LEU IA 301 -27.02 109.06 13.98
N GLY IA 302 -26.61 108.62 12.80
CA GLY IA 302 -25.83 109.46 11.92
C GLY IA 302 -24.41 108.96 11.77
N TYR IA 303 -23.68 109.60 10.86
CA TYR IA 303 -22.29 109.21 10.59
C TYR IA 303 -21.37 109.81 11.64
N GLY IA 304 -20.60 108.95 12.30
CA GLY IA 304 -19.62 109.39 13.28
C GLY IA 304 -20.15 109.74 14.64
N ASN IA 305 -21.39 109.36 14.96
CA ASN IA 305 -21.98 109.65 16.26
C ASN IA 305 -22.05 108.43 17.16
N TYR IA 306 -21.43 107.32 16.78
CA TYR IA 306 -21.50 106.09 17.57
C TYR IA 306 -20.30 105.22 17.25
N THR IA 307 -19.97 104.34 18.20
CA THR IA 307 -18.95 103.32 18.01
C THR IA 307 -19.45 102.02 18.64
N ALA IA 308 -19.08 100.89 18.03
CA ALA IA 308 -19.53 99.60 18.53
C ALA IA 308 -18.57 98.51 18.09
N GLN IA 309 -18.37 97.53 18.96
CA GLN IA 309 -17.56 96.36 18.65
C GLN IA 309 -18.18 95.15 19.33
N VAL IA 310 -17.98 93.98 18.72
CA VAL IA 310 -18.54 92.72 19.21
C VAL IA 310 -17.47 91.65 19.21
N ASP IA 311 -17.72 90.59 19.97
CA ASP IA 311 -16.88 89.40 19.94
C ASP IA 311 -17.73 88.16 20.19
N ILE IA 312 -17.28 87.03 19.66
CA ILE IA 312 -17.95 85.75 19.81
C ILE IA 312 -16.93 84.69 20.22
N GLN IA 313 -17.29 83.88 21.20
CA GLN IA 313 -16.47 82.75 21.64
C GLN IA 313 -17.20 81.46 21.35
N MET IA 314 -16.50 80.51 20.73
CA MET IA 314 -17.10 79.25 20.30
C MET IA 314 -16.18 78.09 20.67
N ASP IA 315 -16.73 76.88 20.61
CA ASP IA 315 -15.99 75.66 20.90
C ASP IA 315 -16.11 74.71 19.72
N PHE IA 316 -15.10 73.86 19.55
CA PHE IA 316 -15.01 72.95 18.41
C PHE IA 316 -14.81 71.52 18.89
N SER IA 317 -15.60 71.11 19.88
CA SER IA 317 -15.56 69.75 20.37
C SER IA 317 -16.33 68.82 19.43
N ALA IA 318 -16.33 67.53 19.75
CA ALA IA 318 -17.03 66.53 18.93
C ALA IA 318 -17.67 65.53 19.88
N VAL IA 319 -19.00 65.53 19.94
CA VAL IA 319 -19.75 64.70 20.87
C VAL IA 319 -20.67 63.78 20.08
N GLU IA 320 -20.66 62.50 20.44
CA GLU IA 320 -21.58 61.50 19.88
C GLU IA 320 -22.37 60.87 21.02
N GLN IA 321 -23.66 60.67 20.79
CA GLN IA 321 -24.57 60.20 21.84
C GLN IA 321 -25.34 58.98 21.34
N THR IA 322 -25.49 57.99 22.22
CA THR IA 322 -26.30 56.82 21.93
C THR IA 322 -27.19 56.53 23.13
N ARG IA 323 -28.50 56.47 22.89
CA ARG IA 323 -29.48 56.30 23.96
C ARG IA 323 -30.36 55.09 23.68
N LYS IA 324 -30.67 54.34 24.74
CA LYS IA 324 -31.58 53.21 24.68
C LYS IA 324 -32.53 53.31 25.86
N ARG IA 325 -33.81 53.56 25.58
CA ARG IA 325 -34.81 53.79 26.61
C ARG IA 325 -35.81 52.64 26.64
N PHE IA 326 -36.45 52.46 27.80
CA PHE IA 326 -37.42 51.41 28.01
C PHE IA 326 -38.65 52.01 28.69
N ASP IA 327 -39.79 51.34 28.53
CA ASP IA 327 -41.04 51.76 29.16
C ASP IA 327 -41.51 50.68 30.13
N PRO IA 328 -41.24 50.83 31.43
CA PRO IA 328 -41.63 49.78 32.39
C PRO IA 328 -43.08 49.82 32.82
N ASN IA 329 -43.81 50.90 32.52
CA ASN IA 329 -45.18 51.02 32.98
C ASN IA 329 -46.19 50.25 32.12
N THR IA 330 -45.79 49.81 30.92
CA THR IA 330 -46.68 49.11 30.00
C THR IA 330 -46.05 47.79 29.59
N PRO IA 331 -46.09 46.79 30.46
CA PRO IA 331 -45.57 45.46 30.10
C PRO IA 331 -46.60 44.60 29.41
N ALA IA 332 -46.11 43.78 28.48
CA ALA IA 332 -46.95 42.87 27.71
C ALA IA 332 -46.51 41.44 27.96
N THR IA 333 -47.46 40.57 28.28
CA THR IA 333 -47.15 39.19 28.60
C THR IA 333 -47.15 38.33 27.34
N ARG IA 334 -46.19 37.41 27.28
CA ARG IA 334 -46.06 36.50 26.15
C ARG IA 334 -46.34 35.05 26.54
N SER IA 335 -45.64 34.55 27.56
CA SER IA 335 -45.85 33.19 28.07
C SER IA 335 -46.15 33.25 29.55
N GLU IA 336 -47.08 32.42 30.00
CA GLU IA 336 -47.51 32.43 31.39
C GLU IA 336 -47.82 31.01 31.84
N TYR IA 337 -47.27 30.63 32.99
CA TYR IA 337 -47.55 29.34 33.60
C TYR IA 337 -47.87 29.56 35.08
N ALA IA 338 -48.89 28.88 35.57
CA ALA IA 338 -49.36 29.07 36.93
C ALA IA 338 -49.68 27.73 37.57
N LEU IA 339 -49.56 27.69 38.90
CA LEU IA 339 -49.91 26.52 39.69
C LEU IA 339 -50.43 27.00 41.03
N GLU IA 340 -51.64 26.55 41.39
CA GLU IA 340 -52.36 27.00 42.58
C GLU IA 340 -52.80 25.82 43.42
N ASP IA 341 -51.85 24.95 43.74
CA ASP IA 341 -52.15 23.74 44.49
C ASP IA 341 -52.65 24.09 45.89
N TYR IA 342 -53.82 23.55 46.24
CA TYR IA 342 -54.42 23.74 47.55
C TYR IA 342 -54.37 22.42 48.33
N ASN IA 343 -54.75 22.50 49.61
CA ASN IA 343 -54.78 21.31 50.46
C ASN IA 343 -55.70 21.54 51.66
N VAL IA 383 -49.93 24.39 50.31
CA VAL IA 383 -50.49 25.41 49.42
C VAL IA 383 -49.40 25.95 48.50
N ARG IA 384 -49.22 25.31 47.36
CA ARG IA 384 -48.19 25.73 46.42
C ARG IA 384 -48.74 26.81 45.49
N LYS IA 385 -48.04 27.95 45.43
CA LYS IA 385 -48.40 29.05 44.56
C LYS IA 385 -47.20 29.40 43.71
N GLU IA 386 -47.15 28.87 42.48
CA GLU IA 386 -46.03 29.07 41.58
C GLU IA 386 -46.48 29.83 40.34
N SER IA 387 -45.64 30.74 39.88
CA SER IA 387 -45.94 31.54 38.70
C SER IA 387 -44.65 31.76 37.90
N THR IA 388 -44.77 31.72 36.58
CA THR IA 388 -43.63 31.98 35.70
C THR IA 388 -44.15 32.74 34.48
N ARG IA 389 -43.73 33.99 34.32
CA ARG IA 389 -44.22 34.85 33.26
C ARG IA 389 -43.06 35.44 32.49
N ASN IA 390 -43.27 35.64 31.19
CA ASN IA 390 -42.31 36.29 30.32
C ASN IA 390 -42.91 37.57 29.77
N PHE IA 391 -42.09 38.62 29.70
CA PHE IA 391 -42.57 39.94 29.32
C PHE IA 391 -41.76 40.48 28.15
N GLU IA 392 -42.39 41.33 27.35
CA GLU IA 392 -41.73 42.06 26.28
C GLU IA 392 -42.15 43.52 26.36
N LEU IA 393 -41.18 44.42 26.25
CA LEU IA 393 -41.37 45.84 26.51
C LEU IA 393 -40.98 46.66 25.29
N ASP IA 394 -41.41 47.93 25.30
CA ASP IA 394 -41.06 48.85 24.23
C ASP IA 394 -39.58 49.15 24.24
N THR IA 395 -38.98 49.23 23.06
CA THR IA 395 -37.56 49.51 22.91
C THR IA 395 -37.39 50.72 21.98
N THR IA 396 -36.56 51.67 22.41
CA THR IA 396 -36.26 52.87 21.63
C THR IA 396 -34.77 53.07 21.59
N ILE IA 397 -34.23 53.27 20.38
CA ILE IA 397 -32.79 53.46 20.17
C ILE IA 397 -32.60 54.76 19.41
N SER IA 398 -31.69 55.60 19.89
CA SER IA 398 -31.40 56.89 19.28
C SER IA 398 -29.90 57.07 19.16
N HIS IA 399 -29.47 57.61 18.02
CA HIS IA 399 -28.06 57.93 17.77
C HIS IA 399 -27.99 59.36 17.29
N GLU IA 400 -27.13 60.17 17.92
CA GLU IA 400 -27.05 61.59 17.64
C GLU IA 400 -25.59 62.01 17.49
N ARG IA 401 -25.34 62.85 16.49
CA ARG IA 401 -24.03 63.44 16.26
C ARG IA 401 -24.18 64.96 16.33
N LYS IA 402 -23.44 65.58 17.25
CA LYS IA 402 -23.57 67.01 17.48
C LYS IA 402 -22.77 67.81 16.46
N GLN IA 403 -23.04 69.11 16.43
CA GLN IA 403 -22.35 70.01 15.52
C GLN IA 403 -21.01 70.45 16.12
N THR IA 404 -20.16 71.02 15.25
CA THR IA 404 -18.87 71.55 15.65
C THR IA 404 -18.82 73.03 15.32
N GLY IA 405 -18.73 73.87 16.35
CA GLY IA 405 -18.66 75.30 16.15
C GLY IA 405 -19.83 76.06 16.72
N THR IA 406 -20.44 75.53 17.78
CA THR IA 406 -21.56 76.20 18.41
C THR IA 406 -21.10 77.45 19.15
N VAL IA 407 -21.91 78.50 19.12
CA VAL IA 407 -21.60 79.75 19.79
C VAL IA 407 -21.84 79.60 21.27
N ALA IA 408 -20.85 80.02 22.08
CA ALA IA 408 -20.94 79.91 23.53
C ALA IA 408 -21.39 81.21 24.18
N ARG IA 409 -20.68 82.29 23.90
CA ARG IA 409 -21.04 83.61 24.50
C ARG IA 409 -20.94 84.72 23.46
N GLN IA 410 -21.58 85.83 23.72
CA GLN IA 410 -21.64 86.95 22.78
C GLN IA 410 -21.77 88.25 23.57
N THR IA 411 -20.87 89.19 23.33
CA THR IA 411 -20.86 90.48 24.02
C THR IA 411 -20.91 91.61 23.01
N VAL IA 412 -21.79 92.58 23.26
CA VAL IA 412 -21.94 93.76 22.42
C VAL IA 412 -21.90 95.00 23.29
N SER IA 413 -21.12 96.00 22.87
CA SER IA 413 -21.00 97.25 23.58
C SER IA 413 -21.18 98.42 22.62
N VAL IA 414 -22.07 99.34 22.96
CA VAL IA 414 -22.41 100.48 22.12
C VAL IA 414 -22.23 101.77 22.92
N ALA IA 415 -21.52 102.73 22.34
CA ALA IA 415 -21.32 104.04 22.93
C ALA IA 415 -21.85 105.10 21.97
N ILE IA 416 -22.64 106.03 22.50
CA ILE IA 416 -23.30 107.06 21.71
C ILE IA 416 -22.78 108.41 22.16
N LYS IA 417 -22.40 109.25 21.18
CA LYS IA 417 -21.92 110.59 21.49
C LYS IA 417 -23.03 111.43 22.10
N ASP IA 418 -22.67 112.25 23.09
CA ASP IA 418 -23.62 113.14 23.73
C ASP IA 418 -23.58 114.52 23.08
N MET IA 434 -28.48 112.23 26.14
CA MET IA 434 -29.59 111.36 25.80
C MET IA 434 -30.34 110.91 27.05
N SER IA 435 -31.67 110.93 26.98
CA SER IA 435 -32.49 110.55 28.12
C SER IA 435 -32.54 109.02 28.22
N GLU IA 436 -33.21 108.52 29.26
CA GLU IA 436 -33.30 107.08 29.46
C GLU IA 436 -34.24 106.42 28.46
N SER IA 437 -35.29 107.12 28.02
CA SER IA 437 -36.25 106.53 27.10
C SER IA 437 -35.59 106.21 25.76
N GLU IA 438 -34.77 107.14 25.24
CA GLU IA 438 -34.09 106.89 23.97
C GLU IA 438 -33.10 105.75 24.09
N ILE IA 439 -32.39 105.67 25.21
CA ILE IA 439 -31.46 104.57 25.43
C ILE IA 439 -32.20 103.24 25.45
N ASN IA 440 -33.34 103.20 26.16
CA ASN IA 440 -34.12 101.96 26.21
C ASN IA 440 -34.65 101.59 24.83
N ALA IA 441 -35.10 102.56 24.05
CA ALA IA 441 -35.59 102.28 22.70
C ALA IA 441 -34.48 101.74 21.82
N ILE IA 442 -33.28 102.34 21.91
CA ILE IA 442 -32.15 101.86 21.12
C ILE IA 442 -31.77 100.44 21.52
N ARG IA 443 -31.77 100.15 22.83
CA ARG IA 443 -31.48 98.80 23.28
C ARG IA 443 -32.52 97.81 22.77
N GLN IA 444 -33.79 98.19 22.80
CA GLN IA 444 -34.85 97.31 22.29
C GLN IA 444 -34.69 97.05 20.81
N VAL IA 445 -34.30 98.09 20.04
CA VAL IA 445 -34.07 97.91 18.61
C VAL IA 445 -32.90 96.96 18.38
N LEU IA 446 -31.82 97.15 19.13
CA LEU IA 446 -30.61 96.34 18.91
C LEU IA 446 -30.79 94.90 19.37
N ILE IA 447 -31.72 94.66 20.29
CA ILE IA 447 -31.94 93.30 20.77
C ILE IA 447 -32.36 92.37 19.64
N GLY IA 448 -33.29 92.79 18.80
CA GLY IA 448 -33.69 91.99 17.65
C GLY IA 448 -32.59 91.84 16.61
N THR IA 449 -31.85 92.92 16.38
CA THR IA 449 -30.79 92.90 15.38
C THR IA 449 -29.64 91.98 15.77
N VAL IA 450 -29.33 91.87 17.06
CA VAL IA 450 -28.20 91.08 17.54
C VAL IA 450 -28.61 89.63 17.82
N GLY IA 451 -29.68 89.45 18.60
CA GLY IA 451 -30.08 88.12 19.02
C GLY IA 451 -29.72 87.87 20.47
N PHE IA 452 -29.86 88.91 21.30
CA PHE IA 452 -29.51 88.81 22.71
C PHE IA 452 -30.34 87.74 23.39
N ASP IA 453 -29.67 86.73 23.95
CA ASP IA 453 -30.31 85.59 24.58
C ASP IA 453 -29.68 85.42 25.95
N GLN IA 454 -30.53 85.20 26.97
CA GLN IA 454 -30.05 85.03 28.33
C GLN IA 454 -29.60 83.61 28.64
N GLY IA 455 -29.96 82.63 27.80
CA GLY IA 455 -29.57 81.26 28.07
C GLY IA 455 -28.07 81.03 27.98
N ARG IA 456 -27.42 81.70 27.02
CA ARG IA 456 -25.98 81.58 26.83
C ARG IA 456 -25.19 82.59 27.63
N GLY IA 457 -25.86 83.41 28.45
CA GLY IA 457 -25.17 84.44 29.21
C GLY IA 457 -24.59 85.55 28.36
N ASP IA 458 -25.28 85.93 27.29
CA ASP IA 458 -24.79 87.01 26.44
C ASP IA 458 -24.93 88.35 27.15
N LEU IA 459 -24.07 89.29 26.77
CA LEU IA 459 -24.03 90.60 27.39
C LEU IA 459 -24.26 91.67 26.32
N LEU IA 460 -25.13 92.63 26.62
CA LEU IA 460 -25.42 93.73 25.72
C LEU IA 460 -25.46 95.01 26.53
N ASN IA 461 -24.53 95.92 26.28
CA ASN IA 461 -24.44 97.18 26.99
C ASN IA 461 -24.55 98.33 25.99
N VAL IA 462 -25.39 99.31 26.29
CA VAL IA 462 -25.52 100.52 25.50
C VAL IA 462 -25.50 101.71 26.43
N LEU IA 463 -24.69 102.72 26.09
CA LEU IA 463 -24.53 103.87 26.97
C LEU IA 463 -24.00 105.05 26.17
N SER IA 464 -24.06 106.23 26.78
CA SER IA 464 -23.70 107.48 26.12
C SER IA 464 -22.60 108.18 26.92
N VAL IA 465 -21.55 108.61 26.21
CA VAL IA 465 -20.44 109.34 26.80
C VAL IA 465 -20.12 110.54 25.93
N LYS IA 466 -19.36 111.47 26.49
CA LYS IA 466 -18.92 112.65 25.77
C LYS IA 466 -17.65 112.34 25.00
N PHE IA 467 -17.67 112.62 23.70
CA PHE IA 467 -16.52 112.35 22.84
C PHE IA 467 -15.48 113.46 22.95
N ALA IA 468 -14.47 113.41 22.08
CA ALA IA 468 -13.40 114.42 22.07
C ALA IA 468 -13.44 115.19 20.76
N GLU IA 469 -12.70 116.30 20.65
CA GLU IA 469 -12.82 117.16 19.44
C GLU IA 469 -11.48 117.32 18.74
#